data_2MSE
#
_entry.id   2MSE
#
loop_
_entity.id
_entity.type
_entity.pdbx_description
1 polymer 'Apolipoprotein A-I'
2 polymer 'GTPase KRas'
3 polymer 'Serine/threonine-protein kinase A-Raf'
4 non-polymer 1,2-DIOLEOYL-SN-GLYCERO-3-PHOSPHOCHOLINE
5 non-polymer O-[(S)-({(2R)-2,3-bis[(9Z)-octadec-9-enoyloxy]propyl}oxy)(hydroxy)phosphoryl]-L-serine
6 non-polymer 'PHOSPHOAMINOPHOSPHONIC ACID-GUANYLATE ESTER'
7 non-polymer 'MAGNESIUM ION'
#
loop_
_entity_poly.entity_id
_entity_poly.type
_entity_poly.pdbx_seq_one_letter_code
_entity_poly.pdbx_strand_id
1 'polypeptide(L)'
;GPLKLLDNWDSVTSTFSKLREQLGPVTQEFWDNLEKETEGLRQEMSKDLEEVKAKVQPYLDDFQKKWQEEMELYRQKVEP
LRAELQEGARQKLHELQEKLSPLGEEMRDRARAHVDALRTHLAPYSDELRQRLAARLEALKENGGARLAEYHAKATEHLS
TLSEKAKPALEDLRQGLLPVLESFKVSFLSALEEYTKKLN
;
A,C
2 'polypeptide(L)'
;GSMTEYKLVVVGAGGVGKSALTIQLIQNHFVDEYDPTIEDSYRKQVVIDGETCLLDILDTAGQEEYSAMRDQYMRTGEGF
LCVFAINNTKSFEDIHHYREQIKRVKDSEDVPMVLVGNKCDLPSRTVDTKQAQDLARSYGIPFIETSAKTRQGVDDAFYT
LVREIRKHKEKMSKDGKKKKKKSKTKC
;
B
3 'polypeptide(L)' GTVKVYLPNKQRTVVTVRDGMSVYDSLDKALKVRGLNQDCCVVYRLIKGRKTVTAWDTAIAPLDGEELIVEVL D
#
# COMPACT_ATOMS: atom_id res chain seq x y z
N LEU A 3 42.53 12.86 -34.22
CA LEU A 3 42.63 11.97 -35.36
C LEU A 3 42.25 10.54 -34.97
N LYS A 4 42.83 10.07 -33.88
CA LYS A 4 42.55 8.72 -33.39
C LYS A 4 41.09 8.57 -32.98
N LEU A 5 40.60 9.56 -32.23
CA LEU A 5 39.23 9.56 -31.75
C LEU A 5 38.25 9.57 -32.92
N LEU A 6 38.61 10.29 -33.97
CA LEU A 6 37.76 10.41 -35.16
C LEU A 6 37.54 9.06 -35.81
N ASP A 7 38.61 8.28 -35.95
CA ASP A 7 38.52 6.95 -36.55
C ASP A 7 37.95 5.93 -35.59
N ASN A 8 38.35 6.01 -34.32
CA ASN A 8 37.86 5.08 -33.31
C ASN A 8 36.36 5.22 -33.15
N TRP A 9 35.88 6.47 -33.07
CA TRP A 9 34.45 6.72 -32.92
C TRP A 9 33.70 6.34 -34.18
N ASP A 10 34.40 6.37 -35.31
CA ASP A 10 33.80 5.99 -36.58
C ASP A 10 33.46 4.51 -36.54
N SER A 11 34.34 3.72 -35.94
CA SER A 11 34.12 2.30 -35.77
C SER A 11 32.93 2.08 -34.84
N VAL A 12 32.76 3.00 -33.89
CA VAL A 12 31.65 2.93 -32.95
C VAL A 12 30.33 3.13 -33.69
N THR A 13 30.27 4.16 -34.52
CA THR A 13 29.06 4.43 -35.30
C THR A 13 28.84 3.31 -36.32
N SER A 14 29.93 2.69 -36.76
CA SER A 14 29.88 1.58 -37.70
C SER A 14 29.47 0.29 -36.98
N THR A 15 29.28 0.41 -35.67
CA THR A 15 28.84 -0.70 -34.86
C THR A 15 27.40 -0.46 -34.42
N PHE A 16 27.10 0.79 -34.06
CA PHE A 16 25.76 1.19 -33.67
C PHE A 16 24.76 0.93 -34.79
N SER A 17 25.22 1.18 -36.02
CA SER A 17 24.40 0.95 -37.19
C SER A 17 24.07 -0.53 -37.31
N LYS A 18 25.09 -1.36 -37.20
CA LYS A 18 24.93 -2.80 -37.27
C LYS A 18 24.04 -3.28 -36.14
N LEU A 19 24.20 -2.66 -34.97
CA LEU A 19 23.39 -3.01 -33.81
C LEU A 19 21.94 -2.66 -34.07
N ARG A 20 21.71 -1.52 -34.72
CA ARG A 20 20.35 -1.08 -35.05
C ARG A 20 19.76 -2.00 -36.10
N GLU A 21 20.61 -2.44 -37.03
CA GLU A 21 20.20 -3.36 -38.09
C GLU A 21 19.94 -4.74 -37.52
N GLN A 22 20.51 -5.01 -36.35
CA GLN A 22 20.32 -6.27 -35.67
C GLN A 22 19.09 -6.19 -34.78
N LEU A 23 19.01 -5.12 -34.00
CA LEU A 23 17.89 -4.90 -33.09
C LEU A 23 16.56 -4.85 -33.83
N GLY A 24 16.58 -4.40 -35.08
CA GLY A 24 15.37 -4.34 -35.88
C GLY A 24 14.66 -5.67 -35.93
N PRO A 25 15.22 -6.67 -36.64
CA PRO A 25 14.62 -8.01 -36.70
C PRO A 25 14.57 -8.66 -35.31
N VAL A 26 15.57 -8.35 -34.47
CA VAL A 26 15.62 -8.91 -33.11
C VAL A 26 14.38 -8.56 -32.30
N THR A 27 13.98 -7.29 -32.30
CA THR A 27 12.79 -6.88 -31.56
C THR A 27 11.55 -7.55 -32.13
N GLN A 28 11.53 -7.74 -33.43
CA GLN A 28 10.41 -8.38 -34.10
C GLN A 28 10.35 -9.86 -33.75
N GLU A 29 11.49 -10.53 -33.90
CA GLU A 29 11.60 -11.96 -33.59
C GLU A 29 11.30 -12.18 -32.10
N PHE A 30 11.80 -11.28 -31.27
CA PHE A 30 11.58 -11.35 -29.84
C PHE A 30 10.09 -11.19 -29.55
N TRP A 31 9.47 -10.21 -30.19
CA TRP A 31 8.04 -9.95 -30.01
C TRP A 31 7.20 -11.11 -30.55
N ASP A 32 7.62 -11.68 -31.67
CA ASP A 32 6.91 -12.81 -32.25
C ASP A 32 6.86 -13.95 -31.23
N ASN A 33 8.03 -14.25 -30.68
CA ASN A 33 8.16 -15.29 -29.68
C ASN A 33 7.43 -14.89 -28.40
N LEU A 34 7.52 -13.61 -28.07
CA LEU A 34 6.85 -13.06 -26.90
C LEU A 34 5.34 -13.17 -27.04
N GLU A 35 4.84 -12.93 -28.25
CA GLU A 35 3.42 -13.03 -28.52
C GLU A 35 2.96 -14.46 -28.29
N LYS A 36 3.71 -15.41 -28.85
CA LYS A 36 3.39 -16.83 -28.69
C LYS A 36 3.31 -17.18 -27.21
N GLU A 37 4.30 -16.70 -26.45
CA GLU A 37 4.34 -16.94 -25.02
C GLU A 37 3.20 -16.25 -24.31
N THR A 38 3.03 -14.96 -24.55
CA THR A 38 1.98 -14.19 -23.91
C THR A 38 0.58 -14.68 -24.28
N GLU A 39 0.39 -15.13 -25.52
CA GLU A 39 -0.89 -15.64 -25.95
C GLU A 39 -1.18 -16.91 -25.16
N GLY A 40 -0.15 -17.76 -25.04
CA GLY A 40 -0.28 -18.98 -24.28
C GLY A 40 -0.51 -18.65 -22.82
N LEU A 41 0.21 -17.64 -22.33
CA LEU A 41 0.08 -17.20 -20.96
C LEU A 41 -1.32 -16.67 -20.72
N ARG A 42 -1.88 -16.00 -21.72
CA ARG A 42 -3.24 -15.46 -21.63
C ARG A 42 -4.23 -16.61 -21.54
N GLN A 43 -4.09 -17.56 -22.47
CA GLN A 43 -4.97 -18.73 -22.50
C GLN A 43 -4.86 -19.47 -21.18
N GLU A 44 -3.62 -19.65 -20.73
CA GLU A 44 -3.34 -20.32 -19.48
C GLU A 44 -3.92 -19.54 -18.31
N MET A 45 -3.71 -18.22 -18.33
CA MET A 45 -4.23 -17.33 -17.29
C MET A 45 -5.75 -17.33 -17.29
N SER A 46 -6.36 -17.58 -18.44
CA SER A 46 -7.81 -17.63 -18.54
C SER A 46 -8.31 -18.77 -17.67
N LYS A 47 -7.71 -19.94 -17.83
CA LYS A 47 -8.07 -21.10 -17.04
C LYS A 47 -7.60 -20.89 -15.61
N ASP A 48 -6.39 -20.36 -15.48
CA ASP A 48 -5.78 -20.09 -14.17
C ASP A 48 -6.70 -19.25 -13.31
N LEU A 49 -6.94 -18.02 -13.75
CA LEU A 49 -7.79 -17.09 -13.03
C LEU A 49 -9.19 -17.64 -12.81
N GLU A 50 -9.78 -18.19 -13.87
CA GLU A 50 -11.13 -18.73 -13.77
C GLU A 50 -11.21 -19.87 -12.76
N GLU A 51 -10.29 -20.81 -12.85
CA GLU A 51 -10.27 -21.94 -11.91
C GLU A 51 -9.98 -21.44 -10.51
N VAL A 52 -9.06 -20.50 -10.38
CA VAL A 52 -8.71 -19.93 -9.09
C VAL A 52 -9.91 -19.20 -8.48
N LYS A 53 -10.63 -18.43 -9.30
CA LYS A 53 -11.80 -17.70 -8.83
C LYS A 53 -12.97 -18.64 -8.56
N ALA A 54 -13.20 -19.59 -9.45
CA ALA A 54 -14.28 -20.55 -9.30
C ALA A 54 -14.06 -21.39 -8.05
N LYS A 55 -12.79 -21.68 -7.76
CA LYS A 55 -12.45 -22.49 -6.59
C LYS A 55 -12.26 -21.61 -5.35
N VAL A 56 -11.92 -20.34 -5.56
CA VAL A 56 -11.72 -19.42 -4.44
C VAL A 56 -13.04 -19.19 -3.71
N GLN A 57 -14.15 -19.33 -4.44
CA GLN A 57 -15.46 -19.16 -3.85
C GLN A 57 -15.67 -20.18 -2.73
N PRO A 58 -15.63 -21.51 -3.02
CA PRO A 58 -15.76 -22.53 -1.98
C PRO A 58 -14.58 -22.48 -1.01
N TYR A 59 -13.44 -21.96 -1.47
CA TYR A 59 -12.26 -21.83 -0.61
C TYR A 59 -12.57 -20.83 0.49
N LEU A 60 -13.03 -19.65 0.09
CA LEU A 60 -13.38 -18.60 1.03
C LEU A 60 -14.58 -19.03 1.85
N ASP A 61 -15.56 -19.65 1.19
CA ASP A 61 -16.75 -20.13 1.88
C ASP A 61 -16.38 -21.14 2.96
N ASP A 62 -15.48 -22.05 2.61
CA ASP A 62 -15.02 -23.07 3.54
C ASP A 62 -14.26 -22.43 4.70
N PHE A 63 -13.35 -21.53 4.35
CA PHE A 63 -12.54 -20.85 5.35
C PHE A 63 -13.40 -19.94 6.23
N GLN A 64 -14.29 -19.15 5.61
CA GLN A 64 -15.16 -18.25 6.36
C GLN A 64 -16.12 -19.04 7.25
N LYS A 65 -16.55 -20.20 6.76
CA LYS A 65 -17.44 -21.06 7.52
C LYS A 65 -16.76 -21.48 8.82
N LYS A 66 -15.54 -21.95 8.70
CA LYS A 66 -14.75 -22.36 9.84
C LYS A 66 -14.35 -21.14 10.67
N TRP A 67 -14.08 -20.04 9.98
CA TRP A 67 -13.70 -18.79 10.62
C TRP A 67 -14.84 -18.30 11.51
N GLN A 68 -16.07 -18.53 11.05
CA GLN A 68 -17.25 -18.14 11.82
C GLN A 68 -17.25 -18.91 13.12
N GLU A 69 -16.98 -20.21 13.04
CA GLU A 69 -16.92 -21.04 14.23
C GLU A 69 -15.78 -20.56 15.11
N GLU A 70 -14.65 -20.26 14.48
CA GLU A 70 -13.47 -19.77 15.18
C GLU A 70 -13.78 -18.50 15.96
N MET A 71 -14.44 -17.56 15.29
CA MET A 71 -14.81 -16.30 15.92
C MET A 71 -15.93 -16.47 16.94
N GLU A 72 -16.94 -17.25 16.58
CA GLU A 72 -18.06 -17.49 17.48
C GLU A 72 -17.60 -18.17 18.76
N LEU A 73 -16.83 -19.25 18.63
CA LEU A 73 -16.32 -19.97 19.79
C LEU A 73 -15.37 -19.08 20.58
N TYR A 74 -14.61 -18.26 19.86
CA TYR A 74 -13.68 -17.33 20.47
C TYR A 74 -14.44 -16.34 21.34
N ARG A 75 -15.49 -15.74 20.78
CA ARG A 75 -16.31 -14.79 21.52
C ARG A 75 -17.08 -15.49 22.65
N GLN A 76 -17.50 -16.71 22.38
CA GLN A 76 -18.24 -17.51 23.34
C GLN A 76 -17.38 -17.75 24.57
N LYS A 77 -16.12 -18.11 24.34
CA LYS A 77 -15.19 -18.36 25.42
C LYS A 77 -14.62 -17.07 25.99
N VAL A 78 -14.48 -16.05 25.12
CA VAL A 78 -13.94 -14.76 25.55
C VAL A 78 -14.72 -14.19 26.73
N GLU A 79 -16.04 -14.39 26.74
CA GLU A 79 -16.87 -13.90 27.84
C GLU A 79 -16.45 -14.48 29.19
N PRO A 80 -16.53 -15.82 29.41
CA PRO A 80 -16.10 -16.43 30.66
C PRO A 80 -14.62 -16.19 30.93
N LEU A 81 -13.81 -16.19 29.87
CA LEU A 81 -12.37 -15.95 30.02
C LEU A 81 -12.13 -14.54 30.53
N ARG A 82 -12.88 -13.58 29.98
CA ARG A 82 -12.79 -12.18 30.40
C ARG A 82 -13.29 -12.05 31.82
N ALA A 83 -14.30 -12.85 32.14
CA ALA A 83 -14.85 -12.86 33.48
C ALA A 83 -13.82 -13.37 34.46
N GLU A 84 -13.13 -14.45 34.09
CA GLU A 84 -12.08 -15.02 34.92
C GLU A 84 -10.99 -13.98 35.13
N LEU A 85 -10.63 -13.31 34.04
CA LEU A 85 -9.61 -12.28 34.09
C LEU A 85 -10.08 -11.14 34.97
N GLN A 86 -11.31 -10.70 34.77
CA GLN A 86 -11.89 -9.61 35.54
C GLN A 86 -12.01 -9.96 37.02
N GLU A 87 -12.70 -11.05 37.33
CA GLU A 87 -12.87 -11.48 38.72
C GLU A 87 -11.53 -11.79 39.37
N GLY A 88 -10.69 -12.50 38.63
CA GLY A 88 -9.38 -12.83 39.12
C GLY A 88 -8.57 -11.57 39.37
N ALA A 89 -8.57 -10.66 38.41
CA ALA A 89 -7.84 -9.40 38.55
C ALA A 89 -8.42 -8.58 39.68
N ARG A 90 -9.73 -8.66 39.86
CA ARG A 90 -10.39 -7.93 40.94
C ARG A 90 -9.78 -8.33 42.26
N GLN A 91 -9.59 -9.63 42.45
CA GLN A 91 -8.99 -10.14 43.67
C GLN A 91 -7.52 -9.75 43.73
N LYS A 92 -6.80 -10.07 42.66
CA LYS A 92 -5.37 -9.76 42.56
C LYS A 92 -5.10 -8.28 42.82
N LEU A 93 -5.85 -7.41 42.14
CA LEU A 93 -5.68 -5.97 42.31
C LEU A 93 -6.12 -5.52 43.69
N HIS A 94 -7.28 -6.00 44.15
CA HIS A 94 -7.79 -5.62 45.46
C HIS A 94 -6.81 -6.03 46.56
N GLU A 95 -6.33 -7.26 46.49
CA GLU A 95 -5.37 -7.75 47.48
C GLU A 95 -4.08 -6.94 47.42
N LEU A 96 -3.69 -6.53 46.21
CA LEU A 96 -2.49 -5.72 46.03
C LEU A 96 -2.72 -4.32 46.58
N GLN A 97 -3.92 -3.78 46.37
CA GLN A 97 -4.27 -2.47 46.88
C GLN A 97 -4.22 -2.51 48.40
N GLU A 98 -4.62 -3.66 48.94
CA GLU A 98 -4.61 -3.87 50.39
C GLU A 98 -3.19 -4.05 50.88
N LYS A 99 -2.25 -4.13 49.95
CA LYS A 99 -0.83 -4.26 50.29
C LYS A 99 -0.17 -2.90 50.14
N LEU A 100 -0.50 -2.22 49.04
CA LEU A 100 0.05 -0.89 48.76
C LEU A 100 -0.32 0.10 49.84
N SER A 101 -1.39 -0.18 50.58
CA SER A 101 -1.82 0.70 51.65
C SER A 101 -0.89 0.59 52.87
N PRO A 102 -0.85 -0.58 53.58
CA PRO A 102 0.02 -0.74 54.76
C PRO A 102 1.49 -0.72 54.38
N LEU A 103 1.85 -1.43 53.31
CA LEU A 103 3.24 -1.46 52.86
C LEU A 103 3.65 -0.11 52.30
N GLY A 104 2.64 0.66 51.89
CA GLY A 104 2.88 1.99 51.37
C GLY A 104 3.13 2.93 52.52
N GLU A 105 2.30 2.82 53.56
CA GLU A 105 2.45 3.63 54.76
C GLU A 105 3.79 3.31 55.39
N GLU A 106 4.12 2.03 55.40
CA GLU A 106 5.39 1.57 55.95
C GLU A 106 6.52 2.15 55.12
N MET A 107 6.31 2.24 53.81
CA MET A 107 7.31 2.79 52.91
C MET A 107 7.54 4.26 53.23
N ARG A 108 6.44 4.99 53.41
CA ARG A 108 6.51 6.41 53.73
C ARG A 108 7.17 6.61 55.09
N ASP A 109 6.80 5.78 56.05
CA ASP A 109 7.35 5.86 57.40
C ASP A 109 8.85 5.56 57.37
N ARG A 110 9.23 4.56 56.57
CA ARG A 110 10.63 4.20 56.42
C ARG A 110 11.36 5.31 55.68
N ALA A 111 10.66 5.91 54.71
CA ALA A 111 11.22 7.00 53.94
C ALA A 111 11.45 8.21 54.83
N ARG A 112 10.57 8.39 55.81
CA ARG A 112 10.67 9.48 56.76
C ARG A 112 12.01 9.37 57.48
N ALA A 113 12.23 8.21 58.08
CA ALA A 113 13.48 7.95 58.78
C ALA A 113 14.65 8.02 57.81
N HIS A 114 14.43 7.48 56.62
CA HIS A 114 15.44 7.48 55.57
C HIS A 114 15.91 8.90 55.26
N VAL A 115 14.95 9.78 54.96
CA VAL A 115 15.23 11.16 54.62
C VAL A 115 15.63 11.99 55.84
N ASP A 116 14.95 11.80 56.96
CA ASP A 116 15.27 12.55 58.17
C ASP A 116 16.68 12.26 58.66
N ALA A 117 17.08 10.99 58.56
CA ALA A 117 18.43 10.59 58.95
C ALA A 117 19.42 11.19 57.98
N LEU A 118 18.95 11.39 56.75
CA LEU A 118 19.76 12.00 55.71
C LEU A 118 19.89 13.48 55.99
N ARG A 119 18.81 14.09 56.49
CA ARG A 119 18.81 15.51 56.81
C ARG A 119 19.84 15.81 57.90
N THR A 120 19.80 15.01 58.96
CA THR A 120 20.72 15.18 60.08
C THR A 120 22.15 14.81 59.71
N HIS A 121 22.33 14.21 58.54
CA HIS A 121 23.66 13.83 58.08
C HIS A 121 24.15 14.74 56.98
N LEU A 122 23.33 14.95 55.96
CA LEU A 122 23.69 15.78 54.82
C LEU A 122 23.91 17.23 55.21
N ALA A 123 23.10 17.75 56.14
CA ALA A 123 23.24 19.13 56.59
C ALA A 123 24.65 19.40 57.12
N PRO A 124 25.11 18.69 58.18
CA PRO A 124 26.46 18.88 58.70
C PRO A 124 27.52 18.44 57.70
N TYR A 125 27.19 17.41 56.91
CA TYR A 125 28.12 16.92 55.89
C TYR A 125 28.44 18.01 54.89
N SER A 126 27.42 18.68 54.38
CA SER A 126 27.60 19.75 53.42
C SER A 126 28.22 20.97 54.08
N ASP A 127 27.86 21.21 55.35
CA ASP A 127 28.42 22.35 56.08
C ASP A 127 29.90 22.14 56.33
N GLU A 128 30.27 20.95 56.78
CA GLU A 128 31.65 20.62 57.02
C GLU A 128 32.39 20.56 55.68
N LEU A 129 31.65 20.19 54.64
CA LEU A 129 32.21 20.13 53.30
C LEU A 129 32.53 21.53 52.82
N ARG A 130 31.76 22.51 53.33
CA ARG A 130 31.98 23.90 53.00
C ARG A 130 33.32 24.33 53.56
N GLN A 131 33.64 23.82 54.74
CA GLN A 131 34.91 24.11 55.40
C GLN A 131 36.04 23.45 54.62
N ARG A 132 35.78 22.22 54.18
CA ARG A 132 36.74 21.47 53.40
C ARG A 132 36.97 22.16 52.06
N LEU A 133 35.87 22.57 51.43
CA LEU A 133 35.93 23.28 50.16
C LEU A 133 36.62 24.61 50.35
N ALA A 134 36.41 25.22 51.51
CA ALA A 134 37.04 26.49 51.84
C ALA A 134 38.55 26.30 51.90
N ALA A 135 38.96 25.19 52.52
CA ALA A 135 40.37 24.87 52.63
C ALA A 135 40.93 24.61 51.25
N ARG A 136 40.16 23.89 50.43
CA ARG A 136 40.55 23.58 49.07
C ARG A 136 40.70 24.88 48.28
N LEU A 137 39.67 25.71 48.34
CA LEU A 137 39.66 26.99 47.65
C LEU A 137 40.77 27.90 48.17
N GLU A 138 41.02 27.86 49.47
CA GLU A 138 42.08 28.67 50.07
C GLU A 138 43.41 28.27 49.47
N ALA A 139 43.67 26.97 49.44
CA ALA A 139 44.90 26.45 48.88
C ALA A 139 44.96 26.76 47.39
N LEU A 140 43.84 26.56 46.70
CA LEU A 140 43.76 26.82 45.27
C LEU A 140 43.99 28.29 44.97
N LYS A 141 43.57 29.16 45.88
CA LYS A 141 43.75 30.60 45.70
C LYS A 141 45.20 30.99 45.97
N GLU A 142 45.74 30.49 47.07
CA GLU A 142 47.13 30.78 47.42
C GLU A 142 48.08 30.18 46.40
N ASN A 143 47.87 28.91 46.07
CA ASN A 143 48.68 28.23 45.08
C ASN A 143 48.44 28.86 43.72
N GLY A 144 47.19 29.23 43.48
CA GLY A 144 46.80 29.87 42.23
C GLY A 144 47.54 31.17 42.03
N GLY A 145 47.64 31.96 43.10
CA GLY A 145 48.35 33.22 43.02
C GLY A 145 49.79 33.00 42.62
N ALA A 146 50.38 31.92 43.14
CA ALA A 146 51.75 31.56 42.82
C ALA A 146 51.81 31.03 41.40
N ARG A 147 50.87 30.16 41.06
CA ARG A 147 50.78 29.58 39.73
C ARG A 147 50.76 30.67 38.68
N LEU A 148 49.88 31.65 38.88
CA LEU A 148 49.75 32.77 37.96
C LEU A 148 51.03 33.60 37.89
N ALA A 149 51.65 33.81 39.04
CA ALA A 149 52.90 34.57 39.11
C ALA A 149 53.99 33.85 38.35
N GLU A 150 54.11 32.55 38.62
CA GLU A 150 55.10 31.72 37.97
C GLU A 150 54.79 31.58 36.48
N TYR A 151 53.52 31.41 36.14
CA TYR A 151 53.10 31.28 34.76
C TYR A 151 53.45 32.55 34.00
N HIS A 152 53.28 33.69 34.65
CA HIS A 152 53.60 34.97 34.04
C HIS A 152 55.09 35.07 33.82
N ALA A 153 55.86 34.57 34.79
CA ALA A 153 57.31 34.56 34.69
C ALA A 153 57.75 33.64 33.57
N LYS A 154 57.24 32.42 33.57
CA LYS A 154 57.55 31.43 32.54
C LYS A 154 57.13 31.93 31.17
N ALA A 155 56.00 32.63 31.12
CA ALA A 155 55.50 33.18 29.88
C ALA A 155 56.44 34.24 29.36
N THR A 156 56.89 35.12 30.26
CA THR A 156 57.84 36.17 29.89
C THR A 156 59.13 35.55 29.36
N GLU A 157 59.59 34.49 30.02
CA GLU A 157 60.79 33.78 29.59
C GLU A 157 60.56 33.18 28.21
N HIS A 158 59.36 32.66 28.00
CA HIS A 158 58.99 32.08 26.72
C HIS A 158 58.95 33.15 25.66
N LEU A 159 58.33 34.28 25.98
CA LEU A 159 58.23 35.42 25.06
C LEU A 159 59.62 35.90 24.65
N SER A 160 60.57 35.83 25.58
CA SER A 160 61.93 36.24 25.32
C SER A 160 62.56 35.37 24.25
N THR A 161 62.43 34.04 24.40
CA THR A 161 62.98 33.12 23.41
C THR A 161 62.14 33.16 22.14
N LEU A 162 60.85 33.48 22.30
CA LEU A 162 59.94 33.57 21.18
C LEU A 162 60.36 34.69 20.25
N SER A 163 60.64 35.85 20.81
CA SER A 163 61.06 37.01 20.03
C SER A 163 62.41 36.74 19.36
N GLU A 164 63.28 36.00 20.07
CA GLU A 164 64.59 35.64 19.55
C GLU A 164 64.49 34.67 18.37
N LYS A 165 63.29 34.17 18.13
CA LYS A 165 63.06 33.25 17.02
C LYS A 165 62.09 33.86 16.01
N ALA A 166 61.19 34.71 16.51
CA ALA A 166 60.20 35.37 15.65
C ALA A 166 60.84 36.45 14.81
N LYS A 167 62.05 36.85 15.16
CA LYS A 167 62.76 37.86 14.40
C LYS A 167 64.04 37.33 13.76
N PRO A 168 65.09 36.99 14.54
CA PRO A 168 66.35 36.48 13.99
C PRO A 168 66.15 35.22 13.13
N ALA A 169 65.54 34.20 13.74
CA ALA A 169 65.29 32.95 13.04
C ALA A 169 64.34 33.13 11.87
N LEU A 170 63.27 33.92 12.09
CA LEU A 170 62.31 34.17 11.02
C LEU A 170 62.93 34.95 9.87
N GLU A 171 63.81 35.89 10.20
CA GLU A 171 64.48 36.68 9.18
C GLU A 171 65.45 35.79 8.41
N ASP A 172 66.03 34.81 9.11
CA ASP A 172 66.94 33.88 8.47
C ASP A 172 66.16 33.03 7.49
N LEU A 173 65.00 32.56 7.96
CA LEU A 173 64.11 31.76 7.14
C LEU A 173 63.62 32.57 5.95
N ARG A 174 63.17 33.79 6.21
CA ARG A 174 62.67 34.67 5.16
C ARG A 174 63.79 35.06 4.20
N GLN A 175 64.97 35.31 4.76
CA GLN A 175 66.11 35.67 3.94
C GLN A 175 66.50 34.52 3.04
N GLY A 176 66.33 33.30 3.55
CA GLY A 176 66.62 32.10 2.78
C GLY A 176 65.50 31.83 1.79
N LEU A 177 64.28 32.17 2.20
CA LEU A 177 63.11 31.99 1.36
C LEU A 177 63.22 32.81 0.09
N LEU A 178 63.94 33.92 0.15
CA LEU A 178 64.11 34.77 -1.02
C LEU A 178 64.79 34.00 -2.17
N PRO A 179 66.06 33.56 -2.01
CA PRO A 179 66.74 32.79 -3.05
C PRO A 179 66.08 31.44 -3.29
N VAL A 180 65.55 30.85 -2.21
CA VAL A 180 64.86 29.57 -2.31
C VAL A 180 63.64 29.68 -3.22
N LEU A 181 62.76 30.64 -2.92
CA LEU A 181 61.57 30.85 -3.72
C LEU A 181 61.96 31.23 -5.14
N GLU A 182 62.97 32.08 -5.27
CA GLU A 182 63.44 32.49 -6.59
C GLU A 182 63.95 31.29 -7.38
N SER A 183 64.77 30.45 -6.74
CA SER A 183 65.29 29.27 -7.42
C SER A 183 64.15 28.31 -7.75
N PHE A 184 63.14 28.27 -6.88
CA PHE A 184 61.97 27.42 -7.11
C PHE A 184 61.19 27.97 -8.29
N LYS A 185 61.07 29.29 -8.35
CA LYS A 185 60.37 29.95 -9.44
C LYS A 185 61.12 29.67 -10.74
N VAL A 186 62.43 29.71 -10.67
CA VAL A 186 63.27 29.43 -11.83
C VAL A 186 62.99 28.02 -12.35
N SER A 187 62.95 27.06 -11.43
CA SER A 187 62.69 25.67 -11.80
C SER A 187 61.24 25.47 -12.27
N PHE A 188 60.29 26.07 -11.56
CA PHE A 188 58.88 25.96 -11.91
C PHE A 188 58.59 26.59 -13.26
N LEU A 189 59.09 27.81 -13.47
CA LEU A 189 58.88 28.52 -14.73
C LEU A 189 59.52 27.79 -15.89
N SER A 190 60.70 27.23 -15.67
CA SER A 190 61.40 26.50 -16.72
C SER A 190 60.72 25.16 -16.98
N ALA A 191 60.29 24.49 -15.93
CA ALA A 191 59.61 23.21 -16.06
C ALA A 191 58.28 23.38 -16.79
N LEU A 192 57.66 24.54 -16.60
CA LEU A 192 56.39 24.86 -17.25
C LEU A 192 56.54 24.85 -18.77
N GLU A 193 57.77 25.02 -19.25
CA GLU A 193 58.03 25.00 -20.69
C GLU A 193 57.71 23.62 -21.22
N GLU A 194 58.25 22.62 -20.56
CA GLU A 194 58.06 21.23 -20.95
C GLU A 194 56.60 20.84 -20.88
N TYR A 195 55.92 21.23 -19.81
CA TYR A 195 54.51 20.92 -19.62
C TYR A 195 53.66 21.36 -20.82
N THR A 196 53.93 22.55 -21.33
CA THR A 196 53.18 23.08 -22.46
C THR A 196 53.70 22.55 -23.80
N LYS A 197 55.03 22.42 -23.94
CA LYS A 197 55.62 21.95 -25.19
C LYS A 197 55.50 20.44 -25.36
N LYS A 198 54.95 19.77 -24.38
CA LYS A 198 54.80 18.32 -24.48
C LYS A 198 53.34 17.92 -24.62
N LEU A 199 52.45 18.79 -24.18
CA LEU A 199 51.02 18.52 -24.27
C LEU A 199 50.34 19.37 -25.33
N ASN A 200 51.14 20.18 -26.03
CA ASN A 200 50.62 21.05 -27.08
C ASN A 200 51.79 21.71 -27.82
N LEU B 3 71.24 21.69 0.68
CA LEU B 3 72.59 22.24 0.69
C LEU B 3 72.68 23.37 1.70
N LYS B 4 71.80 24.35 1.53
CA LYS B 4 71.74 25.50 2.44
C LYS B 4 70.96 25.15 3.70
N LEU B 5 70.54 23.90 3.77
CA LEU B 5 69.80 23.39 4.92
C LEU B 5 70.64 23.46 6.18
N LEU B 6 71.96 23.45 6.01
CA LEU B 6 72.88 23.54 7.14
C LEU B 6 72.73 24.88 7.85
N ASP B 7 72.52 25.92 7.06
CA ASP B 7 72.35 27.26 7.59
C ASP B 7 71.02 27.35 8.35
N ASN B 8 69.99 26.78 7.75
CA ASN B 8 68.66 26.78 8.34
C ASN B 8 68.65 25.93 9.60
N TRP B 9 69.26 24.75 9.53
CA TRP B 9 69.32 23.84 10.67
C TRP B 9 70.14 24.43 11.81
N ASP B 10 71.11 25.27 11.46
CA ASP B 10 71.94 25.94 12.46
C ASP B 10 71.06 26.78 13.36
N SER B 11 70.05 27.40 12.77
CA SER B 11 69.10 28.21 13.52
C SER B 11 68.24 27.32 14.41
N VAL B 12 68.06 26.08 13.95
CA VAL B 12 67.29 25.10 14.70
C VAL B 12 68.09 24.69 15.94
N THR B 13 69.40 24.58 15.78
CA THR B 13 70.28 24.26 16.88
C THR B 13 70.19 25.37 17.93
N SER B 14 70.16 26.61 17.44
CA SER B 14 70.03 27.76 18.31
C SER B 14 68.67 27.72 19.01
N THR B 15 67.69 27.17 18.30
CA THR B 15 66.34 27.01 18.84
C THR B 15 66.40 26.01 19.99
N PHE B 16 67.16 24.94 19.80
CA PHE B 16 67.32 23.92 20.81
C PHE B 16 67.98 24.53 22.04
N SER B 17 68.97 25.37 21.80
CA SER B 17 69.66 26.06 22.87
C SER B 17 68.68 26.94 23.64
N LYS B 18 67.85 27.68 22.91
CA LYS B 18 66.85 28.54 23.51
C LYS B 18 65.87 27.70 24.33
N LEU B 19 65.56 26.53 23.83
CA LEU B 19 64.65 25.62 24.53
C LEU B 19 65.33 25.09 25.79
N ARG B 20 66.63 24.83 25.69
CA ARG B 20 67.41 24.33 26.82
C ARG B 20 67.47 25.38 27.91
N GLU B 21 67.47 26.65 27.52
CA GLU B 21 67.48 27.74 28.47
C GLU B 21 66.19 27.71 29.29
N GLN B 22 65.11 27.34 28.62
CA GLN B 22 63.81 27.23 29.27
C GLN B 22 63.71 25.92 30.03
N LEU B 23 64.35 24.88 29.51
CA LEU B 23 64.33 23.56 30.13
C LEU B 23 65.02 23.58 31.48
N GLY B 24 65.78 24.64 31.75
CA GLY B 24 66.47 24.76 33.01
C GLY B 24 65.61 25.47 34.05
N PRO B 25 65.79 26.79 34.22
CA PRO B 25 65.05 27.58 35.20
C PRO B 25 63.53 27.46 35.11
N VAL B 26 62.98 27.42 33.89
CA VAL B 26 61.53 27.30 33.73
C VAL B 26 61.02 25.98 34.30
N THR B 27 61.67 24.89 33.94
CA THR B 27 61.28 23.57 34.43
C THR B 27 61.57 23.47 35.93
N GLN B 28 62.70 24.03 36.35
CA GLN B 28 63.07 24.03 37.76
C GLN B 28 62.03 24.79 38.57
N GLU B 29 61.59 25.92 38.00
CA GLU B 29 60.58 26.75 38.62
C GLU B 29 59.28 25.97 38.66
N PHE B 30 59.00 25.23 37.59
CA PHE B 30 57.80 24.41 37.50
C PHE B 30 57.84 23.37 38.61
N TRP B 31 59.02 22.83 38.87
CA TRP B 31 59.21 21.85 39.93
C TRP B 31 58.98 22.51 41.29
N ASP B 32 59.44 23.76 41.40
CA ASP B 32 59.25 24.53 42.63
C ASP B 32 57.77 24.76 42.84
N ASN B 33 57.06 24.99 41.74
CA ASN B 33 55.61 25.17 41.78
C ASN B 33 54.97 23.85 42.18
N LEU B 34 55.51 22.76 41.63
CA LEU B 34 55.02 21.42 41.94
C LEU B 34 55.20 21.15 43.42
N GLU B 35 56.27 21.70 44.00
CA GLU B 35 56.53 21.55 45.43
C GLU B 35 55.40 22.23 46.21
N LYS B 36 54.91 23.34 45.67
CA LYS B 36 53.81 24.07 46.28
C LYS B 36 52.54 23.27 46.10
N GLU B 37 52.42 22.64 44.94
CA GLU B 37 51.26 21.82 44.62
C GLU B 37 51.18 20.64 45.58
N THR B 38 52.31 19.95 45.73
CA THR B 38 52.37 18.81 46.63
C THR B 38 52.11 19.23 48.06
N GLU B 39 52.71 20.36 48.45
CA GLU B 39 52.52 20.89 49.80
C GLU B 39 51.05 21.26 50.00
N GLY B 40 50.46 21.85 48.96
CA GLY B 40 49.06 22.22 49.01
C GLY B 40 48.20 20.99 49.15
N LEU B 41 48.51 19.96 48.37
CA LEU B 41 47.78 18.71 48.43
C LEU B 41 47.95 18.06 49.80
N ARG B 42 49.11 18.30 50.42
CA ARG B 42 49.40 17.77 51.74
C ARG B 42 48.68 18.58 52.81
N GLN B 43 48.00 19.63 52.38
CA GLN B 43 47.24 20.49 53.27
C GLN B 43 45.76 20.30 52.98
N GLU B 44 45.47 19.85 51.76
CA GLU B 44 44.12 19.60 51.31
C GLU B 44 43.73 18.15 51.58
N MET B 45 44.46 17.23 50.96
CA MET B 45 44.19 15.80 51.08
C MET B 45 44.35 15.30 52.50
N SER B 46 45.23 15.91 53.27
CA SER B 46 45.43 15.51 54.66
C SER B 46 44.13 15.68 55.44
N LYS B 47 43.49 16.82 55.24
CA LYS B 47 42.23 17.11 55.90
C LYS B 47 41.10 16.39 55.18
N ASP B 48 41.17 16.39 53.85
CA ASP B 48 40.15 15.76 53.01
C ASP B 48 40.01 14.27 53.32
N LEU B 49 41.12 13.54 53.31
CA LEU B 49 41.10 12.12 53.58
C LEU B 49 40.53 11.81 54.97
N GLU B 50 40.96 12.57 55.96
CA GLU B 50 40.46 12.38 57.32
C GLU B 50 38.99 12.76 57.39
N GLU B 51 38.64 13.82 56.67
CA GLU B 51 37.27 14.30 56.60
C GLU B 51 36.41 13.21 55.98
N VAL B 52 36.97 12.53 54.98
CA VAL B 52 36.31 11.44 54.31
C VAL B 52 36.12 10.28 55.28
N LYS B 53 37.20 9.88 55.94
CA LYS B 53 37.17 8.78 56.89
C LYS B 53 36.16 9.06 58.01
N ALA B 54 36.25 10.26 58.59
CA ALA B 54 35.37 10.65 59.69
C ALA B 54 33.91 10.80 59.23
N LYS B 55 33.70 10.79 57.93
CA LYS B 55 32.35 10.92 57.39
C LYS B 55 31.86 9.60 56.80
N VAL B 56 32.77 8.82 56.23
CA VAL B 56 32.42 7.54 55.64
C VAL B 56 31.96 6.56 56.71
N GLN B 57 32.59 6.61 57.88
CA GLN B 57 32.21 5.73 58.98
C GLN B 57 30.73 5.91 59.34
N PRO B 58 30.30 7.13 59.75
CA PRO B 58 28.89 7.39 60.07
C PRO B 58 28.01 7.31 58.84
N TYR B 59 28.60 7.53 57.66
CA TYR B 59 27.86 7.46 56.40
C TYR B 59 27.46 6.03 56.12
N LEU B 60 28.42 5.12 56.26
CA LEU B 60 28.17 3.70 56.05
C LEU B 60 27.30 3.17 57.17
N ASP B 61 27.40 3.81 58.33
CA ASP B 61 26.58 3.42 59.48
C ASP B 61 25.14 3.82 59.23
N ASP B 62 24.96 5.07 58.82
CA ASP B 62 23.63 5.60 58.52
C ASP B 62 23.07 4.85 57.31
N PHE B 63 23.95 4.55 56.37
CA PHE B 63 23.58 3.82 55.17
C PHE B 63 23.20 2.40 55.56
N GLN B 64 23.90 1.84 56.55
CA GLN B 64 23.59 0.50 57.04
C GLN B 64 22.21 0.51 57.67
N LYS B 65 21.90 1.59 58.38
CA LYS B 65 20.60 1.74 59.01
C LYS B 65 19.53 1.73 57.93
N LYS B 66 19.76 2.53 56.89
CA LYS B 66 18.84 2.62 55.78
C LYS B 66 18.78 1.29 55.03
N TRP B 67 19.93 0.64 54.87
CA TRP B 67 19.99 -0.66 54.21
C TRP B 67 19.18 -1.66 55.00
N GLN B 68 19.30 -1.59 56.33
CA GLN B 68 18.56 -2.47 57.22
C GLN B 68 17.07 -2.22 57.03
N GLU B 69 16.68 -0.93 57.07
CA GLU B 69 15.29 -0.55 56.89
C GLU B 69 14.76 -1.07 55.56
N GLU B 70 15.57 -0.90 54.52
CA GLU B 70 15.21 -1.34 53.18
C GLU B 70 15.12 -2.87 53.12
N MET B 71 16.17 -3.55 53.56
CA MET B 71 16.22 -5.00 53.55
C MET B 71 15.10 -5.62 54.36
N GLU B 72 14.91 -5.13 55.58
CA GLU B 72 13.85 -5.64 56.45
C GLU B 72 12.51 -5.34 55.83
N LEU B 73 12.34 -4.10 55.36
CA LEU B 73 11.11 -3.66 54.73
C LEU B 73 10.81 -4.50 53.50
N TYR B 74 11.84 -4.77 52.70
CA TYR B 74 11.71 -5.57 51.50
C TYR B 74 11.40 -7.02 51.84
N ARG B 75 12.00 -7.52 52.91
CA ARG B 75 11.74 -8.90 53.33
C ARG B 75 10.28 -9.04 53.73
N GLN B 76 9.76 -8.01 54.39
CA GLN B 76 8.37 -8.01 54.82
C GLN B 76 7.44 -7.58 53.68
N LYS B 77 7.98 -7.52 52.48
CA LYS B 77 7.21 -7.16 51.30
C LYS B 77 7.33 -8.23 50.24
N VAL B 78 8.57 -8.57 49.89
CA VAL B 78 8.85 -9.58 48.87
C VAL B 78 8.24 -10.93 49.25
N GLU B 79 8.37 -11.32 50.51
CA GLU B 79 7.83 -12.59 50.97
C GLU B 79 6.30 -12.65 50.77
N PRO B 80 5.52 -11.78 51.45
CA PRO B 80 4.07 -11.76 51.33
C PRO B 80 3.62 -11.51 49.89
N LEU B 81 4.30 -10.60 49.19
CA LEU B 81 3.98 -10.29 47.82
C LEU B 81 4.22 -11.50 46.92
N ARG B 82 5.35 -12.17 47.13
CA ARG B 82 5.68 -13.36 46.34
C ARG B 82 4.64 -14.43 46.59
N ALA B 83 4.22 -14.55 47.83
CA ALA B 83 3.22 -15.54 48.21
C ALA B 83 1.90 -15.23 47.52
N GLU B 84 1.48 -13.97 47.60
CA GLU B 84 0.23 -13.53 46.97
C GLU B 84 0.35 -13.60 45.47
N LEU B 85 1.50 -13.22 44.94
CA LEU B 85 1.76 -13.27 43.52
C LEU B 85 1.80 -14.72 43.06
N GLN B 86 2.26 -15.61 43.93
CA GLN B 86 2.33 -17.03 43.63
C GLN B 86 0.92 -17.58 43.51
N GLU B 87 0.07 -17.24 44.48
CA GLU B 87 -1.31 -17.69 44.46
C GLU B 87 -2.02 -17.05 43.27
N GLY B 88 -1.72 -15.78 43.02
CA GLY B 88 -2.30 -15.09 41.90
C GLY B 88 -1.80 -15.68 40.59
N ALA B 89 -0.54 -16.09 40.59
CA ALA B 89 0.07 -16.71 39.42
C ALA B 89 -0.52 -18.09 39.22
N ARG B 90 -0.78 -18.78 40.32
CA ARG B 90 -1.39 -20.10 40.28
C ARG B 90 -2.80 -19.97 39.73
N GLN B 91 -3.48 -18.90 40.13
CA GLN B 91 -4.82 -18.62 39.64
C GLN B 91 -4.72 -18.33 38.16
N LYS B 92 -3.71 -17.55 37.78
CA LYS B 92 -3.46 -17.21 36.38
C LYS B 92 -3.09 -18.48 35.61
N LEU B 93 -2.31 -19.34 36.24
CA LEU B 93 -1.91 -20.60 35.64
C LEU B 93 -3.14 -21.45 35.40
N HIS B 94 -3.99 -21.54 36.42
CA HIS B 94 -5.22 -22.30 36.32
C HIS B 94 -6.07 -21.72 35.22
N GLU B 95 -6.10 -20.38 35.17
CA GLU B 95 -6.84 -19.68 34.15
C GLU B 95 -6.28 -20.07 32.79
N LEU B 96 -4.95 -19.94 32.64
CA LEU B 96 -4.27 -20.29 31.41
C LEU B 96 -4.55 -21.74 31.03
N GLN B 97 -4.49 -22.64 32.01
CA GLN B 97 -4.75 -24.04 31.76
C GLN B 97 -6.18 -24.23 31.26
N GLU B 98 -7.13 -23.66 31.99
CA GLU B 98 -8.54 -23.77 31.65
C GLU B 98 -8.91 -22.97 30.41
N LYS B 99 -7.99 -22.16 29.92
CA LYS B 99 -8.22 -21.36 28.71
C LYS B 99 -7.52 -22.02 27.52
N LEU B 100 -6.25 -22.34 27.69
CA LEU B 100 -5.44 -22.95 26.64
C LEU B 100 -5.83 -24.40 26.35
N SER B 101 -6.51 -25.05 27.29
CA SER B 101 -6.94 -26.43 27.07
C SER B 101 -8.09 -26.50 26.04
N PRO B 102 -9.25 -25.85 26.32
CA PRO B 102 -10.37 -25.86 25.37
C PRO B 102 -9.99 -25.16 24.08
N LEU B 103 -9.21 -24.09 24.19
CA LEU B 103 -8.76 -23.35 23.02
C LEU B 103 -7.72 -24.16 22.27
N GLY B 104 -6.97 -24.98 23.00
CA GLY B 104 -5.96 -25.83 22.38
C GLY B 104 -6.61 -26.91 21.56
N GLU B 105 -7.61 -27.56 22.16
CA GLU B 105 -8.36 -28.59 21.48
C GLU B 105 -9.04 -27.98 20.26
N GLU B 106 -9.59 -26.78 20.47
CA GLU B 106 -10.24 -26.04 19.41
C GLU B 106 -9.24 -25.68 18.32
N MET B 107 -8.07 -25.21 18.74
CA MET B 107 -7.00 -24.84 17.81
C MET B 107 -6.56 -26.04 17.00
N ARG B 108 -6.58 -27.21 17.61
CA ARG B 108 -6.20 -28.43 16.93
C ARG B 108 -7.24 -28.78 15.87
N ASP B 109 -8.51 -28.54 16.21
CA ASP B 109 -9.60 -28.79 15.28
C ASP B 109 -9.61 -27.68 14.23
N ARG B 110 -9.17 -26.49 14.65
CA ARG B 110 -9.04 -25.36 13.74
C ARG B 110 -7.99 -25.71 12.71
N ALA B 111 -6.88 -26.25 13.21
CA ALA B 111 -5.78 -26.69 12.37
C ALA B 111 -6.27 -27.80 11.45
N ARG B 112 -7.11 -28.67 11.99
CA ARG B 112 -7.68 -29.75 11.20
C ARG B 112 -8.51 -29.16 10.08
N ALA B 113 -9.44 -28.30 10.45
CA ALA B 113 -10.33 -27.63 9.51
C ALA B 113 -9.58 -26.76 8.50
N HIS B 114 -8.37 -26.33 8.86
CA HIS B 114 -7.58 -25.49 7.98
C HIS B 114 -6.60 -26.31 7.14
N VAL B 115 -5.82 -27.16 7.81
CA VAL B 115 -4.84 -28.00 7.14
C VAL B 115 -5.49 -29.05 6.27
N ASP B 116 -6.55 -29.71 6.77
CA ASP B 116 -7.24 -30.71 5.96
C ASP B 116 -7.90 -30.04 4.78
N ALA B 117 -8.34 -28.80 4.99
CA ALA B 117 -8.91 -28.01 3.93
C ALA B 117 -7.82 -27.76 2.90
N LEU B 118 -6.66 -27.34 3.40
CA LEU B 118 -5.50 -27.09 2.55
C LEU B 118 -5.09 -28.36 1.82
N ARG B 119 -5.20 -29.49 2.51
CA ARG B 119 -4.87 -30.79 1.92
C ARG B 119 -5.77 -31.08 0.74
N THR B 120 -6.94 -30.43 0.72
CA THR B 120 -7.90 -30.59 -0.36
C THR B 120 -8.03 -29.29 -1.15
N HIS B 121 -7.18 -28.32 -0.84
CA HIS B 121 -7.20 -27.02 -1.51
C HIS B 121 -5.89 -26.79 -2.25
N LEU B 122 -4.79 -27.04 -1.57
CA LEU B 122 -3.46 -26.86 -2.13
C LEU B 122 -3.05 -28.05 -2.98
N ALA B 123 -3.55 -29.24 -2.62
CA ALA B 123 -3.23 -30.45 -3.37
C ALA B 123 -3.68 -30.32 -4.83
N PRO B 124 -4.99 -30.07 -5.10
CA PRO B 124 -5.46 -29.90 -6.47
C PRO B 124 -4.88 -28.62 -7.08
N TYR B 125 -4.58 -27.66 -6.22
CA TYR B 125 -4.02 -26.39 -6.66
C TYR B 125 -2.63 -26.61 -7.25
N SER B 126 -1.81 -27.41 -6.56
CA SER B 126 -0.46 -27.69 -7.03
C SER B 126 -0.53 -28.58 -8.26
N ASP B 127 -1.52 -29.47 -8.29
CA ASP B 127 -1.70 -30.36 -9.44
C ASP B 127 -2.12 -29.56 -10.65
N GLU B 128 -3.06 -28.65 -10.45
CA GLU B 128 -3.53 -27.77 -11.51
C GLU B 128 -2.36 -26.93 -11.98
N LEU B 129 -1.62 -26.39 -11.03
CA LEU B 129 -0.44 -25.57 -11.32
C LEU B 129 0.59 -26.39 -12.08
N ARG B 130 0.68 -27.69 -11.78
CA ARG B 130 1.63 -28.56 -12.46
C ARG B 130 1.30 -28.65 -13.93
N GLN B 131 0.02 -28.79 -14.25
CA GLN B 131 -0.43 -28.85 -15.64
C GLN B 131 -0.19 -27.50 -16.29
N ARG B 132 -0.56 -26.46 -15.57
CA ARG B 132 -0.41 -25.09 -16.04
C ARG B 132 1.07 -24.77 -16.28
N LEU B 133 1.93 -25.19 -15.36
CA LEU B 133 3.36 -24.97 -15.49
C LEU B 133 3.92 -25.81 -16.62
N ALA B 134 3.38 -27.01 -16.80
CA ALA B 134 3.81 -27.89 -17.88
C ALA B 134 3.53 -27.24 -19.22
N ALA B 135 2.30 -26.74 -19.37
CA ALA B 135 1.89 -26.06 -20.60
C ALA B 135 2.75 -24.83 -20.82
N ARG B 136 3.04 -24.13 -19.73
CA ARG B 136 3.86 -22.94 -19.77
C ARG B 136 5.30 -23.31 -20.14
N LEU B 137 5.77 -24.42 -19.58
CA LEU B 137 7.12 -24.91 -19.85
C LEU B 137 7.26 -25.25 -21.32
N GLU B 138 6.22 -25.87 -21.89
CA GLU B 138 6.23 -26.22 -23.29
C GLU B 138 6.30 -24.96 -24.15
N ALA B 139 5.57 -23.93 -23.73
CA ALA B 139 5.58 -22.66 -24.45
C ALA B 139 6.96 -22.02 -24.37
N LEU B 140 7.57 -22.11 -23.19
CA LEU B 140 8.89 -21.57 -22.95
C LEU B 140 9.94 -22.36 -23.73
N LYS B 141 9.71 -23.66 -23.87
CA LYS B 141 10.63 -24.52 -24.60
C LYS B 141 10.47 -24.34 -26.11
N GLU B 142 9.24 -24.14 -26.56
CA GLU B 142 8.97 -23.93 -27.97
C GLU B 142 9.63 -22.64 -28.43
N ASN B 143 9.34 -21.56 -27.73
CA ASN B 143 9.91 -20.26 -28.06
C ASN B 143 11.37 -20.21 -27.68
N GLY B 144 11.73 -20.92 -26.61
CA GLY B 144 13.11 -20.97 -26.17
C GLY B 144 13.98 -21.68 -27.18
N GLY B 145 13.51 -22.82 -27.68
CA GLY B 145 14.25 -23.57 -28.66
C GLY B 145 14.41 -22.78 -29.94
N ALA B 146 13.38 -22.00 -30.26
CA ALA B 146 13.39 -21.15 -31.44
C ALA B 146 14.37 -20.00 -31.20
N ARG B 147 14.26 -19.40 -30.03
CA ARG B 147 15.13 -18.30 -29.65
C ARG B 147 16.59 -18.74 -29.67
N LEU B 148 16.85 -19.98 -29.25
CA LEU B 148 18.21 -20.51 -29.25
C LEU B 148 18.76 -20.50 -30.67
N ALA B 149 17.92 -20.89 -31.62
CA ALA B 149 18.30 -20.91 -33.02
C ALA B 149 18.48 -19.47 -33.50
N GLU B 150 17.51 -18.63 -33.15
CA GLU B 150 17.57 -17.21 -33.51
C GLU B 150 18.83 -16.57 -32.93
N TYR B 151 19.11 -16.82 -31.66
CA TYR B 151 20.28 -16.28 -31.00
C TYR B 151 21.55 -16.77 -31.68
N HIS B 152 21.57 -18.05 -32.04
CA HIS B 152 22.72 -18.63 -32.72
C HIS B 152 22.94 -17.95 -34.07
N ALA B 153 21.84 -17.67 -34.76
CA ALA B 153 21.89 -16.98 -36.04
C ALA B 153 22.40 -15.55 -35.83
N LYS B 154 21.83 -14.88 -34.84
CA LYS B 154 22.24 -13.51 -34.51
C LYS B 154 23.69 -13.49 -34.07
N ALA B 155 24.09 -14.53 -33.35
CA ALA B 155 25.46 -14.65 -32.88
C ALA B 155 26.37 -14.79 -34.09
N THR B 156 25.89 -15.52 -35.08
CA THR B 156 26.63 -15.71 -36.32
C THR B 156 26.75 -14.37 -37.03
N GLU B 157 25.65 -13.62 -37.09
CA GLU B 157 25.65 -12.31 -37.71
C GLU B 157 26.58 -11.38 -36.94
N HIS B 158 26.52 -11.49 -35.62
CA HIS B 158 27.37 -10.68 -34.75
C HIS B 158 28.84 -11.02 -34.96
N LEU B 159 29.16 -12.29 -35.08
CA LEU B 159 30.53 -12.72 -35.31
C LEU B 159 31.00 -12.24 -36.68
N SER B 160 30.09 -12.27 -37.65
CA SER B 160 30.40 -11.82 -38.99
C SER B 160 30.62 -10.31 -39.01
N THR B 161 29.83 -9.58 -38.23
CA THR B 161 29.96 -8.14 -38.14
C THR B 161 31.14 -7.78 -37.24
N LEU B 162 31.68 -8.77 -36.57
CA LEU B 162 32.83 -8.58 -35.71
C LEU B 162 34.11 -8.80 -36.51
N SER B 163 34.00 -9.60 -37.58
CA SER B 163 35.13 -9.88 -38.45
C SER B 163 35.64 -8.58 -39.07
N GLU B 164 34.72 -7.69 -39.41
CA GLU B 164 35.05 -6.41 -40.02
C GLU B 164 35.63 -5.44 -38.98
N LYS B 165 35.73 -5.89 -37.73
CA LYS B 165 36.28 -5.07 -36.66
C LYS B 165 37.56 -5.70 -36.11
N ALA B 166 37.51 -7.00 -35.87
CA ALA B 166 38.65 -7.72 -35.33
C ALA B 166 39.73 -7.97 -36.38
N LYS B 167 39.43 -7.66 -37.64
CA LYS B 167 40.41 -7.86 -38.70
C LYS B 167 40.88 -6.54 -39.33
N PRO B 168 40.07 -5.88 -40.19
CA PRO B 168 40.49 -4.62 -40.83
C PRO B 168 40.65 -3.49 -39.82
N ALA B 169 39.69 -3.35 -38.91
CA ALA B 169 39.76 -2.29 -37.90
C ALA B 169 40.94 -2.51 -36.95
N LEU B 170 41.17 -3.75 -36.56
CA LEU B 170 42.30 -4.07 -35.68
C LEU B 170 43.61 -3.76 -36.37
N GLU B 171 43.68 -4.08 -37.66
CA GLU B 171 44.88 -3.80 -38.44
C GLU B 171 45.05 -2.30 -38.63
N ASP B 172 43.92 -1.61 -38.76
CA ASP B 172 43.93 -0.15 -38.91
C ASP B 172 44.44 0.46 -37.61
N LEU B 173 43.93 -0.05 -36.49
CA LEU B 173 44.37 0.42 -35.18
C LEU B 173 45.87 0.20 -35.02
N ARG B 174 46.33 -0.97 -35.44
CA ARG B 174 47.75 -1.31 -35.37
C ARG B 174 48.55 -0.36 -36.26
N GLN B 175 48.02 -0.10 -37.46
CA GLN B 175 48.67 0.79 -38.39
C GLN B 175 48.73 2.22 -37.87
N GLY B 176 47.84 2.52 -36.94
CA GLY B 176 47.80 3.84 -36.33
C GLY B 176 48.71 3.87 -35.10
N LEU B 177 48.66 2.79 -34.33
CA LEU B 177 49.46 2.65 -33.12
C LEU B 177 50.95 2.74 -33.41
N LEU B 178 51.39 2.11 -34.49
CA LEU B 178 52.80 2.11 -34.87
C LEU B 178 53.40 3.53 -34.90
N PRO B 179 52.93 4.41 -35.82
CA PRO B 179 53.46 5.78 -35.90
C PRO B 179 53.13 6.60 -34.65
N VAL B 180 51.99 6.31 -34.03
CA VAL B 180 51.59 7.01 -32.82
C VAL B 180 52.57 6.73 -31.68
N LEU B 181 52.90 5.46 -31.48
CA LEU B 181 53.83 5.06 -30.44
C LEU B 181 55.19 5.67 -30.72
N GLU B 182 55.54 5.73 -32.00
CA GLU B 182 56.80 6.31 -32.43
C GLU B 182 56.83 7.79 -32.06
N SER B 183 55.76 8.50 -32.41
CA SER B 183 55.66 9.93 -32.11
C SER B 183 55.62 10.15 -30.60
N PHE B 184 54.95 9.25 -29.89
CA PHE B 184 54.86 9.32 -28.44
C PHE B 184 56.25 9.09 -27.85
N LYS B 185 56.99 8.15 -28.43
CA LYS B 185 58.34 7.85 -27.97
C LYS B 185 59.23 9.07 -28.12
N VAL B 186 59.11 9.75 -29.26
CA VAL B 186 59.90 10.95 -29.52
C VAL B 186 59.61 12.02 -28.46
N SER B 187 58.33 12.18 -28.17
CA SER B 187 57.88 13.16 -27.19
C SER B 187 58.30 12.73 -25.78
N PHE B 188 58.28 11.43 -25.52
CA PHE B 188 58.67 10.90 -24.21
C PHE B 188 60.17 11.01 -24.00
N LEU B 189 60.94 10.60 -25.00
CA LEU B 189 62.40 10.64 -24.93
C LEU B 189 62.88 12.06 -24.69
N SER B 190 62.31 13.00 -25.44
CA SER B 190 62.69 14.39 -25.27
C SER B 190 62.32 14.86 -23.88
N ALA B 191 61.10 14.54 -23.45
CA ALA B 191 60.61 14.91 -22.13
C ALA B 191 61.54 14.39 -21.04
N LEU B 192 61.94 13.13 -21.17
CA LEU B 192 62.83 12.51 -20.20
C LEU B 192 64.11 13.34 -20.06
N GLU B 193 64.77 13.59 -21.19
CA GLU B 193 66.01 14.36 -21.19
C GLU B 193 65.79 15.78 -20.70
N GLU B 194 64.74 16.43 -21.20
CA GLU B 194 64.42 17.81 -20.82
C GLU B 194 64.17 17.92 -19.32
N TYR B 195 63.36 17.03 -18.77
CA TYR B 195 63.05 17.03 -17.35
C TYR B 195 64.29 16.71 -16.51
N THR B 196 65.06 15.72 -16.95
CA THR B 196 66.26 15.32 -16.23
C THR B 196 67.27 16.48 -16.17
N LYS B 197 67.33 17.26 -17.25
CA LYS B 197 68.27 18.39 -17.31
C LYS B 197 67.92 19.47 -16.29
N LYS B 198 66.64 19.65 -16.02
CA LYS B 198 66.20 20.66 -15.07
C LYS B 198 66.04 20.08 -13.67
N LEU B 199 66.03 18.76 -13.57
CA LEU B 199 65.90 18.09 -12.29
C LEU B 199 67.23 17.46 -11.90
N ASN B 200 68.31 18.15 -12.25
CA ASN B 200 69.65 17.67 -11.93
C ASN B 200 70.36 18.66 -11.03
N MET C 3 -8.88 0.61 7.20
CA MET C 3 -7.62 1.34 7.32
C MET C 3 -7.26 2.04 6.02
N THR C 4 -8.23 2.09 5.11
CA THR C 4 -8.06 2.73 3.83
C THR C 4 -8.25 4.24 3.94
N GLU C 5 -7.19 4.99 3.65
CA GLU C 5 -7.23 6.44 3.74
C GLU C 5 -7.22 7.06 2.35
N TYR C 6 -8.11 8.01 2.12
CA TYR C 6 -8.22 8.70 0.84
C TYR C 6 -7.91 10.19 1.00
N LYS C 7 -7.24 10.75 0.02
CA LYS C 7 -6.88 12.17 0.04
C LYS C 7 -7.83 12.98 -0.85
N LEU C 8 -8.63 13.84 -0.23
CA LEU C 8 -9.58 14.65 -0.97
C LEU C 8 -9.18 16.12 -0.92
N VAL C 9 -9.06 16.75 -2.06
CA VAL C 9 -8.69 18.16 -2.11
C VAL C 9 -9.87 19.01 -2.57
N VAL C 10 -10.24 19.97 -1.73
CA VAL C 10 -11.36 20.86 -2.06
C VAL C 10 -10.84 22.21 -2.54
N VAL C 11 -11.02 22.46 -3.83
CA VAL C 11 -10.57 23.70 -4.43
C VAL C 11 -11.77 24.56 -4.81
N GLY C 12 -11.56 25.87 -4.85
CA GLY C 12 -12.62 26.78 -5.20
C GLY C 12 -12.22 28.22 -4.91
N ALA C 13 -13.02 29.15 -5.40
CA ALA C 13 -12.74 30.57 -5.19
C ALA C 13 -13.05 30.99 -3.75
N GLY C 14 -12.40 32.06 -3.32
CA GLY C 14 -12.61 32.57 -1.99
C GLY C 14 -14.02 33.10 -1.81
N GLY C 15 -14.75 32.51 -0.88
CA GLY C 15 -16.11 32.94 -0.63
C GLY C 15 -17.11 31.81 -0.75
N VAL C 16 -16.74 30.74 -1.45
CA VAL C 16 -17.64 29.60 -1.65
C VAL C 16 -17.95 28.88 -0.33
N GLY C 17 -17.06 29.01 0.64
CA GLY C 17 -17.29 28.38 1.93
C GLY C 17 -16.71 26.98 2.04
N LYS C 18 -15.47 26.81 1.58
CA LYS C 18 -14.81 25.51 1.64
C LYS C 18 -14.60 25.08 3.09
N SER C 19 -14.13 26.02 3.92
CA SER C 19 -13.90 25.74 5.33
C SER C 19 -15.19 25.25 5.99
N ALA C 20 -16.29 25.96 5.72
CA ALA C 20 -17.59 25.64 6.27
C ALA C 20 -18.02 24.23 5.88
N LEU C 21 -17.89 23.92 4.60
CA LEU C 21 -18.27 22.60 4.08
C LEU C 21 -17.50 21.49 4.79
N THR C 22 -16.20 21.67 4.92
CA THR C 22 -15.35 20.68 5.57
C THR C 22 -15.64 20.57 7.07
N ILE C 23 -15.70 21.71 7.76
CA ILE C 23 -15.97 21.72 9.19
C ILE C 23 -17.34 21.13 9.51
N GLN C 24 -18.28 21.30 8.60
CA GLN C 24 -19.63 20.78 8.76
C GLN C 24 -19.61 19.25 8.75
N LEU C 25 -18.65 18.68 8.06
CA LEU C 25 -18.53 17.24 7.98
C LEU C 25 -17.72 16.70 9.16
N ILE C 26 -16.74 17.48 9.61
CA ILE C 26 -15.88 17.08 10.71
C ILE C 26 -16.61 17.14 12.06
N GLN C 27 -16.75 18.34 12.61
CA GLN C 27 -17.39 18.51 13.92
C GLN C 27 -18.84 18.93 13.77
N ASN C 28 -19.29 19.10 12.53
CA ASN C 28 -20.66 19.49 12.23
C ASN C 28 -21.00 20.85 12.85
N HIS C 29 -20.19 21.85 12.52
CA HIS C 29 -20.40 23.19 13.05
C HIS C 29 -20.24 24.23 11.94
N PHE C 30 -21.28 25.04 11.76
CA PHE C 30 -21.26 26.08 10.74
C PHE C 30 -20.51 27.30 11.25
N VAL C 31 -19.63 27.85 10.42
CA VAL C 31 -18.86 29.02 10.80
C VAL C 31 -19.64 30.30 10.50
N ASP C 32 -19.19 31.41 11.02
CA ASP C 32 -19.86 32.68 10.80
C ASP C 32 -18.86 33.77 10.43
N GLU C 33 -17.60 33.50 10.70
CA GLU C 33 -16.54 34.44 10.42
C GLU C 33 -15.86 34.08 9.10
N TYR C 34 -15.08 35.01 8.57
CA TYR C 34 -14.35 34.76 7.34
C TYR C 34 -13.06 34.02 7.66
N ASP C 35 -13.10 32.70 7.54
CA ASP C 35 -11.94 31.86 7.82
C ASP C 35 -10.85 32.08 6.78
N PRO C 36 -9.72 32.66 7.19
CA PRO C 36 -8.58 32.94 6.28
C PRO C 36 -7.75 31.68 6.01
N THR C 37 -8.43 30.64 5.56
CA THR C 37 -7.82 29.37 5.24
C THR C 37 -6.69 29.51 4.21
N ILE C 38 -5.56 28.87 4.51
CA ILE C 38 -4.41 28.88 3.61
C ILE C 38 -3.99 27.44 3.33
N GLU C 39 -3.76 26.70 4.40
CA GLU C 39 -3.38 25.31 4.32
C GLU C 39 -3.80 24.61 5.62
N ASP C 40 -4.97 23.99 5.57
CA ASP C 40 -5.51 23.29 6.74
C ASP C 40 -6.20 21.99 6.31
N SER C 41 -5.75 20.89 6.89
CA SER C 41 -6.30 19.58 6.57
C SER C 41 -7.25 19.09 7.66
N TYR C 42 -8.22 18.29 7.25
CA TYR C 42 -9.22 17.74 8.16
C TYR C 42 -9.34 16.23 7.90
N ARG C 43 -9.10 15.43 8.92
CA ARG C 43 -9.16 13.97 8.76
C ARG C 43 -10.23 13.36 9.65
N LYS C 44 -11.12 12.58 9.04
CA LYS C 44 -12.21 11.91 9.74
C LYS C 44 -12.40 10.51 9.18
N GLN C 45 -13.07 9.64 9.92
CA GLN C 45 -13.32 8.28 9.48
C GLN C 45 -14.81 8.01 9.41
N VAL C 46 -15.28 7.53 8.27
CA VAL C 46 -16.69 7.24 8.08
C VAL C 46 -16.89 5.93 7.32
N VAL C 47 -18.13 5.47 7.27
CA VAL C 47 -18.46 4.24 6.57
C VAL C 47 -19.13 4.59 5.25
N ILE C 48 -18.44 4.32 4.15
CA ILE C 48 -18.96 4.64 2.83
C ILE C 48 -19.30 3.37 2.06
N ASP C 49 -20.59 3.15 1.85
CA ASP C 49 -21.08 1.98 1.11
C ASP C 49 -20.70 0.68 1.79
N GLY C 50 -20.76 0.67 3.11
CA GLY C 50 -20.45 -0.52 3.87
C GLY C 50 -18.98 -0.65 4.21
N GLU C 51 -18.13 0.11 3.54
CA GLU C 51 -16.69 0.04 3.78
C GLU C 51 -16.21 1.23 4.59
N THR C 52 -15.45 0.95 5.65
CA THR C 52 -14.91 2.01 6.50
C THR C 52 -13.74 2.67 5.77
N CYS C 53 -13.78 3.99 5.67
CA CYS C 53 -12.73 4.71 4.99
C CYS C 53 -12.34 5.97 5.76
N LEU C 54 -11.04 6.23 5.80
CA LEU C 54 -10.51 7.40 6.47
C LEU C 54 -10.33 8.48 5.41
N LEU C 55 -10.98 9.60 5.63
CA LEU C 55 -10.92 10.69 4.67
C LEU C 55 -10.10 11.87 5.19
N ASP C 56 -9.04 12.19 4.46
CA ASP C 56 -8.19 13.32 4.82
C ASP C 56 -8.42 14.42 3.79
N ILE C 57 -9.25 15.38 4.17
CA ILE C 57 -9.61 16.47 3.28
C ILE C 57 -8.65 17.65 3.45
N LEU C 58 -8.09 18.11 2.34
CA LEU C 58 -7.18 19.23 2.36
C LEU C 58 -7.89 20.49 1.88
N ASP C 59 -8.08 21.43 2.79
CA ASP C 59 -8.71 22.69 2.48
C ASP C 59 -7.66 23.79 2.40
N THR C 60 -7.30 24.18 1.19
CA THR C 60 -6.30 25.21 0.99
C THR C 60 -6.90 26.54 0.56
N ALA C 61 -6.06 27.57 0.52
CA ALA C 61 -6.48 28.91 0.15
C ALA C 61 -7.01 28.97 -1.27
N GLY C 62 -7.99 29.82 -1.49
CA GLY C 62 -8.58 29.99 -2.80
C GLY C 62 -8.20 31.31 -3.41
N GLN C 63 -7.06 31.85 -2.98
CA GLN C 63 -6.58 33.13 -3.49
C GLN C 63 -5.09 33.09 -3.79
N GLU C 64 -4.61 31.94 -4.27
CA GLU C 64 -3.20 31.79 -4.60
C GLU C 64 -3.00 31.98 -6.10
N GLU C 65 -1.87 32.59 -6.45
CA GLU C 65 -1.55 32.85 -7.85
C GLU C 65 -0.89 31.62 -8.47
N TYR C 66 0.37 31.41 -8.11
CA TYR C 66 1.13 30.26 -8.61
C TYR C 66 2.29 29.95 -7.68
N SER C 67 2.03 29.14 -6.67
CA SER C 67 3.04 28.76 -5.70
C SER C 67 3.50 27.32 -5.93
N ALA C 68 4.81 27.09 -5.77
CA ALA C 68 5.37 25.76 -5.95
C ALA C 68 4.87 24.81 -4.87
N MET C 69 4.69 25.35 -3.67
CA MET C 69 4.21 24.57 -2.55
C MET C 69 2.80 24.06 -2.84
N ARG C 70 1.99 24.91 -3.47
CA ARG C 70 0.62 24.55 -3.83
C ARG C 70 0.64 23.45 -4.88
N ASP C 71 1.47 23.63 -5.89
CA ASP C 71 1.61 22.66 -6.97
C ASP C 71 1.95 21.29 -6.43
N GLN C 72 2.88 21.25 -5.49
CA GLN C 72 3.32 20.01 -4.89
C GLN C 72 2.20 19.32 -4.10
N TYR C 73 1.51 20.05 -3.24
CA TYR C 73 0.44 19.46 -2.43
C TYR C 73 -0.79 19.08 -3.25
N MET C 74 -0.93 19.68 -4.42
CA MET C 74 -2.06 19.39 -5.30
C MET C 74 -1.89 18.02 -5.95
N ARG C 75 -0.64 17.58 -6.05
CA ARG C 75 -0.33 16.30 -6.66
C ARG C 75 -0.72 15.13 -5.75
N THR C 76 -0.66 15.36 -4.43
CA THR C 76 -0.99 14.34 -3.44
C THR C 76 -2.50 14.10 -3.31
N GLY C 77 -3.29 14.90 -4.01
CA GLY C 77 -4.73 14.74 -3.94
C GLY C 77 -5.24 13.74 -4.97
N GLU C 78 -6.06 12.79 -4.53
CA GLU C 78 -6.60 11.79 -5.43
C GLU C 78 -7.79 12.35 -6.19
N GLY C 79 -8.85 12.66 -5.44
CA GLY C 79 -10.04 13.22 -6.05
C GLY C 79 -10.13 14.70 -5.80
N PHE C 80 -10.71 15.42 -6.76
CA PHE C 80 -10.84 16.86 -6.63
C PHE C 80 -12.28 17.32 -6.75
N LEU C 81 -12.67 18.24 -5.87
CA LEU C 81 -14.01 18.77 -5.87
C LEU C 81 -14.01 20.21 -6.38
N CYS C 82 -14.75 20.44 -7.46
CA CYS C 82 -14.85 21.77 -8.03
C CYS C 82 -16.06 22.48 -7.44
N VAL C 83 -15.84 23.16 -6.32
CA VAL C 83 -16.91 23.87 -5.63
C VAL C 83 -17.10 25.28 -6.16
N PHE C 84 -18.26 25.54 -6.74
CA PHE C 84 -18.58 26.86 -7.26
C PHE C 84 -19.94 27.30 -6.74
N ALA C 85 -20.20 28.59 -6.77
CA ALA C 85 -21.46 29.11 -6.29
C ALA C 85 -22.42 29.32 -7.46
N ILE C 86 -23.65 28.86 -7.31
CA ILE C 86 -24.66 28.99 -8.36
C ILE C 86 -25.07 30.45 -8.56
N ASN C 87 -24.65 31.30 -7.63
CA ASN C 87 -24.96 32.72 -7.68
C ASN C 87 -23.75 33.52 -8.14
N ASN C 88 -22.70 32.81 -8.51
CA ASN C 88 -21.48 33.45 -8.97
C ASN C 88 -21.09 32.94 -10.36
N THR C 89 -21.33 33.76 -11.35
CA THR C 89 -21.03 33.42 -12.73
C THR C 89 -19.54 33.21 -12.95
N LYS C 90 -18.72 33.98 -12.25
CA LYS C 90 -17.27 33.87 -12.38
C LYS C 90 -16.79 32.48 -12.00
N SER C 91 -17.36 31.93 -10.93
CA SER C 91 -17.00 30.60 -10.46
C SER C 91 -17.33 29.53 -11.50
N PHE C 92 -18.46 29.69 -12.18
CA PHE C 92 -18.88 28.74 -13.20
C PHE C 92 -17.91 28.73 -14.37
N GLU C 93 -17.36 29.89 -14.69
CA GLU C 93 -16.40 30.01 -15.79
C GLU C 93 -15.01 29.56 -15.34
N ASP C 94 -14.72 29.80 -14.07
CA ASP C 94 -13.42 29.46 -13.50
C ASP C 94 -13.28 27.95 -13.28
N ILE C 95 -14.37 27.22 -13.48
CA ILE C 95 -14.35 25.77 -13.31
C ILE C 95 -13.34 25.15 -14.26
N HIS C 96 -13.25 25.71 -15.46
CA HIS C 96 -12.30 25.22 -16.45
C HIS C 96 -10.86 25.42 -15.96
N HIS C 97 -10.66 26.50 -15.21
CA HIS C 97 -9.35 26.82 -14.66
C HIS C 97 -8.92 25.72 -13.70
N TYR C 98 -9.84 25.26 -12.88
CA TYR C 98 -9.57 24.20 -11.93
C TYR C 98 -9.23 22.91 -12.68
N ARG C 99 -10.03 22.61 -13.70
CA ARG C 99 -9.83 21.42 -14.52
C ARG C 99 -8.43 21.39 -15.13
N GLU C 100 -8.02 22.51 -15.72
CA GLU C 100 -6.70 22.59 -16.35
C GLU C 100 -5.58 22.50 -15.31
N GLN C 101 -5.77 23.17 -14.18
CA GLN C 101 -4.76 23.17 -13.12
C GLN C 101 -4.53 21.75 -12.60
N ILE C 102 -5.62 21.03 -12.37
CA ILE C 102 -5.54 19.66 -11.89
C ILE C 102 -4.91 18.74 -12.94
N LYS C 103 -5.28 18.95 -14.20
CA LYS C 103 -4.75 18.17 -15.31
C LYS C 103 -3.23 18.26 -15.37
N ARG C 104 -2.71 19.44 -15.08
CA ARG C 104 -1.27 19.68 -15.12
C ARG C 104 -0.55 19.09 -13.90
N VAL C 105 -1.08 19.35 -12.71
CA VAL C 105 -0.45 18.86 -11.48
C VAL C 105 -0.50 17.35 -11.36
N LYS C 106 -1.53 16.73 -11.93
CA LYS C 106 -1.68 15.29 -11.86
C LYS C 106 -1.04 14.61 -13.07
N ASP C 107 -0.70 15.42 -14.08
CA ASP C 107 -0.08 14.93 -15.30
C ASP C 107 -0.98 13.92 -16.01
N SER C 108 -2.29 14.16 -15.92
CA SER C 108 -3.28 13.29 -16.53
C SER C 108 -4.57 14.07 -16.78
N GLU C 109 -5.28 13.74 -17.84
CA GLU C 109 -6.53 14.40 -18.17
C GLU C 109 -7.71 13.64 -17.59
N ASP C 110 -7.52 12.34 -17.42
CA ASP C 110 -8.55 11.47 -16.88
C ASP C 110 -8.41 11.33 -15.36
N VAL C 111 -8.82 12.35 -14.64
CA VAL C 111 -8.73 12.36 -13.19
C VAL C 111 -10.13 12.50 -12.58
N PRO C 112 -10.46 11.67 -11.57
CA PRO C 112 -11.76 11.71 -10.89
C PRO C 112 -12.04 13.07 -10.24
N MET C 113 -13.05 13.75 -10.76
CA MET C 113 -13.44 15.06 -10.25
C MET C 113 -14.96 15.13 -10.13
N VAL C 114 -15.46 16.01 -9.28
CA VAL C 114 -16.90 16.16 -9.10
C VAL C 114 -17.25 17.65 -9.06
N LEU C 115 -18.27 18.03 -9.83
CA LEU C 115 -18.71 19.42 -9.86
C LEU C 115 -19.67 19.67 -8.70
N VAL C 116 -19.33 20.62 -7.85
CA VAL C 116 -20.15 20.94 -6.69
C VAL C 116 -20.69 22.37 -6.74
N GLY C 117 -22.00 22.47 -6.84
CA GLY C 117 -22.64 23.78 -6.88
C GLY C 117 -23.19 24.13 -5.51
N ASN C 118 -22.44 24.91 -4.75
CA ASN C 118 -22.84 25.29 -3.40
C ASN C 118 -23.71 26.54 -3.40
N LYS C 119 -24.44 26.74 -2.29
CA LYS C 119 -25.31 27.89 -2.09
C LYS C 119 -26.54 27.84 -3.00
N CYS C 120 -27.05 26.63 -3.24
CA CYS C 120 -28.22 26.46 -4.09
C CYS C 120 -29.51 26.89 -3.39
N ASP C 121 -29.42 27.08 -2.08
CA ASP C 121 -30.58 27.49 -1.29
C ASP C 121 -30.83 28.98 -1.39
N LEU C 122 -29.80 29.73 -1.77
CA LEU C 122 -29.91 31.17 -1.90
C LEU C 122 -30.83 31.55 -3.06
N PRO C 123 -31.63 32.62 -2.88
CA PRO C 123 -32.56 33.09 -3.91
C PRO C 123 -31.84 33.52 -5.18
N SER C 124 -30.63 34.04 -5.02
CA SER C 124 -29.83 34.48 -6.14
C SER C 124 -29.27 33.27 -6.90
N ARG C 125 -29.64 33.15 -8.18
CA ARG C 125 -29.16 32.04 -8.99
C ARG C 125 -28.89 32.51 -10.42
N THR C 126 -27.63 32.44 -10.81
CA THR C 126 -27.23 32.85 -12.16
C THR C 126 -26.87 31.64 -13.00
N VAL C 127 -26.49 30.56 -12.33
CA VAL C 127 -26.12 29.32 -13.02
C VAL C 127 -27.24 28.29 -12.90
N ASP C 128 -27.84 27.95 -14.02
CA ASP C 128 -28.92 26.97 -14.04
C ASP C 128 -28.36 25.55 -13.90
N THR C 129 -29.17 24.67 -13.34
CA THR C 129 -28.79 23.28 -13.13
C THR C 129 -28.36 22.59 -14.42
N LYS C 130 -29.09 22.83 -15.51
CA LYS C 130 -28.78 22.22 -16.78
C LYS C 130 -27.43 22.69 -17.31
N GLN C 131 -27.19 23.99 -17.23
CA GLN C 131 -25.93 24.57 -17.71
C GLN C 131 -24.74 23.94 -16.99
N ALA C 132 -24.85 23.82 -15.68
CA ALA C 132 -23.79 23.24 -14.86
C ALA C 132 -23.63 21.76 -15.16
N GLN C 133 -24.76 21.04 -15.23
CA GLN C 133 -24.74 19.61 -15.50
C GLN C 133 -24.15 19.32 -16.87
N ASP C 134 -24.50 20.16 -17.84
CA ASP C 134 -24.01 20.01 -19.21
C ASP C 134 -22.49 20.15 -19.23
N LEU C 135 -21.97 21.10 -18.47
CA LEU C 135 -20.53 21.32 -18.39
C LEU C 135 -19.85 20.10 -17.76
N ALA C 136 -20.46 19.59 -16.70
CA ALA C 136 -19.92 18.42 -16.00
C ALA C 136 -19.92 17.22 -16.94
N ARG C 137 -21.01 17.05 -17.67
CA ARG C 137 -21.16 15.95 -18.62
C ARG C 137 -20.07 16.02 -19.69
N SER C 138 -19.73 17.24 -20.09
CA SER C 138 -18.71 17.45 -21.11
C SER C 138 -17.33 17.02 -20.59
N TYR C 139 -17.14 17.15 -19.28
CA TYR C 139 -15.89 16.76 -18.65
C TYR C 139 -15.88 15.29 -18.30
N GLY C 140 -17.08 14.70 -18.27
CA GLY C 140 -17.20 13.29 -17.94
C GLY C 140 -17.27 13.07 -16.44
N ILE C 141 -17.79 14.08 -15.74
CA ILE C 141 -17.91 14.04 -14.29
C ILE C 141 -19.35 14.37 -13.87
N PRO C 142 -19.74 13.96 -12.65
CA PRO C 142 -21.08 14.22 -12.13
C PRO C 142 -21.21 15.62 -11.53
N PHE C 143 -22.44 16.11 -11.44
CA PHE C 143 -22.71 17.44 -10.87
C PHE C 143 -23.62 17.31 -9.66
N ILE C 144 -23.17 17.83 -8.53
CA ILE C 144 -23.93 17.77 -7.29
C ILE C 144 -24.27 19.17 -6.78
N GLU C 145 -25.56 19.45 -6.64
CA GLU C 145 -26.01 20.73 -6.13
C GLU C 145 -26.01 20.65 -4.60
N THR C 146 -25.30 21.55 -3.95
CA THR C 146 -25.17 21.51 -2.50
C THR C 146 -25.47 22.85 -1.85
N SER C 147 -25.56 22.81 -0.53
CA SER C 147 -25.80 23.98 0.28
C SER C 147 -25.26 23.72 1.68
N ALA C 148 -24.15 24.37 2.03
CA ALA C 148 -23.54 24.19 3.34
C ALA C 148 -24.43 24.72 4.45
N LYS C 149 -25.30 25.66 4.12
CA LYS C 149 -26.19 26.26 5.11
C LYS C 149 -27.33 25.32 5.49
N THR C 150 -27.82 24.54 4.54
CA THR C 150 -28.92 23.62 4.79
C THR C 150 -28.40 22.19 4.98
N ARG C 151 -27.10 22.01 4.72
CA ARG C 151 -26.44 20.71 4.85
C ARG C 151 -26.94 19.72 3.81
N GLN C 152 -27.49 20.23 2.71
CA GLN C 152 -28.01 19.38 1.66
C GLN C 152 -26.94 19.05 0.62
N GLY C 153 -26.78 17.76 0.34
CA GLY C 153 -25.81 17.31 -0.64
C GLY C 153 -24.36 17.37 -0.20
N VAL C 154 -24.12 17.91 0.99
CA VAL C 154 -22.76 18.05 1.52
C VAL C 154 -22.04 16.70 1.55
N ASP C 155 -22.57 15.76 2.32
CA ASP C 155 -21.97 14.43 2.44
C ASP C 155 -22.03 13.69 1.11
N ASP C 156 -23.11 13.92 0.37
CA ASP C 156 -23.33 13.26 -0.91
C ASP C 156 -22.21 13.57 -1.89
N ALA C 157 -21.80 14.83 -1.94
CA ALA C 157 -20.71 15.26 -2.83
C ALA C 157 -19.43 14.50 -2.53
N PHE C 158 -19.12 14.39 -1.23
CA PHE C 158 -17.91 13.68 -0.80
C PHE C 158 -18.00 12.20 -1.15
N TYR C 159 -19.16 11.61 -0.89
CA TYR C 159 -19.38 10.19 -1.18
C TYR C 159 -19.19 9.91 -2.66
N THR C 160 -19.68 10.81 -3.50
CA THR C 160 -19.56 10.67 -4.95
C THR C 160 -18.09 10.67 -5.37
N LEU C 161 -17.32 11.59 -4.79
CA LEU C 161 -15.91 11.71 -5.10
C LEU C 161 -15.16 10.41 -4.78
N VAL C 162 -15.45 9.84 -3.62
CA VAL C 162 -14.81 8.61 -3.18
C VAL C 162 -15.15 7.48 -4.15
N ARG C 163 -16.39 7.47 -4.63
CA ARG C 163 -16.84 6.45 -5.58
C ARG C 163 -16.12 6.59 -6.92
N GLU C 164 -15.81 7.83 -7.30
CA GLU C 164 -15.10 8.08 -8.54
C GLU C 164 -13.68 7.55 -8.44
N ILE C 165 -13.07 7.76 -7.28
CA ILE C 165 -11.71 7.29 -7.03
C ILE C 165 -11.68 5.76 -7.12
N ARG C 166 -12.67 5.13 -6.47
CA ARG C 166 -12.77 3.68 -6.49
C ARG C 166 -12.96 3.18 -7.91
N LYS C 167 -13.86 3.85 -8.64
CA LYS C 167 -14.15 3.50 -10.03
C LYS C 167 -12.89 3.49 -10.89
N HIS C 168 -12.08 4.54 -10.76
CA HIS C 168 -10.86 4.66 -11.53
C HIS C 168 -9.84 3.57 -11.18
N LYS C 169 -9.65 3.34 -9.88
CA LYS C 169 -8.70 2.34 -9.42
C LYS C 169 -9.13 0.92 -9.79
N GLU C 170 -10.43 0.64 -9.67
CA GLU C 170 -10.96 -0.68 -9.99
C GLU C 170 -10.81 -0.95 -11.48
N LYS C 171 -11.12 0.05 -12.29
CA LYS C 171 -11.02 -0.07 -13.73
C LYS C 171 -9.59 -0.37 -14.15
N MET C 172 -8.63 0.34 -13.57
CA MET C 172 -7.22 0.17 -13.88
C MET C 172 -6.71 -1.21 -13.46
N SER C 173 -7.27 -1.75 -12.38
CA SER C 173 -6.86 -3.04 -11.88
C SER C 173 -7.42 -4.19 -12.73
N LYS C 174 -8.59 -3.96 -13.32
CA LYS C 174 -9.23 -4.97 -14.15
C LYS C 174 -9.23 -4.56 -15.62
N ASP C 175 -8.33 -3.65 -15.95
CA ASP C 175 -8.21 -3.15 -17.32
C ASP C 175 -7.55 -4.21 -18.21
N GLY C 176 -6.27 -4.49 -17.96
CA GLY C 176 -5.57 -5.47 -18.75
C GLY C 176 -4.10 -5.58 -18.41
N LYS C 177 -3.81 -6.17 -17.26
CA LYS C 177 -2.42 -6.34 -16.83
C LYS C 177 -1.75 -7.42 -17.67
N LYS C 178 -2.42 -8.56 -17.80
CA LYS C 178 -1.90 -9.66 -18.59
C LYS C 178 -2.24 -9.46 -20.07
N LYS C 179 -2.94 -8.36 -20.34
CA LYS C 179 -3.33 -8.02 -21.69
C LYS C 179 -2.21 -7.24 -22.37
N LYS C 180 -1.25 -6.78 -21.57
CA LYS C 180 -0.11 -6.01 -22.06
C LYS C 180 -0.56 -4.65 -22.61
N LYS C 181 -1.14 -3.84 -21.75
CA LYS C 181 -1.62 -2.52 -22.15
C LYS C 181 -0.78 -1.40 -21.55
N LYS C 182 0.25 -0.98 -22.29
CA LYS C 182 1.16 0.10 -21.88
C LYS C 182 1.93 -0.24 -20.59
N SER C 183 3.13 -0.76 -20.77
CA SER C 183 3.98 -1.12 -19.64
C SER C 183 5.30 -0.34 -19.69
N LYS C 184 6.03 -0.51 -20.80
CA LYS C 184 7.31 0.14 -21.02
C LYS C 184 8.35 -0.28 -19.98
N THR C 185 9.39 0.52 -19.83
CA THR C 185 10.45 0.23 -18.88
C THR C 185 10.90 1.51 -18.19
N LYS C 186 11.01 2.59 -18.95
CA LYS C 186 11.42 3.87 -18.38
C LYS C 186 10.22 4.77 -18.14
N CYS C 187 9.77 4.82 -16.89
CA CYS C 187 8.61 5.63 -16.51
C CYS C 187 8.94 6.50 -15.29
N GLY D 1 5.18 35.51 7.18
CA GLY D 1 4.04 36.06 7.89
C GLY D 1 3.04 35.00 8.27
N THR D 2 3.30 33.78 7.81
CA THR D 2 2.43 32.65 8.09
C THR D 2 3.22 31.52 8.75
N VAL D 3 2.66 30.96 9.81
CA VAL D 3 3.31 29.87 10.52
C VAL D 3 2.39 28.66 10.59
N LYS D 4 2.94 27.49 10.34
CA LYS D 4 2.16 26.27 10.37
C LYS D 4 2.37 25.51 11.68
N VAL D 5 1.30 25.38 12.45
CA VAL D 5 1.36 24.70 13.73
C VAL D 5 0.92 23.24 13.58
N TYR D 6 1.69 22.34 14.16
CA TYR D 6 1.39 20.91 14.09
C TYR D 6 0.35 20.54 15.14
N LEU D 7 -0.63 19.76 14.72
CA LEU D 7 -1.70 19.33 15.59
C LEU D 7 -1.44 17.91 16.07
N PRO D 8 -1.91 17.56 17.28
CA PRO D 8 -1.72 16.22 17.86
C PRO D 8 -2.50 15.12 17.12
N ASN D 9 -3.21 15.52 16.06
CA ASN D 9 -3.98 14.56 15.26
C ASN D 9 -3.19 14.15 14.02
N LYS D 10 -1.88 14.42 14.06
CA LYS D 10 -0.97 14.10 12.97
C LYS D 10 -1.28 14.95 11.74
N GLN D 11 -1.42 16.25 11.97
CA GLN D 11 -1.74 17.20 10.91
C GLN D 11 -1.13 18.56 11.24
N ARG D 12 -1.35 19.54 10.38
CA ARG D 12 -0.84 20.88 10.61
C ARG D 12 -1.80 21.91 10.04
N THR D 13 -1.68 23.15 10.51
CA THR D 13 -2.52 24.24 10.02
C THR D 13 -1.70 25.53 9.94
N VAL D 14 -1.83 26.23 8.82
CA VAL D 14 -1.10 27.47 8.61
C VAL D 14 -1.91 28.69 9.05
N VAL D 15 -1.39 29.40 10.04
CA VAL D 15 -2.05 30.59 10.57
C VAL D 15 -1.19 31.83 10.29
N THR D 16 -1.79 33.00 10.42
CA THR D 16 -1.08 34.25 10.17
C THR D 16 -0.48 34.80 11.47
N VAL D 17 0.76 35.24 11.40
CA VAL D 17 1.42 35.80 12.57
C VAL D 17 1.04 37.27 12.72
N ARG D 18 0.54 37.64 13.89
CA ARG D 18 0.12 39.01 14.16
C ARG D 18 0.87 39.58 15.35
N ASP D 19 1.05 40.89 15.34
CA ASP D 19 1.77 41.58 16.41
C ASP D 19 0.81 42.04 17.51
N GLY D 20 -0.20 41.24 17.80
CA GLY D 20 -1.17 41.60 18.82
C GLY D 20 -1.64 40.41 19.63
N MET D 21 -2.38 39.51 18.97
CA MET D 21 -2.93 38.33 19.61
C MET D 21 -1.86 37.43 20.24
N SER D 22 -2.27 36.66 21.23
CA SER D 22 -1.37 35.77 21.95
C SER D 22 -1.45 34.34 21.39
N VAL D 23 -0.64 33.44 21.95
CA VAL D 23 -0.61 32.05 21.52
C VAL D 23 -1.99 31.43 21.73
N TYR D 24 -2.58 31.72 22.88
CA TYR D 24 -3.91 31.21 23.23
C TYR D 24 -4.94 31.57 22.16
N ASP D 25 -4.91 32.82 21.72
CA ASP D 25 -5.84 33.30 20.70
C ASP D 25 -5.58 32.68 19.34
N SER D 26 -4.31 32.68 18.93
CA SER D 26 -3.93 32.13 17.64
C SER D 26 -4.20 30.63 17.57
N LEU D 27 -3.91 29.92 18.65
CA LEU D 27 -4.12 28.48 18.68
C LEU D 27 -5.56 28.12 18.99
N ASP D 28 -6.36 29.11 19.38
CA ASP D 28 -7.77 28.88 19.69
C ASP D 28 -8.52 28.37 18.48
N LYS D 29 -8.38 29.10 17.37
CA LYS D 29 -9.04 28.72 16.13
C LYS D 29 -8.58 27.35 15.65
N ALA D 30 -7.34 27.00 15.98
CA ALA D 30 -6.77 25.72 15.58
C ALA D 30 -7.33 24.58 16.44
N LEU D 31 -7.44 24.82 17.74
CA LEU D 31 -7.96 23.80 18.65
C LEU D 31 -9.47 23.68 18.55
N LYS D 32 -10.15 24.81 18.44
CA LYS D 32 -11.61 24.84 18.35
C LYS D 32 -12.09 24.14 17.08
N VAL D 33 -11.24 24.12 16.06
CA VAL D 33 -11.60 23.49 14.79
C VAL D 33 -11.42 21.97 14.86
N ARG D 34 -10.67 21.51 15.85
CA ARG D 34 -10.41 20.09 16.02
C ARG D 34 -11.20 19.53 17.20
N GLY D 35 -11.94 20.40 17.88
CA GLY D 35 -12.72 19.97 19.03
C GLY D 35 -11.86 19.79 20.26
N LEU D 36 -10.83 20.61 20.38
CA LEU D 36 -9.92 20.52 21.52
C LEU D 36 -9.99 21.79 22.36
N ASN D 37 -9.52 21.70 23.60
CA ASN D 37 -9.52 22.85 24.51
C ASN D 37 -8.11 23.12 24.99
N GLN D 38 -7.83 24.38 25.32
CA GLN D 38 -6.51 24.80 25.77
C GLN D 38 -6.23 24.44 27.24
N ASP D 39 -6.96 23.47 27.77
CA ASP D 39 -6.77 23.08 29.15
C ASP D 39 -5.83 21.89 29.30
N CYS D 40 -5.95 20.92 28.40
CA CYS D 40 -5.10 19.74 28.44
C CYS D 40 -4.10 19.71 27.30
N CYS D 41 -4.03 20.80 26.55
CA CYS D 41 -3.10 20.89 25.44
C CYS D 41 -1.95 21.81 25.76
N VAL D 42 -0.77 21.47 25.26
CA VAL D 42 0.43 22.27 25.48
C VAL D 42 1.16 22.47 24.15
N VAL D 43 1.65 23.68 23.93
CA VAL D 43 2.35 23.99 22.69
C VAL D 43 3.86 23.96 22.91
N TYR D 44 4.58 23.42 21.95
CA TYR D 44 6.03 23.34 22.02
C TYR D 44 6.69 24.10 20.87
N ARG D 45 7.68 24.92 21.21
CA ARG D 45 8.40 25.72 20.23
C ARG D 45 9.44 24.88 19.49
N LEU D 46 10.03 25.47 18.46
CA LEU D 46 11.04 24.80 17.66
C LEU D 46 12.38 25.53 17.77
N ILE D 47 13.23 25.05 18.66
CA ILE D 47 14.54 25.66 18.88
C ILE D 47 15.63 24.59 18.92
N LYS D 48 16.52 24.65 17.94
CA LYS D 48 17.63 23.71 17.83
C LYS D 48 17.13 22.28 17.60
N GLY D 49 16.13 22.16 16.73
CA GLY D 49 15.58 20.86 16.40
C GLY D 49 14.66 20.30 17.47
N ARG D 50 14.92 20.63 18.72
CA ARG D 50 14.12 20.14 19.82
C ARG D 50 12.98 21.09 20.16
N LYS D 51 11.97 20.55 20.82
CA LYS D 51 10.80 21.33 21.21
C LYS D 51 11.00 21.98 22.57
N THR D 52 10.39 23.15 22.76
CA THR D 52 10.49 23.88 24.01
C THR D 52 9.10 24.23 24.53
N VAL D 53 8.90 24.07 25.84
CA VAL D 53 7.60 24.36 26.45
C VAL D 53 7.28 25.86 26.39
N THR D 54 6.07 26.18 25.93
CA THR D 54 5.64 27.56 25.84
C THR D 54 4.29 27.73 26.53
N ALA D 55 3.94 28.96 26.88
CA ALA D 55 2.68 29.24 27.56
C ALA D 55 1.64 29.83 26.61
N TRP D 56 0.38 29.71 27.00
CA TRP D 56 -0.72 30.23 26.19
C TRP D 56 -0.84 31.74 26.39
N ASP D 57 -0.47 32.19 27.58
CA ASP D 57 -0.53 33.61 27.95
C ASP D 57 0.40 34.44 27.09
N THR D 58 1.49 33.84 26.64
CA THR D 58 2.48 34.51 25.82
C THR D 58 1.89 34.93 24.47
N ALA D 59 2.35 36.06 23.94
CA ALA D 59 1.87 36.57 22.66
C ALA D 59 2.44 35.75 21.50
N ILE D 60 1.81 35.86 20.33
CA ILE D 60 2.26 35.12 19.15
C ILE D 60 3.21 35.96 18.29
N ALA D 61 3.43 37.21 18.73
CA ALA D 61 4.31 38.14 18.01
C ALA D 61 5.71 37.58 17.75
N PRO D 62 6.43 37.06 18.78
CA PRO D 62 7.78 36.51 18.61
C PRO D 62 7.79 35.09 18.04
N LEU D 63 6.68 34.70 17.42
CA LEU D 63 6.57 33.36 16.84
C LEU D 63 6.62 33.42 15.33
N ASP D 64 7.19 34.50 14.81
CA ASP D 64 7.31 34.70 13.38
C ASP D 64 8.58 34.06 12.85
N GLY D 65 8.42 32.95 12.12
CA GLY D 65 9.57 32.26 11.56
C GLY D 65 9.59 30.79 11.91
N GLU D 66 9.53 30.47 13.19
CA GLU D 66 9.57 29.08 13.64
C GLU D 66 8.17 28.47 13.61
N GLU D 67 8.12 27.16 13.85
CA GLU D 67 6.86 26.45 13.86
C GLU D 67 6.61 25.83 15.23
N LEU D 68 5.36 25.51 15.54
CA LEU D 68 5.03 24.95 16.83
C LEU D 68 4.32 23.60 16.71
N ILE D 69 4.45 22.79 17.74
CA ILE D 69 3.81 21.48 17.78
C ILE D 69 2.98 21.36 19.06
N VAL D 70 1.68 21.10 18.91
CA VAL D 70 0.78 20.99 20.05
C VAL D 70 0.65 19.54 20.50
N GLU D 71 0.78 19.32 21.81
CA GLU D 71 0.67 17.99 22.38
C GLU D 71 -0.43 17.98 23.43
N VAL D 72 -0.90 16.80 23.78
CA VAL D 72 -1.96 16.65 24.76
C VAL D 72 -1.44 15.94 26.02
N LEU D 73 -1.76 16.50 27.17
CA LEU D 73 -1.35 15.92 28.44
C LEU D 73 -2.56 15.46 29.23
N LEU A 3 -39.56 -34.86 -31.14
CA LEU A 3 -40.33 -36.04 -30.77
C LEU A 3 -39.63 -36.77 -29.65
N LYS A 4 -38.32 -36.93 -29.79
CA LYS A 4 -37.50 -37.61 -28.80
C LYS A 4 -37.51 -36.83 -27.48
N LEU A 5 -37.69 -35.52 -27.60
CA LEU A 5 -37.73 -34.67 -26.42
C LEU A 5 -39.02 -34.90 -25.64
N LEU A 6 -40.09 -35.23 -26.36
CA LEU A 6 -41.38 -35.50 -25.74
C LEU A 6 -41.30 -36.77 -24.90
N ASP A 7 -40.56 -37.75 -25.42
CA ASP A 7 -40.38 -39.03 -24.72
C ASP A 7 -39.59 -38.79 -23.43
N ASN A 8 -38.62 -37.90 -23.53
CA ASN A 8 -37.78 -37.57 -22.38
C ASN A 8 -38.55 -36.74 -21.36
N TRP A 9 -39.14 -35.65 -21.82
CA TRP A 9 -39.89 -34.75 -20.95
C TRP A 9 -41.02 -35.45 -20.21
N ASP A 10 -41.71 -36.37 -20.90
CA ASP A 10 -42.81 -37.10 -20.28
C ASP A 10 -42.31 -37.89 -19.07
N SER A 11 -41.13 -38.47 -19.21
CA SER A 11 -40.53 -39.23 -18.13
C SER A 11 -40.00 -38.29 -17.05
N VAL A 12 -39.49 -37.14 -17.48
CA VAL A 12 -38.97 -36.15 -16.54
C VAL A 12 -40.09 -35.61 -15.65
N THR A 13 -41.23 -35.29 -16.25
CA THR A 13 -42.37 -34.77 -15.50
C THR A 13 -42.90 -35.82 -14.53
N SER A 14 -43.08 -37.05 -15.01
CA SER A 14 -43.57 -38.13 -14.16
C SER A 14 -42.59 -38.39 -13.01
N THR A 15 -41.30 -38.31 -13.33
CA THR A 15 -40.25 -38.49 -12.32
C THR A 15 -40.36 -37.36 -11.29
N PHE A 16 -40.56 -36.14 -11.76
CA PHE A 16 -40.70 -34.99 -10.89
C PHE A 16 -41.91 -35.17 -9.99
N SER A 17 -43.01 -35.64 -10.58
CA SER A 17 -44.23 -35.87 -9.83
C SER A 17 -43.98 -36.92 -8.75
N LYS A 18 -43.30 -38.00 -9.12
CA LYS A 18 -42.98 -39.06 -8.17
C LYS A 18 -42.01 -38.55 -7.11
N LEU A 19 -41.11 -37.66 -7.52
CA LEU A 19 -40.15 -37.06 -6.61
C LEU A 19 -40.89 -36.23 -5.58
N ARG A 20 -41.90 -35.49 -6.03
CA ARG A 20 -42.72 -34.68 -5.14
C ARG A 20 -43.52 -35.59 -4.22
N GLU A 21 -43.94 -36.73 -4.76
CA GLU A 21 -44.69 -37.71 -3.99
C GLU A 21 -43.81 -38.36 -2.93
N GLN A 22 -42.50 -38.23 -3.13
CA GLN A 22 -41.54 -38.75 -2.18
C GLN A 22 -41.16 -37.65 -1.21
N LEU A 23 -40.88 -36.48 -1.76
CA LEU A 23 -40.50 -35.30 -0.98
C LEU A 23 -41.59 -34.92 0.01
N GLY A 24 -42.85 -35.09 -0.38
CA GLY A 24 -43.96 -34.77 0.50
C GLY A 24 -43.83 -35.46 1.85
N PRO A 25 -44.00 -36.80 1.90
CA PRO A 25 -43.86 -37.55 3.14
C PRO A 25 -42.45 -37.41 3.72
N VAL A 26 -41.45 -37.30 2.83
CA VAL A 26 -40.06 -37.16 3.25
C VAL A 26 -39.87 -35.91 4.12
N THR A 27 -40.41 -34.78 3.67
CA THR A 27 -40.28 -33.56 4.43
C THR A 27 -41.03 -33.69 5.75
N GLN A 28 -42.17 -34.38 5.71
CA GLN A 28 -42.97 -34.60 6.91
C GLN A 28 -42.17 -35.43 7.91
N GLU A 29 -41.57 -36.51 7.41
CA GLU A 29 -40.75 -37.39 8.23
C GLU A 29 -39.54 -36.63 8.74
N PHE A 30 -38.99 -35.78 7.89
CA PHE A 30 -37.83 -34.97 8.24
C PHE A 30 -38.22 -33.95 9.30
N TRP A 31 -39.37 -33.32 9.13
CA TRP A 31 -39.86 -32.34 10.10
C TRP A 31 -40.05 -33.01 11.45
N ASP A 32 -40.68 -34.18 11.44
CA ASP A 32 -40.92 -34.94 12.67
C ASP A 32 -39.58 -35.33 13.31
N ASN A 33 -38.64 -35.75 12.48
CA ASN A 33 -37.32 -36.12 12.95
C ASN A 33 -36.64 -34.92 13.57
N LEU A 34 -36.74 -33.80 12.86
CA LEU A 34 -36.14 -32.55 13.32
C LEU A 34 -36.84 -32.06 14.57
N GLU A 35 -38.14 -32.38 14.72
CA GLU A 35 -38.89 -31.99 15.91
C GLU A 35 -38.25 -32.63 17.13
N LYS A 36 -37.99 -33.94 17.03
CA LYS A 36 -37.36 -34.68 18.11
C LYS A 36 -35.95 -34.14 18.37
N GLU A 37 -35.22 -33.85 17.31
CA GLU A 37 -33.87 -33.33 17.43
C GLU A 37 -33.88 -31.93 18.06
N THR A 38 -34.80 -31.08 17.61
CA THR A 38 -34.90 -29.74 18.16
C THR A 38 -35.46 -29.78 19.58
N GLU A 39 -36.23 -30.83 19.89
CA GLU A 39 -36.77 -31.00 21.23
C GLU A 39 -35.63 -31.34 22.17
N GLY A 40 -34.78 -32.27 21.73
CA GLY A 40 -33.62 -32.64 22.51
C GLY A 40 -32.70 -31.45 22.66
N LEU A 41 -32.57 -30.69 21.57
CA LEU A 41 -31.73 -29.50 21.58
C LEU A 41 -32.36 -28.43 22.46
N ARG A 42 -33.69 -28.39 22.50
CA ARG A 42 -34.40 -27.44 23.33
C ARG A 42 -34.14 -27.76 24.80
N GLN A 43 -34.17 -29.05 25.12
CA GLN A 43 -33.91 -29.51 26.48
C GLN A 43 -32.46 -29.20 26.83
N GLU A 44 -31.58 -29.43 25.87
CA GLU A 44 -30.16 -29.16 26.06
C GLU A 44 -29.92 -27.68 26.24
N MET A 45 -30.54 -26.88 25.39
CA MET A 45 -30.41 -25.43 25.45
C MET A 45 -30.88 -24.86 26.78
N SER A 46 -32.07 -25.28 27.23
CA SER A 46 -32.60 -24.78 28.49
C SER A 46 -31.67 -25.11 29.65
N LYS A 47 -31.08 -26.30 29.60
CA LYS A 47 -30.16 -26.73 30.64
C LYS A 47 -28.78 -26.09 30.48
N ASP A 48 -28.16 -26.32 29.33
CA ASP A 48 -26.83 -25.81 29.02
C ASP A 48 -26.74 -24.29 29.13
N LEU A 49 -27.67 -23.57 28.49
CA LEU A 49 -27.66 -22.12 28.53
C LEU A 49 -27.70 -21.60 29.95
N GLU A 50 -28.65 -22.08 30.74
CA GLU A 50 -28.78 -21.65 32.12
C GLU A 50 -27.60 -22.13 32.97
N GLU A 51 -27.07 -23.31 32.63
CA GLU A 51 -25.93 -23.87 33.34
C GLU A 51 -24.70 -23.01 33.04
N VAL A 52 -24.54 -22.65 31.77
CA VAL A 52 -23.43 -21.81 31.35
C VAL A 52 -23.58 -20.41 31.92
N LYS A 53 -24.79 -19.88 31.90
CA LYS A 53 -25.07 -18.56 32.44
C LYS A 53 -24.81 -18.52 33.95
N ALA A 54 -25.26 -19.56 34.65
CA ALA A 54 -25.06 -19.65 36.08
C ALA A 54 -23.58 -19.76 36.41
N LYS A 55 -22.86 -20.52 35.60
CA LYS A 55 -21.43 -20.69 35.78
C LYS A 55 -20.66 -19.49 35.26
N VAL A 56 -21.29 -18.73 34.36
CA VAL A 56 -20.68 -17.54 33.80
C VAL A 56 -20.51 -16.48 34.86
N GLN A 57 -21.35 -16.54 35.89
CA GLN A 57 -21.28 -15.61 37.00
C GLN A 57 -19.94 -15.77 37.71
N PRO A 58 -19.63 -16.96 38.30
CA PRO A 58 -18.35 -17.20 38.95
C PRO A 58 -17.21 -17.09 37.94
N TYR A 59 -17.49 -17.36 36.67
CA TYR A 59 -16.48 -17.26 35.61
C TYR A 59 -16.02 -15.81 35.54
N LEU A 60 -16.96 -14.93 35.24
CA LEU A 60 -16.68 -13.51 35.12
C LEU A 60 -16.22 -12.94 36.46
N ASP A 61 -16.79 -13.45 37.54
CA ASP A 61 -16.43 -12.98 38.88
C ASP A 61 -14.98 -13.31 39.18
N ASP A 62 -14.63 -14.59 39.06
CA ASP A 62 -13.27 -15.04 39.33
C ASP A 62 -12.30 -14.42 38.33
N PHE A 63 -12.70 -14.37 37.06
CA PHE A 63 -11.87 -13.77 36.03
C PHE A 63 -11.64 -12.29 36.33
N GLN A 64 -12.67 -11.63 36.82
CA GLN A 64 -12.57 -10.22 37.18
C GLN A 64 -11.63 -10.07 38.38
N LYS A 65 -11.80 -10.96 39.36
CA LYS A 65 -10.96 -10.94 40.55
C LYS A 65 -9.51 -11.10 40.15
N LYS A 66 -9.26 -12.11 39.33
CA LYS A 66 -7.93 -12.40 38.84
C LYS A 66 -7.40 -11.25 37.99
N TRP A 67 -8.16 -10.89 36.96
CA TRP A 67 -7.76 -9.82 36.05
C TRP A 67 -7.55 -8.50 36.78
N GLN A 68 -8.42 -8.20 37.75
CA GLN A 68 -8.29 -6.98 38.52
C GLN A 68 -6.99 -6.99 39.30
N GLU A 69 -6.72 -8.11 39.98
CA GLU A 69 -5.49 -8.26 40.73
C GLU A 69 -4.30 -8.23 39.79
N GLU A 70 -4.42 -8.95 38.68
CA GLU A 70 -3.36 -9.00 37.68
C GLU A 70 -3.09 -7.61 37.10
N MET A 71 -4.16 -6.85 36.92
CA MET A 71 -4.06 -5.49 36.39
C MET A 71 -3.42 -4.57 37.43
N GLU A 72 -3.89 -4.67 38.66
CA GLU A 72 -3.35 -3.85 39.75
C GLU A 72 -1.89 -4.20 39.99
N LEU A 73 -1.59 -5.49 40.06
CA LEU A 73 -0.23 -5.97 40.27
C LEU A 73 0.66 -5.53 39.11
N TYR A 74 0.06 -5.41 37.93
CA TYR A 74 0.79 -4.97 36.75
C TYR A 74 1.05 -3.48 36.87
N ARG A 75 0.01 -2.74 37.25
CA ARG A 75 0.11 -1.29 37.42
C ARG A 75 1.14 -0.95 38.51
N GLN A 76 1.15 -1.77 39.55
CA GLN A 76 2.09 -1.59 40.66
C GLN A 76 3.52 -1.77 40.17
N LYS A 77 3.66 -2.42 39.03
CA LYS A 77 4.97 -2.63 38.43
C LYS A 77 5.20 -1.61 37.32
N VAL A 78 4.12 -1.20 36.66
CA VAL A 78 4.19 -0.22 35.58
C VAL A 78 4.72 1.11 36.10
N GLU A 79 4.26 1.53 37.27
CA GLU A 79 4.72 2.79 37.85
C GLU A 79 6.24 2.83 38.00
N PRO A 80 6.85 1.89 38.75
CA PRO A 80 8.30 1.85 38.91
C PRO A 80 9.00 1.51 37.59
N LEU A 81 8.39 0.62 36.80
CA LEU A 81 8.97 0.23 35.52
C LEU A 81 9.10 1.42 34.60
N ARG A 82 8.06 2.24 34.55
CA ARG A 82 8.07 3.44 33.73
C ARG A 82 9.23 4.33 34.14
N ALA A 83 9.42 4.44 35.45
CA ALA A 83 10.50 5.25 36.01
C ALA A 83 11.86 4.61 35.73
N GLU A 84 11.97 3.31 36.00
CA GLU A 84 13.20 2.56 35.78
C GLU A 84 13.61 2.65 34.31
N LEU A 85 12.66 2.41 33.44
CA LEU A 85 12.91 2.47 32.01
C LEU A 85 13.23 3.90 31.57
N GLN A 86 12.50 4.87 32.11
CA GLN A 86 12.73 6.27 31.76
C GLN A 86 14.12 6.72 32.18
N GLU A 87 14.43 6.56 33.46
CA GLU A 87 15.73 6.97 33.97
C GLU A 87 16.84 6.09 33.39
N GLY A 88 16.56 4.81 33.31
CA GLY A 88 17.53 3.88 32.75
C GLY A 88 17.85 4.19 31.31
N ALA A 89 16.81 4.36 30.50
CA ALA A 89 16.98 4.69 29.09
C ALA A 89 17.58 6.07 28.96
N ARG A 90 17.21 6.98 29.85
CA ARG A 90 17.73 8.34 29.83
C ARG A 90 19.24 8.30 30.01
N GLN A 91 19.69 7.50 30.98
CA GLN A 91 21.12 7.34 31.25
C GLN A 91 21.82 6.75 30.03
N LYS A 92 21.30 5.60 29.58
CA LYS A 92 21.86 4.90 28.44
C LYS A 92 21.86 5.77 27.19
N LEU A 93 20.74 6.43 26.92
CA LEU A 93 20.63 7.30 25.76
C LEU A 93 21.50 8.54 25.88
N HIS A 94 21.53 9.14 27.07
CA HIS A 94 22.35 10.33 27.29
C HIS A 94 23.83 10.01 27.07
N GLU A 95 24.27 8.90 27.64
CA GLU A 95 25.67 8.48 27.49
C GLU A 95 25.96 8.12 26.03
N LEU A 96 24.99 7.51 25.36
CA LEU A 96 25.16 7.14 23.97
C LEU A 96 25.18 8.41 23.09
N GLN A 97 24.30 9.35 23.41
CA GLN A 97 24.21 10.61 22.69
C GLN A 97 25.46 11.44 22.94
N GLU A 98 25.97 11.39 24.17
CA GLU A 98 27.17 12.11 24.55
C GLU A 98 28.36 11.51 23.83
N LYS A 99 28.29 10.21 23.55
CA LYS A 99 29.34 9.53 22.84
C LYS A 99 29.17 9.74 21.34
N LEU A 100 27.93 9.98 20.93
CA LEU A 100 27.61 10.23 19.53
C LEU A 100 28.22 11.54 19.05
N SER A 101 28.46 12.45 19.99
CA SER A 101 29.07 13.73 19.66
C SER A 101 30.50 13.54 19.15
N PRO A 102 31.44 13.03 19.99
CA PRO A 102 32.82 12.80 19.55
C PRO A 102 32.89 11.80 18.41
N LEU A 103 32.19 10.68 18.54
CA LEU A 103 32.20 9.64 17.52
C LEU A 103 31.55 10.15 16.22
N GLY A 104 30.62 11.08 16.36
CA GLY A 104 29.95 11.64 15.21
C GLY A 104 30.80 12.71 14.56
N GLU A 105 31.35 13.59 15.39
CA GLU A 105 32.21 14.65 14.91
C GLU A 105 33.44 14.06 14.24
N GLU A 106 34.02 13.04 14.88
CA GLU A 106 35.18 12.35 14.33
C GLU A 106 34.78 11.61 13.07
N MET A 107 33.54 11.15 13.03
CA MET A 107 33.02 10.44 11.86
C MET A 107 32.91 11.41 10.70
N ARG A 108 32.37 12.60 10.98
CA ARG A 108 32.23 13.64 9.97
C ARG A 108 33.61 14.15 9.55
N ASP A 109 34.51 14.21 10.51
CA ASP A 109 35.89 14.65 10.27
C ASP A 109 36.56 13.66 9.34
N ARG A 110 36.43 12.37 9.65
CA ARG A 110 37.01 11.33 8.83
C ARG A 110 36.26 11.22 7.51
N ALA A 111 34.94 11.48 7.55
CA ALA A 111 34.13 11.45 6.35
C ALA A 111 34.60 12.53 5.41
N ARG A 112 35.01 13.66 5.98
CA ARG A 112 35.55 14.75 5.20
C ARG A 112 36.78 14.26 4.48
N ALA A 113 37.68 13.64 5.22
CA ALA A 113 38.91 13.10 4.64
C ALA A 113 38.58 12.06 3.58
N HIS A 114 37.58 11.22 3.86
CA HIS A 114 37.12 10.20 2.93
C HIS A 114 36.72 10.83 1.61
N VAL A 115 35.77 11.76 1.68
CA VAL A 115 35.27 12.44 0.49
C VAL A 115 36.31 13.37 -0.14
N ASP A 116 37.08 14.06 0.70
CA ASP A 116 38.10 14.99 0.20
C ASP A 116 39.16 14.26 -0.61
N ALA A 117 39.63 13.14 -0.08
CA ALA A 117 40.64 12.35 -0.77
C ALA A 117 40.03 11.79 -2.05
N LEU A 118 38.73 11.52 -1.99
CA LEU A 118 38.00 11.02 -3.14
C LEU A 118 37.84 12.14 -4.17
N ARG A 119 37.68 13.36 -3.70
CA ARG A 119 37.55 14.52 -4.59
C ARG A 119 38.81 14.68 -5.42
N THR A 120 39.96 14.67 -4.73
CA THR A 120 41.25 14.82 -5.38
C THR A 120 41.57 13.62 -6.28
N HIS A 121 40.79 12.55 -6.13
CA HIS A 121 40.98 11.36 -6.94
C HIS A 121 39.96 11.31 -8.07
N LEU A 122 38.71 11.63 -7.75
CA LEU A 122 37.64 11.62 -8.74
C LEU A 122 37.83 12.71 -9.78
N ALA A 123 38.44 13.83 -9.37
CA ALA A 123 38.69 14.92 -10.30
C ALA A 123 39.52 14.46 -11.51
N PRO A 124 40.76 13.95 -11.29
CA PRO A 124 41.56 13.43 -12.40
C PRO A 124 40.91 12.18 -12.99
N TYR A 125 40.33 11.34 -12.13
CA TYR A 125 39.68 10.12 -12.58
C TYR A 125 38.61 10.40 -13.62
N SER A 126 37.68 11.30 -13.31
CA SER A 126 36.60 11.64 -14.23
C SER A 126 37.13 12.28 -15.51
N ASP A 127 38.09 13.19 -15.38
CA ASP A 127 38.65 13.86 -16.55
C ASP A 127 39.41 12.87 -17.41
N GLU A 128 40.18 11.99 -16.76
CA GLU A 128 40.93 10.97 -17.47
C GLU A 128 39.96 9.93 -18.04
N LEU A 129 38.84 9.74 -17.36
CA LEU A 129 37.81 8.81 -17.83
C LEU A 129 37.23 9.38 -19.11
N ARG A 130 37.12 10.70 -19.17
CA ARG A 130 36.62 11.38 -20.35
C ARG A 130 37.60 11.15 -21.49
N GLN A 131 38.88 11.12 -21.14
CA GLN A 131 39.93 10.88 -22.13
C GLN A 131 39.82 9.45 -22.65
N ARG A 132 39.54 8.52 -21.74
CA ARG A 132 39.38 7.12 -22.09
C ARG A 132 38.14 6.98 -22.96
N LEU A 133 37.06 7.64 -22.54
CA LEU A 133 35.81 7.60 -23.29
C LEU A 133 36.01 8.26 -24.64
N ALA A 134 36.78 9.35 -24.67
CA ALA A 134 37.08 10.05 -25.91
C ALA A 134 37.82 9.13 -26.85
N ALA A 135 38.83 8.43 -26.31
CA ALA A 135 39.62 7.49 -27.09
C ALA A 135 38.70 6.41 -27.66
N ARG A 136 37.82 5.91 -26.81
CA ARG A 136 36.86 4.88 -27.20
C ARG A 136 35.92 5.44 -28.26
N LEU A 137 35.46 6.68 -28.05
CA LEU A 137 34.54 7.33 -28.98
C LEU A 137 35.20 7.59 -30.32
N GLU A 138 36.43 8.09 -30.31
CA GLU A 138 37.17 8.36 -31.53
C GLU A 138 37.31 7.07 -32.34
N ALA A 139 37.62 5.98 -31.63
CA ALA A 139 37.76 4.69 -32.25
C ALA A 139 36.39 4.20 -32.70
N LEU A 140 35.38 4.44 -31.87
CA LEU A 140 34.01 4.05 -32.16
C LEU A 140 33.51 4.78 -33.41
N LYS A 141 34.05 5.96 -33.66
CA LYS A 141 33.67 6.73 -34.83
C LYS A 141 34.21 6.06 -36.08
N GLU A 142 35.47 5.64 -36.01
CA GLU A 142 36.11 4.97 -37.15
C GLU A 142 35.52 3.57 -37.30
N ASN A 143 35.48 2.84 -36.19
CA ASN A 143 34.93 1.50 -36.16
C ASN A 143 33.46 1.52 -36.57
N GLY A 144 32.71 2.45 -35.99
CA GLY A 144 31.30 2.58 -36.29
C GLY A 144 31.08 2.98 -37.73
N GLY A 145 31.87 3.95 -38.21
CA GLY A 145 31.76 4.41 -39.58
C GLY A 145 32.02 3.26 -40.54
N ALA A 146 33.06 2.49 -40.23
CA ALA A 146 33.41 1.34 -41.04
C ALA A 146 32.32 0.29 -40.94
N ARG A 147 31.83 0.05 -39.73
CA ARG A 147 30.75 -0.91 -39.49
C ARG A 147 29.54 -0.53 -40.33
N LEU A 148 29.17 0.74 -40.28
CA LEU A 148 28.03 1.25 -41.02
C LEU A 148 28.26 1.08 -42.53
N ALA A 149 29.48 1.32 -42.98
CA ALA A 149 29.81 1.17 -44.38
C ALA A 149 29.73 -0.30 -44.78
N GLU A 150 30.34 -1.15 -43.96
CA GLU A 150 30.33 -2.59 -44.19
C GLU A 150 28.89 -3.10 -44.18
N TYR A 151 28.13 -2.66 -43.18
CA TYR A 151 26.73 -3.06 -43.05
C TYR A 151 25.91 -2.58 -44.24
N HIS A 152 26.16 -1.35 -44.67
CA HIS A 152 25.45 -0.81 -45.82
C HIS A 152 25.74 -1.62 -47.07
N ALA A 153 27.01 -1.96 -47.27
CA ALA A 153 27.43 -2.76 -48.41
C ALA A 153 26.75 -4.14 -48.34
N LYS A 154 26.76 -4.74 -47.16
CA LYS A 154 26.15 -6.05 -46.95
C LYS A 154 24.64 -5.97 -47.08
N ALA A 155 24.06 -4.86 -46.64
CA ALA A 155 22.63 -4.65 -46.74
C ALA A 155 22.25 -4.51 -48.21
N THR A 156 23.15 -3.90 -48.97
CA THR A 156 22.93 -3.73 -50.40
C THR A 156 22.85 -5.11 -51.04
N GLU A 157 23.83 -5.96 -50.75
CA GLU A 157 23.86 -7.31 -51.28
C GLU A 157 22.70 -8.13 -50.75
N HIS A 158 22.24 -7.77 -49.54
CA HIS A 158 21.10 -8.45 -48.93
C HIS A 158 19.88 -8.17 -49.76
N LEU A 159 19.77 -6.94 -50.24
CA LEU A 159 18.68 -6.52 -51.09
C LEU A 159 18.85 -7.13 -52.48
N SER A 160 20.08 -7.14 -52.97
CA SER A 160 20.40 -7.71 -54.28
C SER A 160 19.94 -9.16 -54.34
N THR A 161 20.39 -9.95 -53.37
CA THR A 161 20.01 -11.35 -53.31
C THR A 161 18.55 -11.51 -52.91
N LEU A 162 17.98 -10.47 -52.32
CA LEU A 162 16.59 -10.49 -51.92
C LEU A 162 15.72 -10.49 -53.16
N SER A 163 16.07 -9.67 -54.15
CA SER A 163 15.33 -9.60 -55.40
C SER A 163 15.36 -10.96 -56.10
N GLU A 164 16.45 -11.69 -55.87
CA GLU A 164 16.64 -13.01 -56.46
C GLU A 164 15.84 -14.08 -55.71
N LYS A 165 15.02 -13.63 -54.76
CA LYS A 165 14.19 -14.53 -53.97
C LYS A 165 12.77 -14.00 -53.94
N ALA A 166 12.63 -12.71 -53.67
CA ALA A 166 11.34 -12.05 -53.61
C ALA A 166 10.67 -11.93 -54.98
N LYS A 167 11.43 -12.21 -56.03
CA LYS A 167 10.88 -12.16 -57.38
C LYS A 167 10.72 -13.55 -57.99
N PRO A 168 11.83 -14.24 -58.39
CA PRO A 168 11.72 -15.57 -59.00
C PRO A 168 11.16 -16.63 -58.04
N ALA A 169 11.73 -16.71 -56.84
CA ALA A 169 11.27 -17.69 -55.85
C ALA A 169 9.82 -17.43 -55.44
N LEU A 170 9.47 -16.16 -55.25
CA LEU A 170 8.11 -15.81 -54.88
C LEU A 170 7.15 -16.08 -56.03
N GLU A 171 7.60 -15.85 -57.26
CA GLU A 171 6.78 -16.13 -58.43
C GLU A 171 6.58 -17.64 -58.54
N ASP A 172 7.61 -18.38 -58.15
CA ASP A 172 7.53 -19.83 -58.17
C ASP A 172 6.48 -20.27 -57.17
N LEU A 173 6.54 -19.70 -55.98
CA LEU A 173 5.59 -19.99 -54.91
C LEU A 173 4.18 -19.66 -55.36
N ARG A 174 4.02 -18.50 -56.00
CA ARG A 174 2.71 -18.08 -56.49
C ARG A 174 2.26 -18.99 -57.62
N GLN A 175 3.20 -19.33 -58.51
CA GLN A 175 2.92 -20.20 -59.62
C GLN A 175 2.47 -21.56 -59.14
N GLY A 176 3.03 -22.01 -58.03
CA GLY A 176 2.67 -23.29 -57.44
C GLY A 176 1.37 -23.15 -56.67
N LEU A 177 1.18 -21.99 -56.05
CA LEU A 177 -0.03 -21.71 -55.28
C LEU A 177 -1.28 -21.86 -56.13
N LEU A 178 -1.19 -21.49 -57.40
CA LEU A 178 -2.34 -21.58 -58.29
C LEU A 178 -2.89 -23.01 -58.36
N PRO A 179 -2.12 -24.00 -58.90
CA PRO A 179 -2.59 -25.38 -58.97
C PRO A 179 -2.76 -26.00 -57.58
N VAL A 180 -1.91 -25.60 -56.64
CA VAL A 180 -2.00 -26.11 -55.27
C VAL A 180 -3.33 -25.72 -54.63
N LEU A 181 -3.67 -24.44 -54.71
CA LEU A 181 -4.93 -23.95 -54.15
C LEU A 181 -6.08 -24.61 -54.88
N GLU A 182 -5.92 -24.84 -56.17
CA GLU A 182 -6.94 -25.48 -56.98
C GLU A 182 -7.19 -26.89 -56.48
N SER A 183 -6.12 -27.68 -56.37
CA SER A 183 -6.24 -29.06 -55.89
C SER A 183 -6.78 -29.08 -54.47
N PHE A 184 -6.38 -28.09 -53.67
CA PHE A 184 -6.84 -27.98 -52.29
C PHE A 184 -8.33 -27.67 -52.28
N LYS A 185 -8.74 -26.77 -53.15
CA LYS A 185 -10.15 -26.40 -53.25
C LYS A 185 -10.97 -27.57 -53.77
N VAL A 186 -10.42 -28.31 -54.74
CA VAL A 186 -11.10 -29.47 -55.30
C VAL A 186 -11.34 -30.50 -54.20
N SER A 187 -10.32 -30.75 -53.39
CA SER A 187 -10.45 -31.71 -52.30
C SER A 187 -11.37 -31.15 -51.21
N PHE A 188 -11.23 -29.86 -50.91
CA PHE A 188 -12.05 -29.20 -49.89
C PHE A 188 -13.52 -29.19 -50.29
N LEU A 189 -13.81 -28.77 -51.51
CA LEU A 189 -15.19 -28.72 -52.01
C LEU A 189 -15.84 -30.09 -51.96
N SER A 190 -15.06 -31.11 -52.29
CA SER A 190 -15.56 -32.48 -52.26
C SER A 190 -15.73 -32.95 -50.81
N ALA A 191 -14.80 -32.54 -49.95
CA ALA A 191 -14.85 -32.91 -48.53
C ALA A 191 -16.01 -32.22 -47.83
N LEU A 192 -16.29 -30.98 -48.26
CA LEU A 192 -17.39 -30.21 -47.68
C LEU A 192 -18.69 -30.95 -47.84
N GLU A 193 -18.94 -31.45 -49.05
CA GLU A 193 -20.16 -32.20 -49.34
C GLU A 193 -20.14 -33.54 -48.60
N GLU A 194 -18.94 -34.05 -48.39
CA GLU A 194 -18.76 -35.31 -47.69
C GLU A 194 -19.27 -35.18 -46.27
N TYR A 195 -19.06 -34.01 -45.68
CA TYR A 195 -19.53 -33.73 -44.31
C TYR A 195 -21.05 -33.67 -44.29
N THR A 196 -21.62 -32.95 -45.24
CA THR A 196 -23.07 -32.78 -45.33
C THR A 196 -23.77 -34.13 -45.57
N LYS A 197 -23.10 -35.05 -46.25
CA LYS A 197 -23.67 -36.37 -46.53
C LYS A 197 -23.71 -37.22 -45.26
N LYS A 198 -22.97 -36.80 -44.24
CA LYS A 198 -22.94 -37.52 -42.98
C LYS A 198 -23.90 -36.89 -41.98
N LEU A 199 -23.82 -35.57 -41.84
CA LEU A 199 -24.67 -34.84 -40.92
C LEU A 199 -26.01 -34.47 -41.56
N ASN A 200 -26.75 -35.48 -41.99
CA ASN A 200 -28.08 -35.29 -42.61
C ASN A 200 -28.06 -34.24 -43.72
N LEU B 3 5.92 -34.05 -57.20
CA LEU B 3 6.25 -33.13 -58.27
C LEU B 3 6.40 -31.72 -57.73
N LYS B 4 5.33 -31.24 -57.10
CA LYS B 4 5.30 -29.91 -56.52
C LYS B 4 6.38 -29.79 -55.45
N LEU B 5 6.56 -30.86 -54.70
CA LEU B 5 7.54 -30.91 -53.64
C LEU B 5 8.96 -30.77 -54.19
N LEU B 6 9.21 -31.45 -55.31
CA LEU B 6 10.54 -31.42 -55.93
C LEU B 6 10.81 -30.08 -56.57
N ASP B 7 9.79 -29.52 -57.21
CA ASP B 7 9.94 -28.24 -57.88
C ASP B 7 10.19 -27.12 -56.88
N ASN B 8 9.39 -27.09 -55.81
CA ASN B 8 9.55 -26.07 -54.79
C ASN B 8 10.88 -26.25 -54.09
N TRP B 9 11.27 -27.50 -53.88
CA TRP B 9 12.54 -27.82 -53.24
C TRP B 9 13.70 -27.28 -54.05
N ASP B 10 13.55 -27.30 -55.38
CA ASP B 10 14.59 -26.80 -56.27
C ASP B 10 14.79 -25.31 -56.06
N SER B 11 13.67 -24.59 -56.00
CA SER B 11 13.70 -23.15 -55.77
C SER B 11 14.35 -22.83 -54.42
N VAL B 12 14.09 -23.69 -53.44
CA VAL B 12 14.65 -23.54 -52.11
C VAL B 12 16.16 -23.76 -52.17
N THR B 13 16.57 -24.71 -53.01
CA THR B 13 17.99 -25.01 -53.19
C THR B 13 18.70 -23.79 -53.77
N SER B 14 18.07 -23.14 -54.75
CA SER B 14 18.63 -21.94 -55.37
C SER B 14 18.78 -20.84 -54.31
N THR B 15 17.87 -20.87 -53.33
CA THR B 15 17.90 -19.90 -52.25
C THR B 15 19.14 -20.12 -51.39
N PHE B 16 19.55 -21.37 -51.26
CA PHE B 16 20.74 -21.72 -50.49
C PHE B 16 22.00 -21.24 -51.22
N SER B 17 21.99 -21.36 -52.54
CA SER B 17 23.10 -20.89 -53.35
C SER B 17 23.23 -19.37 -53.17
N LYS B 18 22.08 -18.70 -53.16
CA LYS B 18 22.03 -17.26 -53.00
C LYS B 18 22.45 -16.88 -51.58
N LEU B 19 22.15 -17.76 -50.63
CA LEU B 19 22.51 -17.55 -49.24
C LEU B 19 24.01 -17.71 -49.10
N ARG B 20 24.56 -18.67 -49.83
CA ARG B 20 25.99 -18.94 -49.81
C ARG B 20 26.78 -17.78 -50.42
N GLU B 21 26.10 -16.99 -51.26
CA GLU B 21 26.73 -15.81 -51.85
C GLU B 21 27.06 -14.82 -50.74
N GLN B 22 26.16 -14.78 -49.76
CA GLN B 22 26.34 -13.92 -48.60
C GLN B 22 27.27 -14.60 -47.61
N LEU B 23 27.24 -15.92 -47.60
CA LEU B 23 28.09 -16.71 -46.71
C LEU B 23 29.57 -16.60 -47.10
N GLY B 24 29.81 -16.05 -48.28
CA GLY B 24 31.16 -15.89 -48.77
C GLY B 24 31.69 -14.49 -48.51
N PRO B 25 31.67 -13.62 -49.54
CA PRO B 25 32.16 -12.24 -49.46
C PRO B 25 31.62 -11.47 -48.26
N VAL B 26 30.32 -11.60 -47.98
CA VAL B 26 29.70 -10.90 -46.86
C VAL B 26 30.34 -11.29 -45.54
N THR B 27 30.53 -12.59 -45.33
CA THR B 27 31.17 -13.09 -44.12
C THR B 27 32.63 -12.64 -44.07
N GLN B 28 33.28 -12.68 -45.24
CA GLN B 28 34.68 -12.27 -45.35
C GLN B 28 34.80 -10.80 -44.94
N GLU B 29 33.89 -9.99 -45.45
CA GLU B 29 33.86 -8.57 -45.14
C GLU B 29 33.57 -8.39 -43.65
N PHE B 30 32.80 -9.31 -43.09
CA PHE B 30 32.49 -9.27 -41.67
C PHE B 30 33.75 -9.53 -40.87
N TRP B 31 34.58 -10.44 -41.38
CA TRP B 31 35.85 -10.75 -40.74
C TRP B 31 36.74 -9.52 -40.86
N ASP B 32 36.71 -8.91 -42.04
CA ASP B 32 37.48 -7.70 -42.30
C ASP B 32 37.03 -6.61 -41.33
N ASN B 33 35.72 -6.56 -41.11
CA ASN B 33 35.13 -5.61 -40.18
C ASN B 33 35.64 -5.90 -38.77
N LEU B 34 35.60 -7.18 -38.40
CA LEU B 34 36.05 -7.62 -37.09
C LEU B 34 37.54 -7.31 -36.89
N GLU B 35 38.28 -7.28 -37.99
CA GLU B 35 39.70 -6.95 -37.94
C GLU B 35 39.85 -5.51 -37.49
N LYS B 36 39.05 -4.63 -38.09
CA LYS B 36 39.06 -3.22 -37.75
C LYS B 36 38.63 -3.09 -36.30
N GLU B 37 37.61 -3.88 -35.93
CA GLU B 37 37.09 -3.89 -34.58
C GLU B 37 38.17 -4.26 -33.58
N THR B 38 38.79 -5.42 -33.78
CA THR B 38 39.84 -5.90 -32.87
C THR B 38 41.00 -4.91 -32.78
N GLU B 39 41.36 -4.30 -33.90
CA GLU B 39 42.44 -3.31 -33.92
C GLU B 39 42.06 -2.12 -33.05
N GLY B 40 40.88 -1.57 -33.29
CA GLY B 40 40.42 -0.43 -32.53
C GLY B 40 40.22 -0.79 -31.07
N LEU B 41 39.54 -1.90 -30.83
CA LEU B 41 39.27 -2.39 -29.48
C LEU B 41 40.56 -2.60 -28.72
N ARG B 42 41.58 -3.14 -29.38
CA ARG B 42 42.86 -3.37 -28.72
C ARG B 42 43.52 -2.06 -28.36
N GLN B 43 43.31 -1.03 -29.19
CA GLN B 43 43.88 0.29 -28.91
C GLN B 43 43.19 0.87 -27.67
N GLU B 44 41.88 0.67 -27.61
CA GLU B 44 41.08 1.14 -26.49
C GLU B 44 41.42 0.32 -25.24
N MET B 45 41.33 -1.01 -25.38
CA MET B 45 41.58 -1.93 -24.28
C MET B 45 42.98 -1.78 -23.69
N SER B 46 43.99 -1.59 -24.54
CA SER B 46 45.35 -1.43 -24.05
C SER B 46 45.44 -0.20 -23.15
N LYS B 47 44.92 0.92 -23.65
CA LYS B 47 44.93 2.16 -22.89
C LYS B 47 44.01 2.04 -21.69
N ASP B 48 42.89 1.35 -21.90
CA ASP B 48 41.91 1.13 -20.85
C ASP B 48 42.58 0.40 -19.70
N LEU B 49 43.25 -0.71 -20.01
CA LEU B 49 43.95 -1.51 -19.01
C LEU B 49 45.12 -0.72 -18.41
N GLU B 50 45.80 0.06 -19.23
CA GLU B 50 46.92 0.87 -18.76
C GLU B 50 46.40 1.88 -17.75
N GLU B 51 45.30 2.55 -18.11
CA GLU B 51 44.67 3.53 -17.25
C GLU B 51 44.11 2.83 -16.02
N VAL B 52 43.62 1.62 -16.22
CA VAL B 52 43.07 0.82 -15.13
C VAL B 52 44.16 0.50 -14.13
N LYS B 53 45.31 0.05 -14.61
CA LYS B 53 46.43 -0.28 -13.74
C LYS B 53 46.97 0.98 -13.05
N ALA B 54 46.84 2.10 -13.72
CA ALA B 54 47.29 3.37 -13.17
C ALA B 54 46.20 4.01 -12.32
N LYS B 55 45.09 3.28 -12.14
CA LYS B 55 43.99 3.79 -11.35
C LYS B 55 43.63 2.82 -10.22
N VAL B 56 43.72 1.53 -10.49
CA VAL B 56 43.42 0.51 -9.50
C VAL B 56 44.38 0.62 -8.32
N GLN B 57 45.67 0.77 -8.62
CA GLN B 57 46.69 0.90 -7.58
C GLN B 57 46.40 2.11 -6.68
N PRO B 58 46.33 3.34 -7.23
CA PRO B 58 46.04 4.53 -6.43
C PRO B 58 44.68 4.46 -5.74
N TYR B 59 43.71 3.83 -6.41
CA TYR B 59 42.37 3.68 -5.86
C TYR B 59 42.40 2.76 -4.65
N LEU B 60 43.02 1.59 -4.82
CA LEU B 60 43.12 0.63 -3.73
C LEU B 60 43.96 1.20 -2.60
N ASP B 61 45.03 1.89 -2.95
CA ASP B 61 45.91 2.52 -1.98
C ASP B 61 45.12 3.54 -1.16
N ASP B 62 44.37 4.36 -1.86
CA ASP B 62 43.56 5.39 -1.20
C ASP B 62 42.36 4.78 -0.49
N PHE B 63 41.81 3.73 -1.05
CA PHE B 63 40.68 3.04 -0.45
C PHE B 63 41.12 2.31 0.80
N GLN B 64 42.37 1.85 0.80
CA GLN B 64 42.92 1.16 1.96
C GLN B 64 42.97 2.14 3.12
N LYS B 65 43.21 3.40 2.80
CA LYS B 65 43.24 4.45 3.81
C LYS B 65 41.83 4.62 4.37
N LYS B 66 40.85 4.61 3.47
CA LYS B 66 39.44 4.72 3.86
C LYS B 66 39.09 3.56 4.77
N TRP B 67 39.50 2.37 4.36
CA TRP B 67 39.25 1.16 5.13
C TRP B 67 39.90 1.27 6.50
N GLN B 68 41.11 1.83 6.55
CA GLN B 68 41.80 2.02 7.81
C GLN B 68 41.05 3.01 8.68
N GLU B 69 40.71 4.16 8.11
CA GLU B 69 39.97 5.19 8.83
C GLU B 69 38.67 4.62 9.38
N GLU B 70 38.03 3.75 8.59
CA GLU B 70 36.79 3.13 8.98
C GLU B 70 37.02 2.03 10.02
N MET B 71 37.93 1.11 9.73
CA MET B 71 38.23 -0.01 10.64
C MET B 71 38.76 0.51 11.97
N GLU B 72 39.74 1.41 11.92
CA GLU B 72 40.31 1.97 13.12
C GLU B 72 39.28 2.84 13.83
N LEU B 73 38.48 3.55 13.03
CA LEU B 73 37.41 4.40 13.55
C LEU B 73 36.40 3.54 14.31
N TYR B 74 36.05 2.41 13.71
CA TYR B 74 35.12 1.48 14.32
C TYR B 74 35.75 0.78 15.52
N ARG B 75 37.09 0.74 15.54
CA ARG B 75 37.81 0.14 16.66
C ARG B 75 37.60 1.00 17.90
N GLN B 76 37.51 2.31 17.66
CA GLN B 76 37.29 3.27 18.74
C GLN B 76 35.80 3.53 18.91
N LYS B 77 35.00 2.72 18.23
CA LYS B 77 33.55 2.86 18.31
C LYS B 77 32.92 1.57 18.81
N VAL B 78 33.01 0.51 18.00
CA VAL B 78 32.43 -0.79 18.33
C VAL B 78 32.94 -1.33 19.67
N GLU B 79 34.24 -1.18 19.93
CA GLU B 79 34.80 -1.66 21.18
C GLU B 79 34.17 -1.01 22.40
N PRO B 80 34.29 0.33 22.58
CA PRO B 80 33.68 1.02 23.71
C PRO B 80 32.16 0.93 23.68
N LEU B 81 31.59 0.91 22.46
CA LEU B 81 30.13 0.79 22.33
C LEU B 81 29.66 -0.55 22.83
N ARG B 82 30.40 -1.61 22.48
CA ARG B 82 30.05 -2.95 22.93
C ARG B 82 30.13 -3.02 24.44
N ALA B 83 31.13 -2.35 25.00
CA ALA B 83 31.31 -2.31 26.44
C ALA B 83 30.15 -1.58 27.09
N GLU B 84 29.85 -0.39 26.60
CA GLU B 84 28.74 0.40 27.14
C GLU B 84 27.41 -0.33 26.90
N LEU B 85 27.29 -0.94 25.73
CA LEU B 85 26.08 -1.69 25.39
C LEU B 85 25.97 -2.91 26.30
N GLN B 86 27.12 -3.46 26.68
CA GLN B 86 27.14 -4.60 27.58
C GLN B 86 26.77 -4.16 28.98
N GLU B 87 27.25 -2.98 29.36
CA GLU B 87 26.92 -2.41 30.67
C GLU B 87 25.43 -2.13 30.71
N GLY B 88 24.93 -1.57 29.60
CA GLY B 88 23.52 -1.29 29.49
C GLY B 88 22.71 -2.57 29.39
N ALA B 89 23.30 -3.58 28.75
CA ALA B 89 22.66 -4.88 28.61
C ALA B 89 22.58 -5.55 29.97
N ARG B 90 23.68 -5.51 30.71
CA ARG B 90 23.71 -6.09 32.05
C ARG B 90 22.70 -5.38 32.93
N GLN B 91 22.57 -4.08 32.72
CA GLN B 91 21.61 -3.27 33.45
C GLN B 91 20.22 -3.71 33.08
N LYS B 92 19.96 -3.81 31.78
CA LYS B 92 18.66 -4.23 31.28
C LYS B 92 18.36 -5.66 31.72
N LEU B 93 19.40 -6.49 31.74
CA LEU B 93 19.26 -7.86 32.16
C LEU B 93 18.89 -7.89 33.64
N HIS B 94 19.38 -6.90 34.38
CA HIS B 94 19.07 -6.76 35.80
C HIS B 94 17.64 -6.27 35.92
N GLU B 95 17.30 -5.29 35.08
CA GLU B 95 15.96 -4.72 35.04
C GLU B 95 14.95 -5.82 34.73
N LEU B 96 15.29 -6.66 33.77
CA LEU B 96 14.45 -7.77 33.36
C LEU B 96 14.48 -8.90 34.38
N GLN B 97 15.67 -9.19 34.93
CA GLN B 97 15.81 -10.26 35.91
C GLN B 97 14.99 -9.96 37.15
N GLU B 98 15.06 -8.73 37.62
CA GLU B 98 14.33 -8.31 38.79
C GLU B 98 12.85 -8.11 38.47
N LYS B 99 12.49 -8.45 37.24
CA LYS B 99 11.11 -8.36 36.79
C LYS B 99 10.58 -9.75 36.50
N LEU B 100 11.39 -10.54 35.79
CA LEU B 100 11.04 -11.90 35.42
C LEU B 100 10.89 -12.80 36.65
N SER B 101 11.71 -12.58 37.66
CA SER B 101 11.61 -13.38 38.88
C SER B 101 10.25 -13.19 39.57
N PRO B 102 9.88 -11.95 39.98
CA PRO B 102 8.60 -11.69 40.61
C PRO B 102 7.43 -11.93 39.65
N LEU B 103 7.59 -11.50 38.39
CA LEU B 103 6.54 -11.69 37.39
C LEU B 103 6.36 -13.17 37.07
N GLY B 104 7.45 -13.91 37.05
CA GLY B 104 7.36 -15.34 36.78
C GLY B 104 6.60 -16.02 37.89
N GLU B 105 6.95 -15.67 39.13
CA GLU B 105 6.28 -16.22 40.29
C GLU B 105 4.81 -15.83 40.27
N GLU B 106 4.57 -14.57 39.90
CA GLU B 106 3.22 -14.04 39.82
C GLU B 106 2.46 -14.76 38.71
N MET B 107 3.09 -14.88 37.54
CA MET B 107 2.48 -15.56 36.40
C MET B 107 2.19 -17.01 36.75
N ARG B 108 3.08 -17.61 37.52
CA ARG B 108 2.90 -18.99 37.96
C ARG B 108 1.65 -19.09 38.81
N ASP B 109 1.54 -18.17 39.77
CA ASP B 109 0.38 -18.12 40.65
C ASP B 109 -0.87 -17.77 39.86
N ARG B 110 -0.72 -16.87 38.89
CA ARG B 110 -1.83 -16.49 38.02
C ARG B 110 -2.29 -17.73 37.27
N ALA B 111 -1.33 -18.46 36.71
CA ALA B 111 -1.61 -19.69 35.97
C ALA B 111 -2.31 -20.69 36.89
N ARG B 112 -1.80 -20.81 38.12
CA ARG B 112 -2.39 -21.71 39.10
C ARG B 112 -3.85 -21.33 39.34
N ALA B 113 -4.07 -20.06 39.62
CA ALA B 113 -5.41 -19.53 39.87
C ALA B 113 -6.32 -19.75 38.67
N HIS B 114 -5.75 -19.58 37.48
CA HIS B 114 -6.48 -19.76 36.23
C HIS B 114 -6.79 -21.24 36.00
N VAL B 115 -5.73 -22.06 35.97
CA VAL B 115 -5.85 -23.49 35.74
C VAL B 115 -6.67 -24.18 36.82
N ASP B 116 -6.50 -23.75 38.07
CA ASP B 116 -7.25 -24.34 39.17
C ASP B 116 -8.72 -24.09 38.97
N ALA B 117 -9.05 -22.88 38.53
CA ALA B 117 -10.44 -22.52 38.26
C ALA B 117 -10.93 -23.34 37.07
N LEU B 118 -10.05 -23.56 36.11
CA LEU B 118 -10.38 -24.34 34.92
C LEU B 118 -10.62 -25.80 35.31
N ARG B 119 -9.83 -26.30 36.25
CA ARG B 119 -9.97 -27.68 36.71
C ARG B 119 -11.39 -27.92 37.25
N THR B 120 -11.78 -27.11 38.22
CA THR B 120 -13.09 -27.22 38.83
C THR B 120 -14.20 -26.58 37.98
N HIS B 121 -13.96 -26.44 36.68
CA HIS B 121 -14.96 -25.86 35.80
C HIS B 121 -15.05 -26.61 34.47
N LEU B 122 -13.89 -26.94 33.91
CA LEU B 122 -13.84 -27.68 32.66
C LEU B 122 -14.24 -29.13 32.89
N ALA B 123 -13.79 -29.68 34.02
CA ALA B 123 -14.11 -31.06 34.37
C ALA B 123 -15.62 -31.27 34.53
N PRO B 124 -16.30 -30.50 35.40
CA PRO B 124 -17.75 -30.63 35.57
C PRO B 124 -18.50 -30.29 34.28
N TYR B 125 -18.01 -29.29 33.55
CA TYR B 125 -18.67 -28.90 32.30
C TYR B 125 -18.53 -29.98 31.23
N SER B 126 -17.35 -30.61 31.16
CA SER B 126 -17.14 -31.66 30.17
C SER B 126 -18.03 -32.84 30.52
N ASP B 127 -18.23 -33.07 31.82
CA ASP B 127 -19.10 -34.14 32.27
C ASP B 127 -20.54 -33.80 31.91
N GLU B 128 -20.87 -32.51 32.01
CA GLU B 128 -22.20 -32.02 31.64
C GLU B 128 -22.38 -32.29 30.15
N LEU B 129 -21.33 -31.96 29.39
CA LEU B 129 -21.33 -32.18 27.96
C LEU B 129 -21.48 -33.65 27.66
N ARG B 130 -20.76 -34.49 28.39
CA ARG B 130 -20.84 -35.94 28.20
C ARG B 130 -22.27 -36.41 28.38
N GLN B 131 -22.93 -35.92 29.44
CA GLN B 131 -24.31 -36.27 29.73
C GLN B 131 -25.24 -35.81 28.59
N ARG B 132 -25.10 -34.56 28.20
CA ARG B 132 -25.93 -33.99 27.14
C ARG B 132 -25.64 -34.64 25.81
N LEU B 133 -24.36 -34.87 25.52
CA LEU B 133 -23.95 -35.50 24.28
C LEU B 133 -24.43 -36.95 24.26
N ALA B 134 -24.46 -37.58 25.42
CA ALA B 134 -24.93 -38.96 25.53
C ALA B 134 -26.41 -39.01 25.16
N ALA B 135 -27.15 -38.02 25.66
CA ALA B 135 -28.58 -37.91 25.37
C ALA B 135 -28.78 -37.57 23.90
N ARG B 136 -27.94 -36.68 23.39
CA ARG B 136 -27.99 -36.29 21.99
C ARG B 136 -27.66 -37.50 21.12
N LEU B 137 -26.66 -38.26 21.53
CA LEU B 137 -26.26 -39.47 20.83
C LEU B 137 -27.39 -40.49 20.90
N GLU B 138 -28.07 -40.53 22.04
CA GLU B 138 -29.20 -41.43 22.21
C GLU B 138 -30.24 -41.13 21.14
N ALA B 139 -30.55 -39.84 21.00
CA ALA B 139 -31.50 -39.39 19.99
C ALA B 139 -30.98 -39.73 18.59
N LEU B 140 -29.67 -39.58 18.41
CA LEU B 140 -29.04 -39.88 17.12
C LEU B 140 -29.09 -41.38 16.84
N LYS B 141 -29.13 -42.18 17.90
CA LYS B 141 -29.20 -43.63 17.76
C LYS B 141 -30.64 -44.05 17.50
N GLU B 142 -31.57 -43.41 18.20
CA GLU B 142 -33.00 -43.69 18.03
C GLU B 142 -33.44 -43.22 16.65
N ASN B 143 -33.18 -41.96 16.36
CA ASN B 143 -33.53 -41.37 15.08
C ASN B 143 -32.71 -42.02 13.98
N GLY B 144 -31.43 -42.24 14.26
CA GLY B 144 -30.54 -42.87 13.30
C GLY B 144 -30.97 -44.27 12.96
N GLY B 145 -31.30 -45.05 13.99
CA GLY B 145 -31.75 -46.41 13.78
C GLY B 145 -33.01 -46.44 12.96
N ALA B 146 -33.91 -45.51 13.24
CA ALA B 146 -35.16 -45.40 12.51
C ALA B 146 -34.86 -45.01 11.06
N ARG B 147 -33.97 -44.03 10.91
CA ARG B 147 -33.57 -43.55 9.59
C ARG B 147 -32.92 -44.67 8.79
N LEU B 148 -32.11 -45.49 9.45
CA LEU B 148 -31.46 -46.61 8.78
C LEU B 148 -32.49 -47.58 8.22
N ALA B 149 -33.53 -47.85 8.99
CA ALA B 149 -34.60 -48.74 8.55
C ALA B 149 -35.41 -48.06 7.46
N GLU B 150 -35.61 -46.77 7.62
CA GLU B 150 -36.34 -45.95 6.66
C GLU B 150 -35.60 -45.94 5.33
N TYR B 151 -34.29 -45.66 5.41
CA TYR B 151 -33.44 -45.63 4.22
C TYR B 151 -33.46 -46.97 3.54
N HIS B 152 -33.40 -48.04 4.34
CA HIS B 152 -33.41 -49.40 3.81
C HIS B 152 -34.71 -49.66 3.05
N ALA B 153 -35.83 -49.33 3.68
CA ALA B 153 -37.14 -49.53 3.07
C ALA B 153 -37.28 -48.71 1.79
N LYS B 154 -36.91 -47.43 1.88
CA LYS B 154 -37.00 -46.54 0.74
C LYS B 154 -36.04 -46.97 -0.36
N ALA B 155 -34.91 -47.55 0.03
CA ALA B 155 -33.92 -48.02 -0.92
C ALA B 155 -34.47 -49.18 -1.73
N THR B 156 -35.04 -50.17 -1.04
CA THR B 156 -35.62 -51.32 -1.72
C THR B 156 -36.74 -50.89 -2.65
N GLU B 157 -37.48 -49.86 -2.23
CA GLU B 157 -38.57 -49.33 -3.04
C GLU B 157 -38.03 -48.63 -4.28
N HIS B 158 -36.84 -48.05 -4.16
CA HIS B 158 -36.22 -47.35 -5.27
C HIS B 158 -35.50 -48.34 -6.18
N LEU B 159 -35.09 -49.47 -5.61
CA LEU B 159 -34.42 -50.51 -6.37
C LEU B 159 -35.37 -51.07 -7.41
N SER B 160 -36.65 -51.15 -7.05
CA SER B 160 -37.67 -51.64 -7.97
C SER B 160 -37.78 -50.67 -9.14
N THR B 161 -37.77 -49.38 -8.82
CA THR B 161 -37.84 -48.34 -9.84
C THR B 161 -36.59 -48.39 -10.72
N LEU B 162 -35.44 -48.65 -10.09
CA LEU B 162 -34.20 -48.75 -10.81
C LEU B 162 -34.24 -49.97 -11.73
N SER B 163 -34.91 -51.01 -11.26
CA SER B 163 -35.06 -52.24 -12.03
C SER B 163 -35.90 -51.99 -13.28
N GLU B 164 -36.84 -51.05 -13.17
CA GLU B 164 -37.71 -50.69 -14.30
C GLU B 164 -36.87 -50.07 -15.41
N LYS B 165 -35.73 -49.50 -15.02
CA LYS B 165 -34.83 -48.89 -15.98
C LYS B 165 -33.69 -49.85 -16.33
N ALA B 166 -33.37 -50.74 -15.40
CA ALA B 166 -32.30 -51.71 -15.60
C ALA B 166 -32.75 -52.90 -16.44
N LYS B 167 -34.04 -53.19 -16.42
CA LYS B 167 -34.57 -54.30 -17.19
C LYS B 167 -35.35 -53.84 -18.42
N PRO B 168 -36.59 -53.30 -18.26
CA PRO B 168 -37.41 -52.84 -19.39
C PRO B 168 -36.73 -51.72 -20.19
N ALA B 169 -36.30 -50.67 -19.50
CA ALA B 169 -35.65 -49.53 -20.16
C ALA B 169 -34.34 -49.93 -20.84
N LEU B 170 -33.49 -50.69 -20.15
CA LEU B 170 -32.22 -51.11 -20.73
C LEU B 170 -32.45 -51.99 -21.95
N GLU B 171 -33.48 -52.82 -21.90
CA GLU B 171 -33.82 -53.68 -23.02
C GLU B 171 -34.30 -52.82 -24.19
N ASP B 172 -35.01 -51.76 -23.85
CA ASP B 172 -35.51 -50.83 -24.86
C ASP B 172 -34.35 -50.09 -25.49
N LEU B 173 -33.43 -49.63 -24.63
CA LEU B 173 -32.25 -48.92 -25.10
C LEU B 173 -31.41 -49.80 -26.01
N ARG B 174 -31.18 -51.05 -25.60
CA ARG B 174 -30.40 -51.98 -26.41
C ARG B 174 -31.19 -52.41 -27.63
N GLN B 175 -32.52 -52.40 -27.50
CA GLN B 175 -33.39 -52.76 -28.60
C GLN B 175 -33.25 -51.72 -29.70
N GLY B 176 -32.96 -50.50 -29.29
CA GLY B 176 -32.76 -49.40 -30.23
C GLY B 176 -31.29 -49.33 -30.63
N LEU B 177 -30.42 -49.80 -29.74
CA LEU B 177 -28.99 -49.80 -29.98
C LEU B 177 -28.64 -50.61 -31.23
N LEU B 178 -29.27 -51.77 -31.38
CA LEU B 178 -29.01 -52.62 -32.54
C LEU B 178 -29.25 -51.88 -33.87
N PRO B 179 -30.48 -51.39 -34.15
CA PRO B 179 -30.77 -50.64 -35.37
C PRO B 179 -29.89 -49.39 -35.49
N VAL B 180 -29.61 -48.75 -34.37
CA VAL B 180 -28.76 -47.56 -34.35
C VAL B 180 -27.34 -47.93 -34.78
N LEU B 181 -26.82 -49.02 -34.22
CA LEU B 181 -25.48 -49.48 -34.57
C LEU B 181 -25.44 -49.87 -36.04
N GLU B 182 -26.50 -50.47 -36.52
CA GLU B 182 -26.60 -50.87 -37.93
C GLU B 182 -26.60 -49.64 -38.83
N SER B 183 -27.46 -48.67 -38.52
CA SER B 183 -27.55 -47.45 -39.30
C SER B 183 -26.22 -46.69 -39.25
N PHE B 184 -25.62 -46.66 -38.08
CA PHE B 184 -24.34 -46.00 -37.89
C PHE B 184 -23.27 -46.73 -38.69
N LYS B 185 -23.32 -48.05 -38.68
CA LYS B 185 -22.37 -48.87 -39.41
C LYS B 185 -22.49 -48.58 -40.90
N VAL B 186 -23.71 -48.56 -41.40
CA VAL B 186 -23.96 -48.28 -42.82
C VAL B 186 -23.42 -46.89 -43.16
N SER B 187 -23.67 -45.93 -42.27
CA SER B 187 -23.20 -44.56 -42.48
C SER B 187 -21.67 -44.52 -42.48
N PHE B 188 -21.06 -45.23 -41.52
CA PHE B 188 -19.61 -45.28 -41.41
C PHE B 188 -19.00 -46.00 -42.61
N LEU B 189 -19.58 -47.15 -42.98
CA LEU B 189 -19.10 -47.93 -44.11
C LEU B 189 -19.07 -47.08 -45.38
N SER B 190 -20.17 -46.39 -45.64
CA SER B 190 -20.25 -45.54 -46.82
C SER B 190 -19.28 -44.37 -46.69
N ALA B 191 -19.21 -43.78 -45.49
CA ALA B 191 -18.33 -42.66 -45.23
C ALA B 191 -16.87 -43.05 -45.43
N LEU B 192 -16.51 -44.23 -44.96
CA LEU B 192 -15.14 -44.73 -45.09
C LEU B 192 -14.72 -44.82 -46.54
N GLU B 193 -15.64 -45.28 -47.39
CA GLU B 193 -15.37 -45.41 -48.81
C GLU B 193 -15.17 -44.04 -49.47
N GLU B 194 -15.96 -43.07 -49.03
CA GLU B 194 -15.85 -41.72 -49.56
C GLU B 194 -14.58 -41.03 -49.07
N TYR B 195 -14.27 -41.23 -47.79
CA TYR B 195 -13.09 -40.63 -47.19
C TYR B 195 -11.80 -41.17 -47.78
N THR B 196 -11.72 -42.49 -47.95
CA THR B 196 -10.52 -43.12 -48.50
C THR B 196 -10.19 -42.59 -49.90
N LYS B 197 -11.24 -42.27 -50.66
CA LYS B 197 -11.07 -41.75 -52.01
C LYS B 197 -10.47 -40.36 -52.01
N LYS B 198 -10.57 -39.67 -50.87
CA LYS B 198 -10.04 -38.33 -50.74
C LYS B 198 -8.64 -38.37 -50.16
N LEU B 199 -8.17 -39.55 -49.82
CA LEU B 199 -6.84 -39.74 -49.26
C LEU B 199 -6.00 -40.64 -50.15
N ASN B 200 -6.46 -40.81 -51.39
CA ASN B 200 -5.76 -41.64 -52.35
C ASN B 200 -5.65 -40.89 -53.67
N MET C 3 -20.36 1.20 5.92
CA MET C 3 -19.09 0.66 6.39
C MET C 3 -17.96 1.06 5.44
N THR C 4 -18.34 1.34 4.19
CA THR C 4 -17.38 1.73 3.17
C THR C 4 -16.80 3.12 3.44
N GLU C 5 -15.48 3.23 3.34
CA GLU C 5 -14.79 4.49 3.55
C GLU C 5 -14.55 5.17 2.21
N TYR C 6 -15.03 6.41 2.08
CA TYR C 6 -14.87 7.16 0.85
C TYR C 6 -14.00 8.38 1.08
N LYS C 7 -12.89 8.45 0.36
CA LYS C 7 -11.95 9.55 0.50
C LYS C 7 -12.29 10.68 -0.48
N LEU C 8 -12.73 11.80 0.08
CA LEU C 8 -13.11 12.95 -0.73
C LEU C 8 -12.08 14.07 -0.58
N VAL C 9 -11.46 14.45 -1.69
CA VAL C 9 -10.46 15.50 -1.67
C VAL C 9 -11.04 16.81 -2.21
N VAL C 10 -10.95 17.87 -1.41
CA VAL C 10 -11.46 19.17 -1.82
C VAL C 10 -10.34 20.05 -2.33
N VAL C 11 -10.37 20.35 -3.62
CA VAL C 11 -9.34 21.18 -4.23
C VAL C 11 -9.90 22.55 -4.61
N GLY C 12 -9.00 23.50 -4.81
CA GLY C 12 -9.42 24.84 -5.18
C GLY C 12 -8.37 25.86 -4.82
N ALA C 13 -8.64 27.12 -5.10
CA ALA C 13 -7.71 28.20 -4.81
C ALA C 13 -7.82 28.66 -3.36
N GLY C 14 -6.92 29.55 -2.94
CA GLY C 14 -6.95 30.04 -1.59
C GLY C 14 -7.92 31.20 -1.42
N GLY C 15 -8.93 31.01 -0.59
CA GLY C 15 -9.90 32.07 -0.36
C GLY C 15 -11.26 31.75 -0.93
N VAL C 16 -11.38 30.60 -1.58
CA VAL C 16 -12.65 30.19 -2.16
C VAL C 16 -13.66 29.76 -1.10
N GLY C 17 -13.18 29.06 -0.06
CA GLY C 17 -14.08 28.62 1.00
C GLY C 17 -14.22 27.11 1.07
N LYS C 18 -13.15 26.40 0.75
CA LYS C 18 -13.16 24.93 0.78
C LYS C 18 -13.42 24.41 2.19
N SER C 19 -12.55 24.80 3.11
CA SER C 19 -12.65 24.38 4.50
C SER C 19 -13.99 24.80 5.11
N ALA C 20 -14.52 25.93 4.67
CA ALA C 20 -15.79 26.42 5.16
C ALA C 20 -16.91 25.41 4.87
N LEU C 21 -16.85 24.84 3.67
CA LEU C 21 -17.84 23.86 3.25
C LEU C 21 -17.68 22.59 4.07
N THR C 22 -16.42 22.22 4.34
CA THR C 22 -16.12 21.03 5.11
C THR C 22 -16.62 21.16 6.54
N ILE C 23 -16.31 22.29 7.18
CA ILE C 23 -16.74 22.54 8.54
C ILE C 23 -18.26 22.63 8.64
N GLN C 24 -18.90 23.10 7.58
CA GLN C 24 -20.35 23.22 7.56
C GLN C 24 -21.01 21.84 7.53
N LEU C 25 -20.34 20.87 6.94
CA LEU C 25 -20.88 19.52 6.86
C LEU C 25 -20.49 18.70 8.10
N ILE C 26 -19.30 18.94 8.61
CA ILE C 26 -18.80 18.23 9.77
C ILE C 26 -19.34 18.78 11.09
N GLN C 27 -19.14 20.07 11.31
CA GLN C 27 -19.57 20.73 12.53
C GLN C 27 -20.91 21.44 12.38
N ASN C 28 -21.34 21.63 11.15
CA ASN C 28 -22.59 22.33 10.86
C ASN C 28 -22.48 23.78 11.32
N HIS C 29 -21.25 24.29 11.27
CA HIS C 29 -20.95 25.64 11.68
C HIS C 29 -20.16 26.35 10.58
N PHE C 30 -20.50 27.60 10.32
CA PHE C 30 -19.81 28.36 9.29
C PHE C 30 -18.69 29.19 9.90
N VAL C 31 -17.57 29.24 9.21
CA VAL C 31 -16.42 30.00 9.69
C VAL C 31 -16.29 31.32 8.92
N ASP C 32 -16.47 32.41 9.63
CA ASP C 32 -16.36 33.74 9.01
C ASP C 32 -14.94 34.25 9.13
N GLU C 33 -14.06 33.39 9.62
CA GLU C 33 -12.66 33.72 9.81
C GLU C 33 -11.85 33.27 8.60
N TYR C 34 -10.68 33.86 8.42
CA TYR C 34 -9.82 33.51 7.30
C TYR C 34 -8.64 32.69 7.80
N ASP C 35 -8.88 31.40 8.01
CA ASP C 35 -7.84 30.49 8.48
C ASP C 35 -7.25 29.71 7.31
N PRO C 36 -5.91 29.68 7.22
CA PRO C 36 -5.20 28.95 6.16
C PRO C 36 -5.34 27.43 6.30
N THR C 37 -4.61 26.69 5.47
CA THR C 37 -4.67 25.25 5.50
C THR C 37 -3.56 24.63 4.63
N ILE C 38 -3.01 23.52 5.09
CA ILE C 38 -1.97 22.79 4.37
C ILE C 38 -2.52 21.42 3.99
N GLU C 39 -2.84 20.63 5.00
CA GLU C 39 -3.38 19.30 4.80
C GLU C 39 -4.21 18.88 6.01
N ASP C 40 -5.51 19.15 5.94
CA ASP C 40 -6.41 18.78 7.02
C ASP C 40 -7.31 17.64 6.60
N SER C 41 -7.88 16.94 7.56
CA SER C 41 -8.74 15.82 7.24
C SER C 41 -9.86 15.64 8.28
N TYR C 42 -11.06 15.34 7.78
CA TYR C 42 -12.26 15.14 8.62
C TYR C 42 -12.93 13.81 8.26
N ARG C 43 -13.61 13.18 9.23
CA ARG C 43 -14.27 11.90 8.99
C ARG C 43 -15.65 11.88 9.63
N LYS C 44 -16.67 11.55 8.84
CA LYS C 44 -18.04 11.50 9.33
C LYS C 44 -18.84 10.48 8.54
N GLN C 45 -19.70 9.75 9.22
CA GLN C 45 -20.54 8.75 8.58
C GLN C 45 -21.85 9.38 8.11
N VAL C 46 -22.26 9.07 6.88
CA VAL C 46 -23.48 9.61 6.31
C VAL C 46 -24.28 8.54 5.56
N VAL C 47 -25.52 8.86 5.24
CA VAL C 47 -26.40 7.95 4.52
C VAL C 47 -26.74 8.53 3.16
N ILE C 48 -26.28 7.87 2.10
CA ILE C 48 -26.53 8.33 0.73
C ILE C 48 -27.14 7.21 -0.09
N ASP C 49 -28.33 7.46 -0.62
CA ASP C 49 -29.06 6.50 -1.45
C ASP C 49 -29.48 5.27 -0.65
N GLY C 50 -29.56 5.44 0.66
CA GLY C 50 -29.95 4.33 1.53
C GLY C 50 -28.76 3.63 2.14
N GLU C 51 -27.61 3.79 1.53
CA GLU C 51 -26.39 3.16 2.00
C GLU C 51 -25.68 4.04 3.02
N THR C 52 -24.97 3.41 3.95
CA THR C 52 -24.22 4.14 4.95
C THR C 52 -22.74 4.10 4.57
N CYS C 53 -22.07 5.23 4.71
CA CYS C 53 -20.66 5.29 4.34
C CYS C 53 -19.91 6.26 5.22
N LEU C 54 -18.61 6.02 5.37
CA LEU C 54 -17.75 6.87 6.17
C LEU C 54 -16.97 7.79 5.24
N LEU C 55 -17.19 9.08 5.35
CA LEU C 55 -16.52 10.05 4.50
C LEU C 55 -15.23 10.58 5.11
N ASP C 56 -14.14 10.35 4.40
CA ASP C 56 -12.82 10.83 4.82
C ASP C 56 -12.48 12.03 3.94
N ILE C 57 -12.86 13.21 4.41
CA ILE C 57 -12.65 14.44 3.66
C ILE C 57 -11.26 15.02 3.89
N LEU C 58 -10.62 15.42 2.79
CA LEU C 58 -9.29 15.99 2.84
C LEU C 58 -9.31 17.48 2.46
N ASP C 59 -9.04 18.33 3.44
CA ASP C 59 -9.00 19.77 3.24
C ASP C 59 -7.56 20.16 2.87
N THR C 60 -7.30 20.17 1.58
CA THR C 60 -5.97 20.48 1.05
C THR C 60 -5.69 21.98 1.07
N ALA C 61 -4.45 22.35 0.77
CA ALA C 61 -4.04 23.75 0.74
C ALA C 61 -4.74 24.52 -0.38
N GLY C 62 -4.79 25.83 -0.25
CA GLY C 62 -5.41 26.67 -1.26
C GLY C 62 -4.44 26.95 -2.38
N GLN C 63 -3.23 27.35 -2.01
CA GLN C 63 -2.18 27.63 -2.97
C GLN C 63 -0.94 26.84 -2.60
N GLU C 64 -0.51 25.96 -3.49
CA GLU C 64 0.66 25.13 -3.25
C GLU C 64 1.53 25.05 -4.50
N GLU C 65 2.74 24.56 -4.33
CA GLU C 65 3.68 24.42 -5.44
C GLU C 65 3.98 22.95 -5.69
N TYR C 66 5.09 22.69 -6.37
CA TYR C 66 5.50 21.33 -6.65
C TYR C 66 5.98 20.66 -5.38
N SER C 67 5.15 19.78 -4.84
CA SER C 67 5.48 19.07 -3.62
C SER C 67 5.09 17.59 -3.73
N ALA C 68 5.99 16.72 -3.29
CA ALA C 68 5.76 15.29 -3.33
C ALA C 68 4.62 14.91 -2.39
N MET C 69 4.51 15.63 -1.29
CA MET C 69 3.45 15.38 -0.31
C MET C 69 2.09 15.59 -0.96
N ARG C 70 1.99 16.65 -1.76
CA ARG C 70 0.75 16.97 -2.46
C ARG C 70 0.39 15.88 -3.45
N ASP C 71 1.38 15.44 -4.23
CA ASP C 71 1.18 14.40 -5.22
C ASP C 71 0.73 13.11 -4.55
N GLN C 72 1.32 12.84 -3.39
CA GLN C 72 1.00 11.64 -2.62
C GLN C 72 -0.41 11.69 -2.04
N TYR C 73 -0.79 12.81 -1.42
CA TYR C 73 -2.11 12.92 -0.81
C TYR C 73 -3.26 12.97 -1.82
N MET C 74 -2.96 13.38 -3.05
CA MET C 74 -3.98 13.44 -4.09
C MET C 74 -4.09 12.09 -4.80
N ARG C 75 -3.00 11.34 -4.78
CA ARG C 75 -2.96 10.03 -5.42
C ARG C 75 -3.87 9.03 -4.71
N THR C 76 -4.07 9.23 -3.42
CA THR C 76 -4.91 8.34 -2.62
C THR C 76 -6.38 8.77 -2.62
N GLY C 77 -6.68 9.88 -3.29
CA GLY C 77 -8.04 10.38 -3.32
C GLY C 77 -8.93 9.62 -4.31
N GLU C 78 -10.21 9.55 -4.00
CA GLU C 78 -11.18 8.87 -4.86
C GLU C 78 -11.99 9.88 -5.64
N GLY C 79 -12.62 10.80 -4.91
CA GLY C 79 -13.41 11.84 -5.53
C GLY C 79 -12.81 13.20 -5.28
N PHE C 80 -12.88 14.08 -6.27
CA PHE C 80 -12.32 15.41 -6.14
C PHE C 80 -13.35 16.50 -6.35
N LEU C 81 -13.45 17.40 -5.39
CA LEU C 81 -14.39 18.52 -5.46
C LEU C 81 -13.66 19.77 -5.92
N CYS C 82 -14.07 20.30 -7.06
CA CYS C 82 -13.44 21.50 -7.60
C CYS C 82 -14.20 22.73 -7.12
N VAL C 83 -13.75 23.29 -6.00
CA VAL C 83 -14.40 24.45 -5.41
C VAL C 83 -13.83 25.76 -5.94
N PHE C 84 -14.67 26.55 -6.56
CA PHE C 84 -14.26 27.84 -7.09
C PHE C 84 -15.26 28.91 -6.67
N ALA C 85 -14.75 30.09 -6.32
CA ALA C 85 -15.62 31.19 -5.91
C ALA C 85 -16.14 31.91 -7.14
N ILE C 86 -17.46 32.09 -7.21
CA ILE C 86 -18.07 32.76 -8.35
C ILE C 86 -17.79 34.26 -8.36
N ASN C 87 -17.16 34.74 -7.30
CA ASN C 87 -16.82 36.15 -7.18
C ASN C 87 -15.36 36.37 -7.57
N ASN C 88 -14.70 35.28 -7.96
CA ASN C 88 -13.31 35.32 -8.35
C ASN C 88 -13.12 34.64 -9.70
N THR C 89 -12.63 35.40 -10.68
CA THR C 89 -12.43 34.88 -12.02
C THR C 89 -11.28 33.87 -12.10
N LYS C 90 -10.21 34.12 -11.35
CA LYS C 90 -9.06 33.22 -11.36
C LYS C 90 -9.45 31.83 -10.90
N SER C 91 -10.33 31.75 -9.92
CA SER C 91 -10.79 30.48 -9.38
C SER C 91 -11.47 29.64 -10.46
N PHE C 92 -12.23 30.29 -11.34
CA PHE C 92 -12.92 29.59 -12.41
C PHE C 92 -11.93 29.03 -13.43
N GLU C 93 -10.88 29.77 -13.69
CA GLU C 93 -9.87 29.37 -14.66
C GLU C 93 -8.90 28.35 -14.06
N ASP C 94 -8.68 28.44 -12.75
CA ASP C 94 -7.77 27.53 -12.05
C ASP C 94 -8.33 26.11 -12.04
N ILE C 95 -9.61 25.99 -12.34
CA ILE C 95 -10.26 24.68 -12.38
C ILE C 95 -9.55 23.75 -13.37
N HIS C 96 -9.17 24.29 -14.53
CA HIS C 96 -8.47 23.50 -15.54
C HIS C 96 -7.09 23.09 -15.03
N HIS C 97 -6.46 24.01 -14.30
CA HIS C 97 -5.14 23.78 -13.73
C HIS C 97 -5.19 22.62 -12.73
N TYR C 98 -6.27 22.56 -11.96
CA TYR C 98 -6.44 21.49 -10.98
C TYR C 98 -6.93 20.21 -11.65
N ARG C 99 -7.74 20.35 -12.70
CA ARG C 99 -8.26 19.21 -13.44
C ARG C 99 -7.12 18.38 -14.00
N GLU C 100 -6.17 19.04 -14.65
CA GLU C 100 -5.02 18.37 -15.24
C GLU C 100 -4.10 17.81 -14.15
N GLN C 101 -4.04 18.51 -13.02
CA GLN C 101 -3.21 18.08 -11.91
C GLN C 101 -3.71 16.74 -11.38
N ILE C 102 -5.02 16.64 -11.18
CA ILE C 102 -5.64 15.41 -10.69
C ILE C 102 -5.44 14.28 -11.70
N LYS C 103 -5.48 14.63 -12.98
CA LYS C 103 -5.28 13.65 -14.04
C LYS C 103 -3.89 13.05 -13.96
N ARG C 104 -2.94 13.84 -13.48
CA ARG C 104 -1.56 13.40 -13.36
C ARG C 104 -1.32 12.63 -12.07
N VAL C 105 -2.19 12.81 -11.08
CA VAL C 105 -2.04 12.10 -9.81
C VAL C 105 -2.71 10.74 -9.84
N LYS C 106 -3.82 10.64 -10.55
CA LYS C 106 -4.54 9.38 -10.68
C LYS C 106 -4.13 8.65 -11.94
N ASP C 107 -3.48 9.39 -12.85
CA ASP C 107 -3.02 8.84 -14.12
C ASP C 107 -4.16 8.36 -15.00
N SER C 108 -5.19 9.20 -15.14
CA SER C 108 -6.35 8.86 -15.95
C SER C 108 -7.20 10.11 -16.20
N GLU C 109 -8.10 10.00 -17.17
CA GLU C 109 -9.00 11.10 -17.53
C GLU C 109 -10.38 10.83 -16.92
N ASP C 110 -10.62 9.56 -16.59
CA ASP C 110 -11.89 9.16 -16.02
C ASP C 110 -11.84 9.20 -14.49
N VAL C 111 -11.93 10.41 -13.94
CA VAL C 111 -11.88 10.62 -12.50
C VAL C 111 -13.14 11.35 -12.03
N PRO C 112 -13.78 10.87 -10.95
CA PRO C 112 -14.99 11.48 -10.40
C PRO C 112 -14.72 12.87 -9.83
N MET C 113 -15.17 13.89 -10.55
CA MET C 113 -14.99 15.28 -10.13
C MET C 113 -16.33 15.99 -10.13
N VAL C 114 -16.45 17.00 -9.28
CA VAL C 114 -17.68 17.78 -9.19
C VAL C 114 -17.33 19.27 -9.13
N LEU C 115 -17.95 20.05 -10.00
CA LEU C 115 -17.71 21.49 -10.03
C LEU C 115 -18.54 22.15 -8.93
N VAL C 116 -17.87 22.72 -7.96
CA VAL C 116 -18.54 23.35 -6.84
C VAL C 116 -18.36 24.86 -6.86
N GLY C 117 -19.44 25.57 -7.14
CA GLY C 117 -19.40 27.02 -7.15
C GLY C 117 -19.64 27.53 -5.75
N ASN C 118 -18.78 28.40 -5.27
CA ASN C 118 -18.91 28.93 -3.92
C ASN C 118 -19.20 30.42 -3.91
N LYS C 119 -19.83 30.88 -2.82
CA LYS C 119 -20.17 32.27 -2.60
C LYS C 119 -21.32 32.74 -3.49
N CYS C 120 -22.37 31.94 -3.57
CA CYS C 120 -23.53 32.28 -4.38
C CYS C 120 -24.41 33.30 -3.65
N ASP C 121 -24.18 33.44 -2.36
CA ASP C 121 -24.94 34.38 -1.54
C ASP C 121 -24.33 35.79 -1.59
N LEU C 122 -23.26 35.92 -2.36
CA LEU C 122 -22.58 37.20 -2.51
C LEU C 122 -23.00 37.87 -3.82
N PRO C 123 -23.25 39.19 -3.78
CA PRO C 123 -23.67 39.96 -4.96
C PRO C 123 -22.51 40.22 -5.92
N SER C 124 -21.32 39.80 -5.51
CA SER C 124 -20.12 39.98 -6.32
C SER C 124 -19.96 38.84 -7.34
N ARG C 125 -21.09 38.25 -7.73
CA ARG C 125 -21.09 37.16 -8.68
C ARG C 125 -20.59 37.60 -10.05
N THR C 126 -19.37 37.18 -10.39
CA THR C 126 -18.79 37.50 -11.67
C THR C 126 -18.99 36.35 -12.65
N VAL C 127 -18.96 35.13 -12.12
CA VAL C 127 -19.15 33.94 -12.94
C VAL C 127 -20.63 33.60 -13.08
N ASP C 128 -21.12 33.60 -14.31
CA ASP C 128 -22.51 33.29 -14.58
C ASP C 128 -22.79 31.80 -14.41
N THR C 129 -24.05 31.48 -14.10
CA THR C 129 -24.48 30.11 -13.89
C THR C 129 -24.23 29.23 -15.12
N LYS C 130 -24.51 29.77 -16.30
CA LYS C 130 -24.34 29.03 -17.54
C LYS C 130 -22.87 28.80 -17.84
N GLN C 131 -22.03 29.80 -17.55
CA GLN C 131 -20.59 29.69 -17.78
C GLN C 131 -20.02 28.46 -17.08
N ALA C 132 -20.43 28.29 -15.83
CA ALA C 132 -19.97 27.17 -15.02
C ALA C 132 -20.54 25.85 -15.55
N GLN C 133 -21.82 25.87 -15.91
CA GLN C 133 -22.48 24.69 -16.45
C GLN C 133 -21.79 24.20 -17.72
N ASP C 134 -21.41 25.15 -18.56
CA ASP C 134 -20.74 24.82 -19.83
C ASP C 134 -19.40 24.12 -19.56
N LEU C 135 -18.63 24.67 -18.63
CA LEU C 135 -17.34 24.11 -18.28
C LEU C 135 -17.50 22.69 -17.72
N ALA C 136 -18.45 22.52 -16.81
CA ALA C 136 -18.71 21.24 -16.18
C ALA C 136 -19.15 20.21 -17.23
N ARG C 137 -20.07 20.61 -18.09
CA ARG C 137 -20.59 19.74 -19.14
C ARG C 137 -19.49 19.29 -20.09
N SER C 138 -18.50 20.15 -20.29
CA SER C 138 -17.39 19.83 -21.18
C SER C 138 -16.48 18.77 -20.59
N TYR C 139 -16.40 18.72 -19.26
CA TYR C 139 -15.57 17.74 -18.58
C TYR C 139 -16.37 16.49 -18.23
N GLY C 140 -17.68 16.56 -18.45
CA GLY C 140 -18.55 15.44 -18.14
C GLY C 140 -18.79 15.31 -16.65
N ILE C 141 -18.76 16.44 -15.95
CA ILE C 141 -18.96 16.46 -14.51
C ILE C 141 -20.14 17.36 -14.15
N PRO C 142 -20.79 17.11 -13.00
CA PRO C 142 -21.93 17.91 -12.54
C PRO C 142 -21.50 19.22 -11.88
N PHE C 143 -22.35 20.23 -11.97
CA PHE C 143 -22.08 21.53 -11.38
C PHE C 143 -23.05 21.80 -10.23
N ILE C 144 -22.50 22.03 -9.05
CA ILE C 144 -23.31 22.31 -7.88
C ILE C 144 -22.99 23.70 -7.33
N GLU C 145 -23.99 24.57 -7.33
CA GLU C 145 -23.83 25.92 -6.79
C GLU C 145 -24.01 25.85 -5.29
N THR C 146 -23.02 26.31 -4.53
CA THR C 146 -23.08 26.23 -3.09
C THR C 146 -22.63 27.52 -2.39
N SER C 147 -22.83 27.52 -1.08
CA SER C 147 -22.45 28.61 -0.20
C SER C 147 -22.46 28.08 1.22
N ALA C 148 -21.33 28.16 1.89
CA ALA C 148 -21.20 27.65 3.26
C ALA C 148 -21.92 28.53 4.27
N LYS C 149 -22.10 29.80 3.95
CA LYS C 149 -22.75 30.72 4.85
C LYS C 149 -24.23 30.38 5.04
N THR C 150 -24.91 30.14 3.93
CA THR C 150 -26.34 29.81 3.96
C THR C 150 -26.56 28.30 3.81
N ARG C 151 -25.46 27.56 3.70
CA ARG C 151 -25.51 26.10 3.53
C ARG C 151 -26.38 25.72 2.33
N GLN C 152 -26.16 26.38 1.21
CA GLN C 152 -26.93 26.11 0.01
C GLN C 152 -26.26 25.02 -0.82
N GLY C 153 -26.90 23.87 -0.90
CA GLY C 153 -26.39 22.76 -1.69
C GLY C 153 -25.10 22.16 -1.16
N VAL C 154 -24.69 22.54 0.05
CA VAL C 154 -23.46 22.04 0.64
C VAL C 154 -23.51 20.51 0.79
N ASP C 155 -24.60 20.03 1.36
CA ASP C 155 -24.78 18.60 1.56
C ASP C 155 -24.83 17.88 0.22
N ASP C 156 -25.60 18.45 -0.71
CA ASP C 156 -25.75 17.85 -2.03
C ASP C 156 -24.43 17.76 -2.79
N ALA C 157 -23.59 18.78 -2.63
CA ALA C 157 -22.30 18.80 -3.31
C ALA C 157 -21.46 17.59 -2.91
N PHE C 158 -21.34 17.36 -1.61
CA PHE C 158 -20.58 16.23 -1.10
C PHE C 158 -21.23 14.91 -1.49
N TYR C 159 -22.56 14.86 -1.40
CA TYR C 159 -23.31 13.66 -1.76
C TYR C 159 -23.12 13.33 -3.23
N THR C 160 -23.15 14.35 -4.08
CA THR C 160 -22.99 14.18 -5.51
C THR C 160 -21.65 13.51 -5.82
N LEU C 161 -20.61 13.92 -5.12
CA LEU C 161 -19.28 13.35 -5.31
C LEU C 161 -19.31 11.84 -5.07
N VAL C 162 -19.87 11.45 -3.94
CA VAL C 162 -19.99 10.03 -3.59
C VAL C 162 -20.86 9.29 -4.61
N ARG C 163 -21.93 9.96 -5.05
CA ARG C 163 -22.84 9.39 -6.03
C ARG C 163 -22.11 9.13 -7.35
N GLU C 164 -21.16 9.97 -7.67
CA GLU C 164 -20.37 9.80 -8.89
C GLU C 164 -19.34 8.70 -8.70
N ILE C 165 -18.78 8.63 -7.51
CA ILE C 165 -17.78 7.61 -7.18
C ILE C 165 -18.39 6.20 -7.27
N ARG C 166 -19.58 6.05 -6.70
CA ARG C 166 -20.27 4.75 -6.71
C ARG C 166 -20.51 4.29 -8.14
N LYS C 167 -21.12 5.17 -8.94
CA LYS C 167 -21.40 4.85 -10.34
C LYS C 167 -20.09 4.60 -11.09
N HIS C 168 -19.05 5.31 -10.69
CA HIS C 168 -17.74 5.16 -11.30
C HIS C 168 -17.16 3.77 -11.06
N LYS C 169 -17.37 3.24 -9.85
CA LYS C 169 -16.87 1.92 -9.51
C LYS C 169 -17.66 0.84 -10.26
N GLU C 170 -18.98 1.01 -10.32
CA GLU C 170 -19.84 0.07 -11.02
C GLU C 170 -19.64 0.20 -12.54
N LYS C 171 -19.01 1.30 -12.95
CA LYS C 171 -18.73 1.56 -14.34
C LYS C 171 -17.48 0.79 -14.75
N MET C 172 -16.51 0.75 -13.84
CA MET C 172 -15.26 0.06 -14.07
C MET C 172 -15.45 -1.46 -14.16
N SER C 173 -16.45 -1.97 -13.44
CA SER C 173 -16.73 -3.40 -13.44
C SER C 173 -17.33 -3.84 -14.78
N LYS C 174 -17.75 -2.87 -15.59
CA LYS C 174 -18.35 -3.17 -16.89
C LYS C 174 -17.32 -3.01 -18.00
N ASP C 175 -16.12 -2.60 -17.63
CA ASP C 175 -15.04 -2.39 -18.59
C ASP C 175 -14.25 -3.67 -18.83
N GLY C 176 -13.69 -3.79 -20.02
CA GLY C 176 -12.91 -4.97 -20.35
C GLY C 176 -12.33 -4.90 -21.75
N LYS C 177 -12.36 -6.01 -22.45
CA LYS C 177 -11.84 -6.08 -23.81
C LYS C 177 -12.83 -5.48 -24.81
N LYS C 178 -12.85 -4.17 -24.91
CA LYS C 178 -13.74 -3.48 -25.82
C LYS C 178 -13.07 -2.22 -26.35
N LYS C 179 -12.77 -2.21 -27.63
CA LYS C 179 -12.13 -1.06 -28.26
C LYS C 179 -13.00 -0.51 -29.38
N LYS C 180 -13.28 0.78 -29.32
CA LYS C 180 -14.11 1.43 -30.32
C LYS C 180 -13.28 1.90 -31.50
N LYS C 181 -11.97 2.01 -31.29
CA LYS C 181 -11.08 2.47 -32.34
C LYS C 181 -9.97 1.45 -32.62
N LYS C 182 -10.09 0.74 -33.73
CA LYS C 182 -9.10 -0.26 -34.10
C LYS C 182 -8.12 0.36 -35.09
N SER C 183 -7.01 0.86 -34.56
CA SER C 183 -6.01 1.49 -35.39
C SER C 183 -4.61 0.98 -35.08
N LYS C 184 -4.10 0.10 -35.93
CA LYS C 184 -2.77 -0.46 -35.75
C LYS C 184 -1.72 0.44 -36.42
N THR C 185 -1.93 1.74 -36.30
CA THR C 185 -1.03 2.72 -36.88
C THR C 185 -1.22 4.06 -36.19
N LYS C 186 -0.14 4.82 -36.09
CA LYS C 186 -0.17 6.14 -35.46
C LYS C 186 0.18 7.23 -36.48
N CYS C 187 -0.29 7.04 -37.69
CA CYS C 187 -0.03 7.99 -38.77
C CYS C 187 -1.32 8.62 -39.28
N GLY D 1 7.24 26.33 9.75
CA GLY D 1 6.66 26.37 11.08
C GLY D 1 5.28 25.74 11.11
N THR D 2 5.17 24.56 10.53
CA THR D 2 3.90 23.85 10.45
C THR D 2 4.03 22.49 11.12
N VAL D 3 3.26 22.28 12.17
CA VAL D 3 3.29 21.02 12.90
C VAL D 3 2.09 20.14 12.53
N LYS D 4 2.37 18.86 12.27
CA LYS D 4 1.34 17.91 11.92
C LYS D 4 0.67 17.36 13.17
N VAL D 5 -0.62 17.67 13.32
CA VAL D 5 -1.39 17.21 14.46
C VAL D 5 -2.24 16.01 14.06
N TYR D 6 -2.05 14.90 14.73
CA TYR D 6 -2.80 13.69 14.45
C TYR D 6 -4.07 13.65 15.27
N LEU D 7 -5.15 13.22 14.64
CA LEU D 7 -6.45 13.15 15.29
C LEU D 7 -6.86 11.71 15.52
N PRO D 8 -7.62 11.44 16.60
CA PRO D 8 -8.09 10.09 16.95
C PRO D 8 -9.23 9.64 16.03
N ASN D 9 -8.94 9.64 14.75
CA ASN D 9 -9.90 9.25 13.73
C ASN D 9 -9.14 8.98 12.44
N LYS D 10 -7.91 8.47 12.62
CA LYS D 10 -7.01 8.15 11.53
C LYS D 10 -6.83 9.33 10.58
N GLN D 11 -6.73 10.53 11.17
CA GLN D 11 -6.58 11.74 10.37
C GLN D 11 -5.59 12.73 10.96
N ARG D 12 -5.52 13.90 10.34
CA ARG D 12 -4.58 14.92 10.77
C ARG D 12 -5.07 16.33 10.41
N THR D 13 -4.34 17.31 10.91
CA THR D 13 -4.60 18.72 10.66
C THR D 13 -3.26 19.45 10.75
N VAL D 14 -3.02 20.41 9.86
CA VAL D 14 -1.76 21.13 9.90
C VAL D 14 -1.97 22.58 10.34
N VAL D 15 -1.54 22.87 11.56
CA VAL D 15 -1.68 24.20 12.12
C VAL D 15 -0.30 24.87 12.22
N THR D 16 -0.26 26.16 11.98
CA THR D 16 0.98 26.92 12.05
C THR D 16 1.38 27.18 13.51
N VAL D 17 2.65 26.99 13.82
CA VAL D 17 3.15 27.20 15.17
C VAL D 17 3.57 28.65 15.36
N ARG D 18 3.06 29.29 16.40
CA ARG D 18 3.39 30.67 16.70
C ARG D 18 3.77 30.80 18.16
N ASP D 19 4.56 31.80 18.48
CA ASP D 19 4.99 32.04 19.84
C ASP D 19 3.86 32.64 20.68
N GLY D 20 3.92 32.42 21.99
CA GLY D 20 2.92 32.94 22.88
C GLY D 20 1.81 31.97 23.18
N MET D 21 1.17 31.47 22.13
CA MET D 21 0.07 30.51 22.29
C MET D 21 0.51 29.20 22.90
N SER D 22 -0.39 28.59 23.67
CA SER D 22 -0.11 27.33 24.34
C SER D 22 -0.72 26.17 23.55
N VAL D 23 -0.49 24.95 24.05
CA VAL D 23 -1.01 23.74 23.43
C VAL D 23 -2.54 23.82 23.37
N TYR D 24 -3.13 24.25 24.48
CA TYR D 24 -4.59 24.40 24.57
C TYR D 24 -5.12 25.31 23.46
N ASP D 25 -4.34 26.32 23.11
CA ASP D 25 -4.73 27.27 22.09
C ASP D 25 -4.79 26.64 20.71
N SER D 26 -3.64 26.20 20.22
CA SER D 26 -3.55 25.59 18.90
C SER D 26 -4.39 24.32 18.79
N LEU D 27 -4.40 23.53 19.86
CA LEU D 27 -5.14 22.27 19.86
C LEU D 27 -6.65 22.48 20.00
N ASP D 28 -7.07 23.64 20.45
CA ASP D 28 -8.49 23.94 20.60
C ASP D 28 -9.18 23.87 19.24
N LYS D 29 -8.59 24.54 18.26
CA LYS D 29 -9.14 24.54 16.91
C LYS D 29 -9.04 23.16 16.28
N ALA D 30 -8.06 22.39 16.74
CA ALA D 30 -7.84 21.03 16.24
C ALA D 30 -8.79 20.03 16.88
N LEU D 31 -9.36 20.40 18.01
CA LEU D 31 -10.30 19.52 18.70
C LEU D 31 -11.74 19.90 18.40
N LYS D 32 -12.02 21.20 18.49
CA LYS D 32 -13.36 21.70 18.24
C LYS D 32 -13.79 21.42 16.80
N VAL D 33 -12.80 21.33 15.90
CA VAL D 33 -13.04 21.06 14.48
C VAL D 33 -13.80 19.75 14.29
N ARG D 34 -13.70 18.87 15.28
CA ARG D 34 -14.38 17.58 15.22
C ARG D 34 -15.35 17.41 16.37
N GLY D 35 -15.59 18.49 17.10
CA GLY D 35 -16.50 18.45 18.23
C GLY D 35 -15.91 17.73 19.42
N LEU D 36 -14.61 17.86 19.61
CA LEU D 36 -13.93 17.21 20.73
C LEU D 36 -13.57 18.26 21.78
N ASN D 37 -13.67 17.89 23.04
CA ASN D 37 -13.37 18.81 24.13
C ASN D 37 -12.07 18.42 24.82
N GLN D 38 -11.40 19.40 25.43
CA GLN D 38 -10.15 19.18 26.13
C GLN D 38 -10.37 18.53 27.50
N ASP D 39 -11.11 17.42 27.50
CA ASP D 39 -11.39 16.71 28.73
C ASP D 39 -10.84 15.29 28.63
N CYS D 40 -11.49 14.48 27.82
CA CYS D 40 -11.08 13.09 27.63
C CYS D 40 -10.13 12.93 26.45
N CYS D 41 -9.31 13.95 26.22
CA CYS D 41 -8.35 13.92 25.12
C CYS D 41 -6.95 14.18 25.65
N VAL D 42 -5.98 13.42 25.17
CA VAL D 42 -4.60 13.58 25.60
C VAL D 42 -3.68 13.78 24.40
N VAL D 43 -2.73 14.70 24.53
CA VAL D 43 -1.79 14.99 23.46
C VAL D 43 -0.43 14.34 23.74
N TYR D 44 0.05 13.58 22.76
CA TYR D 44 1.33 12.90 22.87
C TYR D 44 2.33 13.56 21.93
N ARG D 45 3.59 13.61 22.35
CA ARG D 45 4.64 14.21 21.55
C ARG D 45 5.33 13.15 20.68
N LEU D 46 6.32 13.58 19.90
CA LEU D 46 7.04 12.69 19.04
C LEU D 46 8.54 12.75 19.33
N ILE D 47 8.90 12.49 20.58
CA ILE D 47 10.29 12.51 20.99
C ILE D 47 10.95 11.19 20.66
N LYS D 48 11.72 11.18 19.56
CA LYS D 48 12.42 9.98 19.10
C LYS D 48 11.44 8.88 18.70
N GLY D 49 10.17 9.24 18.56
CA GLY D 49 9.16 8.28 18.20
C GLY D 49 8.32 7.87 19.40
N ARG D 50 8.79 8.22 20.59
CA ARG D 50 8.09 7.88 21.82
C ARG D 50 7.00 8.90 22.12
N LYS D 51 5.80 8.40 22.39
CA LYS D 51 4.66 9.25 22.68
C LYS D 51 4.64 9.68 24.14
N THR D 52 5.02 10.93 24.39
CA THR D 52 5.06 11.46 25.74
C THR D 52 3.84 12.35 26.01
N VAL D 53 3.25 12.19 27.18
CA VAL D 53 2.08 12.97 27.57
C VAL D 53 2.44 14.45 27.73
N THR D 54 1.70 15.31 27.04
CA THR D 54 1.92 16.74 27.11
C THR D 54 0.65 17.42 27.63
N ALA D 55 0.82 18.46 28.45
CA ALA D 55 -0.31 19.18 29.02
C ALA D 55 -0.81 20.27 28.11
N TRP D 56 -2.03 20.74 28.36
CA TRP D 56 -2.63 21.79 27.55
C TRP D 56 -2.09 23.15 27.95
N ASP D 57 -1.63 23.25 29.19
CA ASP D 57 -1.08 24.51 29.72
C ASP D 57 0.29 24.81 29.13
N THR D 58 0.96 23.76 28.65
CA THR D 58 2.29 23.90 28.06
C THR D 58 2.22 24.77 26.80
N ALA D 59 3.28 25.54 26.55
CA ALA D 59 3.33 26.40 25.37
C ALA D 59 3.67 25.57 24.14
N ILE D 60 3.17 26.00 22.98
CA ILE D 60 3.42 25.28 21.74
C ILE D 60 4.66 25.81 21.02
N ALA D 61 5.17 26.93 21.49
CA ALA D 61 6.35 27.57 20.91
C ALA D 61 7.58 26.64 20.81
N PRO D 62 8.00 25.99 21.93
CA PRO D 62 9.17 25.09 21.91
C PRO D 62 8.87 23.72 21.30
N LEU D 63 7.70 23.57 20.68
CA LEU D 63 7.32 22.30 20.07
C LEU D 63 7.44 22.34 18.55
N ASP D 64 7.94 23.45 18.03
CA ASP D 64 8.11 23.60 16.59
C ASP D 64 9.21 22.68 16.07
N GLY D 65 8.82 21.59 15.43
CA GLY D 65 9.81 20.67 14.91
C GLY D 65 9.38 19.21 14.97
N GLU D 66 8.32 18.92 15.71
CA GLU D 66 7.84 17.54 15.82
C GLU D 66 6.35 17.42 15.52
N GLU D 67 5.81 16.22 15.70
CA GLU D 67 4.40 15.96 15.44
C GLU D 67 3.66 15.74 16.76
N LEU D 68 2.37 16.03 16.77
CA LEU D 68 1.56 15.87 17.97
C LEU D 68 0.41 14.90 17.70
N ILE D 69 0.27 13.89 18.55
CA ILE D 69 -0.80 12.92 18.38
C ILE D 69 -1.81 13.01 19.52
N VAL D 70 -3.06 13.25 19.17
CA VAL D 70 -4.12 13.36 20.16
C VAL D 70 -4.99 12.10 20.14
N GLU D 71 -5.22 11.51 21.30
CA GLU D 71 -6.04 10.31 21.39
C GLU D 71 -7.14 10.48 22.43
N VAL D 72 -8.14 9.62 22.36
CA VAL D 72 -9.25 9.67 23.29
C VAL D 72 -9.00 8.74 24.48
N LEU D 73 -9.18 9.28 25.68
CA LEU D 73 -9.00 8.51 26.90
C LEU D 73 -10.22 7.67 27.20
N LEU A 3 -21.51 -23.74 -10.17
CA LEU A 3 -22.07 -24.84 -9.38
C LEU A 3 -21.24 -25.08 -8.13
N LYS A 4 -19.93 -24.88 -8.26
CA LYS A 4 -19.01 -25.08 -7.15
C LYS A 4 -19.28 -24.09 -6.03
N LEU A 5 -19.38 -22.81 -6.38
CA LEU A 5 -19.63 -21.76 -5.40
C LEU A 5 -21.09 -21.72 -4.97
N LEU A 6 -21.81 -22.79 -5.28
CA LEU A 6 -23.21 -22.90 -4.93
C LEU A 6 -23.41 -24.02 -3.92
N ASP A 7 -23.04 -25.24 -4.29
CA ASP A 7 -23.19 -26.40 -3.41
C ASP A 7 -22.16 -26.39 -2.28
N ASN A 8 -20.94 -25.96 -2.59
CA ASN A 8 -19.88 -25.89 -1.57
C ASN A 8 -20.28 -24.87 -0.52
N TRP A 9 -20.83 -23.76 -0.98
CA TRP A 9 -21.28 -22.70 -0.10
C TRP A 9 -22.50 -23.14 0.69
N ASP A 10 -23.29 -24.03 0.10
CA ASP A 10 -24.48 -24.56 0.77
C ASP A 10 -24.06 -25.27 2.05
N SER A 11 -23.06 -26.14 1.93
CA SER A 11 -22.54 -26.87 3.08
C SER A 11 -22.06 -25.87 4.13
N VAL A 12 -21.33 -24.86 3.68
CA VAL A 12 -20.82 -23.82 4.57
C VAL A 12 -21.97 -23.09 5.25
N THR A 13 -23.06 -22.89 4.51
CA THR A 13 -24.24 -22.23 5.04
C THR A 13 -24.81 -23.05 6.20
N SER A 14 -24.91 -24.36 6.02
CA SER A 14 -25.41 -25.23 7.07
C SER A 14 -24.45 -25.22 8.26
N THR A 15 -23.15 -25.18 7.97
CA THR A 15 -22.14 -25.14 9.01
C THR A 15 -22.30 -23.87 9.84
N PHE A 16 -22.54 -22.75 9.16
CA PHE A 16 -22.74 -21.48 9.85
C PHE A 16 -23.99 -21.55 10.72
N SER A 17 -25.04 -22.16 10.20
CA SER A 17 -26.28 -22.32 10.95
C SER A 17 -26.05 -23.22 12.15
N LYS A 18 -25.40 -24.36 11.93
CA LYS A 18 -25.11 -25.30 13.00
C LYS A 18 -24.21 -24.66 14.05
N LEU A 19 -23.32 -23.77 13.61
CA LEU A 19 -22.43 -23.07 14.51
C LEU A 19 -23.20 -22.06 15.34
N ARG A 20 -24.17 -21.39 14.72
CA ARG A 20 -25.00 -20.43 15.42
C ARG A 20 -25.88 -21.15 16.42
N GLU A 21 -26.39 -22.31 16.00
CA GLU A 21 -27.24 -23.13 16.85
C GLU A 21 -26.41 -23.76 17.97
N GLN A 22 -25.09 -23.67 17.82
CA GLN A 22 -24.15 -24.18 18.80
C GLN A 22 -23.74 -23.05 19.72
N LEU A 23 -23.48 -21.88 19.13
CA LEU A 23 -23.08 -20.69 19.87
C LEU A 23 -24.14 -20.30 20.88
N GLY A 24 -25.41 -20.55 20.54
CA GLY A 24 -26.51 -20.24 21.44
C GLY A 24 -26.32 -20.90 22.79
N PRO A 25 -26.42 -22.24 22.87
CA PRO A 25 -26.21 -22.97 24.12
C PRO A 25 -24.80 -22.72 24.67
N VAL A 26 -23.81 -22.63 23.77
CA VAL A 26 -22.44 -22.39 24.17
C VAL A 26 -22.31 -21.10 24.99
N THR A 27 -22.89 -20.01 24.49
CA THR A 27 -22.82 -18.74 25.20
C THR A 27 -23.58 -18.82 26.52
N GLN A 28 -24.72 -19.52 26.48
CA GLN A 28 -25.54 -19.70 27.67
C GLN A 28 -24.77 -20.47 28.74
N GLU A 29 -24.20 -21.60 28.35
CA GLU A 29 -23.42 -22.43 29.26
C GLU A 29 -22.14 -21.71 29.68
N PHE A 30 -21.54 -20.99 28.74
CA PHE A 30 -20.32 -20.24 29.03
C PHE A 30 -20.62 -19.17 30.07
N TRP A 31 -21.74 -18.48 29.89
CA TRP A 31 -22.16 -17.43 30.81
C TRP A 31 -22.61 -18.03 32.13
N ASP A 32 -23.22 -19.21 32.06
CA ASP A 32 -23.67 -19.91 33.26
C ASP A 32 -22.48 -20.19 34.17
N ASN A 33 -21.37 -20.55 33.55
CA ASN A 33 -20.14 -20.81 34.28
C ASN A 33 -19.48 -19.48 34.65
N LEU A 34 -19.62 -18.51 33.74
CA LEU A 34 -19.07 -17.17 33.95
C LEU A 34 -19.72 -16.53 35.16
N GLU A 35 -21.00 -16.80 35.38
CA GLU A 35 -21.71 -16.26 36.52
C GLU A 35 -21.07 -16.76 37.81
N LYS A 36 -20.82 -18.06 37.87
CA LYS A 36 -20.20 -18.66 39.04
C LYS A 36 -18.79 -18.11 39.21
N GLU A 37 -18.12 -17.90 38.08
CA GLU A 37 -16.78 -17.35 38.07
C GLU A 37 -16.78 -15.93 38.62
N THR A 38 -17.68 -15.10 38.09
CA THR A 38 -17.79 -13.72 38.53
C THR A 38 -18.27 -13.64 39.98
N GLU A 39 -19.17 -14.53 40.35
CA GLU A 39 -19.67 -14.59 41.72
C GLU A 39 -18.53 -14.87 42.67
N GLY A 40 -17.76 -15.91 42.34
CA GLY A 40 -16.62 -16.27 43.15
C GLY A 40 -15.59 -15.15 43.19
N LEU A 41 -15.27 -14.61 42.01
CA LEU A 41 -14.31 -13.52 41.91
C LEU A 41 -14.80 -12.27 42.65
N ARG A 42 -16.09 -12.00 42.59
CA ARG A 42 -16.67 -10.85 43.28
C ARG A 42 -16.57 -11.08 44.78
N GLN A 43 -16.90 -12.29 45.21
CA GLN A 43 -16.81 -12.65 46.63
C GLN A 43 -15.37 -12.51 47.07
N GLU A 44 -14.47 -13.01 46.23
CA GLU A 44 -13.04 -12.94 46.49
C GLU A 44 -12.62 -11.48 46.62
N MET A 45 -12.91 -10.70 45.58
CA MET A 45 -12.55 -9.29 45.55
C MET A 45 -13.16 -8.50 46.72
N SER A 46 -14.36 -8.86 47.14
CA SER A 46 -15.00 -8.18 48.25
C SER A 46 -14.17 -8.36 49.52
N LYS A 47 -13.60 -9.55 49.67
CA LYS A 47 -12.78 -9.85 50.83
C LYS A 47 -11.35 -9.36 50.58
N ASP A 48 -10.89 -9.56 49.34
CA ASP A 48 -9.56 -9.16 48.91
C ASP A 48 -9.38 -7.66 49.14
N LEU A 49 -10.32 -6.88 48.64
CA LEU A 49 -10.28 -5.43 48.79
C LEU A 49 -10.29 -5.03 50.26
N GLU A 50 -11.10 -5.71 51.05
CA GLU A 50 -11.19 -5.42 52.48
C GLU A 50 -9.89 -5.79 53.18
N GLU A 51 -9.40 -6.99 52.92
CA GLU A 51 -8.17 -7.46 53.51
C GLU A 51 -7.01 -6.57 53.08
N VAL A 52 -6.97 -6.21 51.80
CA VAL A 52 -5.93 -5.36 51.28
C VAL A 52 -6.02 -3.95 51.85
N LYS A 53 -7.21 -3.37 51.87
CA LYS A 53 -7.41 -2.01 52.38
C LYS A 53 -7.19 -1.93 53.89
N ALA A 54 -7.80 -2.85 54.63
CA ALA A 54 -7.67 -2.86 56.08
C ALA A 54 -6.23 -3.11 56.51
N LYS A 55 -5.49 -3.83 55.70
CA LYS A 55 -4.10 -4.12 56.00
C LYS A 55 -3.16 -3.10 55.38
N VAL A 56 -3.59 -2.49 54.27
CA VAL A 56 -2.76 -1.49 53.59
C VAL A 56 -2.54 -0.28 54.48
N GLN A 57 -3.50 -0.01 55.37
CA GLN A 57 -3.38 1.10 56.30
C GLN A 57 -2.15 0.90 57.19
N PRO A 58 -2.11 -0.19 58.02
CA PRO A 58 -0.94 -0.47 58.85
C PRO A 58 0.30 -0.72 58.00
N TYR A 59 0.11 -1.30 56.81
CA TYR A 59 1.22 -1.56 55.90
C TYR A 59 1.88 -0.24 55.51
N LEU A 60 1.06 0.68 55.01
CA LEU A 60 1.54 1.99 54.60
C LEU A 60 1.97 2.80 55.79
N ASP A 61 1.28 2.62 56.91
CA ASP A 61 1.63 3.33 58.14
C ASP A 61 3.04 2.96 58.54
N ASP A 62 3.34 1.67 58.46
CA ASP A 62 4.67 1.16 58.78
C ASP A 62 5.67 1.72 57.78
N PHE A 63 5.29 1.71 56.51
CA PHE A 63 6.16 2.24 55.45
C PHE A 63 6.39 3.73 55.65
N GLN A 64 5.35 4.45 56.04
CA GLN A 64 5.45 5.88 56.28
C GLN A 64 6.37 6.14 57.46
N LYS A 65 6.26 5.29 58.48
CA LYS A 65 7.11 5.39 59.66
C LYS A 65 8.55 5.14 59.24
N LYS A 66 8.75 4.08 58.46
CA LYS A 66 10.06 3.73 57.95
C LYS A 66 10.61 4.90 57.13
N TRP A 67 9.80 5.37 56.19
CA TRP A 67 10.17 6.49 55.33
C TRP A 67 10.55 7.71 56.15
N GLN A 68 9.83 7.94 57.24
CA GLN A 68 10.13 9.06 58.12
C GLN A 68 11.50 8.88 58.73
N GLU A 69 11.77 7.66 59.20
CA GLU A 69 13.07 7.33 59.79
C GLU A 69 14.17 7.53 58.75
N GLU A 70 13.94 6.97 57.56
CA GLU A 70 14.90 7.08 56.48
C GLU A 70 15.12 8.54 56.08
N MET A 71 14.03 9.24 55.80
CA MET A 71 14.12 10.65 55.39
C MET A 71 14.74 11.53 56.46
N GLU A 72 14.28 11.39 57.71
CA GLU A 72 14.81 12.19 58.80
C GLU A 72 16.30 11.95 58.97
N LEU A 73 16.70 10.69 58.92
CA LEU A 73 18.11 10.34 59.05
C LEU A 73 18.87 10.84 57.83
N TYR A 74 18.23 10.75 56.66
CA TYR A 74 18.84 11.23 55.43
C TYR A 74 19.14 12.72 55.54
N ARG A 75 18.14 13.49 55.96
CA ARG A 75 18.29 14.93 56.12
C ARG A 75 19.34 15.23 57.18
N GLN A 76 19.29 14.47 58.27
CA GLN A 76 20.22 14.63 59.37
C GLN A 76 21.66 14.37 58.91
N LYS A 77 21.79 13.61 57.83
CA LYS A 77 23.09 13.30 57.26
C LYS A 77 23.43 14.29 56.15
N VAL A 78 22.45 14.63 55.32
CA VAL A 78 22.64 15.56 54.22
C VAL A 78 23.32 16.85 54.67
N GLU A 79 22.87 17.39 55.79
CA GLU A 79 23.45 18.63 56.31
C GLU A 79 24.96 18.54 56.55
N PRO A 80 25.44 17.66 57.45
CA PRO A 80 26.87 17.50 57.71
C PRO A 80 27.62 16.92 56.51
N LEU A 81 27.00 15.98 55.80
CA LEU A 81 27.63 15.37 54.63
C LEU A 81 27.88 16.42 53.55
N ARG A 82 26.90 17.28 53.33
CA ARG A 82 27.02 18.36 52.35
C ARG A 82 28.13 19.30 52.78
N ALA A 83 28.24 19.51 54.09
CA ALA A 83 29.27 20.38 54.64
C ALA A 83 30.65 19.78 54.36
N GLU A 84 30.76 18.47 54.55
CA GLU A 84 32.02 17.76 54.30
C GLU A 84 32.36 17.83 52.82
N LEU A 85 31.36 17.56 51.99
CA LEU A 85 31.54 17.59 50.55
C LEU A 85 31.88 19.01 50.09
N GLN A 86 31.20 19.99 50.69
CA GLN A 86 31.43 21.39 50.38
C GLN A 86 32.84 21.80 50.80
N GLU A 87 33.19 21.50 52.03
CA GLU A 87 34.52 21.81 52.56
C GLU A 87 35.58 21.13 51.70
N GLY A 88 35.35 19.86 51.40
CA GLY A 88 36.28 19.12 50.58
C GLY A 88 36.35 19.70 49.19
N ALA A 89 35.20 20.03 48.62
CA ALA A 89 35.13 20.61 47.29
C ALA A 89 35.82 21.96 47.26
N ARG A 90 35.54 22.79 48.27
CA ARG A 90 36.15 24.11 48.37
C ARG A 90 37.67 23.99 48.34
N GLN A 91 38.19 23.05 49.10
CA GLN A 91 39.62 22.82 49.16
C GLN A 91 40.12 22.26 47.83
N LYS A 92 39.55 21.13 47.43
CA LYS A 92 39.94 20.46 46.18
C LYS A 92 39.83 21.39 44.98
N LEU A 93 38.79 22.20 44.93
CA LEU A 93 38.62 23.15 43.84
C LEU A 93 39.68 24.24 43.93
N HIS A 94 39.91 24.75 45.13
CA HIS A 94 40.91 25.79 45.33
C HIS A 94 42.30 25.24 45.04
N GLU A 95 42.54 24.01 45.44
CA GLU A 95 43.82 23.35 45.19
C GLU A 95 44.02 23.25 43.68
N LEU A 96 42.93 22.96 42.97
CA LEU A 96 42.96 22.87 41.52
C LEU A 96 43.18 24.25 40.91
N GLN A 97 42.55 25.27 41.51
CA GLN A 97 42.69 26.66 41.03
C GLN A 97 44.15 27.08 41.10
N GLU A 98 44.80 26.69 42.19
CA GLU A 98 46.20 27.03 42.43
C GLU A 98 47.11 26.23 41.50
N LYS A 99 46.53 25.34 40.73
CA LYS A 99 47.28 24.54 39.78
C LYS A 99 46.92 24.94 38.37
N LEU A 100 45.63 25.13 38.12
CA LEU A 100 45.14 25.53 36.81
C LEU A 100 45.71 26.87 36.39
N SER A 101 45.96 27.74 37.36
CA SER A 101 46.53 29.04 37.07
C SER A 101 47.98 28.96 36.59
N PRO A 102 48.94 28.47 37.43
CA PRO A 102 50.34 28.36 37.02
C PRO A 102 50.58 27.31 35.94
N LEU A 103 50.00 26.12 36.11
CA LEU A 103 50.17 25.06 35.13
C LEU A 103 49.45 25.43 33.84
N GLY A 104 48.36 26.17 33.98
CA GLY A 104 47.62 26.62 32.82
C GLY A 104 48.42 27.65 32.08
N GLU A 105 48.98 28.61 32.83
CA GLU A 105 49.81 29.65 32.25
C GLU A 105 51.01 29.02 31.58
N GLU A 106 51.59 28.02 32.24
CA GLU A 106 52.74 27.30 31.70
C GLU A 106 52.35 26.60 30.41
N MET A 107 51.18 25.97 30.40
CA MET A 107 50.71 25.28 29.21
C MET A 107 50.45 26.27 28.10
N ARG A 108 49.92 27.43 28.45
CA ARG A 108 49.66 28.49 27.48
C ARG A 108 50.98 29.04 26.97
N ASP A 109 51.95 29.16 27.87
CA ASP A 109 53.27 29.65 27.51
C ASP A 109 53.95 28.68 26.57
N ARG A 110 53.87 27.40 26.90
CA ARG A 110 54.44 26.36 26.07
C ARG A 110 53.67 26.26 24.77
N ALA A 111 52.38 26.62 24.83
CA ALA A 111 51.54 26.63 23.64
C ALA A 111 52.02 27.71 22.70
N ARG A 112 52.50 28.82 23.28
CA ARG A 112 53.05 29.92 22.50
C ARG A 112 54.22 29.41 21.69
N ALA A 113 55.14 28.71 22.37
CA ALA A 113 56.30 28.14 21.71
C ALA A 113 55.86 27.03 20.75
N HIS A 114 54.88 26.25 21.19
CA HIS A 114 54.33 25.17 20.39
C HIS A 114 53.87 25.70 19.03
N VAL A 115 53.02 26.73 19.07
CA VAL A 115 52.48 27.33 17.87
C VAL A 115 53.51 28.18 17.14
N ASP A 116 54.35 28.89 17.89
CA ASP A 116 55.39 29.72 17.27
C ASP A 116 56.30 28.89 16.40
N ALA A 117 56.84 27.83 16.99
CA ALA A 117 57.73 26.92 16.26
C ALA A 117 56.99 26.29 15.10
N LEU A 118 55.68 26.12 15.27
CA LEU A 118 54.85 25.56 14.23
C LEU A 118 54.69 26.57 13.10
N ARG A 119 54.49 27.83 13.47
CA ARG A 119 54.33 28.90 12.50
C ARG A 119 55.60 29.09 11.67
N THR A 120 56.75 29.05 12.35
CA THR A 120 58.03 29.19 11.69
C THR A 120 58.28 28.01 10.75
N HIS A 121 57.51 26.95 10.92
CA HIS A 121 57.63 25.77 10.08
C HIS A 121 56.53 25.76 9.02
N LEU A 122 55.33 26.17 9.42
CA LEU A 122 54.19 26.21 8.52
C LEU A 122 54.43 27.17 7.36
N ALA A 123 55.05 28.32 7.66
CA ALA A 123 55.34 29.31 6.62
C ALA A 123 56.17 28.69 5.48
N PRO A 124 57.39 28.18 5.75
CA PRO A 124 58.21 27.56 4.72
C PRO A 124 57.57 26.26 4.20
N TYR A 125 56.94 25.51 5.10
CA TYR A 125 56.28 24.24 4.71
C TYR A 125 55.22 24.49 3.64
N SER A 126 54.36 25.47 3.88
CA SER A 126 53.32 25.80 2.93
C SER A 126 53.93 26.37 1.66
N ASP A 127 54.97 27.19 1.83
CA ASP A 127 55.66 27.79 0.69
C ASP A 127 56.30 26.70 -0.17
N GLU A 128 56.88 25.69 0.49
CA GLU A 128 57.49 24.57 -0.21
C GLU A 128 56.40 23.82 -0.94
N LEU A 129 55.24 23.67 -0.27
CA LEU A 129 54.10 23.00 -0.85
C LEU A 129 53.62 23.76 -2.07
N ARG A 130 53.74 25.09 -2.02
CA ARG A 130 53.35 25.94 -3.13
C ARG A 130 54.20 25.60 -4.35
N GLN A 131 55.49 25.42 -4.11
CA GLN A 131 56.43 25.08 -5.16
C GLN A 131 56.19 23.65 -5.64
N ARG A 132 56.06 22.74 -4.69
CA ARG A 132 55.82 21.33 -5.00
C ARG A 132 54.51 21.15 -5.75
N LEU A 133 53.44 21.75 -5.23
CA LEU A 133 52.13 21.66 -5.87
C LEU A 133 52.16 22.29 -7.25
N ALA A 134 52.95 23.34 -7.41
CA ALA A 134 53.09 24.00 -8.69
C ALA A 134 53.67 23.02 -9.69
N ALA A 135 54.74 22.33 -9.27
CA ALA A 135 55.38 21.33 -10.11
C ALA A 135 54.42 20.18 -10.40
N ARG A 136 53.71 19.75 -9.36
CA ARG A 136 52.73 18.66 -9.49
C ARG A 136 51.68 19.06 -10.52
N LEU A 137 51.09 20.24 -10.34
CA LEU A 137 50.07 20.73 -11.25
C LEU A 137 50.63 20.96 -12.64
N GLU A 138 51.87 21.43 -12.72
CA GLU A 138 52.51 21.68 -14.01
C GLU A 138 52.63 20.38 -14.79
N ALA A 139 53.06 19.32 -14.10
CA ALA A 139 53.19 18.01 -14.73
C ALA A 139 51.80 17.48 -15.08
N LEU A 140 50.85 17.72 -14.17
CA LEU A 140 49.47 17.30 -14.37
C LEU A 140 48.82 18.08 -15.51
N LYS A 141 49.40 19.23 -15.86
CA LYS A 141 48.89 20.05 -16.94
C LYS A 141 49.58 19.67 -18.24
N GLU A 142 50.91 19.55 -18.17
CA GLU A 142 51.71 19.15 -19.31
C GLU A 142 51.24 17.79 -19.82
N ASN A 143 51.20 16.84 -18.91
CA ASN A 143 50.73 15.50 -19.23
C ASN A 143 49.22 15.50 -19.34
N GLY A 144 48.59 16.47 -18.68
CA GLY A 144 47.14 16.58 -18.72
C GLY A 144 46.65 16.92 -20.10
N GLY A 145 47.29 17.90 -20.73
CA GLY A 145 46.93 18.29 -22.07
C GLY A 145 47.13 17.13 -23.02
N ALA A 146 48.20 16.38 -22.80
CA ALA A 146 48.51 15.21 -23.60
C ALA A 146 47.42 14.17 -23.39
N ARG A 147 47.02 13.98 -22.13
CA ARG A 147 45.97 13.03 -21.78
C ARG A 147 44.67 13.41 -22.49
N LEU A 148 44.29 14.67 -22.36
CA LEU A 148 43.07 15.17 -22.98
C LEU A 148 43.13 15.00 -24.50
N ALA A 149 44.28 15.33 -25.08
CA ALA A 149 44.47 15.19 -26.52
C ALA A 149 44.38 13.73 -26.92
N GLU A 150 45.09 12.88 -26.18
CA GLU A 150 45.08 11.45 -26.43
C GLU A 150 43.68 10.88 -26.25
N TYR A 151 42.95 11.41 -25.28
CA TYR A 151 41.58 10.99 -25.03
C TYR A 151 40.70 11.40 -26.20
N HIS A 152 40.96 12.58 -26.74
CA HIS A 152 40.20 13.09 -27.88
C HIS A 152 40.48 12.22 -29.10
N ALA A 153 41.73 11.82 -29.26
CA ALA A 153 42.13 10.95 -30.36
C ALA A 153 41.42 9.62 -30.23
N LYS A 154 41.45 9.07 -29.02
CA LYS A 154 40.80 7.79 -28.74
C LYS A 154 39.30 7.91 -28.85
N ALA A 155 38.77 9.09 -28.49
CA ALA A 155 37.33 9.34 -28.58
C ALA A 155 36.92 9.36 -30.04
N THR A 156 37.71 10.04 -30.86
CA THR A 156 37.44 10.13 -32.28
C THR A 156 37.46 8.73 -32.88
N GLU A 157 38.51 7.97 -32.54
CA GLU A 157 38.64 6.61 -33.02
C GLU A 157 37.47 5.77 -32.53
N HIS A 158 37.13 5.93 -31.25
CA HIS A 158 36.01 5.20 -30.65
C HIS A 158 34.73 5.50 -31.40
N LEU A 159 34.47 6.78 -31.65
CA LEU A 159 33.28 7.21 -32.36
C LEU A 159 33.27 6.64 -33.78
N SER A 160 34.46 6.53 -34.37
CA SER A 160 34.57 5.98 -35.71
C SER A 160 34.14 4.52 -35.73
N THR A 161 34.71 3.72 -34.82
CA THR A 161 34.35 2.31 -34.72
C THR A 161 32.90 2.17 -34.28
N LEU A 162 32.42 3.13 -33.50
CA LEU A 162 31.04 3.12 -33.04
C LEU A 162 30.09 3.36 -34.20
N SER A 163 30.51 4.20 -35.15
CA SER A 163 29.68 4.48 -36.30
C SER A 163 29.56 3.22 -37.17
N GLU A 164 30.58 2.37 -37.09
CA GLU A 164 30.60 1.11 -37.84
C GLU A 164 29.70 0.09 -37.15
N LYS A 165 29.11 0.50 -36.04
CA LYS A 165 28.20 -0.35 -35.29
C LYS A 165 26.81 0.30 -35.31
N ALA A 166 26.79 1.60 -35.12
CA ALA A 166 25.55 2.37 -35.11
C ALA A 166 24.83 2.30 -36.45
N LYS A 167 25.57 1.98 -37.50
CA LYS A 167 24.97 1.87 -38.83
C LYS A 167 24.80 0.41 -39.27
N PRO A 168 25.89 -0.33 -39.55
CA PRO A 168 25.81 -1.72 -40.00
C PRO A 168 25.26 -2.67 -38.94
N ALA A 169 25.83 -2.62 -37.73
CA ALA A 169 25.38 -3.49 -36.65
C ALA A 169 23.94 -3.21 -36.24
N LEU A 170 23.59 -1.93 -36.14
CA LEU A 170 22.23 -1.56 -35.77
C LEU A 170 21.27 -1.93 -36.89
N GLU A 171 21.72 -1.82 -38.13
CA GLU A 171 20.91 -2.18 -39.29
C GLU A 171 20.69 -3.68 -39.26
N ASP A 172 21.74 -4.41 -38.86
CA ASP A 172 21.67 -5.86 -38.75
C ASP A 172 20.66 -6.22 -37.68
N LEU A 173 20.71 -5.49 -36.57
CA LEU A 173 19.79 -5.72 -35.46
C LEU A 173 18.36 -5.46 -35.90
N ARG A 174 18.13 -4.36 -36.61
CA ARG A 174 16.80 -4.02 -37.09
C ARG A 174 16.37 -5.03 -38.15
N GLN A 175 17.32 -5.45 -38.97
CA GLN A 175 17.05 -6.43 -40.02
C GLN A 175 16.73 -7.78 -39.43
N GLY A 176 17.07 -7.95 -38.16
CA GLY A 176 16.78 -9.18 -37.44
C GLY A 176 15.49 -8.99 -36.65
N LEU A 177 15.34 -7.82 -36.07
CA LEU A 177 14.16 -7.49 -35.28
C LEU A 177 12.89 -7.62 -36.10
N LEU A 178 12.95 -7.25 -37.37
CA LEU A 178 11.79 -7.34 -38.24
C LEU A 178 11.28 -8.79 -38.34
N PRO A 179 12.07 -9.73 -38.89
CA PRO A 179 11.66 -11.14 -38.99
C PRO A 179 11.42 -11.75 -37.62
N VAL A 180 12.23 -11.35 -36.63
CA VAL A 180 12.07 -11.85 -35.27
C VAL A 180 10.69 -11.47 -34.74
N LEU A 181 10.33 -10.20 -34.88
CA LEU A 181 9.04 -9.71 -34.44
C LEU A 181 7.94 -10.41 -35.23
N GLU A 182 8.22 -10.71 -36.50
CA GLU A 182 7.27 -11.40 -37.34
C GLU A 182 6.96 -12.77 -36.78
N SER A 183 8.00 -13.57 -36.55
CA SER A 183 7.83 -14.90 -35.97
C SER A 183 7.25 -14.80 -34.57
N PHE A 184 7.66 -13.76 -33.84
CA PHE A 184 7.16 -13.53 -32.49
C PHE A 184 5.67 -13.26 -32.52
N LYS A 185 5.24 -12.38 -33.42
CA LYS A 185 3.83 -12.05 -33.56
C LYS A 185 3.04 -13.31 -33.87
N VAL A 186 3.62 -14.17 -34.71
CA VAL A 186 2.98 -15.43 -35.07
C VAL A 186 2.73 -16.27 -33.82
N SER A 187 3.77 -16.43 -33.00
CA SER A 187 3.65 -17.20 -31.76
C SER A 187 2.73 -16.51 -30.75
N PHE A 188 2.75 -15.19 -30.74
CA PHE A 188 1.90 -14.43 -29.83
C PHE A 188 0.44 -14.57 -30.22
N LEU A 189 0.16 -14.43 -31.51
CA LEU A 189 -1.18 -14.53 -32.04
C LEU A 189 -1.75 -15.93 -31.82
N SER A 190 -0.91 -16.94 -31.97
CA SER A 190 -1.34 -18.32 -31.78
C SER A 190 -1.51 -18.64 -30.30
N ALA A 191 -0.70 -17.99 -29.47
CA ALA A 191 -0.78 -18.20 -28.02
C ALA A 191 -2.05 -17.55 -27.46
N LEU A 192 -2.43 -16.42 -28.05
CA LEU A 192 -3.63 -15.70 -27.63
C LEU A 192 -4.86 -16.60 -27.77
N GLU A 193 -4.86 -17.41 -28.82
CA GLU A 193 -5.96 -18.34 -29.06
C GLU A 193 -6.01 -19.36 -27.95
N GLU A 194 -4.83 -19.89 -27.59
CA GLU A 194 -4.72 -20.88 -26.55
C GLU A 194 -5.20 -20.36 -25.21
N TYR A 195 -4.71 -19.18 -24.82
CA TYR A 195 -5.10 -18.57 -23.56
C TYR A 195 -6.62 -18.38 -23.49
N THR A 196 -7.21 -17.90 -24.57
CA THR A 196 -8.64 -17.68 -24.64
C THR A 196 -9.42 -18.99 -24.51
N LYS A 197 -9.04 -19.99 -25.31
CA LYS A 197 -9.69 -21.29 -25.29
C LYS A 197 -9.53 -21.99 -23.94
N LYS A 198 -8.37 -21.84 -23.34
CA LYS A 198 -8.10 -22.49 -22.05
C LYS A 198 -8.88 -21.84 -20.92
N LEU A 199 -8.98 -20.51 -20.94
CA LEU A 199 -9.70 -19.79 -19.90
C LEU A 199 -11.20 -20.08 -19.99
N ASN A 200 -11.73 -20.00 -21.22
CA ASN A 200 -13.15 -20.23 -21.47
C ASN A 200 -13.43 -20.40 -22.95
N LEU B 3 17.84 -19.54 -35.94
CA LEU B 3 18.10 -19.65 -37.38
C LEU B 3 19.03 -18.53 -37.84
N LYS B 4 18.68 -17.31 -37.45
CA LYS B 4 19.46 -16.14 -37.82
C LYS B 4 20.44 -15.79 -36.70
N LEU B 5 20.63 -16.73 -35.80
CA LEU B 5 21.54 -16.56 -34.67
C LEU B 5 22.98 -16.39 -35.18
N LEU B 6 23.27 -17.06 -36.29
CA LEU B 6 24.59 -16.99 -36.90
C LEU B 6 24.79 -15.61 -37.52
N ASP B 7 23.70 -15.02 -37.99
CA ASP B 7 23.73 -13.70 -38.59
C ASP B 7 24.07 -12.68 -37.52
N ASN B 8 23.41 -12.80 -36.38
CA ASN B 8 23.66 -11.90 -35.25
C ASN B 8 25.08 -12.11 -34.75
N TRP B 9 25.51 -13.37 -34.72
CA TRP B 9 26.86 -13.71 -34.29
C TRP B 9 27.89 -13.07 -35.21
N ASP B 10 27.57 -13.01 -36.50
CA ASP B 10 28.45 -12.41 -37.49
C ASP B 10 28.70 -10.95 -37.15
N SER B 11 27.62 -10.22 -36.89
CA SER B 11 27.70 -8.82 -36.52
C SER B 11 28.54 -8.66 -35.26
N VAL B 12 28.32 -9.56 -34.30
CA VAL B 12 29.06 -9.54 -33.04
C VAL B 12 30.54 -9.82 -33.30
N THR B 13 30.83 -10.81 -34.14
CA THR B 13 32.19 -11.17 -34.47
C THR B 13 32.91 -10.00 -35.15
N SER B 14 32.23 -9.39 -36.12
CA SER B 14 32.80 -8.27 -36.84
C SER B 14 33.06 -7.08 -35.92
N THR B 15 32.10 -6.76 -35.07
CA THR B 15 32.25 -5.64 -34.15
C THR B 15 33.33 -5.93 -33.11
N PHE B 16 33.39 -7.19 -32.67
CA PHE B 16 34.38 -7.61 -31.70
C PHE B 16 35.78 -7.55 -32.31
N SER B 17 35.88 -7.96 -33.56
CA SER B 17 37.15 -7.93 -34.27
C SER B 17 37.64 -6.50 -34.42
N LYS B 18 36.74 -5.60 -34.77
CA LYS B 18 37.09 -4.19 -34.92
C LYS B 18 37.47 -3.61 -33.57
N LEU B 19 36.84 -4.11 -32.52
CA LEU B 19 37.14 -3.68 -31.16
C LEU B 19 38.57 -4.10 -30.82
N ARG B 20 38.92 -5.33 -31.17
CA ARG B 20 40.25 -5.85 -30.92
C ARG B 20 41.28 -5.08 -31.74
N GLU B 21 40.87 -4.67 -32.94
CA GLU B 21 41.75 -3.89 -33.81
C GLU B 21 42.03 -2.54 -33.18
N GLN B 22 41.00 -1.96 -32.58
CA GLN B 22 41.12 -0.67 -31.91
C GLN B 22 42.01 -0.83 -30.67
N LEU B 23 41.91 -1.98 -30.03
CA LEU B 23 42.68 -2.29 -28.83
C LEU B 23 44.18 -2.28 -29.11
N GLY B 24 44.55 -2.27 -30.39
CA GLY B 24 45.96 -2.23 -30.74
C GLY B 24 46.54 -0.84 -30.50
N PRO B 25 46.24 0.12 -31.39
CA PRO B 25 46.73 1.50 -31.27
C PRO B 25 46.31 2.16 -29.96
N VAL B 26 45.09 1.91 -29.52
CA VAL B 26 44.59 2.49 -28.27
C VAL B 26 45.45 2.09 -27.07
N THR B 27 45.81 0.82 -27.00
CA THR B 27 46.65 0.35 -25.91
C THR B 27 48.05 0.94 -26.03
N GLN B 28 48.56 1.04 -27.26
CA GLN B 28 49.87 1.63 -27.51
C GLN B 28 49.86 3.08 -27.05
N GLU B 29 48.84 3.80 -27.45
CA GLU B 29 48.67 5.19 -27.07
C GLU B 29 48.51 5.30 -25.56
N PHE B 30 47.65 4.46 -25.00
CA PHE B 30 47.40 4.46 -23.56
C PHE B 30 48.70 4.20 -22.81
N TRP B 31 49.51 3.28 -23.32
CA TRP B 31 50.78 2.96 -22.72
C TRP B 31 51.74 4.14 -22.85
N ASP B 32 51.74 4.75 -24.04
CA ASP B 32 52.60 5.91 -24.29
C ASP B 32 52.18 7.05 -23.38
N ASN B 33 50.88 7.18 -23.17
CA ASN B 33 50.33 8.19 -22.29
C ASN B 33 50.72 7.86 -20.85
N LEU B 34 50.62 6.59 -20.49
CA LEU B 34 50.99 6.13 -19.16
C LEU B 34 52.47 6.41 -18.92
N GLU B 35 53.28 6.26 -19.96
CA GLU B 35 54.70 6.53 -19.87
C GLU B 35 54.95 8.01 -19.65
N LYS B 36 54.10 8.85 -20.24
CA LYS B 36 54.20 10.29 -20.05
C LYS B 36 53.86 10.61 -18.60
N GLU B 37 52.76 10.02 -18.14
CA GLU B 37 52.30 10.20 -16.77
C GLU B 37 53.34 9.72 -15.78
N THR B 38 53.88 8.52 -16.00
CA THR B 38 54.90 7.98 -15.10
C THR B 38 56.15 8.85 -15.10
N GLU B 39 56.50 9.38 -16.28
CA GLU B 39 57.65 10.25 -16.41
C GLU B 39 57.41 11.50 -15.58
N GLY B 40 56.24 12.10 -15.76
CA GLY B 40 55.89 13.28 -15.01
C GLY B 40 55.82 12.98 -13.52
N LEU B 41 55.15 11.87 -13.19
CA LEU B 41 55.03 11.44 -11.80
C LEU B 41 56.39 11.21 -11.19
N ARG B 42 57.34 10.74 -11.98
CA ARG B 42 58.70 10.53 -11.49
C ARG B 42 59.37 11.86 -11.21
N GLN B 43 59.08 12.85 -12.03
CA GLN B 43 59.62 14.20 -11.84
C GLN B 43 58.94 14.84 -10.64
N GLU B 44 57.67 14.49 -10.46
CA GLU B 44 56.90 14.98 -9.35
C GLU B 44 57.39 14.34 -8.06
N MET B 45 57.46 13.01 -8.06
CA MET B 45 57.88 12.22 -6.91
C MET B 45 59.35 12.43 -6.54
N SER B 46 60.20 12.75 -7.51
CA SER B 46 61.60 12.98 -7.20
C SER B 46 61.73 14.15 -6.24
N LYS B 47 61.04 15.23 -6.55
CA LYS B 47 61.04 16.41 -5.70
C LYS B 47 60.13 16.19 -4.51
N ASP B 48 58.99 15.55 -4.76
CA ASP B 48 57.99 15.27 -3.73
C ASP B 48 58.61 14.47 -2.58
N LEU B 49 59.13 13.29 -2.89
CA LEU B 49 59.75 12.43 -1.89
C LEU B 49 60.94 13.10 -1.21
N GLU B 50 61.77 13.80 -1.98
CA GLU B 50 62.93 14.47 -1.41
C GLU B 50 62.50 15.61 -0.48
N GLU B 51 61.46 16.33 -0.89
CA GLU B 51 60.93 17.42 -0.07
C GLU B 51 60.28 16.83 1.16
N VAL B 52 59.62 15.69 0.98
CA VAL B 52 58.97 14.98 2.09
C VAL B 52 60.02 14.63 3.14
N LYS B 53 61.17 14.15 2.69
CA LYS B 53 62.26 13.80 3.58
C LYS B 53 62.80 15.04 4.26
N ALA B 54 62.90 16.12 3.49
CA ALA B 54 63.40 17.41 4.00
C ALA B 54 62.33 18.07 4.86
N LYS B 55 61.16 17.46 4.92
CA LYS B 55 60.06 17.96 5.71
C LYS B 55 59.89 17.09 6.95
N VAL B 56 59.99 15.77 6.76
CA VAL B 56 59.85 14.81 7.85
C VAL B 56 60.95 15.02 8.88
N GLN B 57 62.17 15.27 8.42
CA GLN B 57 63.30 15.50 9.32
C GLN B 57 62.99 16.64 10.31
N PRO B 58 62.73 17.88 9.84
CA PRO B 58 62.40 19.01 10.72
C PRO B 58 61.05 18.80 11.40
N TYR B 59 60.17 18.04 10.75
CA TYR B 59 58.85 17.76 11.30
C TYR B 59 59.00 16.97 12.58
N LEU B 60 59.74 15.87 12.49
CA LEU B 60 59.98 15.02 13.65
C LEU B 60 60.83 15.78 14.66
N ASP B 61 61.79 16.54 14.17
CA ASP B 61 62.66 17.34 15.03
C ASP B 61 61.84 18.32 15.85
N ASP B 62 60.89 18.99 15.21
CA ASP B 62 60.04 19.94 15.90
C ASP B 62 58.95 19.23 16.68
N PHE B 63 58.48 18.11 16.14
CA PHE B 63 57.46 17.32 16.79
C PHE B 63 57.99 16.80 18.11
N GLN B 64 59.23 16.33 18.11
CA GLN B 64 59.86 15.83 19.32
C GLN B 64 60.01 16.95 20.34
N LYS B 65 60.42 18.13 19.86
CA LYS B 65 60.57 19.29 20.75
C LYS B 65 59.23 19.60 21.42
N LYS B 66 58.17 19.54 20.63
CA LYS B 66 56.82 19.79 21.12
C LYS B 66 56.34 18.63 21.98
N TRP B 67 56.65 17.42 21.55
CA TRP B 67 56.27 16.22 22.27
C TRP B 67 56.92 16.19 23.63
N GLN B 68 58.17 16.63 23.70
CA GLN B 68 58.89 16.69 24.96
C GLN B 68 58.26 17.73 25.87
N GLU B 69 57.93 18.89 25.31
CA GLU B 69 57.29 19.96 26.08
C GLU B 69 55.95 19.48 26.59
N GLU B 70 55.28 18.67 25.78
CA GLU B 70 53.98 18.12 26.14
C GLU B 70 54.15 16.97 27.15
N MET B 71 55.06 16.06 26.85
CA MET B 71 55.32 14.91 27.69
C MET B 71 55.81 15.35 29.07
N GLU B 72 56.90 16.11 29.09
CA GLU B 72 57.45 16.61 30.34
C GLU B 72 56.46 17.56 30.98
N LEU B 73 55.81 18.36 30.14
CA LEU B 73 54.81 19.32 30.59
C LEU B 73 53.68 18.59 31.30
N TYR B 74 53.36 17.40 30.81
CA TYR B 74 52.32 16.58 31.40
C TYR B 74 52.87 15.91 32.65
N ARG B 75 54.12 15.46 32.59
CA ARG B 75 54.75 14.82 33.74
C ARG B 75 54.81 15.78 34.92
N GLN B 76 55.07 17.04 34.63
CA GLN B 76 55.16 18.07 35.65
C GLN B 76 53.77 18.57 36.05
N LYS B 77 52.74 17.93 35.53
CA LYS B 77 51.37 18.30 35.83
C LYS B 77 50.62 17.10 36.40
N VAL B 78 50.70 15.98 35.70
CA VAL B 78 50.04 14.75 36.12
C VAL B 78 50.58 14.29 37.47
N GLU B 79 51.88 14.48 37.71
CA GLU B 79 52.47 14.08 38.99
C GLU B 79 51.90 14.90 40.15
N PRO B 80 52.03 16.24 40.16
CA PRO B 80 51.46 17.07 41.23
C PRO B 80 49.94 16.91 41.30
N LEU B 81 49.31 16.78 40.15
CA LEU B 81 47.87 16.60 40.10
C LEU B 81 47.50 15.24 40.67
N ARG B 82 48.37 14.25 40.47
CA ARG B 82 48.15 12.92 41.01
C ARG B 82 48.14 12.99 42.52
N ALA B 83 49.03 13.82 43.07
CA ALA B 83 49.09 14.00 44.52
C ALA B 83 47.81 14.64 45.01
N GLU B 84 47.37 15.67 44.31
CA GLU B 84 46.13 16.36 44.66
C GLU B 84 44.95 15.41 44.50
N LEU B 85 44.95 14.66 43.41
CA LEU B 85 43.89 13.70 43.14
C LEU B 85 43.90 12.57 44.16
N GLN B 86 45.10 12.09 44.50
CA GLN B 86 45.23 11.02 45.48
C GLN B 86 44.73 11.49 46.83
N GLU B 87 45.20 12.65 47.28
CA GLU B 87 44.78 13.21 48.55
C GLU B 87 43.30 13.55 48.52
N GLY B 88 42.86 14.13 47.41
CA GLY B 88 41.47 14.48 47.24
C GLY B 88 40.59 13.24 47.25
N ALA B 89 41.10 12.17 46.66
CA ALA B 89 40.40 10.90 46.62
C ALA B 89 40.47 10.21 47.97
N ARG B 90 41.63 10.29 48.62
CA ARG B 90 41.81 9.71 49.94
C ARG B 90 40.86 10.37 50.91
N GLN B 91 40.77 11.69 50.82
CA GLN B 91 39.87 12.45 51.66
C GLN B 91 38.44 12.09 51.31
N LYS B 92 38.19 11.92 50.01
CA LYS B 92 36.85 11.54 49.54
C LYS B 92 36.53 10.13 50.03
N LEU B 93 37.55 9.28 50.09
CA LEU B 93 37.39 7.92 50.57
C LEU B 93 37.00 7.96 52.03
N HIS B 94 37.66 8.85 52.77
CA HIS B 94 37.38 9.02 54.18
C HIS B 94 35.99 9.64 54.33
N GLU B 95 35.68 10.59 53.45
CA GLU B 95 34.38 11.25 53.43
C GLU B 95 33.31 10.19 53.18
N LEU B 96 33.59 9.31 52.23
CA LEU B 96 32.68 8.23 51.89
C LEU B 96 32.62 7.20 53.01
N GLN B 97 33.74 7.00 53.70
CA GLN B 97 33.79 6.05 54.80
C GLN B 97 32.83 6.46 55.91
N GLU B 98 32.75 7.76 56.16
CA GLU B 98 31.87 8.30 57.18
C GLU B 98 30.44 8.39 56.64
N LYS B 99 30.21 7.76 55.49
CA LYS B 99 28.90 7.73 54.88
C LYS B 99 28.48 6.29 54.62
N LEU B 100 29.30 5.57 53.87
CA LEU B 100 29.04 4.18 53.52
C LEU B 100 28.95 3.28 54.75
N SER B 101 29.75 3.56 55.76
CA SER B 101 29.73 2.78 56.98
C SER B 101 28.51 3.11 57.85
N PRO B 102 28.38 4.37 58.35
CA PRO B 102 27.23 4.76 59.18
C PRO B 102 25.90 4.56 58.46
N LEU B 103 25.78 5.15 57.27
CA LEU B 103 24.55 5.02 56.49
C LEU B 103 24.38 3.58 56.06
N GLY B 104 25.48 2.86 55.92
CA GLY B 104 25.43 1.46 55.53
C GLY B 104 24.76 0.66 56.63
N GLU B 105 25.20 0.89 57.87
CA GLU B 105 24.63 0.20 59.02
C GLU B 105 23.17 0.63 59.16
N GLU B 106 22.92 1.92 58.92
CA GLU B 106 21.58 2.46 58.98
C GLU B 106 20.69 1.79 57.95
N MET B 107 21.16 1.78 56.70
CA MET B 107 20.41 1.16 55.61
C MET B 107 20.18 -0.31 55.92
N ARG B 108 21.16 -0.97 56.51
CA ARG B 108 21.05 -2.38 56.87
C ARG B 108 19.95 -2.58 57.90
N ASP B 109 19.96 -1.72 58.92
CA ASP B 109 18.96 -1.78 59.98
C ASP B 109 17.59 -1.40 59.46
N ARG B 110 17.53 -0.32 58.68
CA ARG B 110 16.27 0.13 58.10
C ARG B 110 15.72 -0.91 57.14
N ALA B 111 16.61 -1.48 56.32
CA ALA B 111 16.20 -2.53 55.39
C ALA B 111 15.77 -3.75 56.18
N ARG B 112 16.40 -3.97 57.33
CA ARG B 112 16.04 -5.08 58.20
C ARG B 112 14.62 -4.89 58.68
N ALA B 113 14.30 -3.66 59.06
CA ALA B 113 12.96 -3.31 59.50
C ALA B 113 12.00 -3.46 58.34
N HIS B 114 12.48 -3.17 57.13
CA HIS B 114 11.67 -3.29 55.93
C HIS B 114 11.37 -4.77 55.68
N VAL B 115 12.41 -5.59 55.70
CA VAL B 115 12.28 -7.02 55.49
C VAL B 115 11.46 -7.66 56.62
N ASP B 116 11.72 -7.24 57.86
CA ASP B 116 10.98 -7.77 58.99
C ASP B 116 9.51 -7.43 58.84
N ALA B 117 9.25 -6.22 58.35
CA ALA B 117 7.89 -5.78 58.11
C ALA B 117 7.30 -6.66 57.01
N LEU B 118 8.11 -6.96 56.00
CA LEU B 118 7.68 -7.81 54.89
C LEU B 118 7.32 -9.20 55.40
N ARG B 119 7.99 -9.62 56.47
CA ARG B 119 7.72 -10.92 57.08
C ARG B 119 6.31 -10.93 57.66
N THR B 120 5.85 -9.75 58.09
CA THR B 120 4.52 -9.61 58.65
C THR B 120 3.60 -8.91 57.66
N HIS B 121 4.06 -8.76 56.42
CA HIS B 121 3.28 -8.10 55.38
C HIS B 121 3.07 -9.02 54.18
N LEU B 122 4.15 -9.62 53.67
CA LEU B 122 4.09 -10.50 52.51
C LEU B 122 3.76 -11.94 52.90
N ALA B 123 4.39 -12.43 53.97
CA ALA B 123 4.15 -13.79 54.44
C ALA B 123 2.66 -14.05 54.72
N PRO B 124 2.01 -13.25 55.59
CA PRO B 124 0.58 -13.42 55.87
C PRO B 124 -0.25 -13.18 54.62
N TYR B 125 0.26 -12.32 53.74
CA TYR B 125 -0.42 -12.02 52.49
C TYR B 125 -0.47 -13.27 51.63
N SER B 126 0.62 -14.03 51.65
CA SER B 126 0.70 -15.26 50.89
C SER B 126 -0.36 -16.25 51.39
N ASP B 127 -0.53 -16.29 52.70
CA ASP B 127 -1.51 -17.18 53.33
C ASP B 127 -2.91 -16.75 52.93
N GLU B 128 -3.18 -15.46 53.04
CA GLU B 128 -4.48 -14.90 52.71
C GLU B 128 -4.76 -15.05 51.21
N LEU B 129 -3.71 -14.89 50.41
CA LEU B 129 -3.83 -15.05 48.96
C LEU B 129 -4.21 -16.49 48.65
N ARG B 130 -3.64 -17.43 49.41
CA ARG B 130 -3.93 -18.84 49.23
C ARG B 130 -5.40 -19.11 49.52
N GLN B 131 -5.93 -18.41 50.52
CA GLN B 131 -7.33 -18.56 50.90
C GLN B 131 -8.22 -18.20 49.73
N ARG B 132 -7.86 -17.12 49.05
CA ARG B 132 -8.60 -16.66 47.88
C ARG B 132 -8.33 -17.56 46.70
N LEU B 133 -7.06 -17.91 46.49
CA LEU B 133 -6.66 -18.78 45.39
C LEU B 133 -7.37 -20.14 45.49
N ALA B 134 -7.51 -20.64 46.72
CA ALA B 134 -8.19 -21.91 46.94
C ALA B 134 -9.65 -21.83 46.50
N ALA B 135 -10.28 -20.69 46.78
CA ALA B 135 -11.66 -20.48 46.38
C ALA B 135 -11.73 -20.36 44.86
N ARG B 136 -10.76 -19.65 44.30
CA ARG B 136 -10.67 -19.48 42.87
C ARG B 136 -10.52 -20.84 42.20
N LEU B 137 -9.69 -21.69 42.81
CA LEU B 137 -9.47 -23.04 42.32
C LEU B 137 -10.75 -23.85 42.38
N GLU B 138 -11.60 -23.56 43.37
CA GLU B 138 -12.87 -24.27 43.51
C GLU B 138 -13.77 -23.88 42.35
N ALA B 139 -13.82 -22.59 42.05
CA ALA B 139 -14.61 -22.09 40.95
C ALA B 139 -14.07 -22.67 39.64
N LEU B 140 -12.75 -22.75 39.54
CA LEU B 140 -12.10 -23.30 38.36
C LEU B 140 -12.35 -24.80 38.24
N LYS B 141 -12.67 -25.42 39.37
CA LYS B 141 -12.96 -26.85 39.39
C LYS B 141 -14.42 -27.09 39.00
N GLU B 142 -15.32 -26.33 39.60
CA GLU B 142 -16.74 -26.44 39.30
C GLU B 142 -17.01 -26.04 37.85
N ASN B 143 -16.55 -24.85 37.48
CA ASN B 143 -16.74 -24.36 36.13
C ASN B 143 -15.91 -25.18 35.15
N GLY B 144 -14.67 -25.46 35.53
CA GLY B 144 -13.80 -26.25 34.68
C GLY B 144 -14.37 -27.61 34.37
N GLY B 145 -14.80 -28.33 35.41
CA GLY B 145 -15.39 -29.63 35.23
C GLY B 145 -16.66 -29.57 34.43
N ALA B 146 -17.48 -28.56 34.71
CA ALA B 146 -18.74 -28.37 34.00
C ALA B 146 -18.46 -28.07 32.53
N ARG B 147 -17.57 -27.11 32.30
CA ARG B 147 -17.19 -26.72 30.94
C ARG B 147 -16.63 -27.90 30.19
N LEU B 148 -15.90 -28.77 30.88
CA LEU B 148 -15.34 -29.96 30.26
C LEU B 148 -16.46 -30.85 29.74
N ALA B 149 -17.47 -31.07 30.58
CA ALA B 149 -18.61 -31.87 30.22
C ALA B 149 -19.38 -31.19 29.08
N GLU B 150 -19.48 -29.87 29.17
CA GLU B 150 -20.17 -29.07 28.15
C GLU B 150 -19.40 -29.16 26.84
N TYR B 151 -18.08 -28.97 26.91
CA TYR B 151 -17.22 -29.04 25.74
C TYR B 151 -17.30 -30.41 25.10
N HIS B 152 -17.34 -31.45 25.92
CA HIS B 152 -17.43 -32.81 25.43
C HIS B 152 -18.75 -33.01 24.68
N ALA B 153 -19.84 -32.54 25.27
CA ALA B 153 -21.16 -32.65 24.66
C ALA B 153 -21.22 -31.82 23.37
N LYS B 154 -20.75 -30.58 23.45
CA LYS B 154 -20.73 -29.69 22.30
C LYS B 154 -19.80 -30.22 21.23
N ALA B 155 -18.72 -30.88 21.65
CA ALA B 155 -17.78 -31.47 20.71
C ALA B 155 -18.44 -32.61 19.98
N THR B 156 -19.28 -33.36 20.70
CA THR B 156 -20.00 -34.47 20.11
C THR B 156 -20.99 -33.91 19.09
N GLU B 157 -21.73 -32.87 19.51
CA GLU B 157 -22.69 -32.20 18.63
C GLU B 157 -21.96 -31.61 17.43
N HIS B 158 -20.74 -31.14 17.68
CA HIS B 158 -19.92 -30.56 16.63
C HIS B 158 -19.38 -31.66 15.71
N LEU B 159 -19.13 -32.83 16.27
CA LEU B 159 -18.63 -33.95 15.49
C LEU B 159 -19.73 -34.46 14.58
N SER B 160 -20.94 -34.57 15.13
CA SER B 160 -22.09 -35.03 14.36
C SER B 160 -22.39 -34.07 13.21
N THR B 161 -22.27 -32.77 13.48
CA THR B 161 -22.51 -31.76 12.48
C THR B 161 -21.36 -31.72 11.46
N LEU B 162 -20.23 -32.31 11.84
CA LEU B 162 -19.08 -32.38 10.95
C LEU B 162 -19.19 -33.61 10.08
N SER B 163 -19.64 -34.71 10.67
CA SER B 163 -19.80 -35.95 9.94
C SER B 163 -20.90 -35.84 8.88
N GLU B 164 -21.89 -34.98 9.14
CA GLU B 164 -22.99 -34.78 8.20
C GLU B 164 -22.49 -33.99 6.98
N LYS B 165 -21.24 -33.55 7.06
CA LYS B 165 -20.60 -32.83 5.97
C LYS B 165 -19.42 -33.64 5.46
N ALA B 166 -18.69 -34.26 6.38
CA ALA B 166 -17.54 -35.08 6.03
C ALA B 166 -17.96 -36.32 5.25
N LYS B 167 -19.24 -36.64 5.29
CA LYS B 167 -19.75 -37.78 4.56
C LYS B 167 -20.49 -37.35 3.29
N PRO B 168 -21.70 -36.72 3.40
CA PRO B 168 -22.47 -36.28 2.23
C PRO B 168 -21.76 -35.19 1.42
N ALA B 169 -21.28 -34.14 2.09
CA ALA B 169 -20.60 -33.05 1.40
C ALA B 169 -19.30 -33.53 0.76
N LEU B 170 -18.58 -34.40 1.45
CA LEU B 170 -17.33 -34.93 0.88
C LEU B 170 -17.66 -35.78 -0.33
N GLU B 171 -18.74 -36.54 -0.23
CA GLU B 171 -19.19 -37.38 -1.34
C GLU B 171 -19.63 -36.50 -2.49
N ASP B 172 -20.26 -35.38 -2.12
CA ASP B 172 -20.71 -34.39 -3.11
C ASP B 172 -19.50 -33.85 -3.84
N LEU B 173 -18.48 -33.48 -3.07
CA LEU B 173 -17.24 -32.96 -3.63
C LEU B 173 -16.58 -34.00 -4.52
N ARG B 174 -16.60 -35.25 -4.07
CA ARG B 174 -16.01 -36.34 -4.85
C ARG B 174 -16.79 -36.54 -6.14
N GLN B 175 -18.11 -36.57 -6.02
CA GLN B 175 -18.98 -36.74 -7.17
C GLN B 175 -18.90 -35.56 -8.11
N GLY B 176 -18.48 -34.42 -7.59
CA GLY B 176 -18.33 -33.21 -8.36
C GLY B 176 -16.94 -33.19 -9.00
N LEU B 177 -15.95 -33.63 -8.23
CA LEU B 177 -14.58 -33.69 -8.70
C LEU B 177 -14.40 -34.68 -9.83
N LEU B 178 -15.19 -35.74 -9.83
CA LEU B 178 -15.12 -36.76 -10.88
C LEU B 178 -15.27 -36.16 -12.29
N PRO B 179 -16.43 -35.53 -12.61
CA PRO B 179 -16.65 -34.92 -13.93
C PRO B 179 -15.71 -33.73 -14.14
N VAL B 180 -15.38 -33.06 -13.03
CA VAL B 180 -14.48 -31.91 -13.10
C VAL B 180 -13.10 -32.36 -13.53
N LEU B 181 -12.61 -33.44 -12.94
CA LEU B 181 -11.30 -33.99 -13.30
C LEU B 181 -11.35 -34.48 -14.73
N GLU B 182 -12.48 -35.08 -15.11
CA GLU B 182 -12.66 -35.57 -16.47
C GLU B 182 -12.55 -34.42 -17.47
N SER B 183 -13.29 -33.35 -17.23
CA SER B 183 -13.27 -32.20 -18.11
C SER B 183 -11.92 -31.50 -18.05
N PHE B 184 -11.35 -31.43 -16.84
CA PHE B 184 -10.05 -30.80 -16.64
C PHE B 184 -8.98 -31.52 -17.45
N LYS B 185 -9.02 -32.85 -17.43
CA LYS B 185 -8.08 -33.65 -18.19
C LYS B 185 -8.25 -33.39 -19.68
N VAL B 186 -9.49 -33.18 -20.09
CA VAL B 186 -9.79 -32.88 -21.49
C VAL B 186 -9.12 -31.57 -21.88
N SER B 187 -9.26 -30.55 -21.03
CA SER B 187 -8.65 -29.26 -21.29
C SER B 187 -7.13 -29.38 -21.27
N PHE B 188 -6.61 -30.24 -20.40
CA PHE B 188 -5.18 -30.46 -20.31
C PHE B 188 -4.66 -31.16 -21.55
N LEU B 189 -5.40 -32.18 -21.99
CA LEU B 189 -5.03 -32.94 -23.18
C LEU B 189 -4.93 -32.03 -24.39
N SER B 190 -5.92 -31.16 -24.57
CA SER B 190 -5.92 -30.23 -25.67
C SER B 190 -4.83 -29.18 -25.50
N ALA B 191 -4.74 -28.62 -24.29
CA ALA B 191 -3.73 -27.61 -23.98
C ALA B 191 -2.32 -28.11 -24.25
N LEU B 192 -1.98 -29.24 -23.65
CA LEU B 192 -0.65 -29.82 -23.79
C LEU B 192 -0.32 -30.10 -25.25
N GLU B 193 -1.30 -30.60 -26.00
CA GLU B 193 -1.09 -30.91 -27.40
C GLU B 193 -0.97 -29.64 -28.25
N GLU B 194 -1.93 -28.73 -28.11
CA GLU B 194 -1.93 -27.49 -28.87
C GLU B 194 -0.72 -26.63 -28.56
N TYR B 195 -0.35 -26.57 -27.29
CA TYR B 195 0.79 -25.77 -26.87
C TYR B 195 2.10 -26.29 -27.45
N THR B 196 2.33 -27.60 -27.34
CA THR B 196 3.56 -28.20 -27.87
C THR B 196 3.66 -28.06 -29.38
N LYS B 197 2.52 -28.15 -30.06
CA LYS B 197 2.49 -28.02 -31.52
C LYS B 197 2.91 -26.63 -31.96
N LYS B 198 2.67 -25.64 -31.10
CA LYS B 198 3.03 -24.26 -31.41
C LYS B 198 4.39 -23.89 -30.84
N LEU B 199 4.89 -24.71 -29.92
CA LEU B 199 6.19 -24.47 -29.30
C LEU B 199 7.32 -24.94 -30.20
N ASN B 200 7.03 -25.89 -31.07
CA ASN B 200 8.03 -26.42 -31.99
C ASN B 200 7.53 -26.31 -33.42
N MET C 3 -7.24 0.13 3.79
CA MET C 3 -8.31 1.10 3.67
C MET C 3 -8.04 2.04 2.50
N THR C 4 -8.99 2.90 2.18
CA THR C 4 -8.84 3.84 1.09
C THR C 4 -8.79 5.29 1.59
N GLU C 5 -7.89 6.07 1.02
CA GLU C 5 -7.75 7.46 1.38
C GLU C 5 -8.11 8.33 0.18
N TYR C 6 -8.97 9.32 0.38
CA TYR C 6 -9.38 10.20 -0.70
C TYR C 6 -9.06 11.65 -0.37
N LYS C 7 -8.53 12.37 -1.35
CA LYS C 7 -8.17 13.77 -1.16
C LYS C 7 -9.14 14.69 -1.90
N LEU C 8 -9.88 15.48 -1.13
CA LEU C 8 -10.87 16.39 -1.71
C LEU C 8 -10.40 17.84 -1.54
N VAL C 9 -10.47 18.61 -2.63
CA VAL C 9 -10.06 20.00 -2.59
C VAL C 9 -11.21 20.91 -2.98
N VAL C 10 -11.50 21.88 -2.12
CA VAL C 10 -12.56 22.83 -2.40
C VAL C 10 -11.97 24.06 -3.07
N VAL C 11 -12.31 24.28 -4.34
CA VAL C 11 -11.79 25.43 -5.06
C VAL C 11 -12.76 26.59 -5.05
N GLY C 12 -12.28 27.75 -5.49
CA GLY C 12 -13.10 28.93 -5.51
C GLY C 12 -12.38 30.10 -4.89
N ALA C 13 -12.83 31.31 -5.19
CA ALA C 13 -12.22 32.50 -4.64
C ALA C 13 -12.77 32.82 -3.25
N GLY C 14 -12.99 34.10 -2.97
CA GLY C 14 -13.52 34.49 -1.69
C GLY C 14 -15.00 34.81 -1.76
N GLY C 15 -15.67 34.77 -0.61
CA GLY C 15 -17.09 35.05 -0.57
C GLY C 15 -17.95 33.82 -0.77
N VAL C 16 -17.39 32.81 -1.42
CA VAL C 16 -18.11 31.56 -1.68
C VAL C 16 -18.54 30.86 -0.40
N GLY C 17 -17.60 30.67 0.53
CA GLY C 17 -17.91 30.02 1.79
C GLY C 17 -17.39 28.59 1.87
N LYS C 18 -16.23 28.34 1.29
CA LYS C 18 -15.63 27.01 1.30
C LYS C 18 -15.37 26.52 2.73
N SER C 19 -14.67 27.35 3.49
CA SER C 19 -14.33 27.03 4.87
C SER C 19 -15.58 26.79 5.72
N ALA C 20 -16.63 27.58 5.47
CA ALA C 20 -17.87 27.46 6.21
C ALA C 20 -18.52 26.10 5.97
N LEU C 21 -18.55 25.67 4.72
CA LEU C 21 -19.14 24.38 4.36
C LEU C 21 -18.32 23.23 4.93
N THR C 22 -17.02 23.42 5.01
CA THR C 22 -16.12 22.40 5.52
C THR C 22 -16.29 22.22 7.04
N ILE C 23 -16.26 23.33 7.78
CA ILE C 23 -16.41 23.30 9.22
C ILE C 23 -17.79 22.75 9.60
N GLN C 24 -18.77 23.01 8.73
CA GLN C 24 -20.13 22.55 8.94
C GLN C 24 -20.23 21.02 8.87
N LEU C 25 -19.19 20.39 8.31
CA LEU C 25 -19.17 18.94 8.21
C LEU C 25 -18.19 18.34 9.21
N ILE C 26 -17.12 19.07 9.50
CA ILE C 26 -16.10 18.61 10.43
C ILE C 26 -16.58 18.71 11.88
N GLN C 27 -17.09 19.88 12.27
CA GLN C 27 -17.57 20.09 13.62
C GLN C 27 -19.08 20.33 13.66
N ASN C 28 -19.67 20.48 12.47
CA ASN C 28 -21.11 20.72 12.32
C ASN C 28 -21.51 22.07 12.92
N HIS C 29 -20.67 23.07 12.68
CA HIS C 29 -20.93 24.41 13.19
C HIS C 29 -20.73 25.43 12.09
N PHE C 30 -21.56 26.46 12.07
CA PHE C 30 -21.46 27.52 11.07
C PHE C 30 -20.74 28.74 11.63
N VAL C 31 -19.85 29.32 10.85
CA VAL C 31 -19.09 30.49 11.28
C VAL C 31 -19.82 31.78 10.93
N ASP C 32 -19.46 32.85 11.61
CA ASP C 32 -20.07 34.16 11.36
C ASP C 32 -19.00 35.18 10.99
N GLU C 33 -17.78 34.86 11.33
CA GLU C 33 -16.64 35.72 11.03
C GLU C 33 -16.01 35.31 9.71
N TYR C 34 -15.31 36.24 9.08
CA TYR C 34 -14.65 35.95 7.82
C TYR C 34 -13.28 35.36 8.07
N ASP C 35 -13.16 34.06 7.87
CA ASP C 35 -11.89 33.36 8.07
C ASP C 35 -10.96 33.59 6.90
N PRO C 36 -9.82 34.27 7.15
CA PRO C 36 -8.82 34.55 6.11
C PRO C 36 -7.98 33.31 5.83
N THR C 37 -8.64 32.27 5.35
CA THR C 37 -7.99 31.02 5.04
C THR C 37 -6.93 31.18 3.96
N ILE C 38 -5.75 30.64 4.24
CA ILE C 38 -4.63 30.66 3.31
C ILE C 38 -4.22 29.23 3.00
N GLU C 39 -3.97 28.47 4.06
CA GLU C 39 -3.57 27.07 3.93
C GLU C 39 -4.06 26.30 5.17
N ASP C 40 -5.11 25.51 4.99
CA ASP C 40 -5.69 24.72 6.09
C ASP C 40 -6.51 23.56 5.55
N SER C 41 -6.36 22.39 6.17
CA SER C 41 -7.09 21.20 5.76
C SER C 41 -7.65 20.45 6.97
N TYR C 42 -8.78 19.79 6.78
CA TYR C 42 -9.41 19.03 7.84
C TYR C 42 -9.64 17.60 7.37
N ARG C 43 -9.47 16.64 8.27
CA ARG C 43 -9.63 15.23 7.92
C ARG C 43 -10.56 14.50 8.88
N LYS C 44 -11.50 13.74 8.33
CA LYS C 44 -12.46 12.97 9.11
C LYS C 44 -12.75 11.64 8.44
N GLN C 45 -13.54 10.80 9.12
CA GLN C 45 -13.90 9.50 8.59
C GLN C 45 -15.41 9.46 8.34
N VAL C 46 -15.80 9.23 7.10
CA VAL C 46 -17.21 9.18 6.74
C VAL C 46 -17.51 7.94 5.92
N VAL C 47 -18.58 7.23 6.29
CA VAL C 47 -19.00 6.04 5.58
C VAL C 47 -19.73 6.46 4.30
N ILE C 48 -19.13 6.20 3.16
CA ILE C 48 -19.72 6.58 1.89
C ILE C 48 -20.08 5.35 1.07
N ASP C 49 -21.38 5.21 0.80
CA ASP C 49 -21.91 4.09 0.01
C ASP C 49 -21.60 2.76 0.68
N GLY C 50 -21.55 2.77 2.01
CA GLY C 50 -21.26 1.56 2.75
C GLY C 50 -19.79 1.39 3.05
N GLU C 51 -18.93 1.89 2.17
CA GLU C 51 -17.49 1.76 2.35
C GLU C 51 -16.95 2.87 3.24
N THR C 52 -15.91 2.54 4.01
CA THR C 52 -15.29 3.51 4.89
C THR C 52 -13.98 4.00 4.28
N CYS C 53 -13.72 5.29 4.40
CA CYS C 53 -12.51 5.88 3.86
C CYS C 53 -12.12 7.14 4.61
N LEU C 54 -10.85 7.50 4.51
CA LEU C 54 -10.34 8.69 5.17
C LEU C 54 -10.38 9.86 4.19
N LEU C 55 -11.12 10.90 4.56
CA LEU C 55 -11.26 12.06 3.70
C LEU C 55 -10.45 13.26 4.18
N ASP C 56 -9.61 13.77 3.30
CA ASP C 56 -8.79 14.94 3.59
C ASP C 56 -9.35 16.10 2.79
N ILE C 57 -9.96 17.06 3.47
CA ILE C 57 -10.55 18.20 2.79
C ILE C 57 -9.64 19.42 2.84
N LEU C 58 -9.17 19.84 1.67
CA LEU C 58 -8.29 21.00 1.58
C LEU C 58 -9.08 22.26 1.28
N ASP C 59 -9.12 23.15 2.25
CA ASP C 59 -9.81 24.43 2.11
C ASP C 59 -8.81 25.49 1.64
N THR C 60 -8.76 25.68 0.32
CA THR C 60 -7.84 26.61 -0.31
C THR C 60 -8.13 28.07 0.02
N ALA C 61 -7.13 28.91 -0.20
CA ALA C 61 -7.24 30.35 0.06
C ALA C 61 -8.27 30.99 -0.87
N GLY C 62 -8.69 32.20 -0.54
CA GLY C 62 -9.65 32.90 -1.36
C GLY C 62 -8.98 33.63 -2.51
N GLN C 63 -8.43 34.80 -2.22
CA GLN C 63 -7.76 35.60 -3.24
C GLN C 63 -6.27 35.28 -3.27
N GLU C 64 -5.80 34.70 -4.37
CA GLU C 64 -4.40 34.34 -4.50
C GLU C 64 -3.98 34.40 -5.97
N GLU C 65 -2.67 34.49 -6.20
CA GLU C 65 -2.14 34.56 -7.56
C GLU C 65 -1.49 33.24 -7.96
N TYR C 66 -0.81 33.24 -9.09
CA TYR C 66 -0.14 32.04 -9.58
C TYR C 66 1.20 31.82 -8.87
N SER C 67 1.13 31.34 -7.63
CA SER C 67 2.31 31.08 -6.85
C SER C 67 2.68 29.60 -6.94
N ALA C 68 3.96 29.29 -6.88
CA ALA C 68 4.43 27.91 -6.97
C ALA C 68 3.87 27.08 -5.82
N MET C 69 3.75 27.70 -4.65
CA MET C 69 3.22 27.03 -3.47
C MET C 69 1.78 26.59 -3.70
N ARG C 70 1.02 27.42 -4.41
CA ARG C 70 -0.38 27.13 -4.72
C ARG C 70 -0.50 25.85 -5.53
N ASP C 71 0.25 25.77 -6.61
CA ASP C 71 0.23 24.61 -7.48
C ASP C 71 0.70 23.37 -6.74
N GLN C 72 1.65 23.57 -5.83
CA GLN C 72 2.19 22.47 -5.04
C GLN C 72 1.12 21.82 -4.17
N TYR C 73 0.24 22.62 -3.58
CA TYR C 73 -0.82 22.07 -2.74
C TYR C 73 -2.04 21.61 -3.53
N MET C 74 -2.23 22.20 -4.71
CA MET C 74 -3.37 21.86 -5.57
C MET C 74 -3.14 20.52 -6.28
N ARG C 75 -1.88 20.16 -6.44
CA ARG C 75 -1.52 18.92 -7.12
C ARG C 75 -1.67 17.71 -6.19
N THR C 76 -2.08 17.95 -4.95
CA THR C 76 -2.24 16.88 -3.98
C THR C 76 -3.70 16.43 -3.83
N GLY C 77 -4.60 17.01 -4.60
CA GLY C 77 -6.00 16.65 -4.50
C GLY C 77 -6.49 15.83 -5.67
N GLU C 78 -7.50 15.00 -5.44
CA GLU C 78 -8.07 14.16 -6.48
C GLU C 78 -9.35 14.79 -7.03
N GLY C 79 -10.32 14.96 -6.15
CA GLY C 79 -11.59 15.54 -6.56
C GLY C 79 -11.69 17.01 -6.20
N PHE C 80 -12.24 17.80 -7.10
CA PHE C 80 -12.39 19.23 -6.89
C PHE C 80 -13.84 19.67 -7.05
N LEU C 81 -14.32 20.44 -6.07
CA LEU C 81 -15.69 20.93 -6.09
C LEU C 81 -15.75 22.38 -6.59
N CYS C 82 -16.50 22.61 -7.65
CA CYS C 82 -16.65 23.94 -8.20
C CYS C 82 -17.90 24.59 -7.65
N VAL C 83 -17.76 25.23 -6.49
CA VAL C 83 -18.89 25.88 -5.83
C VAL C 83 -19.06 27.32 -6.32
N PHE C 84 -20.24 27.62 -6.84
CA PHE C 84 -20.53 28.96 -7.32
C PHE C 84 -21.85 29.45 -6.75
N ALA C 85 -22.13 30.74 -6.94
CA ALA C 85 -23.36 31.34 -6.44
C ALA C 85 -24.34 31.58 -7.58
N ILE C 86 -25.53 31.00 -7.46
CA ILE C 86 -26.56 31.16 -8.49
C ILE C 86 -27.08 32.58 -8.57
N ASN C 87 -26.73 33.39 -7.60
CA ASN C 87 -27.16 34.79 -7.57
C ASN C 87 -26.05 35.73 -7.99
N ASN C 88 -24.98 35.16 -8.54
CA ASN C 88 -23.85 35.96 -8.99
C ASN C 88 -23.36 35.45 -10.34
N THR C 89 -23.69 36.19 -11.39
CA THR C 89 -23.32 35.82 -12.75
C THR C 89 -21.81 35.68 -12.91
N LYS C 90 -21.05 36.56 -12.26
CA LYS C 90 -19.59 36.51 -12.33
C LYS C 90 -19.06 35.21 -11.76
N SER C 91 -19.66 34.76 -10.66
CA SER C 91 -19.25 33.53 -10.00
C SER C 91 -19.39 32.34 -10.95
N PHE C 92 -20.44 32.35 -11.76
CA PHE C 92 -20.70 31.29 -12.73
C PHE C 92 -19.68 31.34 -13.86
N GLU C 93 -19.34 32.55 -14.29
CA GLU C 93 -18.37 32.73 -15.37
C GLU C 93 -16.98 32.28 -14.94
N ASP C 94 -16.68 32.48 -13.66
CA ASP C 94 -15.36 32.12 -13.12
C ASP C 94 -15.18 30.61 -13.01
N ILE C 95 -16.26 29.86 -13.24
CA ILE C 95 -16.21 28.40 -13.18
C ILE C 95 -15.23 27.87 -14.23
N HIS C 96 -15.18 28.54 -15.38
CA HIS C 96 -14.27 28.14 -16.44
C HIS C 96 -12.84 28.41 -16.02
N HIS C 97 -12.66 29.43 -15.18
CA HIS C 97 -11.34 29.78 -14.68
C HIS C 97 -10.86 28.69 -13.73
N TYR C 98 -11.76 28.23 -12.86
CA TYR C 98 -11.44 27.18 -11.91
C TYR C 98 -11.13 25.90 -12.66
N ARG C 99 -11.97 25.61 -13.66
CA ARG C 99 -11.82 24.42 -14.49
C ARG C 99 -10.43 24.34 -15.11
N GLU C 100 -10.01 25.42 -15.75
CA GLU C 100 -8.71 25.47 -16.39
C GLU C 100 -7.58 25.42 -15.36
N GLN C 101 -7.79 26.09 -14.22
CA GLN C 101 -6.80 26.11 -13.15
C GLN C 101 -6.52 24.70 -12.65
N ILE C 102 -7.59 23.95 -12.41
CA ILE C 102 -7.46 22.57 -11.94
C ILE C 102 -6.83 21.69 -13.01
N LYS C 103 -7.27 21.85 -14.24
CA LYS C 103 -6.76 21.06 -15.37
C LYS C 103 -5.26 21.27 -15.52
N ARG C 104 -4.81 22.49 -15.25
CA ARG C 104 -3.39 22.82 -15.38
C ARG C 104 -2.59 22.30 -14.18
N VAL C 105 -3.09 22.52 -12.97
CA VAL C 105 -2.40 22.06 -11.76
C VAL C 105 -2.27 20.54 -11.70
N LYS C 106 -3.22 19.85 -12.33
CA LYS C 106 -3.21 18.40 -12.34
C LYS C 106 -2.54 17.88 -13.62
N ASP C 107 -2.32 18.78 -14.57
CA ASP C 107 -1.69 18.44 -15.85
C ASP C 107 -2.53 17.41 -16.62
N SER C 108 -3.81 17.33 -16.27
CA SER C 108 -4.71 16.40 -16.90
C SER C 108 -6.10 17.01 -17.02
N GLU C 109 -6.75 16.76 -18.14
CA GLU C 109 -8.10 17.26 -18.38
C GLU C 109 -9.12 16.31 -17.78
N ASP C 110 -8.68 15.08 -17.54
CA ASP C 110 -9.53 14.04 -16.97
C ASP C 110 -9.45 14.07 -15.44
N VAL C 111 -10.16 15.02 -14.85
CA VAL C 111 -10.18 15.18 -13.40
C VAL C 111 -11.62 15.21 -12.88
N PRO C 112 -11.92 14.40 -11.85
CA PRO C 112 -13.25 14.33 -11.24
C PRO C 112 -13.64 15.66 -10.59
N MET C 113 -14.63 16.32 -11.16
CA MET C 113 -15.11 17.60 -10.65
C MET C 113 -16.63 17.56 -10.52
N VAL C 114 -17.17 18.42 -9.68
CA VAL C 114 -18.60 18.50 -9.48
C VAL C 114 -19.02 19.97 -9.43
N LEU C 115 -20.04 20.32 -10.21
CA LEU C 115 -20.53 21.68 -10.23
C LEU C 115 -21.49 21.86 -9.07
N VAL C 116 -21.16 22.77 -8.17
CA VAL C 116 -21.97 23.01 -6.99
C VAL C 116 -22.67 24.36 -7.04
N GLY C 117 -23.98 24.33 -7.18
CA GLY C 117 -24.75 25.56 -7.23
C GLY C 117 -25.22 25.93 -5.83
N ASN C 118 -24.39 26.67 -5.11
CA ASN C 118 -24.69 27.07 -3.75
C ASN C 118 -25.50 28.37 -3.69
N LYS C 119 -26.11 28.60 -2.54
CA LYS C 119 -26.92 29.80 -2.28
C LYS C 119 -28.19 29.80 -3.12
N CYS C 120 -28.74 28.62 -3.37
CA CYS C 120 -29.96 28.47 -4.14
C CYS C 120 -31.18 28.63 -3.24
N ASP C 121 -30.92 28.98 -1.99
CA ASP C 121 -31.98 29.18 -1.02
C ASP C 121 -32.52 30.60 -1.11
N LEU C 122 -31.69 31.49 -1.65
CA LEU C 122 -32.06 32.89 -1.81
C LEU C 122 -33.01 33.05 -3.00
N PRO C 123 -34.00 33.95 -2.86
CA PRO C 123 -34.98 34.21 -3.92
C PRO C 123 -34.34 34.86 -5.16
N SER C 124 -33.17 35.44 -4.97
CA SER C 124 -32.45 36.08 -6.06
C SER C 124 -31.66 35.03 -6.83
N ARG C 125 -32.15 34.67 -8.01
CA ARG C 125 -31.48 33.67 -8.83
C ARG C 125 -31.24 34.17 -10.24
N THR C 126 -29.97 34.41 -10.55
CA THR C 126 -29.58 34.89 -11.87
C THR C 126 -29.21 33.71 -12.77
N VAL C 127 -28.50 32.75 -12.20
CA VAL C 127 -28.09 31.56 -12.93
C VAL C 127 -29.16 30.49 -12.87
N ASP C 128 -29.73 30.16 -14.02
CA ASP C 128 -30.77 29.15 -14.11
C ASP C 128 -30.15 27.76 -14.11
N THR C 129 -30.91 26.78 -13.66
CA THR C 129 -30.45 25.40 -13.62
C THR C 129 -30.08 24.92 -15.01
N LYS C 130 -30.81 25.38 -16.02
CA LYS C 130 -30.56 24.98 -17.39
C LYS C 130 -29.16 25.39 -17.84
N GLN C 131 -28.72 26.56 -17.40
CA GLN C 131 -27.39 27.07 -17.74
C GLN C 131 -26.32 26.22 -17.08
N ALA C 132 -26.57 25.86 -15.83
CA ALA C 132 -25.64 25.05 -15.06
C ALA C 132 -25.53 23.65 -15.62
N GLN C 133 -26.67 23.01 -15.89
CA GLN C 133 -26.70 21.66 -16.43
C GLN C 133 -26.01 21.61 -17.79
N ASP C 134 -26.23 22.67 -18.58
CA ASP C 134 -25.64 22.78 -19.90
C ASP C 134 -24.11 22.80 -19.82
N LEU C 135 -23.60 23.69 -18.98
CA LEU C 135 -22.15 23.81 -18.80
C LEU C 135 -21.56 22.54 -18.19
N ALA C 136 -22.27 21.98 -17.22
CA ALA C 136 -21.83 20.76 -16.56
C ALA C 136 -21.72 19.62 -17.55
N ARG C 137 -22.69 19.53 -18.45
CA ARG C 137 -22.71 18.49 -19.47
C ARG C 137 -21.51 18.63 -20.40
N SER C 138 -21.18 19.88 -20.74
CA SER C 138 -20.05 20.15 -21.62
C SER C 138 -18.73 19.76 -20.93
N TYR C 139 -18.67 20.01 -19.63
CA TYR C 139 -17.48 19.69 -18.85
C TYR C 139 -17.37 18.19 -18.62
N GLY C 140 -18.52 17.53 -18.58
CA GLY C 140 -18.57 16.11 -18.34
C GLY C 140 -18.62 15.81 -16.86
N ILE C 141 -19.19 16.75 -16.11
CA ILE C 141 -19.30 16.62 -14.66
C ILE C 141 -20.75 16.80 -14.22
N PRO C 142 -21.13 16.22 -13.08
CA PRO C 142 -22.48 16.35 -12.54
C PRO C 142 -22.72 17.70 -11.87
N PHE C 143 -23.98 18.11 -11.78
CA PHE C 143 -24.33 19.38 -11.16
C PHE C 143 -25.26 19.14 -9.97
N ILE C 144 -24.88 19.69 -8.83
CA ILE C 144 -25.66 19.56 -7.61
C ILE C 144 -26.00 20.92 -7.04
N GLU C 145 -27.29 21.15 -6.76
CA GLU C 145 -27.74 22.41 -6.18
C GLU C 145 -27.66 22.29 -4.66
N THR C 146 -26.97 23.23 -4.03
CA THR C 146 -26.79 23.18 -2.60
C THR C 146 -27.28 24.42 -1.88
N SER C 147 -27.93 24.21 -0.76
CA SER C 147 -28.44 25.29 0.07
C SER C 147 -27.58 25.38 1.31
N ALA C 148 -27.03 26.55 1.59
CA ALA C 148 -26.18 26.74 2.76
C ALA C 148 -27.03 26.86 4.00
N LYS C 149 -28.25 27.32 3.82
CA LYS C 149 -29.17 27.50 4.93
C LYS C 149 -29.79 26.19 5.41
N THR C 150 -30.29 25.38 4.49
CA THR C 150 -30.93 24.12 4.87
C THR C 150 -29.98 22.92 4.72
N ARG C 151 -28.84 23.15 4.08
CA ARG C 151 -27.85 22.09 3.83
C ARG C 151 -28.34 21.09 2.79
N GLN C 152 -29.40 21.47 2.08
CA GLN C 152 -29.98 20.63 1.05
C GLN C 152 -29.00 20.37 -0.09
N GLY C 153 -28.74 19.10 -0.35
CA GLY C 153 -27.85 18.71 -1.44
C GLY C 153 -26.37 18.78 -1.07
N VAL C 154 -26.07 19.43 0.04
CA VAL C 154 -24.68 19.60 0.49
C VAL C 154 -24.00 18.26 0.78
N ASP C 155 -24.72 17.36 1.44
CA ASP C 155 -24.15 16.06 1.78
C ASP C 155 -23.89 15.21 0.55
N ASP C 156 -24.88 15.13 -0.34
CA ASP C 156 -24.74 14.33 -1.55
C ASP C 156 -23.68 14.93 -2.50
N ALA C 157 -23.47 16.24 -2.41
CA ALA C 157 -22.48 16.90 -3.23
C ALA C 157 -21.10 16.34 -2.96
N PHE C 158 -20.76 16.22 -1.68
CA PHE C 158 -19.47 15.67 -1.27
C PHE C 158 -19.40 14.20 -1.64
N TYR C 159 -20.51 13.48 -1.46
CA TYR C 159 -20.58 12.06 -1.77
C TYR C 159 -20.38 11.82 -3.26
N THR C 160 -21.05 12.63 -4.09
CA THR C 160 -20.93 12.51 -5.53
C THR C 160 -19.49 12.67 -5.98
N LEU C 161 -18.78 13.63 -5.38
CA LEU C 161 -17.38 13.87 -5.72
C LEU C 161 -16.55 12.60 -5.50
N VAL C 162 -16.74 11.97 -4.34
CA VAL C 162 -16.03 10.75 -4.01
C VAL C 162 -16.40 9.63 -4.99
N ARG C 163 -17.67 9.61 -5.39
CA ARG C 163 -18.16 8.62 -6.33
C ARG C 163 -17.52 8.81 -7.71
N GLU C 164 -17.33 10.07 -8.09
CA GLU C 164 -16.71 10.39 -9.36
C GLU C 164 -15.26 9.91 -9.36
N ILE C 165 -14.58 10.12 -8.23
CA ILE C 165 -13.19 9.69 -8.08
C ILE C 165 -13.08 8.18 -8.26
N ARG C 166 -14.04 7.46 -7.68
CA ARG C 166 -14.07 6.01 -7.77
C ARG C 166 -14.26 5.55 -9.21
N LYS C 167 -15.11 6.26 -9.94
CA LYS C 167 -15.37 5.93 -11.35
C LYS C 167 -14.11 6.05 -12.17
N HIS C 168 -13.25 7.00 -11.81
CA HIS C 168 -11.99 7.22 -12.49
C HIS C 168 -11.08 6.00 -12.33
N LYS C 169 -11.10 5.44 -11.13
CA LYS C 169 -10.28 4.27 -10.81
C LYS C 169 -10.80 3.06 -11.58
N GLU C 170 -12.11 2.87 -11.56
CA GLU C 170 -12.74 1.74 -12.24
C GLU C 170 -12.58 1.83 -13.76
N LYS C 171 -12.85 3.02 -14.32
CA LYS C 171 -12.73 3.22 -15.76
C LYS C 171 -11.34 2.88 -16.27
N MET C 172 -10.32 3.35 -15.55
CA MET C 172 -8.94 3.09 -15.93
C MET C 172 -8.59 1.61 -15.84
N SER C 173 -9.29 0.89 -14.98
CA SER C 173 -9.04 -0.53 -14.79
C SER C 173 -9.74 -1.37 -15.85
N LYS C 174 -10.81 -0.83 -16.43
CA LYS C 174 -11.58 -1.55 -17.45
C LYS C 174 -11.48 -0.89 -18.82
N ASP C 175 -10.52 0.01 -18.96
CA ASP C 175 -10.33 0.73 -20.22
C ASP C 175 -9.67 -0.15 -21.29
N GLY C 176 -9.40 -1.41 -20.95
CA GLY C 176 -8.80 -2.32 -21.90
C GLY C 176 -7.28 -2.20 -21.94
N LYS C 177 -6.64 -2.40 -20.81
CA LYS C 177 -5.19 -2.31 -20.73
C LYS C 177 -4.53 -3.64 -21.10
N LYS C 178 -5.22 -4.74 -20.81
CA LYS C 178 -4.69 -6.07 -21.11
C LYS C 178 -4.84 -6.38 -22.59
N LYS C 179 -5.53 -5.50 -23.31
CA LYS C 179 -5.72 -5.68 -24.74
C LYS C 179 -4.86 -4.68 -25.51
N LYS C 180 -4.00 -3.99 -24.76
CA LYS C 180 -3.08 -2.99 -25.31
C LYS C 180 -3.81 -1.91 -26.12
N LYS C 181 -4.75 -1.24 -25.47
CA LYS C 181 -5.50 -0.19 -26.14
C LYS C 181 -4.83 1.17 -25.93
N LYS C 182 -3.89 1.48 -26.83
CA LYS C 182 -3.13 2.75 -26.80
C LYS C 182 -2.07 2.77 -25.71
N SER C 183 -0.89 2.24 -26.02
CA SER C 183 0.21 2.21 -25.07
C SER C 183 1.41 2.98 -25.60
N LYS C 184 1.87 2.59 -26.79
CA LYS C 184 3.02 3.23 -27.46
C LYS C 184 4.33 3.05 -26.69
N THR C 185 5.44 3.35 -27.34
CA THR C 185 6.75 3.24 -26.72
C THR C 185 7.16 4.54 -26.04
N LYS C 186 6.33 5.56 -26.21
CA LYS C 186 6.59 6.86 -25.61
C LYS C 186 5.31 7.69 -25.54
N CYS C 187 5.05 8.29 -24.38
CA CYS C 187 3.87 9.12 -24.18
C CYS C 187 4.21 10.35 -23.36
N GLY D 1 5.37 36.70 5.54
CA GLY D 1 5.15 36.60 6.96
C GLY D 1 4.20 35.47 7.32
N THR D 2 4.52 34.27 6.85
CA THR D 2 3.70 33.10 7.10
C THR D 2 4.50 32.00 7.78
N VAL D 3 3.93 31.38 8.80
CA VAL D 3 4.59 30.29 9.52
C VAL D 3 3.78 29.01 9.40
N LYS D 4 4.47 27.91 9.09
CA LYS D 4 3.83 26.62 8.95
C LYS D 4 3.75 25.91 10.30
N VAL D 5 2.55 25.73 10.79
CA VAL D 5 2.33 25.06 12.06
C VAL D 5 2.12 23.57 11.83
N TYR D 6 2.93 22.75 12.49
CA TYR D 6 2.83 21.30 12.35
C TYR D 6 1.85 20.73 13.37
N LEU D 7 0.76 20.17 12.87
CA LEU D 7 -0.26 19.59 13.73
C LEU D 7 0.02 18.13 14.05
N PRO D 8 -0.27 17.70 15.29
CA PRO D 8 -0.04 16.30 15.74
C PRO D 8 -0.95 15.30 15.05
N ASN D 9 -1.93 15.81 14.30
CA ASN D 9 -2.87 14.96 13.57
C ASN D 9 -2.32 14.63 12.19
N LYS D 10 -1.00 14.81 12.03
CA LYS D 10 -0.32 14.55 10.77
C LYS D 10 -0.86 15.46 9.68
N GLN D 11 -0.96 16.74 10.01
CA GLN D 11 -1.44 17.76 9.09
C GLN D 11 -0.71 19.07 9.39
N ARG D 12 -1.06 20.14 8.69
CA ARG D 12 -0.40 21.42 8.90
C ARG D 12 -1.30 22.58 8.49
N THR D 13 -0.93 23.77 8.92
CA THR D 13 -1.67 24.98 8.59
C THR D 13 -0.71 26.18 8.57
N VAL D 14 -1.06 27.18 7.78
CA VAL D 14 -0.22 28.37 7.67
C VAL D 14 -0.92 29.59 8.27
N VAL D 15 -0.30 30.18 9.28
CA VAL D 15 -0.86 31.35 9.94
C VAL D 15 -0.02 32.61 9.70
N THR D 16 -0.64 33.76 9.85
CA THR D 16 0.02 35.03 9.64
C THR D 16 0.79 35.44 10.90
N VAL D 17 2.04 35.86 10.72
CA VAL D 17 2.87 36.28 11.85
C VAL D 17 2.64 37.76 12.16
N ARG D 18 1.99 38.02 13.28
CA ARG D 18 1.70 39.39 13.71
C ARG D 18 2.19 39.59 15.13
N ASP D 19 2.57 40.81 15.44
CA ASP D 19 3.04 41.15 16.77
C ASP D 19 1.89 41.33 17.74
N GLY D 20 2.19 41.31 19.03
CA GLY D 20 1.17 41.48 20.04
C GLY D 20 0.54 40.15 20.46
N MET D 21 0.01 39.43 19.49
CA MET D 21 -0.62 38.15 19.76
C MET D 21 0.40 37.12 20.25
N SER D 22 -0.02 36.33 21.22
CA SER D 22 0.84 35.31 21.80
C SER D 22 0.65 33.97 21.09
N VAL D 23 1.49 33.00 21.43
CA VAL D 23 1.40 31.67 20.83
C VAL D 23 0.04 31.07 21.15
N TYR D 24 -0.45 31.37 22.35
CA TYR D 24 -1.76 30.89 22.79
C TYR D 24 -2.85 31.37 21.83
N ASP D 25 -2.71 32.60 21.35
CA ASP D 25 -3.68 33.19 20.44
C ASP D 25 -3.68 32.48 19.09
N SER D 26 -2.52 32.46 18.44
CA SER D 26 -2.37 31.85 17.14
C SER D 26 -2.69 30.36 17.15
N LEU D 27 -2.22 29.65 18.17
CA LEU D 27 -2.44 28.22 18.27
C LEU D 27 -3.88 27.89 18.66
N ASP D 28 -4.55 28.83 19.31
CA ASP D 28 -5.94 28.63 19.74
C ASP D 28 -6.83 28.35 18.53
N LYS D 29 -6.71 29.20 17.52
CA LYS D 29 -7.49 29.07 16.30
C LYS D 29 -7.23 27.75 15.60
N ALA D 30 -5.99 27.25 15.70
CA ALA D 30 -5.61 26.00 15.06
C ALA D 30 -6.09 24.79 15.86
N LEU D 31 -6.12 24.92 17.18
CA LEU D 31 -6.55 23.83 18.04
C LEU D 31 -8.07 23.74 18.14
N LYS D 32 -8.72 24.89 18.30
CA LYS D 32 -10.18 24.92 18.43
C LYS D 32 -10.87 24.39 17.18
N VAL D 33 -10.30 24.68 16.01
CA VAL D 33 -10.88 24.23 14.75
C VAL D 33 -10.68 22.72 14.56
N ARG D 34 -9.81 22.13 15.37
CA ARG D 34 -9.55 20.69 15.29
C ARG D 34 -10.21 19.95 16.44
N GLY D 35 -10.77 20.69 17.38
CA GLY D 35 -11.44 20.08 18.51
C GLY D 35 -10.47 19.72 19.63
N LEU D 36 -9.36 20.45 19.69
CA LEU D 36 -8.35 20.22 20.71
C LEU D 36 -8.21 21.46 21.60
N ASN D 37 -7.68 21.27 22.80
CA ASN D 37 -7.49 22.39 23.72
C ASN D 37 -6.04 22.46 24.15
N GLN D 38 -5.65 23.60 24.72
CA GLN D 38 -4.29 23.82 25.18
C GLN D 38 -4.06 23.14 26.53
N ASP D 39 -4.42 21.87 26.61
CA ASP D 39 -4.27 21.10 27.84
C ASP D 39 -3.07 20.17 27.73
N CYS D 40 -3.23 19.10 26.97
CA CYS D 40 -2.17 18.12 26.78
C CYS D 40 -1.25 18.52 25.64
N CYS D 41 -1.72 19.43 24.80
CA CYS D 41 -0.95 19.89 23.66
C CYS D 41 0.29 20.68 24.11
N VAL D 42 1.42 20.37 23.50
CA VAL D 42 2.68 21.03 23.82
C VAL D 42 3.35 21.48 22.52
N VAL D 43 3.95 22.67 22.54
CA VAL D 43 4.61 23.21 21.36
C VAL D 43 6.12 23.23 21.51
N TYR D 44 6.81 22.72 20.49
CA TYR D 44 8.26 22.68 20.49
C TYR D 44 8.82 23.51 19.35
N ARG D 45 10.07 23.94 19.50
CA ARG D 45 10.75 24.72 18.48
C ARG D 45 11.84 23.87 17.85
N LEU D 46 12.20 24.19 16.61
CA LEU D 46 13.22 23.43 15.90
C LEU D 46 14.54 24.18 15.82
N ILE D 47 15.01 24.64 16.96
CA ILE D 47 16.26 25.38 17.02
C ILE D 47 17.44 24.43 16.80
N LYS D 48 17.78 24.23 15.53
CA LYS D 48 18.87 23.37 15.12
C LYS D 48 18.60 21.89 15.43
N GLY D 49 17.36 21.46 15.18
CA GLY D 49 16.99 20.08 15.40
C GLY D 49 16.54 19.78 16.82
N ARG D 50 17.14 20.47 17.78
CA ARG D 50 16.81 20.27 19.19
C ARG D 50 15.42 20.80 19.52
N LYS D 51 14.52 19.90 19.87
CA LYS D 51 13.15 20.28 20.22
C LYS D 51 13.12 21.10 21.50
N THR D 52 13.00 22.41 21.35
CA THR D 52 12.98 23.30 22.49
C THR D 52 11.55 23.68 22.88
N VAL D 53 11.12 23.22 24.03
CA VAL D 53 9.77 23.50 24.54
C VAL D 53 9.53 25.01 24.64
N THR D 54 8.28 25.41 24.49
CA THR D 54 7.91 26.82 24.60
C THR D 54 6.62 26.97 25.40
N ALA D 55 6.31 28.19 25.80
CA ALA D 55 5.11 28.47 26.57
C ALA D 55 4.06 29.17 25.71
N TRP D 56 2.81 29.10 26.15
CA TRP D 56 1.71 29.73 25.42
C TRP D 56 1.72 31.24 25.65
N ASP D 57 2.23 31.65 26.80
CA ASP D 57 2.30 33.05 27.19
C ASP D 57 3.17 33.86 26.22
N THR D 58 4.24 33.23 25.75
CA THR D 58 5.16 33.87 24.82
C THR D 58 4.45 34.36 23.56
N ALA D 59 4.87 35.53 23.06
CA ALA D 59 4.27 36.09 21.85
C ALA D 59 4.82 35.37 20.62
N ILE D 60 4.13 35.51 19.49
CA ILE D 60 4.56 34.86 18.26
C ILE D 60 5.54 35.74 17.48
N ALA D 61 5.87 36.90 18.05
CA ALA D 61 6.78 37.85 17.42
C ALA D 61 8.19 37.28 17.16
N PRO D 62 8.87 36.72 18.19
CA PRO D 62 10.22 36.16 18.03
C PRO D 62 10.22 34.77 17.38
N LEU D 63 9.12 34.42 16.74
CA LEU D 63 9.01 33.12 16.07
C LEU D 63 9.09 33.28 14.56
N ASP D 64 9.65 34.41 14.13
CA ASP D 64 9.81 34.69 12.71
C ASP D 64 10.80 33.73 12.06
N GLY D 65 10.28 32.81 11.26
CA GLY D 65 11.13 31.84 10.59
C GLY D 65 11.32 30.59 11.42
N GLU D 66 10.49 30.41 12.43
CA GLU D 66 10.57 29.25 13.31
C GLU D 66 9.49 28.23 12.94
N GLU D 67 9.79 26.96 13.16
CA GLU D 67 8.84 25.88 12.86
C GLU D 67 8.28 25.33 14.17
N LEU D 68 7.01 25.61 14.41
CA LEU D 68 6.35 25.17 15.63
C LEU D 68 5.77 23.77 15.50
N ILE D 69 6.26 22.86 16.32
CA ILE D 69 5.80 21.48 16.33
C ILE D 69 4.89 21.26 17.53
N VAL D 70 3.62 20.99 17.27
CA VAL D 70 2.67 20.77 18.35
C VAL D 70 2.39 19.28 18.49
N GLU D 71 2.55 18.77 19.70
CA GLU D 71 2.31 17.37 19.97
C GLU D 71 1.29 17.22 21.10
N VAL D 72 0.74 16.02 21.24
CA VAL D 72 -0.25 15.76 22.27
C VAL D 72 0.31 14.83 23.32
N LEU D 73 0.59 15.37 24.49
CA LEU D 73 1.13 14.58 25.58
C LEU D 73 0.10 14.48 26.70
N LEU A 3 -22.27 -13.95 20.38
CA LEU A 3 -22.35 -14.39 21.77
C LEU A 3 -20.98 -14.85 22.25
N LYS A 4 -20.42 -15.84 21.56
CA LYS A 4 -19.10 -16.36 21.93
C LYS A 4 -18.02 -15.38 21.49
N LEU A 5 -18.41 -14.48 20.59
CA LEU A 5 -17.50 -13.46 20.09
C LEU A 5 -17.20 -12.46 21.20
N LEU A 6 -18.13 -12.35 22.15
CA LEU A 6 -17.98 -11.44 23.27
C LEU A 6 -16.89 -11.96 24.20
N ASP A 7 -16.88 -13.27 24.41
CA ASP A 7 -15.86 -13.91 25.25
C ASP A 7 -14.51 -13.75 24.59
N ASN A 8 -14.52 -13.82 23.26
CA ASN A 8 -13.30 -13.66 22.47
C ASN A 8 -12.78 -12.23 22.64
N TRP A 9 -13.66 -11.26 22.41
CA TRP A 9 -13.30 -9.85 22.54
C TRP A 9 -12.83 -9.55 23.96
N ASP A 10 -13.47 -10.15 24.94
CA ASP A 10 -13.10 -9.97 26.34
C ASP A 10 -11.67 -10.44 26.57
N SER A 11 -11.32 -11.55 25.94
CA SER A 11 -9.98 -12.11 26.06
C SER A 11 -8.96 -11.20 25.37
N VAL A 12 -9.44 -10.39 24.44
CA VAL A 12 -8.59 -9.45 23.72
C VAL A 12 -8.43 -8.16 24.52
N THR A 13 -9.52 -7.68 25.11
CA THR A 13 -9.48 -6.46 25.92
C THR A 13 -8.62 -6.67 27.16
N SER A 14 -8.65 -7.89 27.70
CA SER A 14 -7.88 -8.21 28.89
C SER A 14 -6.38 -8.29 28.55
N THR A 15 -6.06 -8.81 27.37
CA THR A 15 -4.67 -8.91 26.96
C THR A 15 -4.13 -7.53 26.63
N PHE A 16 -4.98 -6.69 26.03
CA PHE A 16 -4.60 -5.33 25.69
C PHE A 16 -4.31 -4.51 26.95
N SER A 17 -5.12 -4.71 27.98
CA SER A 17 -4.92 -4.00 29.24
C SER A 17 -3.65 -4.52 29.92
N LYS A 18 -3.48 -5.85 29.90
CA LYS A 18 -2.30 -6.47 30.48
C LYS A 18 -1.05 -6.00 29.74
N LEU A 19 -1.23 -5.75 28.44
CA LEU A 19 -0.15 -5.26 27.60
C LEU A 19 0.16 -3.81 27.94
N ARG A 20 -0.87 -2.97 28.01
CA ARG A 20 -0.70 -1.56 28.33
C ARG A 20 -0.06 -1.38 29.70
N GLU A 21 -0.53 -2.14 30.68
CA GLU A 21 0.00 -2.07 32.04
C GLU A 21 1.48 -2.44 32.08
N GLN A 22 1.93 -3.16 31.06
CA GLN A 22 3.32 -3.56 30.96
C GLN A 22 4.06 -2.63 30.02
N LEU A 23 3.34 -2.10 29.03
CA LEU A 23 3.91 -1.18 28.05
C LEU A 23 4.37 0.09 28.73
N GLY A 24 3.63 0.51 29.76
CA GLY A 24 4.00 1.69 30.52
C GLY A 24 5.42 1.55 31.04
N PRO A 25 5.66 0.64 32.00
CA PRO A 25 7.00 0.40 32.54
C PRO A 25 8.00 0.08 31.43
N VAL A 26 7.56 -0.69 30.42
CA VAL A 26 8.43 -1.04 29.30
C VAL A 26 8.95 0.21 28.60
N THR A 27 8.06 1.14 28.27
CA THR A 27 8.47 2.36 27.59
C THR A 27 9.34 3.22 28.51
N GLN A 28 9.01 3.21 29.80
CA GLN A 28 9.78 3.96 30.78
C GLN A 28 11.18 3.37 30.91
N GLU A 29 11.24 2.05 31.09
CA GLU A 29 12.51 1.36 31.21
C GLU A 29 13.32 1.51 29.93
N PHE A 30 12.65 1.36 28.79
CA PHE A 30 13.30 1.50 27.49
C PHE A 30 13.83 2.92 27.30
N TRP A 31 13.00 3.92 27.59
CA TRP A 31 13.39 5.31 27.45
C TRP A 31 14.54 5.64 28.39
N ASP A 32 14.46 5.14 29.62
CA ASP A 32 15.49 5.38 30.61
C ASP A 32 16.78 4.65 30.24
N ASN A 33 16.62 3.42 29.77
CA ASN A 33 17.75 2.61 29.34
C ASN A 33 18.43 3.32 28.18
N LEU A 34 17.61 3.79 27.25
CA LEU A 34 18.11 4.53 26.09
C LEU A 34 18.68 5.87 26.52
N GLU A 35 18.11 6.45 27.57
CA GLU A 35 18.59 7.72 28.10
C GLU A 35 20.03 7.57 28.55
N LYS A 36 20.30 6.50 29.28
CA LYS A 36 21.64 6.21 29.76
C LYS A 36 22.57 6.06 28.57
N GLU A 37 22.10 5.35 27.54
CA GLU A 37 22.86 5.13 26.33
C GLU A 37 23.08 6.44 25.59
N THR A 38 22.02 7.23 25.43
CA THR A 38 22.12 8.51 24.73
C THR A 38 23.02 9.48 25.48
N GLU A 39 22.95 9.47 26.81
CA GLU A 39 23.78 10.34 27.61
C GLU A 39 25.25 9.99 27.42
N GLY A 40 25.55 8.70 27.50
CA GLY A 40 26.90 8.24 27.29
C GLY A 40 27.34 8.60 25.88
N LEU A 41 26.48 8.29 24.93
CA LEU A 41 26.73 8.57 23.52
C LEU A 41 26.93 10.07 23.30
N ARG A 42 26.20 10.90 24.05
CA ARG A 42 26.33 12.35 23.93
C ARG A 42 27.70 12.79 24.41
N GLN A 43 28.14 12.20 25.51
CA GLN A 43 29.46 12.52 26.06
C GLN A 43 30.53 12.00 25.10
N GLU A 44 30.31 10.80 24.59
CA GLU A 44 31.23 10.18 23.65
C GLU A 44 31.26 10.99 22.35
N MET A 45 30.08 11.37 21.87
CA MET A 45 29.94 12.16 20.66
C MET A 45 30.63 13.51 20.82
N SER A 46 30.65 14.00 22.05
CA SER A 46 31.32 15.26 22.34
C SER A 46 32.80 15.09 22.06
N LYS A 47 33.37 14.01 22.60
CA LYS A 47 34.77 13.70 22.37
C LYS A 47 35.00 13.38 20.90
N ASP A 48 34.09 12.58 20.36
CA ASP A 48 34.14 12.18 18.95
C ASP A 48 34.21 13.41 18.06
N LEU A 49 33.19 14.25 18.15
CA LEU A 49 33.11 15.47 17.35
C LEU A 49 34.28 16.41 17.63
N GLU A 50 34.52 16.71 18.91
CA GLU A 50 35.59 17.62 19.28
C GLU A 50 36.95 17.17 18.76
N GLU A 51 37.30 15.92 19.04
CA GLU A 51 38.58 15.37 18.61
C GLU A 51 38.65 15.24 17.09
N VAL A 52 37.57 14.77 16.49
CA VAL A 52 37.52 14.61 15.04
C VAL A 52 37.61 15.95 14.32
N LYS A 53 36.88 16.95 14.83
CA LYS A 53 36.89 18.28 14.23
C LYS A 53 38.24 18.93 14.39
N ALA A 54 38.77 18.89 15.62
CA ALA A 54 40.07 19.49 15.90
C ALA A 54 41.16 18.83 15.06
N LYS A 55 41.09 17.50 14.95
CA LYS A 55 42.07 16.76 14.17
C LYS A 55 41.81 16.90 12.68
N VAL A 56 40.56 17.11 12.31
CA VAL A 56 40.18 17.27 10.92
C VAL A 56 40.93 18.43 10.29
N GLN A 57 41.22 19.45 11.10
CA GLN A 57 41.95 20.60 10.62
C GLN A 57 43.33 20.20 10.11
N PRO A 58 44.26 19.72 10.97
CA PRO A 58 45.60 19.31 10.52
C PRO A 58 45.53 18.14 9.53
N TYR A 59 44.53 17.27 9.70
CA TYR A 59 44.37 16.12 8.81
C TYR A 59 44.13 16.58 7.38
N LEU A 60 43.19 17.51 7.21
CA LEU A 60 42.87 18.03 5.88
C LEU A 60 43.86 19.10 5.46
N ASP A 61 44.36 19.87 6.44
CA ASP A 61 45.32 20.93 6.16
C ASP A 61 46.62 20.38 5.63
N ASP A 62 47.16 19.37 6.31
CA ASP A 62 48.40 18.74 5.89
C ASP A 62 48.19 18.02 4.58
N PHE A 63 47.03 17.37 4.45
CA PHE A 63 46.69 16.66 3.23
C PHE A 63 46.58 17.67 2.09
N GLN A 64 46.15 18.89 2.43
CA GLN A 64 46.01 19.96 1.47
C GLN A 64 47.39 20.41 0.98
N LYS A 65 48.35 20.49 1.90
CA LYS A 65 49.72 20.87 1.54
C LYS A 65 50.21 19.91 0.47
N LYS A 66 50.00 18.63 0.75
CA LYS A 66 50.39 17.57 -0.15
C LYS A 66 49.60 17.68 -1.46
N TRP A 67 48.28 17.84 -1.35
CA TRP A 67 47.41 17.96 -2.53
C TRP A 67 47.84 19.15 -3.40
N GLN A 68 48.26 20.23 -2.75
CA GLN A 68 48.72 21.41 -3.46
C GLN A 68 49.95 21.04 -4.27
N GLU A 69 50.92 20.40 -3.61
CA GLU A 69 52.13 19.97 -4.28
C GLU A 69 51.79 18.95 -5.35
N GLU A 70 50.84 18.08 -5.04
CA GLU A 70 50.38 17.05 -5.97
C GLU A 70 49.83 17.69 -7.24
N MET A 71 48.89 18.61 -7.08
CA MET A 71 48.27 19.29 -8.20
C MET A 71 49.28 20.17 -8.94
N GLU A 72 50.10 20.89 -8.18
CA GLU A 72 51.10 21.77 -8.78
C GLU A 72 52.14 20.99 -9.55
N LEU A 73 52.69 19.94 -8.93
CA LEU A 73 53.69 19.11 -9.59
C LEU A 73 53.05 18.41 -10.79
N TYR A 74 51.79 18.04 -10.63
CA TYR A 74 51.05 17.39 -11.70
C TYR A 74 50.95 18.33 -12.88
N ARG A 75 50.53 19.57 -12.61
CA ARG A 75 50.40 20.58 -13.67
C ARG A 75 51.76 20.92 -14.24
N GLN A 76 52.76 21.04 -13.36
CA GLN A 76 54.13 21.34 -13.76
C GLN A 76 54.66 20.30 -14.73
N LYS A 77 54.19 19.07 -14.57
CA LYS A 77 54.59 17.99 -15.45
C LYS A 77 53.62 17.89 -16.63
N VAL A 78 52.33 18.03 -16.35
CA VAL A 78 51.30 17.96 -17.37
C VAL A 78 51.56 18.92 -18.53
N GLU A 79 51.93 20.16 -18.22
CA GLU A 79 52.20 21.15 -19.27
C GLU A 79 53.22 20.64 -20.30
N PRO A 80 54.48 20.35 -19.91
CA PRO A 80 55.48 19.84 -20.84
C PRO A 80 55.12 18.45 -21.38
N LEU A 81 54.53 17.59 -20.53
CA LEU A 81 54.14 16.25 -20.98
C LEU A 81 53.06 16.34 -22.05
N ARG A 82 52.20 17.35 -21.90
CA ARG A 82 51.12 17.61 -22.85
C ARG A 82 51.74 18.11 -24.13
N ALA A 83 52.83 18.87 -23.99
CA ALA A 83 53.54 19.40 -25.14
C ALA A 83 54.15 18.25 -25.92
N GLU A 84 54.68 17.26 -25.20
CA GLU A 84 55.26 16.08 -25.83
C GLU A 84 54.17 15.36 -26.59
N LEU A 85 52.99 15.24 -25.95
CA LEU A 85 51.85 14.60 -26.55
C LEU A 85 51.40 15.37 -27.79
N GLN A 86 51.49 16.69 -27.71
CA GLN A 86 51.12 17.55 -28.82
C GLN A 86 52.10 17.40 -29.97
N GLU A 87 53.39 17.50 -29.66
CA GLU A 87 54.43 17.35 -30.67
C GLU A 87 54.34 15.96 -31.26
N GLY A 88 54.16 14.98 -30.40
CA GLY A 88 54.02 13.62 -30.82
C GLY A 88 52.79 13.46 -31.69
N ALA A 89 51.69 14.04 -31.26
CA ALA A 89 50.43 13.97 -32.00
C ALA A 89 50.58 14.62 -33.37
N ARG A 90 51.34 15.71 -33.42
CA ARG A 90 51.58 16.41 -34.68
C ARG A 90 52.29 15.48 -35.66
N GLN A 91 53.26 14.72 -35.15
CA GLN A 91 54.00 13.76 -35.95
C GLN A 91 53.09 12.58 -36.28
N LYS A 92 52.44 12.03 -35.25
CA LYS A 92 51.54 10.90 -35.43
C LYS A 92 50.44 11.22 -36.44
N LEU A 93 49.91 12.44 -36.36
CA LEU A 93 48.87 12.88 -37.28
C LEU A 93 49.43 13.08 -38.67
N HIS A 94 50.65 13.62 -38.75
CA HIS A 94 51.30 13.84 -40.02
C HIS A 94 51.54 12.51 -40.71
N GLU A 95 51.96 11.52 -39.94
CA GLU A 95 52.20 10.18 -40.43
C GLU A 95 50.91 9.61 -41.00
N LEU A 96 49.79 9.96 -40.37
CA LEU A 96 48.49 9.53 -40.81
C LEU A 96 48.08 10.31 -42.04
N GLN A 97 48.34 11.61 -42.03
CA GLN A 97 48.01 12.48 -43.17
C GLN A 97 48.79 12.05 -44.40
N GLU A 98 50.03 11.65 -44.21
CA GLU A 98 50.88 11.19 -45.30
C GLU A 98 50.52 9.76 -45.69
N LYS A 99 49.37 9.31 -45.23
CA LYS A 99 48.87 7.97 -45.52
C LYS A 99 47.40 8.03 -45.96
N LEU A 100 46.62 8.84 -45.26
CA LEU A 100 45.20 9.00 -45.55
C LEU A 100 44.99 9.48 -46.98
N SER A 101 45.92 10.28 -47.49
CA SER A 101 45.83 10.78 -48.85
C SER A 101 46.33 9.76 -49.88
N PRO A 102 47.63 9.36 -49.84
CA PRO A 102 48.17 8.39 -50.81
C PRO A 102 47.46 7.04 -50.74
N LEU A 103 47.32 6.50 -49.54
CA LEU A 103 46.66 5.21 -49.35
C LEU A 103 45.15 5.38 -49.46
N GLY A 104 44.71 6.63 -49.44
CA GLY A 104 43.30 6.92 -49.57
C GLY A 104 42.93 6.96 -51.03
N GLU A 105 43.72 7.68 -51.81
CA GLU A 105 43.51 7.78 -53.25
C GLU A 105 43.59 6.41 -53.88
N GLU A 106 44.62 5.66 -53.48
CA GLU A 106 44.82 4.31 -53.99
C GLU A 106 43.66 3.41 -53.58
N MET A 107 43.18 3.58 -52.35
CA MET A 107 42.05 2.80 -51.85
C MET A 107 40.82 3.13 -52.67
N ARG A 108 40.67 4.41 -52.99
CA ARG A 108 39.55 4.88 -53.79
C ARG A 108 39.69 4.39 -55.22
N ASP A 109 40.91 4.41 -55.75
CA ASP A 109 41.15 3.96 -57.11
C ASP A 109 40.86 2.47 -57.25
N ARG A 110 41.31 1.70 -56.27
CA ARG A 110 41.07 0.27 -56.26
C ARG A 110 39.59 0.02 -55.99
N ALA A 111 38.96 0.93 -55.26
CA ALA A 111 37.54 0.85 -54.98
C ALA A 111 36.75 1.14 -56.25
N ARG A 112 37.33 1.97 -57.12
CA ARG A 112 36.71 2.30 -58.38
C ARG A 112 36.58 1.03 -59.20
N ALA A 113 37.70 0.33 -59.37
CA ALA A 113 37.71 -0.93 -60.10
C ALA A 113 36.85 -1.96 -59.36
N HIS A 114 36.88 -1.88 -58.03
CA HIS A 114 36.12 -2.77 -57.16
C HIS A 114 34.63 -2.67 -57.50
N VAL A 115 34.10 -1.45 -57.43
CA VAL A 115 32.69 -1.19 -57.72
C VAL A 115 32.38 -1.22 -59.21
N ASP A 116 33.28 -0.68 -60.03
CA ASP A 116 33.06 -0.66 -61.48
C ASP A 116 32.94 -2.08 -62.03
N ALA A 117 33.90 -2.93 -61.69
CA ALA A 117 33.86 -4.32 -62.14
C ALA A 117 32.64 -5.01 -61.53
N LEU A 118 32.20 -4.51 -60.38
CA LEU A 118 31.03 -5.05 -59.72
C LEU A 118 29.79 -4.65 -60.52
N ARG A 119 29.80 -3.43 -61.06
CA ARG A 119 28.69 -2.93 -61.85
C ARG A 119 28.54 -3.77 -63.12
N THR A 120 29.66 -3.98 -63.81
CA THR A 120 29.68 -4.77 -65.03
C THR A 120 29.35 -6.24 -64.73
N HIS A 121 29.34 -6.59 -63.44
CA HIS A 121 29.01 -7.94 -63.02
C HIS A 121 27.55 -7.98 -62.56
N LEU A 122 27.13 -6.95 -61.84
CA LEU A 122 25.76 -6.86 -61.35
C LEU A 122 24.77 -6.72 -62.49
N ALA A 123 25.20 -6.03 -63.55
CA ALA A 123 24.35 -5.84 -64.73
C ALA A 123 23.86 -7.18 -65.30
N PRO A 124 24.76 -8.08 -65.75
CA PRO A 124 24.34 -9.38 -66.29
C PRO A 124 23.74 -10.26 -65.20
N TYR A 125 24.20 -10.08 -63.96
CA TYR A 125 23.69 -10.86 -62.84
C TYR A 125 22.22 -10.55 -62.63
N SER A 126 21.88 -9.27 -62.55
CA SER A 126 20.49 -8.86 -62.36
C SER A 126 19.68 -9.14 -63.62
N ASP A 127 20.33 -8.99 -64.78
CA ASP A 127 19.71 -9.24 -66.06
C ASP A 127 19.23 -10.69 -66.11
N GLU A 128 20.16 -11.60 -65.84
CA GLU A 128 19.86 -13.02 -65.83
C GLU A 128 18.97 -13.38 -64.65
N LEU A 129 19.11 -12.63 -63.56
CA LEU A 129 18.29 -12.86 -62.37
C LEU A 129 16.83 -12.61 -62.72
N ARG A 130 16.58 -11.58 -63.54
CA ARG A 130 15.23 -11.25 -63.96
C ARG A 130 14.68 -12.39 -64.81
N GLN A 131 15.56 -13.01 -65.59
CA GLN A 131 15.20 -14.13 -66.44
C GLN A 131 14.89 -15.35 -65.57
N ARG A 132 15.75 -15.60 -64.60
CA ARG A 132 15.57 -16.73 -63.68
C ARG A 132 14.30 -16.54 -62.88
N LEU A 133 14.10 -15.32 -62.39
CA LEU A 133 12.91 -14.99 -61.62
C LEU A 133 11.68 -15.08 -62.49
N ALA A 134 11.82 -14.68 -63.75
CA ALA A 134 10.71 -14.76 -64.70
C ALA A 134 10.33 -16.21 -64.92
N ALA A 135 11.36 -17.05 -65.09
CA ALA A 135 11.15 -18.47 -65.29
C ALA A 135 10.45 -19.08 -64.07
N ARG A 136 10.92 -18.68 -62.90
CA ARG A 136 10.33 -19.15 -61.64
C ARG A 136 8.88 -18.69 -61.52
N LEU A 137 8.67 -17.38 -61.69
CA LEU A 137 7.32 -16.80 -61.61
C LEU A 137 6.40 -17.42 -62.67
N GLU A 138 6.95 -17.69 -63.84
CA GLU A 138 6.18 -18.29 -64.92
C GLU A 138 5.79 -19.72 -64.57
N ALA A 139 6.74 -20.46 -64.03
CA ALA A 139 6.49 -21.83 -63.61
C ALA A 139 5.53 -21.84 -62.45
N LEU A 140 5.79 -20.97 -61.46
CA LEU A 140 4.95 -20.85 -60.28
C LEU A 140 3.56 -20.36 -60.65
N LYS A 141 3.43 -19.75 -61.82
CA LYS A 141 2.16 -19.27 -62.30
C LYS A 141 1.24 -20.45 -62.58
N GLU A 142 1.78 -21.43 -63.30
CA GLU A 142 1.06 -22.64 -63.64
C GLU A 142 1.04 -23.56 -62.41
N ASN A 143 2.19 -23.64 -61.76
CA ASN A 143 2.37 -24.45 -60.56
C ASN A 143 1.36 -24.04 -59.50
N GLY A 144 1.27 -22.73 -59.27
CA GLY A 144 0.34 -22.19 -58.31
C GLY A 144 -1.08 -22.17 -58.84
N GLY A 145 -1.22 -21.91 -60.13
CA GLY A 145 -2.53 -21.88 -60.74
C GLY A 145 -3.22 -23.22 -60.61
N ALA A 146 -2.51 -24.28 -60.95
CA ALA A 146 -3.03 -25.63 -60.85
C ALA A 146 -3.25 -25.98 -59.38
N ARG A 147 -2.33 -25.54 -58.54
CA ARG A 147 -2.39 -25.77 -57.10
C ARG A 147 -3.65 -25.13 -56.52
N LEU A 148 -3.94 -23.93 -56.99
CA LEU A 148 -5.12 -23.18 -56.55
C LEU A 148 -6.37 -23.94 -56.95
N ALA A 149 -6.36 -24.49 -58.16
CA ALA A 149 -7.48 -25.26 -58.66
C ALA A 149 -7.63 -26.53 -57.82
N GLU A 150 -6.48 -27.13 -57.49
CA GLU A 150 -6.46 -28.34 -56.68
C GLU A 150 -7.06 -28.05 -55.31
N TYR A 151 -6.55 -27.00 -54.68
CA TYR A 151 -7.02 -26.60 -53.36
C TYR A 151 -8.47 -26.14 -53.40
N HIS A 152 -8.90 -25.61 -54.55
CA HIS A 152 -10.27 -25.16 -54.71
C HIS A 152 -11.21 -26.36 -54.80
N ALA A 153 -10.88 -27.31 -55.65
CA ALA A 153 -11.68 -28.51 -55.81
C ALA A 153 -11.73 -29.29 -54.50
N LYS A 154 -10.58 -29.39 -53.85
CA LYS A 154 -10.48 -30.09 -52.58
C LYS A 154 -11.20 -29.33 -51.47
N ALA A 155 -11.35 -28.01 -51.64
CA ALA A 155 -12.05 -27.19 -50.67
C ALA A 155 -13.53 -27.52 -50.71
N THR A 156 -14.06 -27.73 -51.91
CA THR A 156 -15.45 -28.09 -52.07
C THR A 156 -15.71 -29.43 -51.40
N GLU A 157 -14.74 -30.34 -51.55
CA GLU A 157 -14.83 -31.65 -50.92
C GLU A 157 -14.77 -31.50 -49.41
N HIS A 158 -13.94 -30.56 -48.96
CA HIS A 158 -13.80 -30.27 -47.53
C HIS A 158 -15.12 -29.77 -46.98
N LEU A 159 -15.70 -28.79 -47.67
CA LEU A 159 -16.98 -28.22 -47.26
C LEU A 159 -18.08 -29.26 -47.24
N SER A 160 -18.08 -30.15 -48.24
CA SER A 160 -19.08 -31.20 -48.34
C SER A 160 -18.97 -32.15 -47.14
N THR A 161 -17.77 -32.66 -46.90
CA THR A 161 -17.54 -33.57 -45.77
C THR A 161 -17.72 -32.84 -44.45
N LEU A 162 -17.50 -31.53 -44.46
CA LEU A 162 -17.65 -30.71 -43.27
C LEU A 162 -19.13 -30.53 -42.98
N SER A 163 -19.93 -30.37 -44.04
CA SER A 163 -21.36 -30.20 -43.91
C SER A 163 -21.98 -31.47 -43.32
N GLU A 164 -21.36 -32.60 -43.61
CA GLU A 164 -21.82 -33.89 -43.09
C GLU A 164 -21.58 -33.97 -41.58
N LYS A 165 -20.88 -32.96 -41.05
CA LYS A 165 -20.61 -32.88 -39.63
C LYS A 165 -21.28 -31.64 -39.06
N ALA A 166 -21.37 -30.60 -39.88
CA ALA A 166 -22.00 -29.35 -39.47
C ALA A 166 -23.50 -29.51 -39.33
N LYS A 167 -24.06 -30.49 -40.04
CA LYS A 167 -25.50 -30.73 -39.96
C LYS A 167 -25.83 -32.01 -39.17
N PRO A 168 -25.55 -33.22 -39.72
CA PRO A 168 -25.85 -34.48 -39.02
C PRO A 168 -25.14 -34.60 -37.67
N ALA A 169 -23.82 -34.43 -37.68
CA ALA A 169 -23.04 -34.54 -36.44
C ALA A 169 -23.43 -33.47 -35.43
N LEU A 170 -23.51 -32.22 -35.87
CA LEU A 170 -23.90 -31.13 -34.98
C LEU A 170 -25.30 -31.35 -34.43
N GLU A 171 -26.18 -31.87 -35.28
CA GLU A 171 -27.55 -32.16 -34.88
C GLU A 171 -27.54 -33.26 -33.83
N ASP A 172 -26.74 -34.29 -34.06
CA ASP A 172 -26.62 -35.39 -33.11
C ASP A 172 -26.01 -34.88 -31.82
N LEU A 173 -25.05 -33.95 -31.94
CA LEU A 173 -24.42 -33.37 -30.78
C LEU A 173 -25.46 -32.59 -29.99
N ARG A 174 -26.30 -31.84 -30.69
CA ARG A 174 -27.37 -31.09 -30.03
C ARG A 174 -28.34 -32.08 -29.40
N GLN A 175 -28.57 -33.18 -30.11
CA GLN A 175 -29.46 -34.22 -29.63
C GLN A 175 -28.92 -34.90 -28.40
N GLY A 176 -27.61 -34.81 -28.18
CA GLY A 176 -26.99 -35.39 -27.00
C GLY A 176 -26.91 -34.32 -25.91
N LEU A 177 -26.65 -33.08 -26.33
CA LEU A 177 -26.55 -31.96 -25.40
C LEU A 177 -27.86 -31.77 -24.63
N LEU A 178 -28.98 -31.97 -25.31
CA LEU A 178 -30.29 -31.82 -24.67
C LEU A 178 -30.43 -32.70 -23.42
N PRO A 179 -30.37 -34.04 -23.55
CA PRO A 179 -30.47 -34.94 -22.39
C PRO A 179 -29.31 -34.76 -21.42
N VAL A 180 -28.12 -34.46 -21.94
CA VAL A 180 -26.95 -34.25 -21.11
C VAL A 180 -27.14 -33.03 -20.20
N LEU A 181 -27.44 -31.89 -20.80
CA LEU A 181 -27.64 -30.66 -20.04
C LEU A 181 -28.84 -30.80 -19.10
N GLU A 182 -29.87 -31.52 -19.56
CA GLU A 182 -31.06 -31.72 -18.74
C GLU A 182 -30.72 -32.53 -17.49
N SER A 183 -30.04 -33.67 -17.68
CA SER A 183 -29.67 -34.53 -16.56
C SER A 183 -28.67 -33.82 -15.65
N PHE A 184 -27.77 -33.04 -16.26
CA PHE A 184 -26.77 -32.29 -15.51
C PHE A 184 -27.42 -31.17 -14.71
N LYS A 185 -28.46 -30.57 -15.28
CA LYS A 185 -29.17 -29.51 -14.59
C LYS A 185 -29.88 -30.07 -13.37
N VAL A 186 -30.39 -31.29 -13.50
CA VAL A 186 -31.06 -31.96 -12.40
C VAL A 186 -30.08 -32.20 -11.25
N SER A 187 -28.88 -32.67 -11.60
CA SER A 187 -27.86 -32.93 -10.60
C SER A 187 -27.31 -31.62 -10.02
N PHE A 188 -27.17 -30.62 -10.87
CA PHE A 188 -26.66 -29.32 -10.43
C PHE A 188 -27.66 -28.63 -9.51
N LEU A 189 -28.92 -28.63 -9.90
CA LEU A 189 -29.97 -27.99 -9.11
C LEU A 189 -30.07 -28.62 -7.72
N SER A 190 -30.03 -29.94 -7.67
CA SER A 190 -30.12 -30.65 -6.41
C SER A 190 -28.83 -30.48 -5.61
N ALA A 191 -27.72 -30.29 -6.31
CA ALA A 191 -26.43 -30.08 -5.66
C ALA A 191 -26.40 -28.74 -4.95
N LEU A 192 -27.00 -27.74 -5.57
CA LEU A 192 -27.07 -26.39 -5.01
C LEU A 192 -27.74 -26.43 -3.64
N GLU A 193 -28.80 -27.22 -3.53
CA GLU A 193 -29.52 -27.36 -2.28
C GLU A 193 -28.58 -27.92 -1.21
N GLU A 194 -27.83 -28.94 -1.59
CA GLU A 194 -26.91 -29.59 -0.69
C GLU A 194 -25.83 -28.63 -0.22
N TYR A 195 -25.31 -27.81 -1.14
CA TYR A 195 -24.28 -26.83 -0.80
C TYR A 195 -24.81 -25.87 0.25
N THR A 196 -26.05 -25.41 0.04
CA THR A 196 -26.69 -24.47 0.95
C THR A 196 -26.84 -25.07 2.35
N LYS A 197 -27.16 -26.36 2.42
CA LYS A 197 -27.34 -27.06 3.69
C LYS A 197 -26.06 -27.04 4.53
N LYS A 198 -24.91 -26.98 3.86
CA LYS A 198 -23.62 -26.96 4.55
C LYS A 198 -23.23 -25.55 4.96
N LEU A 199 -23.81 -24.56 4.29
CA LEU A 199 -23.54 -23.17 4.59
C LEU A 199 -24.41 -22.69 5.74
N ASN A 200 -25.71 -22.95 5.62
CA ASN A 200 -26.70 -22.56 6.65
C ASN A 200 -28.10 -22.88 6.16
N LEU B 3 -22.90 -44.21 -21.58
CA LEU B 3 -24.01 -44.72 -22.37
C LEU B 3 -24.22 -43.85 -23.60
N LYS B 4 -24.38 -42.56 -23.35
CA LYS B 4 -24.58 -41.60 -24.43
C LYS B 4 -23.26 -41.35 -25.14
N LEU B 5 -22.17 -41.54 -24.40
CA LEU B 5 -20.82 -41.36 -24.94
C LEU B 5 -20.57 -42.33 -26.08
N LEU B 6 -21.25 -43.46 -26.06
CA LEU B 6 -21.10 -44.46 -27.11
C LEU B 6 -21.55 -43.87 -28.44
N ASP B 7 -22.66 -43.14 -28.40
CA ASP B 7 -23.20 -42.49 -29.59
C ASP B 7 -22.30 -41.35 -30.03
N ASN B 8 -21.67 -40.71 -29.05
CA ASN B 8 -20.75 -39.61 -29.32
C ASN B 8 -19.55 -40.17 -30.09
N TRP B 9 -19.00 -41.27 -29.59
CA TRP B 9 -17.87 -41.94 -30.24
C TRP B 9 -18.30 -42.44 -31.60
N ASP B 10 -19.53 -42.92 -31.68
CA ASP B 10 -20.11 -43.42 -32.93
C ASP B 10 -20.06 -42.33 -33.98
N SER B 11 -20.47 -41.12 -33.59
CA SER B 11 -20.46 -39.97 -34.48
C SER B 11 -19.02 -39.65 -34.89
N VAL B 12 -18.09 -39.81 -33.96
CA VAL B 12 -16.68 -39.56 -34.21
C VAL B 12 -16.17 -40.60 -35.21
N THR B 13 -16.72 -41.81 -35.12
CA THR B 13 -16.34 -42.90 -36.01
C THR B 13 -16.80 -42.56 -37.43
N SER B 14 -18.00 -41.98 -37.53
CA SER B 14 -18.52 -41.56 -38.82
C SER B 14 -17.66 -40.42 -39.36
N THR B 15 -17.22 -39.57 -38.44
CA THR B 15 -16.36 -38.44 -38.76
C THR B 15 -15.03 -38.95 -39.32
N PHE B 16 -14.48 -39.97 -38.66
CA PHE B 16 -13.23 -40.57 -39.07
C PHE B 16 -13.37 -41.17 -40.47
N SER B 17 -14.53 -41.76 -40.74
CA SER B 17 -14.80 -42.33 -42.04
C SER B 17 -14.76 -41.25 -43.11
N LYS B 18 -15.34 -40.10 -42.79
CA LYS B 18 -15.36 -38.96 -43.70
C LYS B 18 -13.94 -38.45 -43.92
N LEU B 19 -13.12 -38.58 -42.89
CA LEU B 19 -11.73 -38.15 -42.96
C LEU B 19 -10.95 -39.07 -43.91
N ARG B 20 -11.25 -40.36 -43.81
CA ARG B 20 -10.61 -41.36 -44.65
C ARG B 20 -11.01 -41.16 -46.12
N GLU B 21 -12.31 -40.94 -46.34
CA GLU B 21 -12.83 -40.72 -47.69
C GLU B 21 -12.25 -39.42 -48.25
N GLN B 22 -11.90 -38.52 -47.35
CA GLN B 22 -11.32 -37.25 -47.73
C GLN B 22 -9.86 -37.42 -48.08
N LEU B 23 -9.12 -38.06 -47.18
CA LEU B 23 -7.69 -38.30 -47.36
C LEU B 23 -7.37 -38.97 -48.68
N GLY B 24 -8.21 -39.93 -49.08
CA GLY B 24 -7.99 -40.66 -50.32
C GLY B 24 -7.72 -39.76 -51.51
N PRO B 25 -8.74 -39.15 -52.11
CA PRO B 25 -8.58 -38.27 -53.27
C PRO B 25 -7.69 -37.07 -52.95
N VAL B 26 -7.79 -36.56 -51.72
CA VAL B 26 -6.99 -35.40 -51.32
C VAL B 26 -5.49 -35.68 -51.39
N THR B 27 -5.04 -36.80 -50.83
CA THR B 27 -3.62 -37.13 -50.86
C THR B 27 -3.18 -37.53 -52.26
N GLN B 28 -4.07 -38.17 -53.01
CA GLN B 28 -3.77 -38.56 -54.38
C GLN B 28 -3.46 -37.33 -55.20
N GLU B 29 -4.34 -36.35 -55.13
CA GLU B 29 -4.16 -35.10 -55.84
C GLU B 29 -3.09 -34.25 -55.19
N PHE B 30 -2.86 -34.48 -53.89
CA PHE B 30 -1.84 -33.74 -53.16
C PHE B 30 -0.47 -34.16 -53.66
N TRP B 31 -0.27 -35.47 -53.79
CA TRP B 31 0.99 -36.01 -54.28
C TRP B 31 1.17 -35.58 -55.74
N ASP B 32 0.05 -35.55 -56.47
CA ASP B 32 0.05 -35.12 -57.86
C ASP B 32 0.45 -33.65 -57.91
N ASN B 33 -0.14 -32.86 -57.01
CA ASN B 33 0.16 -31.43 -56.90
C ASN B 33 1.63 -31.26 -56.50
N LEU B 34 2.10 -32.15 -55.64
CA LEU B 34 3.49 -32.12 -55.20
C LEU B 34 4.40 -32.36 -56.39
N GLU B 35 4.00 -33.29 -57.25
CA GLU B 35 4.76 -33.60 -58.45
C GLU B 35 4.71 -32.43 -59.42
N LYS B 36 3.57 -31.73 -59.46
CA LYS B 36 3.44 -30.56 -60.31
C LYS B 36 4.44 -29.52 -59.82
N GLU B 37 4.61 -29.48 -58.51
CA GLU B 37 5.54 -28.55 -57.88
C GLU B 37 6.97 -28.95 -58.21
N THR B 38 7.29 -30.23 -58.02
CA THR B 38 8.64 -30.72 -58.31
C THR B 38 8.95 -30.60 -59.79
N GLU B 39 7.95 -30.81 -60.64
CA GLU B 39 8.13 -30.69 -62.08
C GLU B 39 8.48 -29.25 -62.43
N GLY B 40 7.90 -28.32 -61.69
CA GLY B 40 8.20 -26.92 -61.89
C GLY B 40 9.63 -26.66 -61.44
N LEU B 41 9.95 -27.20 -60.27
CA LEU B 41 11.27 -27.05 -59.70
C LEU B 41 12.33 -27.75 -60.58
N ARG B 42 11.89 -28.73 -61.35
CA ARG B 42 12.78 -29.46 -62.25
C ARG B 42 13.12 -28.60 -63.46
N GLN B 43 12.51 -27.42 -63.52
CA GLN B 43 12.75 -26.46 -64.59
C GLN B 43 13.32 -25.19 -63.97
N GLU B 44 12.79 -24.86 -62.81
CA GLU B 44 13.23 -23.69 -62.07
C GLU B 44 14.61 -23.92 -61.47
N MET B 45 14.72 -24.94 -60.61
CA MET B 45 15.98 -25.25 -59.93
C MET B 45 17.07 -25.72 -60.89
N SER B 46 16.68 -26.39 -61.97
CA SER B 46 17.65 -26.86 -62.93
C SER B 46 18.38 -25.66 -63.55
N LYS B 47 17.58 -24.72 -64.05
CA LYS B 47 18.14 -23.51 -64.63
C LYS B 47 18.80 -22.69 -63.54
N ASP B 48 18.17 -22.65 -62.38
CA ASP B 48 18.69 -21.92 -61.21
C ASP B 48 20.10 -22.38 -60.89
N LEU B 49 20.27 -23.68 -60.71
CA LEU B 49 21.56 -24.26 -60.37
C LEU B 49 22.59 -24.06 -61.48
N GLU B 50 22.21 -24.34 -62.72
CA GLU B 50 23.15 -24.18 -63.83
C GLU B 50 23.52 -22.72 -64.02
N GLU B 51 22.55 -21.83 -63.84
CA GLU B 51 22.79 -20.41 -63.99
C GLU B 51 23.60 -19.88 -62.81
N VAL B 52 23.24 -20.33 -61.60
CA VAL B 52 23.95 -19.90 -60.40
C VAL B 52 25.40 -20.40 -60.40
N LYS B 53 25.61 -21.60 -60.94
CA LYS B 53 26.96 -22.15 -61.03
C LYS B 53 27.78 -21.30 -61.98
N ALA B 54 27.11 -20.85 -63.05
CA ALA B 54 27.74 -19.99 -64.04
C ALA B 54 27.95 -18.59 -63.47
N LYS B 55 27.33 -18.33 -62.32
CA LYS B 55 27.45 -17.06 -61.62
C LYS B 55 28.56 -17.17 -60.58
N VAL B 56 28.60 -18.30 -59.90
CA VAL B 56 29.59 -18.57 -58.86
C VAL B 56 31.01 -18.49 -59.41
N GLN B 57 31.23 -19.05 -60.59
CA GLN B 57 32.56 -19.02 -61.21
C GLN B 57 33.11 -17.58 -61.30
N PRO B 58 32.43 -16.68 -62.05
CA PRO B 58 32.87 -15.29 -62.18
C PRO B 58 32.75 -14.54 -60.85
N TYR B 59 31.80 -14.96 -60.01
CA TYR B 59 31.60 -14.34 -58.70
C TYR B 59 32.83 -14.57 -57.83
N LEU B 60 33.25 -15.83 -57.72
CA LEU B 60 34.41 -16.17 -56.92
C LEU B 60 35.67 -15.58 -57.53
N ASP B 61 35.79 -15.68 -58.84
CA ASP B 61 36.94 -15.14 -59.55
C ASP B 61 37.08 -13.65 -59.31
N ASP B 62 36.00 -12.91 -59.53
CA ASP B 62 36.01 -11.47 -59.34
C ASP B 62 36.06 -11.09 -57.88
N PHE B 63 35.46 -11.91 -57.02
CA PHE B 63 35.48 -11.66 -55.58
C PHE B 63 36.89 -11.82 -55.07
N GLN B 64 37.54 -12.92 -55.45
CA GLN B 64 38.91 -13.19 -55.04
C GLN B 64 39.84 -12.18 -55.70
N LYS B 65 39.45 -11.72 -56.88
CA LYS B 65 40.21 -10.72 -57.62
C LYS B 65 40.21 -9.42 -56.82
N LYS B 66 39.02 -9.04 -56.35
CA LYS B 66 38.86 -7.85 -55.54
C LYS B 66 39.51 -8.06 -54.18
N TRP B 67 39.36 -9.27 -53.66
CA TRP B 67 39.94 -9.63 -52.39
C TRP B 67 41.46 -9.55 -52.49
N GLN B 68 41.98 -9.84 -53.69
CA GLN B 68 43.41 -9.76 -53.93
C GLN B 68 43.82 -8.29 -53.90
N GLU B 69 43.04 -7.45 -54.59
CA GLU B 69 43.31 -6.01 -54.63
C GLU B 69 43.36 -5.48 -53.20
N GLU B 70 42.42 -5.94 -52.39
CA GLU B 70 42.35 -5.54 -51.00
C GLU B 70 43.44 -6.20 -50.19
N MET B 71 43.80 -7.43 -50.54
CA MET B 71 44.86 -8.14 -49.85
C MET B 71 46.15 -7.37 -50.03
N GLU B 72 46.37 -6.90 -51.26
CA GLU B 72 47.54 -6.10 -51.57
C GLU B 72 47.42 -4.79 -50.80
N LEU B 73 46.24 -4.18 -50.87
CA LEU B 73 45.95 -2.93 -50.18
C LEU B 73 46.20 -3.05 -48.69
N TYR B 74 45.76 -4.14 -48.09
CA TYR B 74 45.95 -4.38 -46.66
C TYR B 74 47.43 -4.47 -46.35
N ARG B 75 48.19 -5.14 -47.20
CA ARG B 75 49.62 -5.27 -47.00
C ARG B 75 50.32 -3.94 -47.21
N GLN B 76 49.83 -3.17 -48.18
CA GLN B 76 50.39 -1.86 -48.49
C GLN B 76 49.88 -0.80 -47.52
N LYS B 77 49.08 -1.23 -46.54
CA LYS B 77 48.55 -0.32 -45.53
C LYS B 77 48.99 -0.75 -44.14
N VAL B 78 48.66 -1.98 -43.78
CA VAL B 78 48.99 -2.54 -42.47
C VAL B 78 50.49 -2.63 -42.23
N GLU B 79 51.25 -3.08 -43.23
CA GLU B 79 52.70 -3.19 -43.08
C GLU B 79 53.37 -1.84 -42.78
N PRO B 80 53.22 -0.82 -43.66
CA PRO B 80 53.80 0.49 -43.41
C PRO B 80 53.22 1.10 -42.13
N LEU B 81 51.95 0.80 -41.86
CA LEU B 81 51.31 1.28 -40.65
C LEU B 81 51.95 0.65 -39.43
N ARG B 82 52.19 -0.67 -39.50
CA ARG B 82 52.82 -1.40 -38.41
C ARG B 82 54.13 -0.75 -38.03
N ALA B 83 54.89 -0.34 -39.03
CA ALA B 83 56.18 0.30 -38.81
C ALA B 83 56.01 1.67 -38.15
N GLU B 84 55.25 2.55 -38.79
CA GLU B 84 55.04 3.89 -38.27
C GLU B 84 54.23 3.91 -36.97
N LEU B 85 53.28 3.00 -36.84
CA LEU B 85 52.48 2.92 -35.64
C LEU B 85 53.36 2.43 -34.50
N GLN B 86 54.30 1.55 -34.82
CA GLN B 86 55.23 1.04 -33.82
C GLN B 86 56.18 2.14 -33.41
N GLU B 87 56.57 2.97 -34.38
CA GLU B 87 57.44 4.10 -34.11
C GLU B 87 56.69 5.11 -33.26
N GLY B 88 55.42 5.31 -33.60
CA GLY B 88 54.57 6.21 -32.84
C GLY B 88 54.31 5.63 -31.46
N ALA B 89 54.20 4.31 -31.40
CA ALA B 89 54.00 3.61 -30.14
C ALA B 89 55.27 3.69 -29.32
N ARG B 90 56.42 3.60 -29.99
CA ARG B 90 57.71 3.70 -29.34
C ARG B 90 57.85 5.11 -28.79
N GLN B 91 57.38 6.08 -29.56
CA GLN B 91 57.40 7.47 -29.14
C GLN B 91 56.50 7.62 -27.91
N LYS B 92 55.29 7.07 -28.00
CA LYS B 92 54.34 7.13 -26.89
C LYS B 92 54.86 6.35 -25.70
N LEU B 93 55.55 5.23 -25.97
CA LEU B 93 56.13 4.42 -24.91
C LEU B 93 57.26 5.17 -24.25
N HIS B 94 58.10 5.81 -25.07
CA HIS B 94 59.21 6.61 -24.55
C HIS B 94 58.62 7.73 -23.72
N GLU B 95 57.52 8.29 -24.23
CA GLU B 95 56.80 9.34 -23.52
C GLU B 95 56.32 8.77 -22.19
N LEU B 96 55.51 7.73 -22.27
CA LEU B 96 54.93 7.07 -21.10
C LEU B 96 56.00 6.70 -20.07
N GLN B 97 57.04 6.01 -20.51
CA GLN B 97 58.10 5.61 -19.59
C GLN B 97 58.78 6.81 -18.94
N GLU B 98 59.04 7.85 -19.74
CA GLU B 98 59.68 9.05 -19.21
C GLU B 98 58.71 9.89 -18.38
N LYS B 99 57.43 9.56 -18.47
CA LYS B 99 56.42 10.27 -17.70
C LYS B 99 56.08 9.48 -16.44
N LEU B 100 55.94 8.16 -16.60
CA LEU B 100 55.60 7.27 -15.50
C LEU B 100 56.75 7.08 -14.51
N SER B 101 57.98 7.18 -15.00
CA SER B 101 59.13 7.03 -14.10
C SER B 101 59.13 8.10 -13.00
N PRO B 102 59.20 9.41 -13.36
CA PRO B 102 59.18 10.49 -12.36
C PRO B 102 57.84 10.51 -11.62
N LEU B 103 56.76 10.21 -12.34
CA LEU B 103 55.42 10.18 -11.74
C LEU B 103 55.31 9.05 -10.75
N GLY B 104 55.96 7.93 -11.04
CA GLY B 104 55.94 6.80 -10.15
C GLY B 104 56.64 7.13 -8.85
N GLU B 105 57.80 7.77 -8.97
CA GLU B 105 58.55 8.18 -7.80
C GLU B 105 57.75 9.22 -7.02
N GLU B 106 57.15 10.15 -7.77
CA GLU B 106 56.34 11.19 -7.18
C GLU B 106 55.13 10.57 -6.48
N MET B 107 54.52 9.59 -7.14
CA MET B 107 53.37 8.89 -6.57
C MET B 107 53.78 8.16 -5.31
N ARG B 108 54.99 7.62 -5.32
CA ARG B 108 55.52 6.92 -4.14
C ARG B 108 55.69 7.92 -3.01
N ASP B 109 56.19 9.11 -3.35
CA ASP B 109 56.37 10.18 -2.38
C ASP B 109 55.03 10.66 -1.89
N ARG B 110 54.07 10.79 -2.81
CA ARG B 110 52.72 11.21 -2.47
C ARG B 110 52.11 10.16 -1.54
N ALA B 111 52.33 8.90 -1.88
CA ALA B 111 51.84 7.79 -1.10
C ALA B 111 52.43 7.82 0.30
N ARG B 112 53.73 8.08 0.40
CA ARG B 112 54.38 8.16 1.69
C ARG B 112 53.81 9.32 2.48
N ALA B 113 53.61 10.44 1.79
CA ALA B 113 53.04 11.64 2.40
C ALA B 113 51.54 11.50 2.63
N HIS B 114 51.03 10.29 2.46
CA HIS B 114 49.61 10.00 2.66
C HIS B 114 49.46 8.80 3.59
N VAL B 115 50.09 7.69 3.22
CA VAL B 115 50.03 6.46 4.01
C VAL B 115 50.82 6.63 5.30
N ASP B 116 52.02 7.18 5.22
CA ASP B 116 52.83 7.39 6.42
C ASP B 116 52.15 8.43 7.29
N ALA B 117 51.54 9.40 6.63
CA ALA B 117 50.81 10.44 7.33
C ALA B 117 49.60 9.80 8.01
N LEU B 118 48.99 8.84 7.31
CA LEU B 118 47.85 8.11 7.84
C LEU B 118 48.29 7.22 8.99
N ARG B 119 49.57 6.86 9.02
CA ARG B 119 50.10 6.04 10.10
C ARG B 119 50.00 6.82 11.40
N THR B 120 50.29 8.12 11.31
CA THR B 120 50.22 8.99 12.46
C THR B 120 48.85 9.67 12.54
N HIS B 121 47.93 9.23 11.69
CA HIS B 121 46.59 9.78 11.66
C HIS B 121 45.56 8.74 12.09
N LEU B 122 45.61 7.57 11.45
CA LEU B 122 44.66 6.49 11.73
C LEU B 122 45.01 5.73 12.99
N ALA B 123 46.30 5.57 13.29
CA ALA B 123 46.70 4.87 14.51
C ALA B 123 46.09 5.52 15.75
N PRO B 124 46.32 6.83 16.00
CA PRO B 124 45.73 7.51 17.15
C PRO B 124 44.22 7.63 16.98
N TYR B 125 43.77 7.69 15.73
CA TYR B 125 42.35 7.80 15.42
C TYR B 125 41.61 6.56 15.89
N SER B 126 42.16 5.39 15.55
CA SER B 126 41.56 4.13 15.96
C SER B 126 41.73 3.91 17.45
N ASP B 127 42.80 4.44 18.00
CA ASP B 127 43.06 4.33 19.44
C ASP B 127 42.02 5.14 20.19
N GLU B 128 41.77 6.35 19.69
CA GLU B 128 40.76 7.23 20.28
C GLU B 128 39.38 6.61 20.08
N LEU B 129 39.14 6.09 18.88
CA LEU B 129 37.87 5.44 18.57
C LEU B 129 37.69 4.23 19.46
N ARG B 130 38.78 3.51 19.72
CA ARG B 130 38.75 2.34 20.57
C ARG B 130 38.31 2.73 21.98
N GLN B 131 38.79 3.89 22.44
CA GLN B 131 38.42 4.38 23.76
C GLN B 131 36.94 4.75 23.78
N ARG B 132 36.49 5.36 22.69
CA ARG B 132 35.08 5.75 22.56
C ARG B 132 34.22 4.48 22.45
N LEU B 133 34.75 3.48 21.76
CA LEU B 133 34.06 2.21 21.62
C LEU B 133 34.05 1.49 22.96
N ALA B 134 35.12 1.67 23.73
CA ALA B 134 35.22 1.07 25.05
C ALA B 134 34.15 1.68 25.95
N ALA B 135 34.01 3.00 25.88
CA ALA B 135 33.00 3.71 26.67
C ALA B 135 31.61 3.25 26.21
N ARG B 136 31.46 3.11 24.89
CA ARG B 136 30.22 2.65 24.29
C ARG B 136 29.91 1.25 24.82
N LEU B 137 30.94 0.43 24.93
CA LEU B 137 30.81 -0.93 25.43
C LEU B 137 30.47 -0.90 26.91
N GLU B 138 31.04 0.07 27.64
CA GLU B 138 30.76 0.22 29.07
C GLU B 138 29.27 0.45 29.26
N ALA B 139 28.72 1.30 28.40
CA ALA B 139 27.30 1.61 28.44
C ALA B 139 26.51 0.38 28.01
N LEU B 140 26.94 -0.24 26.92
CA LEU B 140 26.29 -1.44 26.39
C LEU B 140 26.29 -2.56 27.42
N LYS B 141 27.29 -2.58 28.29
CA LYS B 141 27.37 -3.60 29.33
C LYS B 141 26.38 -3.31 30.45
N GLU B 142 26.38 -2.07 30.93
CA GLU B 142 25.46 -1.68 32.00
C GLU B 142 24.02 -1.69 31.52
N ASN B 143 23.78 -1.05 30.38
CA ASN B 143 22.45 -1.00 29.79
C ASN B 143 22.04 -2.39 29.37
N GLY B 144 23.00 -3.16 28.87
CA GLY B 144 22.73 -4.52 28.45
C GLY B 144 22.39 -5.40 29.63
N GLY B 145 23.12 -5.22 30.73
CA GLY B 145 22.85 -5.98 31.93
C GLY B 145 21.48 -5.63 32.47
N ALA B 146 21.12 -4.36 32.36
CA ALA B 146 19.82 -3.89 32.79
C ALA B 146 18.76 -4.48 31.87
N ARG B 147 19.04 -4.43 30.57
CA ARG B 147 18.14 -4.97 29.56
C ARG B 147 17.86 -6.44 29.83
N LEU B 148 18.88 -7.18 30.23
CA LEU B 148 18.73 -8.60 30.55
C LEU B 148 17.77 -8.79 31.70
N ALA B 149 17.89 -7.92 32.71
CA ALA B 149 17.02 -7.98 33.88
C ALA B 149 15.60 -7.57 33.47
N GLU B 150 15.52 -6.49 32.71
CA GLU B 150 14.25 -5.99 32.22
C GLU B 150 13.55 -7.05 31.37
N TYR B 151 14.30 -7.62 30.43
CA TYR B 151 13.77 -8.66 29.56
C TYR B 151 13.38 -9.90 30.34
N HIS B 152 14.20 -10.25 31.35
CA HIS B 152 13.93 -11.41 32.17
C HIS B 152 12.65 -11.20 32.98
N ALA B 153 12.52 -10.01 33.54
CA ALA B 153 11.34 -9.66 34.32
C ALA B 153 10.12 -9.67 33.42
N LYS B 154 10.19 -8.96 32.30
CA LYS B 154 9.09 -8.89 31.35
C LYS B 154 8.75 -10.26 30.79
N ALA B 155 9.76 -11.11 30.63
CA ALA B 155 9.55 -12.46 30.12
C ALA B 155 8.69 -13.24 31.10
N THR B 156 9.03 -13.12 32.38
CA THR B 156 8.28 -13.81 33.43
C THR B 156 6.88 -13.21 33.52
N GLU B 157 6.80 -11.89 33.35
CA GLU B 157 5.53 -11.17 33.40
C GLU B 157 4.68 -11.52 32.18
N HIS B 158 5.33 -11.92 31.10
CA HIS B 158 4.63 -12.29 29.88
C HIS B 158 4.25 -13.77 29.91
N LEU B 159 5.10 -14.59 30.52
CA LEU B 159 4.83 -16.02 30.62
C LEU B 159 3.59 -16.26 31.47
N SER B 160 3.37 -15.39 32.44
CA SER B 160 2.20 -15.50 33.32
C SER B 160 0.95 -15.01 32.58
N THR B 161 1.10 -13.92 31.84
CA THR B 161 -0.01 -13.36 31.07
C THR B 161 -0.31 -14.23 29.84
N LEU B 162 0.59 -15.14 29.53
CA LEU B 162 0.41 -16.05 28.43
C LEU B 162 -0.27 -17.31 28.92
N SER B 163 0.13 -17.76 30.12
CA SER B 163 -0.45 -18.96 30.70
C SER B 163 -1.90 -18.75 31.13
N GLU B 164 -2.26 -17.50 31.41
CA GLU B 164 -3.63 -17.17 31.80
C GLU B 164 -4.59 -17.49 30.65
N LYS B 165 -4.04 -17.57 29.44
CA LYS B 165 -4.83 -17.88 28.26
C LYS B 165 -4.41 -19.24 27.69
N ALA B 166 -3.14 -19.59 27.88
CA ALA B 166 -2.60 -20.85 27.38
C ALA B 166 -3.09 -22.04 28.19
N LYS B 167 -3.80 -21.77 29.27
CA LYS B 167 -4.34 -22.84 30.11
C LYS B 167 -5.87 -22.78 30.17
N PRO B 168 -6.46 -21.78 30.86
CA PRO B 168 -7.92 -21.67 30.97
C PRO B 168 -8.59 -21.49 29.60
N ALA B 169 -8.11 -20.52 28.83
CA ALA B 169 -8.68 -20.25 27.51
C ALA B 169 -8.47 -21.45 26.57
N LEU B 170 -7.30 -22.08 26.62
CA LEU B 170 -7.02 -23.23 25.78
C LEU B 170 -7.96 -24.38 26.14
N GLU B 171 -8.17 -24.58 27.44
CA GLU B 171 -9.07 -25.62 27.92
C GLU B 171 -10.49 -25.32 27.44
N ASP B 172 -10.85 -24.05 27.46
CA ASP B 172 -12.17 -23.61 27.01
C ASP B 172 -12.30 -23.80 25.51
N LEU B 173 -11.22 -23.53 24.78
CA LEU B 173 -11.20 -23.72 23.34
C LEU B 173 -11.42 -25.18 23.01
N ARG B 174 -10.78 -26.05 23.79
CA ARG B 174 -10.92 -27.49 23.61
C ARG B 174 -12.33 -27.91 23.98
N GLN B 175 -12.90 -27.18 24.94
CA GLN B 175 -14.26 -27.45 25.39
C GLN B 175 -15.25 -27.05 24.31
N GLY B 176 -14.77 -26.28 23.35
CA GLY B 176 -15.57 -25.85 22.23
C GLY B 176 -15.29 -26.77 21.04
N LEU B 177 -14.02 -27.15 20.92
CA LEU B 177 -13.58 -28.04 19.84
C LEU B 177 -14.36 -29.34 19.83
N LEU B 178 -14.55 -29.94 21.00
CA LEU B 178 -15.28 -31.20 21.10
C LEU B 178 -16.70 -31.10 20.52
N PRO B 179 -17.58 -30.25 21.08
CA PRO B 179 -18.95 -30.08 20.57
C PRO B 179 -18.96 -29.59 19.12
N VAL B 180 -18.03 -28.70 18.79
CA VAL B 180 -17.94 -28.18 17.43
C VAL B 180 -17.60 -29.29 16.44
N LEU B 181 -16.63 -30.13 16.80
CA LEU B 181 -16.23 -31.24 15.96
C LEU B 181 -17.39 -32.21 15.80
N GLU B 182 -18.14 -32.41 16.87
CA GLU B 182 -19.30 -33.30 16.85
C GLU B 182 -20.36 -32.74 15.93
N SER B 183 -20.68 -31.45 16.09
CA SER B 183 -21.68 -30.80 15.25
C SER B 183 -21.22 -30.78 13.80
N PHE B 184 -19.93 -30.54 13.60
CA PHE B 184 -19.35 -30.53 12.27
C PHE B 184 -19.42 -31.92 11.67
N LYS B 185 -19.18 -32.92 12.52
CA LYS B 185 -19.24 -34.31 12.09
C LYS B 185 -20.64 -34.65 11.61
N VAL B 186 -21.64 -34.12 12.31
CA VAL B 186 -23.03 -34.33 11.93
C VAL B 186 -23.23 -33.80 10.51
N SER B 187 -22.78 -32.56 10.30
CA SER B 187 -22.89 -31.93 8.99
C SER B 187 -22.12 -32.72 7.95
N PHE B 188 -20.93 -33.19 8.32
CA PHE B 188 -20.09 -33.98 7.42
C PHE B 188 -20.76 -35.29 7.06
N LEU B 189 -21.28 -36.00 8.07
CA LEU B 189 -21.97 -37.26 7.86
C LEU B 189 -23.13 -37.09 6.90
N SER B 190 -23.93 -36.05 7.13
CA SER B 190 -25.07 -35.77 6.26
C SER B 190 -24.59 -35.40 4.86
N ALA B 191 -23.57 -34.55 4.80
CA ALA B 191 -23.00 -34.11 3.53
C ALA B 191 -22.52 -35.29 2.70
N LEU B 192 -21.73 -36.16 3.32
CA LEU B 192 -21.19 -37.34 2.65
C LEU B 192 -22.31 -38.19 2.09
N GLU B 193 -23.35 -38.40 2.89
CA GLU B 193 -24.49 -39.19 2.48
C GLU B 193 -25.22 -38.55 1.30
N GLU B 194 -25.57 -37.27 1.45
CA GLU B 194 -26.27 -36.53 0.42
C GLU B 194 -25.49 -36.49 -0.90
N TYR B 195 -24.17 -36.33 -0.81
CA TYR B 195 -23.33 -36.27 -2.00
C TYR B 195 -23.17 -37.64 -2.66
N THR B 196 -22.94 -38.68 -1.85
CA THR B 196 -22.75 -40.03 -2.39
C THR B 196 -24.00 -40.56 -3.07
N LYS B 197 -25.16 -40.10 -2.63
CA LYS B 197 -26.43 -40.54 -3.22
C LYS B 197 -26.54 -40.07 -4.67
N LYS B 198 -25.98 -38.92 -4.95
CA LYS B 198 -26.01 -38.37 -6.30
C LYS B 198 -24.85 -38.93 -7.12
N LEU B 199 -23.72 -39.14 -6.46
CA LEU B 199 -22.54 -39.70 -7.12
C LEU B 199 -22.63 -41.23 -7.12
N ASN B 200 -23.78 -41.74 -7.55
CA ASN B 200 -24.02 -43.16 -7.59
C ASN B 200 -24.60 -43.56 -8.93
N MET C 3 -13.07 -2.81 2.42
CA MET C 3 -13.08 -1.40 2.78
C MET C 3 -12.18 -0.60 1.84
N THR C 4 -12.77 -0.05 0.80
CA THR C 4 -12.03 0.73 -0.19
C THR C 4 -11.65 2.10 0.38
N GLU C 5 -10.59 2.68 -0.17
CA GLU C 5 -10.15 4.00 0.27
C GLU C 5 -10.28 4.99 -0.87
N TYR C 6 -10.99 6.08 -0.63
CA TYR C 6 -11.19 7.09 -1.64
C TYR C 6 -10.62 8.43 -1.21
N LYS C 7 -9.44 8.74 -1.73
CA LYS C 7 -8.77 10.00 -1.41
C LYS C 7 -9.36 11.10 -2.29
N LEU C 8 -10.22 11.91 -1.69
CA LEU C 8 -10.88 13.00 -2.40
C LEU C 8 -10.20 14.33 -2.09
N VAL C 9 -10.03 15.15 -3.10
CA VAL C 9 -9.38 16.45 -2.93
C VAL C 9 -10.38 17.58 -3.15
N VAL C 10 -10.47 18.48 -2.17
CA VAL C 10 -11.37 19.62 -2.27
C VAL C 10 -10.61 20.83 -2.78
N VAL C 11 -11.02 21.34 -3.93
CA VAL C 11 -10.37 22.50 -4.53
C VAL C 11 -11.29 23.71 -4.51
N GLY C 12 -10.72 24.90 -4.70
CA GLY C 12 -11.50 26.11 -4.69
C GLY C 12 -10.69 27.28 -4.18
N ALA C 13 -11.22 28.48 -4.37
CA ALA C 13 -10.54 29.70 -3.92
C ALA C 13 -10.58 29.85 -2.41
N GLY C 14 -9.65 30.63 -1.88
CA GLY C 14 -9.59 30.86 -0.45
C GLY C 14 -10.65 31.84 0.02
N GLY C 15 -11.79 31.29 0.42
CA GLY C 15 -12.89 32.10 0.88
C GLY C 15 -14.22 31.44 0.62
N VAL C 16 -14.21 30.37 -0.17
CA VAL C 16 -15.43 29.64 -0.49
C VAL C 16 -15.94 28.82 0.69
N GLY C 17 -15.05 28.57 1.65
CA GLY C 17 -15.41 27.80 2.83
C GLY C 17 -15.21 26.31 2.64
N LYS C 18 -14.07 25.93 2.09
CA LYS C 18 -13.75 24.53 1.86
C LYS C 18 -13.68 23.76 3.18
N SER C 19 -12.93 24.29 4.13
CA SER C 19 -12.77 23.66 5.43
C SER C 19 -14.09 23.55 6.18
N ALA C 20 -14.99 24.50 5.94
CA ALA C 20 -16.29 24.51 6.59
C ALA C 20 -17.07 23.28 6.18
N LEU C 21 -17.00 22.94 4.90
CA LEU C 21 -17.71 21.77 4.37
C LEU C 21 -17.11 20.48 4.91
N THR C 22 -15.79 20.46 5.11
CA THR C 22 -15.13 19.28 5.61
C THR C 22 -15.44 19.07 7.10
N ILE C 23 -15.32 20.15 7.88
CA ILE C 23 -15.58 20.08 9.32
C ILE C 23 -17.06 19.75 9.57
N GLN C 24 -17.94 20.25 8.72
CA GLN C 24 -19.37 20.01 8.83
C GLN C 24 -19.70 18.55 8.51
N LEU C 25 -18.76 17.84 7.90
CA LEU C 25 -18.96 16.44 7.55
C LEU C 25 -18.24 15.53 8.54
N ILE C 26 -17.09 15.99 9.02
CA ILE C 26 -16.29 15.21 9.96
C ILE C 26 -16.83 15.31 11.39
N GLN C 27 -16.80 16.51 11.94
CA GLN C 27 -17.26 16.74 13.31
C GLN C 27 -18.72 17.16 13.32
N ASN C 28 -19.22 17.53 12.15
CA ASN C 28 -20.60 17.98 12.00
C ASN C 28 -20.83 19.29 12.76
N HIS C 29 -19.84 20.17 12.69
CA HIS C 29 -19.91 21.47 13.36
C HIS C 29 -19.55 22.58 12.38
N PHE C 30 -20.31 23.67 12.42
CA PHE C 30 -20.07 24.79 11.53
C PHE C 30 -19.08 25.77 12.16
N VAL C 31 -18.15 26.27 11.35
CA VAL C 31 -17.15 27.23 11.81
C VAL C 31 -17.56 28.65 11.42
N ASP C 32 -17.12 29.62 12.21
CA ASP C 32 -17.46 31.01 11.96
C ASP C 32 -16.21 31.87 11.76
N GLU C 33 -15.09 31.38 12.26
CA GLU C 33 -13.82 32.09 12.15
C GLU C 33 -13.24 31.95 10.75
N TYR C 34 -12.38 32.89 10.39
CA TYR C 34 -11.73 32.87 9.09
C TYR C 34 -10.40 32.12 9.19
N ASP C 35 -10.49 30.82 9.41
CA ASP C 35 -9.30 29.98 9.52
C ASP C 35 -8.70 29.71 8.15
N PRO C 36 -7.37 29.83 8.02
CA PRO C 36 -6.66 29.60 6.77
C PRO C 36 -6.44 28.12 6.50
N THR C 37 -5.56 27.80 5.57
CA THR C 37 -5.25 26.42 5.22
C THR C 37 -4.08 26.34 4.25
N ILE C 38 -3.22 25.33 4.44
CA ILE C 38 -2.08 25.10 3.57
C ILE C 38 -2.18 23.69 2.98
N GLU C 39 -2.08 22.71 3.86
CA GLU C 39 -2.18 21.31 3.46
C GLU C 39 -2.80 20.53 4.62
N ASP C 40 -4.11 20.38 4.58
CA ASP C 40 -4.82 19.65 5.63
C ASP C 40 -5.44 18.39 5.07
N SER C 41 -5.77 17.45 5.94
CA SER C 41 -6.37 16.21 5.52
C SER C 41 -7.35 15.65 6.57
N TYR C 42 -8.45 15.07 6.09
CA TYR C 42 -9.48 14.50 6.96
C TYR C 42 -9.86 13.08 6.54
N ARG C 43 -10.09 12.20 7.51
CA ARG C 43 -10.47 10.82 7.23
C ARG C 43 -11.83 10.54 7.85
N LYS C 44 -12.73 9.96 7.06
CA LYS C 44 -14.06 9.62 7.54
C LYS C 44 -14.48 8.27 6.98
N GLN C 45 -15.22 7.51 7.78
CA GLN C 45 -15.69 6.19 7.35
C GLN C 45 -17.20 6.19 7.22
N VAL C 46 -17.68 5.95 6.01
CA VAL C 46 -19.13 5.94 5.76
C VAL C 46 -19.49 4.87 4.74
N VAL C 47 -20.79 4.62 4.61
CA VAL C 47 -21.29 3.64 3.67
C VAL C 47 -21.95 4.37 2.51
N ILE C 48 -21.35 4.26 1.33
CA ILE C 48 -21.87 4.93 0.14
C ILE C 48 -22.44 3.92 -0.84
N ASP C 49 -23.75 3.96 -1.03
CA ASP C 49 -24.45 3.06 -1.94
C ASP C 49 -24.27 1.60 -1.53
N GLY C 50 -24.21 1.37 -0.23
CA GLY C 50 -24.05 0.02 0.27
C GLY C 50 -22.60 -0.39 0.42
N GLU C 51 -21.70 0.44 -0.10
CA GLU C 51 -20.27 0.16 -0.01
C GLU C 51 -19.61 0.93 1.11
N THR C 52 -19.15 0.22 2.13
CA THR C 52 -18.46 0.86 3.25
C THR C 52 -17.03 1.17 2.82
N CYS C 53 -16.66 2.44 2.88
CA CYS C 53 -15.33 2.85 2.47
C CYS C 53 -14.73 3.91 3.37
N LEU C 54 -13.44 4.12 3.22
CA LEU C 54 -12.71 5.11 3.99
C LEU C 54 -12.37 6.30 3.09
N LEU C 55 -12.83 7.47 3.48
CA LEU C 55 -12.58 8.67 2.70
C LEU C 55 -11.43 9.49 3.27
N ASP C 56 -10.38 9.64 2.48
CA ASP C 56 -9.22 10.42 2.87
C ASP C 56 -9.28 11.74 2.11
N ILE C 57 -9.95 12.72 2.71
CA ILE C 57 -10.14 14.03 2.09
C ILE C 57 -8.95 14.94 2.28
N LEU C 58 -8.58 15.64 1.21
CA LEU C 58 -7.46 16.56 1.22
C LEU C 58 -7.94 18.01 1.11
N ASP C 59 -7.60 18.81 2.12
CA ASP C 59 -7.97 20.22 2.15
C ASP C 59 -6.78 21.06 1.70
N THR C 60 -6.80 21.43 0.42
CA THR C 60 -5.72 22.20 -0.18
C THR C 60 -5.84 23.69 0.11
N ALA C 61 -4.75 24.41 -0.09
CA ALA C 61 -4.73 25.85 0.12
C ALA C 61 -5.42 26.56 -1.05
N GLY C 62 -5.92 27.77 -0.82
CA GLY C 62 -6.57 28.52 -1.87
C GLY C 62 -5.58 29.27 -2.74
N GLN C 63 -4.94 30.26 -2.14
CA GLN C 63 -3.96 31.06 -2.87
C GLN C 63 -2.59 30.38 -2.88
N GLU C 64 -2.26 29.76 -4.01
CA GLU C 64 -0.99 29.08 -4.17
C GLU C 64 -0.45 29.28 -5.58
N GLU C 65 0.82 29.00 -5.74
CA GLU C 65 1.48 29.14 -7.04
C GLU C 65 2.00 27.77 -7.48
N TYR C 66 2.93 27.77 -8.43
CA TYR C 66 3.49 26.52 -8.91
C TYR C 66 4.56 26.02 -7.94
N SER C 67 4.26 24.93 -7.25
CA SER C 67 5.18 24.35 -6.30
C SER C 67 5.22 22.83 -6.48
N ALA C 68 6.41 22.26 -6.44
CA ALA C 68 6.57 20.82 -6.57
C ALA C 68 5.79 20.10 -5.48
N MET C 69 5.81 20.68 -4.28
CA MET C 69 5.10 20.10 -3.14
C MET C 69 3.61 20.02 -3.43
N ARG C 70 3.09 21.07 -4.06
CA ARG C 70 1.68 21.13 -4.40
C ARG C 70 1.34 20.08 -5.45
N ASP C 71 2.15 20.04 -6.50
CA ASP C 71 1.96 19.08 -7.59
C ASP C 71 2.02 17.65 -7.06
N GLN C 72 2.84 17.44 -6.03
CA GLN C 72 2.99 16.13 -5.42
C GLN C 72 1.67 15.63 -4.83
N TYR C 73 1.08 16.42 -3.94
CA TYR C 73 -0.16 16.03 -3.30
C TYR C 73 -1.38 16.08 -4.22
N MET C 74 -1.33 16.96 -5.22
CA MET C 74 -2.45 17.11 -6.16
C MET C 74 -2.59 15.88 -7.06
N ARG C 75 -1.54 15.10 -7.19
CA ARG C 75 -1.56 13.90 -8.02
C ARG C 75 -1.87 12.65 -7.20
N THR C 76 -2.29 12.84 -5.96
CA THR C 76 -2.61 11.71 -5.09
C THR C 76 -4.10 11.68 -4.77
N GLY C 77 -4.89 12.38 -5.59
CA GLY C 77 -6.32 12.41 -5.37
C GLY C 77 -7.10 11.78 -6.52
N GLU C 78 -8.20 11.12 -6.19
CA GLU C 78 -9.04 10.47 -7.17
C GLU C 78 -10.03 11.47 -7.76
N GLY C 79 -10.97 11.90 -6.93
CA GLY C 79 -11.96 12.86 -7.37
C GLY C 79 -11.68 14.23 -6.82
N PHE C 80 -12.12 15.26 -7.53
CA PHE C 80 -11.88 16.63 -7.11
C PHE C 80 -13.19 17.41 -7.00
N LEU C 81 -13.40 18.04 -5.86
CA LEU C 81 -14.59 18.84 -5.62
C LEU C 81 -14.30 20.30 -5.91
N CYS C 82 -14.94 20.83 -6.94
CA CYS C 82 -14.75 22.22 -7.33
C CYS C 82 -15.72 23.12 -6.56
N VAL C 83 -15.32 23.52 -5.36
CA VAL C 83 -16.15 24.35 -4.52
C VAL C 83 -15.96 25.84 -4.81
N PHE C 84 -17.06 26.52 -5.08
CA PHE C 84 -17.02 27.95 -5.35
C PHE C 84 -18.11 28.66 -4.55
N ALA C 85 -17.93 29.95 -4.34
CA ALA C 85 -18.89 30.74 -3.59
C ALA C 85 -19.87 31.41 -4.54
N ILE C 86 -21.16 31.12 -4.37
CA ILE C 86 -22.19 31.70 -5.23
C ILE C 86 -22.34 33.20 -5.02
N ASN C 87 -21.72 33.74 -3.97
CA ASN C 87 -21.80 35.15 -3.68
C ASN C 87 -20.54 35.88 -4.14
N ASN C 88 -19.71 35.19 -4.92
CA ASN C 88 -18.48 35.77 -5.42
C ASN C 88 -18.27 35.41 -6.89
N THR C 89 -18.33 36.42 -7.74
CA THR C 89 -18.17 36.24 -9.17
C THR C 89 -16.77 35.74 -9.54
N LYS C 90 -15.76 36.24 -8.84
CA LYS C 90 -14.37 35.85 -9.10
C LYS C 90 -14.17 34.36 -8.81
N SER C 91 -14.93 33.85 -7.85
CA SER C 91 -14.86 32.45 -7.46
C SER C 91 -15.33 31.55 -8.59
N PHE C 92 -16.39 31.96 -9.27
CA PHE C 92 -16.95 31.20 -10.38
C PHE C 92 -15.95 31.15 -11.53
N GLU C 93 -15.22 32.24 -11.72
CA GLU C 93 -14.24 32.33 -12.78
C GLU C 93 -12.93 31.66 -12.39
N ASP C 94 -12.87 31.13 -11.17
CA ASP C 94 -11.66 30.45 -10.69
C ASP C 94 -11.75 28.96 -10.98
N ILE C 95 -12.95 28.52 -11.36
CA ILE C 95 -13.19 27.12 -11.68
C ILE C 95 -12.30 26.68 -12.85
N HIS C 96 -12.20 27.53 -13.86
CA HIS C 96 -11.37 27.23 -15.02
C HIS C 96 -9.90 27.15 -14.60
N HIS C 97 -9.51 28.01 -13.67
CA HIS C 97 -8.15 28.05 -13.17
C HIS C 97 -7.78 26.71 -12.54
N TYR C 98 -8.69 26.15 -11.76
CA TYR C 98 -8.46 24.87 -11.12
C TYR C 98 -8.62 23.70 -12.09
N ARG C 99 -9.56 23.84 -13.03
CA ARG C 99 -9.82 22.81 -14.01
C ARG C 99 -8.55 22.44 -14.79
N GLU C 100 -7.87 23.45 -15.31
CA GLU C 100 -6.65 23.24 -16.07
C GLU C 100 -5.51 22.76 -15.16
N GLN C 101 -5.47 23.26 -13.94
CA GLN C 101 -4.44 22.87 -12.98
C GLN C 101 -4.56 21.39 -12.65
N ILE C 102 -5.76 20.94 -12.33
CA ILE C 102 -6.00 19.54 -12.00
C ILE C 102 -5.79 18.67 -13.24
N LYS C 103 -6.19 19.17 -14.41
CA LYS C 103 -6.03 18.45 -15.65
C LYS C 103 -4.55 18.17 -15.93
N ARG C 104 -3.71 19.13 -15.56
CA ARG C 104 -2.27 19.02 -15.76
C ARG C 104 -1.65 18.00 -14.79
N VAL C 105 -2.07 18.04 -13.53
CA VAL C 105 -1.52 17.12 -12.53
C VAL C 105 -2.02 15.69 -12.71
N LYS C 106 -3.22 15.55 -13.24
CA LYS C 106 -3.79 14.22 -13.47
C LYS C 106 -3.39 13.67 -14.83
N ASP C 107 -3.04 14.58 -15.74
CA ASP C 107 -2.63 14.22 -17.11
C ASP C 107 -3.74 13.45 -17.81
N SER C 108 -4.98 13.74 -17.43
CA SER C 108 -6.14 13.10 -18.00
C SER C 108 -7.13 14.16 -18.49
N GLU C 109 -7.79 13.87 -19.62
CA GLU C 109 -8.75 14.81 -20.18
C GLU C 109 -10.04 14.80 -19.37
N ASP C 110 -10.47 13.61 -18.98
CA ASP C 110 -11.69 13.45 -18.20
C ASP C 110 -11.36 13.11 -16.75
N VAL C 111 -11.58 14.07 -15.87
CA VAL C 111 -11.32 13.90 -14.46
C VAL C 111 -12.61 14.05 -13.66
N PRO C 112 -12.88 13.10 -12.73
CA PRO C 112 -14.08 13.13 -11.89
C PRO C 112 -14.13 14.41 -11.05
N MET C 113 -14.94 15.36 -11.48
CA MET C 113 -15.08 16.62 -10.78
C MET C 113 -16.54 16.90 -10.50
N VAL C 114 -16.81 17.61 -9.42
CA VAL C 114 -18.17 17.97 -9.04
C VAL C 114 -18.20 19.45 -8.69
N LEU C 115 -19.04 20.19 -9.39
CA LEU C 115 -19.16 21.62 -9.14
C LEU C 115 -20.00 21.84 -7.88
N VAL C 116 -19.37 22.41 -6.86
CA VAL C 116 -20.04 22.65 -5.60
C VAL C 116 -20.27 24.14 -5.36
N GLY C 117 -21.52 24.53 -5.37
CA GLY C 117 -21.88 25.91 -5.12
C GLY C 117 -22.23 26.12 -3.67
N ASN C 118 -21.26 26.55 -2.89
CA ASN C 118 -21.47 26.76 -1.46
C ASN C 118 -22.06 28.13 -1.15
N LYS C 119 -22.58 28.28 0.07
CA LYS C 119 -23.18 29.51 0.55
C LYS C 119 -24.52 29.81 -0.12
N CYS C 120 -25.27 28.76 -0.44
CA CYS C 120 -26.57 28.91 -1.07
C CYS C 120 -27.59 29.56 -0.15
N ASP C 121 -27.28 29.57 1.14
CA ASP C 121 -28.18 30.16 2.15
C ASP C 121 -27.97 31.65 2.26
N LEU C 122 -26.92 32.16 1.62
CA LEU C 122 -26.63 33.59 1.67
C LEU C 122 -27.43 34.36 0.62
N PRO C 123 -28.18 35.38 1.07
CA PRO C 123 -29.01 36.22 0.18
C PRO C 123 -28.17 37.22 -0.61
N SER C 124 -27.05 36.75 -1.12
CA SER C 124 -26.14 37.58 -1.91
C SER C 124 -25.71 36.79 -3.15
N ARG C 125 -26.60 35.92 -3.61
CA ARG C 125 -26.34 35.07 -4.77
C ARG C 125 -26.00 35.89 -6.00
N THR C 126 -24.74 35.84 -6.40
CA THR C 126 -24.26 36.56 -7.58
C THR C 126 -24.19 35.59 -8.76
N VAL C 127 -23.99 34.31 -8.44
CA VAL C 127 -23.93 33.27 -9.44
C VAL C 127 -25.20 32.45 -9.39
N ASP C 128 -25.99 32.51 -10.45
CA ASP C 128 -27.25 31.78 -10.51
C ASP C 128 -27.01 30.30 -10.81
N THR C 129 -27.97 29.46 -10.38
CA THR C 129 -27.88 28.02 -10.58
C THR C 129 -27.70 27.67 -12.05
N LYS C 130 -28.43 28.37 -12.92
CA LYS C 130 -28.35 28.12 -14.35
C LYS C 130 -26.94 28.38 -14.89
N GLN C 131 -26.36 29.51 -14.47
CA GLN C 131 -25.02 29.88 -14.89
C GLN C 131 -24.01 28.78 -14.54
N ALA C 132 -24.10 28.29 -13.32
CA ALA C 132 -23.20 27.24 -12.84
C ALA C 132 -23.46 25.92 -13.57
N GLN C 133 -24.74 25.61 -13.79
CA GLN C 133 -25.12 24.37 -14.46
C GLN C 133 -24.61 24.34 -15.90
N ASP C 134 -24.71 25.49 -16.58
CA ASP C 134 -24.25 25.58 -17.97
C ASP C 134 -22.76 25.27 -18.06
N LEU C 135 -21.99 25.79 -17.12
CA LEU C 135 -20.55 25.56 -17.08
C LEU C 135 -20.25 24.10 -16.75
N ALA C 136 -20.96 23.58 -15.76
CA ALA C 136 -20.78 22.20 -15.33
C ALA C 136 -21.07 21.23 -16.48
N ARG C 137 -22.17 21.46 -17.19
CA ARG C 137 -22.54 20.60 -18.31
C ARG C 137 -21.49 20.62 -19.41
N SER C 138 -20.87 21.78 -19.60
CA SER C 138 -19.84 21.93 -20.62
C SER C 138 -18.58 21.13 -20.27
N TYR C 139 -18.38 20.89 -18.99
CA TYR C 139 -17.22 20.13 -18.54
C TYR C 139 -17.55 18.66 -18.35
N GLY C 140 -18.83 18.33 -18.49
CA GLY C 140 -19.26 16.96 -18.32
C GLY C 140 -19.25 16.54 -16.87
N ILE C 141 -19.50 17.50 -15.98
CA ILE C 141 -19.50 17.25 -14.56
C ILE C 141 -20.81 17.73 -13.93
N PRO C 142 -21.24 17.12 -12.82
CA PRO C 142 -22.46 17.49 -12.13
C PRO C 142 -22.29 18.72 -11.23
N PHE C 143 -23.39 19.38 -10.94
CA PHE C 143 -23.38 20.57 -10.10
C PHE C 143 -24.30 20.38 -8.90
N ILE C 144 -23.78 20.66 -7.71
CA ILE C 144 -24.55 20.51 -6.47
C ILE C 144 -24.47 21.80 -5.65
N GLU C 145 -25.63 22.37 -5.32
CA GLU C 145 -25.68 23.57 -4.51
C GLU C 145 -25.63 23.17 -3.03
N THR C 146 -24.68 23.72 -2.30
CA THR C 146 -24.50 23.37 -0.90
C THR C 146 -24.44 24.58 0.02
N SER C 147 -24.46 24.29 1.30
CA SER C 147 -24.38 25.30 2.34
C SER C 147 -23.79 24.65 3.59
N ALA C 148 -22.68 25.19 4.05
CA ALA C 148 -22.01 24.65 5.23
C ALA C 148 -22.81 24.96 6.49
N LYS C 149 -23.72 25.92 6.39
CA LYS C 149 -24.54 26.32 7.53
C LYS C 149 -25.73 25.38 7.70
N THR C 150 -26.44 25.10 6.63
CA THR C 150 -27.61 24.23 6.69
C THR C 150 -27.24 22.77 6.45
N ARG C 151 -26.01 22.56 5.96
CA ARG C 151 -25.49 21.23 5.68
C ARG C 151 -26.19 20.60 4.47
N GLN C 152 -26.79 21.44 3.65
CA GLN C 152 -27.50 20.97 2.46
C GLN C 152 -26.54 20.59 1.34
N GLY C 153 -26.76 19.41 0.76
CA GLY C 153 -25.94 18.94 -0.34
C GLY C 153 -24.55 18.45 0.05
N VAL C 154 -24.14 18.75 1.28
CA VAL C 154 -22.80 18.35 1.75
C VAL C 154 -22.56 16.85 1.58
N ASP C 155 -23.42 16.03 2.17
CA ASP C 155 -23.29 14.58 2.09
C ASP C 155 -23.37 14.07 0.65
N ASP C 156 -24.34 14.58 -0.09
CA ASP C 156 -24.55 14.15 -1.49
C ASP C 156 -23.41 14.56 -2.41
N ALA C 157 -22.79 15.70 -2.13
CA ALA C 157 -21.67 16.19 -2.94
C ALA C 157 -20.55 15.16 -2.98
N PHE C 158 -20.21 14.63 -1.82
CA PHE C 158 -19.16 13.63 -1.71
C PHE C 158 -19.60 12.31 -2.36
N TYR C 159 -20.87 11.98 -2.20
CA TYR C 159 -21.41 10.76 -2.79
C TYR C 159 -21.31 10.80 -4.31
N THR C 160 -21.67 11.94 -4.88
CA THR C 160 -21.60 12.12 -6.32
C THR C 160 -20.17 12.00 -6.82
N LEU C 161 -19.22 12.51 -6.05
CA LEU C 161 -17.81 12.43 -6.42
C LEU C 161 -17.38 10.97 -6.51
N VAL C 162 -17.81 10.17 -5.54
CA VAL C 162 -17.49 8.74 -5.52
C VAL C 162 -18.16 8.04 -6.71
N ARG C 163 -19.39 8.47 -7.00
CA ARG C 163 -20.14 7.90 -8.13
C ARG C 163 -19.40 8.17 -9.42
N GLU C 164 -18.86 9.38 -9.55
CA GLU C 164 -18.10 9.78 -10.73
C GLU C 164 -16.86 8.91 -10.88
N ILE C 165 -16.21 8.64 -9.75
CA ILE C 165 -15.01 7.81 -9.72
C ILE C 165 -15.33 6.39 -10.20
N ARG C 166 -16.47 5.86 -9.75
CA ARG C 166 -16.90 4.52 -10.13
C ARG C 166 -17.01 4.40 -11.65
N LYS C 167 -17.74 5.33 -12.26
CA LYS C 167 -17.92 5.33 -13.70
C LYS C 167 -16.60 5.49 -14.41
N HIS C 168 -15.73 6.33 -13.86
CA HIS C 168 -14.41 6.57 -14.44
C HIS C 168 -13.55 5.31 -14.40
N LYS C 169 -13.69 4.55 -13.32
CA LYS C 169 -12.93 3.32 -13.16
C LYS C 169 -13.45 2.23 -14.07
N GLU C 170 -14.77 2.22 -14.27
CA GLU C 170 -15.40 1.23 -15.14
C GLU C 170 -15.01 1.50 -16.60
N LYS C 171 -14.84 2.78 -16.91
CA LYS C 171 -14.45 3.20 -18.25
C LYS C 171 -13.05 2.70 -18.58
N MET C 172 -12.21 2.62 -17.56
CA MET C 172 -10.83 2.17 -17.71
C MET C 172 -10.74 0.73 -18.20
N SER C 173 -11.77 -0.05 -17.92
CA SER C 173 -11.81 -1.45 -18.34
C SER C 173 -12.21 -1.58 -19.81
N LYS C 174 -12.70 -0.50 -20.39
CA LYS C 174 -13.11 -0.49 -21.78
C LYS C 174 -12.14 0.34 -22.60
N ASP C 175 -11.94 1.59 -22.17
CA ASP C 175 -11.04 2.50 -22.85
C ASP C 175 -9.70 2.54 -22.13
N GLY C 176 -8.92 1.50 -22.35
CA GLY C 176 -7.62 1.40 -21.72
C GLY C 176 -6.69 2.50 -22.17
N LYS C 177 -6.23 2.41 -23.41
CA LYS C 177 -5.34 3.42 -23.98
C LYS C 177 -5.12 3.18 -25.46
N LYS C 178 -5.53 4.13 -26.28
CA LYS C 178 -5.37 4.03 -27.71
C LYS C 178 -4.36 5.04 -28.22
N LYS C 179 -3.23 4.52 -28.68
CA LYS C 179 -2.16 5.37 -29.22
C LYS C 179 -2.04 5.16 -30.72
N LYS C 180 -1.10 5.86 -31.34
CA LYS C 180 -0.89 5.73 -32.78
C LYS C 180 -0.43 4.30 -33.10
N LYS C 181 -1.11 3.66 -34.04
CA LYS C 181 -0.78 2.30 -34.43
C LYS C 181 -1.20 2.02 -35.87
N LYS C 182 -0.82 0.83 -36.36
CA LYS C 182 -1.15 0.38 -37.72
C LYS C 182 -0.30 1.06 -38.79
N SER C 183 -0.21 2.38 -38.72
CA SER C 183 0.58 3.14 -39.69
C SER C 183 1.69 3.89 -38.96
N LYS C 184 2.93 3.70 -39.42
CA LYS C 184 4.07 4.35 -38.81
C LYS C 184 4.37 5.68 -39.48
N THR C 185 4.04 5.78 -40.76
CA THR C 185 4.28 7.00 -41.54
C THR C 185 5.78 7.30 -41.58
N LYS C 186 6.55 6.35 -42.13
CA LYS C 186 8.00 6.47 -42.23
C LYS C 186 8.65 6.67 -40.87
N CYS C 187 8.67 5.59 -40.09
CA CYS C 187 9.24 5.63 -38.75
C CYS C 187 10.76 5.72 -38.80
N GLY D 1 6.46 30.67 8.46
CA GLY D 1 6.16 30.40 9.85
C GLY D 1 4.96 29.48 10.00
N THR D 2 5.08 28.27 9.48
CA THR D 2 4.00 27.29 9.57
C THR D 2 4.53 25.91 9.91
N VAL D 3 3.88 25.25 10.85
CA VAL D 3 4.29 23.92 11.29
C VAL D 3 3.35 22.84 10.76
N LYS D 4 3.93 21.77 10.22
CA LYS D 4 3.16 20.66 9.70
C LYS D 4 2.85 19.68 10.81
N VAL D 5 1.60 19.60 11.21
CA VAL D 5 1.19 18.71 12.29
C VAL D 5 0.59 17.43 11.71
N TYR D 6 1.13 16.30 12.12
CA TYR D 6 0.65 15.01 11.66
C TYR D 6 -0.32 14.41 12.65
N LEU D 7 -1.34 13.76 12.12
CA LEU D 7 -2.37 13.14 12.94
C LEU D 7 -2.21 11.62 12.90
N PRO D 8 -2.61 10.93 13.99
CA PRO D 8 -2.52 9.47 14.09
C PRO D 8 -3.36 8.75 13.04
N ASN D 9 -4.29 9.49 12.44
CA ASN D 9 -5.17 8.94 11.42
C ASN D 9 -4.49 9.04 10.04
N LYS D 10 -3.17 8.86 10.05
CA LYS D 10 -2.34 8.90 8.85
C LYS D 10 -2.57 10.17 8.04
N GLN D 11 -2.75 11.29 8.74
CA GLN D 11 -3.00 12.55 8.06
C GLN D 11 -2.20 13.70 8.63
N ARG D 12 -2.52 14.90 8.20
CA ARG D 12 -1.82 16.09 8.65
C ARG D 12 -2.68 17.34 8.56
N THR D 13 -2.18 18.40 9.17
CA THR D 13 -2.81 19.71 9.18
C THR D 13 -1.71 20.74 9.34
N VAL D 14 -1.78 21.86 8.62
CA VAL D 14 -0.73 22.88 8.72
C VAL D 14 -1.21 24.11 9.47
N VAL D 15 -0.62 24.36 10.63
CA VAL D 15 -1.00 25.50 11.47
C VAL D 15 0.13 26.55 11.49
N THR D 16 -0.25 27.81 11.61
CA THR D 16 0.71 28.91 11.64
C THR D 16 1.40 29.00 13.01
N VAL D 17 2.67 29.43 12.99
CA VAL D 17 3.45 29.58 14.21
C VAL D 17 3.19 30.94 14.83
N ARG D 18 2.28 30.97 15.80
CA ARG D 18 1.95 32.21 16.47
C ARG D 18 2.68 32.30 17.81
N ASP D 19 3.73 33.12 17.84
CA ASP D 19 4.51 33.30 19.06
C ASP D 19 3.64 33.83 20.19
N GLY D 20 3.63 33.10 21.29
CA GLY D 20 2.84 33.50 22.44
C GLY D 20 1.94 32.39 22.93
N MET D 21 1.33 31.67 21.99
CA MET D 21 0.43 30.58 22.33
C MET D 21 1.23 29.30 22.62
N SER D 22 0.65 28.42 23.41
CA SER D 22 1.30 27.17 23.79
C SER D 22 0.86 26.02 22.90
N VAL D 23 1.56 24.89 22.99
CA VAL D 23 1.26 23.70 22.22
C VAL D 23 -0.20 23.28 22.41
N TYR D 24 -0.66 23.34 23.67
CA TYR D 24 -2.03 22.98 24.01
C TYR D 24 -3.04 23.80 23.20
N ASP D 25 -2.69 25.03 22.89
CA ASP D 25 -3.57 25.92 22.15
C ASP D 25 -3.66 25.55 20.67
N SER D 26 -2.52 25.56 19.99
CA SER D 26 -2.46 25.25 18.57
C SER D 26 -2.88 23.80 18.28
N LEU D 27 -2.47 22.89 19.15
CA LEU D 27 -2.78 21.49 18.96
C LEU D 27 -4.23 21.16 19.32
N ASP D 28 -4.90 22.08 20.00
CA ASP D 28 -6.30 21.88 20.37
C ASP D 28 -7.13 21.71 19.11
N LYS D 29 -6.94 22.63 18.17
CA LYS D 29 -7.66 22.60 16.91
C LYS D 29 -7.30 21.36 16.11
N ALA D 30 -6.05 20.90 16.25
CA ALA D 30 -5.58 19.72 15.54
C ALA D 30 -6.24 18.45 16.08
N LEU D 31 -6.62 18.47 17.35
CA LEU D 31 -7.28 17.33 17.95
C LEU D 31 -8.79 17.41 17.75
N LYS D 32 -9.34 18.62 17.85
CA LYS D 32 -10.76 18.83 17.65
C LYS D 32 -11.15 18.52 16.22
N VAL D 33 -10.22 18.77 15.29
CA VAL D 33 -10.45 18.51 13.87
C VAL D 33 -10.80 17.04 13.60
N ARG D 34 -10.35 16.18 14.51
CA ARG D 34 -10.60 14.75 14.43
C ARG D 34 -11.74 14.36 15.36
N GLY D 35 -11.77 14.99 16.52
CA GLY D 35 -12.79 14.70 17.51
C GLY D 35 -12.16 14.15 18.78
N LEU D 36 -10.87 14.41 18.95
CA LEU D 36 -10.14 13.94 20.12
C LEU D 36 -9.88 15.09 21.09
N ASN D 37 -9.22 14.80 22.20
CA ASN D 37 -8.91 15.80 23.19
C ASN D 37 -7.53 15.57 23.75
N GLN D 38 -6.97 16.56 24.43
CA GLN D 38 -5.63 16.46 25.01
C GLN D 38 -5.62 15.54 26.23
N ASP D 39 -5.91 14.27 26.01
CA ASP D 39 -5.94 13.29 27.08
C ASP D 39 -4.98 12.15 26.80
N CYS D 40 -5.39 11.24 25.93
CA CYS D 40 -4.58 10.09 25.56
C CYS D 40 -3.72 10.39 24.33
N CYS D 41 -3.62 11.65 23.98
CA CYS D 41 -2.85 12.07 22.82
C CYS D 41 -1.61 12.84 23.26
N VAL D 42 -0.51 12.65 22.56
CA VAL D 42 0.74 13.33 22.87
C VAL D 42 1.43 13.82 21.60
N VAL D 43 2.07 14.98 21.68
CA VAL D 43 2.75 15.57 20.53
C VAL D 43 4.24 15.26 20.53
N TYR D 44 4.70 14.65 19.45
CA TYR D 44 6.11 14.31 19.30
C TYR D 44 6.81 15.33 18.40
N ARG D 45 7.93 15.84 18.85
CA ARG D 45 8.70 16.81 18.09
C ARG D 45 9.81 16.14 17.32
N LEU D 46 10.13 16.68 16.16
CA LEU D 46 11.18 16.13 15.32
C LEU D 46 12.53 16.76 15.62
N ILE D 47 13.25 16.17 16.56
CA ILE D 47 14.57 16.63 16.92
C ILE D 47 15.62 15.69 16.35
N LYS D 48 16.30 16.15 15.30
CA LYS D 48 17.33 15.35 14.62
C LYS D 48 16.70 14.11 13.99
N GLY D 49 15.40 14.17 13.76
CA GLY D 49 14.69 13.05 13.17
C GLY D 49 14.09 12.15 14.24
N ARG D 50 14.65 12.23 15.44
CA ARG D 50 14.18 11.42 16.55
C ARG D 50 12.95 12.04 17.20
N LYS D 51 11.87 11.27 17.25
CA LYS D 51 10.63 11.71 17.86
C LYS D 51 10.83 11.93 19.35
N THR D 52 10.64 13.16 19.80
CA THR D 52 10.81 13.49 21.20
C THR D 52 9.52 14.02 21.80
N VAL D 53 9.18 13.53 22.99
CA VAL D 53 7.96 13.95 23.69
C VAL D 53 8.10 15.37 24.20
N THR D 54 7.04 16.16 24.04
CA THR D 54 7.04 17.54 24.50
C THR D 54 5.82 17.80 25.40
N ALA D 55 5.84 18.90 26.14
CA ALA D 55 4.74 19.24 27.02
C ALA D 55 3.70 20.11 26.29
N TRP D 56 2.49 20.13 26.81
CA TRP D 56 1.42 20.93 26.22
C TRP D 56 1.55 22.40 26.62
N ASP D 57 2.22 22.63 27.74
CA ASP D 57 2.41 23.98 28.24
C ASP D 57 3.53 24.71 27.51
N THR D 58 4.32 23.97 26.75
CA THR D 58 5.43 24.54 26.00
C THR D 58 4.92 25.52 24.94
N ALA D 59 5.62 26.63 24.77
CA ALA D 59 5.23 27.63 23.79
C ALA D 59 5.58 27.15 22.38
N ILE D 60 4.78 27.53 21.41
CA ILE D 60 4.99 27.14 20.02
C ILE D 60 6.02 28.05 19.32
N ALA D 61 6.59 28.97 20.08
CA ALA D 61 7.57 29.92 19.55
C ALA D 61 8.77 29.25 18.84
N PRO D 62 9.54 28.38 19.54
CA PRO D 62 10.70 27.71 18.93
C PRO D 62 10.32 26.42 18.20
N LEU D 63 9.13 26.41 17.60
CA LEU D 63 8.66 25.22 16.88
C LEU D 63 8.75 25.41 15.37
N ASP D 64 9.11 26.61 14.95
CA ASP D 64 9.21 26.90 13.53
C ASP D 64 10.40 26.19 12.91
N GLY D 65 10.16 25.52 11.78
CA GLY D 65 11.23 24.82 11.11
C GLY D 65 11.17 23.31 11.31
N GLU D 66 10.19 22.83 12.06
CA GLU D 66 10.06 21.39 12.29
C GLU D 66 8.60 20.93 12.18
N GLU D 67 8.41 19.62 12.25
CA GLU D 67 7.07 19.04 12.17
C GLU D 67 6.67 18.48 13.52
N LEU D 68 5.37 18.26 13.70
CA LEU D 68 4.85 17.72 14.96
C LEU D 68 3.91 16.55 14.69
N ILE D 69 4.24 15.39 15.20
CA ILE D 69 3.40 14.20 15.01
C ILE D 69 2.66 13.86 16.29
N VAL D 70 1.34 13.77 16.21
CA VAL D 70 0.52 13.46 17.37
C VAL D 70 0.26 11.95 17.46
N GLU D 71 0.70 11.35 18.56
CA GLU D 71 0.51 9.93 18.77
C GLU D 71 -0.57 9.70 19.82
N VAL D 72 -1.23 8.55 19.74
CA VAL D 72 -2.28 8.21 20.70
C VAL D 72 -1.90 6.96 21.48
N LEU D 73 -1.77 7.10 22.78
CA LEU D 73 -1.39 5.99 23.65
C LEU D 73 -2.25 5.98 24.91
N LEU A 3 24.48 15.76 24.21
CA LEU A 3 25.89 16.13 24.25
C LEU A 3 26.74 15.08 23.56
N LYS A 4 26.36 13.82 23.73
CA LYS A 4 27.09 12.70 23.14
C LYS A 4 27.14 12.82 21.63
N LEU A 5 26.01 13.21 21.03
CA LEU A 5 25.92 13.35 19.59
C LEU A 5 26.84 14.46 19.08
N LEU A 6 27.01 15.51 19.88
CA LEU A 6 27.87 16.63 19.50
C LEU A 6 29.32 16.17 19.43
N ASP A 7 29.75 15.43 20.44
CA ASP A 7 31.11 14.92 20.50
C ASP A 7 31.33 13.88 19.42
N ASN A 8 30.32 13.04 19.21
CA ASN A 8 30.39 11.99 18.20
C ASN A 8 30.49 12.59 16.80
N TRP A 9 29.74 13.67 16.57
CA TRP A 9 29.75 14.34 15.27
C TRP A 9 31.04 15.12 15.07
N ASP A 10 31.70 15.46 16.16
CA ASP A 10 32.97 16.19 16.09
C ASP A 10 33.98 15.36 15.32
N SER A 11 34.02 14.07 15.63
CA SER A 11 34.92 13.14 14.98
C SER A 11 34.54 12.98 13.51
N VAL A 12 33.24 12.96 13.25
CA VAL A 12 32.73 12.83 11.88
C VAL A 12 33.07 14.07 11.07
N THR A 13 32.82 15.24 11.66
CA THR A 13 33.08 16.51 11.00
C THR A 13 34.56 16.66 10.62
N SER A 14 35.44 16.38 11.58
CA SER A 14 36.88 16.49 11.33
C SER A 14 37.29 15.56 10.20
N THR A 15 36.74 14.35 10.20
CA THR A 15 37.04 13.38 9.15
C THR A 15 36.50 13.88 7.80
N PHE A 16 35.29 14.45 7.83
CA PHE A 16 34.68 14.99 6.62
C PHE A 16 35.53 16.14 6.08
N SER A 17 36.04 16.96 6.98
CA SER A 17 36.88 18.08 6.61
C SER A 17 38.17 17.56 5.97
N LYS A 18 38.70 16.48 6.53
CA LYS A 18 39.91 15.86 6.01
C LYS A 18 39.64 15.24 4.65
N LEU A 19 38.43 14.70 4.48
CA LEU A 19 38.03 14.10 3.22
C LEU A 19 38.03 15.17 2.14
N ARG A 20 37.48 16.34 2.48
CA ARG A 20 37.41 17.46 1.55
C ARG A 20 38.81 18.01 1.27
N GLU A 21 39.65 18.01 2.31
CA GLU A 21 41.02 18.49 2.18
C GLU A 21 41.78 17.63 1.19
N GLN A 22 41.51 16.33 1.23
CA GLN A 22 42.13 15.38 0.33
C GLN A 22 41.45 15.41 -1.02
N LEU A 23 40.16 15.74 -1.03
CA LEU A 23 39.39 15.80 -2.27
C LEU A 23 40.01 16.80 -3.24
N GLY A 24 40.58 17.88 -2.70
CA GLY A 24 41.23 18.88 -3.54
C GLY A 24 42.29 18.24 -4.43
N PRO A 25 43.40 17.77 -3.85
CA PRO A 25 44.46 17.10 -4.61
C PRO A 25 43.92 15.89 -5.36
N VAL A 26 43.06 15.10 -4.70
CA VAL A 26 42.48 13.91 -5.32
C VAL A 26 41.82 14.24 -6.66
N THR A 27 40.94 15.25 -6.66
CA THR A 27 40.27 15.64 -7.89
C THR A 27 41.27 16.18 -8.90
N GLN A 28 42.23 16.95 -8.43
CA GLN A 28 43.25 17.52 -9.29
C GLN A 28 44.07 16.42 -9.96
N GLU A 29 44.55 15.49 -9.15
CA GLU A 29 45.34 14.37 -9.65
C GLU A 29 44.50 13.49 -10.57
N PHE A 30 43.22 13.36 -10.23
CA PHE A 30 42.30 12.59 -11.04
C PHE A 30 42.10 13.29 -12.37
N TRP A 31 41.87 14.60 -12.33
CA TRP A 31 41.69 15.40 -13.54
C TRP A 31 42.97 15.37 -14.36
N ASP A 32 44.11 15.47 -13.68
CA ASP A 32 45.41 15.44 -14.32
C ASP A 32 45.53 14.17 -15.17
N ASN A 33 45.22 13.04 -14.55
CA ASN A 33 45.28 11.76 -15.25
C ASN A 33 44.19 11.66 -16.30
N LEU A 34 43.00 12.16 -15.97
CA LEU A 34 41.88 12.14 -16.90
C LEU A 34 42.17 13.00 -18.12
N GLU A 35 42.85 14.12 -17.92
CA GLU A 35 43.21 15.02 -19.02
C GLU A 35 44.17 14.33 -19.95
N LYS A 36 45.17 13.64 -19.38
CA LYS A 36 46.14 12.91 -20.18
C LYS A 36 45.43 11.75 -20.85
N GLU A 37 44.43 11.21 -20.18
CA GLU A 37 43.62 10.13 -20.69
C GLU A 37 42.84 10.60 -21.91
N THR A 38 42.10 11.70 -21.75
CA THR A 38 41.31 12.25 -22.84
C THR A 38 42.22 12.75 -23.96
N GLU A 39 43.38 13.26 -23.60
CA GLU A 39 44.35 13.75 -24.58
C GLU A 39 44.77 12.58 -25.46
N GLY A 40 45.15 11.49 -24.82
CA GLY A 40 45.54 10.30 -25.56
C GLY A 40 44.36 9.72 -26.30
N LEU A 41 43.22 9.62 -25.61
CA LEU A 41 41.99 9.08 -26.18
C LEU A 41 41.57 9.85 -27.43
N ARG A 42 41.63 11.18 -27.37
CA ARG A 42 41.24 12.01 -28.51
C ARG A 42 42.28 11.93 -29.62
N GLN A 43 43.56 11.90 -29.24
CA GLN A 43 44.64 11.79 -30.21
C GLN A 43 44.54 10.45 -30.92
N GLU A 44 43.92 9.51 -30.25
CA GLU A 44 43.71 8.18 -30.78
C GLU A 44 42.39 8.13 -31.54
N MET A 45 41.35 8.71 -30.96
CA MET A 45 40.02 8.75 -31.58
C MET A 45 40.07 9.42 -32.93
N SER A 46 40.98 10.39 -33.09
CA SER A 46 41.14 11.09 -34.34
C SER A 46 41.65 10.10 -35.39
N LYS A 47 42.45 9.14 -34.94
CA LYS A 47 42.99 8.10 -35.79
C LYS A 47 41.94 7.01 -35.96
N ASP A 48 41.29 6.65 -34.85
CA ASP A 48 40.24 5.65 -34.84
C ASP A 48 39.19 6.00 -35.88
N LEU A 49 38.60 7.18 -35.73
CA LEU A 49 37.58 7.64 -36.66
C LEU A 49 38.15 7.86 -38.05
N GLU A 50 39.41 8.28 -38.12
CA GLU A 50 40.06 8.51 -39.41
C GLU A 50 40.10 7.22 -40.22
N GLU A 51 40.64 6.17 -39.61
CA GLU A 51 40.74 4.88 -40.26
C GLU A 51 39.37 4.27 -40.46
N VAL A 52 38.48 4.46 -39.48
CA VAL A 52 37.12 3.93 -39.57
C VAL A 52 36.34 4.60 -40.71
N LYS A 53 36.43 5.93 -40.80
CA LYS A 53 35.71 6.67 -41.84
C LYS A 53 36.34 6.45 -43.21
N ALA A 54 37.67 6.47 -43.26
CA ALA A 54 38.38 6.27 -44.52
C ALA A 54 38.15 4.87 -45.06
N LYS A 55 38.06 3.91 -44.15
CA LYS A 55 37.82 2.52 -44.54
C LYS A 55 36.34 2.21 -44.65
N VAL A 56 35.50 3.00 -44.00
CA VAL A 56 34.05 2.78 -44.06
C VAL A 56 33.55 2.89 -45.50
N GLN A 57 34.25 3.67 -46.31
CA GLN A 57 33.88 3.84 -47.70
C GLN A 57 34.02 2.51 -48.46
N PRO A 58 35.25 1.96 -48.58
CA PRO A 58 35.45 0.68 -49.27
C PRO A 58 34.72 -0.47 -48.57
N TYR A 59 34.64 -0.38 -47.24
CA TYR A 59 33.96 -1.42 -46.46
C TYR A 59 32.49 -1.49 -46.82
N LEU A 60 31.82 -0.34 -46.79
CA LEU A 60 30.41 -0.28 -47.12
C LEU A 60 30.19 -0.42 -48.61
N ASP A 61 31.12 0.10 -49.41
CA ASP A 61 31.02 0.01 -50.87
C ASP A 61 31.09 -1.44 -51.33
N ASP A 62 32.07 -2.16 -50.81
CA ASP A 62 32.24 -3.57 -51.15
C ASP A 62 31.01 -4.36 -50.74
N PHE A 63 30.52 -4.09 -49.55
CA PHE A 63 29.33 -4.76 -49.04
C PHE A 63 28.09 -4.32 -49.81
N GLN A 64 28.07 -3.05 -50.22
CA GLN A 64 26.97 -2.50 -51.00
C GLN A 64 26.89 -3.20 -52.34
N LYS A 65 28.04 -3.37 -52.99
CA LYS A 65 28.10 -4.06 -54.27
C LYS A 65 27.66 -5.50 -54.08
N LYS A 66 28.15 -6.11 -53.00
CA LYS A 66 27.80 -7.48 -52.67
C LYS A 66 26.30 -7.58 -52.47
N TRP A 67 25.75 -6.66 -51.67
CA TRP A 67 24.32 -6.62 -51.39
C TRP A 67 23.54 -6.41 -52.68
N GLN A 68 24.08 -5.59 -53.56
CA GLN A 68 23.45 -5.31 -54.84
C GLN A 68 23.38 -6.58 -55.66
N GLU A 69 24.50 -7.27 -55.78
CA GLU A 69 24.56 -8.52 -56.53
C GLU A 69 23.64 -9.55 -55.87
N GLU A 70 23.70 -9.60 -54.54
CA GLU A 70 22.89 -10.53 -53.76
C GLU A 70 21.41 -10.26 -53.98
N MET A 71 21.01 -9.00 -53.87
CA MET A 71 19.62 -8.62 -54.05
C MET A 71 19.18 -8.79 -55.50
N GLU A 72 20.04 -8.44 -56.43
CA GLU A 72 19.74 -8.57 -57.85
C GLU A 72 19.52 -10.04 -58.20
N LEU A 73 20.45 -10.88 -57.78
CA LEU A 73 20.35 -12.31 -58.04
C LEU A 73 19.16 -12.87 -57.30
N TYR A 74 18.89 -12.32 -56.12
CA TYR A 74 17.75 -12.73 -55.32
C TYR A 74 16.46 -12.42 -56.06
N ARG A 75 16.33 -11.17 -56.52
CA ARG A 75 15.13 -10.75 -57.25
C ARG A 75 14.99 -11.55 -58.55
N GLN A 76 16.13 -11.73 -59.23
CA GLN A 76 16.16 -12.47 -60.48
C GLN A 76 15.66 -13.89 -60.29
N LYS A 77 15.78 -14.41 -59.08
CA LYS A 77 15.33 -15.75 -58.77
C LYS A 77 13.99 -15.73 -58.06
N VAL A 78 13.76 -14.74 -57.21
CA VAL A 78 12.52 -14.60 -56.47
C VAL A 78 11.31 -14.66 -57.40
N GLU A 79 11.40 -13.94 -58.51
CA GLU A 79 10.30 -13.91 -59.48
C GLU A 79 9.99 -15.30 -60.05
N PRO A 80 10.94 -15.97 -60.75
CA PRO A 80 10.71 -17.32 -61.30
C PRO A 80 10.38 -18.32 -60.20
N LEU A 81 11.04 -18.20 -59.05
CA LEU A 81 10.79 -19.11 -57.93
C LEU A 81 9.37 -18.89 -57.41
N ARG A 82 8.90 -17.65 -57.51
CA ARG A 82 7.55 -17.30 -57.09
C ARG A 82 6.57 -17.87 -58.09
N ALA A 83 6.99 -17.90 -59.35
CA ALA A 83 6.16 -18.46 -60.41
C ALA A 83 6.00 -19.95 -60.19
N GLU A 84 7.08 -20.59 -59.76
CA GLU A 84 7.07 -22.02 -59.45
C GLU A 84 6.13 -22.25 -58.28
N LEU A 85 6.29 -21.41 -57.25
CA LEU A 85 5.46 -21.50 -56.06
C LEU A 85 4.01 -21.22 -56.42
N GLN A 86 3.80 -20.28 -57.33
CA GLN A 86 2.47 -19.92 -57.79
C GLN A 86 1.83 -21.06 -58.55
N GLU A 87 2.51 -21.53 -59.59
CA GLU A 87 2.01 -22.65 -60.40
C GLU A 87 1.82 -23.87 -59.52
N GLY A 88 2.82 -24.15 -58.69
CA GLY A 88 2.75 -25.28 -57.79
C GLY A 88 1.58 -25.15 -56.84
N ALA A 89 1.46 -23.99 -56.20
CA ALA A 89 0.36 -23.74 -55.27
C ALA A 89 -0.98 -23.84 -55.97
N ARG A 90 -1.04 -23.31 -57.18
CA ARG A 90 -2.28 -23.36 -57.97
C ARG A 90 -2.67 -24.80 -58.24
N GLN A 91 -1.68 -25.62 -58.57
CA GLN A 91 -1.92 -27.04 -58.83
C GLN A 91 -2.39 -27.72 -57.54
N LYS A 92 -1.63 -27.50 -56.47
CA LYS A 92 -1.94 -28.08 -55.17
C LYS A 92 -3.31 -27.60 -54.67
N LEU A 93 -3.56 -26.30 -54.78
CA LEU A 93 -4.83 -25.72 -54.36
C LEU A 93 -5.97 -26.20 -55.24
N HIS A 94 -5.72 -26.30 -56.54
CA HIS A 94 -6.72 -26.76 -57.49
C HIS A 94 -7.19 -28.15 -57.09
N GLU A 95 -6.24 -29.02 -56.79
CA GLU A 95 -6.55 -30.38 -56.38
C GLU A 95 -7.28 -30.39 -55.04
N LEU A 96 -6.79 -29.61 -54.09
CA LEU A 96 -7.41 -29.53 -52.77
C LEU A 96 -8.81 -28.93 -52.85
N GLN A 97 -8.97 -27.88 -53.64
CA GLN A 97 -10.25 -27.23 -53.81
C GLN A 97 -11.26 -28.18 -54.44
N GLU A 98 -10.83 -28.93 -55.44
CA GLU A 98 -11.70 -29.88 -56.12
C GLU A 98 -11.87 -31.14 -55.28
N LYS A 99 -11.12 -31.22 -54.19
CA LYS A 99 -11.20 -32.35 -53.28
C LYS A 99 -12.17 -31.98 -52.16
N LEU A 100 -12.13 -30.71 -51.77
CA LEU A 100 -12.99 -30.19 -50.71
C LEU A 100 -14.45 -30.27 -51.11
N SER A 101 -14.73 -30.29 -52.41
CA SER A 101 -16.10 -30.38 -52.89
C SER A 101 -16.71 -31.76 -52.58
N PRO A 102 -16.19 -32.85 -53.19
CA PRO A 102 -16.72 -34.20 -52.94
C PRO A 102 -16.52 -34.64 -51.49
N LEU A 103 -15.33 -34.37 -50.94
CA LEU A 103 -15.04 -34.72 -49.56
C LEU A 103 -15.93 -33.89 -48.63
N GLY A 104 -16.26 -32.69 -49.08
CA GLY A 104 -17.12 -31.82 -48.32
C GLY A 104 -18.54 -32.32 -48.35
N GLU A 105 -18.97 -32.82 -49.52
CA GLU A 105 -20.30 -33.38 -49.67
C GLU A 105 -20.43 -34.56 -48.73
N GLU A 106 -19.37 -35.36 -48.67
CA GLU A 106 -19.34 -36.52 -47.80
C GLU A 106 -19.46 -36.04 -46.36
N MET A 107 -18.64 -35.05 -46.00
CA MET A 107 -18.64 -34.49 -44.66
C MET A 107 -20.01 -33.93 -44.30
N ARG A 108 -20.64 -33.25 -45.26
CA ARG A 108 -21.96 -32.68 -45.05
C ARG A 108 -22.98 -33.78 -44.76
N ASP A 109 -22.97 -34.81 -45.60
CA ASP A 109 -23.89 -35.92 -45.45
C ASP A 109 -23.59 -36.70 -44.18
N ARG A 110 -22.31 -36.88 -43.89
CA ARG A 110 -21.90 -37.59 -42.68
C ARG A 110 -22.30 -36.79 -41.46
N ALA A 111 -22.16 -35.46 -41.55
CA ALA A 111 -22.55 -34.57 -40.47
C ALA A 111 -24.06 -34.63 -40.31
N ARG A 112 -24.74 -34.73 -41.45
CA ARG A 112 -26.20 -34.84 -41.47
C ARG A 112 -26.61 -36.10 -40.74
N ALA A 113 -25.99 -37.22 -41.10
CA ALA A 113 -26.29 -38.50 -40.46
C ALA A 113 -25.86 -38.45 -39.00
N HIS A 114 -24.70 -37.84 -38.76
CA HIS A 114 -24.15 -37.69 -37.41
C HIS A 114 -25.14 -36.95 -36.52
N VAL A 115 -25.51 -35.76 -36.96
CA VAL A 115 -26.43 -34.90 -36.21
C VAL A 115 -27.85 -35.46 -36.18
N ASP A 116 -28.34 -35.96 -37.30
CA ASP A 116 -29.69 -36.51 -37.36
C ASP A 116 -29.83 -37.72 -36.45
N ALA A 117 -28.85 -38.61 -36.48
CA ALA A 117 -28.88 -39.79 -35.62
C ALA A 117 -28.79 -39.34 -34.18
N LEU A 118 -28.08 -38.23 -33.97
CA LEU A 118 -27.93 -37.65 -32.64
C LEU A 118 -29.26 -37.05 -32.21
N ARG A 119 -30.02 -36.53 -33.17
CA ARG A 119 -31.32 -35.94 -32.89
C ARG A 119 -32.27 -37.01 -32.37
N THR A 120 -32.37 -38.10 -33.12
CA THR A 120 -33.23 -39.21 -32.74
C THR A 120 -32.72 -39.91 -31.49
N HIS A 121 -31.50 -39.57 -31.10
CA HIS A 121 -30.88 -40.14 -29.91
C HIS A 121 -31.08 -39.20 -28.73
N LEU A 122 -30.80 -37.93 -28.94
CA LEU A 122 -30.93 -36.92 -27.88
C LEU A 122 -32.38 -36.68 -27.50
N ALA A 123 -33.30 -36.84 -28.45
CA ALA A 123 -34.72 -36.64 -28.18
C ALA A 123 -35.19 -37.55 -27.03
N PRO A 124 -35.08 -38.89 -27.16
CA PRO A 124 -35.48 -39.79 -26.08
C PRO A 124 -34.51 -39.69 -24.90
N TYR A 125 -33.25 -39.38 -25.19
CA TYR A 125 -32.23 -39.25 -24.16
C TYR A 125 -32.55 -38.11 -23.21
N SER A 126 -32.97 -36.98 -23.76
CA SER A 126 -33.33 -35.83 -22.95
C SER A 126 -34.61 -36.14 -22.20
N ASP A 127 -35.46 -36.96 -22.80
CA ASP A 127 -36.71 -37.37 -22.17
C ASP A 127 -36.37 -38.26 -20.98
N GLU A 128 -35.37 -39.11 -21.17
CA GLU A 128 -34.90 -40.00 -20.10
C GLU A 128 -34.26 -39.13 -19.03
N LEU A 129 -33.59 -38.06 -19.47
CA LEU A 129 -32.96 -37.12 -18.56
C LEU A 129 -34.04 -36.48 -17.70
N ARG A 130 -35.20 -36.21 -18.31
CA ARG A 130 -36.33 -35.64 -17.61
C ARG A 130 -36.88 -36.66 -16.61
N GLN A 131 -36.78 -37.94 -16.98
CA GLN A 131 -37.23 -39.02 -16.13
C GLN A 131 -36.33 -39.11 -14.90
N ARG A 132 -35.03 -39.21 -15.14
CA ARG A 132 -34.07 -39.29 -14.05
C ARG A 132 -34.09 -38.01 -13.22
N LEU A 133 -34.21 -36.86 -13.88
CA LEU A 133 -34.27 -35.58 -13.19
C LEU A 133 -35.47 -35.55 -12.28
N ALA A 134 -36.60 -36.02 -12.79
CA ALA A 134 -37.83 -36.07 -12.01
C ALA A 134 -37.64 -36.97 -10.81
N ALA A 135 -37.08 -38.16 -11.05
CA ALA A 135 -36.82 -39.12 -9.97
C ALA A 135 -35.90 -38.50 -8.93
N ARG A 136 -34.81 -37.89 -9.39
CA ARG A 136 -33.85 -37.25 -8.50
C ARG A 136 -34.52 -36.13 -7.72
N LEU A 137 -35.31 -35.31 -8.42
CA LEU A 137 -36.01 -34.19 -7.80
C LEU A 137 -37.06 -34.67 -6.79
N GLU A 138 -37.83 -35.69 -7.17
CA GLU A 138 -38.86 -36.24 -6.29
C GLU A 138 -38.23 -36.78 -5.01
N ALA A 139 -37.06 -37.37 -5.14
CA ALA A 139 -36.34 -37.91 -4.00
C ALA A 139 -35.74 -36.77 -3.19
N LEU A 140 -35.15 -35.81 -3.91
CA LEU A 140 -34.54 -34.64 -3.29
C LEU A 140 -35.57 -33.78 -2.57
N LYS A 141 -36.82 -33.83 -3.02
CA LYS A 141 -37.88 -33.07 -2.38
C LYS A 141 -38.31 -33.75 -1.09
N GLU A 142 -38.38 -35.07 -1.12
CA GLU A 142 -38.74 -35.85 0.06
C GLU A 142 -37.61 -35.81 1.07
N ASN A 143 -36.42 -36.19 0.61
CA ASN A 143 -35.24 -36.19 1.45
C ASN A 143 -34.88 -34.77 1.86
N GLY A 144 -35.19 -33.84 0.97
CA GLY A 144 -34.92 -32.43 1.24
C GLY A 144 -35.86 -31.89 2.30
N GLY A 145 -37.13 -32.27 2.20
CA GLY A 145 -38.11 -31.85 3.19
C GLY A 145 -37.72 -32.40 4.55
N ALA A 146 -37.27 -33.64 4.55
CA ALA A 146 -36.83 -34.30 5.77
C ALA A 146 -35.56 -33.63 6.26
N ARG A 147 -34.65 -33.34 5.32
CA ARG A 147 -33.38 -32.68 5.63
C ARG A 147 -33.63 -31.38 6.36
N LEU A 148 -34.51 -30.56 5.79
CA LEU A 148 -34.85 -29.27 6.39
C LEU A 148 -35.41 -29.46 7.80
N ALA A 149 -36.27 -30.45 7.95
CA ALA A 149 -36.86 -30.76 9.25
C ALA A 149 -35.76 -31.21 10.21
N GLU A 150 -34.89 -32.09 9.72
CA GLU A 150 -33.79 -32.61 10.52
C GLU A 150 -32.87 -31.46 10.94
N TYR A 151 -32.48 -30.66 9.96
CA TYR A 151 -31.61 -29.52 10.21
C TYR A 151 -32.23 -28.55 11.21
N HIS A 152 -33.53 -28.28 11.04
CA HIS A 152 -34.23 -27.37 11.94
C HIS A 152 -34.40 -27.98 13.33
N ALA A 153 -34.78 -29.25 13.39
CA ALA A 153 -34.96 -29.94 14.66
C ALA A 153 -33.65 -30.00 15.43
N LYS A 154 -32.55 -30.09 14.70
CA LYS A 154 -31.23 -30.12 15.32
C LYS A 154 -30.72 -28.71 15.55
N ALA A 155 -31.28 -27.77 14.81
CA ALA A 155 -30.91 -26.36 14.93
C ALA A 155 -31.46 -25.80 16.23
N THR A 156 -32.68 -26.20 16.59
CA THR A 156 -33.29 -25.76 17.82
C THR A 156 -32.48 -26.31 18.99
N GLU A 157 -32.05 -27.56 18.86
CA GLU A 157 -31.23 -28.21 19.88
C GLU A 157 -29.85 -27.57 19.92
N HIS A 158 -29.43 -27.02 18.78
CA HIS A 158 -28.15 -26.32 18.70
C HIS A 158 -28.28 -25.01 19.45
N LEU A 159 -29.36 -24.30 19.16
CA LEU A 159 -29.63 -23.01 19.78
C LEU A 159 -29.80 -23.13 21.28
N SER A 160 -30.54 -24.15 21.74
CA SER A 160 -30.76 -24.35 23.16
C SER A 160 -29.44 -24.55 23.90
N THR A 161 -28.62 -25.47 23.39
CA THR A 161 -27.33 -25.75 24.00
C THR A 161 -26.40 -24.55 23.87
N LEU A 162 -26.49 -23.84 22.76
CA LEU A 162 -25.66 -22.65 22.53
C LEU A 162 -26.07 -21.55 23.51
N SER A 163 -27.35 -21.52 23.87
CA SER A 163 -27.86 -20.53 24.80
C SER A 163 -27.28 -20.80 26.19
N GLU A 164 -26.98 -22.06 26.47
CA GLU A 164 -26.40 -22.43 27.75
C GLU A 164 -24.92 -22.06 27.76
N LYS A 165 -24.43 -21.58 26.62
CA LYS A 165 -23.06 -21.15 26.48
C LYS A 165 -23.04 -19.62 26.36
N ALA A 166 -24.02 -19.10 25.63
CA ALA A 166 -24.12 -17.65 25.43
C ALA A 166 -24.56 -16.94 26.71
N LYS A 167 -25.16 -17.68 27.63
CA LYS A 167 -25.59 -17.08 28.89
C LYS A 167 -24.70 -17.49 30.07
N PRO A 168 -24.79 -18.74 30.59
CA PRO A 168 -23.97 -19.17 31.72
C PRO A 168 -22.46 -19.10 31.46
N ALA A 169 -22.02 -19.61 30.31
CA ALA A 169 -20.61 -19.58 29.96
C ALA A 169 -20.12 -18.16 29.73
N LEU A 170 -20.91 -17.36 29.02
CA LEU A 170 -20.53 -15.98 28.76
C LEU A 170 -20.51 -15.17 30.06
N GLU A 171 -21.46 -15.43 30.94
CA GLU A 171 -21.51 -14.74 32.23
C GLU A 171 -20.28 -15.12 33.04
N ASP A 172 -19.91 -16.39 32.94
CA ASP A 172 -18.72 -16.90 33.63
C ASP A 172 -17.50 -16.19 33.09
N LEU A 173 -17.47 -15.99 31.77
CA LEU A 173 -16.38 -15.31 31.10
C LEU A 173 -16.30 -13.87 31.58
N ARG A 174 -17.45 -13.22 31.66
CA ARG A 174 -17.52 -11.83 32.14
C ARG A 174 -17.09 -11.77 33.59
N GLN A 175 -17.54 -12.77 34.36
CA GLN A 175 -17.19 -12.85 35.77
C GLN A 175 -15.71 -13.02 35.98
N GLY A 176 -15.05 -13.69 35.04
CA GLY A 176 -13.61 -13.89 35.12
C GLY A 176 -12.88 -12.69 34.53
N LEU A 177 -13.48 -12.12 33.49
CA LEU A 177 -12.93 -10.95 32.82
C LEU A 177 -12.70 -9.80 33.79
N LEU A 178 -13.66 -9.58 34.68
CA LEU A 178 -13.54 -8.49 35.66
C LEU A 178 -12.24 -8.57 36.47
N PRO A 179 -12.03 -9.63 37.27
CA PRO A 179 -10.80 -9.78 38.05
C PRO A 179 -9.57 -9.89 37.15
N VAL A 180 -9.71 -10.59 36.02
CA VAL A 180 -8.60 -10.76 35.08
C VAL A 180 -8.15 -9.40 34.54
N LEU A 181 -9.11 -8.59 34.08
CA LEU A 181 -8.80 -7.26 33.56
C LEU A 181 -8.17 -6.42 34.66
N GLU A 182 -8.70 -6.57 35.87
CA GLU A 182 -8.17 -5.85 37.02
C GLU A 182 -6.72 -6.24 37.29
N SER A 183 -6.46 -7.54 37.36
CA SER A 183 -5.11 -8.03 37.60
C SER A 183 -4.18 -7.61 36.47
N PHE A 184 -4.69 -7.66 35.24
CA PHE A 184 -3.93 -7.26 34.07
C PHE A 184 -3.63 -5.78 34.13
N LYS A 185 -4.63 -4.99 34.51
CA LYS A 185 -4.47 -3.55 34.64
C LYS A 185 -3.42 -3.23 35.69
N VAL A 186 -3.43 -3.97 36.79
CA VAL A 186 -2.45 -3.76 37.86
C VAL A 186 -1.05 -4.00 37.31
N SER A 187 -0.90 -5.08 36.53
CA SER A 187 0.37 -5.41 35.92
C SER A 187 0.76 -4.32 34.93
N PHE A 188 -0.21 -3.86 34.15
CA PHE A 188 0.00 -2.81 33.16
C PHE A 188 0.40 -1.50 33.84
N LEU A 189 -0.26 -1.18 34.95
CA LEU A 189 0.03 0.04 35.69
C LEU A 189 1.47 0.05 36.16
N SER A 190 1.95 -1.11 36.56
CA SER A 190 3.32 -1.26 37.02
C SER A 190 4.27 -1.28 35.82
N ALA A 191 3.86 -1.98 34.76
CA ALA A 191 4.67 -2.08 33.54
C ALA A 191 4.83 -0.70 32.91
N LEU A 192 3.76 0.06 32.86
CA LEU A 192 3.80 1.39 32.26
C LEU A 192 4.67 2.32 33.09
N GLU A 193 4.70 2.09 34.40
CA GLU A 193 5.51 2.88 35.31
C GLU A 193 6.97 2.65 35.00
N GLU A 194 7.34 1.37 34.92
CA GLU A 194 8.71 1.00 34.59
C GLU A 194 9.07 1.47 33.19
N TYR A 195 8.05 1.55 32.33
CA TYR A 195 8.19 1.98 30.94
C TYR A 195 8.57 3.46 30.85
N THR A 196 8.28 4.20 31.91
CA THR A 196 8.57 5.62 31.93
C THR A 196 9.79 5.90 32.80
N LYS A 197 10.50 4.86 33.19
CA LYS A 197 11.68 5.03 34.02
C LYS A 197 12.88 4.28 33.43
N LYS A 198 14.07 4.76 33.74
CA LYS A 198 15.29 4.12 33.26
C LYS A 198 15.77 4.70 31.93
N LEU A 199 14.88 4.69 30.90
CA LEU A 199 15.20 5.20 29.57
C LEU A 199 15.59 6.67 29.58
N ASN A 200 14.82 7.46 30.33
CA ASN A 200 15.11 8.88 30.45
C ASN A 200 14.23 9.45 31.55
N LEU B 3 -7.62 -21.42 40.19
CA LEU B 3 -6.95 -20.11 40.08
C LEU B 3 -7.39 -19.45 38.78
N LYS B 4 -8.71 -19.46 38.60
CA LYS B 4 -9.36 -18.90 37.43
C LYS B 4 -9.28 -19.86 36.25
N LEU B 5 -8.05 -20.26 35.88
CA LEU B 5 -7.87 -21.18 34.77
C LEU B 5 -8.55 -22.54 35.06
N LEU B 6 -8.59 -22.93 36.31
CA LEU B 6 -9.20 -24.19 36.72
C LEU B 6 -10.72 -24.05 36.73
N ASP B 7 -11.18 -22.84 37.04
CA ASP B 7 -12.60 -22.52 37.11
C ASP B 7 -13.22 -22.48 35.72
N ASN B 8 -12.54 -21.76 34.82
CA ASN B 8 -12.99 -21.61 33.44
C ASN B 8 -13.00 -22.96 32.75
N TRP B 9 -11.96 -23.76 32.98
CA TRP B 9 -11.87 -25.08 32.38
C TRP B 9 -13.07 -25.93 32.78
N ASP B 10 -13.51 -25.78 34.02
CA ASP B 10 -14.66 -26.52 34.51
C ASP B 10 -15.91 -26.16 33.71
N SER B 11 -16.10 -24.86 33.47
CA SER B 11 -17.23 -24.40 32.69
C SER B 11 -17.13 -24.93 31.25
N VAL B 12 -15.90 -24.99 30.75
CA VAL B 12 -15.63 -25.49 29.41
C VAL B 12 -15.95 -26.98 29.34
N THR B 13 -15.47 -27.74 30.32
CA THR B 13 -15.71 -29.18 30.37
C THR B 13 -17.22 -29.46 30.47
N SER B 14 -17.92 -28.71 31.30
CA SER B 14 -19.35 -28.87 31.46
C SER B 14 -20.08 -28.56 30.14
N THR B 15 -19.62 -27.53 29.44
CA THR B 15 -20.23 -27.16 28.17
C THR B 15 -19.79 -28.12 27.05
N PHE B 16 -18.78 -28.94 27.35
CA PHE B 16 -18.28 -29.93 26.41
C PHE B 16 -19.13 -31.20 26.55
N SER B 17 -19.50 -31.52 27.77
CA SER B 17 -20.35 -32.68 28.02
C SER B 17 -21.69 -32.46 27.32
N LYS B 18 -22.17 -31.22 27.39
CA LYS B 18 -23.41 -30.85 26.76
C LYS B 18 -23.29 -30.93 25.24
N LEU B 19 -22.05 -30.91 24.76
CA LEU B 19 -21.80 -31.02 23.32
C LEU B 19 -21.97 -32.48 22.93
N ARG B 20 -21.64 -33.38 23.84
CA ARG B 20 -21.78 -34.81 23.60
C ARG B 20 -23.25 -35.18 23.67
N GLU B 21 -23.94 -34.62 24.67
CA GLU B 21 -25.36 -34.86 24.86
C GLU B 21 -26.15 -34.22 23.72
N GLN B 22 -25.46 -33.36 22.97
CA GLN B 22 -26.05 -32.68 21.84
C GLN B 22 -25.72 -33.46 20.57
N LEU B 23 -24.42 -33.72 20.37
CA LEU B 23 -23.95 -34.46 19.21
C LEU B 23 -24.54 -35.86 19.15
N GLY B 24 -24.85 -36.42 20.32
CA GLY B 24 -25.44 -37.75 20.38
C GLY B 24 -26.69 -37.84 19.51
N PRO B 25 -27.80 -37.23 19.94
CA PRO B 25 -29.04 -37.24 19.16
C PRO B 25 -28.83 -36.65 17.77
N VAL B 26 -27.95 -35.64 17.68
CA VAL B 26 -27.63 -35.00 16.41
C VAL B 26 -27.10 -36.02 15.40
N THR B 27 -26.11 -36.80 15.81
CA THR B 27 -25.53 -37.81 14.93
C THR B 27 -26.51 -38.94 14.67
N GLN B 28 -27.25 -39.33 15.72
CA GLN B 28 -28.24 -40.38 15.60
C GLN B 28 -29.30 -39.99 14.57
N GLU B 29 -29.81 -38.78 14.68
CA GLU B 29 -30.80 -38.28 13.74
C GLU B 29 -30.15 -38.10 12.38
N PHE B 30 -28.90 -37.65 12.37
CA PHE B 30 -28.16 -37.45 11.13
C PHE B 30 -27.98 -38.79 10.42
N TRP B 31 -27.78 -39.84 11.20
CA TRP B 31 -27.63 -41.18 10.66
C TRP B 31 -28.94 -41.62 10.04
N ASP B 32 -30.03 -41.34 10.75
CA ASP B 32 -31.36 -41.68 10.24
C ASP B 32 -31.64 -40.87 8.99
N ASN B 33 -31.18 -39.62 9.00
CA ASN B 33 -31.32 -38.74 7.85
C ASN B 33 -30.50 -39.30 6.70
N LEU B 34 -29.28 -39.72 7.01
CA LEU B 34 -28.39 -40.30 6.03
C LEU B 34 -29.01 -41.58 5.49
N GLU B 35 -29.76 -42.27 6.34
CA GLU B 35 -30.45 -43.48 5.94
C GLU B 35 -31.53 -43.15 4.93
N LYS B 36 -32.24 -42.05 5.15
CA LYS B 36 -33.27 -41.60 4.24
C LYS B 36 -32.62 -41.21 2.93
N GLU B 37 -31.52 -40.47 3.05
CA GLU B 37 -30.76 -40.03 1.89
C GLU B 37 -30.23 -41.21 1.09
N THR B 38 -29.62 -42.17 1.79
CA THR B 38 -29.08 -43.35 1.12
C THR B 38 -30.19 -44.21 0.53
N GLU B 39 -31.31 -44.32 1.24
CA GLU B 39 -32.44 -45.09 0.76
C GLU B 39 -32.93 -44.47 -0.55
N GLY B 40 -33.10 -43.15 -0.52
CA GLY B 40 -33.52 -42.44 -1.70
C GLY B 40 -32.47 -42.57 -2.78
N LEU B 41 -31.21 -42.35 -2.41
CA LEU B 41 -30.09 -42.45 -3.34
C LEU B 41 -30.03 -43.84 -3.96
N ARG B 42 -30.42 -44.85 -3.20
CA ARG B 42 -30.43 -46.22 -3.72
C ARG B 42 -31.53 -46.38 -4.75
N GLN B 43 -32.67 -45.73 -4.50
CA GLN B 43 -33.80 -45.78 -5.42
C GLN B 43 -33.46 -44.94 -6.65
N GLU B 44 -32.64 -43.92 -6.43
CA GLU B 44 -32.20 -43.04 -7.50
C GLU B 44 -31.14 -43.75 -8.34
N MET B 45 -30.06 -44.17 -7.67
CA MET B 45 -28.93 -44.83 -8.32
C MET B 45 -29.30 -46.15 -9.00
N SER B 46 -30.30 -46.85 -8.48
CA SER B 46 -30.73 -48.10 -9.09
C SER B 46 -31.23 -47.84 -10.50
N LYS B 47 -32.16 -46.89 -10.60
CA LYS B 47 -32.71 -46.50 -11.88
C LYS B 47 -31.66 -45.73 -12.68
N ASP B 48 -30.87 -44.94 -11.97
CA ASP B 48 -29.82 -44.14 -12.57
C ASP B 48 -28.85 -45.03 -13.33
N LEU B 49 -28.25 -46.00 -12.63
CA LEU B 49 -27.31 -46.91 -13.25
C LEU B 49 -27.97 -47.77 -14.32
N GLU B 50 -29.22 -48.17 -14.07
CA GLU B 50 -29.95 -48.98 -15.03
C GLU B 50 -30.14 -48.19 -16.32
N GLU B 51 -30.63 -46.95 -16.17
CA GLU B 51 -30.84 -46.07 -17.29
C GLU B 51 -29.52 -45.71 -17.94
N VAL B 52 -28.48 -45.59 -17.11
CA VAL B 52 -27.14 -45.28 -17.60
C VAL B 52 -26.67 -46.38 -18.55
N LYS B 53 -26.86 -47.63 -18.14
CA LYS B 53 -26.48 -48.75 -18.99
C LYS B 53 -27.38 -48.80 -20.21
N ALA B 54 -28.66 -48.49 -20.00
CA ALA B 54 -29.64 -48.46 -21.07
C ALA B 54 -29.38 -47.27 -22.00
N LYS B 55 -28.51 -46.38 -21.56
CA LYS B 55 -28.13 -45.20 -22.34
C LYS B 55 -26.81 -45.47 -23.04
N VAL B 56 -25.83 -45.93 -22.26
CA VAL B 56 -24.50 -46.23 -22.76
C VAL B 56 -24.52 -47.26 -23.89
N GLN B 57 -25.35 -48.30 -23.73
CA GLN B 57 -25.45 -49.35 -24.75
C GLN B 57 -25.78 -48.77 -26.14
N PRO B 58 -26.94 -48.12 -26.34
CA PRO B 58 -27.29 -47.53 -27.64
C PRO B 58 -26.45 -46.30 -27.93
N TYR B 59 -25.88 -45.69 -26.89
CA TYR B 59 -25.04 -44.51 -27.10
C TYR B 59 -23.75 -44.92 -27.77
N LEU B 60 -23.09 -45.94 -27.22
CA LEU B 60 -21.86 -46.43 -27.78
C LEU B 60 -22.13 -47.12 -29.10
N ASP B 61 -23.26 -47.81 -29.19
CA ASP B 61 -23.64 -48.50 -30.42
C ASP B 61 -23.82 -47.51 -31.55
N ASP B 62 -24.43 -46.37 -31.24
CA ASP B 62 -24.65 -45.32 -32.23
C ASP B 62 -23.38 -44.51 -32.45
N PHE B 63 -22.68 -44.19 -31.37
CA PHE B 63 -21.44 -43.43 -31.46
C PHE B 63 -20.38 -44.22 -32.22
N GLN B 64 -20.32 -45.53 -31.97
CA GLN B 64 -19.36 -46.38 -32.65
C GLN B 64 -19.63 -46.39 -34.15
N LYS B 65 -20.92 -46.36 -34.52
CA LYS B 65 -21.29 -46.33 -35.93
C LYS B 65 -20.85 -45.01 -36.53
N LYS B 66 -21.03 -43.94 -35.77
CA LYS B 66 -20.64 -42.61 -36.20
C LYS B 66 -19.12 -42.56 -36.32
N TRP B 67 -18.44 -43.13 -35.33
CA TRP B 67 -16.99 -43.17 -35.32
C TRP B 67 -16.48 -44.06 -36.45
N GLN B 68 -17.24 -45.10 -36.75
CA GLN B 68 -16.89 -46.03 -37.83
C GLN B 68 -16.98 -45.32 -39.17
N GLU B 69 -18.13 -44.71 -39.44
CA GLU B 69 -18.32 -44.00 -40.70
C GLU B 69 -17.35 -42.83 -40.80
N GLU B 70 -17.02 -42.25 -39.65
CA GLU B 70 -16.09 -41.14 -39.60
C GLU B 70 -14.68 -41.67 -39.84
N MET B 71 -14.40 -42.85 -39.28
CA MET B 71 -13.10 -43.49 -39.45
C MET B 71 -12.90 -43.80 -40.92
N GLU B 72 -13.94 -44.37 -41.54
CA GLU B 72 -13.89 -44.68 -42.96
C GLU B 72 -13.72 -43.39 -43.73
N LEU B 73 -14.43 -42.35 -43.28
CA LEU B 73 -14.36 -41.03 -43.88
C LEU B 73 -12.94 -40.48 -43.77
N TYR B 74 -12.32 -40.71 -42.61
CA TYR B 74 -10.95 -40.28 -42.37
C TYR B 74 -10.00 -41.06 -43.27
N ARG B 75 -10.26 -42.35 -43.41
CA ARG B 75 -9.45 -43.20 -44.27
C ARG B 75 -9.53 -42.68 -45.70
N GLN B 76 -10.74 -42.43 -46.15
CA GLN B 76 -10.97 -41.91 -47.49
C GLN B 76 -10.77 -40.40 -47.54
N LYS B 77 -9.93 -39.92 -46.64
CA LYS B 77 -9.60 -38.50 -46.56
C LYS B 77 -8.10 -38.34 -46.41
N VAL B 78 -7.57 -38.87 -45.30
CA VAL B 78 -6.15 -38.79 -45.01
C VAL B 78 -5.33 -39.59 -46.01
N GLU B 79 -5.84 -40.75 -46.42
CA GLU B 79 -5.14 -41.60 -47.38
C GLU B 79 -4.97 -40.90 -48.74
N PRO B 80 -6.08 -40.49 -49.41
CA PRO B 80 -5.98 -39.80 -50.70
C PRO B 80 -5.26 -38.47 -50.57
N LEU B 81 -5.51 -37.77 -49.46
CA LEU B 81 -4.86 -36.48 -49.23
C LEU B 81 -3.37 -36.68 -49.01
N ARG B 82 -2.99 -37.81 -48.44
CA ARG B 82 -1.58 -38.10 -48.22
C ARG B 82 -0.85 -38.21 -49.56
N ALA B 83 -1.55 -38.75 -50.55
CA ALA B 83 -1.00 -38.88 -51.89
C ALA B 83 -0.90 -37.51 -52.54
N GLU B 84 -1.95 -36.71 -52.36
CA GLU B 84 -1.99 -35.36 -52.89
C GLU B 84 -0.91 -34.53 -52.22
N LEU B 85 -0.80 -34.69 -50.91
CA LEU B 85 0.21 -33.99 -50.13
C LEU B 85 1.60 -34.52 -50.47
N GLN B 86 1.67 -35.79 -50.83
CA GLN B 86 2.95 -36.39 -51.21
C GLN B 86 3.44 -35.76 -52.50
N GLU B 87 2.56 -35.67 -53.49
CA GLU B 87 2.90 -35.05 -54.76
C GLU B 87 3.11 -33.56 -54.57
N GLY B 88 2.34 -32.97 -53.67
CA GLY B 88 2.47 -31.56 -53.37
C GLY B 88 3.79 -31.32 -52.68
N ALA B 89 4.15 -32.21 -51.76
CA ALA B 89 5.41 -32.12 -51.05
C ALA B 89 6.55 -32.41 -52.00
N ARG B 90 6.34 -33.39 -52.88
CA ARG B 90 7.36 -33.74 -53.88
C ARG B 90 7.59 -32.55 -54.79
N GLN B 91 6.50 -31.88 -55.16
CA GLN B 91 6.59 -30.70 -55.99
C GLN B 91 7.35 -29.61 -55.24
N LYS B 92 7.02 -29.43 -53.97
CA LYS B 92 7.69 -28.44 -53.14
C LYS B 92 9.14 -28.82 -52.92
N LEU B 93 9.39 -30.10 -52.69
CA LEU B 93 10.74 -30.60 -52.50
C LEU B 93 11.54 -30.41 -53.77
N HIS B 94 10.93 -30.73 -54.90
CA HIS B 94 11.59 -30.56 -56.19
C HIS B 94 11.87 -29.08 -56.39
N GLU B 95 10.91 -28.26 -55.98
CA GLU B 95 11.06 -26.82 -56.06
C GLU B 95 12.25 -26.42 -55.19
N LEU B 96 12.26 -26.91 -53.96
CA LEU B 96 13.33 -26.63 -53.02
C LEU B 96 14.67 -27.10 -53.59
N GLN B 97 14.67 -28.23 -54.27
CA GLN B 97 15.87 -28.77 -54.87
C GLN B 97 16.40 -27.82 -55.94
N GLU B 98 15.48 -27.20 -56.67
CA GLU B 98 15.84 -26.27 -57.73
C GLU B 98 15.99 -24.84 -57.19
N LYS B 99 15.76 -24.67 -55.89
CA LYS B 99 15.87 -23.36 -55.27
C LYS B 99 17.04 -23.32 -54.28
N LEU B 100 17.02 -24.23 -53.32
CA LEU B 100 18.05 -24.30 -52.28
C LEU B 100 19.42 -24.65 -52.84
N SER B 101 19.48 -25.43 -53.91
CA SER B 101 20.77 -25.80 -54.50
C SER B 101 21.47 -24.59 -55.13
N PRO B 102 20.85 -23.92 -56.13
CA PRO B 102 21.46 -22.74 -56.77
C PRO B 102 21.66 -21.62 -55.76
N LEU B 103 20.72 -21.47 -54.84
CA LEU B 103 20.81 -20.46 -53.81
C LEU B 103 21.89 -20.81 -52.80
N GLY B 104 22.05 -22.11 -52.55
CA GLY B 104 23.07 -22.57 -51.63
C GLY B 104 24.45 -22.28 -52.17
N GLU B 105 24.67 -22.66 -53.43
CA GLU B 105 25.94 -22.42 -54.08
C GLU B 105 26.20 -20.92 -54.15
N GLU B 106 25.15 -20.17 -54.47
CA GLU B 106 25.23 -18.73 -54.55
C GLU B 106 25.54 -18.14 -53.17
N MET B 107 24.81 -18.61 -52.16
CA MET B 107 25.01 -18.14 -50.79
C MET B 107 26.42 -18.43 -50.33
N ARG B 108 26.95 -19.58 -50.72
CA ARG B 108 28.31 -19.94 -50.36
C ARG B 108 29.30 -18.98 -50.99
N ASP B 109 29.04 -18.61 -52.25
CA ASP B 109 29.90 -17.67 -52.95
C ASP B 109 29.71 -16.28 -52.35
N ARG B 110 28.48 -15.97 -51.96
CA ARG B 110 28.18 -14.69 -51.32
C ARG B 110 28.97 -14.64 -50.01
N ALA B 111 28.90 -15.75 -49.28
CA ALA B 111 29.62 -15.89 -48.02
C ALA B 111 31.10 -15.79 -48.28
N ARG B 112 31.56 -16.36 -49.39
CA ARG B 112 32.97 -16.30 -49.75
C ARG B 112 33.37 -14.85 -49.89
N ALA B 113 32.62 -14.11 -50.69
CA ALA B 113 32.88 -12.70 -50.92
C ALA B 113 32.78 -11.91 -49.62
N HIS B 114 31.86 -12.30 -48.75
CA HIS B 114 31.68 -11.62 -47.47
C HIS B 114 32.80 -11.96 -46.49
N VAL B 115 33.09 -13.25 -46.33
CA VAL B 115 34.14 -13.70 -45.43
C VAL B 115 35.50 -13.24 -45.91
N ASP B 116 35.72 -13.33 -47.22
CA ASP B 116 36.98 -12.89 -47.81
C ASP B 116 37.12 -11.40 -47.61
N ALA B 117 35.99 -10.70 -47.71
CA ALA B 117 35.98 -9.27 -47.48
C ALA B 117 36.31 -9.01 -46.02
N LEU B 118 35.69 -9.79 -45.14
CA LEU B 118 35.93 -9.68 -43.70
C LEU B 118 37.41 -9.91 -43.39
N ARG B 119 38.05 -10.77 -44.17
CA ARG B 119 39.46 -11.05 -43.99
C ARG B 119 40.29 -9.81 -44.28
N THR B 120 39.85 -9.00 -45.23
CA THR B 120 40.54 -7.77 -45.59
C THR B 120 39.88 -6.56 -44.93
N HIS B 121 38.89 -6.82 -44.08
CA HIS B 121 38.18 -5.73 -43.42
C HIS B 121 38.36 -5.79 -41.90
N LEU B 122 38.25 -6.98 -41.33
CA LEU B 122 38.37 -7.15 -39.89
C LEU B 122 39.81 -7.42 -39.46
N ALA B 123 40.48 -8.35 -40.14
CA ALA B 123 41.87 -8.70 -39.81
C ALA B 123 42.79 -7.47 -39.71
N PRO B 124 42.86 -6.62 -40.75
CA PRO B 124 43.69 -5.41 -40.69
C PRO B 124 43.17 -4.44 -39.64
N TYR B 125 41.85 -4.46 -39.45
CA TYR B 125 41.22 -3.59 -38.47
C TYR B 125 41.69 -3.96 -37.07
N SER B 126 41.74 -5.26 -36.79
CA SER B 126 42.21 -5.72 -35.49
C SER B 126 43.69 -5.40 -35.32
N ASP B 127 44.42 -5.40 -36.43
CA ASP B 127 45.85 -5.08 -36.39
C ASP B 127 46.03 -3.60 -36.09
N GLU B 128 45.15 -2.78 -36.67
CA GLU B 128 45.17 -1.34 -36.43
C GLU B 128 44.67 -1.07 -35.02
N LEU B 129 43.73 -1.91 -34.58
CA LEU B 129 43.18 -1.81 -33.24
C LEU B 129 44.27 -2.15 -32.23
N ARG B 130 45.21 -3.01 -32.64
CA ARG B 130 46.33 -3.39 -31.78
C ARG B 130 47.14 -2.15 -31.41
N GLN B 131 47.30 -1.26 -32.37
CA GLN B 131 48.03 -0.02 -32.15
C GLN B 131 47.26 0.85 -31.18
N ARG B 132 45.95 0.91 -31.42
CA ARG B 132 45.05 1.69 -30.58
C ARG B 132 45.00 1.13 -29.17
N LEU B 133 44.97 -0.19 -29.05
CA LEU B 133 44.95 -0.85 -27.76
C LEU B 133 46.28 -0.64 -27.04
N ALA B 134 47.37 -0.78 -27.79
CA ALA B 134 48.71 -0.60 -27.23
C ALA B 134 48.90 0.82 -26.74
N ALA B 135 48.46 1.79 -27.53
CA ALA B 135 48.59 3.19 -27.16
C ALA B 135 47.71 3.50 -25.96
N ARG B 136 46.47 3.01 -26.00
CA ARG B 136 45.53 3.21 -24.90
C ARG B 136 46.08 2.56 -23.64
N LEU B 137 46.67 1.38 -23.80
CA LEU B 137 47.26 0.66 -22.68
C LEU B 137 48.42 1.45 -22.11
N GLU B 138 49.18 2.11 -22.99
CA GLU B 138 50.30 2.92 -22.56
C GLU B 138 49.81 4.11 -21.76
N ALA B 139 48.71 4.71 -22.22
CA ALA B 139 48.13 5.85 -21.52
C ALA B 139 47.64 5.39 -20.15
N LEU B 140 46.95 4.25 -20.14
CA LEU B 140 46.44 3.68 -18.90
C LEU B 140 47.59 3.17 -18.03
N LYS B 141 48.74 2.95 -18.65
CA LYS B 141 49.91 2.47 -17.93
C LYS B 141 50.62 3.64 -17.26
N GLU B 142 50.76 4.73 -18.01
CA GLU B 142 51.39 5.93 -17.48
C GLU B 142 50.50 6.54 -16.42
N ASN B 143 49.23 6.72 -16.76
CA ASN B 143 48.26 7.28 -15.83
C ASN B 143 48.02 6.29 -14.70
N GLY B 144 48.00 5.01 -15.04
CA GLY B 144 47.80 3.98 -14.05
C GLY B 144 48.95 3.92 -13.08
N GLY B 145 50.16 4.02 -13.60
CA GLY B 145 51.34 4.01 -12.75
C GLY B 145 51.34 5.20 -11.83
N ALA B 146 50.97 6.35 -12.38
CA ALA B 146 50.89 7.58 -11.61
C ALA B 146 49.81 7.43 -10.56
N ARG B 147 48.68 6.85 -10.97
CA ARG B 147 47.55 6.62 -10.07
C ARG B 147 47.97 5.72 -8.92
N LEU B 148 48.78 4.71 -9.21
CA LEU B 148 49.26 3.81 -8.17
C LEU B 148 50.01 4.60 -7.11
N ALA B 149 50.83 5.55 -7.55
CA ALA B 149 51.57 6.40 -6.64
C ALA B 149 50.61 7.31 -5.89
N GLU B 150 49.67 7.90 -6.63
CA GLU B 150 48.67 8.79 -6.05
C GLU B 150 47.84 8.04 -5.01
N TYR B 151 47.37 6.86 -5.38
CA TYR B 151 46.58 6.03 -4.47
C TYR B 151 47.38 5.70 -3.23
N HIS B 152 48.67 5.41 -3.41
CA HIS B 152 49.54 5.09 -2.29
C HIS B 152 49.72 6.30 -1.38
N ALA B 153 49.90 7.47 -1.99
CA ALA B 153 50.08 8.71 -1.25
C ALA B 153 48.78 9.03 -0.51
N LYS B 154 47.66 8.90 -1.21
CA LYS B 154 46.36 9.17 -0.64
C LYS B 154 46.02 8.14 0.43
N ALA B 155 46.60 6.94 0.28
CA ALA B 155 46.39 5.88 1.24
C ALA B 155 47.07 6.25 2.55
N THR B 156 48.31 6.74 2.46
CA THR B 156 49.04 7.15 3.63
C THR B 156 48.37 8.36 4.27
N GLU B 157 47.87 9.27 3.42
CA GLU B 157 47.15 10.45 3.89
C GLU B 157 45.90 10.01 4.63
N HIS B 158 45.28 8.96 4.11
CA HIS B 158 44.07 8.39 4.71
C HIS B 158 44.42 7.68 6.01
N LEU B 159 45.46 6.88 5.98
CA LEU B 159 45.89 6.13 7.15
C LEU B 159 46.29 7.07 8.28
N SER B 160 46.94 8.18 7.94
CA SER B 160 47.36 9.17 8.92
C SER B 160 46.13 9.79 9.58
N THR B 161 45.16 10.18 8.76
CA THR B 161 43.94 10.79 9.28
C THR B 161 43.10 9.77 10.03
N LEU B 162 43.25 8.51 9.67
CA LEU B 162 42.53 7.44 10.34
C LEU B 162 43.18 7.11 11.67
N SER B 163 44.48 7.38 11.78
CA SER B 163 45.22 7.12 13.00
C SER B 163 44.71 7.97 14.15
N GLU B 164 44.41 9.23 13.87
CA GLU B 164 43.90 10.15 14.87
C GLU B 164 42.46 9.83 15.23
N LYS B 165 41.84 8.97 14.43
CA LYS B 165 40.46 8.57 14.67
C LYS B 165 40.40 7.16 15.26
N ALA B 166 41.39 6.35 14.94
CA ALA B 166 41.45 4.97 15.43
C ALA B 166 42.07 4.92 16.83
N LYS B 167 42.78 5.97 17.21
CA LYS B 167 43.42 6.01 18.53
C LYS B 167 42.78 7.06 19.45
N PRO B 168 43.06 8.38 19.26
CA PRO B 168 42.49 9.44 20.12
C PRO B 168 40.97 9.34 20.23
N ALA B 169 40.29 9.23 19.09
CA ALA B 169 38.84 9.13 19.08
C ALA B 169 38.38 7.85 19.79
N LEU B 170 39.10 6.75 19.54
CA LEU B 170 38.76 5.48 20.17
C LEU B 170 38.98 5.53 21.67
N GLU B 171 40.06 6.21 22.08
CA GLU B 171 40.37 6.37 23.49
C GLU B 171 39.21 7.08 24.19
N ASP B 172 38.72 8.13 23.56
CA ASP B 172 37.59 8.88 24.11
C ASP B 172 36.32 8.05 24.05
N LEU B 173 36.12 7.34 22.93
CA LEU B 173 34.95 6.48 22.79
C LEU B 173 34.92 5.43 23.89
N ARG B 174 36.07 4.82 24.14
CA ARG B 174 36.19 3.83 25.20
C ARG B 174 36.04 4.50 26.55
N GLN B 175 36.56 5.72 26.65
CA GLN B 175 36.48 6.47 27.88
C GLN B 175 35.05 6.83 28.21
N GLY B 176 34.24 7.02 27.17
CA GLY B 176 32.84 7.34 27.32
C GLY B 176 32.04 6.06 27.54
N LEU B 177 32.47 4.98 26.87
CA LEU B 177 31.81 3.70 26.99
C LEU B 177 31.89 3.17 28.40
N LEU B 178 32.99 3.45 29.09
CA LEU B 178 33.16 2.99 30.47
C LEU B 178 32.00 3.46 31.38
N PRO B 179 31.81 4.78 31.58
CA PRO B 179 30.72 5.28 32.41
C PRO B 179 29.35 5.00 31.80
N VAL B 180 29.30 4.95 30.46
CA VAL B 180 28.05 4.66 29.76
C VAL B 180 27.59 3.24 30.10
N LEU B 181 28.53 2.31 30.07
CA LEU B 181 28.23 0.92 30.39
C LEU B 181 27.82 0.83 31.86
N GLU B 182 28.50 1.58 32.71
CA GLU B 182 28.19 1.59 34.13
C GLU B 182 26.80 2.11 34.39
N SER B 183 26.47 3.27 33.82
CA SER B 183 25.15 3.86 33.99
C SER B 183 24.09 2.95 33.40
N PHE B 184 24.38 2.37 32.24
CA PHE B 184 23.47 1.44 31.58
C PHE B 184 23.23 0.24 32.46
N LYS B 185 24.30 -0.35 32.98
CA LYS B 185 24.20 -1.51 33.85
C LYS B 185 23.37 -1.18 35.08
N VAL B 186 23.65 -0.04 35.70
CA VAL B 186 22.90 0.38 36.88
C VAL B 186 21.42 0.49 36.56
N SER B 187 21.11 1.16 35.46
CA SER B 187 19.73 1.33 35.02
C SER B 187 19.06 -0.01 34.74
N PHE B 188 19.80 -0.89 34.05
CA PHE B 188 19.28 -2.21 33.70
C PHE B 188 19.10 -3.08 34.94
N LEU B 189 20.05 -3.01 35.86
CA LEU B 189 19.97 -3.79 37.10
C LEU B 189 18.73 -3.43 37.88
N SER B 190 18.52 -2.14 38.10
CA SER B 190 17.34 -1.67 38.83
C SER B 190 16.06 -2.02 38.06
N ALA B 191 16.14 -1.96 36.72
CA ALA B 191 14.99 -2.28 35.89
C ALA B 191 14.64 -3.75 35.99
N LEU B 192 15.66 -4.60 35.91
CA LEU B 192 15.45 -6.05 36.01
C LEU B 192 14.94 -6.41 37.40
N GLU B 193 15.45 -5.71 38.41
CA GLU B 193 15.04 -5.94 39.78
C GLU B 193 13.58 -5.54 39.98
N GLU B 194 13.13 -4.56 39.19
CA GLU B 194 11.76 -4.10 39.24
C GLU B 194 10.85 -5.06 38.48
N TYR B 195 11.30 -5.47 37.31
CA TYR B 195 10.54 -6.38 36.45
C TYR B 195 10.34 -7.75 37.09
N THR B 196 11.39 -8.28 37.72
CA THR B 196 11.31 -9.59 38.35
C THR B 196 10.24 -9.62 39.45
N LYS B 197 9.99 -8.48 40.07
CA LYS B 197 9.00 -8.37 41.12
C LYS B 197 7.59 -8.55 40.55
N LYS B 198 7.37 -7.96 39.39
CA LYS B 198 6.07 -8.03 38.74
C LYS B 198 5.87 -9.39 38.08
N LEU B 199 6.94 -9.93 37.51
CA LEU B 199 6.90 -11.22 36.86
C LEU B 199 7.11 -12.35 37.88
N ASN B 200 6.60 -12.15 39.09
CA ASN B 200 6.75 -13.13 40.15
C ASN B 200 5.37 -13.51 40.69
N MET C 3 -16.55 -0.06 2.19
CA MET C 3 -15.39 -0.83 2.63
C MET C 3 -14.11 -0.11 2.22
N THR C 4 -14.22 0.71 1.20
CA THR C 4 -13.09 1.46 0.68
C THR C 4 -13.10 2.89 1.22
N GLU C 5 -11.99 3.60 1.02
CA GLU C 5 -11.87 4.97 1.48
C GLU C 5 -11.71 5.90 0.28
N TYR C 6 -12.80 6.57 -0.08
CA TYR C 6 -12.81 7.49 -1.23
C TYR C 6 -12.08 8.78 -0.91
N LYS C 7 -11.39 9.32 -1.92
CA LYS C 7 -10.64 10.58 -1.76
C LYS C 7 -11.42 11.76 -2.32
N LEU C 8 -11.81 12.67 -1.44
CA LEU C 8 -12.56 13.84 -1.84
C LEU C 8 -11.70 15.09 -1.69
N VAL C 9 -11.30 15.66 -2.82
CA VAL C 9 -10.47 16.86 -2.79
C VAL C 9 -11.30 18.10 -3.09
N VAL C 10 -11.40 18.97 -2.10
CA VAL C 10 -12.14 20.21 -2.25
C VAL C 10 -11.20 21.31 -2.73
N VAL C 11 -11.47 21.84 -3.91
CA VAL C 11 -10.63 22.89 -4.47
C VAL C 11 -11.38 24.21 -4.56
N GLY C 12 -10.63 25.29 -4.77
CA GLY C 12 -11.23 26.60 -4.85
C GLY C 12 -10.26 27.67 -4.41
N ALA C 13 -10.65 28.92 -4.55
CA ALA C 13 -9.81 30.04 -4.16
C ALA C 13 -10.14 30.51 -2.74
N GLY C 14 -9.39 31.49 -2.26
CA GLY C 14 -9.61 32.02 -0.93
C GLY C 14 -10.84 32.90 -0.88
N GLY C 15 -11.74 32.57 0.03
CA GLY C 15 -12.96 33.34 0.17
C GLY C 15 -14.20 32.54 -0.16
N VAL C 16 -14.01 31.38 -0.78
CA VAL C 16 -15.13 30.52 -1.16
C VAL C 16 -15.77 29.84 0.06
N GLY C 17 -14.96 29.56 1.07
CA GLY C 17 -15.48 28.92 2.27
C GLY C 17 -15.36 27.41 2.24
N LYS C 18 -14.22 26.91 1.80
CA LYS C 18 -13.96 25.47 1.72
C LYS C 18 -14.01 24.82 3.11
N SER C 19 -13.34 25.44 4.06
CA SER C 19 -13.31 24.91 5.42
C SER C 19 -14.70 24.90 6.05
N ALA C 20 -15.49 25.92 5.75
CA ALA C 20 -16.84 26.02 6.28
C ALA C 20 -17.71 24.86 5.79
N LEU C 21 -17.64 24.59 4.49
CA LEU C 21 -18.41 23.49 3.90
C LEU C 21 -17.98 22.14 4.47
N THR C 22 -16.67 21.96 4.59
CA THR C 22 -16.12 20.72 5.11
C THR C 22 -16.49 20.51 6.59
N ILE C 23 -16.27 21.52 7.41
CA ILE C 23 -16.58 21.44 8.83
C ILE C 23 -18.09 21.29 9.06
N GLN C 24 -18.87 21.83 8.13
CA GLN C 24 -20.33 21.76 8.22
C GLN C 24 -20.82 20.32 8.02
N LEU C 25 -20.00 19.51 7.38
CA LEU C 25 -20.33 18.11 7.14
C LEU C 25 -19.69 17.22 8.19
N ILE C 26 -18.45 17.53 8.53
CA ILE C 26 -17.69 16.76 9.51
C ILE C 26 -18.16 17.01 10.94
N GLN C 27 -18.28 18.28 11.31
CA GLN C 27 -18.68 18.66 12.66
C GLN C 27 -20.10 19.20 12.70
N ASN C 28 -20.60 19.63 11.55
CA ASN C 28 -21.93 20.24 11.45
C ASN C 28 -21.90 21.57 12.19
N HIS C 29 -20.75 22.23 12.10
CA HIS C 29 -20.52 23.50 12.75
C HIS C 29 -20.08 24.53 11.71
N PHE C 30 -20.71 25.70 11.73
CA PHE C 30 -20.36 26.76 10.79
C PHE C 30 -19.35 27.71 11.40
N VAL C 31 -18.32 28.05 10.63
CA VAL C 31 -17.29 28.95 11.10
C VAL C 31 -17.51 30.37 10.57
N ASP C 32 -17.30 31.34 11.44
CA ASP C 32 -17.47 32.75 11.09
C ASP C 32 -16.11 33.40 10.86
N GLU C 33 -15.10 32.84 11.52
CA GLU C 33 -13.76 33.35 11.43
C GLU C 33 -13.10 32.90 10.13
N TYR C 34 -12.22 33.73 9.59
CA TYR C 34 -11.52 33.37 8.38
C TYR C 34 -10.22 32.67 8.71
N ASP C 35 -10.32 31.40 9.08
CA ASP C 35 -9.15 30.61 9.42
C ASP C 35 -8.41 30.19 8.16
N PRO C 36 -7.08 30.33 8.17
CA PRO C 36 -6.23 29.98 7.02
C PRO C 36 -6.22 28.48 6.73
N THR C 37 -5.52 28.08 5.67
CA THR C 37 -5.45 26.68 5.29
C THR C 37 -4.34 26.42 4.26
N ILE C 38 -3.58 25.37 4.50
CA ILE C 38 -2.50 24.96 3.61
C ILE C 38 -2.79 23.56 3.09
N GLU C 39 -2.75 22.59 4.00
CA GLU C 39 -3.02 21.21 3.67
C GLU C 39 -3.70 20.53 4.85
N ASP C 40 -5.02 20.53 4.83
CA ASP C 40 -5.79 19.93 5.90
C ASP C 40 -6.51 18.69 5.38
N SER C 41 -6.92 17.83 6.30
CA SER C 41 -7.62 16.61 5.92
C SER C 41 -8.64 16.18 6.98
N TYR C 42 -9.81 15.72 6.54
CA TYR C 42 -10.89 15.30 7.45
C TYR C 42 -11.36 13.86 7.17
N ARG C 43 -11.74 13.13 8.22
CA ARG C 43 -12.18 11.75 8.07
C ARG C 43 -13.54 11.53 8.72
N LYS C 44 -14.47 10.96 7.96
CA LYS C 44 -15.81 10.66 8.44
C LYS C 44 -16.36 9.45 7.69
N GLN C 45 -17.23 8.69 8.35
CA GLN C 45 -17.82 7.51 7.75
C GLN C 45 -19.33 7.72 7.56
N VAL C 46 -19.79 7.53 6.33
CA VAL C 46 -21.21 7.69 6.03
C VAL C 46 -21.69 6.57 5.13
N VAL C 47 -23.00 6.35 5.13
CA VAL C 47 -23.61 5.31 4.31
C VAL C 47 -24.20 5.95 3.06
N ILE C 48 -23.55 5.73 1.93
CA ILE C 48 -24.00 6.28 0.67
C ILE C 48 -24.63 5.21 -0.22
N ASP C 49 -25.90 5.40 -0.55
CA ASP C 49 -26.64 4.48 -1.41
C ASP C 49 -26.78 3.09 -0.81
N GLY C 50 -26.52 2.98 0.50
CA GLY C 50 -26.62 1.70 1.16
C GLY C 50 -25.26 1.09 1.47
N GLU C 51 -24.21 1.70 0.94
CA GLU C 51 -22.86 1.22 1.17
C GLU C 51 -22.11 2.15 2.12
N THR C 52 -21.61 1.59 3.21
CA THR C 52 -20.86 2.36 4.19
C THR C 52 -19.40 2.45 3.77
N CYS C 53 -18.87 3.66 3.72
CA CYS C 53 -17.48 3.86 3.32
C CYS C 53 -16.84 5.01 4.09
N LEU C 54 -15.51 5.04 4.05
CA LEU C 54 -14.77 6.08 4.74
C LEU C 54 -14.40 7.17 3.75
N LEU C 55 -14.57 8.42 4.14
CA LEU C 55 -14.27 9.53 3.25
C LEU C 55 -13.09 10.35 3.75
N ASP C 56 -12.07 10.47 2.91
CA ASP C 56 -10.90 11.27 3.24
C ASP C 56 -10.99 12.57 2.46
N ILE C 57 -11.36 13.64 3.16
CA ILE C 57 -11.53 14.94 2.54
C ILE C 57 -10.25 15.77 2.68
N LEU C 58 -9.80 16.32 1.57
CA LEU C 58 -8.60 17.15 1.54
C LEU C 58 -8.95 18.62 1.38
N ASP C 59 -8.62 19.40 2.41
CA ASP C 59 -8.87 20.84 2.41
C ASP C 59 -7.63 21.57 1.89
N THR C 60 -7.63 21.83 0.59
CA THR C 60 -6.51 22.49 -0.09
C THR C 60 -6.43 23.97 0.25
N ALA C 61 -5.28 24.57 -0.02
CA ALA C 61 -5.06 25.98 0.25
C ALA C 61 -5.89 26.85 -0.69
N GLY C 62 -6.12 28.10 -0.29
CA GLY C 62 -6.89 29.01 -1.10
C GLY C 62 -6.07 29.62 -2.22
N GLN C 63 -4.78 29.79 -1.97
CA GLN C 63 -3.87 30.36 -2.96
C GLN C 63 -2.53 29.63 -2.93
N GLU C 64 -2.10 29.19 -4.11
CA GLU C 64 -0.83 28.47 -4.25
C GLU C 64 -0.49 28.33 -5.72
N GLU C 65 0.78 28.44 -6.04
CA GLU C 65 1.24 28.31 -7.41
C GLU C 65 1.83 26.92 -7.65
N TYR C 66 2.90 26.84 -8.43
CA TYR C 66 3.54 25.56 -8.71
C TYR C 66 4.18 25.02 -7.44
N SER C 67 3.77 23.82 -7.06
CA SER C 67 4.30 23.19 -5.86
C SER C 67 4.40 21.69 -6.07
N ALA C 68 5.59 21.15 -5.86
CA ALA C 68 5.81 19.70 -6.01
C ALA C 68 4.95 18.95 -5.01
N MET C 69 4.73 19.56 -3.86
CA MET C 69 3.92 18.97 -2.81
C MET C 69 2.46 18.96 -3.23
N ARG C 70 2.01 20.09 -3.78
CA ARG C 70 0.64 20.24 -4.25
C ARG C 70 0.35 19.26 -5.39
N ASP C 71 1.29 19.19 -6.32
CA ASP C 71 1.15 18.30 -7.48
C ASP C 71 1.01 16.84 -7.06
N GLN C 72 1.43 16.54 -5.84
CA GLN C 72 1.33 15.20 -5.31
C GLN C 72 0.04 15.02 -4.51
N TYR C 73 -0.25 15.95 -3.60
CA TYR C 73 -1.44 15.85 -2.77
C TYR C 73 -2.74 15.96 -3.57
N MET C 74 -2.68 16.68 -4.68
CA MET C 74 -3.86 16.85 -5.54
C MET C 74 -3.90 15.78 -6.62
N ARG C 75 -2.95 14.85 -6.55
CA ARG C 75 -2.87 13.77 -7.52
C ARG C 75 -3.51 12.50 -6.96
N THR C 76 -3.47 12.38 -5.63
CA THR C 76 -4.02 11.23 -4.93
C THR C 76 -5.55 11.32 -4.80
N GLY C 77 -6.12 12.45 -5.22
CA GLY C 77 -7.55 12.62 -5.13
C GLY C 77 -8.29 11.99 -6.29
N GLU C 78 -9.47 11.45 -6.02
CA GLU C 78 -10.28 10.82 -7.05
C GLU C 78 -11.33 11.81 -7.54
N GLY C 79 -12.04 12.43 -6.61
CA GLY C 79 -13.05 13.40 -6.96
C GLY C 79 -12.65 14.79 -6.54
N PHE C 80 -12.92 15.77 -7.38
CA PHE C 80 -12.56 17.15 -7.09
C PHE C 80 -13.77 18.07 -7.07
N LEU C 81 -13.96 18.76 -5.95
CA LEU C 81 -15.07 19.69 -5.79
C LEU C 81 -14.62 21.10 -6.12
N CYS C 82 -15.08 21.62 -7.24
CA CYS C 82 -14.72 22.97 -7.67
C CYS C 82 -15.65 23.98 -7.01
N VAL C 83 -15.25 24.44 -5.83
CA VAL C 83 -16.06 25.39 -5.08
C VAL C 83 -15.68 26.84 -5.42
N PHE C 84 -16.68 27.63 -5.77
CA PHE C 84 -16.47 29.03 -6.09
C PHE C 84 -17.49 29.90 -5.38
N ALA C 85 -17.19 31.17 -5.22
CA ALA C 85 -18.09 32.09 -4.56
C ALA C 85 -18.93 32.84 -5.59
N ILE C 86 -20.25 32.69 -5.50
CA ILE C 86 -21.17 33.34 -6.44
C ILE C 86 -21.21 34.85 -6.25
N ASN C 87 -20.52 35.35 -5.23
CA ASN C 87 -20.48 36.78 -4.95
C ASN C 87 -19.26 37.42 -5.59
N ASN C 88 -18.44 36.61 -6.23
CA ASN C 88 -17.23 37.10 -6.89
C ASN C 88 -17.04 36.42 -8.24
N THR C 89 -17.18 37.19 -9.31
CA THR C 89 -17.03 36.69 -10.67
C THR C 89 -15.63 36.11 -10.91
N LYS C 90 -14.62 36.69 -10.28
CA LYS C 90 -13.25 36.21 -10.42
C LYS C 90 -13.12 34.78 -9.92
N SER C 91 -13.88 34.46 -8.88
CA SER C 91 -13.87 33.13 -8.30
C SER C 91 -14.46 32.13 -9.28
N PHE C 92 -15.38 32.60 -10.10
CA PHE C 92 -16.03 31.77 -11.10
C PHE C 92 -15.14 31.61 -12.34
N GLU C 93 -14.47 32.70 -12.70
CA GLU C 93 -13.59 32.69 -13.85
C GLU C 93 -12.31 31.89 -13.60
N ASP C 94 -11.95 31.73 -12.33
CA ASP C 94 -10.75 30.99 -11.97
C ASP C 94 -11.00 29.49 -11.96
N ILE C 95 -12.24 29.10 -12.21
CA ILE C 95 -12.62 27.68 -12.23
C ILE C 95 -11.85 26.94 -13.32
N HIS C 96 -11.69 27.56 -14.48
CA HIS C 96 -10.96 26.93 -15.58
C HIS C 96 -9.51 26.71 -15.19
N HIS C 97 -8.98 27.63 -14.39
CA HIS C 97 -7.61 27.54 -13.92
C HIS C 97 -7.43 26.26 -13.11
N TYR C 98 -8.43 25.94 -12.30
CA TYR C 98 -8.38 24.73 -11.49
C TYR C 98 -8.62 23.49 -12.35
N ARG C 99 -9.54 23.61 -13.31
CA ARG C 99 -9.86 22.51 -14.23
C ARG C 99 -8.60 22.05 -14.95
N GLU C 100 -7.82 23.01 -15.43
CA GLU C 100 -6.58 22.73 -16.14
C GLU C 100 -5.55 22.09 -15.21
N GLN C 101 -5.49 22.58 -13.98
CA GLN C 101 -4.55 22.07 -13.00
C GLN C 101 -4.86 20.62 -12.63
N ILE C 102 -6.12 20.34 -12.34
CA ILE C 102 -6.55 18.99 -11.99
C ILE C 102 -6.30 18.03 -13.15
N LYS C 103 -6.66 18.47 -14.35
CA LYS C 103 -6.47 17.66 -15.54
C LYS C 103 -4.98 17.33 -15.72
N ARG C 104 -4.14 18.30 -15.41
CA ARG C 104 -2.70 18.16 -15.55
C ARG C 104 -2.13 17.14 -14.56
N VAL C 105 -2.53 17.24 -13.30
CA VAL C 105 -2.03 16.33 -12.27
C VAL C 105 -2.59 14.91 -12.41
N LYS C 106 -3.77 14.79 -13.02
CA LYS C 106 -4.38 13.48 -13.20
C LYS C 106 -4.07 12.90 -14.57
N ASP C 107 -3.49 13.72 -15.45
CA ASP C 107 -3.12 13.30 -16.81
C ASP C 107 -4.34 12.82 -17.60
N SER C 108 -5.51 13.26 -17.17
CA SER C 108 -6.77 12.88 -17.81
C SER C 108 -7.76 14.04 -17.80
N GLU C 109 -8.65 14.07 -18.78
CA GLU C 109 -9.65 15.12 -18.88
C GLU C 109 -10.95 14.70 -18.18
N ASP C 110 -11.30 13.44 -18.32
CA ASP C 110 -12.52 12.90 -17.74
C ASP C 110 -12.36 12.55 -16.25
N VAL C 111 -12.06 13.57 -15.46
CA VAL C 111 -11.89 13.40 -14.02
C VAL C 111 -13.16 13.85 -13.30
N PRO C 112 -13.66 13.04 -12.35
CA PRO C 112 -14.87 13.37 -11.58
C PRO C 112 -14.76 14.71 -10.85
N MET C 113 -15.43 15.72 -11.38
CA MET C 113 -15.41 17.04 -10.79
C MET C 113 -16.83 17.57 -10.65
N VAL C 114 -17.09 18.30 -9.59
CA VAL C 114 -18.42 18.86 -9.36
C VAL C 114 -18.30 20.35 -9.08
N LEU C 115 -19.05 21.15 -9.82
CA LEU C 115 -19.03 22.59 -9.63
C LEU C 115 -19.92 22.96 -8.45
N VAL C 116 -19.33 23.60 -7.44
CA VAL C 116 -20.06 23.98 -6.26
C VAL C 116 -20.07 25.49 -6.06
N GLY C 117 -21.25 26.08 -6.10
CA GLY C 117 -21.38 27.50 -5.90
C GLY C 117 -21.81 27.80 -4.48
N ASN C 118 -20.85 28.17 -3.64
CA ASN C 118 -21.13 28.45 -2.24
C ASN C 118 -21.51 29.91 -2.02
N LYS C 119 -22.10 30.17 -0.85
CA LYS C 119 -22.52 31.51 -0.45
C LYS C 119 -23.72 32.01 -1.25
N CYS C 120 -24.65 31.10 -1.52
CA CYS C 120 -25.86 31.44 -2.28
C CYS C 120 -26.86 32.20 -1.41
N ASP C 121 -26.48 32.47 -0.17
CA ASP C 121 -27.33 33.20 0.77
C ASP C 121 -26.98 34.68 0.76
N LEU C 122 -25.94 35.02 0.02
CA LEU C 122 -25.50 36.41 -0.07
C LEU C 122 -26.35 37.19 -1.06
N PRO C 123 -26.70 38.45 -0.72
CA PRO C 123 -27.52 39.30 -1.58
C PRO C 123 -26.80 39.73 -2.85
N SER C 124 -25.48 39.80 -2.79
CA SER C 124 -24.68 40.20 -3.94
C SER C 124 -24.37 39.04 -4.86
N ARG C 125 -25.41 38.39 -5.38
CA ARG C 125 -25.23 37.29 -6.30
C ARG C 125 -24.75 37.82 -7.64
N THR C 126 -23.45 37.70 -7.88
CA THR C 126 -22.86 38.18 -9.11
C THR C 126 -22.89 37.10 -10.19
N VAL C 127 -22.80 35.85 -9.75
CA VAL C 127 -22.84 34.73 -10.67
C VAL C 127 -24.22 34.07 -10.64
N ASP C 128 -24.90 34.09 -11.78
CA ASP C 128 -26.22 33.50 -11.88
C ASP C 128 -26.12 31.98 -12.04
N THR C 129 -27.13 31.27 -11.57
CA THR C 129 -27.17 29.83 -11.64
C THR C 129 -27.02 29.34 -13.09
N LYS C 130 -27.62 30.07 -14.02
CA LYS C 130 -27.57 29.72 -15.43
C LYS C 130 -26.14 29.79 -15.95
N GLN C 131 -25.42 30.83 -15.55
CA GLN C 131 -24.02 31.01 -15.98
C GLN C 131 -23.17 29.85 -15.48
N ALA C 132 -23.32 29.52 -14.21
CA ALA C 132 -22.56 28.45 -13.60
C ALA C 132 -22.89 27.10 -14.23
N GLN C 133 -24.18 26.85 -14.46
CA GLN C 133 -24.61 25.60 -15.07
C GLN C 133 -24.18 25.52 -16.53
N ASP C 134 -24.14 26.67 -17.20
CA ASP C 134 -23.71 26.72 -18.60
C ASP C 134 -22.27 26.26 -18.71
N LEU C 135 -21.44 26.74 -17.80
CA LEU C 135 -20.04 26.39 -17.76
C LEU C 135 -19.87 24.91 -17.43
N ALA C 136 -20.59 24.46 -16.40
CA ALA C 136 -20.54 23.07 -15.97
C ALA C 136 -21.02 22.14 -17.08
N ARG C 137 -22.09 22.52 -17.75
CA ARG C 137 -22.66 21.74 -18.83
C ARG C 137 -21.65 21.57 -19.96
N SER C 138 -20.83 22.59 -20.17
CA SER C 138 -19.82 22.56 -21.21
C SER C 138 -18.66 21.63 -20.85
N TYR C 139 -18.43 21.47 -19.55
CA TYR C 139 -17.35 20.61 -19.08
C TYR C 139 -17.85 19.17 -18.89
N GLY C 140 -19.16 19.02 -18.86
CA GLY C 140 -19.75 17.71 -18.67
C GLY C 140 -19.76 17.32 -17.21
N ILE C 141 -19.89 18.32 -16.35
CA ILE C 141 -19.90 18.09 -14.91
C ILE C 141 -21.15 18.74 -14.29
N PRO C 142 -21.62 18.22 -13.15
CA PRO C 142 -22.79 18.76 -12.47
C PRO C 142 -22.47 20.01 -11.65
N PHE C 143 -23.50 20.82 -11.40
CA PHE C 143 -23.34 22.04 -10.61
C PHE C 143 -24.34 22.07 -9.47
N ILE C 144 -23.84 22.27 -8.26
CA ILE C 144 -24.69 22.33 -7.08
C ILE C 144 -24.53 23.69 -6.38
N GLU C 145 -25.64 24.39 -6.18
CA GLU C 145 -25.61 25.66 -5.50
C GLU C 145 -25.72 25.39 -4.01
N THR C 146 -24.77 25.90 -3.22
CA THR C 146 -24.75 25.63 -1.80
C THR C 146 -24.50 26.86 -0.95
N SER C 147 -24.61 26.67 0.36
CA SER C 147 -24.36 27.69 1.35
C SER C 147 -23.99 27.00 2.66
N ALA C 148 -22.73 27.11 3.03
CA ALA C 148 -22.23 26.49 4.26
C ALA C 148 -22.92 27.07 5.49
N LYS C 149 -23.38 28.30 5.37
CA LYS C 149 -24.06 28.98 6.46
C LYS C 149 -25.43 28.35 6.75
N THR C 150 -26.15 28.00 5.70
CA THR C 150 -27.47 27.43 5.84
C THR C 150 -27.45 25.90 5.71
N ARG C 151 -26.27 25.37 5.38
CA ARG C 151 -26.06 23.93 5.22
C ARG C 151 -26.83 23.38 4.01
N GLN C 152 -27.30 24.27 3.16
CA GLN C 152 -28.07 23.88 1.99
C GLN C 152 -27.17 23.29 0.91
N GLY C 153 -27.40 22.02 0.59
CA GLY C 153 -26.64 21.36 -0.46
C GLY C 153 -25.29 20.83 -0.02
N VAL C 154 -24.98 20.92 1.26
CA VAL C 154 -23.70 20.46 1.79
C VAL C 154 -23.48 18.97 1.50
N ASP C 155 -24.46 18.16 1.85
CA ASP C 155 -24.36 16.71 1.62
C ASP C 155 -24.44 16.41 0.13
N ASP C 156 -25.34 17.09 -0.56
CA ASP C 156 -25.55 16.90 -1.99
C ASP C 156 -24.27 17.04 -2.79
N ALA C 157 -23.50 18.07 -2.49
CA ALA C 157 -22.23 18.33 -3.18
C ALA C 157 -21.27 17.14 -3.04
N PHE C 158 -21.06 16.70 -1.82
CA PHE C 158 -20.16 15.58 -1.55
C PHE C 158 -20.70 14.27 -2.12
N TYR C 159 -22.00 14.04 -1.95
CA TYR C 159 -22.63 12.82 -2.44
C TYR C 159 -22.55 12.71 -3.95
N THR C 160 -22.73 13.83 -4.65
CA THR C 160 -22.66 13.83 -6.10
C THR C 160 -21.24 13.52 -6.58
N LEU C 161 -20.25 14.02 -5.83
CA LEU C 161 -18.86 13.78 -6.17
C LEU C 161 -18.56 12.29 -6.18
N VAL C 162 -18.97 11.61 -5.11
CA VAL C 162 -18.77 10.17 -4.97
C VAL C 162 -19.50 9.42 -6.08
N ARG C 163 -20.66 9.94 -6.45
CA ARG C 163 -21.49 9.36 -7.49
C ARG C 163 -20.75 9.41 -8.84
N GLU C 164 -20.17 10.56 -9.14
CA GLU C 164 -19.44 10.74 -10.39
C GLU C 164 -18.22 9.80 -10.43
N ILE C 165 -17.57 9.64 -9.28
CA ILE C 165 -16.41 8.78 -9.17
C ILE C 165 -16.81 7.34 -9.49
N ARG C 166 -17.88 6.88 -8.86
CA ARG C 166 -18.37 5.52 -9.07
C ARG C 166 -18.79 5.28 -10.51
N LYS C 167 -19.56 6.20 -11.07
CA LYS C 167 -20.02 6.08 -12.45
C LYS C 167 -18.84 5.98 -13.41
N HIS C 168 -17.84 6.83 -13.18
CA HIS C 168 -16.65 6.84 -14.02
C HIS C 168 -15.89 5.51 -13.90
N LYS C 169 -15.81 4.99 -12.69
CA LYS C 169 -15.12 3.72 -12.45
C LYS C 169 -15.85 2.56 -13.12
N GLU C 170 -17.17 2.56 -13.00
CA GLU C 170 -17.99 1.51 -13.60
C GLU C 170 -17.83 1.54 -15.12
N LYS C 171 -17.74 2.75 -15.67
CA LYS C 171 -17.56 2.92 -17.10
C LYS C 171 -16.21 2.35 -17.54
N MET C 172 -15.22 2.50 -16.68
CA MET C 172 -13.87 2.01 -16.96
C MET C 172 -13.85 0.48 -17.07
N SER C 173 -14.83 -0.16 -16.45
CA SER C 173 -14.93 -1.62 -16.49
C SER C 173 -15.46 -2.06 -17.85
N LYS C 174 -16.01 -1.11 -18.59
CA LYS C 174 -16.56 -1.38 -19.91
C LYS C 174 -15.64 -0.80 -20.98
N ASP C 175 -15.36 0.49 -20.87
CA ASP C 175 -14.49 1.18 -21.81
C ASP C 175 -13.23 1.65 -21.10
N GLY C 176 -12.11 1.02 -21.41
CA GLY C 176 -10.85 1.39 -20.79
C GLY C 176 -9.79 1.67 -21.83
N LYS C 177 -8.78 0.81 -21.89
CA LYS C 177 -7.71 0.97 -22.85
C LYS C 177 -8.17 0.50 -24.22
N LYS C 178 -8.32 1.43 -25.15
CA LYS C 178 -8.75 1.11 -26.49
C LYS C 178 -7.98 1.94 -27.51
N LYS C 179 -7.48 1.27 -28.55
CA LYS C 179 -6.73 1.93 -29.60
C LYS C 179 -7.02 1.27 -30.94
N LYS C 180 -6.35 1.73 -31.99
CA LYS C 180 -6.53 1.17 -33.33
C LYS C 180 -6.17 -0.31 -33.35
N LYS C 181 -7.04 -1.10 -33.96
CA LYS C 181 -6.83 -2.54 -34.06
C LYS C 181 -7.66 -3.09 -35.22
N LYS C 182 -7.52 -4.39 -35.47
CA LYS C 182 -8.25 -5.07 -36.55
C LYS C 182 -7.74 -4.68 -37.94
N SER C 183 -8.06 -3.46 -38.35
CA SER C 183 -7.65 -2.96 -39.65
C SER C 183 -6.19 -2.50 -39.61
N LYS C 184 -5.28 -3.41 -39.94
CA LYS C 184 -3.86 -3.09 -39.93
C LYS C 184 -3.50 -2.05 -40.99
N THR C 185 -3.91 -2.33 -42.23
CA THR C 185 -3.64 -1.43 -43.35
C THR C 185 -2.14 -1.18 -43.51
N LYS C 186 -1.35 -2.24 -43.33
CA LYS C 186 0.11 -2.18 -43.43
C LYS C 186 0.68 -1.11 -42.49
N CYS C 187 0.82 -1.46 -41.22
CA CYS C 187 1.35 -0.54 -40.22
C CYS C 187 2.85 -0.36 -40.38
N GLY D 1 6.45 29.04 6.91
CA GLY D 1 6.40 29.31 8.33
C GLY D 1 5.16 28.74 8.98
N THR D 2 4.90 27.47 8.75
CA THR D 2 3.73 26.82 9.31
C THR D 2 4.10 25.47 9.93
N VAL D 3 3.22 24.92 10.73
CA VAL D 3 3.47 23.63 11.38
C VAL D 3 2.43 22.61 10.95
N LYS D 4 2.90 21.50 10.41
CA LYS D 4 2.01 20.43 9.96
C LYS D 4 1.74 19.48 11.12
N VAL D 5 0.53 19.54 11.65
CA VAL D 5 0.13 18.69 12.77
C VAL D 5 -0.56 17.44 12.26
N TYR D 6 -0.11 16.29 12.74
CA TYR D 6 -0.68 15.02 12.35
C TYR D 6 -1.70 14.58 13.39
N LEU D 7 -2.83 14.10 12.94
CA LEU D 7 -3.90 13.66 13.83
C LEU D 7 -3.99 12.15 13.84
N PRO D 8 -4.48 11.55 14.95
CA PRO D 8 -4.62 10.10 15.08
C PRO D 8 -5.80 9.59 14.25
N ASN D 9 -5.77 9.87 12.98
CA ASN D 9 -6.82 9.48 12.07
C ASN D 9 -6.29 9.44 10.64
N LYS D 10 -5.01 9.08 10.51
CA LYS D 10 -4.36 8.99 9.21
C LYS D 10 -4.44 10.32 8.47
N GLN D 11 -4.51 11.42 9.22
CA GLN D 11 -4.64 12.73 8.61
C GLN D 11 -3.78 13.80 9.24
N ARG D 12 -3.94 15.01 8.72
CA ARG D 12 -3.15 16.14 9.17
C ARG D 12 -3.90 17.46 8.98
N THR D 13 -3.32 18.50 9.55
CA THR D 13 -3.83 19.86 9.46
C THR D 13 -2.62 20.82 9.58
N VAL D 14 -2.60 21.88 8.80
CA VAL D 14 -1.48 22.80 8.87
C VAL D 14 -1.85 24.09 9.59
N VAL D 15 -1.23 24.30 10.75
CA VAL D 15 -1.49 25.49 11.55
C VAL D 15 -0.35 26.49 11.40
N THR D 16 -0.61 27.73 11.78
CA THR D 16 0.39 28.78 11.69
C THR D 16 1.09 28.97 13.03
N VAL D 17 2.40 29.19 12.99
CA VAL D 17 3.18 29.39 14.20
C VAL D 17 2.80 30.71 14.87
N ARG D 18 2.35 30.63 16.11
CA ARG D 18 1.94 31.80 16.86
C ARG D 18 2.68 31.87 18.19
N ASP D 19 3.54 32.87 18.34
CA ASP D 19 4.30 33.04 19.57
C ASP D 19 3.36 33.42 20.71
N GLY D 20 3.68 32.96 21.91
CA GLY D 20 2.85 33.25 23.06
C GLY D 20 1.76 32.21 23.27
N MET D 21 1.20 31.74 22.17
CA MET D 21 0.13 30.74 22.20
C MET D 21 0.68 29.39 22.68
N SER D 22 -0.12 28.65 23.42
CA SER D 22 0.29 27.35 23.94
C SER D 22 -0.27 26.22 23.08
N VAL D 23 0.31 25.03 23.23
CA VAL D 23 -0.11 23.85 22.48
C VAL D 23 -1.60 23.58 22.68
N TYR D 24 -2.07 23.74 23.92
CA TYR D 24 -3.47 23.50 24.25
C TYR D 24 -4.40 24.36 23.41
N ASP D 25 -3.95 25.56 23.05
CA ASP D 25 -4.76 26.48 22.26
C ASP D 25 -4.82 26.07 20.80
N SER D 26 -3.66 25.96 20.17
CA SER D 26 -3.57 25.59 18.77
C SER D 26 -4.13 24.19 18.52
N LEU D 27 -3.80 23.25 19.40
CA LEU D 27 -4.25 21.89 19.26
C LEU D 27 -5.73 21.70 19.61
N ASP D 28 -6.32 22.66 20.31
CA ASP D 28 -7.72 22.56 20.68
C ASP D 28 -8.58 22.53 19.42
N LYS D 29 -8.34 23.48 18.52
CA LYS D 29 -9.08 23.56 17.27
C LYS D 29 -8.73 22.37 16.36
N ALA D 30 -7.52 21.83 16.54
CA ALA D 30 -7.06 20.71 15.74
C ALA D 30 -7.68 19.40 16.23
N LEU D 31 -8.12 19.39 17.48
CA LEU D 31 -8.75 18.22 18.06
C LEU D 31 -10.26 18.29 17.92
N LYS D 32 -10.81 19.47 18.21
CA LYS D 32 -12.25 19.67 18.12
C LYS D 32 -12.73 19.52 16.68
N VAL D 33 -11.79 19.61 15.74
CA VAL D 33 -12.07 19.48 14.31
C VAL D 33 -12.84 18.20 13.97
N ARG D 34 -12.74 17.20 14.86
CA ARG D 34 -13.46 15.94 14.67
C ARG D 34 -14.03 15.43 15.99
N GLY D 35 -14.12 16.31 16.97
CA GLY D 35 -14.68 15.95 18.26
C GLY D 35 -13.71 15.24 19.19
N LEU D 36 -12.44 15.63 19.16
CA LEU D 36 -11.45 15.01 20.04
C LEU D 36 -11.19 15.90 21.25
N ASN D 37 -10.85 15.29 22.38
CA ASN D 37 -10.58 16.04 23.60
C ASN D 37 -9.16 15.82 24.09
N GLN D 38 -8.61 16.84 24.72
CA GLN D 38 -7.25 16.82 25.25
C GLN D 38 -7.08 15.84 26.40
N ASP D 39 -8.17 15.30 26.89
CA ASP D 39 -8.12 14.35 27.99
C ASP D 39 -8.11 12.91 27.50
N CYS D 40 -8.19 12.73 26.19
CA CYS D 40 -8.19 11.40 25.60
C CYS D 40 -7.16 11.30 24.47
N CYS D 41 -6.39 12.36 24.29
CA CYS D 41 -5.38 12.40 23.24
C CYS D 41 -4.13 13.13 23.72
N VAL D 42 -2.98 12.72 23.24
CA VAL D 42 -1.71 13.34 23.60
C VAL D 42 -0.91 13.67 22.34
N VAL D 43 -0.09 14.71 22.41
CA VAL D 43 0.70 15.11 21.25
C VAL D 43 2.19 14.77 21.43
N TYR D 44 2.77 14.20 20.39
CA TYR D 44 4.18 13.85 20.40
C TYR D 44 4.96 14.78 19.47
N ARG D 45 6.15 15.14 19.88
CA ARG D 45 7.00 16.01 19.07
C ARG D 45 8.02 15.15 18.33
N LEU D 46 8.21 15.43 17.05
CA LEU D 46 9.14 14.66 16.24
C LEU D 46 10.57 15.15 16.42
N ILE D 47 11.21 14.71 17.50
CA ILE D 47 12.57 15.10 17.78
C ILE D 47 13.55 14.15 17.09
N LYS D 48 13.88 14.48 15.85
CA LYS D 48 14.82 13.70 15.04
C LYS D 48 14.49 12.21 14.99
N GLY D 49 13.27 11.89 14.57
CA GLY D 49 12.85 10.50 14.46
C GLY D 49 12.30 9.92 15.74
N ARG D 50 12.28 10.70 16.81
CA ARG D 50 11.75 10.21 18.09
C ARG D 50 10.49 10.97 18.48
N LYS D 51 9.48 10.23 18.95
CA LYS D 51 8.22 10.83 19.37
C LYS D 51 8.24 11.14 20.86
N THR D 52 8.50 12.37 21.22
CA THR D 52 8.54 12.78 22.63
C THR D 52 7.22 13.41 23.05
N VAL D 53 6.70 13.02 24.20
CA VAL D 53 5.45 13.55 24.71
C VAL D 53 5.59 15.03 25.06
N THR D 54 4.66 15.85 24.58
CA THR D 54 4.69 17.28 24.85
C THR D 54 3.58 17.67 25.82
N ALA D 55 3.81 18.75 26.56
CA ALA D 55 2.82 19.24 27.50
C ALA D 55 1.86 20.21 26.82
N TRP D 56 0.63 20.25 27.30
CA TRP D 56 -0.39 21.13 26.72
C TRP D 56 -0.17 22.59 27.06
N ASP D 57 0.43 22.86 28.22
CA ASP D 57 0.67 24.24 28.65
C ASP D 57 1.90 24.85 27.99
N THR D 58 2.70 24.04 27.32
CA THR D 58 3.90 24.52 26.65
C THR D 58 3.52 25.42 25.47
N ALA D 59 4.32 26.45 25.24
CA ALA D 59 4.06 27.38 24.15
C ALA D 59 4.44 26.74 22.82
N ILE D 60 3.74 27.14 21.76
CA ILE D 60 3.99 26.62 20.43
C ILE D 60 5.06 27.46 19.71
N ALA D 61 5.59 28.44 20.44
CA ALA D 61 6.62 29.34 19.91
C ALA D 61 7.92 28.60 19.56
N PRO D 62 8.51 27.81 20.49
CA PRO D 62 9.77 27.08 20.22
C PRO D 62 9.56 25.85 19.33
N LEU D 63 8.41 25.75 18.69
CA LEU D 63 8.10 24.63 17.81
C LEU D 63 8.36 24.99 16.35
N ASP D 64 9.35 25.84 16.13
CA ASP D 64 9.70 26.27 14.79
C ASP D 64 10.38 25.15 14.00
N GLY D 65 9.73 24.72 12.94
CA GLY D 65 10.27 23.67 12.10
C GLY D 65 10.18 22.31 12.76
N GLU D 66 9.14 22.12 13.55
CA GLU D 66 8.93 20.86 14.24
C GLU D 66 7.59 20.25 13.82
N GLU D 67 7.50 18.94 13.89
CA GLU D 67 6.29 18.23 13.52
C GLU D 67 5.61 17.68 14.77
N LEU D 68 4.29 17.86 14.85
CA LEU D 68 3.53 17.38 16.00
C LEU D 68 2.58 16.28 15.58
N ILE D 69 2.64 15.16 16.27
CA ILE D 69 1.79 14.02 15.97
C ILE D 69 0.89 13.70 17.15
N VAL D 70 -0.41 13.81 16.96
CA VAL D 70 -1.37 13.53 18.02
C VAL D 70 -1.72 12.05 18.01
N GLU D 71 -1.79 11.45 19.20
CA GLU D 71 -2.11 10.05 19.34
C GLU D 71 -3.13 9.88 20.46
N VAL D 72 -3.90 8.80 20.40
CA VAL D 72 -4.91 8.52 21.41
C VAL D 72 -4.26 7.89 22.65
N LEU D 73 -4.88 8.08 23.80
CA LEU D 73 -4.36 7.54 25.04
C LEU D 73 -4.90 6.13 25.28
N LEU A 3 32.01 8.01 -30.29
CA LEU A 3 32.99 7.46 -31.22
C LEU A 3 32.85 5.95 -31.31
N LYS A 4 33.12 5.26 -30.21
CA LYS A 4 33.02 3.80 -30.17
C LYS A 4 31.56 3.38 -30.35
N LEU A 5 30.65 4.24 -29.90
CA LEU A 5 29.23 3.98 -30.01
C LEU A 5 28.77 4.22 -31.45
N LEU A 6 29.44 5.14 -32.14
CA LEU A 6 29.11 5.46 -33.52
C LEU A 6 29.41 4.27 -34.41
N ASP A 7 30.60 3.70 -34.23
CA ASP A 7 31.03 2.54 -35.00
C ASP A 7 30.14 1.35 -34.68
N ASN A 8 29.87 1.15 -33.40
CA ASN A 8 29.02 0.05 -32.96
C ASN A 8 27.61 0.16 -33.51
N TRP A 9 27.08 1.38 -33.52
CA TRP A 9 25.74 1.61 -34.03
C TRP A 9 25.69 1.36 -35.53
N ASP A 10 26.82 1.58 -36.21
CA ASP A 10 26.90 1.33 -37.63
C ASP A 10 26.76 -0.16 -37.89
N SER A 11 27.45 -0.96 -37.08
CA SER A 11 27.37 -2.40 -37.18
C SER A 11 25.94 -2.88 -36.91
N VAL A 12 25.25 -2.18 -36.01
CA VAL A 12 23.87 -2.51 -35.69
C VAL A 12 22.98 -2.16 -36.88
N THR A 13 23.28 -1.03 -37.51
CA THR A 13 22.52 -0.57 -38.67
C THR A 13 22.63 -1.56 -39.82
N SER A 14 23.85 -2.02 -40.12
CA SER A 14 24.07 -2.98 -41.19
C SER A 14 23.39 -4.30 -40.85
N THR A 15 23.29 -4.59 -39.56
CA THR A 15 22.62 -5.79 -39.10
C THR A 15 21.13 -5.66 -39.34
N PHE A 16 20.57 -4.50 -39.00
CA PHE A 16 19.15 -4.22 -39.21
C PHE A 16 18.83 -4.28 -40.69
N SER A 17 19.72 -3.69 -41.49
CA SER A 17 19.56 -3.70 -42.94
C SER A 17 19.52 -5.13 -43.45
N LYS A 18 20.47 -5.94 -43.00
CA LYS A 18 20.55 -7.33 -43.41
C LYS A 18 19.33 -8.10 -42.91
N LEU A 19 18.86 -7.75 -41.71
CA LEU A 19 17.68 -8.37 -41.13
C LEU A 19 16.47 -8.08 -42.01
N ARG A 20 16.32 -6.82 -42.40
CA ARG A 20 15.21 -6.42 -43.26
C ARG A 20 15.31 -7.12 -44.61
N GLU A 21 16.53 -7.19 -45.14
CA GLU A 21 16.77 -7.83 -46.42
C GLU A 21 16.45 -9.33 -46.35
N GLN A 22 16.77 -9.95 -45.23
CA GLN A 22 16.49 -11.36 -45.04
C GLN A 22 15.02 -11.59 -44.71
N LEU A 23 14.44 -10.66 -43.96
CA LEU A 23 13.03 -10.73 -43.58
C LEU A 23 12.13 -10.66 -44.79
N GLY A 24 12.61 -9.99 -45.85
CA GLY A 24 11.84 -9.88 -47.08
C GLY A 24 11.44 -11.25 -47.60
N PRO A 25 12.41 -12.06 -48.07
CA PRO A 25 12.14 -13.42 -48.54
C PRO A 25 11.50 -14.26 -47.45
N VAL A 26 11.87 -14.00 -46.19
CA VAL A 26 11.32 -14.74 -45.06
C VAL A 26 9.80 -14.54 -45.00
N THR A 27 9.35 -13.30 -45.16
CA THR A 27 7.93 -13.00 -45.14
C THR A 27 7.24 -13.67 -46.32
N GLN A 28 7.93 -13.71 -47.47
CA GLN A 28 7.39 -14.34 -48.66
C GLN A 28 7.28 -15.84 -48.44
N GLU A 29 8.36 -16.44 -47.95
CA GLU A 29 8.40 -17.87 -47.68
C GLU A 29 7.42 -18.23 -46.58
N PHE A 30 7.37 -17.41 -45.54
CA PHE A 30 6.46 -17.63 -44.43
C PHE A 30 5.03 -17.58 -44.95
N TRP A 31 4.71 -16.54 -45.70
CA TRP A 31 3.38 -16.39 -46.26
C TRP A 31 3.07 -17.50 -47.25
N ASP A 32 4.08 -17.88 -48.03
CA ASP A 32 3.93 -18.96 -49.00
C ASP A 32 3.55 -20.25 -48.30
N ASN A 33 4.30 -20.58 -47.25
CA ASN A 33 4.04 -21.78 -46.48
C ASN A 33 2.72 -21.66 -45.73
N LEU A 34 2.45 -20.47 -45.19
CA LEU A 34 1.22 -20.22 -44.46
C LEU A 34 0.01 -20.28 -45.37
N GLU A 35 0.16 -19.80 -46.61
CA GLU A 35 -0.93 -19.84 -47.57
C GLU A 35 -1.24 -21.28 -47.94
N LYS A 36 -0.20 -22.07 -48.16
CA LYS A 36 -0.37 -23.48 -48.50
C LYS A 36 -0.96 -24.19 -47.30
N GLU A 37 -0.51 -23.80 -46.11
CA GLU A 37 -1.00 -24.36 -44.86
C GLU A 37 -2.48 -24.06 -44.71
N THR A 38 -2.83 -22.78 -44.82
CA THR A 38 -4.21 -22.35 -44.71
C THR A 38 -5.03 -22.90 -45.86
N GLU A 39 -4.38 -23.17 -46.98
CA GLU A 39 -5.06 -23.74 -48.14
C GLU A 39 -5.53 -25.13 -47.77
N GLY A 40 -4.63 -25.91 -47.19
CA GLY A 40 -4.98 -27.24 -46.74
C GLY A 40 -5.98 -27.14 -45.62
N LEU A 41 -5.68 -26.26 -44.67
CA LEU A 41 -6.56 -26.03 -43.52
C LEU A 41 -7.96 -25.64 -43.97
N ARG A 42 -8.06 -24.87 -45.06
CA ARG A 42 -9.34 -24.44 -45.59
C ARG A 42 -10.10 -25.62 -46.20
N GLN A 43 -9.37 -26.44 -46.93
CA GLN A 43 -9.96 -27.62 -47.58
C GLN A 43 -10.32 -28.67 -46.55
N GLU A 44 -9.52 -28.74 -45.49
CA GLU A 44 -9.76 -29.67 -44.41
C GLU A 44 -10.83 -29.16 -43.46
N MET A 45 -10.78 -27.88 -43.14
CA MET A 45 -11.76 -27.27 -42.24
C MET A 45 -13.17 -27.33 -42.81
N SER A 46 -13.26 -27.23 -44.14
CA SER A 46 -14.55 -27.32 -44.80
C SER A 46 -15.12 -28.71 -44.59
N LYS A 47 -14.26 -29.71 -44.72
CA LYS A 47 -14.66 -31.09 -44.51
C LYS A 47 -14.90 -31.32 -43.03
N ASP A 48 -14.00 -30.79 -42.21
CA ASP A 48 -14.10 -30.89 -40.76
C ASP A 48 -15.45 -30.37 -40.30
N LEU A 49 -15.74 -29.12 -40.65
CA LEU A 49 -17.00 -28.50 -40.29
C LEU A 49 -18.18 -29.25 -40.87
N GLU A 50 -18.09 -29.63 -42.14
CA GLU A 50 -19.17 -30.36 -42.80
C GLU A 50 -19.46 -31.67 -42.09
N GLU A 51 -18.43 -32.47 -41.88
CA GLU A 51 -18.57 -33.74 -41.21
C GLU A 51 -19.05 -33.55 -39.77
N VAL A 52 -18.44 -32.60 -39.07
CA VAL A 52 -18.81 -32.30 -37.70
C VAL A 52 -20.26 -31.83 -37.60
N LYS A 53 -20.66 -30.94 -38.50
CA LYS A 53 -22.04 -30.41 -38.49
C LYS A 53 -23.05 -31.47 -38.91
N ALA A 54 -22.77 -32.15 -40.02
CA ALA A 54 -23.67 -33.17 -40.52
C ALA A 54 -23.86 -34.28 -39.51
N LYS A 55 -22.78 -34.66 -38.86
CA LYS A 55 -22.82 -35.72 -37.85
C LYS A 55 -23.29 -35.19 -36.50
N VAL A 56 -23.15 -33.89 -36.27
CA VAL A 56 -23.57 -33.28 -35.00
C VAL A 56 -25.07 -33.39 -34.83
N GLN A 57 -25.79 -33.46 -35.95
CA GLN A 57 -27.24 -33.59 -35.91
C GLN A 57 -27.63 -34.91 -35.23
N PRO A 58 -27.23 -36.07 -35.79
CA PRO A 58 -27.52 -37.37 -35.17
C PRO A 58 -26.85 -37.48 -33.80
N TYR A 59 -25.69 -36.82 -33.64
CA TYR A 59 -24.98 -36.83 -32.37
C TYR A 59 -25.85 -36.21 -31.27
N LEU A 60 -26.31 -34.99 -31.55
CA LEU A 60 -27.14 -34.26 -30.61
C LEU A 60 -28.51 -34.91 -30.46
N ASP A 61 -29.12 -35.27 -31.59
CA ASP A 61 -30.44 -35.89 -31.58
C ASP A 61 -30.45 -37.21 -30.82
N ASP A 62 -29.38 -37.99 -30.98
CA ASP A 62 -29.24 -39.27 -30.29
C ASP A 62 -29.22 -39.05 -28.79
N PHE A 63 -28.35 -38.14 -28.36
CA PHE A 63 -28.23 -37.82 -26.94
C PHE A 63 -29.46 -37.10 -26.44
N GLN A 64 -30.10 -36.34 -27.32
CA GLN A 64 -31.31 -35.61 -26.96
C GLN A 64 -32.45 -36.56 -26.65
N LYS A 65 -32.65 -37.55 -27.53
CA LYS A 65 -33.69 -38.54 -27.33
C LYS A 65 -33.44 -39.27 -26.01
N LYS A 66 -32.18 -39.61 -25.78
CA LYS A 66 -31.79 -40.28 -24.54
C LYS A 66 -32.01 -39.37 -23.36
N TRP A 67 -31.56 -38.12 -23.48
CA TRP A 67 -31.72 -37.14 -22.41
C TRP A 67 -33.19 -36.91 -22.11
N GLN A 68 -34.03 -36.98 -23.14
CA GLN A 68 -35.46 -36.82 -22.98
C GLN A 68 -35.99 -37.97 -22.14
N GLU A 69 -35.61 -39.19 -22.53
CA GLU A 69 -36.03 -40.39 -21.80
C GLU A 69 -35.49 -40.32 -20.38
N GLU A 70 -34.23 -39.88 -20.26
CA GLU A 70 -33.56 -39.74 -18.99
C GLU A 70 -34.29 -38.73 -18.09
N MET A 71 -34.64 -37.59 -18.68
CA MET A 71 -35.34 -36.54 -17.95
C MET A 71 -36.74 -37.01 -17.55
N GLU A 72 -37.42 -37.67 -18.48
CA GLU A 72 -38.76 -38.18 -18.23
C GLU A 72 -38.73 -39.22 -17.12
N LEU A 73 -37.81 -40.16 -17.22
CA LEU A 73 -37.65 -41.21 -16.22
C LEU A 73 -37.19 -40.63 -14.91
N TYR A 74 -36.35 -39.60 -14.98
CA TYR A 74 -35.86 -38.93 -13.77
C TYR A 74 -37.03 -38.30 -13.04
N ARG A 75 -37.82 -37.50 -13.75
CA ARG A 75 -38.99 -36.85 -13.16
C ARG A 75 -39.99 -37.91 -12.70
N GLN A 76 -40.13 -38.96 -13.52
CA GLN A 76 -41.03 -40.06 -13.23
C GLN A 76 -40.69 -40.68 -11.87
N LYS A 77 -39.40 -40.65 -11.54
CA LYS A 77 -38.93 -41.18 -10.28
C LYS A 77 -38.93 -40.09 -9.21
N VAL A 78 -38.62 -38.87 -9.63
CA VAL A 78 -38.59 -37.72 -8.73
C VAL A 78 -39.91 -37.59 -7.97
N GLU A 79 -41.03 -37.81 -8.66
CA GLU A 79 -42.34 -37.70 -8.03
C GLU A 79 -42.48 -38.65 -6.83
N PRO A 80 -42.40 -39.99 -7.04
CA PRO A 80 -42.50 -40.95 -5.93
C PRO A 80 -41.35 -40.80 -4.95
N LEU A 81 -40.14 -40.51 -5.45
CA LEU A 81 -38.99 -40.34 -4.58
C LEU A 81 -39.16 -39.11 -3.70
N ARG A 82 -39.77 -38.07 -4.24
CA ARG A 82 -40.03 -36.85 -3.46
C ARG A 82 -41.13 -37.16 -2.46
N ALA A 83 -42.07 -38.01 -2.86
CA ALA A 83 -43.14 -38.43 -2.00
C ALA A 83 -42.55 -39.19 -0.82
N GLU A 84 -41.58 -40.05 -1.12
CA GLU A 84 -40.89 -40.81 -0.10
C GLU A 84 -40.20 -39.86 0.86
N LEU A 85 -39.52 -38.86 0.30
CA LEU A 85 -38.83 -37.86 1.08
C LEU A 85 -39.82 -37.09 1.94
N GLN A 86 -40.96 -36.73 1.34
CA GLN A 86 -42.00 -36.02 2.06
C GLN A 86 -42.55 -36.86 3.19
N GLU A 87 -42.96 -38.08 2.85
CA GLU A 87 -43.51 -39.02 3.83
C GLU A 87 -42.49 -39.27 4.93
N GLY A 88 -41.27 -39.62 4.52
CA GLY A 88 -40.21 -39.89 5.46
C GLY A 88 -39.89 -38.69 6.33
N ALA A 89 -39.77 -37.52 5.70
CA ALA A 89 -39.47 -36.30 6.43
C ALA A 89 -40.57 -35.98 7.43
N ARG A 90 -41.82 -36.22 7.02
CA ARG A 90 -42.96 -35.98 7.89
C ARG A 90 -42.82 -36.82 9.15
N GLN A 91 -42.42 -38.07 8.98
CA GLN A 91 -42.23 -38.99 10.09
C GLN A 91 -40.99 -38.60 10.90
N LYS A 92 -39.85 -38.52 10.22
CA LYS A 92 -38.58 -38.18 10.84
C LYS A 92 -38.65 -36.85 11.60
N LEU A 93 -39.23 -35.83 10.98
CA LEU A 93 -39.35 -34.53 11.61
C LEU A 93 -40.38 -34.57 12.74
N HIS A 94 -41.41 -35.40 12.59
CA HIS A 94 -42.43 -35.52 13.61
C HIS A 94 -41.81 -36.13 14.87
N GLU A 95 -40.95 -37.11 14.67
CA GLU A 95 -40.25 -37.76 15.76
C GLU A 95 -39.33 -36.74 16.43
N LEU A 96 -38.78 -35.85 15.62
CA LEU A 96 -37.89 -34.79 16.11
C LEU A 96 -38.71 -33.79 16.93
N GLN A 97 -39.92 -33.50 16.48
CA GLN A 97 -40.80 -32.58 17.19
C GLN A 97 -41.13 -33.15 18.56
N GLU A 98 -41.30 -34.47 18.59
CA GLU A 98 -41.61 -35.20 19.82
C GLU A 98 -40.38 -35.26 20.73
N LYS A 99 -39.33 -34.57 20.32
CA LYS A 99 -38.10 -34.51 21.09
C LYS A 99 -37.74 -33.05 21.34
N LEU A 100 -38.01 -32.20 20.34
CA LEU A 100 -37.75 -30.78 20.44
C LEU A 100 -38.53 -30.17 21.59
N SER A 101 -39.79 -30.58 21.72
CA SER A 101 -40.62 -30.07 22.80
C SER A 101 -40.36 -30.79 24.13
N PRO A 102 -40.64 -32.11 24.24
CA PRO A 102 -40.42 -32.86 25.49
C PRO A 102 -39.00 -32.75 26.01
N LEU A 103 -38.03 -33.18 25.19
CA LEU A 103 -36.63 -33.12 25.57
C LEU A 103 -36.16 -31.68 25.70
N GLY A 104 -36.76 -30.81 24.88
CA GLY A 104 -36.41 -29.40 24.91
C GLY A 104 -36.82 -28.76 26.22
N GLU A 105 -38.04 -29.07 26.68
CA GLU A 105 -38.54 -28.56 27.94
C GLU A 105 -37.64 -29.00 29.07
N GLU A 106 -37.17 -30.25 28.97
CA GLU A 106 -36.26 -30.80 29.98
C GLU A 106 -34.97 -30.01 29.98
N MET A 107 -34.45 -29.75 28.78
CA MET A 107 -33.22 -29.00 28.63
C MET A 107 -33.38 -27.59 29.18
N ARG A 108 -34.52 -26.97 28.88
CA ARG A 108 -34.81 -25.62 29.37
C ARG A 108 -34.94 -25.67 30.89
N ASP A 109 -35.54 -26.74 31.37
CA ASP A 109 -35.71 -26.94 32.81
C ASP A 109 -34.37 -27.13 33.48
N ARG A 110 -33.52 -27.93 32.86
CA ARG A 110 -32.18 -28.17 33.38
C ARG A 110 -31.35 -26.90 33.26
N ALA A 111 -31.71 -26.07 32.29
CA ALA A 111 -31.04 -24.79 32.10
C ALA A 111 -31.39 -23.87 33.25
N ARG A 112 -32.61 -24.02 33.77
CA ARG A 112 -33.05 -23.22 34.91
C ARG A 112 -32.14 -23.55 36.09
N ALA A 113 -31.92 -24.84 36.30
CA ALA A 113 -31.06 -25.31 37.37
C ALA A 113 -29.62 -24.89 37.08
N HIS A 114 -29.22 -25.02 35.81
CA HIS A 114 -27.89 -24.65 35.36
C HIS A 114 -27.60 -23.19 35.72
N VAL A 115 -28.55 -22.32 35.39
CA VAL A 115 -28.42 -20.89 35.66
C VAL A 115 -28.61 -20.58 37.14
N ASP A 116 -29.56 -21.25 37.79
CA ASP A 116 -29.83 -21.04 39.21
C ASP A 116 -28.60 -21.39 40.02
N ALA A 117 -27.96 -22.49 39.67
CA ALA A 117 -26.75 -22.92 40.34
C ALA A 117 -25.65 -21.90 40.10
N LEU A 118 -25.69 -21.30 38.91
CA LEU A 118 -24.72 -20.28 38.53
C LEU A 118 -24.99 -19.01 39.33
N ARG A 119 -26.26 -18.69 39.55
CA ARG A 119 -26.64 -17.50 40.30
C ARG A 119 -26.09 -17.58 41.72
N THR A 120 -26.41 -18.68 42.39
CA THR A 120 -25.98 -18.91 43.76
C THR A 120 -24.49 -19.23 43.87
N HIS A 121 -23.79 -19.19 42.74
CA HIS A 121 -22.36 -19.48 42.71
C HIS A 121 -21.59 -18.26 42.24
N LEU A 122 -21.98 -17.70 41.10
CA LEU A 122 -21.32 -16.54 40.54
C LEU A 122 -21.48 -15.32 41.42
N ALA A 123 -22.63 -15.18 42.07
CA ALA A 123 -22.88 -14.04 42.96
C ALA A 123 -21.81 -13.96 44.06
N PRO A 124 -21.68 -14.99 44.93
CA PRO A 124 -20.66 -14.99 45.98
C PRO A 124 -19.25 -15.00 45.39
N TYR A 125 -19.09 -15.67 44.25
CA TYR A 125 -17.79 -15.75 43.59
C TYR A 125 -17.32 -14.37 43.16
N SER A 126 -18.19 -13.63 42.48
CA SER A 126 -17.85 -12.29 42.02
C SER A 126 -17.73 -11.34 43.21
N ASP A 127 -18.56 -11.57 44.22
CA ASP A 127 -18.51 -10.75 45.43
C ASP A 127 -17.18 -10.97 46.14
N GLU A 128 -16.75 -12.23 46.17
CA GLU A 128 -15.48 -12.58 46.77
C GLU A 128 -14.38 -12.02 45.88
N LEU A 129 -14.61 -12.05 44.57
CA LEU A 129 -13.66 -11.51 43.61
C LEU A 129 -13.45 -10.03 43.89
N ARG A 130 -14.51 -9.36 44.31
CA ARG A 130 -14.44 -7.94 44.65
C ARG A 130 -13.50 -7.77 45.83
N GLN A 131 -13.60 -8.68 46.79
CA GLN A 131 -12.75 -8.65 47.98
C GLN A 131 -11.32 -9.01 47.61
N ARG A 132 -11.17 -10.02 46.74
CA ARG A 132 -9.86 -10.46 46.27
C ARG A 132 -9.19 -9.35 45.49
N LEU A 133 -9.96 -8.73 44.60
CA LEU A 133 -9.45 -7.63 43.79
C LEU A 133 -9.12 -6.43 44.67
N ALA A 134 -9.96 -6.21 45.68
CA ALA A 134 -9.74 -5.11 46.61
C ALA A 134 -8.42 -5.30 47.34
N ALA A 135 -8.19 -6.52 47.82
CA ALA A 135 -6.95 -6.85 48.51
C ALA A 135 -5.77 -6.65 47.58
N ARG A 136 -5.90 -7.13 46.35
CA ARG A 136 -4.85 -6.98 45.35
C ARG A 136 -4.60 -5.51 45.05
N LEU A 137 -5.68 -4.77 44.81
CA LEU A 137 -5.59 -3.35 44.51
C LEU A 137 -5.03 -2.56 45.68
N GLU A 138 -5.33 -2.99 46.90
CA GLU A 138 -4.82 -2.33 48.09
C GLU A 138 -3.33 -2.57 48.22
N ALA A 139 -2.92 -3.82 48.00
CA ALA A 139 -1.52 -4.18 48.06
C ALA A 139 -0.78 -3.51 46.92
N LEU A 140 -1.37 -3.56 45.73
CA LEU A 140 -0.79 -2.94 44.54
C LEU A 140 -0.75 -1.42 44.68
N LYS A 141 -1.58 -0.90 45.57
CA LYS A 141 -1.62 0.54 45.81
C LYS A 141 -0.40 0.93 46.64
N GLU A 142 -0.18 0.20 47.72
CA GLU A 142 0.96 0.45 48.59
C GLU A 142 2.25 0.10 47.83
N ASN A 143 2.18 -0.99 47.07
CA ASN A 143 3.30 -1.43 46.26
C ASN A 143 3.55 -0.41 45.15
N GLY A 144 2.47 0.07 44.55
CA GLY A 144 2.56 1.06 43.50
C GLY A 144 3.17 2.34 44.00
N GLY A 145 2.74 2.77 45.18
CA GLY A 145 3.30 3.97 45.77
C GLY A 145 4.79 3.84 45.98
N ALA A 146 5.20 2.66 46.41
CA ALA A 146 6.62 2.38 46.62
C ALA A 146 7.34 2.35 45.27
N ARG A 147 6.72 1.72 44.28
CA ARG A 147 7.29 1.64 42.94
C ARG A 147 7.43 3.02 42.33
N LEU A 148 6.41 3.84 42.49
CA LEU A 148 6.43 5.20 41.96
C LEU A 148 7.50 6.03 42.65
N ALA A 149 7.55 5.95 43.97
CA ALA A 149 8.54 6.69 44.75
C ALA A 149 9.94 6.23 44.37
N GLU A 150 10.11 4.92 44.26
CA GLU A 150 11.39 4.35 43.90
C GLU A 150 11.77 4.69 42.47
N TYR A 151 10.83 4.53 41.55
CA TYR A 151 11.09 4.84 40.15
C TYR A 151 11.40 6.32 39.99
N HIS A 152 10.77 7.15 40.82
CA HIS A 152 11.02 8.58 40.79
C HIS A 152 12.45 8.85 41.26
N ALA A 153 12.86 8.11 42.29
CA ALA A 153 14.21 8.23 42.81
C ALA A 153 15.20 7.74 41.77
N LYS A 154 14.91 6.59 41.18
CA LYS A 154 15.75 6.00 40.15
C LYS A 154 15.79 6.93 38.94
N ALA A 155 14.72 7.68 38.74
CA ALA A 155 14.63 8.63 37.62
C ALA A 155 15.63 9.76 37.84
N THR A 156 15.67 10.30 39.05
CA THR A 156 16.59 11.38 39.36
C THR A 156 18.03 10.88 39.23
N GLU A 157 18.24 9.62 39.62
CA GLU A 157 19.57 9.02 39.52
C GLU A 157 19.91 8.83 38.04
N HIS A 158 18.92 8.40 37.27
CA HIS A 158 19.10 8.22 35.84
C HIS A 158 19.46 9.55 35.21
N LEU A 159 18.71 10.58 35.56
CA LEU A 159 18.94 11.93 35.05
C LEU A 159 20.32 12.42 35.43
N SER A 160 20.76 12.08 36.63
CA SER A 160 22.08 12.47 37.11
C SER A 160 23.17 11.88 36.21
N THR A 161 23.17 10.55 36.08
CA THR A 161 24.14 9.86 35.25
C THR A 161 23.98 10.27 33.79
N LEU A 162 22.74 10.52 33.38
CA LEU A 162 22.47 10.93 32.00
C LEU A 162 23.06 12.31 31.75
N SER A 163 23.02 13.17 32.76
CA SER A 163 23.56 14.52 32.64
C SER A 163 25.07 14.46 32.46
N GLU A 164 25.69 13.46 33.06
CA GLU A 164 27.14 13.27 32.95
C GLU A 164 27.50 12.76 31.56
N LYS A 165 26.47 12.42 30.79
CA LYS A 165 26.65 11.95 29.43
C LYS A 165 26.19 13.03 28.46
N ALA A 166 25.11 13.71 28.83
CA ALA A 166 24.54 14.77 28.02
C ALA A 166 25.43 16.01 28.00
N LYS A 167 26.22 16.20 29.04
CA LYS A 167 27.11 17.35 29.09
C LYS A 167 28.58 16.98 28.86
N PRO A 168 29.28 16.36 29.84
CA PRO A 168 30.70 16.00 29.68
C PRO A 168 30.95 15.11 28.46
N ALA A 169 30.23 14.00 28.37
CA ALA A 169 30.41 13.07 27.25
C ALA A 169 30.09 13.73 25.92
N LEU A 170 29.00 14.50 25.87
CA LEU A 170 28.61 15.18 24.64
C LEU A 170 29.65 16.24 24.27
N GLU A 171 30.22 16.90 25.27
CA GLU A 171 31.25 17.90 25.03
C GLU A 171 32.46 17.23 24.40
N ASP A 172 32.79 16.05 24.91
CA ASP A 172 33.92 15.28 24.40
C ASP A 172 33.61 14.85 22.97
N LEU A 173 32.36 14.48 22.73
CA LEU A 173 31.92 14.07 21.40
C LEU A 173 31.98 15.25 20.44
N ARG A 174 31.58 16.41 20.91
CA ARG A 174 31.63 17.62 20.09
C ARG A 174 33.08 17.99 19.82
N GLN A 175 33.90 17.84 20.86
CA GLN A 175 35.32 18.12 20.74
C GLN A 175 35.99 17.15 19.81
N GLY A 176 35.43 15.95 19.70
CA GLY A 176 35.95 14.93 18.80
C GLY A 176 35.45 15.21 17.39
N LEU A 177 34.20 15.60 17.29
CA LEU A 177 33.58 15.91 16.00
C LEU A 177 34.28 17.05 15.29
N LEU A 178 34.83 18.00 16.04
CA LEU A 178 35.54 19.12 15.44
C LEU A 178 36.65 18.64 14.49
N PRO A 179 37.70 17.94 15.01
CA PRO A 179 38.78 17.44 14.16
C PRO A 179 38.29 16.30 13.26
N VAL A 180 37.32 15.51 13.75
CA VAL A 180 36.77 14.41 12.97
C VAL A 180 36.16 14.93 11.67
N LEU A 181 35.33 15.96 11.79
CA LEU A 181 34.69 16.56 10.62
C LEU A 181 35.74 17.16 9.71
N GLU A 182 36.82 17.64 10.30
CA GLU A 182 37.91 18.23 9.53
C GLU A 182 38.59 17.13 8.71
N SER A 183 38.97 16.03 9.37
CA SER A 183 39.62 14.93 8.67
C SER A 183 38.68 14.38 7.59
N PHE A 184 37.38 14.40 7.88
CA PHE A 184 36.38 13.93 6.93
C PHE A 184 36.29 14.88 5.75
N LYS A 185 36.26 16.19 6.04
CA LYS A 185 36.20 17.20 5.00
C LYS A 185 37.42 17.12 4.11
N VAL A 186 38.59 16.94 4.72
CA VAL A 186 39.84 16.83 3.97
C VAL A 186 39.79 15.65 3.00
N SER A 187 39.27 14.52 3.47
CA SER A 187 39.17 13.33 2.62
C SER A 187 38.04 13.45 1.61
N PHE A 188 36.93 14.05 2.01
CA PHE A 188 35.80 14.24 1.12
C PHE A 188 36.15 15.20 -0.01
N LEU A 189 36.82 16.30 0.35
CA LEU A 189 37.24 17.30 -0.63
C LEU A 189 38.14 16.67 -1.68
N SER A 190 39.07 15.84 -1.23
CA SER A 190 39.99 15.17 -2.15
C SER A 190 39.27 14.10 -2.96
N ALA A 191 38.46 13.29 -2.28
CA ALA A 191 37.70 12.22 -2.93
C ALA A 191 36.81 12.78 -4.03
N LEU A 192 36.18 13.92 -3.77
CA LEU A 192 35.31 14.57 -4.74
C LEU A 192 36.10 14.90 -6.00
N GLU A 193 37.32 15.38 -5.82
CA GLU A 193 38.17 15.73 -6.94
C GLU A 193 38.65 14.45 -7.62
N GLU A 194 38.93 13.44 -6.81
CA GLU A 194 39.37 12.15 -7.30
C GLU A 194 38.37 11.59 -8.29
N TYR A 195 37.09 11.65 -7.93
CA TYR A 195 36.02 11.15 -8.79
C TYR A 195 35.93 12.00 -10.06
N THR A 196 36.01 13.31 -9.89
CA THR A 196 35.92 14.26 -11.01
C THR A 196 37.05 14.02 -12.03
N LYS A 197 38.27 13.85 -11.52
CA LYS A 197 39.44 13.64 -12.38
C LYS A 197 39.41 12.30 -13.10
N LYS A 198 38.47 11.45 -12.76
CA LYS A 198 38.35 10.13 -13.39
C LYS A 198 37.20 10.08 -14.38
N LEU A 199 36.09 10.72 -14.02
CA LEU A 199 34.91 10.73 -14.86
C LEU A 199 35.07 11.71 -16.03
N ASN A 200 35.96 12.68 -15.86
CA ASN A 200 36.22 13.67 -16.90
C ASN A 200 37.42 14.53 -16.54
N LEU B 3 41.97 7.59 15.55
CA LEU B 3 43.00 8.19 16.39
C LEU B 3 42.35 8.86 17.59
N LYS B 4 41.10 9.26 17.41
CA LYS B 4 40.33 9.92 18.46
C LYS B 4 39.63 8.88 19.32
N LEU B 5 39.54 7.67 18.79
CA LEU B 5 38.89 6.56 19.48
C LEU B 5 39.50 6.30 20.86
N LEU B 6 40.78 6.61 21.01
CA LEU B 6 41.47 6.42 22.28
C LEU B 6 40.82 7.29 23.36
N ASP B 7 40.53 8.54 22.99
CA ASP B 7 39.89 9.47 23.91
C ASP B 7 38.42 9.12 24.06
N ASN B 8 37.80 8.73 22.95
CA ASN B 8 36.40 8.33 22.93
C ASN B 8 36.16 7.19 23.91
N TRP B 9 37.03 6.19 23.85
CA TRP B 9 36.93 5.02 24.73
C TRP B 9 37.03 5.43 26.19
N ASP B 10 37.85 6.43 26.49
CA ASP B 10 38.01 6.91 27.85
C ASP B 10 36.69 7.52 28.33
N SER B 11 36.09 8.35 27.48
CA SER B 11 34.82 8.98 27.81
C SER B 11 33.75 7.91 28.03
N VAL B 12 33.78 6.87 27.19
CA VAL B 12 32.85 5.76 27.31
C VAL B 12 33.09 5.02 28.62
N THR B 13 34.35 4.89 28.99
CA THR B 13 34.72 4.22 30.24
C THR B 13 34.17 4.99 31.43
N SER B 14 34.42 6.30 31.46
CA SER B 14 33.96 7.15 32.55
C SER B 14 32.44 7.21 32.62
N THR B 15 31.78 6.97 31.49
CA THR B 15 30.33 6.99 31.46
C THR B 15 29.76 5.60 31.69
N PHE B 16 30.64 4.61 31.77
CA PHE B 16 30.25 3.24 32.02
C PHE B 16 30.44 2.93 33.49
N SER B 17 31.50 3.47 34.06
CA SER B 17 31.79 3.29 35.48
C SER B 17 30.67 3.89 36.30
N LYS B 18 30.29 5.12 35.94
CA LYS B 18 29.22 5.82 36.62
C LYS B 18 27.90 5.07 36.44
N LEU B 19 27.78 4.35 35.33
CA LEU B 19 26.58 3.57 35.07
C LEU B 19 26.51 2.44 36.08
N ARG B 20 27.65 1.80 36.32
CA ARG B 20 27.75 0.71 37.27
C ARG B 20 27.56 1.25 38.68
N GLU B 21 28.17 2.40 38.94
CA GLU B 21 28.05 3.07 40.25
C GLU B 21 26.59 3.34 40.53
N GLN B 22 25.88 3.81 39.52
CA GLN B 22 24.47 4.09 39.61
C GLN B 22 23.68 2.80 39.76
N LEU B 23 24.05 1.79 38.97
CA LEU B 23 23.39 0.49 39.00
C LEU B 23 23.43 -0.14 40.37
N GLY B 24 24.50 0.10 41.12
CA GLY B 24 24.64 -0.45 42.46
C GLY B 24 23.44 -0.13 43.33
N PRO B 25 23.35 1.10 43.87
CA PRO B 25 22.23 1.53 44.70
C PRO B 25 20.88 1.29 44.00
N VAL B 26 20.84 1.52 42.69
CA VAL B 26 19.62 1.33 41.91
C VAL B 26 19.12 -0.11 42.01
N THR B 27 20.01 -1.08 41.84
CA THR B 27 19.63 -2.48 41.93
C THR B 27 19.34 -2.85 43.38
N GLN B 28 20.08 -2.25 44.31
CA GLN B 28 19.89 -2.51 45.73
C GLN B 28 18.45 -2.23 46.12
N GLU B 29 17.99 -1.02 45.81
CA GLU B 29 16.62 -0.65 46.11
C GLU B 29 15.65 -1.38 45.20
N PHE B 30 16.08 -1.67 43.96
CA PHE B 30 15.24 -2.40 43.03
C PHE B 30 14.95 -3.79 43.58
N TRP B 31 15.95 -4.39 44.20
CA TRP B 31 15.78 -5.69 44.80
C TRP B 31 14.84 -5.57 46.00
N ASP B 32 14.95 -4.44 46.70
CA ASP B 32 14.08 -4.16 47.83
C ASP B 32 12.66 -3.97 47.32
N ASN B 33 12.56 -3.37 46.13
CA ASN B 33 11.28 -3.15 45.48
C ASN B 33 10.70 -4.50 45.11
N LEU B 34 11.58 -5.39 44.64
CA LEU B 34 11.19 -6.74 44.28
C LEU B 34 10.70 -7.45 45.53
N GLU B 35 11.30 -7.12 46.67
CA GLU B 35 10.91 -7.69 47.94
C GLU B 35 9.54 -7.14 48.33
N LYS B 36 9.34 -5.86 48.09
CA LYS B 36 8.06 -5.23 48.37
C LYS B 36 7.00 -5.89 47.51
N GLU B 37 7.37 -6.18 46.27
CA GLU B 37 6.50 -6.83 45.32
C GLU B 37 6.23 -8.27 45.73
N THR B 38 7.28 -9.01 46.04
CA THR B 38 7.15 -10.40 46.43
C THR B 38 6.37 -10.53 47.73
N GLU B 39 6.72 -9.72 48.73
CA GLU B 39 6.02 -9.76 50.02
C GLU B 39 4.56 -9.39 49.83
N GLY B 40 4.30 -8.39 48.99
CA GLY B 40 2.94 -7.98 48.73
C GLY B 40 2.19 -9.07 47.99
N LEU B 41 2.83 -9.60 46.95
CA LEU B 41 2.25 -10.67 46.16
C LEU B 41 2.06 -11.92 47.00
N ARG B 42 2.91 -12.10 48.01
CA ARG B 42 2.81 -13.25 48.90
C ARG B 42 1.54 -13.14 49.73
N GLN B 43 1.16 -11.90 50.06
CA GLN B 43 -0.05 -11.64 50.82
C GLN B 43 -1.24 -11.88 49.90
N GLU B 44 -1.13 -11.39 48.68
CA GLU B 44 -2.17 -11.54 47.68
C GLU B 44 -2.34 -13.01 47.29
N MET B 45 -1.25 -13.64 46.86
CA MET B 45 -1.26 -15.02 46.41
C MET B 45 -1.75 -16.00 47.48
N SER B 46 -1.34 -15.82 48.72
CA SER B 46 -1.79 -16.72 49.79
C SER B 46 -3.30 -16.66 49.92
N LYS B 47 -3.82 -15.44 50.07
CA LYS B 47 -5.24 -15.22 50.18
C LYS B 47 -5.95 -15.66 48.91
N ASP B 48 -5.33 -15.35 47.78
CA ASP B 48 -5.87 -15.71 46.48
C ASP B 48 -6.00 -17.23 46.37
N LEU B 49 -4.92 -17.92 46.68
CA LEU B 49 -4.88 -19.38 46.62
C LEU B 49 -5.83 -20.02 47.62
N GLU B 50 -5.82 -19.55 48.86
CA GLU B 50 -6.71 -20.10 49.87
C GLU B 50 -8.17 -19.95 49.47
N GLU B 51 -8.53 -18.76 49.03
CA GLU B 51 -9.90 -18.49 48.62
C GLU B 51 -10.22 -19.10 47.25
N VAL B 52 -9.18 -19.46 46.50
CA VAL B 52 -9.38 -20.07 45.20
C VAL B 52 -9.55 -21.58 45.33
N LYS B 53 -8.80 -22.19 46.25
CA LYS B 53 -8.90 -23.62 46.48
C LYS B 53 -10.24 -23.93 47.10
N ALA B 54 -10.68 -23.05 48.00
CA ALA B 54 -11.97 -23.19 48.65
C ALA B 54 -13.08 -22.77 47.69
N LYS B 55 -12.67 -22.36 46.49
CA LYS B 55 -13.60 -21.93 45.46
C LYS B 55 -13.66 -22.99 44.38
N VAL B 56 -12.52 -23.64 44.12
CA VAL B 56 -12.42 -24.70 43.13
C VAL B 56 -13.22 -25.91 43.58
N GLN B 57 -13.21 -26.19 44.87
CA GLN B 57 -13.96 -27.32 45.42
C GLN B 57 -15.45 -27.22 45.06
N PRO B 58 -16.15 -26.13 45.46
CA PRO B 58 -17.56 -25.96 45.13
C PRO B 58 -17.74 -25.70 43.63
N TYR B 59 -16.68 -25.26 42.98
CA TYR B 59 -16.72 -24.99 41.54
C TYR B 59 -16.81 -26.31 40.80
N LEU B 60 -15.92 -27.24 41.14
CA LEU B 60 -15.90 -28.56 40.53
C LEU B 60 -17.14 -29.34 40.90
N ASP B 61 -17.57 -29.20 42.15
CA ASP B 61 -18.77 -29.89 42.61
C ASP B 61 -19.99 -29.42 41.83
N ASP B 62 -20.14 -28.11 41.71
CA ASP B 62 -21.25 -27.52 40.98
C ASP B 62 -21.14 -27.82 39.48
N PHE B 63 -19.92 -27.73 38.96
CA PHE B 63 -19.67 -28.00 37.56
C PHE B 63 -20.00 -29.45 37.25
N GLN B 64 -19.50 -30.36 38.09
CA GLN B 64 -19.75 -31.79 37.91
C GLN B 64 -21.22 -32.12 38.15
N LYS B 65 -21.88 -31.31 38.95
CA LYS B 65 -23.30 -31.51 39.23
C LYS B 65 -24.07 -31.22 37.95
N LYS B 66 -23.72 -30.11 37.31
CA LYS B 66 -24.34 -29.71 36.05
C LYS B 66 -23.87 -30.63 34.94
N TRP B 67 -22.60 -31.04 35.01
CA TRP B 67 -22.02 -31.94 34.03
C TRP B 67 -22.72 -33.27 34.07
N GLN B 68 -22.97 -33.79 35.28
CA GLN B 68 -23.67 -35.04 35.44
C GLN B 68 -25.10 -34.90 34.94
N GLU B 69 -25.69 -33.75 35.26
CA GLU B 69 -27.05 -33.44 34.82
C GLU B 69 -27.13 -33.49 33.30
N GLU B 70 -26.18 -32.84 32.64
CA GLU B 70 -26.14 -32.82 31.19
C GLU B 70 -25.70 -34.17 30.64
N MET B 71 -24.77 -34.83 31.32
CA MET B 71 -24.29 -36.14 30.89
C MET B 71 -25.43 -37.15 30.89
N GLU B 72 -26.16 -37.23 32.00
CA GLU B 72 -27.29 -38.13 32.10
C GLU B 72 -28.34 -37.69 31.11
N LEU B 73 -28.50 -36.37 30.98
CA LEU B 73 -29.45 -35.78 30.04
C LEU B 73 -29.13 -36.26 28.63
N TYR B 74 -27.86 -36.12 28.26
CA TYR B 74 -27.39 -36.54 26.95
C TYR B 74 -27.62 -38.04 26.77
N ARG B 75 -27.39 -38.81 27.81
CA ARG B 75 -27.58 -40.26 27.76
C ARG B 75 -29.05 -40.61 27.54
N GLN B 76 -29.94 -39.77 28.06
CA GLN B 76 -31.39 -39.99 27.93
C GLN B 76 -31.97 -39.27 26.73
N LYS B 77 -31.13 -38.54 26.01
CA LYS B 77 -31.57 -37.80 24.82
C LYS B 77 -30.91 -38.35 23.56
N VAL B 78 -29.61 -38.59 23.63
CA VAL B 78 -28.86 -39.13 22.51
C VAL B 78 -29.26 -40.57 22.24
N GLU B 79 -29.61 -41.31 23.29
CA GLU B 79 -30.02 -42.70 23.13
C GLU B 79 -31.25 -42.80 22.21
N PRO B 80 -32.39 -42.17 22.58
CA PRO B 80 -33.58 -42.18 21.72
C PRO B 80 -33.29 -41.51 20.38
N LEU B 81 -32.40 -40.52 20.40
CA LEU B 81 -32.00 -39.83 19.17
C LEU B 81 -31.26 -40.79 18.25
N ARG B 82 -30.45 -41.65 18.85
CA ARG B 82 -29.71 -42.65 18.09
C ARG B 82 -30.70 -43.61 17.46
N ALA B 83 -31.72 -43.99 18.22
CA ALA B 83 -32.77 -44.87 17.73
C ALA B 83 -33.51 -44.20 16.59
N GLU B 84 -33.85 -42.94 16.79
CA GLU B 84 -34.55 -42.16 15.77
C GLU B 84 -33.68 -42.04 14.54
N LEU B 85 -32.39 -41.81 14.74
CA LEU B 85 -31.44 -41.71 13.65
C LEU B 85 -31.26 -43.06 12.99
N GLN B 86 -31.41 -44.12 13.79
CA GLN B 86 -31.27 -45.48 13.29
C GLN B 86 -32.44 -45.82 12.39
N GLU B 87 -33.65 -45.75 12.94
CA GLU B 87 -34.85 -46.05 12.17
C GLU B 87 -35.00 -45.06 11.03
N GLY B 88 -34.61 -43.82 11.29
CA GLY B 88 -34.68 -42.78 10.28
C GLY B 88 -33.71 -43.07 9.15
N ALA B 89 -32.49 -43.50 9.50
CA ALA B 89 -31.48 -43.83 8.52
C ALA B 89 -31.88 -45.12 7.82
N ARG B 90 -32.48 -46.04 8.57
CA ARG B 90 -32.94 -47.31 8.01
C ARG B 90 -34.00 -47.03 6.95
N GLN B 91 -34.88 -46.09 7.24
CA GLN B 91 -35.92 -45.70 6.30
C GLN B 91 -35.27 -45.04 5.10
N LYS B 92 -34.36 -44.12 5.38
CA LYS B 92 -33.64 -43.41 4.32
C LYS B 92 -32.80 -44.37 3.49
N LEU B 93 -32.21 -45.36 4.15
CA LEU B 93 -31.40 -46.36 3.47
C LEU B 93 -32.29 -47.24 2.60
N HIS B 94 -33.43 -47.66 3.14
CA HIS B 94 -34.37 -48.47 2.37
C HIS B 94 -34.86 -47.64 1.19
N GLU B 95 -35.05 -46.35 1.44
CA GLU B 95 -35.45 -45.42 0.41
C GLU B 95 -34.35 -45.39 -0.64
N LEU B 96 -33.12 -45.21 -0.17
CA LEU B 96 -31.94 -45.17 -1.04
C LEU B 96 -31.81 -46.46 -1.84
N GLN B 97 -32.22 -47.58 -1.27
CA GLN B 97 -32.18 -48.85 -1.96
C GLN B 97 -33.13 -48.80 -3.15
N GLU B 98 -34.29 -48.20 -2.93
CA GLU B 98 -35.30 -48.06 -3.97
C GLU B 98 -35.03 -46.85 -4.84
N LYS B 99 -33.89 -46.22 -4.62
CA LYS B 99 -33.49 -45.07 -5.41
C LYS B 99 -32.22 -45.40 -6.20
N LEU B 100 -31.22 -45.95 -5.50
CA LEU B 100 -29.95 -46.31 -6.09
C LEU B 100 -30.05 -47.52 -7.01
N SER B 101 -30.87 -48.49 -6.65
CA SER B 101 -31.02 -49.69 -7.48
C SER B 101 -31.65 -49.37 -8.85
N PRO B 102 -32.88 -48.81 -8.88
CA PRO B 102 -33.54 -48.46 -10.15
C PRO B 102 -32.76 -47.41 -10.93
N LEU B 103 -32.30 -46.36 -10.23
CA LEU B 103 -31.53 -45.30 -10.89
C LEU B 103 -30.18 -45.83 -11.34
N GLY B 104 -29.61 -46.73 -10.57
CA GLY B 104 -28.33 -47.32 -10.92
C GLY B 104 -28.46 -48.16 -12.17
N GLU B 105 -29.47 -49.02 -12.18
CA GLU B 105 -29.73 -49.87 -13.33
C GLU B 105 -30.04 -49.00 -14.54
N GLU B 106 -30.76 -47.91 -14.29
CA GLU B 106 -31.12 -46.97 -15.33
C GLU B 106 -29.88 -46.25 -15.82
N MET B 107 -29.05 -45.80 -14.88
CA MET B 107 -27.81 -45.11 -15.21
C MET B 107 -26.91 -46.02 -16.03
N ARG B 108 -26.97 -47.31 -15.74
CA ARG B 108 -26.19 -48.31 -16.46
C ARG B 108 -26.70 -48.39 -17.90
N ASP B 109 -28.01 -48.33 -18.05
CA ASP B 109 -28.63 -48.36 -19.37
C ASP B 109 -28.31 -47.07 -20.10
N ARG B 110 -28.38 -45.95 -19.37
CA ARG B 110 -28.06 -44.64 -19.90
C ARG B 110 -26.60 -44.63 -20.35
N ALA B 111 -25.74 -45.17 -19.49
CA ALA B 111 -24.32 -45.25 -19.78
C ALA B 111 -24.08 -46.05 -21.04
N ARG B 112 -24.76 -47.18 -21.17
CA ARG B 112 -24.63 -48.01 -22.35
C ARG B 112 -25.10 -47.21 -23.57
N ALA B 113 -26.23 -46.53 -23.42
CA ALA B 113 -26.79 -45.73 -24.49
C ALA B 113 -25.94 -44.50 -24.79
N HIS B 114 -25.10 -44.11 -23.86
CA HIS B 114 -24.23 -42.96 -24.02
C HIS B 114 -22.86 -43.37 -24.54
N VAL B 115 -22.18 -44.24 -23.80
CA VAL B 115 -20.85 -44.70 -24.16
C VAL B 115 -20.84 -45.53 -25.44
N ASP B 116 -21.80 -46.43 -25.61
CA ASP B 116 -21.85 -47.25 -26.82
C ASP B 116 -22.15 -46.38 -28.02
N ALA B 117 -22.94 -45.33 -27.79
CA ALA B 117 -23.25 -44.38 -28.84
C ALA B 117 -21.98 -43.65 -29.21
N LEU B 118 -21.16 -43.38 -28.18
CA LEU B 118 -19.88 -42.73 -28.38
C LEU B 118 -18.93 -43.66 -29.12
N ARG B 119 -19.14 -44.95 -28.96
CA ARG B 119 -18.32 -45.94 -29.65
C ARG B 119 -18.65 -45.93 -31.14
N THR B 120 -19.91 -45.66 -31.46
CA THR B 120 -20.34 -45.60 -32.84
C THR B 120 -20.30 -44.17 -33.37
N HIS B 121 -19.81 -43.26 -32.53
CA HIS B 121 -19.71 -41.85 -32.92
C HIS B 121 -18.26 -41.35 -32.88
N LEU B 122 -17.57 -41.62 -31.78
CA LEU B 122 -16.18 -41.17 -31.62
C LEU B 122 -15.20 -42.04 -32.38
N ALA B 123 -15.46 -43.34 -32.45
CA ALA B 123 -14.57 -44.25 -33.19
C ALA B 123 -14.43 -43.81 -34.64
N PRO B 124 -15.56 -43.70 -35.40
CA PRO B 124 -15.48 -43.24 -36.79
C PRO B 124 -14.96 -41.80 -36.84
N TYR B 125 -15.30 -41.02 -35.83
CA TYR B 125 -14.87 -39.62 -35.74
C TYR B 125 -13.36 -39.54 -35.66
N SER B 126 -12.76 -40.37 -34.81
CA SER B 126 -11.31 -40.38 -34.66
C SER B 126 -10.65 -40.82 -35.97
N ASP B 127 -11.30 -41.72 -36.69
CA ASP B 127 -10.79 -42.21 -37.96
C ASP B 127 -10.91 -41.10 -39.01
N GLU B 128 -12.04 -40.38 -38.96
CA GLU B 128 -12.27 -39.27 -39.86
C GLU B 128 -11.25 -38.19 -39.58
N LEU B 129 -10.97 -37.99 -38.29
CA LEU B 129 -9.98 -37.02 -37.85
C LEU B 129 -8.61 -37.41 -38.37
N ARG B 130 -8.34 -38.71 -38.37
CA ARG B 130 -7.06 -39.24 -38.87
C ARG B 130 -6.85 -38.83 -40.32
N GLN B 131 -7.93 -38.88 -41.11
CA GLN B 131 -7.88 -38.51 -42.51
C GLN B 131 -7.55 -37.03 -42.66
N ARG B 132 -8.29 -36.21 -41.90
CA ARG B 132 -8.09 -34.76 -41.92
C ARG B 132 -6.70 -34.41 -41.39
N LEU B 133 -6.29 -35.13 -40.35
CA LEU B 133 -4.98 -34.92 -39.74
C LEU B 133 -3.86 -35.40 -40.67
N ALA B 134 -4.16 -36.42 -41.47
CA ALA B 134 -3.19 -36.95 -42.41
C ALA B 134 -2.80 -35.88 -43.40
N ALA B 135 -3.82 -35.21 -43.96
CA ALA B 135 -3.58 -34.13 -44.91
C ALA B 135 -2.90 -32.98 -44.21
N ARG B 136 -3.33 -32.69 -42.99
CA ARG B 136 -2.75 -31.63 -42.17
C ARG B 136 -1.27 -31.89 -41.94
N LEU B 137 -0.95 -33.13 -41.58
CA LEU B 137 0.42 -33.52 -41.35
C LEU B 137 1.20 -33.48 -42.65
N GLU B 138 0.57 -33.91 -43.74
CA GLU B 138 1.19 -33.90 -45.05
C GLU B 138 1.52 -32.47 -45.46
N ALA B 139 0.61 -31.56 -45.14
CA ALA B 139 0.81 -30.14 -45.43
C ALA B 139 1.98 -29.64 -44.59
N LEU B 140 2.01 -30.05 -43.33
CA LEU B 140 3.08 -29.67 -42.42
C LEU B 140 4.41 -30.27 -42.88
N LYS B 141 4.32 -31.36 -43.63
CA LYS B 141 5.50 -32.02 -44.18
C LYS B 141 5.99 -31.26 -45.40
N GLU B 142 5.05 -30.91 -46.29
CA GLU B 142 5.40 -30.16 -47.49
C GLU B 142 5.96 -28.79 -47.11
N ASN B 143 5.20 -28.09 -46.26
CA ASN B 143 5.62 -26.77 -45.79
C ASN B 143 6.83 -26.92 -44.89
N GLY B 144 6.90 -28.05 -44.19
CA GLY B 144 8.00 -28.32 -43.30
C GLY B 144 9.30 -28.46 -44.06
N GLY B 145 9.29 -29.32 -45.08
CA GLY B 145 10.47 -29.52 -45.89
C GLY B 145 10.89 -28.22 -46.55
N ALA B 146 9.88 -27.45 -46.98
CA ALA B 146 10.13 -26.16 -47.62
C ALA B 146 10.79 -25.24 -46.60
N ARG B 147 10.15 -25.09 -45.45
CA ARG B 147 10.66 -24.26 -44.37
C ARG B 147 12.07 -24.69 -43.99
N LEU B 148 12.30 -25.99 -43.93
CA LEU B 148 13.62 -26.52 -43.58
C LEU B 148 14.68 -25.99 -44.53
N ALA B 149 14.42 -26.10 -45.83
CA ALA B 149 15.35 -25.63 -46.84
C ALA B 149 15.45 -24.11 -46.82
N GLU B 150 14.30 -23.45 -46.80
CA GLU B 150 14.23 -21.99 -46.78
C GLU B 150 14.92 -21.40 -45.55
N TYR B 151 14.67 -21.99 -44.39
CA TYR B 151 15.28 -21.52 -43.15
C TYR B 151 16.76 -21.84 -43.16
N HIS B 152 17.12 -23.01 -43.69
CA HIS B 152 18.52 -23.42 -43.77
C HIS B 152 19.28 -22.45 -44.66
N ALA B 153 18.71 -22.15 -45.83
CA ALA B 153 19.32 -21.22 -46.76
C ALA B 153 19.43 -19.84 -46.13
N LYS B 154 18.34 -19.41 -45.50
CA LYS B 154 18.30 -18.12 -44.82
C LYS B 154 19.31 -18.09 -43.69
N ALA B 155 19.48 -19.24 -43.02
CA ALA B 155 20.43 -19.36 -41.95
C ALA B 155 21.84 -19.25 -42.50
N THR B 156 22.04 -19.80 -43.69
CA THR B 156 23.33 -19.73 -44.36
C THR B 156 23.65 -18.28 -44.65
N GLU B 157 22.66 -17.57 -45.21
CA GLU B 157 22.80 -16.16 -45.51
C GLU B 157 23.08 -15.41 -44.22
N HIS B 158 22.35 -15.76 -43.18
CA HIS B 158 22.51 -15.14 -41.86
C HIS B 158 23.89 -15.41 -41.28
N LEU B 159 24.45 -16.57 -41.60
CA LEU B 159 25.77 -16.93 -41.11
C LEU B 159 26.84 -16.14 -41.84
N SER B 160 26.75 -16.11 -43.17
CA SER B 160 27.70 -15.37 -43.98
C SER B 160 27.63 -13.88 -43.66
N THR B 161 26.43 -13.41 -43.33
CA THR B 161 26.24 -12.00 -43.00
C THR B 161 26.60 -11.73 -41.53
N LEU B 162 26.80 -12.81 -40.78
CA LEU B 162 27.18 -12.72 -39.39
C LEU B 162 28.69 -12.59 -39.33
N SER B 163 29.37 -13.47 -40.08
CA SER B 163 30.82 -13.45 -40.15
C SER B 163 31.24 -12.18 -40.90
N GLU B 164 30.30 -11.66 -41.70
CA GLU B 164 30.50 -10.43 -42.46
C GLU B 164 30.83 -9.30 -41.51
N LYS B 165 30.39 -9.44 -40.26
CA LYS B 165 30.63 -8.44 -39.24
C LYS B 165 31.56 -9.01 -38.17
N ALA B 166 31.44 -10.30 -37.91
CA ALA B 166 32.28 -10.96 -36.91
C ALA B 166 33.76 -10.90 -37.27
N LYS B 167 34.06 -10.48 -38.49
CA LYS B 167 35.43 -10.35 -38.92
C LYS B 167 35.93 -8.90 -38.80
N PRO B 168 35.38 -7.95 -39.61
CA PRO B 168 35.82 -6.56 -39.56
C PRO B 168 35.40 -5.82 -38.29
N ALA B 169 34.17 -6.07 -37.82
CA ALA B 169 33.68 -5.41 -36.61
C ALA B 169 34.42 -5.91 -35.39
N LEU B 170 34.65 -7.23 -35.32
CA LEU B 170 35.39 -7.79 -34.19
C LEU B 170 36.82 -7.26 -34.20
N GLU B 171 37.40 -7.14 -35.39
CA GLU B 171 38.75 -6.62 -35.52
C GLU B 171 38.77 -5.14 -35.17
N ASP B 172 37.68 -4.45 -35.49
CA ASP B 172 37.54 -3.04 -35.18
C ASP B 172 37.54 -2.88 -33.67
N LEU B 173 36.78 -3.75 -33.01
CA LEU B 173 36.70 -3.75 -31.56
C LEU B 173 38.03 -4.16 -30.95
N ARG B 174 38.70 -5.12 -31.58
CA ARG B 174 40.00 -5.57 -31.10
C ARG B 174 41.01 -4.43 -31.20
N GLN B 175 40.89 -3.65 -32.27
CA GLN B 175 41.76 -2.52 -32.48
C GLN B 175 41.30 -1.31 -31.68
N GLY B 176 40.10 -1.42 -31.14
CA GLY B 176 39.52 -0.35 -30.33
C GLY B 176 39.87 -0.60 -28.87
N LEU B 177 39.65 -1.83 -28.43
CA LEU B 177 39.94 -2.23 -27.06
C LEU B 177 41.42 -2.07 -26.74
N LEU B 178 42.27 -2.13 -27.76
CA LEU B 178 43.70 -1.96 -27.55
C LEU B 178 44.02 -0.59 -26.94
N PRO B 179 43.79 0.52 -27.66
CA PRO B 179 44.04 1.87 -27.11
C PRO B 179 43.12 2.16 -25.93
N VAL B 180 41.93 1.55 -25.95
CA VAL B 180 40.97 1.73 -24.86
C VAL B 180 41.54 1.16 -23.57
N LEU B 181 42.08 -0.05 -23.64
CA LEU B 181 42.69 -0.68 -22.46
C LEU B 181 43.94 0.08 -22.06
N GLU B 182 44.66 0.60 -23.04
CA GLU B 182 45.86 1.37 -22.79
C GLU B 182 45.53 2.63 -22.00
N SER B 183 44.51 3.35 -22.44
CA SER B 183 44.08 4.57 -21.77
C SER B 183 43.40 4.21 -20.45
N PHE B 184 42.66 3.10 -20.44
CA PHE B 184 41.99 2.63 -19.23
C PHE B 184 43.02 2.31 -18.17
N LYS B 185 44.11 1.65 -18.58
CA LYS B 185 45.19 1.31 -17.66
C LYS B 185 45.80 2.58 -17.11
N VAL B 186 46.04 3.55 -17.98
CA VAL B 186 46.62 4.82 -17.58
C VAL B 186 45.70 5.49 -16.55
N SER B 187 44.40 5.47 -16.83
CA SER B 187 43.41 6.06 -15.96
C SER B 187 43.34 5.31 -14.63
N PHE B 188 43.33 3.98 -14.68
CA PHE B 188 43.26 3.16 -13.48
C PHE B 188 44.54 3.22 -12.66
N LEU B 189 45.69 3.20 -13.34
CA LEU B 189 46.98 3.26 -12.66
C LEU B 189 47.10 4.57 -11.89
N SER B 190 46.62 5.64 -12.50
CA SER B 190 46.64 6.96 -11.87
C SER B 190 45.58 6.99 -10.78
N ALA B 191 44.44 6.36 -11.05
CA ALA B 191 43.34 6.30 -10.10
C ALA B 191 43.79 5.65 -8.80
N LEU B 192 44.42 4.48 -8.91
CA LEU B 192 44.91 3.76 -7.75
C LEU B 192 45.97 4.57 -7.03
N GLU B 193 46.80 5.26 -7.81
CA GLU B 193 47.85 6.10 -7.26
C GLU B 193 47.26 7.21 -6.41
N GLU B 194 46.24 7.88 -6.94
CA GLU B 194 45.58 8.97 -6.23
C GLU B 194 44.90 8.45 -4.96
N TYR B 195 44.28 7.28 -5.06
CA TYR B 195 43.58 6.68 -3.92
C TYR B 195 44.55 6.31 -2.80
N THR B 196 45.69 5.74 -3.16
CA THR B 196 46.68 5.32 -2.17
C THR B 196 47.36 6.51 -1.49
N LYS B 197 47.32 7.67 -2.14
CA LYS B 197 47.94 8.87 -1.59
C LYS B 197 46.95 9.58 -0.65
N LYS B 198 45.69 9.19 -0.73
CA LYS B 198 44.66 9.77 0.10
C LYS B 198 44.33 8.86 1.27
N LEU B 199 44.09 7.57 0.97
CA LEU B 199 43.77 6.59 2.00
C LEU B 199 45.03 5.87 2.46
N ASN B 200 46.05 6.64 2.78
CA ASN B 200 47.32 6.09 3.22
C ASN B 200 47.35 5.94 4.73
N MET C 3 -19.62 4.04 4.14
CA MET C 3 -19.55 2.63 4.48
C MET C 3 -18.73 2.43 5.74
N THR C 4 -17.68 3.23 5.89
CA THR C 4 -16.80 3.14 7.05
C THR C 4 -16.13 4.50 7.31
N GLU C 5 -15.10 4.80 6.54
CA GLU C 5 -14.36 6.04 6.69
C GLU C 5 -13.90 6.51 5.31
N TYR C 6 -14.00 7.81 5.06
CA TYR C 6 -13.60 8.36 3.77
C TYR C 6 -12.88 9.70 3.92
N LYS C 7 -11.70 9.79 3.33
CA LYS C 7 -10.91 11.00 3.36
C LYS C 7 -11.23 11.83 2.12
N LEU C 8 -11.77 13.03 2.33
CA LEU C 8 -12.14 13.90 1.22
C LEU C 8 -11.23 15.12 1.13
N VAL C 9 -10.54 15.24 0.02
CA VAL C 9 -9.63 16.37 -0.20
C VAL C 9 -10.33 17.45 -0.99
N VAL C 10 -10.57 18.59 -0.34
CA VAL C 10 -11.22 19.72 -0.99
C VAL C 10 -10.17 20.68 -1.53
N VAL C 11 -10.13 20.83 -2.84
CA VAL C 11 -9.16 21.71 -3.47
C VAL C 11 -9.81 23.00 -3.95
N GLY C 12 -8.98 23.98 -4.30
CA GLY C 12 -9.48 25.25 -4.77
C GLY C 12 -8.52 26.38 -4.44
N ALA C 13 -8.73 27.53 -5.07
CA ALA C 13 -7.88 28.69 -4.85
C ALA C 13 -8.34 29.49 -3.63
N GLY C 14 -7.52 30.44 -3.20
CA GLY C 14 -7.86 31.25 -2.04
C GLY C 14 -8.85 32.34 -2.38
N GLY C 15 -10.03 31.93 -2.81
CA GLY C 15 -11.08 32.85 -3.17
C GLY C 15 -12.45 32.22 -3.01
N VAL C 16 -12.50 30.91 -3.25
CA VAL C 16 -13.74 30.17 -3.11
C VAL C 16 -14.05 29.90 -1.65
N GLY C 17 -15.26 29.47 -1.36
CA GLY C 17 -15.66 29.22 0.02
C GLY C 17 -15.24 27.85 0.51
N LYS C 18 -13.96 27.53 0.42
CA LYS C 18 -13.45 26.23 0.86
C LYS C 18 -13.71 26.04 2.36
N SER C 19 -13.12 26.90 3.17
CA SER C 19 -13.28 26.82 4.61
C SER C 19 -14.74 27.07 5.01
N ALA C 20 -15.39 27.97 4.28
CA ALA C 20 -16.79 28.29 4.55
C ALA C 20 -17.68 27.07 4.39
N LEU C 21 -17.53 26.36 3.26
CA LEU C 21 -18.34 25.17 3.01
C LEU C 21 -18.07 24.10 4.06
N THR C 22 -16.80 23.93 4.42
CA THR C 22 -16.41 22.94 5.42
C THR C 22 -17.05 23.26 6.77
N ILE C 23 -16.95 24.51 7.21
CA ILE C 23 -17.52 24.91 8.48
C ILE C 23 -19.05 24.86 8.42
N GLN C 24 -19.59 25.14 7.23
CA GLN C 24 -21.03 25.14 7.02
C GLN C 24 -21.60 23.71 7.12
N LEU C 25 -20.73 22.73 7.00
CA LEU C 25 -21.14 21.33 7.09
C LEU C 25 -20.85 20.78 8.48
N ILE C 26 -19.72 21.19 9.06
CA ILE C 26 -19.32 20.74 10.38
C ILE C 26 -20.12 21.43 11.48
N GLN C 27 -19.89 22.74 11.65
CA GLN C 27 -20.58 23.53 12.66
C GLN C 27 -21.92 24.05 12.14
N ASN C 28 -22.04 24.10 10.81
CA ASN C 28 -23.24 24.60 10.16
C ASN C 28 -23.40 26.09 10.43
N HIS C 29 -22.27 26.77 10.51
CA HIS C 29 -22.24 28.21 10.76
C HIS C 29 -21.39 28.89 9.70
N PHE C 30 -21.96 29.90 9.06
CA PHE C 30 -21.27 30.61 8.01
C PHE C 30 -20.27 31.61 8.59
N VAL C 31 -19.07 31.61 8.06
CA VAL C 31 -18.02 32.51 8.52
C VAL C 31 -17.77 33.62 7.50
N ASP C 32 -17.89 34.86 7.95
CA ASP C 32 -17.67 36.00 7.08
C ASP C 32 -16.20 36.42 7.08
N GLU C 33 -15.54 36.17 8.22
CA GLU C 33 -14.13 36.52 8.37
C GLU C 33 -13.24 35.66 7.49
N TYR C 34 -12.29 36.30 6.81
CA TYR C 34 -11.37 35.57 5.94
C TYR C 34 -10.17 35.05 6.72
N ASP C 35 -10.26 33.81 7.16
CA ASP C 35 -9.17 33.19 7.89
C ASP C 35 -8.35 32.31 6.95
N PRO C 36 -7.02 32.47 6.96
CA PRO C 36 -6.12 31.70 6.10
C PRO C 36 -6.14 30.21 6.42
N THR C 37 -5.38 29.43 5.66
CA THR C 37 -5.32 27.99 5.85
C THR C 37 -4.11 27.39 5.15
N ILE C 38 -3.50 26.41 5.80
CA ILE C 38 -2.35 25.70 5.28
C ILE C 38 -2.70 24.23 5.11
N GLU C 39 -2.96 23.57 6.23
CA GLU C 39 -3.32 22.17 6.24
C GLU C 39 -4.25 21.90 7.42
N ASP C 40 -5.55 21.98 7.18
CA ASP C 40 -6.52 21.75 8.24
C ASP C 40 -7.33 20.50 7.95
N SER C 41 -7.96 19.96 8.98
CA SER C 41 -8.77 18.77 8.82
C SER C 41 -9.98 18.75 9.76
N TYR C 42 -11.12 18.29 9.23
CA TYR C 42 -12.37 18.20 10.01
C TYR C 42 -12.95 16.79 9.87
N ARG C 43 -13.72 16.33 10.87
CA ARG C 43 -14.29 14.98 10.83
C ARG C 43 -15.70 14.98 11.40
N LYS C 44 -16.59 14.26 10.74
CA LYS C 44 -17.98 14.14 11.18
C LYS C 44 -18.58 12.85 10.63
N GLN C 45 -19.49 12.25 11.37
CA GLN C 45 -20.13 11.01 10.93
C GLN C 45 -21.53 11.31 10.41
N VAL C 46 -21.80 10.89 9.18
CA VAL C 46 -23.09 11.13 8.57
C VAL C 46 -23.59 9.89 7.84
N VAL C 47 -24.91 9.81 7.64
CA VAL C 47 -25.52 8.70 6.95
C VAL C 47 -25.71 9.05 5.48
N ILE C 48 -24.82 8.54 4.64
CA ILE C 48 -24.86 8.82 3.21
C ILE C 48 -25.67 7.77 2.46
N ASP C 49 -26.88 8.17 2.07
CA ASP C 49 -27.78 7.30 1.32
C ASP C 49 -28.07 6.00 2.08
N GLY C 50 -28.18 6.10 3.40
CA GLY C 50 -28.47 4.95 4.22
C GLY C 50 -27.23 4.31 4.83
N GLU C 51 -26.06 4.66 4.32
CA GLU C 51 -24.81 4.10 4.83
C GLU C 51 -24.06 5.14 5.67
N THR C 52 -24.01 4.91 6.97
CA THR C 52 -23.31 5.82 7.89
C THR C 52 -21.81 5.62 7.79
N CYS C 53 -21.06 6.72 7.90
CA CYS C 53 -19.61 6.66 7.81
C CYS C 53 -18.97 7.94 8.32
N LEU C 54 -17.69 7.87 8.63
CA LEU C 54 -16.94 9.02 9.12
C LEU C 54 -16.23 9.68 7.95
N LEU C 55 -16.40 10.99 7.82
CA LEU C 55 -15.76 11.72 6.73
C LEU C 55 -14.65 12.63 7.23
N ASP C 56 -13.44 12.41 6.71
CA ASP C 56 -12.28 13.22 7.07
C ASP C 56 -12.08 14.26 5.98
N ILE C 57 -12.51 15.48 6.24
CA ILE C 57 -12.41 16.56 5.28
C ILE C 57 -11.08 17.30 5.42
N LEU C 58 -10.36 17.40 4.31
CA LEU C 58 -9.07 18.08 4.30
C LEU C 58 -9.19 19.49 3.71
N ASP C 59 -8.90 20.48 4.56
CA ASP C 59 -8.95 21.88 4.17
C ASP C 59 -7.55 22.31 3.70
N THR C 60 -7.37 22.33 2.38
CA THR C 60 -6.08 22.67 1.77
C THR C 60 -5.82 24.18 1.76
N ALA C 61 -4.56 24.55 1.52
CA ALA C 61 -4.17 25.95 1.46
C ALA C 61 -4.76 26.65 0.24
N GLY C 62 -4.74 27.96 0.27
CA GLY C 62 -5.28 28.74 -0.83
C GLY C 62 -4.35 28.79 -2.02
N GLN C 63 -3.04 28.77 -1.75
CA GLN C 63 -2.05 28.82 -2.81
C GLN C 63 -0.77 28.09 -2.41
N GLU C 64 -0.29 27.23 -3.29
CA GLU C 64 0.93 26.47 -3.05
C GLU C 64 1.83 26.54 -4.27
N GLU C 65 3.12 26.30 -4.09
CA GLU C 65 4.06 26.33 -5.19
C GLU C 65 4.22 24.93 -5.77
N TYR C 66 4.93 24.08 -5.04
CA TYR C 66 5.17 22.71 -5.45
C TYR C 66 5.64 21.89 -4.25
N SER C 67 4.77 21.83 -3.24
CA SER C 67 5.06 21.11 -2.01
C SER C 67 4.97 19.59 -2.22
N ALA C 68 6.03 18.90 -1.83
CA ALA C 68 6.09 17.44 -1.97
C ALA C 68 5.04 16.77 -1.10
N MET C 69 4.82 17.32 0.09
CA MET C 69 3.84 16.78 1.02
C MET C 69 2.44 16.86 0.42
N ARG C 70 2.19 17.91 -0.35
CA ARG C 70 0.89 18.10 -1.00
C ARG C 70 0.62 16.95 -1.97
N ASP C 71 1.61 16.61 -2.78
CA ASP C 71 1.49 15.54 -3.75
C ASP C 71 1.30 14.21 -3.05
N GLN C 72 1.76 14.13 -1.82
CA GLN C 72 1.64 12.92 -1.02
C GLN C 72 0.23 12.77 -0.45
N TYR C 73 -0.32 13.86 0.09
CA TYR C 73 -1.68 13.79 0.65
C TYR C 73 -2.75 13.64 -0.43
N MET C 74 -2.46 14.18 -1.62
CA MET C 74 -3.39 14.07 -2.74
C MET C 74 -3.28 12.70 -3.39
N ARG C 75 -2.20 11.99 -3.05
CA ARG C 75 -1.95 10.67 -3.59
C ARG C 75 -2.88 9.62 -2.96
N THR C 76 -3.31 9.90 -1.74
CA THR C 76 -4.19 8.98 -1.00
C THR C 76 -5.65 9.13 -1.40
N GLY C 77 -6.07 10.35 -1.73
CA GLY C 77 -7.45 10.61 -2.08
C GLY C 77 -7.98 9.78 -3.25
N GLU C 78 -9.28 9.47 -3.21
CA GLU C 78 -9.91 8.71 -4.28
C GLU C 78 -10.88 9.59 -5.05
N GLY C 79 -11.59 10.44 -4.32
CA GLY C 79 -12.54 11.35 -4.93
C GLY C 79 -12.15 12.80 -4.67
N PHE C 80 -12.28 13.64 -5.68
CA PHE C 80 -11.92 15.04 -5.55
C PHE C 80 -13.02 15.97 -6.04
N LEU C 81 -13.20 17.09 -5.36
CA LEU C 81 -14.20 18.07 -5.72
C LEU C 81 -13.56 19.21 -6.50
N CYS C 82 -14.05 19.45 -7.70
CA CYS C 82 -13.52 20.52 -8.54
C CYS C 82 -14.28 21.81 -8.25
N VAL C 83 -13.92 22.47 -7.16
CA VAL C 83 -14.58 23.70 -6.76
C VAL C 83 -14.00 24.90 -7.48
N PHE C 84 -14.85 25.59 -8.25
CA PHE C 84 -14.44 26.77 -8.98
C PHE C 84 -15.48 27.87 -8.80
N ALA C 85 -15.08 29.10 -9.03
CA ALA C 85 -16.00 30.23 -8.89
C ALA C 85 -16.57 30.62 -10.24
N ILE C 86 -17.88 30.77 -10.31
CA ILE C 86 -18.54 31.13 -11.56
C ILE C 86 -18.30 32.60 -11.91
N ASN C 87 -17.65 33.31 -11.00
CA ASN C 87 -17.36 34.73 -11.20
C ASN C 87 -15.88 34.90 -11.51
N ASN C 88 -15.17 33.79 -11.61
CA ASN C 88 -13.74 33.81 -11.88
C ASN C 88 -13.43 32.93 -13.08
N THR C 89 -12.93 33.53 -14.14
CA THR C 89 -12.62 32.80 -15.36
C THR C 89 -11.41 31.87 -15.19
N LYS C 90 -10.46 32.26 -14.34
CA LYS C 90 -9.27 31.45 -14.11
C LYS C 90 -9.64 30.08 -13.54
N SER C 91 -10.51 30.05 -12.55
CA SER C 91 -10.92 28.80 -11.93
C SER C 91 -11.55 27.85 -12.92
N PHE C 92 -12.14 28.38 -13.98
CA PHE C 92 -12.78 27.54 -14.99
C PHE C 92 -11.72 26.78 -15.79
N GLU C 93 -10.58 27.42 -15.99
CA GLU C 93 -9.47 26.83 -16.73
C GLU C 93 -8.63 25.99 -15.78
N ASP C 94 -8.64 26.37 -14.51
CA ASP C 94 -7.89 25.67 -13.47
C ASP C 94 -8.43 24.26 -13.24
N ILE C 95 -9.64 24.02 -13.71
CA ILE C 95 -10.27 22.70 -13.58
C ILE C 95 -9.42 21.66 -14.31
N HIS C 96 -9.00 21.99 -15.52
CA HIS C 96 -8.16 21.09 -16.31
C HIS C 96 -6.80 20.97 -15.63
N HIS C 97 -6.32 22.07 -15.09
CA HIS C 97 -5.05 22.13 -14.39
C HIS C 97 -5.06 21.20 -13.19
N TYR C 98 -6.18 21.15 -12.49
CA TYR C 98 -6.33 20.29 -11.33
C TYR C 98 -6.49 18.84 -11.74
N ARG C 99 -7.35 18.57 -12.70
CA ARG C 99 -7.57 17.20 -13.16
C ARG C 99 -6.28 16.57 -13.68
N GLU C 100 -5.48 17.36 -14.40
CA GLU C 100 -4.22 16.86 -14.93
C GLU C 100 -3.24 16.53 -13.80
N GLN C 101 -3.30 17.31 -12.73
CA GLN C 101 -2.44 17.10 -11.58
C GLN C 101 -2.83 15.81 -10.85
N ILE C 102 -4.13 15.64 -10.63
CA ILE C 102 -4.64 14.45 -9.96
C ILE C 102 -4.45 13.21 -10.82
N LYS C 103 -4.55 13.37 -12.13
CA LYS C 103 -4.39 12.26 -13.06
C LYS C 103 -2.99 11.65 -12.91
N ARG C 104 -2.03 12.49 -12.58
CA ARG C 104 -0.65 12.06 -12.42
C ARG C 104 -0.43 11.34 -11.09
N VAL C 105 -1.13 11.78 -10.05
CA VAL C 105 -0.98 11.17 -8.73
C VAL C 105 -1.70 9.83 -8.61
N LYS C 106 -2.81 9.68 -9.32
CA LYS C 106 -3.56 8.44 -9.27
C LYS C 106 -3.20 7.52 -10.42
N ASP C 107 -2.52 8.10 -11.42
CA ASP C 107 -2.09 7.36 -12.62
C ASP C 107 -3.29 6.74 -13.33
N SER C 108 -4.31 7.56 -13.55
CA SER C 108 -5.51 7.13 -14.23
C SER C 108 -6.50 8.29 -14.36
N GLU C 109 -7.34 8.22 -15.38
CA GLU C 109 -8.35 9.23 -15.61
C GLU C 109 -9.64 8.82 -14.89
N ASP C 110 -9.62 7.59 -14.39
CA ASP C 110 -10.77 7.03 -13.67
C ASP C 110 -10.75 7.47 -12.20
N VAL C 111 -10.89 8.77 -12.00
CA VAL C 111 -10.91 9.34 -10.68
C VAL C 111 -12.23 10.09 -10.45
N PRO C 112 -13.03 9.64 -9.48
CA PRO C 112 -14.33 10.24 -9.15
C PRO C 112 -14.18 11.73 -8.83
N MET C 113 -14.73 12.56 -9.69
CA MET C 113 -14.65 14.00 -9.51
C MET C 113 -16.01 14.62 -9.72
N VAL C 114 -16.25 15.74 -9.05
CA VAL C 114 -17.51 16.45 -9.17
C VAL C 114 -17.23 17.93 -9.39
N LEU C 115 -17.79 18.48 -10.46
CA LEU C 115 -17.61 19.88 -10.77
C LEU C 115 -18.48 20.71 -9.84
N VAL C 116 -17.87 21.60 -9.07
CA VAL C 116 -18.61 22.39 -8.12
C VAL C 116 -18.57 23.89 -8.48
N GLY C 117 -19.71 24.42 -8.87
CA GLY C 117 -19.81 25.82 -9.21
C GLY C 117 -20.15 26.62 -7.97
N ASN C 118 -19.15 27.23 -7.38
CA ASN C 118 -19.33 27.99 -6.14
C ASN C 118 -19.75 29.44 -6.41
N LYS C 119 -20.44 30.02 -5.43
CA LYS C 119 -20.91 31.41 -5.47
C LYS C 119 -22.02 31.64 -6.49
N CYS C 120 -23.02 30.77 -6.50
CA CYS C 120 -24.15 30.91 -7.42
C CYS C 120 -25.15 31.95 -6.93
N ASP C 121 -24.87 32.52 -5.75
CA ASP C 121 -25.73 33.52 -5.16
C ASP C 121 -25.28 34.93 -5.54
N LEU C 122 -24.23 35.00 -6.34
CA LEU C 122 -23.69 36.27 -6.79
C LEU C 122 -24.22 36.62 -8.17
N PRO C 123 -24.79 37.83 -8.32
CA PRO C 123 -25.34 38.30 -9.61
C PRO C 123 -24.24 38.45 -10.66
N SER C 124 -23.02 38.68 -10.18
CA SER C 124 -21.87 38.82 -11.04
C SER C 124 -21.39 37.45 -11.51
N ARG C 125 -22.17 36.83 -12.37
CA ARG C 125 -21.84 35.51 -12.87
C ARG C 125 -21.25 35.59 -14.28
N THR C 126 -20.04 35.07 -14.43
CA THR C 126 -19.38 35.06 -15.73
C THR C 126 -19.54 33.70 -16.40
N VAL C 127 -19.24 32.63 -15.66
CA VAL C 127 -19.34 31.28 -16.17
C VAL C 127 -20.80 30.81 -16.18
N ASP C 128 -21.32 30.55 -17.36
CA ASP C 128 -22.70 30.09 -17.51
C ASP C 128 -22.85 28.64 -17.07
N THR C 129 -24.06 28.29 -16.63
CA THR C 129 -24.34 26.94 -16.19
C THR C 129 -24.10 25.91 -17.30
N LYS C 130 -24.43 26.28 -18.54
CA LYS C 130 -24.23 25.39 -19.67
C LYS C 130 -22.75 25.16 -19.96
N GLN C 131 -21.95 26.22 -19.79
CA GLN C 131 -20.51 26.14 -20.02
C GLN C 131 -19.89 25.11 -19.09
N ALA C 132 -20.37 25.08 -17.84
CA ALA C 132 -19.88 24.13 -16.86
C ALA C 132 -20.37 22.72 -17.20
N GLN C 133 -21.63 22.62 -17.60
CA GLN C 133 -22.23 21.34 -17.97
C GLN C 133 -21.49 20.71 -19.15
N ASP C 134 -21.06 21.55 -20.08
CA ASP C 134 -20.32 21.08 -21.25
C ASP C 134 -18.99 20.49 -20.82
N LEU C 135 -18.28 21.21 -19.96
CA LEU C 135 -16.99 20.76 -19.46
C LEU C 135 -17.14 19.48 -18.65
N ALA C 136 -18.17 19.44 -17.83
CA ALA C 136 -18.45 18.27 -17.00
C ALA C 136 -18.74 17.05 -17.85
N ARG C 137 -19.56 17.24 -18.89
CA ARG C 137 -19.93 16.14 -19.79
C ARG C 137 -18.71 15.64 -20.55
N SER C 138 -17.74 16.52 -20.75
CA SER C 138 -16.52 16.17 -21.47
C SER C 138 -15.64 15.23 -20.64
N TYR C 139 -15.79 15.31 -19.31
CA TYR C 139 -15.01 14.45 -18.42
C TYR C 139 -15.85 13.27 -17.96
N GLY C 140 -17.16 13.41 -18.08
CA GLY C 140 -18.07 12.36 -17.66
C GLY C 140 -18.40 12.47 -16.19
N ILE C 141 -18.19 13.66 -15.64
CA ILE C 141 -18.44 13.91 -14.23
C ILE C 141 -19.67 14.79 -14.05
N PRO C 142 -20.33 14.72 -12.87
CA PRO C 142 -21.51 15.53 -12.59
C PRO C 142 -21.16 16.95 -12.18
N PHE C 143 -22.10 17.87 -12.34
CA PHE C 143 -21.89 19.27 -11.99
C PHE C 143 -22.90 19.71 -10.94
N ILE C 144 -22.39 20.20 -9.82
CA ILE C 144 -23.23 20.65 -8.73
C ILE C 144 -22.94 22.11 -8.40
N GLU C 145 -23.94 22.98 -8.58
CA GLU C 145 -23.80 24.39 -8.28
C GLU C 145 -24.05 24.60 -6.79
N THR C 146 -23.15 25.28 -6.11
CA THR C 146 -23.29 25.47 -4.68
C THR C 146 -22.97 26.90 -4.24
N SER C 147 -23.33 27.18 -2.99
CA SER C 147 -23.09 28.46 -2.38
C SER C 147 -23.10 28.27 -0.87
N ALA C 148 -22.10 28.82 -0.19
CA ALA C 148 -22.00 28.69 1.25
C ALA C 148 -22.97 29.64 1.93
N LYS C 149 -23.50 30.59 1.17
CA LYS C 149 -24.44 31.57 1.70
C LYS C 149 -25.87 31.03 1.67
N THR C 150 -26.23 30.41 0.55
CA THR C 150 -27.57 29.85 0.42
C THR C 150 -27.63 28.44 0.99
N ARG C 151 -26.46 27.78 1.00
CA ARG C 151 -26.33 26.42 1.51
C ARG C 151 -27.10 25.45 0.63
N GLN C 152 -27.24 25.80 -0.64
CA GLN C 152 -27.95 24.98 -1.60
C GLN C 152 -27.01 24.03 -2.33
N GLY C 153 -27.35 22.75 -2.32
CA GLY C 153 -26.55 21.74 -3.00
C GLY C 153 -25.24 21.44 -2.31
N VAL C 154 -25.03 21.99 -1.13
CA VAL C 154 -23.81 21.78 -0.38
C VAL C 154 -23.66 20.32 0.06
N ASP C 155 -24.67 19.82 0.77
CA ASP C 155 -24.63 18.45 1.27
C ASP C 155 -24.61 17.46 0.11
N ASP C 156 -25.42 17.73 -0.90
CA ASP C 156 -25.50 16.85 -2.07
C ASP C 156 -24.20 16.80 -2.85
N ALA C 157 -23.46 17.90 -2.85
CA ALA C 157 -22.17 17.96 -3.55
C ALA C 157 -21.22 16.92 -2.98
N PHE C 158 -21.15 16.89 -1.65
CA PHE C 158 -20.29 15.96 -0.95
C PHE C 158 -20.83 14.54 -1.07
N TYR C 159 -22.15 14.41 -0.97
CA TYR C 159 -22.80 13.11 -1.07
C TYR C 159 -22.59 12.49 -2.45
N THR C 160 -22.73 13.29 -3.49
CA THR C 160 -22.55 12.82 -4.85
C THR C 160 -21.11 12.38 -5.09
N LEU C 161 -20.16 13.06 -4.44
CA LEU C 161 -18.76 12.70 -4.56
C LEU C 161 -18.56 11.28 -4.07
N VAL C 162 -19.21 10.95 -2.95
CA VAL C 162 -19.13 9.62 -2.38
C VAL C 162 -19.87 8.63 -3.27
N ARG C 163 -20.94 9.10 -3.91
CA ARG C 163 -21.74 8.27 -4.80
C ARG C 163 -20.90 7.81 -5.99
N GLU C 164 -20.09 8.72 -6.52
CA GLU C 164 -19.22 8.39 -7.64
C GLU C 164 -18.19 7.36 -7.19
N ILE C 165 -17.72 7.51 -5.96
CA ILE C 165 -16.75 6.57 -5.38
C ILE C 165 -17.42 5.21 -5.18
N ARG C 166 -18.67 5.24 -4.75
CA ARG C 166 -19.45 4.02 -4.53
C ARG C 166 -19.55 3.22 -5.83
N LYS C 167 -19.85 3.92 -6.92
CA LYS C 167 -19.96 3.30 -8.23
C LYS C 167 -18.58 2.89 -8.73
N HIS C 168 -17.58 3.69 -8.36
CA HIS C 168 -16.19 3.43 -8.75
C HIS C 168 -15.72 2.08 -8.23
N LYS C 169 -16.09 1.77 -6.99
CA LYS C 169 -15.71 0.51 -6.35
C LYS C 169 -16.40 -0.67 -7.02
N GLU C 170 -17.69 -0.54 -7.30
CA GLU C 170 -18.44 -1.61 -7.94
C GLU C 170 -17.95 -1.82 -9.38
N LYS C 171 -17.55 -0.72 -10.00
CA LYS C 171 -17.05 -0.76 -11.38
C LYS C 171 -15.71 -1.50 -11.43
N MET C 172 -14.96 -1.45 -10.34
CA MET C 172 -13.65 -2.11 -10.27
C MET C 172 -13.79 -3.62 -10.44
N SER C 173 -14.85 -4.17 -9.86
CA SER C 173 -15.10 -5.61 -9.96
C SER C 173 -15.59 -5.99 -11.35
N LYS C 174 -16.00 -4.99 -12.12
CA LYS C 174 -16.48 -5.22 -13.48
C LYS C 174 -15.42 -4.75 -14.47
N ASP C 175 -14.29 -4.30 -13.92
CA ASP C 175 -13.15 -3.81 -14.69
C ASP C 175 -13.50 -2.67 -15.64
N GLY C 176 -13.83 -3.02 -16.87
CA GLY C 176 -14.15 -2.02 -17.87
C GLY C 176 -13.13 -2.01 -18.98
N LYS C 177 -13.39 -2.82 -20.00
CA LYS C 177 -12.49 -2.94 -21.14
C LYS C 177 -12.48 -1.65 -21.97
N LYS C 178 -13.67 -1.17 -22.34
CA LYS C 178 -13.82 0.05 -23.13
C LYS C 178 -15.29 0.45 -23.15
N LYS C 179 -15.56 1.72 -22.88
CA LYS C 179 -16.93 2.21 -22.89
C LYS C 179 -17.06 3.48 -23.74
N LYS C 180 -18.26 3.72 -24.26
CA LYS C 180 -18.52 4.88 -25.08
C LYS C 180 -19.78 5.58 -24.58
N LYS C 181 -20.28 6.53 -25.35
CA LYS C 181 -21.48 7.26 -24.97
C LYS C 181 -22.72 6.46 -25.38
N LYS C 182 -22.68 5.91 -26.57
CA LYS C 182 -23.80 5.11 -27.08
C LYS C 182 -23.70 3.68 -26.57
N SER C 183 -24.77 3.19 -25.97
CA SER C 183 -24.80 1.84 -25.44
C SER C 183 -25.07 0.83 -26.56
N LYS C 184 -24.25 -0.21 -26.62
CA LYS C 184 -24.41 -1.24 -27.63
C LYS C 184 -25.26 -2.39 -27.11
N THR C 185 -25.92 -3.09 -28.04
CA THR C 185 -26.80 -4.19 -27.67
C THR C 185 -26.03 -5.49 -27.43
N LYS C 186 -24.77 -5.53 -27.83
CA LYS C 186 -23.96 -6.72 -27.67
C LYS C 186 -22.75 -6.48 -26.77
N CYS C 187 -22.34 -7.51 -26.04
CA CYS C 187 -21.20 -7.44 -25.14
C CYS C 187 -19.89 -7.54 -25.90
N GLY D 1 6.21 30.73 9.97
CA GLY D 1 5.63 31.31 11.17
C GLY D 1 4.29 30.68 11.51
N THR D 2 4.15 29.42 11.18
CA THR D 2 2.92 28.69 11.44
C THR D 2 3.18 27.46 12.30
N VAL D 3 2.25 27.13 13.17
CA VAL D 3 2.39 25.97 14.04
C VAL D 3 1.24 24.99 13.82
N LYS D 4 1.57 23.71 13.76
CA LYS D 4 0.57 22.67 13.55
C LYS D 4 -0.03 22.23 14.87
N VAL D 5 -1.34 22.37 14.99
CA VAL D 5 -2.05 21.98 16.19
C VAL D 5 -2.83 20.70 15.92
N TYR D 6 -2.58 19.68 16.72
CA TYR D 6 -3.25 18.40 16.55
C TYR D 6 -4.52 18.35 17.39
N LEU D 7 -5.57 17.81 16.78
CA LEU D 7 -6.86 17.71 17.43
C LEU D 7 -7.16 16.28 17.88
N PRO D 8 -7.99 16.11 18.94
CA PRO D 8 -8.36 14.80 19.48
C PRO D 8 -9.16 13.94 18.51
N ASN D 9 -9.66 14.55 17.45
CA ASN D 9 -10.45 13.85 16.43
C ASN D 9 -9.53 13.32 15.33
N LYS D 10 -8.35 12.86 15.75
CA LYS D 10 -7.34 12.31 14.85
C LYS D 10 -7.04 13.27 13.71
N GLN D 11 -6.99 14.56 14.01
CA GLN D 11 -6.75 15.56 12.98
C GLN D 11 -5.78 16.64 13.36
N ARG D 12 -5.71 17.67 12.52
CA ARG D 12 -4.80 18.78 12.71
C ARG D 12 -5.35 20.07 12.10
N THR D 13 -4.70 21.18 12.46
CA THR D 13 -5.05 22.50 11.96
C THR D 13 -3.79 23.37 12.03
N VAL D 14 -3.56 24.18 11.01
CA VAL D 14 -2.37 25.04 11.02
C VAL D 14 -2.75 26.50 11.24
N VAL D 15 -2.35 27.03 12.39
CA VAL D 15 -2.64 28.41 12.75
C VAL D 15 -1.38 29.25 12.72
N THR D 16 -1.52 30.53 12.39
CA THR D 16 -0.39 31.45 12.33
C THR D 16 -0.17 32.09 13.70
N VAL D 17 0.90 31.68 14.36
CA VAL D 17 1.23 32.22 15.68
C VAL D 17 1.84 33.61 15.56
N ARG D 18 1.20 34.59 16.19
CA ARG D 18 1.68 35.95 16.17
C ARG D 18 1.91 36.46 17.58
N ASP D 19 2.77 37.45 17.73
CA ASP D 19 3.07 38.01 19.05
C ASP D 19 1.90 38.85 19.54
N GLY D 20 1.61 38.74 20.83
CA GLY D 20 0.51 39.49 21.41
C GLY D 20 -0.65 38.62 21.80
N MET D 21 -0.93 37.60 20.99
CA MET D 21 -2.03 36.69 21.25
C MET D 21 -1.63 35.64 22.28
N SER D 22 -2.59 35.17 23.06
CA SER D 22 -2.33 34.16 24.08
C SER D 22 -2.72 32.77 23.58
N VAL D 23 -2.45 31.76 24.39
CA VAL D 23 -2.79 30.38 24.04
C VAL D 23 -4.31 30.23 23.91
N TYR D 24 -5.03 30.93 24.77
CA TYR D 24 -6.49 30.88 24.78
C TYR D 24 -7.07 31.39 23.46
N ASP D 25 -6.55 32.51 22.97
CA ASP D 25 -7.02 33.11 21.73
C ASP D 25 -6.74 32.21 20.54
N SER D 26 -5.51 31.71 20.47
CA SER D 26 -5.09 30.86 19.37
C SER D 26 -5.84 29.52 19.35
N LEU D 27 -6.01 28.92 20.52
CA LEU D 27 -6.68 27.63 20.63
C LEU D 27 -8.20 27.74 20.56
N ASP D 28 -8.74 28.93 20.74
CA ASP D 28 -10.19 29.13 20.69
C ASP D 28 -10.74 28.71 19.34
N LYS D 29 -10.14 29.24 18.28
CA LYS D 29 -10.55 28.92 16.92
C LYS D 29 -10.31 27.46 16.59
N ALA D 30 -9.34 26.85 17.26
CA ALA D 30 -8.99 25.47 17.03
C ALA D 30 -9.94 24.53 17.76
N LEU D 31 -10.67 25.05 18.73
CA LEU D 31 -11.63 24.25 19.47
C LEU D 31 -13.05 24.49 18.98
N LYS D 32 -13.42 25.76 18.85
CA LYS D 32 -14.76 26.12 18.39
C LYS D 32 -15.06 25.53 17.01
N VAL D 33 -14.01 25.42 16.20
CA VAL D 33 -14.10 24.87 14.84
C VAL D 33 -14.70 23.46 14.83
N ARG D 34 -14.60 22.78 15.96
CA ARG D 34 -15.12 21.42 16.08
C ARG D 34 -16.19 21.32 17.15
N GLY D 35 -16.69 22.47 17.60
CA GLY D 35 -17.72 22.49 18.62
C GLY D 35 -17.18 22.19 20.00
N LEU D 36 -15.87 22.35 20.17
CA LEU D 36 -15.23 22.09 21.45
C LEU D 36 -15.16 23.39 22.26
N ASN D 37 -14.69 23.29 23.49
CA ASN D 37 -14.58 24.45 24.36
C ASN D 37 -13.45 24.26 25.37
N GLN D 38 -12.90 25.36 25.85
CA GLN D 38 -11.81 25.33 26.82
C GLN D 38 -12.34 24.97 28.21
N ASP D 39 -12.73 23.71 28.37
CA ASP D 39 -13.24 23.22 29.64
C ASP D 39 -12.52 21.95 30.05
N CYS D 40 -12.80 20.87 29.34
CA CYS D 40 -12.19 19.58 29.63
C CYS D 40 -11.10 19.23 28.62
N CYS D 41 -10.66 20.23 27.87
CA CYS D 41 -9.62 20.04 26.88
C CYS D 41 -8.34 20.74 27.30
N VAL D 42 -7.23 20.03 27.27
CA VAL D 42 -5.95 20.59 27.65
C VAL D 42 -4.95 20.50 26.50
N VAL D 43 -3.99 21.42 26.47
CA VAL D 43 -2.99 21.45 25.41
C VAL D 43 -1.68 20.81 25.87
N TYR D 44 -1.10 20.01 24.99
CA TYR D 44 0.16 19.33 25.26
C TYR D 44 1.23 19.88 24.32
N ARG D 45 2.41 20.16 24.88
CA ARG D 45 3.52 20.67 24.10
C ARG D 45 4.18 19.50 23.37
N LEU D 46 4.41 19.66 22.08
CA LEU D 46 5.02 18.61 21.29
C LEU D 46 6.47 18.93 20.93
N ILE D 47 7.37 18.13 21.47
CA ILE D 47 8.80 18.27 21.24
C ILE D 47 9.45 16.90 21.35
N LYS D 48 10.42 16.63 20.49
CA LYS D 48 11.14 15.35 20.46
C LYS D 48 10.25 14.18 20.00
N GLY D 49 9.10 14.02 20.66
CA GLY D 49 8.18 12.97 20.31
C GLY D 49 7.12 12.80 21.38
N ARG D 50 7.48 13.10 22.62
CA ARG D 50 6.57 12.98 23.74
C ARG D 50 5.70 14.23 23.85
N LYS D 51 4.49 14.05 24.38
CA LYS D 51 3.57 15.16 24.55
C LYS D 51 3.43 15.50 26.03
N THR D 52 3.87 16.68 26.43
CA THR D 52 3.80 17.09 27.83
C THR D 52 2.72 18.15 28.04
N VAL D 53 1.98 18.02 29.13
CA VAL D 53 0.89 18.96 29.44
C VAL D 53 1.45 20.37 29.67
N THR D 54 0.67 21.37 29.30
CA THR D 54 1.08 22.76 29.46
C THR D 54 -0.07 23.58 30.06
N ALA D 55 0.25 24.72 30.63
CA ALA D 55 -0.75 25.59 31.22
C ALA D 55 -1.11 26.71 30.27
N TRP D 56 -2.29 27.29 30.46
CA TRP D 56 -2.76 28.38 29.59
C TRP D 56 -2.11 29.70 29.99
N ASP D 57 -1.78 29.84 31.26
CA ASP D 57 -1.15 31.05 31.77
C ASP D 57 0.37 30.97 31.67
N THR D 58 0.84 30.61 30.49
CA THR D 58 2.27 30.48 30.24
C THR D 58 2.67 31.37 29.06
N ALA D 59 3.92 31.80 29.03
CA ALA D 59 4.42 32.65 27.96
C ALA D 59 4.47 31.88 26.65
N ILE D 60 4.13 32.54 25.56
CA ILE D 60 4.12 31.92 24.24
C ILE D 60 5.46 32.11 23.53
N ALA D 61 6.27 33.03 24.06
CA ALA D 61 7.58 33.32 23.48
C ALA D 61 8.49 32.10 23.34
N PRO D 62 8.66 31.26 24.40
CA PRO D 62 9.51 30.08 24.34
C PRO D 62 8.94 28.98 23.44
N LEU D 63 7.68 29.12 23.06
CA LEU D 63 7.03 28.12 22.20
C LEU D 63 7.29 28.45 20.74
N ASP D 64 8.46 28.03 20.25
CA ASP D 64 8.86 28.27 18.88
C ASP D 64 9.55 27.04 18.31
N GLY D 65 9.02 26.52 17.21
CA GLY D 65 9.60 25.35 16.60
C GLY D 65 9.04 24.06 17.18
N GLU D 66 7.92 24.19 17.88
CA GLU D 66 7.28 23.05 18.51
C GLU D 66 5.81 22.97 18.10
N GLU D 67 5.21 21.79 18.23
CA GLU D 67 3.81 21.60 17.88
C GLU D 67 2.96 21.56 19.15
N LEU D 68 1.64 21.52 18.97
CA LEU D 68 0.73 21.47 20.10
C LEU D 68 -0.37 20.46 19.86
N ILE D 69 -0.62 19.60 20.84
CA ILE D 69 -1.66 18.58 20.72
C ILE D 69 -2.75 18.81 21.77
N VAL D 70 -4.00 18.84 21.35
CA VAL D 70 -5.09 19.04 22.27
C VAL D 70 -5.79 17.70 22.54
N GLU D 71 -5.93 17.36 23.81
CA GLU D 71 -6.57 16.11 24.20
C GLU D 71 -7.45 16.30 25.43
N VAL D 72 -8.08 15.23 25.85
CA VAL D 72 -8.96 15.27 27.01
C VAL D 72 -8.17 15.16 28.32
N LEU D 73 -8.69 15.81 29.35
CA LEU D 73 -8.05 15.81 30.66
C LEU D 73 -8.21 14.46 31.34
N LEU A 3 -0.67 -18.19 -52.29
CA LEU A 3 -1.42 -19.27 -52.91
C LEU A 3 -1.53 -20.47 -51.98
N LYS A 4 -0.48 -20.66 -51.17
CA LYS A 4 -0.43 -21.75 -50.21
C LYS A 4 -1.60 -21.69 -49.26
N LEU A 5 -1.99 -20.47 -48.89
CA LEU A 5 -3.10 -20.25 -47.99
C LEU A 5 -4.40 -20.68 -48.65
N LEU A 6 -4.52 -20.38 -49.94
CA LEU A 6 -5.72 -20.74 -50.70
C LEU A 6 -5.84 -22.25 -50.81
N ASP A 7 -4.73 -22.91 -51.12
CA ASP A 7 -4.72 -24.37 -51.25
C ASP A 7 -5.08 -25.01 -49.92
N ASN A 8 -4.58 -24.42 -48.84
CA ASN A 8 -4.85 -24.92 -47.50
C ASN A 8 -6.32 -24.70 -47.15
N TRP A 9 -6.79 -23.48 -47.35
CA TRP A 9 -8.18 -23.13 -47.05
C TRP A 9 -9.16 -23.96 -47.87
N ASP A 10 -8.80 -24.27 -49.11
CA ASP A 10 -9.67 -25.08 -49.96
C ASP A 10 -9.85 -26.47 -49.36
N SER A 11 -8.73 -27.04 -48.90
CA SER A 11 -8.75 -28.36 -48.29
C SER A 11 -9.49 -28.32 -46.95
N VAL A 12 -9.51 -27.16 -46.32
CA VAL A 12 -10.20 -26.99 -45.06
C VAL A 12 -11.70 -26.85 -45.30
N THR A 13 -12.07 -26.05 -46.30
CA THR A 13 -13.47 -25.83 -46.62
C THR A 13 -14.16 -27.13 -47.05
N SER A 14 -13.47 -27.94 -47.84
CA SER A 14 -14.01 -29.21 -48.29
C SER A 14 -14.24 -30.13 -47.11
N THR A 15 -13.33 -30.06 -46.14
CA THR A 15 -13.44 -30.86 -44.93
C THR A 15 -14.63 -30.39 -44.10
N PHE A 16 -14.79 -29.08 -44.02
CA PHE A 16 -15.89 -28.48 -43.27
C PHE A 16 -17.24 -28.84 -43.88
N SER A 17 -17.32 -28.83 -45.20
CA SER A 17 -18.56 -29.18 -45.87
C SER A 17 -18.87 -30.65 -45.65
N LYS A 18 -17.84 -31.49 -45.74
CA LYS A 18 -17.99 -32.92 -45.51
C LYS A 18 -18.39 -33.17 -44.06
N LEU A 19 -17.80 -32.39 -43.16
CA LEU A 19 -18.11 -32.50 -41.74
C LEU A 19 -19.57 -32.14 -41.51
N ARG A 20 -20.01 -31.06 -42.14
CA ARG A 20 -21.38 -30.61 -42.01
C ARG A 20 -22.34 -31.63 -42.64
N GLU A 21 -21.88 -32.31 -43.69
CA GLU A 21 -22.68 -33.33 -44.36
C GLU A 21 -22.84 -34.54 -43.44
N GLN A 22 -21.94 -34.65 -42.47
CA GLN A 22 -21.99 -35.72 -41.50
C GLN A 22 -22.75 -35.24 -40.28
N LEU A 23 -22.52 -33.98 -39.90
CA LEU A 23 -23.19 -33.36 -38.75
C LEU A 23 -24.69 -33.28 -38.97
N GLY A 24 -25.09 -33.14 -40.24
CA GLY A 24 -26.50 -33.06 -40.58
C GLY A 24 -27.25 -34.26 -40.03
N PRO A 25 -26.97 -35.47 -40.53
CA PRO A 25 -27.61 -36.69 -40.02
C PRO A 25 -27.24 -36.92 -38.55
N VAL A 26 -26.01 -36.56 -38.18
CA VAL A 26 -25.54 -36.72 -36.80
C VAL A 26 -26.47 -36.05 -35.80
N THR A 27 -26.87 -34.81 -36.08
CA THR A 27 -27.75 -34.09 -35.17
C THR A 27 -29.11 -34.78 -35.09
N GLN A 28 -29.55 -35.36 -36.21
CA GLN A 28 -30.82 -36.07 -36.27
C GLN A 28 -30.71 -37.39 -35.52
N GLU A 29 -29.66 -38.14 -35.83
CA GLU A 29 -29.42 -39.44 -35.20
C GLU A 29 -29.22 -39.28 -33.70
N PHE A 30 -28.44 -38.28 -33.31
CA PHE A 30 -28.19 -38.02 -31.90
C PHE A 30 -29.48 -37.60 -31.22
N TRP A 31 -30.29 -36.81 -31.92
CA TRP A 31 -31.56 -36.34 -31.39
C TRP A 31 -32.53 -37.50 -31.26
N ASP A 32 -32.54 -38.38 -32.26
CA ASP A 32 -33.41 -39.56 -32.24
C ASP A 32 -33.03 -40.44 -31.06
N ASN A 33 -31.74 -40.51 -30.78
CA ASN A 33 -31.24 -41.28 -29.65
C ASN A 33 -31.68 -40.59 -28.36
N LEU A 34 -31.53 -39.27 -28.35
CA LEU A 34 -31.93 -38.46 -27.20
C LEU A 34 -33.43 -38.57 -26.98
N GLU A 35 -34.19 -38.80 -28.05
CA GLU A 35 -35.63 -38.95 -27.96
C GLU A 35 -35.98 -40.17 -27.13
N LYS A 36 -35.25 -41.26 -27.32
CA LYS A 36 -35.49 -42.47 -26.55
C LYS A 36 -35.04 -42.25 -25.12
N GLU A 37 -33.95 -41.48 -24.98
CA GLU A 37 -33.41 -41.15 -23.67
C GLU A 37 -34.44 -40.32 -22.90
N THR A 38 -34.91 -39.26 -23.53
CA THR A 38 -35.89 -38.38 -22.94
C THR A 38 -37.21 -39.11 -22.76
N GLU A 39 -37.52 -40.03 -23.66
CA GLU A 39 -38.75 -40.81 -23.56
C GLU A 39 -38.67 -41.68 -22.32
N GLY A 40 -37.53 -42.34 -22.16
CA GLY A 40 -37.32 -43.16 -21.00
C GLY A 40 -37.35 -42.30 -19.76
N LEU A 41 -36.67 -41.15 -19.82
CA LEU A 41 -36.63 -40.21 -18.71
C LEU A 41 -38.02 -39.65 -18.41
N ARG A 42 -38.85 -39.54 -19.44
CA ARG A 42 -40.22 -39.04 -19.26
C ARG A 42 -40.98 -40.04 -18.41
N GLN A 43 -40.91 -41.29 -18.79
CA GLN A 43 -41.56 -42.37 -18.06
C GLN A 43 -40.91 -42.47 -16.68
N GLU A 44 -39.60 -42.34 -16.67
CA GLU A 44 -38.81 -42.40 -15.45
C GLU A 44 -39.26 -41.32 -14.47
N MET A 45 -39.32 -40.08 -14.94
CA MET A 45 -39.75 -38.97 -14.09
C MET A 45 -41.20 -39.15 -13.65
N SER A 46 -41.98 -39.84 -14.48
CA SER A 46 -43.37 -40.11 -14.16
C SER A 46 -43.48 -41.11 -13.02
N LYS A 47 -42.36 -41.76 -12.72
CA LYS A 47 -42.28 -42.72 -11.63
C LYS A 47 -41.45 -42.12 -10.51
N ASP A 48 -40.25 -41.68 -10.87
CA ASP A 48 -39.30 -41.07 -9.94
C ASP A 48 -39.95 -39.94 -9.14
N LEU A 49 -40.34 -38.88 -9.85
CA LEU A 49 -40.96 -37.73 -9.20
C LEU A 49 -42.22 -38.11 -8.43
N GLU A 50 -43.01 -39.01 -8.99
CA GLU A 50 -44.23 -39.47 -8.34
C GLU A 50 -43.91 -40.23 -7.07
N GLU A 51 -42.92 -41.11 -7.14
CA GLU A 51 -42.50 -41.88 -5.97
C GLU A 51 -41.92 -40.94 -4.93
N VAL A 52 -41.16 -39.96 -5.39
CA VAL A 52 -40.56 -38.98 -4.49
C VAL A 52 -41.65 -38.19 -3.78
N LYS A 53 -42.59 -37.65 -4.55
CA LYS A 53 -43.68 -36.86 -3.97
C LYS A 53 -44.62 -37.69 -3.10
N ALA A 54 -45.01 -38.85 -3.59
CA ALA A 54 -45.90 -39.73 -2.86
C ALA A 54 -45.26 -40.22 -1.56
N LYS A 55 -43.99 -40.61 -1.65
CA LYS A 55 -43.28 -41.09 -0.48
C LYS A 55 -42.77 -39.97 0.41
N VAL A 56 -42.58 -38.79 -0.16
CA VAL A 56 -42.09 -37.65 0.62
C VAL A 56 -43.10 -37.27 1.70
N GLN A 57 -44.37 -37.57 1.45
CA GLN A 57 -45.42 -37.28 2.42
C GLN A 57 -45.17 -38.05 3.73
N PRO A 58 -45.18 -39.41 3.70
CA PRO A 58 -44.91 -40.20 4.90
C PRO A 58 -43.47 -40.03 5.38
N TYR A 59 -42.55 -39.76 4.44
CA TYR A 59 -41.15 -39.56 4.79
C TYR A 59 -41.00 -38.30 5.63
N LEU A 60 -41.59 -37.21 5.15
CA LEU A 60 -41.54 -35.95 5.86
C LEU A 60 -42.39 -36.04 7.12
N ASP A 61 -43.51 -36.73 7.04
CA ASP A 61 -44.39 -36.90 8.20
C ASP A 61 -43.63 -37.64 9.30
N ASP A 62 -42.93 -38.69 8.89
CA ASP A 62 -42.14 -39.50 9.81
C ASP A 62 -41.12 -38.62 10.49
N PHE A 63 -40.40 -37.85 9.69
CA PHE A 63 -39.39 -36.95 10.21
C PHE A 63 -40.01 -35.87 11.07
N GLN A 64 -41.09 -35.26 10.57
CA GLN A 64 -41.79 -34.19 11.29
C GLN A 64 -42.29 -34.66 12.64
N LYS A 65 -43.03 -35.76 12.67
CA LYS A 65 -43.56 -36.30 13.91
C LYS A 65 -42.47 -36.57 14.92
N LYS A 66 -41.40 -37.21 14.45
CA LYS A 66 -40.28 -37.54 15.32
C LYS A 66 -39.51 -36.27 15.71
N TRP A 67 -39.39 -35.35 14.75
CA TRP A 67 -38.70 -34.09 14.98
C TRP A 67 -39.48 -33.25 15.99
N GLN A 68 -40.81 -33.32 15.90
CA GLN A 68 -41.67 -32.61 16.82
C GLN A 68 -41.43 -33.14 18.22
N GLU A 69 -41.31 -34.46 18.33
CA GLU A 69 -41.04 -35.11 19.59
C GLU A 69 -39.63 -34.72 20.05
N GLU A 70 -38.71 -34.66 19.09
CA GLU A 70 -37.33 -34.27 19.39
C GLU A 70 -37.31 -32.86 19.95
N MET A 71 -38.00 -31.95 19.28
CA MET A 71 -38.07 -30.57 19.70
C MET A 71 -38.81 -30.44 21.02
N GLU A 72 -39.93 -31.15 21.14
CA GLU A 72 -40.73 -31.13 22.36
C GLU A 72 -39.92 -31.64 23.54
N LEU A 73 -39.29 -32.79 23.36
CA LEU A 73 -38.48 -33.38 24.43
C LEU A 73 -37.29 -32.49 24.75
N TYR A 74 -36.64 -31.98 23.70
CA TYR A 74 -35.50 -31.10 23.88
C TYR A 74 -35.93 -29.84 24.64
N ARG A 75 -37.03 -29.24 24.22
CA ARG A 75 -37.56 -28.04 24.87
C ARG A 75 -37.99 -28.36 26.30
N GLN A 76 -38.56 -29.54 26.46
CA GLN A 76 -39.01 -30.01 27.77
C GLN A 76 -37.81 -30.14 28.70
N LYS A 77 -36.68 -30.53 28.14
CA LYS A 77 -35.46 -30.68 28.91
C LYS A 77 -34.79 -29.32 29.08
N VAL A 78 -34.91 -28.47 28.06
CA VAL A 78 -34.31 -27.13 28.08
C VAL A 78 -34.70 -26.36 29.34
N GLU A 79 -35.97 -26.40 29.71
CA GLU A 79 -36.44 -25.67 30.91
C GLU A 79 -35.57 -25.97 32.15
N PRO A 80 -35.54 -27.23 32.65
CA PRO A 80 -34.73 -27.58 33.82
C PRO A 80 -33.23 -27.58 33.52
N LEU A 81 -32.84 -28.01 32.32
CA LEU A 81 -31.42 -28.04 31.96
C LEU A 81 -30.82 -26.65 31.95
N ARG A 82 -31.59 -25.68 31.45
CA ARG A 82 -31.14 -24.30 31.41
C ARG A 82 -31.19 -23.72 32.81
N ALA A 83 -32.11 -24.24 33.61
CA ALA A 83 -32.24 -23.81 35.00
C ALA A 83 -30.98 -24.19 35.76
N GLU A 84 -30.53 -25.42 35.53
CA GLU A 84 -29.30 -25.91 36.16
C GLU A 84 -28.15 -25.00 35.76
N LEU A 85 -28.13 -24.64 34.49
CA LEU A 85 -27.11 -23.76 33.95
C LEU A 85 -27.18 -22.39 34.61
N GLN A 86 -28.39 -21.85 34.71
CA GLN A 86 -28.59 -20.55 35.33
C GLN A 86 -28.17 -20.57 36.80
N GLU A 87 -28.71 -21.51 37.56
CA GLU A 87 -28.38 -21.65 38.97
C GLU A 87 -26.89 -21.92 39.15
N GLY A 88 -26.38 -22.84 38.34
CA GLY A 88 -24.98 -23.18 38.38
C GLY A 88 -24.10 -22.00 38.04
N ALA A 89 -24.47 -21.27 37.00
CA ALA A 89 -23.72 -20.10 36.58
C ALA A 89 -23.77 -19.04 37.66
N ARG A 90 -24.93 -18.89 38.29
CA ARG A 90 -25.12 -17.90 39.35
C ARG A 90 -24.17 -18.19 40.50
N GLN A 91 -24.04 -19.46 40.85
CA GLN A 91 -23.15 -19.88 41.93
C GLN A 91 -21.70 -19.64 41.53
N LYS A 92 -21.34 -20.11 40.34
CA LYS A 92 -19.99 -19.94 39.82
C LYS A 92 -19.63 -18.47 39.73
N LEU A 93 -20.54 -17.67 39.17
CA LEU A 93 -20.32 -16.24 39.03
C LEU A 93 -20.27 -15.57 40.39
N HIS A 94 -21.09 -16.08 41.32
CA HIS A 94 -21.13 -15.54 42.67
C HIS A 94 -19.76 -15.67 43.34
N GLU A 95 -19.20 -16.87 43.26
CA GLU A 95 -17.90 -17.14 43.85
C GLU A 95 -16.82 -16.33 43.14
N LEU A 96 -16.97 -16.16 41.83
CA LEU A 96 -16.01 -15.39 41.04
C LEU A 96 -16.12 -13.90 41.35
N GLN A 97 -17.35 -13.42 41.53
CA GLN A 97 -17.58 -12.02 41.84
C GLN A 97 -17.03 -11.67 43.21
N GLU A 98 -17.25 -12.57 44.17
CA GLU A 98 -16.74 -12.38 45.53
C GLU A 98 -15.26 -12.69 45.58
N LYS A 99 -14.69 -13.02 44.43
CA LYS A 99 -13.28 -13.32 44.32
C LYS A 99 -12.58 -12.14 43.65
N LEU A 100 -13.27 -11.55 42.68
CA LEU A 100 -12.75 -10.40 41.95
C LEU A 100 -12.66 -9.18 42.84
N SER A 101 -13.47 -9.15 43.88
CA SER A 101 -13.46 -8.02 44.81
C SER A 101 -12.19 -8.01 45.68
N PRO A 102 -11.95 -9.04 46.52
CA PRO A 102 -10.75 -9.08 47.38
C PRO A 102 -9.47 -9.27 46.57
N LEU A 103 -9.44 -10.27 45.70
CA LEU A 103 -8.26 -10.53 44.89
C LEU A 103 -8.02 -9.40 43.89
N GLY A 104 -9.08 -8.71 43.51
CA GLY A 104 -8.95 -7.59 42.60
C GLY A 104 -8.40 -6.41 43.36
N GLU A 105 -8.88 -6.23 44.58
CA GLU A 105 -8.42 -5.17 45.45
C GLU A 105 -6.96 -5.39 45.77
N GLU A 106 -6.62 -6.65 46.07
CA GLU A 106 -5.25 -7.03 46.36
C GLU A 106 -4.40 -6.78 45.13
N MET A 107 -4.96 -7.09 43.97
CA MET A 107 -4.26 -6.88 42.72
C MET A 107 -3.97 -5.40 42.53
N ARG A 108 -4.95 -4.57 42.88
CA ARG A 108 -4.82 -3.12 42.78
C ARG A 108 -3.74 -2.64 43.75
N ASP A 109 -3.77 -3.19 44.97
CA ASP A 109 -2.80 -2.82 45.98
C ASP A 109 -1.39 -3.20 45.54
N ARG A 110 -1.25 -4.43 45.05
CA ARG A 110 0.03 -4.92 44.58
C ARG A 110 0.44 -4.18 43.32
N ALA A 111 -0.54 -3.81 42.50
CA ALA A 111 -0.29 -3.07 41.27
C ALA A 111 0.25 -1.69 41.61
N ARG A 112 -0.29 -1.09 42.66
CA ARG A 112 0.18 0.21 43.12
C ARG A 112 1.63 0.11 43.50
N ALA A 113 1.98 -0.92 44.27
CA ALA A 113 3.36 -1.16 44.68
C ALA A 113 4.20 -1.46 43.45
N HIS A 114 3.66 -2.29 42.57
CA HIS A 114 4.32 -2.67 41.33
C HIS A 114 4.75 -1.43 40.55
N VAL A 115 3.78 -0.57 40.29
CA VAL A 115 4.00 0.66 39.54
C VAL A 115 4.77 1.70 40.34
N ASP A 116 4.47 1.82 41.63
CA ASP A 116 5.17 2.79 42.49
C ASP A 116 6.64 2.46 42.59
N ALA A 117 6.95 1.17 42.71
CA ALA A 117 8.33 0.72 42.78
C ALA A 117 8.98 0.98 41.43
N LEU A 118 8.16 0.97 40.38
CA LEU A 118 8.63 1.25 39.04
C LEU A 118 8.88 2.74 38.90
N ARG A 119 8.00 3.55 39.46
CA ARG A 119 8.13 5.01 39.41
C ARG A 119 9.40 5.44 40.11
N THR A 120 9.62 4.90 41.31
CA THR A 120 10.78 5.23 42.11
C THR A 120 12.07 4.73 41.46
N HIS A 121 11.94 3.84 40.49
CA HIS A 121 13.10 3.31 39.77
C HIS A 121 13.24 3.95 38.41
N LEU A 122 12.11 4.19 37.74
CA LEU A 122 12.10 4.79 36.42
C LEU A 122 12.62 6.22 36.47
N ALA A 123 12.34 6.92 37.56
CA ALA A 123 12.81 8.29 37.73
C ALA A 123 14.34 8.35 37.61
N PRO A 124 15.10 7.66 38.49
CA PRO A 124 16.56 7.63 38.40
C PRO A 124 17.02 6.93 37.11
N TYR A 125 16.22 5.97 36.63
CA TYR A 125 16.56 5.27 35.40
C TYR A 125 16.60 6.24 34.24
N SER A 126 15.50 6.95 34.01
CA SER A 126 15.41 7.93 32.93
C SER A 126 16.35 9.10 33.17
N ASP A 127 16.49 9.49 34.43
CA ASP A 127 17.36 10.60 34.79
C ASP A 127 18.81 10.26 34.45
N GLU A 128 19.25 9.07 34.86
CA GLU A 128 20.61 8.64 34.55
C GLU A 128 20.72 8.31 33.07
N LEU A 129 19.60 8.01 32.44
CA LEU A 129 19.56 7.72 31.01
C LEU A 129 19.83 9.00 30.25
N ARG A 130 19.48 10.13 30.85
CA ARG A 130 19.74 11.45 30.26
C ARG A 130 21.25 11.62 30.21
N GLN A 131 21.91 11.18 31.26
CA GLN A 131 23.35 11.23 31.34
C GLN A 131 23.94 10.33 30.27
N ARG A 132 23.30 9.17 30.08
CA ARG A 132 23.72 8.22 29.06
C ARG A 132 23.60 8.88 27.70
N LEU A 133 22.41 9.40 27.42
CA LEU A 133 22.13 10.08 26.17
C LEU A 133 23.14 11.19 25.94
N ALA A 134 23.42 11.96 26.98
CA ALA A 134 24.39 13.05 26.89
C ALA A 134 25.77 12.52 26.56
N ALA A 135 26.19 11.49 27.31
CA ALA A 135 27.50 10.88 27.10
C ALA A 135 27.61 10.34 25.67
N ARG A 136 26.58 9.64 25.23
CA ARG A 136 26.56 9.09 23.88
C ARG A 136 26.52 10.21 22.85
N LEU A 137 25.66 11.20 23.08
CA LEU A 137 25.51 12.33 22.18
C LEU A 137 26.81 13.11 22.05
N GLU A 138 27.50 13.32 23.16
CA GLU A 138 28.76 14.04 23.13
C GLU A 138 29.74 13.33 22.21
N ALA A 139 29.81 12.01 22.33
CA ALA A 139 30.69 11.21 21.49
C ALA A 139 30.20 11.25 20.05
N LEU A 140 28.89 11.12 19.88
CA LEU A 140 28.26 11.14 18.56
C LEU A 140 28.42 12.51 17.89
N LYS A 141 28.59 13.55 18.70
CA LYS A 141 28.77 14.90 18.19
C LYS A 141 30.24 15.20 17.94
N GLU A 142 31.09 14.71 18.83
CA GLU A 142 32.53 14.92 18.68
C GLU A 142 33.07 14.05 17.55
N ASN A 143 32.79 12.75 17.62
CA ASN A 143 33.22 11.82 16.60
C ASN A 143 32.38 12.08 15.35
N GLY A 144 31.14 12.48 15.57
CA GLY A 144 30.25 12.78 14.47
C GLY A 144 30.76 13.95 13.65
N GLY A 145 31.17 15.00 14.34
CA GLY A 145 31.71 16.16 13.66
C GLY A 145 32.94 15.77 12.87
N ALA A 146 33.77 14.94 13.49
CA ALA A 146 34.97 14.45 12.83
C ALA A 146 34.59 13.61 11.63
N ARG A 147 33.59 12.73 11.81
CA ARG A 147 33.12 11.88 10.73
C ARG A 147 32.64 12.73 9.55
N LEU A 148 31.87 13.76 9.86
CA LEU A 148 31.36 14.65 8.82
C LEU A 148 32.49 15.36 8.11
N ALA A 149 33.40 15.98 8.87
CA ALA A 149 34.54 16.67 8.30
C ALA A 149 35.41 15.71 7.48
N GLU A 150 35.65 14.54 8.05
CA GLU A 150 36.44 13.52 7.40
C GLU A 150 35.74 13.01 6.15
N TYR A 151 34.43 12.78 6.25
CA TYR A 151 33.65 12.31 5.12
C TYR A 151 33.68 13.33 4.01
N HIS A 152 33.68 14.61 4.39
CA HIS A 152 33.73 15.71 3.42
C HIS A 152 35.07 15.66 2.70
N ALA A 153 36.15 15.52 3.47
CA ALA A 153 37.49 15.46 2.91
C ALA A 153 37.64 14.20 2.05
N LYS A 154 37.10 13.10 2.54
CA LYS A 154 37.17 11.84 1.81
C LYS A 154 36.25 11.88 0.60
N ALA A 155 35.33 12.83 0.60
CA ALA A 155 34.40 13.01 -0.51
C ALA A 155 35.04 13.89 -1.56
N THR A 156 35.70 14.95 -1.13
CA THR A 156 36.37 15.86 -2.05
C THR A 156 37.48 15.12 -2.78
N GLU A 157 38.21 14.27 -2.05
CA GLU A 157 39.28 13.48 -2.64
C GLU A 157 38.68 12.39 -3.53
N HIS A 158 37.46 11.99 -3.20
CA HIS A 158 36.75 10.99 -3.97
C HIS A 158 36.28 11.63 -5.27
N LEU A 159 35.95 12.91 -5.17
CA LEU A 159 35.48 13.68 -6.31
C LEU A 159 36.62 14.12 -7.20
N SER A 160 37.75 14.48 -6.62
CA SER A 160 38.91 14.90 -7.40
C SER A 160 39.41 13.76 -8.27
N THR A 161 39.51 12.58 -7.66
CA THR A 161 39.95 11.41 -8.39
C THR A 161 38.82 10.96 -9.34
N LEU A 162 37.63 11.47 -9.08
CA LEU A 162 36.47 11.17 -9.91
C LEU A 162 36.47 12.10 -11.11
N SER A 163 37.03 13.29 -10.94
CA SER A 163 37.12 14.26 -12.02
C SER A 163 38.03 13.68 -13.10
N GLU A 164 39.03 12.94 -12.65
CA GLU A 164 39.99 12.29 -13.52
C GLU A 164 39.33 11.08 -14.22
N LYS A 165 38.06 10.86 -13.91
CA LYS A 165 37.30 9.78 -14.51
C LYS A 165 36.17 10.40 -15.33
N ALA A 166 35.61 11.49 -14.82
CA ALA A 166 34.52 12.18 -15.48
C ALA A 166 35.02 13.00 -16.67
N LYS A 167 36.33 13.20 -16.75
CA LYS A 167 36.90 13.96 -17.86
C LYS A 167 37.72 13.06 -18.80
N PRO A 168 38.91 12.58 -18.39
CA PRO A 168 39.75 11.72 -19.24
C PRO A 168 39.04 10.44 -19.66
N ALA A 169 38.50 9.70 -18.68
CA ALA A 169 37.81 8.46 -18.97
C ALA A 169 36.57 8.70 -19.83
N LEU A 170 35.83 9.77 -19.56
CA LEU A 170 34.65 10.09 -20.34
C LEU A 170 35.04 10.42 -21.77
N GLU A 171 36.11 11.19 -21.93
CA GLU A 171 36.60 11.55 -23.25
C GLU A 171 37.10 10.31 -23.96
N ASP A 172 37.68 9.40 -23.19
CA ASP A 172 38.18 8.14 -23.73
C ASP A 172 37.00 7.34 -24.27
N LEU A 173 35.93 7.30 -23.49
CA LEU A 173 34.72 6.62 -23.89
C LEU A 173 34.16 7.27 -25.15
N ARG A 174 34.21 8.60 -25.20
CA ARG A 174 33.73 9.34 -26.36
C ARG A 174 34.59 8.97 -27.58
N GLN A 175 35.89 8.92 -27.34
CA GLN A 175 36.83 8.57 -28.40
C GLN A 175 36.61 7.18 -28.95
N GLY A 176 36.05 6.30 -28.12
CA GLY A 176 35.76 4.94 -28.55
C GLY A 176 34.36 4.88 -29.15
N LEU A 177 33.43 5.61 -28.55
CA LEU A 177 32.06 5.67 -29.02
C LEU A 177 31.97 6.12 -30.46
N LEU A 178 32.84 7.04 -30.86
CA LEU A 178 32.84 7.56 -32.23
C LEU A 178 32.98 6.43 -33.26
N PRO A 179 34.13 5.70 -33.29
CA PRO A 179 34.33 4.59 -34.24
C PRO A 179 33.41 3.42 -33.93
N VAL A 180 33.07 3.24 -32.65
CA VAL A 180 32.18 2.15 -32.24
C VAL A 180 30.79 2.35 -32.84
N LEU A 181 30.24 3.54 -32.70
CA LEU A 181 28.92 3.84 -33.24
C LEU A 181 28.96 3.75 -34.77
N GLU A 182 30.08 4.16 -35.35
CA GLU A 182 30.25 4.09 -36.80
C GLU A 182 30.27 2.65 -37.28
N SER A 183 31.15 1.84 -36.69
CA SER A 183 31.26 0.43 -37.06
C SER A 183 29.95 -0.29 -36.81
N PHE A 184 29.28 0.08 -35.71
CA PHE A 184 28.00 -0.51 -35.37
C PHE A 184 26.97 -0.16 -36.43
N LYS A 185 26.89 1.11 -36.79
CA LYS A 185 25.96 1.56 -37.81
C LYS A 185 26.27 0.92 -39.16
N VAL A 186 27.55 0.85 -39.50
CA VAL A 186 27.98 0.23 -40.76
C VAL A 186 27.50 -1.22 -40.81
N SER A 187 27.72 -1.95 -39.73
CA SER A 187 27.31 -3.34 -39.65
C SER A 187 25.79 -3.46 -39.59
N PHE A 188 25.14 -2.56 -38.86
CA PHE A 188 23.69 -2.57 -38.73
C PHE A 188 23.00 -2.25 -40.05
N LEU A 189 23.43 -1.16 -40.69
CA LEU A 189 22.85 -0.75 -41.95
C LEU A 189 22.99 -1.82 -43.01
N SER A 190 24.15 -2.45 -43.06
CA SER A 190 24.40 -3.52 -44.03
C SER A 190 23.61 -4.78 -43.67
N ALA A 191 23.41 -5.01 -42.38
CA ALA A 191 22.66 -6.17 -41.92
C ALA A 191 21.18 -5.98 -42.19
N LEU A 192 20.72 -4.73 -42.12
CA LEU A 192 19.31 -4.41 -42.38
C LEU A 192 18.95 -4.80 -43.80
N GLU A 193 19.96 -4.78 -44.67
CA GLU A 193 19.79 -5.15 -46.06
C GLU A 193 19.44 -6.63 -46.16
N GLU A 194 20.11 -7.44 -45.34
CA GLU A 194 19.86 -8.89 -45.33
C GLU A 194 18.42 -9.17 -44.92
N TYR A 195 17.99 -8.52 -43.85
CA TYR A 195 16.63 -8.70 -43.35
C TYR A 195 15.61 -8.35 -44.43
N THR A 196 15.83 -7.23 -45.09
CA THR A 196 14.94 -6.75 -46.15
C THR A 196 14.97 -7.72 -47.35
N LYS A 197 16.16 -8.18 -47.70
CA LYS A 197 16.33 -9.09 -48.83
C LYS A 197 15.66 -10.43 -48.57
N LYS A 198 15.79 -10.94 -47.35
CA LYS A 198 15.22 -12.22 -47.00
C LYS A 198 13.74 -12.13 -46.63
N LEU A 199 13.25 -10.92 -46.43
CA LEU A 199 11.84 -10.72 -46.09
C LEU A 199 10.96 -10.87 -47.34
N ASN A 200 11.58 -10.75 -48.50
CA ASN A 200 10.88 -10.89 -49.77
C ASN A 200 10.71 -9.52 -50.43
N LEU B 3 41.32 -4.54 -30.12
CA LEU B 3 41.90 -3.21 -30.21
C LEU B 3 41.10 -2.22 -29.37
N LYS B 4 39.78 -2.27 -29.52
CA LYS B 4 38.90 -1.39 -28.77
C LYS B 4 38.89 -1.77 -27.31
N LEU B 5 38.90 -3.07 -27.05
CA LEU B 5 38.91 -3.57 -25.69
C LEU B 5 40.23 -3.24 -25.01
N LEU B 6 41.32 -3.31 -25.77
CA LEU B 6 42.64 -3.02 -25.24
C LEU B 6 42.75 -1.55 -24.85
N ASP B 7 42.22 -0.68 -25.70
CA ASP B 7 42.24 0.75 -25.45
C ASP B 7 41.43 1.08 -24.20
N ASN B 8 40.24 0.49 -24.13
CA ASN B 8 39.35 0.69 -23.00
C ASN B 8 39.98 0.17 -21.71
N TRP B 9 40.50 -1.05 -21.76
CA TRP B 9 41.12 -1.68 -20.60
C TRP B 9 42.28 -0.86 -20.05
N ASP B 10 43.06 -0.25 -20.94
CA ASP B 10 44.20 0.57 -20.52
C ASP B 10 43.73 1.71 -19.64
N SER B 11 42.62 2.32 -20.03
CA SER B 11 42.05 3.43 -19.28
C SER B 11 41.39 2.93 -18.00
N VAL B 12 41.08 1.64 -17.97
CA VAL B 12 40.49 1.03 -16.79
C VAL B 12 41.56 0.87 -15.71
N THR B 13 42.79 0.61 -16.14
CA THR B 13 43.90 0.46 -15.22
C THR B 13 44.22 1.79 -14.55
N SER B 14 44.14 2.88 -15.32
CA SER B 14 44.40 4.21 -14.81
C SER B 14 43.32 4.59 -13.80
N THR B 15 42.07 4.31 -14.14
CA THR B 15 40.96 4.62 -13.25
C THR B 15 41.04 3.75 -12.00
N PHE B 16 41.56 2.53 -12.16
CA PHE B 16 41.74 1.61 -11.05
C PHE B 16 42.77 2.21 -10.10
N SER B 17 43.81 2.81 -10.67
CA SER B 17 44.84 3.47 -9.90
C SER B 17 44.23 4.65 -9.15
N LYS B 18 43.31 5.35 -9.82
CA LYS B 18 42.62 6.48 -9.24
C LYS B 18 41.60 6.03 -8.19
N LEU B 19 41.68 4.76 -7.84
CA LEU B 19 40.82 4.15 -6.84
C LEU B 19 41.70 3.50 -5.78
N ARG B 20 42.68 2.71 -6.25
CA ARG B 20 43.61 2.03 -5.36
C ARG B 20 44.49 3.03 -4.62
N GLU B 21 45.10 3.96 -5.36
CA GLU B 21 45.97 4.96 -4.77
C GLU B 21 45.15 5.93 -3.93
N GLN B 22 43.86 6.01 -4.24
CA GLN B 22 42.95 6.89 -3.52
C GLN B 22 42.51 6.21 -2.23
N LEU B 23 42.33 4.89 -2.29
CA LEU B 23 41.92 4.11 -1.13
C LEU B 23 42.94 4.22 -0.01
N GLY B 24 44.21 4.42 -0.37
CA GLY B 24 45.27 4.55 0.61
C GLY B 24 44.94 5.60 1.67
N PRO B 25 44.99 6.90 1.33
CA PRO B 25 44.67 7.98 2.27
C PRO B 25 43.26 7.83 2.83
N VAL B 26 42.33 7.36 2.01
CA VAL B 26 40.94 7.17 2.43
C VAL B 26 40.87 6.16 3.58
N THR B 27 41.51 5.01 3.42
CA THR B 27 41.51 3.98 4.46
C THR B 27 42.34 4.42 5.65
N GLN B 28 43.45 5.12 5.38
CA GLN B 28 44.31 5.63 6.45
C GLN B 28 43.47 6.49 7.38
N GLU B 29 42.74 7.42 6.80
CA GLU B 29 41.87 8.30 7.55
C GLU B 29 40.70 7.51 8.13
N PHE B 30 40.16 6.58 7.34
CA PHE B 30 39.03 5.76 7.76
C PHE B 30 39.39 4.96 9.02
N TRP B 31 40.59 4.38 9.04
CA TRP B 31 41.03 3.61 10.20
C TRP B 31 41.18 4.52 11.40
N ASP B 32 41.69 5.73 11.15
CA ASP B 32 41.85 6.73 12.21
C ASP B 32 40.48 7.10 12.76
N ASN B 33 39.52 7.24 11.85
CA ASN B 33 38.15 7.56 12.22
C ASN B 33 37.57 6.42 13.02
N LEU B 34 37.82 5.19 12.57
CA LEU B 34 37.34 4.00 13.25
C LEU B 34 37.91 3.94 14.66
N GLU B 35 39.15 4.40 14.80
CA GLU B 35 39.79 4.44 16.10
C GLU B 35 39.05 5.42 17.01
N LYS B 36 38.74 6.60 16.46
CA LYS B 36 38.00 7.61 17.20
C LYS B 36 36.68 7.02 17.65
N GLU B 37 36.02 6.33 16.72
CA GLU B 37 34.75 5.68 16.99
C GLU B 37 34.91 4.63 18.08
N THR B 38 35.92 3.78 17.95
CA THR B 38 36.17 2.74 18.94
C THR B 38 36.49 3.34 20.31
N GLU B 39 37.33 4.38 20.33
CA GLU B 39 37.68 5.05 21.58
C GLU B 39 36.46 5.71 22.18
N GLY B 40 35.65 6.33 21.32
CA GLY B 40 34.43 6.97 21.77
C GLY B 40 33.47 5.95 22.32
N LEU B 41 33.30 4.87 21.56
CA LEU B 41 32.42 3.78 21.97
C LEU B 41 32.92 3.18 23.28
N ARG B 42 34.24 3.19 23.46
CA ARG B 42 34.84 2.68 24.68
C ARG B 42 34.42 3.54 25.85
N GLN B 43 34.54 4.85 25.69
CA GLN B 43 34.14 5.79 26.74
C GLN B 43 32.66 5.69 27.00
N GLU B 44 31.90 5.48 25.93
CA GLU B 44 30.46 5.34 26.03
C GLU B 44 30.10 4.05 26.76
N MET B 45 30.61 2.94 26.24
CA MET B 45 30.33 1.62 26.79
C MET B 45 30.93 1.36 28.16
N SER B 46 32.04 2.00 28.50
CA SER B 46 32.64 1.80 29.82
C SER B 46 31.67 2.27 30.89
N LYS B 47 31.06 3.42 30.66
CA LYS B 47 30.09 3.97 31.58
C LYS B 47 28.77 3.26 31.40
N ASP B 48 28.41 3.02 30.15
CA ASP B 48 27.16 2.35 29.79
C ASP B 48 27.08 0.98 30.43
N LEU B 49 28.05 0.12 30.14
CA LEU B 49 28.07 -1.24 30.67
C LEU B 49 28.21 -1.26 32.19
N GLU B 50 29.07 -0.41 32.72
CA GLU B 50 29.27 -0.35 34.16
C GLU B 50 27.98 0.07 34.85
N GLU B 51 27.35 1.12 34.34
CA GLU B 51 26.10 1.60 34.89
C GLU B 51 25.00 0.57 34.61
N VAL B 52 25.20 -0.21 33.56
CA VAL B 52 24.26 -1.26 33.20
C VAL B 52 24.26 -2.31 34.31
N LYS B 53 25.43 -2.64 34.81
CA LYS B 53 25.55 -3.61 35.88
C LYS B 53 24.92 -3.03 37.14
N ALA B 54 25.06 -1.72 37.30
CA ALA B 54 24.49 -1.02 38.46
C ALA B 54 23.00 -0.74 38.27
N LYS B 55 22.47 -1.17 37.13
CA LYS B 55 21.06 -0.99 36.83
C LYS B 55 20.36 -2.34 36.67
N VAL B 56 21.06 -3.29 36.07
CA VAL B 56 20.52 -4.63 35.87
C VAL B 56 20.24 -5.30 37.22
N GLN B 57 21.15 -5.12 38.17
CA GLN B 57 20.97 -5.69 39.50
C GLN B 57 19.67 -5.19 40.13
N PRO B 58 19.49 -3.85 40.30
CA PRO B 58 18.26 -3.28 40.86
C PRO B 58 17.05 -3.64 39.99
N TYR B 59 17.27 -3.68 38.68
CA TYR B 59 16.21 -4.02 37.74
C TYR B 59 15.72 -5.44 38.01
N LEU B 60 16.65 -6.37 38.13
CA LEU B 60 16.32 -7.76 38.41
C LEU B 60 15.81 -7.93 39.83
N ASP B 61 16.40 -7.19 40.76
CA ASP B 61 15.97 -7.25 42.16
C ASP B 61 14.54 -6.76 42.30
N ASP B 62 14.26 -5.62 41.68
CA ASP B 62 12.92 -5.04 41.71
C ASP B 62 11.97 -5.92 40.91
N PHE B 63 12.51 -6.54 39.86
CA PHE B 63 11.72 -7.45 39.03
C PHE B 63 11.35 -8.67 39.86
N GLN B 64 12.32 -9.15 40.63
CA GLN B 64 12.10 -10.29 41.51
C GLN B 64 11.06 -9.93 42.55
N LYS B 65 11.21 -8.74 43.13
CA LYS B 65 10.27 -8.26 44.13
C LYS B 65 8.85 -8.21 43.56
N LYS B 66 8.75 -7.75 42.32
CA LYS B 66 7.45 -7.67 41.65
C LYS B 66 6.97 -9.06 41.27
N TRP B 67 7.89 -9.89 40.81
CA TRP B 67 7.57 -11.25 40.41
C TRP B 67 7.19 -12.09 41.63
N GLN B 68 7.63 -11.66 42.80
CA GLN B 68 7.28 -12.35 44.04
C GLN B 68 5.81 -12.11 44.30
N GLU B 69 5.38 -10.85 44.12
CA GLU B 69 3.98 -10.50 44.30
C GLU B 69 3.16 -11.13 43.19
N GLU B 70 3.78 -11.26 42.02
CA GLU B 70 3.15 -11.87 40.86
C GLU B 70 2.96 -13.36 41.09
N MET B 71 4.05 -14.05 41.40
CA MET B 71 4.03 -15.49 41.63
C MET B 71 3.14 -15.84 42.82
N GLU B 72 3.42 -15.28 43.98
CA GLU B 72 2.63 -15.56 45.18
C GLU B 72 1.20 -15.08 45.00
N LEU B 73 1.05 -13.90 44.38
CA LEU B 73 -0.26 -13.33 44.11
C LEU B 73 -1.09 -14.26 43.25
N TYR B 74 -0.47 -14.75 42.18
CA TYR B 74 -1.13 -15.67 41.27
C TYR B 74 -1.41 -16.99 41.95
N ARG B 75 -0.51 -17.41 42.83
CA ARG B 75 -0.69 -18.66 43.56
C ARG B 75 -1.90 -18.51 44.47
N GLN B 76 -1.98 -17.37 45.16
CA GLN B 76 -3.09 -17.10 46.06
C GLN B 76 -4.39 -16.90 45.29
N LYS B 77 -4.29 -16.83 43.98
CA LYS B 77 -5.44 -16.68 43.12
C LYS B 77 -5.80 -18.03 42.48
N VAL B 78 -4.81 -18.65 41.87
CA VAL B 78 -4.97 -19.92 41.19
C VAL B 78 -5.28 -21.08 42.15
N GLU B 79 -4.63 -21.10 43.31
CA GLU B 79 -4.88 -22.18 44.28
C GLU B 79 -6.37 -22.30 44.62
N PRO B 80 -7.00 -21.24 45.14
CA PRO B 80 -8.43 -21.28 45.44
C PRO B 80 -9.25 -21.36 44.16
N LEU B 81 -8.71 -20.81 43.07
CA LEU B 81 -9.39 -20.83 41.78
C LEU B 81 -9.51 -22.25 41.29
N ARG B 82 -8.45 -23.03 41.47
CA ARG B 82 -8.44 -24.43 41.07
C ARG B 82 -9.51 -25.17 41.85
N ALA B 83 -9.69 -24.78 43.10
CA ALA B 83 -10.69 -25.39 43.96
C ALA B 83 -12.09 -25.00 43.48
N GLU B 84 -12.29 -23.70 43.27
CA GLU B 84 -13.58 -23.19 42.78
C GLU B 84 -13.88 -23.75 41.40
N LEU B 85 -12.89 -23.71 40.52
CA LEU B 85 -13.05 -24.22 39.16
C LEU B 85 -13.25 -25.72 39.17
N GLN B 86 -12.64 -26.41 40.12
CA GLN B 86 -12.81 -27.86 40.23
C GLN B 86 -14.23 -28.17 40.64
N GLU B 87 -14.75 -27.39 41.58
CA GLU B 87 -16.12 -27.57 42.04
C GLU B 87 -17.07 -27.15 40.93
N GLY B 88 -16.69 -26.08 40.24
CA GLY B 88 -17.48 -25.60 39.13
C GLY B 88 -17.43 -26.61 38.00
N ALA B 89 -16.30 -27.29 37.88
CA ALA B 89 -16.12 -28.32 36.87
C ALA B 89 -16.92 -29.55 37.26
N ARG B 90 -16.86 -29.91 38.54
CA ARG B 90 -17.62 -31.05 39.03
C ARG B 90 -19.10 -30.76 38.88
N GLN B 91 -19.47 -29.51 39.13
CA GLN B 91 -20.85 -29.08 38.99
C GLN B 91 -21.25 -29.15 37.52
N LYS B 92 -20.42 -28.56 36.65
CA LYS B 92 -20.70 -28.56 35.22
C LYS B 92 -20.69 -29.99 34.69
N LEU B 93 -19.85 -30.84 35.28
CA LEU B 93 -19.79 -32.24 34.88
C LEU B 93 -21.06 -32.94 35.30
N HIS B 94 -21.56 -32.58 36.47
CA HIS B 94 -22.81 -33.15 36.96
C HIS B 94 -23.94 -32.65 36.08
N GLU B 95 -23.87 -31.37 35.74
CA GLU B 95 -24.85 -30.73 34.87
C GLU B 95 -24.81 -31.44 33.51
N LEU B 96 -23.60 -31.62 32.99
CA LEU B 96 -23.40 -32.29 31.72
C LEU B 96 -23.83 -33.76 31.79
N GLN B 97 -23.50 -34.42 32.89
CA GLN B 97 -23.87 -35.81 33.09
C GLN B 97 -25.37 -35.98 33.05
N GLU B 98 -26.07 -35.10 33.74
CA GLU B 98 -27.53 -35.14 33.80
C GLU B 98 -28.16 -34.52 32.56
N LYS B 99 -27.34 -34.27 31.56
CA LYS B 99 -27.79 -33.72 30.29
C LYS B 99 -27.43 -34.70 29.17
N LEU B 100 -26.19 -35.19 29.21
CA LEU B 100 -25.70 -36.13 28.22
C LEU B 100 -26.35 -37.49 28.36
N SER B 101 -26.65 -37.91 29.59
CA SER B 101 -27.30 -39.19 29.81
C SER B 101 -28.71 -39.22 29.20
N PRO B 102 -29.62 -38.31 29.61
CA PRO B 102 -30.97 -38.26 29.06
C PRO B 102 -30.96 -37.98 27.56
N LEU B 103 -30.20 -36.98 27.14
CA LEU B 103 -30.11 -36.62 25.73
C LEU B 103 -29.44 -37.73 24.93
N GLY B 104 -28.52 -38.45 25.56
CA GLY B 104 -27.84 -39.54 24.89
C GLY B 104 -28.82 -40.64 24.59
N GLU B 105 -29.59 -41.03 25.60
CA GLU B 105 -30.60 -42.05 25.44
C GLU B 105 -31.68 -41.56 24.49
N GLU B 106 -32.02 -40.29 24.63
CA GLU B 106 -33.02 -39.66 23.77
C GLU B 106 -32.55 -39.73 22.33
N MET B 107 -31.33 -39.26 22.09
CA MET B 107 -30.75 -39.25 20.76
C MET B 107 -30.71 -40.66 20.20
N ARG B 108 -30.43 -41.63 21.06
CA ARG B 108 -30.38 -43.03 20.63
C ARG B 108 -31.78 -43.48 20.21
N ASP B 109 -32.78 -43.12 21.00
CA ASP B 109 -34.17 -43.47 20.70
C ASP B 109 -34.61 -42.74 19.43
N ARG B 110 -34.21 -41.47 19.33
CA ARG B 110 -34.50 -40.65 18.17
C ARG B 110 -33.86 -41.28 16.95
N ALA B 111 -32.62 -41.72 17.12
CA ALA B 111 -31.86 -42.37 16.06
C ALA B 111 -32.54 -43.67 15.67
N ARG B 112 -33.11 -44.38 16.64
CA ARG B 112 -33.81 -45.62 16.36
C ARG B 112 -35.01 -45.32 15.46
N ALA B 113 -35.70 -44.22 15.77
CA ALA B 113 -36.86 -43.80 15.00
C ALA B 113 -36.43 -42.92 13.82
N HIS B 114 -35.16 -43.02 13.44
CA HIS B 114 -34.61 -42.25 12.33
C HIS B 114 -33.83 -43.16 11.40
N VAL B 115 -32.89 -43.90 11.97
CA VAL B 115 -32.06 -44.83 11.20
C VAL B 115 -32.91 -45.99 10.71
N ASP B 116 -33.72 -46.57 11.61
CA ASP B 116 -34.58 -47.68 11.23
C ASP B 116 -35.65 -47.17 10.26
N ALA B 117 -36.04 -45.91 10.46
CA ALA B 117 -36.99 -45.27 9.58
C ALA B 117 -36.35 -45.15 8.20
N LEU B 118 -35.13 -44.62 8.18
CA LEU B 118 -34.37 -44.46 6.96
C LEU B 118 -34.15 -45.81 6.28
N ARG B 119 -33.96 -46.85 7.07
CA ARG B 119 -33.80 -48.19 6.53
C ARG B 119 -35.04 -48.55 5.71
N THR B 120 -36.19 -48.43 6.35
CA THR B 120 -37.47 -48.74 5.72
C THR B 120 -37.93 -47.62 4.78
N HIS B 121 -37.00 -46.72 4.44
CA HIS B 121 -37.32 -45.61 3.53
C HIS B 121 -36.33 -45.59 2.37
N LEU B 122 -35.07 -45.88 2.67
CA LEU B 122 -34.02 -45.89 1.66
C LEU B 122 -33.91 -47.25 0.99
N ALA B 123 -34.17 -48.32 1.73
CA ALA B 123 -34.10 -49.66 1.16
C ALA B 123 -35.06 -49.82 -0.02
N PRO B 124 -36.38 -49.59 0.16
CA PRO B 124 -37.33 -49.69 -0.94
C PRO B 124 -37.02 -48.66 -2.03
N TYR B 125 -36.58 -47.48 -1.58
CA TYR B 125 -36.23 -46.39 -2.49
C TYR B 125 -35.09 -46.79 -3.41
N SER B 126 -34.05 -47.39 -2.85
CA SER B 126 -32.91 -47.83 -3.63
C SER B 126 -33.32 -48.97 -4.55
N ASP B 127 -34.29 -49.78 -4.09
CA ASP B 127 -34.79 -50.89 -4.88
C ASP B 127 -35.54 -50.33 -6.09
N GLU B 128 -36.32 -49.29 -5.85
CA GLU B 128 -37.04 -48.61 -6.92
C GLU B 128 -36.03 -47.94 -7.83
N LEU B 129 -34.99 -47.40 -7.23
CA LEU B 129 -33.91 -46.75 -7.97
C LEU B 129 -33.22 -47.76 -8.87
N ARG B 130 -33.16 -49.02 -8.42
CA ARG B 130 -32.57 -50.09 -9.21
C ARG B 130 -33.39 -50.32 -10.46
N GLN B 131 -34.71 -50.22 -10.31
CA GLN B 131 -35.62 -50.39 -11.44
C GLN B 131 -35.45 -49.21 -12.39
N ARG B 132 -35.35 -48.03 -11.79
CA ARG B 132 -35.15 -46.79 -12.55
C ARG B 132 -33.82 -46.87 -13.30
N LEU B 133 -32.79 -47.35 -12.61
CA LEU B 133 -31.49 -47.51 -13.21
C LEU B 133 -31.54 -48.55 -14.31
N ALA B 134 -32.35 -49.57 -14.10
CA ALA B 134 -32.51 -50.65 -15.09
C ALA B 134 -33.09 -50.08 -16.37
N ALA B 135 -34.13 -49.27 -16.24
CA ALA B 135 -34.78 -48.66 -17.40
C ALA B 135 -33.85 -47.65 -18.06
N ARG B 136 -33.21 -46.83 -17.23
CA ARG B 136 -32.28 -45.82 -17.72
C ARG B 136 -31.11 -46.47 -18.44
N LEU B 137 -30.54 -47.51 -17.82
CA LEU B 137 -29.42 -48.23 -18.41
C LEU B 137 -29.85 -48.98 -19.66
N GLU B 138 -31.10 -49.44 -19.67
CA GLU B 138 -31.64 -50.14 -20.83
C GLU B 138 -31.71 -49.18 -22.01
N ALA B 139 -32.19 -47.97 -21.73
CA ALA B 139 -32.28 -46.95 -22.76
C ALA B 139 -30.88 -46.57 -23.23
N LEU B 140 -29.96 -46.46 -22.28
CA LEU B 140 -28.57 -46.13 -22.57
C LEU B 140 -27.91 -47.25 -23.37
N LYS B 141 -28.39 -48.47 -23.17
CA LYS B 141 -27.85 -49.62 -23.91
C LYS B 141 -28.42 -49.63 -25.31
N GLU B 142 -29.72 -49.39 -25.43
CA GLU B 142 -30.39 -49.35 -26.71
C GLU B 142 -29.82 -48.23 -27.57
N ASN B 143 -29.71 -47.05 -26.96
CA ASN B 143 -29.15 -45.90 -27.64
C ASN B 143 -27.66 -46.09 -27.82
N GLY B 144 -27.04 -46.72 -26.83
CA GLY B 144 -25.62 -46.99 -26.90
C GLY B 144 -25.28 -47.84 -28.09
N GLY B 145 -26.05 -48.90 -28.30
CA GLY B 145 -25.82 -49.78 -29.43
C GLY B 145 -25.98 -49.03 -30.74
N ALA B 146 -27.01 -48.20 -30.80
CA ALA B 146 -27.27 -47.39 -31.99
C ALA B 146 -26.14 -46.40 -32.19
N ARG B 147 -25.74 -45.74 -31.11
CA ARG B 147 -24.66 -44.77 -31.16
C ARG B 147 -23.36 -45.43 -31.59
N LEU B 148 -23.12 -46.65 -31.11
CA LEU B 148 -21.92 -47.39 -31.48
C LEU B 148 -21.91 -47.61 -32.98
N ALA B 149 -23.06 -47.96 -33.53
CA ALA B 149 -23.20 -48.17 -34.96
C ALA B 149 -23.05 -46.84 -35.69
N GLU B 150 -23.71 -45.82 -35.17
CA GLU B 150 -23.65 -44.48 -35.73
C GLU B 150 -22.21 -43.99 -35.76
N TYR B 151 -21.54 -44.07 -34.62
CA TYR B 151 -20.16 -43.64 -34.51
C TYR B 151 -19.26 -44.43 -35.44
N HIS B 152 -19.52 -45.72 -35.58
CA HIS B 152 -18.73 -46.57 -36.45
C HIS B 152 -18.95 -46.19 -37.91
N ALA B 153 -20.20 -45.92 -38.26
CA ALA B 153 -20.55 -45.52 -39.62
C ALA B 153 -19.92 -44.16 -39.91
N LYS B 154 -20.15 -43.22 -39.00
CA LYS B 154 -19.60 -41.88 -39.15
C LYS B 154 -18.07 -41.91 -39.14
N ALA B 155 -17.50 -42.84 -38.38
CA ALA B 155 -16.05 -42.97 -38.32
C ALA B 155 -15.51 -43.39 -39.68
N THR B 156 -16.20 -44.34 -40.31
CA THR B 156 -15.82 -44.82 -41.62
C THR B 156 -15.93 -43.68 -42.63
N GLU B 157 -17.04 -42.94 -42.56
CA GLU B 157 -17.26 -41.81 -43.44
C GLU B 157 -16.21 -40.74 -43.15
N HIS B 158 -15.90 -40.56 -41.87
CA HIS B 158 -14.91 -39.58 -41.44
C HIS B 158 -13.53 -39.97 -41.96
N LEU B 159 -13.22 -41.26 -41.90
CA LEU B 159 -11.94 -41.75 -42.39
C LEU B 159 -11.87 -41.62 -43.90
N SER B 160 -12.98 -41.87 -44.57
CA SER B 160 -13.03 -41.78 -46.02
C SER B 160 -12.86 -40.31 -46.47
N THR B 161 -13.47 -39.40 -45.71
CA THR B 161 -13.35 -37.98 -46.01
C THR B 161 -11.97 -37.46 -45.64
N LEU B 162 -11.33 -38.14 -44.69
CA LEU B 162 -9.98 -37.78 -44.28
C LEU B 162 -9.00 -38.25 -45.34
N SER B 163 -9.24 -39.45 -45.85
CA SER B 163 -8.41 -40.04 -46.89
C SER B 163 -8.41 -39.18 -48.15
N GLU B 164 -9.50 -38.42 -48.32
CA GLU B 164 -9.64 -37.54 -49.48
C GLU B 164 -8.55 -36.48 -49.48
N LYS B 165 -7.97 -36.24 -48.31
CA LYS B 165 -6.90 -35.28 -48.19
C LYS B 165 -5.61 -35.94 -47.73
N ALA B 166 -5.75 -37.12 -47.10
CA ALA B 166 -4.61 -37.87 -46.63
C ALA B 166 -3.76 -38.36 -47.79
N LYS B 167 -4.36 -38.44 -48.97
CA LYS B 167 -3.64 -38.89 -50.15
C LYS B 167 -3.42 -37.74 -51.15
N PRO B 168 -4.49 -37.20 -51.78
CA PRO B 168 -4.35 -36.10 -52.74
C PRO B 168 -3.75 -34.84 -52.14
N ALA B 169 -4.36 -34.33 -51.07
CA ALA B 169 -3.87 -33.12 -50.43
C ALA B 169 -2.47 -33.30 -49.88
N LEU B 170 -2.22 -34.42 -49.20
CA LEU B 170 -0.89 -34.69 -48.66
C LEU B 170 0.15 -34.73 -49.76
N GLU B 171 -0.23 -35.36 -50.88
CA GLU B 171 0.67 -35.44 -52.04
C GLU B 171 0.92 -34.06 -52.60
N ASP B 172 -0.12 -33.22 -52.59
CA ASP B 172 0.01 -31.86 -53.08
C ASP B 172 0.88 -31.05 -52.14
N LEU B 173 0.70 -31.27 -50.84
CA LEU B 173 1.50 -30.59 -49.83
C LEU B 173 2.97 -30.95 -50.02
N ARG B 174 3.22 -32.23 -50.23
CA ARG B 174 4.57 -32.71 -50.46
C ARG B 174 5.10 -32.14 -51.77
N GLN B 175 4.22 -32.05 -52.76
CA GLN B 175 4.59 -31.50 -54.06
C GLN B 175 4.84 -30.02 -54.01
N GLY B 176 4.35 -29.37 -52.96
CA GLY B 176 4.54 -27.94 -52.78
C GLY B 176 5.76 -27.72 -51.89
N LEU B 177 5.94 -28.62 -50.93
CA LEU B 177 7.06 -28.56 -50.00
C LEU B 177 8.39 -28.81 -50.69
N LEU B 178 8.41 -29.76 -51.62
CA LEU B 178 9.64 -30.10 -52.35
C LEU B 178 10.27 -28.87 -53.01
N PRO B 179 9.55 -28.20 -53.95
CA PRO B 179 10.09 -27.01 -54.62
C PRO B 179 10.28 -25.84 -53.67
N VAL B 180 9.37 -25.68 -52.70
CA VAL B 180 9.49 -24.57 -51.75
C VAL B 180 10.70 -24.75 -50.84
N LEU B 181 10.99 -25.98 -50.46
CA LEU B 181 12.14 -26.26 -49.62
C LEU B 181 13.40 -25.90 -50.36
N GLU B 182 13.43 -26.23 -51.65
CA GLU B 182 14.57 -25.91 -52.49
C GLU B 182 14.75 -24.40 -52.62
N SER B 183 13.64 -23.69 -52.87
CA SER B 183 13.71 -22.24 -52.97
C SER B 183 14.05 -21.62 -51.62
N PHE B 184 13.62 -22.29 -50.55
CA PHE B 184 13.91 -21.84 -49.19
C PHE B 184 15.40 -22.04 -48.91
N LYS B 185 15.95 -23.12 -49.47
CA LYS B 185 17.35 -23.42 -49.32
C LYS B 185 18.18 -22.33 -49.99
N VAL B 186 17.68 -21.85 -51.13
CA VAL B 186 18.36 -20.77 -51.86
C VAL B 186 18.38 -19.53 -50.97
N SER B 187 17.26 -19.25 -50.33
CA SER B 187 17.12 -18.11 -49.43
C SER B 187 18.02 -18.29 -48.22
N PHE B 188 18.08 -19.51 -47.70
CA PHE B 188 18.91 -19.83 -46.55
C PHE B 188 20.38 -19.77 -46.90
N LEU B 189 20.77 -20.40 -48.01
CA LEU B 189 22.16 -20.41 -48.44
C LEU B 189 22.67 -18.99 -48.65
N SER B 190 21.89 -18.19 -49.35
CA SER B 190 22.27 -16.80 -49.60
C SER B 190 22.40 -16.05 -48.27
N ALA B 191 21.45 -16.29 -47.36
CA ALA B 191 21.46 -15.65 -46.06
C ALA B 191 22.70 -16.07 -45.28
N LEU B 192 23.02 -17.35 -45.32
CA LEU B 192 24.20 -17.87 -44.63
C LEU B 192 25.46 -17.14 -45.10
N GLU B 193 25.58 -16.99 -46.42
CA GLU B 193 26.72 -16.32 -47.00
C GLU B 193 26.75 -14.84 -46.63
N GLU B 194 25.63 -14.16 -46.90
CA GLU B 194 25.51 -12.73 -46.60
C GLU B 194 25.75 -12.42 -45.13
N TYR B 195 25.12 -13.19 -44.25
CA TYR B 195 25.26 -13.00 -42.81
C TYR B 195 26.69 -13.22 -42.33
N THR B 196 27.34 -14.27 -42.81
CA THR B 196 28.72 -14.56 -42.40
C THR B 196 29.68 -13.45 -42.85
N LYS B 197 29.35 -12.81 -43.97
CA LYS B 197 30.17 -11.73 -44.51
C LYS B 197 30.11 -10.51 -43.59
N LYS B 198 29.05 -10.43 -42.80
CA LYS B 198 28.87 -9.32 -41.87
C LYS B 198 29.30 -9.73 -40.47
N LEU B 199 29.66 -11.00 -40.30
CA LEU B 199 30.08 -11.52 -39.00
C LEU B 199 31.60 -11.50 -38.87
N ASN B 200 32.30 -11.88 -39.94
CA ASN B 200 33.75 -11.91 -39.93
C ASN B 200 34.32 -10.60 -40.45
N MET C 3 -18.43 -0.33 3.04
CA MET C 3 -17.74 -1.51 2.57
C MET C 3 -16.53 -1.14 1.71
N THR C 4 -16.18 0.14 1.76
CA THR C 4 -15.05 0.65 1.00
C THR C 4 -14.57 1.98 1.58
N GLU C 5 -13.29 2.27 1.38
CA GLU C 5 -12.67 3.49 1.86
C GLU C 5 -12.86 4.61 0.83
N TYR C 6 -13.53 5.67 1.23
CA TYR C 6 -13.77 6.80 0.33
C TYR C 6 -12.94 8.02 0.72
N LYS C 7 -12.10 8.46 -0.20
CA LYS C 7 -11.26 9.62 0.02
C LYS C 7 -11.74 10.78 -0.84
N LEU C 8 -12.20 11.85 -0.21
CA LEU C 8 -12.72 13.00 -0.93
C LEU C 8 -11.79 14.20 -0.79
N VAL C 9 -11.26 14.66 -1.91
CA VAL C 9 -10.35 15.80 -1.90
C VAL C 9 -11.06 17.05 -2.42
N VAL C 10 -11.16 18.06 -1.57
CA VAL C 10 -11.80 19.31 -1.94
C VAL C 10 -10.76 20.27 -2.48
N VAL C 11 -10.88 20.64 -3.74
CA VAL C 11 -9.93 21.55 -4.35
C VAL C 11 -10.56 22.92 -4.60
N GLY C 12 -9.73 23.89 -4.96
CA GLY C 12 -10.21 25.23 -5.22
C GLY C 12 -9.15 26.26 -4.92
N ALA C 13 -9.42 27.50 -5.28
CA ALA C 13 -8.48 28.60 -5.06
C ALA C 13 -8.67 29.23 -3.69
N GLY C 14 -7.94 30.31 -3.43
CA GLY C 14 -8.05 30.99 -2.15
C GLY C 14 -9.23 31.94 -2.12
N GLY C 15 -9.90 32.00 -0.97
CA GLY C 15 -11.04 32.88 -0.83
C GLY C 15 -12.35 32.11 -0.77
N VAL C 16 -12.33 30.88 -1.27
CA VAL C 16 -13.52 30.05 -1.26
C VAL C 16 -13.71 29.41 0.10
N GLY C 17 -14.92 28.91 0.36
CA GLY C 17 -15.23 28.30 1.62
C GLY C 17 -14.97 26.82 1.64
N LYS C 18 -13.76 26.40 1.25
CA LYS C 18 -13.40 24.99 1.24
C LYS C 18 -13.49 24.42 2.65
N SER C 19 -12.72 25.00 3.56
CA SER C 19 -12.70 24.56 4.95
C SER C 19 -14.06 24.83 5.59
N ALA C 20 -14.71 25.91 5.16
CA ALA C 20 -16.01 26.28 5.69
C ALA C 20 -17.06 25.22 5.40
N LEU C 21 -17.14 24.81 4.13
CA LEU C 21 -18.09 23.78 3.72
C LEU C 21 -17.83 22.49 4.48
N THR C 22 -16.55 22.16 4.61
CA THR C 22 -16.14 20.95 5.31
C THR C 22 -16.59 20.98 6.78
N ILE C 23 -16.23 22.05 7.49
CA ILE C 23 -16.59 22.19 8.91
C ILE C 23 -18.12 22.23 9.08
N GLN C 24 -18.81 22.79 8.09
CA GLN C 24 -20.27 22.86 8.12
C GLN C 24 -20.88 21.47 8.03
N LEU C 25 -20.17 20.55 7.39
CA LEU C 25 -20.65 19.19 7.24
C LEU C 25 -20.21 18.33 8.42
N ILE C 26 -19.03 18.64 8.96
CA ILE C 26 -18.48 17.89 10.09
C ILE C 26 -19.08 18.35 11.42
N GLN C 27 -18.73 19.56 11.83
CA GLN C 27 -19.22 20.12 13.09
C GLN C 27 -20.59 20.76 12.95
N ASN C 28 -20.99 20.99 11.70
CA ASN C 28 -22.27 21.63 11.40
C ASN C 28 -22.22 23.07 11.84
N HIS C 29 -21.01 23.62 11.80
CA HIS C 29 -20.77 25.00 12.22
C HIS C 29 -20.08 25.77 11.10
N PHE C 30 -20.41 27.04 10.96
CA PHE C 30 -19.80 27.88 9.93
C PHE C 30 -18.75 28.80 10.53
N VAL C 31 -17.58 28.83 9.89
CA VAL C 31 -16.48 29.68 10.34
C VAL C 31 -16.54 31.03 9.62
N ASP C 32 -16.56 32.11 10.41
CA ASP C 32 -16.63 33.45 9.86
C ASP C 32 -15.24 34.07 9.76
N GLU C 33 -14.27 33.40 10.37
CA GLU C 33 -12.89 33.87 10.35
C GLU C 33 -12.16 33.34 9.13
N TYR C 34 -11.25 34.14 8.60
CA TYR C 34 -10.47 33.74 7.44
C TYR C 34 -9.22 32.98 7.88
N ASP C 35 -9.42 31.82 8.49
CA ASP C 35 -8.30 30.99 8.95
C ASP C 35 -7.63 30.31 7.76
N PRO C 36 -6.29 30.24 7.78
CA PRO C 36 -5.51 29.63 6.70
C PRO C 36 -5.65 28.11 6.67
N THR C 37 -4.95 27.49 5.71
CA THR C 37 -4.99 26.05 5.55
C THR C 37 -3.88 25.58 4.61
N ILE C 38 -3.20 24.52 5.01
CA ILE C 38 -2.12 23.94 4.21
C ILE C 38 -2.52 22.52 3.80
N GLU C 39 -2.61 21.65 4.80
CA GLU C 39 -2.99 20.27 4.58
C GLU C 39 -3.76 19.77 5.79
N ASP C 40 -5.09 19.85 5.72
CA ASP C 40 -5.93 19.42 6.81
C ASP C 40 -6.83 18.29 6.36
N SER C 41 -7.17 17.42 7.28
CA SER C 41 -8.03 16.29 6.95
C SER C 41 -9.15 16.12 7.98
N TYR C 42 -10.35 15.78 7.51
CA TYR C 42 -11.52 15.60 8.38
C TYR C 42 -12.15 14.21 8.21
N ARG C 43 -12.71 13.68 9.30
CA ARG C 43 -13.31 12.35 9.25
C ARG C 43 -14.75 12.34 9.73
N LYS C 44 -15.59 11.62 8.99
CA LYS C 44 -17.00 11.47 9.33
C LYS C 44 -17.56 10.23 8.64
N GLN C 45 -18.65 9.69 9.17
CA GLN C 45 -19.27 8.51 8.61
C GLN C 45 -20.78 8.70 8.50
N VAL C 46 -21.31 8.55 7.28
CA VAL C 46 -22.74 8.72 7.05
C VAL C 46 -23.27 7.64 6.11
N VAL C 47 -24.58 7.52 6.06
CA VAL C 47 -25.23 6.54 5.20
C VAL C 47 -25.52 7.16 3.84
N ILE C 48 -24.63 6.91 2.89
CA ILE C 48 -24.77 7.45 1.55
C ILE C 48 -25.63 6.54 0.69
N ASP C 49 -26.74 7.08 0.20
CA ASP C 49 -27.70 6.35 -0.64
C ASP C 49 -28.43 5.28 0.16
N GLY C 50 -27.69 4.27 0.58
CA GLY C 50 -28.27 3.18 1.34
C GLY C 50 -27.26 2.46 2.22
N GLU C 51 -25.99 2.72 2.01
CA GLU C 51 -24.94 2.08 2.79
C GLU C 51 -24.06 3.09 3.52
N THR C 52 -23.83 2.85 4.79
CA THR C 52 -23.01 3.74 5.60
C THR C 52 -21.52 3.48 5.35
N CYS C 53 -20.76 4.54 5.09
CA CYS C 53 -19.34 4.40 4.82
C CYS C 53 -18.55 5.55 5.44
N LEU C 54 -17.30 5.26 5.78
CA LEU C 54 -16.41 6.25 6.38
C LEU C 54 -15.84 7.15 5.29
N LEU C 55 -15.95 8.46 5.49
CA LEU C 55 -15.45 9.42 4.52
C LEU C 55 -14.26 10.20 5.05
N ASP C 56 -13.17 10.13 4.32
CA ASP C 56 -11.95 10.87 4.69
C ASP C 56 -11.86 12.09 3.78
N ILE C 57 -12.19 13.25 4.32
CA ILE C 57 -12.19 14.49 3.57
C ILE C 57 -10.86 15.22 3.71
N LEU C 58 -10.38 15.78 2.61
CA LEU C 58 -9.12 16.51 2.59
C LEU C 58 -9.33 18.00 2.29
N ASP C 59 -8.89 18.83 3.22
CA ASP C 59 -8.99 20.28 3.10
C ASP C 59 -7.64 20.83 2.63
N THR C 60 -7.53 21.05 1.32
CA THR C 60 -6.30 21.54 0.70
C THR C 60 -6.13 23.04 0.84
N ALA C 61 -4.91 23.51 0.61
CA ALA C 61 -4.59 24.93 0.70
C ALA C 61 -5.28 25.71 -0.41
N GLY C 62 -5.44 27.01 -0.20
CA GLY C 62 -6.07 27.85 -1.19
C GLY C 62 -5.11 28.30 -2.27
N GLN C 63 -4.00 28.89 -1.84
CA GLN C 63 -2.98 29.37 -2.77
C GLN C 63 -1.71 28.55 -2.60
N GLU C 64 -1.11 28.15 -3.72
CA GLU C 64 0.10 27.35 -3.68
C GLU C 64 0.88 27.45 -5.00
N GLU C 65 1.98 26.74 -5.09
CA GLU C 65 2.82 26.75 -6.29
C GLU C 65 2.79 25.38 -6.95
N TYR C 66 3.75 24.54 -6.58
CA TYR C 66 3.86 23.20 -7.11
C TYR C 66 4.70 22.34 -6.18
N SER C 67 4.07 21.88 -5.11
CA SER C 67 4.74 21.04 -4.13
C SER C 67 4.57 19.56 -4.47
N ALA C 68 5.69 18.82 -4.47
CA ALA C 68 5.66 17.39 -4.76
C ALA C 68 4.79 16.68 -3.74
N MET C 69 4.81 17.17 -2.52
CA MET C 69 4.01 16.62 -1.44
C MET C 69 2.53 16.76 -1.77
N ARG C 70 2.18 17.91 -2.34
CA ARG C 70 0.81 18.20 -2.71
C ARG C 70 0.36 17.28 -3.84
N ASP C 71 1.23 17.12 -4.83
CA ASP C 71 0.95 16.27 -5.99
C ASP C 71 0.66 14.84 -5.55
N GLN C 72 1.31 14.43 -4.47
CA GLN C 72 1.15 13.09 -3.92
C GLN C 72 -0.30 12.82 -3.48
N TYR C 73 -0.82 13.63 -2.56
CA TYR C 73 -2.17 13.43 -2.07
C TYR C 73 -3.24 13.78 -3.10
N MET C 74 -2.82 14.43 -4.20
CA MET C 74 -3.74 14.78 -5.26
C MET C 74 -4.08 13.55 -6.09
N ARG C 75 -3.28 12.50 -5.94
CA ARG C 75 -3.49 11.26 -6.67
C ARG C 75 -4.29 10.26 -5.85
N THR C 76 -4.34 10.49 -4.54
CA THR C 76 -5.05 9.61 -3.63
C THR C 76 -6.53 9.99 -3.52
N GLY C 77 -6.98 10.85 -4.42
CA GLY C 77 -8.36 11.28 -4.40
C GLY C 77 -9.17 10.62 -5.49
N GLU C 78 -10.39 10.20 -5.16
CA GLU C 78 -11.26 9.54 -6.13
C GLU C 78 -12.15 10.57 -6.83
N GLY C 79 -12.58 11.55 -6.06
CA GLY C 79 -13.43 12.60 -6.59
C GLY C 79 -12.93 13.96 -6.19
N PHE C 80 -13.05 14.93 -7.07
CA PHE C 80 -12.57 16.28 -6.80
C PHE C 80 -13.67 17.32 -6.97
N LEU C 81 -13.91 18.08 -5.91
CA LEU C 81 -14.92 19.13 -5.94
C LEU C 81 -14.27 20.45 -6.34
N CYS C 82 -14.66 20.98 -7.48
CA CYS C 82 -14.12 22.24 -7.95
C CYS C 82 -14.89 23.40 -7.35
N VAL C 83 -14.50 23.82 -6.15
CA VAL C 83 -15.18 24.90 -5.45
C VAL C 83 -14.69 26.27 -5.91
N PHE C 84 -15.61 27.06 -6.44
CA PHE C 84 -15.31 28.41 -6.89
C PHE C 84 -16.37 29.39 -6.39
N ALA C 85 -15.92 30.53 -5.89
CA ALA C 85 -16.84 31.54 -5.38
C ALA C 85 -17.45 32.33 -6.52
N ILE C 86 -18.78 32.43 -6.53
CA ILE C 86 -19.48 33.15 -7.60
C ILE C 86 -19.27 34.66 -7.50
N ASN C 87 -18.74 35.10 -6.36
CA ASN C 87 -18.47 36.52 -6.14
C ASN C 87 -17.03 36.84 -6.50
N ASN C 88 -16.29 35.81 -6.88
CA ASN C 88 -14.89 35.97 -7.26
C ASN C 88 -14.63 35.38 -8.64
N THR C 89 -14.55 36.25 -9.63
CA THR C 89 -14.33 35.83 -11.01
C THR C 89 -13.06 34.98 -11.16
N LYS C 90 -12.02 35.32 -10.41
CA LYS C 90 -10.76 34.59 -10.47
C LYS C 90 -10.94 33.11 -10.15
N SER C 91 -11.85 32.80 -9.23
CA SER C 91 -12.11 31.43 -8.85
C SER C 91 -12.71 30.64 -10.00
N PHE C 92 -13.54 31.30 -10.81
CA PHE C 92 -14.17 30.66 -11.95
C PHE C 92 -13.13 30.34 -13.01
N GLU C 93 -12.19 31.25 -13.19
CA GLU C 93 -11.13 31.09 -14.17
C GLU C 93 -10.11 30.05 -13.69
N ASP C 94 -9.88 30.01 -12.39
CA ASP C 94 -8.92 29.08 -11.78
C ASP C 94 -9.39 27.63 -11.90
N ILE C 95 -10.65 27.43 -12.24
CA ILE C 95 -11.22 26.10 -12.40
C ILE C 95 -10.45 25.32 -13.47
N HIS C 96 -10.13 25.99 -14.56
CA HIS C 96 -9.39 25.37 -15.66
C HIS C 96 -7.97 25.03 -15.21
N HIS C 97 -7.44 25.86 -14.32
CA HIS C 97 -6.09 25.67 -13.78
C HIS C 97 -6.05 24.41 -12.91
N TYR C 98 -7.12 24.17 -12.17
CA TYR C 98 -7.18 23.00 -11.32
C TYR C 98 -7.58 21.76 -12.11
N ARG C 99 -8.38 21.96 -13.16
CA ARG C 99 -8.82 20.87 -14.03
C ARG C 99 -7.63 20.14 -14.63
N GLU C 100 -6.68 20.91 -15.16
CA GLU C 100 -5.48 20.34 -15.77
C GLU C 100 -4.61 19.64 -14.74
N GLN C 101 -4.58 20.19 -13.53
CA GLN C 101 -3.79 19.63 -12.44
C GLN C 101 -4.28 18.22 -12.10
N ILE C 102 -5.59 18.07 -12.02
CA ILE C 102 -6.20 16.78 -11.70
C ILE C 102 -5.96 15.79 -12.84
N LYS C 103 -6.04 16.29 -14.06
CA LYS C 103 -5.83 15.46 -15.24
C LYS C 103 -4.38 15.01 -15.37
N ARG C 104 -3.48 15.75 -14.72
CA ARG C 104 -2.06 15.42 -14.76
C ARG C 104 -1.69 14.36 -13.73
N VAL C 105 -2.29 14.45 -12.54
CA VAL C 105 -2.01 13.50 -11.47
C VAL C 105 -2.59 12.12 -11.75
N LYS C 106 -3.66 12.08 -12.54
CA LYS C 106 -4.30 10.81 -12.88
C LYS C 106 -4.01 10.45 -14.34
N ASP C 107 -3.42 11.40 -15.06
CA ASP C 107 -3.06 11.23 -16.47
C ASP C 107 -4.25 10.79 -17.32
N SER C 108 -5.42 11.34 -17.02
CA SER C 108 -6.63 11.01 -17.75
C SER C 108 -7.65 12.14 -17.61
N GLU C 109 -8.57 12.21 -18.57
CA GLU C 109 -9.61 13.23 -18.56
C GLU C 109 -10.88 12.66 -17.92
N ASP C 110 -10.93 11.34 -17.84
CA ASP C 110 -12.08 10.64 -17.28
C ASP C 110 -11.93 10.54 -15.76
N VAL C 111 -12.16 11.65 -15.07
CA VAL C 111 -12.06 11.72 -13.63
C VAL C 111 -13.32 12.35 -13.04
N PRO C 112 -13.90 11.73 -11.99
CA PRO C 112 -15.12 12.23 -11.33
C PRO C 112 -14.90 13.60 -10.67
N MET C 113 -15.38 14.64 -11.32
CA MET C 113 -15.25 15.99 -10.80
C MET C 113 -16.63 16.64 -10.73
N VAL C 114 -16.80 17.59 -9.83
CA VAL C 114 -18.06 18.29 -9.70
C VAL C 114 -17.81 19.78 -9.55
N LEU C 115 -18.52 20.58 -10.34
CA LEU C 115 -18.38 22.03 -10.29
C LEU C 115 -19.19 22.54 -9.11
N VAL C 116 -18.51 23.09 -8.12
CA VAL C 116 -19.16 23.58 -6.92
C VAL C 116 -19.10 25.10 -6.82
N GLY C 117 -20.24 25.74 -6.97
CA GLY C 117 -20.31 27.18 -6.84
C GLY C 117 -20.42 27.53 -5.38
N ASN C 118 -19.68 28.53 -4.94
CA ASN C 118 -19.71 28.91 -3.54
C ASN C 118 -20.12 30.37 -3.34
N LYS C 119 -20.70 30.65 -2.17
CA LYS C 119 -21.14 31.98 -1.79
C LYS C 119 -22.36 32.45 -2.60
N CYS C 120 -23.32 31.55 -2.76
CA CYS C 120 -24.55 31.87 -3.49
C CYS C 120 -25.50 32.66 -2.60
N ASP C 121 -25.10 32.83 -1.34
CA ASP C 121 -25.87 33.57 -0.37
C ASP C 121 -25.43 35.03 -0.33
N LEU C 122 -24.48 35.36 -1.18
CA LEU C 122 -23.98 36.73 -1.26
C LEU C 122 -24.62 37.43 -2.45
N PRO C 123 -24.95 38.73 -2.30
CA PRO C 123 -25.57 39.52 -3.36
C PRO C 123 -24.55 40.04 -4.38
N SER C 124 -23.31 39.58 -4.25
CA SER C 124 -22.24 39.99 -5.15
C SER C 124 -22.02 38.96 -6.26
N ARG C 125 -23.11 38.36 -6.70
CA ARG C 125 -23.05 37.34 -7.75
C ARG C 125 -22.47 37.89 -9.06
N THR C 126 -21.24 37.52 -9.34
CA THR C 126 -20.56 37.95 -10.55
C THR C 126 -20.73 36.88 -11.63
N VAL C 127 -20.60 35.62 -11.23
CA VAL C 127 -20.73 34.51 -12.15
C VAL C 127 -22.17 33.99 -12.11
N ASP C 128 -22.88 34.19 -13.20
CA ASP C 128 -24.28 33.74 -13.29
C ASP C 128 -24.35 32.21 -13.42
N THR C 129 -25.51 31.68 -13.08
CA THR C 129 -25.75 30.24 -13.13
C THR C 129 -25.51 29.66 -14.52
N LYS C 130 -25.94 30.38 -15.55
CA LYS C 130 -25.78 29.92 -16.93
C LYS C 130 -24.31 29.71 -17.27
N GLN C 131 -23.47 30.69 -16.91
CA GLN C 131 -22.03 30.59 -17.16
C GLN C 131 -21.46 29.32 -16.55
N ALA C 132 -21.90 29.03 -15.33
CA ALA C 132 -21.44 27.85 -14.61
C ALA C 132 -21.91 26.57 -15.29
N GLN C 133 -23.17 26.53 -15.69
CA GLN C 133 -23.74 25.35 -16.36
C GLN C 133 -23.05 25.11 -17.69
N ASP C 134 -22.69 26.19 -18.37
CA ASP C 134 -22.02 26.13 -19.67
C ASP C 134 -20.69 25.41 -19.54
N LEU C 135 -19.89 25.83 -18.57
CA LEU C 135 -18.59 25.23 -18.32
C LEU C 135 -18.73 23.80 -17.84
N ALA C 136 -19.68 23.57 -16.95
CA ALA C 136 -19.93 22.25 -16.38
C ALA C 136 -20.33 21.25 -17.46
N ARG C 137 -21.30 21.62 -18.28
CA ARG C 137 -21.77 20.75 -19.35
C ARG C 137 -20.66 20.41 -20.34
N SER C 138 -19.80 21.38 -20.61
CA SER C 138 -18.69 21.20 -21.54
C SER C 138 -17.61 20.28 -20.94
N TYR C 139 -17.56 20.23 -19.63
CA TYR C 139 -16.58 19.39 -18.93
C TYR C 139 -17.17 18.02 -18.60
N GLY C 140 -18.47 17.88 -18.83
CA GLY C 140 -19.15 16.63 -18.54
C GLY C 140 -19.31 16.41 -17.06
N ILE C 141 -19.36 17.50 -16.30
CA ILE C 141 -19.49 17.43 -14.85
C ILE C 141 -20.72 18.20 -14.39
N PRO C 142 -21.34 17.77 -13.29
CA PRO C 142 -22.53 18.43 -12.74
C PRO C 142 -22.15 19.70 -11.98
N PHE C 143 -23.09 20.65 -11.95
CA PHE C 143 -22.87 21.91 -11.25
C PHE C 143 -23.77 22.00 -10.03
N ILE C 144 -23.18 22.26 -8.88
CA ILE C 144 -23.91 22.38 -7.62
C ILE C 144 -23.60 23.71 -6.95
N GLU C 145 -24.63 24.47 -6.63
CA GLU C 145 -24.46 25.76 -5.96
C GLU C 145 -24.49 25.55 -4.45
N THR C 146 -23.45 26.00 -3.77
CA THR C 146 -23.36 25.81 -2.32
C THR C 146 -22.99 27.08 -1.56
N SER C 147 -23.30 27.05 -0.28
CA SER C 147 -23.00 28.13 0.65
C SER C 147 -22.91 27.55 2.04
N ALA C 148 -21.79 27.75 2.71
CA ALA C 148 -21.57 27.20 4.04
C ALA C 148 -22.37 27.94 5.10
N LYS C 149 -22.60 29.23 4.88
CA LYS C 149 -23.33 30.05 5.83
C LYS C 149 -24.77 29.59 5.97
N THR C 150 -25.43 29.35 4.84
CA THR C 150 -26.82 28.92 4.83
C THR C 150 -26.95 27.41 4.60
N ARG C 151 -25.81 26.74 4.44
CA ARG C 151 -25.77 25.30 4.22
C ARG C 151 -26.58 24.92 2.97
N GLN C 152 -26.35 25.66 1.89
CA GLN C 152 -27.06 25.42 0.65
C GLN C 152 -26.41 24.30 -0.15
N GLY C 153 -27.04 23.14 -0.19
CA GLY C 153 -26.53 22.00 -0.95
C GLY C 153 -25.14 21.54 -0.54
N VAL C 154 -24.73 21.85 0.68
CA VAL C 154 -23.41 21.46 1.16
C VAL C 154 -23.32 19.93 1.25
N ASP C 155 -24.33 19.34 1.87
CA ASP C 155 -24.38 17.89 2.03
C ASP C 155 -24.47 17.20 0.67
N ASP C 156 -25.37 17.73 -0.16
CA ASP C 156 -25.59 17.17 -1.50
C ASP C 156 -24.37 17.27 -2.39
N ALA C 157 -23.56 18.30 -2.20
CA ALA C 157 -22.35 18.48 -3.00
C ALA C 157 -21.44 17.26 -2.87
N PHE C 158 -21.28 16.79 -1.64
CA PHE C 158 -20.45 15.61 -1.37
C PHE C 158 -21.13 14.35 -1.88
N TYR C 159 -22.45 14.29 -1.75
CA TYR C 159 -23.22 13.13 -2.19
C TYR C 159 -23.12 12.98 -3.71
N THR C 160 -23.19 14.11 -4.41
CA THR C 160 -23.10 14.12 -5.86
C THR C 160 -21.75 13.57 -6.30
N LEU C 161 -20.70 13.95 -5.58
CA LEU C 161 -19.36 13.48 -5.88
C LEU C 161 -19.27 11.96 -5.74
N VAL C 162 -19.84 11.44 -4.67
CA VAL C 162 -19.84 10.00 -4.41
C VAL C 162 -20.57 9.27 -5.53
N ARG C 163 -21.68 9.83 -5.97
CA ARG C 163 -22.47 9.23 -7.04
C ARG C 163 -21.67 9.19 -8.35
N GLU C 164 -20.89 10.23 -8.60
CA GLU C 164 -20.06 10.27 -9.80
C GLU C 164 -18.97 9.22 -9.74
N ILE C 165 -18.40 9.04 -8.55
CA ILE C 165 -17.36 8.06 -8.34
C ILE C 165 -17.95 6.65 -8.51
N ARG C 166 -19.17 6.48 -8.01
CA ARG C 166 -19.86 5.20 -8.12
C ARG C 166 -20.10 4.85 -9.58
N LYS C 167 -20.50 5.86 -10.37
CA LYS C 167 -20.74 5.66 -11.79
C LYS C 167 -19.43 5.38 -12.51
N HIS C 168 -18.35 5.98 -12.02
CA HIS C 168 -17.02 5.79 -12.59
C HIS C 168 -16.61 4.33 -12.52
N LYS C 169 -16.82 3.72 -11.35
CA LYS C 169 -16.48 2.33 -11.14
C LYS C 169 -17.32 1.43 -12.05
N GLU C 170 -18.58 1.82 -12.25
CA GLU C 170 -19.50 1.09 -13.11
C GLU C 170 -18.97 1.11 -14.54
N LYS C 171 -18.46 2.26 -14.96
CA LYS C 171 -17.90 2.44 -16.30
C LYS C 171 -16.61 1.65 -16.45
N MET C 172 -15.79 1.64 -15.41
CA MET C 172 -14.51 0.93 -15.43
C MET C 172 -14.71 -0.59 -15.54
N SER C 173 -15.90 -1.04 -15.17
CA SER C 173 -16.23 -2.46 -15.24
C SER C 173 -17.00 -2.77 -16.52
N LYS C 174 -17.02 -1.83 -17.45
CA LYS C 174 -17.73 -2.00 -18.70
C LYS C 174 -16.83 -1.66 -19.89
N ASP C 175 -16.05 -0.59 -19.73
CA ASP C 175 -15.12 -0.14 -20.77
C ASP C 175 -14.02 -1.16 -21.02
N GLY C 176 -13.33 -1.04 -22.15
CA GLY C 176 -12.26 -1.96 -22.46
C GLY C 176 -11.94 -1.96 -23.94
N LYS C 177 -11.74 -3.15 -24.50
CA LYS C 177 -11.41 -3.28 -25.91
C LYS C 177 -12.66 -3.17 -26.78
N LYS C 178 -13.22 -1.97 -26.83
CA LYS C 178 -14.41 -1.71 -27.62
C LYS C 178 -14.21 -0.46 -28.48
N LYS C 179 -13.69 -0.66 -29.69
CA LYS C 179 -13.43 0.44 -30.60
C LYS C 179 -14.28 0.33 -31.86
N LYS C 180 -14.94 1.41 -32.21
CA LYS C 180 -15.77 1.43 -33.38
C LYS C 180 -14.93 1.62 -34.63
N LYS C 181 -14.10 2.66 -34.63
CA LYS C 181 -13.23 2.94 -35.74
C LYS C 181 -11.91 2.17 -35.61
N LYS C 182 -11.77 1.13 -36.41
CA LYS C 182 -10.58 0.30 -36.37
C LYS C 182 -9.66 0.62 -37.53
N SER C 183 -9.32 1.89 -37.66
CA SER C 183 -8.45 2.36 -38.73
C SER C 183 -6.99 2.04 -38.42
N LYS C 184 -6.14 2.08 -39.44
CA LYS C 184 -4.73 1.80 -39.27
C LYS C 184 -3.94 3.10 -39.17
N THR C 185 -4.57 4.19 -39.57
CA THR C 185 -3.96 5.50 -39.51
C THR C 185 -4.97 6.55 -39.05
N LYS C 186 -4.57 7.81 -39.08
CA LYS C 186 -5.45 8.90 -38.66
C LYS C 186 -6.34 9.35 -39.82
N CYS C 187 -7.42 10.02 -39.49
CA CYS C 187 -8.34 10.52 -40.50
C CYS C 187 -8.14 12.01 -40.75
N GLY D 1 6.08 29.35 8.74
CA GLY D 1 6.32 28.23 9.64
C GLY D 1 5.04 27.63 10.16
N THR D 2 4.86 26.33 9.93
CA THR D 2 3.67 25.63 10.37
C THR D 2 4.02 24.27 10.96
N VAL D 3 3.24 23.85 11.96
CA VAL D 3 3.47 22.57 12.63
C VAL D 3 2.40 21.58 12.20
N LYS D 4 2.82 20.37 11.85
CA LYS D 4 1.90 19.33 11.43
C LYS D 4 1.36 18.58 12.64
N VAL D 5 0.11 18.82 12.97
CA VAL D 5 -0.53 18.19 14.11
C VAL D 5 -1.33 16.96 13.64
N TYR D 6 -1.02 15.82 14.22
CA TYR D 6 -1.70 14.58 13.87
C TYR D 6 -2.75 14.25 14.93
N LEU D 7 -3.95 13.95 14.49
CA LEU D 7 -5.05 13.64 15.39
C LEU D 7 -5.33 12.14 15.44
N PRO D 8 -5.94 11.67 16.55
CA PRO D 8 -6.27 10.24 16.74
C PRO D 8 -7.48 9.82 15.91
N ASN D 9 -7.40 10.09 14.62
CA ASN D 9 -8.44 9.75 13.67
C ASN D 9 -7.82 9.54 12.31
N LYS D 10 -6.58 9.05 12.33
CA LYS D 10 -5.81 8.79 11.12
C LYS D 10 -5.71 10.03 10.24
N GLN D 11 -5.70 11.21 10.86
CA GLN D 11 -5.66 12.44 10.12
C GLN D 11 -4.71 13.48 10.67
N ARG D 12 -4.67 14.63 10.01
CA ARG D 12 -3.78 15.71 10.40
C ARG D 12 -4.39 17.09 10.13
N THR D 13 -3.71 18.11 10.61
CA THR D 13 -4.10 19.51 10.44
C THR D 13 -2.84 20.36 10.57
N VAL D 14 -2.61 21.27 9.63
CA VAL D 14 -1.42 22.11 9.69
C VAL D 14 -1.73 23.47 10.32
N VAL D 15 -1.16 23.70 11.49
CA VAL D 15 -1.37 24.95 12.24
C VAL D 15 -0.14 25.85 12.14
N THR D 16 -0.37 27.14 11.95
CA THR D 16 0.71 28.12 11.86
C THR D 16 1.32 28.37 13.23
N VAL D 17 2.63 28.60 13.26
CA VAL D 17 3.33 28.86 14.52
C VAL D 17 3.05 30.28 15.00
N ARG D 18 2.46 30.41 16.18
CA ARG D 18 2.15 31.72 16.74
C ARG D 18 2.96 31.97 18.00
N ASP D 19 3.60 33.14 18.05
CA ASP D 19 4.40 33.51 19.19
C ASP D 19 3.53 33.92 20.38
N GLY D 20 3.81 33.34 21.54
CA GLY D 20 3.04 33.64 22.73
C GLY D 20 1.77 32.82 22.82
N MET D 21 1.55 31.95 21.85
CA MET D 21 0.36 31.11 21.81
C MET D 21 0.59 29.81 22.57
N SER D 22 -0.27 29.49 23.50
CA SER D 22 -0.15 28.26 24.28
C SER D 22 -0.73 27.08 23.51
N VAL D 23 -0.19 25.89 23.76
CA VAL D 23 -0.64 24.66 23.09
C VAL D 23 -2.15 24.48 23.25
N TYR D 24 -2.66 24.81 24.43
CA TYR D 24 -4.09 24.68 24.73
C TYR D 24 -4.92 25.50 23.74
N ASP D 25 -4.36 26.60 23.26
CA ASP D 25 -5.05 27.48 22.33
C ASP D 25 -4.94 26.98 20.89
N SER D 26 -3.74 26.58 20.50
CA SER D 26 -3.50 26.08 19.14
C SER D 26 -4.18 24.74 18.91
N LEU D 27 -4.09 23.87 19.91
CA LEU D 27 -4.69 22.55 19.82
C LEU D 27 -6.17 22.57 20.11
N ASP D 28 -6.67 23.71 20.57
CA ASP D 28 -8.09 23.85 20.86
C ASP D 28 -8.92 23.63 19.61
N LYS D 29 -8.70 24.47 18.62
CA LYS D 29 -9.41 24.36 17.35
C LYS D 29 -9.09 23.04 16.66
N ALA D 30 -7.89 22.53 16.89
CA ALA D 30 -7.47 21.26 16.30
C ALA D 30 -8.26 20.10 16.89
N LEU D 31 -8.73 20.27 18.11
CA LEU D 31 -9.51 19.24 18.79
C LEU D 31 -11.00 19.47 18.53
N LYS D 32 -11.43 20.71 18.65
CA LYS D 32 -12.84 21.05 18.43
C LYS D 32 -13.26 20.72 17.01
N VAL D 33 -12.27 20.67 16.11
CA VAL D 33 -12.49 20.37 14.68
C VAL D 33 -13.35 19.12 14.46
N ARG D 34 -13.42 18.26 15.48
CA ARG D 34 -14.23 17.06 15.43
C ARG D 34 -14.93 16.78 16.77
N GLY D 35 -15.08 17.83 17.55
CA GLY D 35 -15.75 17.71 18.84
C GLY D 35 -14.91 17.07 19.92
N LEU D 36 -13.60 17.19 19.84
CA LEU D 36 -12.72 16.61 20.87
C LEU D 36 -12.43 17.63 21.96
N ASN D 37 -12.13 17.15 23.15
CA ASN D 37 -11.85 18.04 24.27
C ASN D 37 -10.46 17.80 24.85
N GLN D 38 -9.81 18.88 25.27
CA GLN D 38 -8.47 18.82 25.84
C GLN D 38 -8.43 17.97 27.11
N ASP D 39 -9.55 17.91 27.81
CA ASP D 39 -9.64 17.14 29.04
C ASP D 39 -9.78 15.65 28.75
N CYS D 40 -9.88 15.29 27.47
CA CYS D 40 -10.02 13.91 27.08
C CYS D 40 -9.04 13.56 25.95
N CYS D 41 -8.01 14.38 25.79
CA CYS D 41 -7.02 14.14 24.76
C CYS D 41 -5.63 14.53 25.26
N VAL D 42 -4.61 13.89 24.70
CA VAL D 42 -3.23 14.17 25.09
C VAL D 42 -2.37 14.42 23.86
N VAL D 43 -1.45 15.37 23.99
CA VAL D 43 -0.56 15.71 22.89
C VAL D 43 0.87 15.26 23.20
N TYR D 44 1.42 14.43 22.32
CA TYR D 44 2.77 13.92 22.50
C TYR D 44 3.74 14.64 21.57
N ARG D 45 4.94 14.87 22.07
CA ARG D 45 5.99 15.53 21.30
C ARG D 45 6.69 14.52 20.42
N LEU D 46 7.45 15.00 19.45
CA LEU D 46 8.17 14.12 18.54
C LEU D 46 9.66 14.46 18.55
N ILE D 47 10.28 14.32 19.71
CA ILE D 47 11.70 14.61 19.87
C ILE D 47 12.53 13.41 19.45
N LYS D 48 13.09 13.49 18.25
CA LYS D 48 13.93 12.43 17.68
C LYS D 48 13.17 11.13 17.50
N GLY D 49 11.85 11.20 17.54
CA GLY D 49 11.03 10.03 17.38
C GLY D 49 10.42 9.56 18.68
N ARG D 50 11.00 10.02 19.79
CA ARG D 50 10.51 9.64 21.11
C ARG D 50 9.31 10.49 21.51
N LYS D 51 8.31 9.84 22.09
CA LYS D 51 7.10 10.52 22.51
C LYS D 51 7.22 11.08 23.93
N THR D 52 7.04 12.38 24.05
CA THR D 52 7.11 13.05 25.33
C THR D 52 5.80 13.77 25.63
N VAL D 53 5.30 13.65 26.85
CA VAL D 53 4.04 14.29 27.23
C VAL D 53 4.26 15.79 27.43
N THR D 54 3.49 16.60 26.71
CA THR D 54 3.59 18.05 26.82
C THR D 54 2.41 18.61 27.62
N ALA D 55 2.57 19.83 28.13
CA ALA D 55 1.52 20.46 28.91
C ALA D 55 0.73 21.45 28.06
N TRP D 56 -0.54 21.62 28.39
CA TRP D 56 -1.42 22.52 27.65
C TRP D 56 -1.06 23.99 27.88
N ASP D 57 -0.49 24.28 29.04
CA ASP D 57 -0.11 25.65 29.38
C ASP D 57 1.24 26.06 28.79
N THR D 58 1.85 25.16 28.03
CA THR D 58 3.12 25.43 27.40
C THR D 58 2.87 26.14 26.07
N ALA D 59 3.79 27.01 25.66
CA ALA D 59 3.63 27.74 24.40
C ALA D 59 4.08 26.91 23.21
N ILE D 60 3.46 27.16 22.06
CA ILE D 60 3.79 26.45 20.83
C ILE D 60 4.98 27.10 20.12
N ALA D 61 5.36 28.27 20.60
CA ALA D 61 6.47 29.01 20.02
C ALA D 61 7.80 28.22 20.03
N PRO D 62 8.27 27.73 21.19
CA PRO D 62 9.51 26.96 21.28
C PRO D 62 9.34 25.52 20.81
N LEU D 63 8.22 25.24 20.16
CA LEU D 63 7.93 23.92 19.65
C LEU D 63 8.14 23.88 18.14
N ASP D 64 8.38 25.05 17.56
CA ASP D 64 8.61 25.17 16.11
C ASP D 64 9.79 24.31 15.67
N GLY D 65 9.57 23.48 14.67
CA GLY D 65 10.64 22.63 14.17
C GLY D 65 10.31 21.15 14.23
N GLU D 66 9.30 20.79 15.01
CA GLU D 66 8.92 19.39 15.15
C GLU D 66 7.44 19.16 14.87
N GLU D 67 6.97 17.95 15.15
CA GLU D 67 5.59 17.59 14.92
C GLU D 67 4.86 17.34 16.23
N LEU D 68 3.54 17.19 16.16
CA LEU D 68 2.72 16.94 17.33
C LEU D 68 1.78 15.76 17.09
N ILE D 69 1.78 14.82 18.02
CA ILE D 69 0.94 13.64 17.90
C ILE D 69 -0.12 13.63 18.99
N VAL D 70 -1.37 13.79 18.62
CA VAL D 70 -2.46 13.80 19.58
C VAL D 70 -3.13 12.42 19.65
N GLU D 71 -3.42 11.99 20.87
CA GLU D 71 -4.07 10.70 21.08
C GLU D 71 -5.10 10.82 22.20
N VAL D 72 -5.89 9.77 22.38
CA VAL D 72 -6.91 9.75 23.42
C VAL D 72 -6.46 8.87 24.58
N LEU D 73 -6.89 9.19 25.79
CA LEU D 73 -6.51 8.42 26.96
C LEU D 73 -7.61 7.44 27.38
N LEU A 3 -1.18 -17.82 -51.13
CA LEU A 3 -1.48 -19.08 -51.78
C LEU A 3 -1.45 -20.22 -50.77
N LYS A 4 -0.44 -20.21 -49.91
CA LYS A 4 -0.25 -21.23 -48.89
C LYS A 4 -1.46 -21.29 -47.96
N LEU A 5 -1.93 -20.12 -47.54
CA LEU A 5 -3.07 -20.04 -46.64
C LEU A 5 -4.37 -20.32 -47.39
N LEU A 6 -4.44 -19.85 -48.63
CA LEU A 6 -5.63 -20.04 -49.46
C LEU A 6 -5.93 -21.52 -49.66
N ASP A 7 -4.92 -22.27 -50.08
CA ASP A 7 -5.06 -23.70 -50.31
C ASP A 7 -5.34 -24.44 -49.00
N ASN A 8 -4.75 -23.96 -47.91
CA ASN A 8 -4.96 -24.56 -46.60
C ASN A 8 -6.38 -24.31 -46.13
N TRP A 9 -6.87 -23.10 -46.35
CA TRP A 9 -8.21 -22.71 -45.94
C TRP A 9 -9.26 -23.54 -46.68
N ASP A 10 -8.98 -23.91 -47.92
CA ASP A 10 -9.91 -24.71 -48.69
C ASP A 10 -10.03 -26.11 -48.07
N SER A 11 -8.93 -26.58 -47.50
CA SER A 11 -8.90 -27.88 -46.86
C SER A 11 -9.65 -27.81 -45.52
N VAL A 12 -9.70 -26.62 -44.95
CA VAL A 12 -10.41 -26.39 -43.71
C VAL A 12 -11.90 -26.29 -43.98
N THR A 13 -12.27 -25.53 -45.01
CA THR A 13 -13.67 -25.34 -45.38
C THR A 13 -14.31 -26.65 -45.82
N SER A 14 -13.56 -27.49 -46.52
CA SER A 14 -14.08 -28.77 -46.97
C SER A 14 -14.36 -29.65 -45.76
N THR A 15 -13.52 -29.53 -44.74
CA THR A 15 -13.71 -30.29 -43.52
C THR A 15 -14.90 -29.72 -42.75
N PHE A 16 -15.04 -28.40 -42.78
CA PHE A 16 -16.15 -27.73 -42.12
C PHE A 16 -17.48 -28.20 -42.69
N SER A 17 -17.56 -28.25 -44.02
CA SER A 17 -18.77 -28.70 -44.68
C SER A 17 -19.07 -30.15 -44.33
N LYS A 18 -18.03 -30.98 -44.30
CA LYS A 18 -18.18 -32.39 -43.95
C LYS A 18 -18.63 -32.51 -42.50
N LEU A 19 -18.14 -31.61 -41.66
CA LEU A 19 -18.51 -31.59 -40.25
C LEU A 19 -19.98 -31.21 -40.13
N ARG A 20 -20.37 -30.17 -40.86
CA ARG A 20 -21.77 -29.70 -40.85
C ARG A 20 -22.69 -30.79 -41.38
N GLU A 21 -22.29 -31.43 -42.47
CA GLU A 21 -23.05 -32.50 -43.09
C GLU A 21 -23.31 -33.62 -42.08
N GLN A 22 -22.29 -33.95 -41.31
CA GLN A 22 -22.39 -35.00 -40.31
C GLN A 22 -23.09 -34.50 -39.05
N LEU A 23 -22.95 -33.21 -38.76
CA LEU A 23 -23.57 -32.62 -37.58
C LEU A 23 -25.09 -32.72 -37.66
N GLY A 24 -25.61 -32.70 -38.89
CA GLY A 24 -27.04 -32.81 -39.09
C GLY A 24 -27.59 -34.07 -38.46
N PRO A 25 -27.23 -35.26 -38.98
CA PRO A 25 -27.68 -36.53 -38.41
C PRO A 25 -27.22 -36.69 -36.96
N VAL A 26 -26.00 -36.21 -36.66
CA VAL A 26 -25.45 -36.30 -35.31
C VAL A 26 -26.37 -35.65 -34.27
N THR A 27 -26.84 -34.45 -34.56
CA THR A 27 -27.74 -33.76 -33.65
C THR A 27 -29.04 -34.53 -33.53
N GLN A 28 -29.53 -35.04 -34.66
CA GLN A 28 -30.76 -35.82 -34.68
C GLN A 28 -30.61 -37.05 -33.79
N GLU A 29 -29.50 -37.75 -33.98
CA GLU A 29 -29.20 -38.95 -33.20
C GLU A 29 -29.02 -38.58 -31.72
N PHE A 30 -28.34 -37.46 -31.47
CA PHE A 30 -28.11 -36.99 -30.11
C PHE A 30 -29.45 -36.68 -29.44
N TRP A 31 -30.30 -35.93 -30.15
CA TRP A 31 -31.60 -35.57 -29.62
C TRP A 31 -32.49 -36.79 -29.49
N ASP A 32 -32.42 -37.67 -30.49
CA ASP A 32 -33.21 -38.91 -30.49
C ASP A 32 -32.93 -39.71 -29.22
N ASN A 33 -31.64 -39.94 -28.97
CA ASN A 33 -31.22 -40.69 -27.79
C ASN A 33 -31.58 -39.92 -26.53
N LEU A 34 -31.34 -38.62 -26.54
CA LEU A 34 -31.65 -37.79 -25.39
C LEU A 34 -33.15 -37.76 -25.11
N GLU A 35 -33.95 -37.84 -26.16
CA GLU A 35 -35.40 -37.86 -26.03
C GLU A 35 -35.86 -39.13 -25.35
N LYS A 36 -35.16 -40.23 -25.61
CA LYS A 36 -35.49 -41.50 -24.98
C LYS A 36 -35.05 -41.44 -23.53
N GLU A 37 -33.90 -40.81 -23.32
CA GLU A 37 -33.34 -40.62 -21.99
C GLU A 37 -34.27 -39.78 -21.14
N THR A 38 -34.63 -38.62 -21.66
CA THR A 38 -35.53 -37.72 -20.97
C THR A 38 -36.90 -38.36 -20.81
N GLU A 39 -37.33 -39.12 -21.82
CA GLU A 39 -38.61 -39.81 -21.77
C GLU A 39 -38.62 -40.76 -20.58
N GLY A 40 -37.53 -41.51 -20.43
CA GLY A 40 -37.41 -42.40 -19.32
C GLY A 40 -37.40 -41.63 -18.03
N LEU A 41 -36.63 -40.55 -18.02
CA LEU A 41 -36.54 -39.68 -16.84
C LEU A 41 -37.89 -39.04 -16.53
N ARG A 42 -38.69 -38.78 -17.55
CA ARG A 42 -40.01 -38.20 -17.36
C ARG A 42 -40.89 -39.19 -16.62
N GLN A 43 -40.79 -40.46 -16.99
CA GLN A 43 -41.57 -41.51 -16.35
C GLN A 43 -40.94 -41.89 -15.01
N GLU A 44 -39.65 -41.64 -14.90
CA GLU A 44 -38.92 -41.92 -13.68
C GLU A 44 -39.21 -40.86 -12.63
N MET A 45 -38.84 -39.62 -12.95
CA MET A 45 -39.02 -38.50 -12.04
C MET A 45 -40.48 -38.30 -11.61
N SER A 46 -41.42 -38.66 -12.46
CA SER A 46 -42.82 -38.52 -12.10
C SER A 46 -43.15 -39.41 -10.91
N LYS A 47 -42.78 -40.68 -11.02
CA LYS A 47 -43.01 -41.64 -9.94
C LYS A 47 -42.02 -41.40 -8.81
N ASP A 48 -40.81 -40.97 -9.18
CA ASP A 48 -39.76 -40.67 -8.22
C ASP A 48 -40.25 -39.58 -7.28
N LEU A 49 -40.59 -38.43 -7.85
CA LEU A 49 -41.07 -37.29 -7.08
C LEU A 49 -42.38 -37.64 -6.38
N GLU A 50 -43.22 -38.44 -7.02
CA GLU A 50 -44.49 -38.84 -6.42
C GLU A 50 -44.25 -39.62 -5.14
N GLU A 51 -43.32 -40.56 -5.19
CA GLU A 51 -43.00 -41.35 -4.02
C GLU A 51 -42.23 -40.51 -3.02
N VAL A 52 -41.35 -39.65 -3.51
CA VAL A 52 -40.58 -38.77 -2.66
C VAL A 52 -41.52 -37.83 -1.90
N LYS A 53 -42.56 -37.36 -2.57
CA LYS A 53 -43.55 -36.48 -1.95
C LYS A 53 -44.48 -37.26 -1.03
N ALA A 54 -44.97 -38.39 -1.51
CA ALA A 54 -45.86 -39.24 -0.73
C ALA A 54 -45.17 -39.71 0.54
N LYS A 55 -43.87 -39.94 0.43
CA LYS A 55 -43.07 -40.40 1.56
C LYS A 55 -42.50 -39.23 2.33
N VAL A 56 -42.42 -38.05 1.70
CA VAL A 56 -41.88 -36.87 2.36
C VAL A 56 -42.77 -36.51 3.55
N GLN A 57 -44.05 -36.83 3.45
CA GLN A 57 -44.98 -36.57 4.54
C GLN A 57 -44.56 -37.35 5.78
N PRO A 58 -44.58 -38.72 5.76
CA PRO A 58 -44.16 -39.51 6.91
C PRO A 58 -42.71 -39.22 7.29
N TYR A 59 -41.88 -38.89 6.30
CA TYR A 59 -40.48 -38.58 6.54
C TYR A 59 -40.38 -37.35 7.46
N LEU A 60 -40.97 -36.25 7.01
CA LEU A 60 -40.95 -35.01 7.76
C LEU A 60 -41.84 -35.06 8.98
N ASP A 61 -43.01 -35.69 8.84
CA ASP A 61 -43.95 -35.82 9.95
C ASP A 61 -43.30 -36.52 11.13
N ASP A 62 -42.66 -37.65 10.85
CA ASP A 62 -41.99 -38.41 11.89
C ASP A 62 -40.86 -37.59 12.50
N PHE A 63 -40.08 -36.95 11.63
CA PHE A 63 -38.98 -36.11 12.08
C PHE A 63 -39.48 -34.92 12.88
N GLN A 64 -40.62 -34.36 12.47
CA GLN A 64 -41.21 -33.22 13.18
C GLN A 64 -41.74 -33.67 14.54
N LYS A 65 -42.35 -34.85 14.57
CA LYS A 65 -42.86 -35.41 15.81
C LYS A 65 -41.68 -35.66 16.75
N LYS A 66 -40.61 -36.21 16.20
CA LYS A 66 -39.41 -36.48 16.96
C LYS A 66 -38.81 -35.15 17.42
N TRP A 67 -38.76 -34.20 16.50
CA TRP A 67 -38.23 -32.87 16.78
C TRP A 67 -39.04 -32.21 17.90
N GLN A 68 -40.34 -32.44 17.89
CA GLN A 68 -41.20 -31.89 18.94
C GLN A 68 -40.77 -32.46 20.27
N GLU A 69 -40.63 -33.77 20.33
CA GLU A 69 -40.20 -34.46 21.54
C GLU A 69 -38.81 -33.95 21.93
N GLU A 70 -37.95 -33.82 20.95
CA GLU A 70 -36.59 -33.34 21.16
C GLU A 70 -36.59 -31.93 21.73
N MET A 71 -37.38 -31.05 21.13
CA MET A 71 -37.47 -29.66 21.58
C MET A 71 -38.20 -29.55 22.91
N GLU A 72 -39.31 -30.26 23.06
CA GLU A 72 -40.08 -30.23 24.29
C GLU A 72 -39.23 -30.73 25.46
N LEU A 73 -38.59 -31.87 25.26
CA LEU A 73 -37.74 -32.44 26.28
C LEU A 73 -36.51 -31.55 26.53
N TYR A 74 -36.16 -30.76 25.52
CA TYR A 74 -35.05 -29.83 25.63
C TYR A 74 -35.45 -28.65 26.50
N ARG A 75 -36.59 -28.04 26.16
CA ARG A 75 -37.09 -26.89 26.91
C ARG A 75 -37.36 -27.27 28.36
N GLN A 76 -37.93 -28.46 28.55
CA GLN A 76 -38.25 -28.98 29.87
C GLN A 76 -36.99 -29.09 30.73
N LYS A 77 -35.84 -29.14 30.07
CA LYS A 77 -34.57 -29.23 30.78
C LYS A 77 -33.87 -27.89 30.79
N VAL A 78 -33.91 -27.18 29.66
CA VAL A 78 -33.27 -25.87 29.53
C VAL A 78 -33.57 -24.95 30.71
N GLU A 79 -34.82 -24.93 31.15
CA GLU A 79 -35.22 -24.08 32.27
C GLU A 79 -34.54 -24.48 33.59
N PRO A 80 -34.79 -25.70 34.13
CA PRO A 80 -34.16 -26.14 35.39
C PRO A 80 -32.64 -26.18 35.28
N LEU A 81 -32.14 -26.56 34.10
CA LEU A 81 -30.70 -26.63 33.88
C LEU A 81 -30.11 -25.23 33.89
N ARG A 82 -30.91 -24.25 33.45
CA ARG A 82 -30.48 -22.86 33.44
C ARG A 82 -30.46 -22.32 34.85
N ALA A 83 -31.41 -22.78 35.67
CA ALA A 83 -31.49 -22.37 37.06
C ALA A 83 -30.20 -22.74 37.77
N GLU A 84 -29.75 -23.98 37.57
CA GLU A 84 -28.51 -24.45 38.16
C GLU A 84 -27.34 -23.66 37.61
N LEU A 85 -27.39 -23.39 36.31
CA LEU A 85 -26.37 -22.64 35.63
C LEU A 85 -26.27 -21.24 36.23
N GLN A 86 -27.43 -20.63 36.47
CA GLN A 86 -27.51 -19.31 37.06
C GLN A 86 -27.07 -19.34 38.51
N GLU A 87 -27.54 -20.33 39.26
CA GLU A 87 -27.17 -20.46 40.67
C GLU A 87 -25.67 -20.67 40.80
N GLY A 88 -25.14 -21.61 40.01
CA GLY A 88 -23.72 -21.87 40.04
C GLY A 88 -22.94 -20.64 39.67
N ALA A 89 -23.42 -19.92 38.64
CA ALA A 89 -22.77 -18.69 38.20
C ALA A 89 -22.86 -17.61 39.27
N ARG A 90 -24.03 -17.46 39.86
CA ARG A 90 -24.25 -16.47 40.92
C ARG A 90 -23.31 -16.72 42.07
N GLN A 91 -23.22 -17.97 42.49
CA GLN A 91 -22.35 -18.36 43.58
C GLN A 91 -20.89 -18.06 43.19
N LYS A 92 -20.52 -18.48 41.98
CA LYS A 92 -19.17 -18.25 41.47
C LYS A 92 -18.87 -16.75 41.42
N LEU A 93 -19.83 -15.98 40.94
CA LEU A 93 -19.69 -14.53 40.85
C LEU A 93 -19.46 -13.94 42.24
N HIS A 94 -20.18 -14.46 43.22
CA HIS A 94 -20.04 -13.99 44.59
C HIS A 94 -18.64 -14.29 45.10
N GLU A 95 -18.20 -15.53 44.89
CA GLU A 95 -16.88 -15.96 45.30
C GLU A 95 -15.81 -15.19 44.53
N LEU A 96 -16.15 -14.81 43.30
CA LEU A 96 -15.23 -14.05 42.46
C LEU A 96 -15.15 -12.63 42.97
N GLN A 97 -16.28 -12.07 43.37
CA GLN A 97 -16.34 -10.72 43.92
C GLN A 97 -15.47 -10.63 45.17
N GLU A 98 -15.47 -11.71 45.94
CA GLU A 98 -14.68 -11.81 47.17
C GLU A 98 -13.19 -11.96 46.83
N LYS A 99 -12.87 -11.90 45.56
CA LYS A 99 -11.50 -11.97 45.09
C LYS A 99 -11.18 -10.77 44.21
N LEU A 100 -12.22 -10.19 43.61
CA LEU A 100 -12.07 -9.03 42.76
C LEU A 100 -11.85 -7.78 43.59
N SER A 101 -12.47 -7.74 44.77
CA SER A 101 -12.32 -6.59 45.65
C SER A 101 -11.13 -6.77 46.60
N PRO A 102 -11.12 -7.80 47.48
CA PRO A 102 -10.01 -8.03 48.42
C PRO A 102 -8.68 -8.23 47.71
N LEU A 103 -8.59 -9.31 46.92
CA LEU A 103 -7.36 -9.60 46.17
C LEU A 103 -7.09 -8.49 45.16
N GLY A 104 -8.14 -7.80 44.74
CA GLY A 104 -7.99 -6.71 43.80
C GLY A 104 -7.27 -5.56 44.47
N GLU A 105 -7.74 -5.19 45.65
CA GLU A 105 -7.14 -4.11 46.43
C GLU A 105 -5.71 -4.49 46.80
N GLU A 106 -5.51 -5.77 47.08
CA GLU A 106 -4.19 -6.25 47.43
C GLU A 106 -3.24 -6.09 46.25
N MET A 107 -3.71 -6.47 45.06
CA MET A 107 -2.91 -6.30 43.86
C MET A 107 -2.72 -4.83 43.57
N ARG A 108 -3.74 -4.04 43.89
CA ARG A 108 -3.68 -2.60 43.71
C ARG A 108 -2.60 -2.02 44.61
N ASP A 109 -2.57 -2.48 45.86
CA ASP A 109 -1.58 -2.02 46.82
C ASP A 109 -0.19 -2.45 46.38
N ARG A 110 -0.08 -3.70 45.91
CA ARG A 110 1.19 -4.21 45.43
C ARG A 110 1.62 -3.38 44.23
N ALA A 111 0.65 -3.00 43.41
CA ALA A 111 0.90 -2.17 42.24
C ALA A 111 1.35 -0.78 42.67
N ARG A 112 0.76 -0.30 43.77
CA ARG A 112 1.13 1.00 44.32
C ARG A 112 2.61 0.99 44.69
N ALA A 113 3.00 -0.03 45.44
CA ALA A 113 4.39 -0.19 45.84
C ALA A 113 5.26 -0.45 44.61
N HIS A 114 4.71 -1.21 43.67
CA HIS A 114 5.38 -1.54 42.42
C HIS A 114 5.74 -0.27 41.67
N VAL A 115 4.73 0.56 41.43
CA VAL A 115 4.88 1.80 40.69
C VAL A 115 5.65 2.84 41.53
N ASP A 116 5.35 2.92 42.82
CA ASP A 116 6.03 3.88 43.69
C ASP A 116 7.53 3.62 43.70
N ALA A 117 7.90 2.35 43.89
CA ALA A 117 9.30 1.96 43.88
C ALA A 117 9.89 2.19 42.50
N LEU A 118 9.03 2.11 41.49
CA LEU A 118 9.45 2.36 40.12
C LEU A 118 9.73 3.84 39.96
N ARG A 119 8.88 4.67 40.57
CA ARG A 119 9.03 6.12 40.50
C ARG A 119 10.36 6.55 41.11
N THR A 120 10.68 5.96 42.27
CA THR A 120 11.91 6.29 42.96
C THR A 120 13.14 5.80 42.20
N HIS A 121 12.94 4.92 41.24
CA HIS A 121 14.04 4.39 40.44
C HIS A 121 14.05 4.98 39.04
N LEU A 122 12.87 5.15 38.45
CA LEU A 122 12.76 5.71 37.11
C LEU A 122 13.35 7.11 37.04
N ALA A 123 13.17 7.87 38.11
CA ALA A 123 13.71 9.23 38.16
C ALA A 123 15.23 9.21 38.02
N PRO A 124 15.99 8.58 38.96
CA PRO A 124 17.44 8.49 38.85
C PRO A 124 17.85 7.74 37.58
N TYR A 125 17.05 6.76 37.17
CA TYR A 125 17.34 6.01 35.94
C TYR A 125 17.35 6.96 34.75
N SER A 126 16.31 7.77 34.64
CA SER A 126 16.20 8.73 33.56
C SER A 126 17.26 9.81 33.69
N ASP A 127 17.56 10.20 34.93
CA ASP A 127 18.58 11.20 35.18
C ASP A 127 19.94 10.65 34.77
N GLU A 128 20.18 9.39 35.10
CA GLU A 128 21.43 8.72 34.74
C GLU A 128 21.49 8.60 33.21
N LEU A 129 20.33 8.34 32.62
CA LEU A 129 20.23 8.24 31.16
C LEU A 129 20.63 9.57 30.54
N ARG A 130 20.25 10.66 31.20
CA ARG A 130 20.60 12.00 30.74
C ARG A 130 22.10 12.18 30.80
N GLN A 131 22.72 11.66 31.86
CA GLN A 131 24.17 11.72 32.04
C GLN A 131 24.83 10.96 30.91
N ARG A 132 24.28 9.80 30.59
CA ARG A 132 24.79 8.98 29.51
C ARG A 132 24.59 9.70 28.19
N LEU A 133 23.37 10.17 27.95
CA LEU A 133 23.05 10.89 26.73
C LEU A 133 23.96 12.08 26.55
N ALA A 134 24.25 12.78 27.64
CA ALA A 134 25.14 13.92 27.60
C ALA A 134 26.52 13.49 27.12
N ALA A 135 27.00 12.38 27.69
CA ALA A 135 28.30 11.83 27.31
C ALA A 135 28.29 11.37 25.86
N ARG A 136 27.22 10.66 25.48
CA ARG A 136 27.07 10.17 24.12
C ARG A 136 27.03 11.35 23.15
N LEU A 137 26.24 12.36 23.50
CA LEU A 137 26.10 13.56 22.68
C LEU A 137 27.44 14.29 22.55
N GLU A 138 28.17 14.38 23.67
CA GLU A 138 29.48 15.03 23.66
C GLU A 138 30.41 14.29 22.72
N ALA A 139 30.36 12.97 22.76
CA ALA A 139 31.19 12.15 21.90
C ALA A 139 30.73 12.32 20.45
N LEU A 140 29.43 12.37 20.26
CA LEU A 140 28.84 12.55 18.94
C LEU A 140 29.15 13.94 18.39
N LYS A 141 29.47 14.88 19.27
CA LYS A 141 29.81 16.22 18.87
C LYS A 141 31.29 16.31 18.54
N GLU A 142 32.11 15.79 19.44
CA GLU A 142 33.56 15.79 19.24
C GLU A 142 33.96 14.89 18.10
N ASN A 143 33.68 13.61 18.23
CA ASN A 143 34.00 12.62 17.20
C ASN A 143 33.13 12.85 15.97
N GLY A 144 31.86 13.17 16.20
CA GLY A 144 30.94 13.42 15.10
C GLY A 144 31.42 14.56 14.24
N GLY A 145 31.86 15.64 14.87
CA GLY A 145 32.36 16.79 14.14
C GLY A 145 33.61 16.42 13.37
N ALA A 146 34.49 15.68 14.02
CA ALA A 146 35.73 15.23 13.40
C ALA A 146 35.39 14.31 12.23
N ARG A 147 34.40 13.46 12.44
CA ARG A 147 33.93 12.52 11.44
C ARG A 147 33.44 13.29 10.21
N LEU A 148 32.67 14.35 10.45
CA LEU A 148 32.16 15.17 9.36
C LEU A 148 33.31 15.86 8.64
N ALA A 149 34.29 16.32 9.40
CA ALA A 149 35.47 16.97 8.83
C ALA A 149 36.23 15.97 7.96
N GLU A 150 36.42 14.77 8.50
CA GLU A 150 37.11 13.72 7.77
C GLU A 150 36.32 13.33 6.52
N TYR A 151 35.00 13.23 6.67
CA TYR A 151 34.13 12.88 5.56
C TYR A 151 34.20 13.96 4.49
N HIS A 152 34.22 15.21 4.93
CA HIS A 152 34.32 16.34 4.01
C HIS A 152 35.65 16.33 3.28
N ALA A 153 36.72 16.03 4.02
CA ALA A 153 38.05 15.97 3.44
C ALA A 153 38.09 14.87 2.39
N LYS A 154 37.58 13.70 2.76
CA LYS A 154 37.54 12.55 1.86
C LYS A 154 36.67 12.87 0.65
N ALA A 155 35.54 13.53 0.89
CA ALA A 155 34.63 13.89 -0.18
C ALA A 155 35.32 14.86 -1.14
N THR A 156 35.99 15.85 -0.59
CA THR A 156 36.70 16.84 -1.37
C THR A 156 37.79 16.18 -2.22
N GLU A 157 38.56 15.29 -1.60
CA GLU A 157 39.61 14.58 -2.30
C GLU A 157 39.05 13.56 -3.28
N HIS A 158 37.90 13.00 -2.93
CA HIS A 158 37.24 12.03 -3.79
C HIS A 158 36.65 12.74 -5.00
N LEU A 159 36.36 14.02 -4.84
CA LEU A 159 35.83 14.83 -5.93
C LEU A 159 36.92 15.08 -6.94
N SER A 160 38.13 15.34 -6.45
CA SER A 160 39.27 15.57 -7.31
C SER A 160 39.58 14.29 -8.08
N THR A 161 39.56 13.17 -7.38
CA THR A 161 39.82 11.88 -7.99
C THR A 161 38.66 11.46 -8.90
N LEU A 162 37.49 12.06 -8.67
CA LEU A 162 36.33 11.80 -9.50
C LEU A 162 36.44 12.63 -10.78
N SER A 163 36.93 13.85 -10.62
CA SER A 163 37.14 14.74 -11.76
C SER A 163 38.24 14.15 -12.64
N GLU A 164 39.17 13.47 -11.99
CA GLU A 164 40.28 12.81 -12.67
C GLU A 164 39.81 11.54 -13.38
N LYS A 165 38.50 11.36 -13.40
CA LYS A 165 37.87 10.22 -14.06
C LYS A 165 36.80 10.74 -15.00
N ALA A 166 35.99 11.66 -14.49
CA ALA A 166 34.90 12.26 -15.25
C ALA A 166 35.41 13.15 -16.40
N LYS A 167 36.70 13.36 -16.45
CA LYS A 167 37.28 14.17 -17.52
C LYS A 167 38.03 13.31 -18.53
N PRO A 168 39.16 12.67 -18.16
CA PRO A 168 39.94 11.85 -19.09
C PRO A 168 39.18 10.61 -19.55
N ALA A 169 38.59 9.89 -18.61
CA ALA A 169 37.85 8.67 -18.93
C ALA A 169 36.62 8.99 -19.76
N LEU A 170 35.95 10.09 -19.43
CA LEU A 170 34.77 10.49 -20.18
C LEU A 170 35.16 10.92 -21.59
N GLU A 171 36.28 11.63 -21.70
CA GLU A 171 36.76 12.07 -23.00
C GLU A 171 37.25 10.88 -23.80
N ASP A 172 37.83 9.91 -23.09
CA ASP A 172 38.30 8.67 -23.70
C ASP A 172 37.09 7.94 -24.26
N LEU A 173 36.04 7.85 -23.43
CA LEU A 173 34.80 7.21 -23.84
C LEU A 173 34.17 7.94 -25.00
N ARG A 174 34.19 9.27 -24.97
CA ARG A 174 33.63 10.08 -26.05
C ARG A 174 34.39 9.82 -27.35
N GLN A 175 35.71 9.77 -27.22
CA GLN A 175 36.57 9.53 -28.37
C GLN A 175 36.41 8.13 -28.91
N GLY A 176 35.91 7.23 -28.06
CA GLY A 176 35.69 5.85 -28.45
C GLY A 176 34.27 5.65 -28.94
N LEU A 177 33.31 6.33 -28.31
CA LEU A 177 31.91 6.23 -28.67
C LEU A 177 31.66 6.64 -30.11
N LEU A 178 32.37 7.66 -30.58
CA LEU A 178 32.19 8.13 -31.96
C LEU A 178 32.49 7.01 -32.97
N PRO A 179 33.72 6.47 -33.03
CA PRO A 179 34.07 5.41 -33.96
C PRO A 179 33.28 4.13 -33.68
N VAL A 180 33.01 3.86 -32.40
CA VAL A 180 32.26 2.68 -32.01
C VAL A 180 30.83 2.75 -32.54
N LEU A 181 30.18 3.89 -32.34
CA LEU A 181 28.83 4.09 -32.83
C LEU A 181 28.81 4.01 -34.35
N GLU A 182 29.89 4.45 -34.97
CA GLU A 182 30.01 4.40 -36.42
C GLU A 182 30.14 2.96 -36.90
N SER A 183 31.01 2.18 -36.26
CA SER A 183 31.19 0.78 -36.62
C SER A 183 29.89 0.03 -36.38
N PHE A 184 29.20 0.42 -35.31
CA PHE A 184 27.92 -0.17 -34.96
C PHE A 184 26.87 0.21 -35.98
N LYS A 185 26.84 1.50 -36.35
CA LYS A 185 25.88 2.00 -37.33
C LYS A 185 26.07 1.31 -38.67
N VAL A 186 27.32 1.19 -39.09
CA VAL A 186 27.64 0.52 -40.36
C VAL A 186 27.14 -0.91 -40.32
N SER A 187 27.39 -1.60 -39.21
CA SER A 187 26.95 -2.97 -39.03
C SER A 187 25.43 -3.05 -38.99
N PHE A 188 24.81 -2.09 -38.31
CA PHE A 188 23.36 -2.04 -38.19
C PHE A 188 22.72 -1.79 -39.56
N LEU A 189 23.24 -0.81 -40.28
CA LEU A 189 22.72 -0.46 -41.60
C LEU A 189 22.81 -1.65 -42.55
N SER A 190 23.96 -2.27 -42.59
CA SER A 190 24.19 -3.42 -43.45
C SER A 190 23.35 -4.62 -43.03
N ALA A 191 22.99 -4.66 -41.75
CA ALA A 191 22.17 -5.75 -41.22
C ALA A 191 20.70 -5.49 -41.50
N LEU A 192 20.28 -4.23 -41.32
CA LEU A 192 18.91 -3.83 -41.55
C LEU A 192 18.50 -4.13 -42.99
N GLU A 193 19.42 -3.86 -43.91
CA GLU A 193 19.17 -4.12 -45.31
C GLU A 193 19.02 -5.62 -45.55
N GLU A 194 19.79 -6.41 -44.82
CA GLU A 194 19.74 -7.86 -44.94
C GLU A 194 18.41 -8.40 -44.45
N TYR A 195 17.95 -7.87 -43.32
CA TYR A 195 16.67 -8.30 -42.73
C TYR A 195 15.52 -8.13 -43.73
N THR A 196 15.40 -6.93 -44.29
CA THR A 196 14.35 -6.65 -45.24
C THR A 196 14.57 -7.40 -46.56
N LYS A 197 15.81 -7.77 -46.82
CA LYS A 197 16.15 -8.49 -48.05
C LYS A 197 15.54 -9.89 -48.05
N LYS A 198 15.54 -10.54 -46.89
CA LYS A 198 15.00 -11.89 -46.77
C LYS A 198 13.52 -11.89 -46.40
N LEU A 199 13.14 -10.97 -45.51
CA LEU A 199 11.76 -10.90 -45.07
C LEU A 199 10.86 -10.27 -46.12
N ASN A 200 11.40 -9.28 -46.83
CA ASN A 200 10.66 -8.57 -47.87
C ASN A 200 10.19 -9.53 -48.97
N LEU B 3 37.46 -2.62 -30.99
CA LEU B 3 38.72 -3.34 -31.14
C LEU B 3 39.78 -2.76 -30.23
N LYS B 4 39.59 -1.50 -29.84
CA LYS B 4 40.52 -0.80 -28.98
C LYS B 4 40.23 -1.10 -27.50
N LEU B 5 40.02 -2.38 -27.20
CA LEU B 5 39.74 -2.81 -25.85
C LEU B 5 40.93 -2.51 -24.95
N LEU B 6 42.12 -2.55 -25.55
CA LEU B 6 43.36 -2.27 -24.83
C LEU B 6 43.39 -0.82 -24.39
N ASP B 7 42.88 0.07 -25.23
CA ASP B 7 42.85 1.50 -24.90
C ASP B 7 41.85 1.74 -23.79
N ASN B 8 40.72 1.04 -23.84
CA ASN B 8 39.69 1.17 -22.82
C ASN B 8 40.22 0.59 -21.51
N TRP B 9 41.00 -0.48 -21.62
CA TRP B 9 41.61 -1.11 -20.47
C TRP B 9 42.62 -0.17 -19.85
N ASP B 10 43.32 0.57 -20.70
CA ASP B 10 44.32 1.52 -20.24
C ASP B 10 43.66 2.58 -19.36
N SER B 11 42.53 3.11 -19.82
CA SER B 11 41.79 4.11 -19.07
C SER B 11 41.26 3.50 -17.76
N VAL B 12 40.93 2.22 -17.81
CA VAL B 12 40.45 1.50 -16.63
C VAL B 12 41.60 1.37 -15.62
N THR B 13 42.79 1.16 -16.15
CA THR B 13 43.97 1.02 -15.30
C THR B 13 44.33 2.36 -14.65
N SER B 14 44.23 3.45 -15.41
CA SER B 14 44.53 4.77 -14.87
C SER B 14 43.50 5.16 -13.82
N THR B 15 42.23 4.89 -14.09
CA THR B 15 41.16 5.20 -13.16
C THR B 15 41.30 4.35 -11.90
N PHE B 16 41.70 3.09 -12.09
CA PHE B 16 41.89 2.18 -10.97
C PHE B 16 43.07 2.64 -10.12
N SER B 17 44.12 3.10 -10.77
CA SER B 17 45.30 3.61 -10.07
C SER B 17 44.91 4.82 -9.23
N LYS B 18 44.14 5.71 -9.82
CA LYS B 18 43.67 6.90 -9.12
C LYS B 18 42.65 6.52 -8.05
N LEU B 19 42.00 5.38 -8.25
CA LEU B 19 41.05 4.87 -7.29
C LEU B 19 41.83 4.33 -6.09
N ARG B 20 42.99 3.75 -6.39
CA ARG B 20 43.86 3.20 -5.37
C ARG B 20 44.55 4.33 -4.61
N GLU B 21 44.65 5.50 -5.25
CA GLU B 21 45.21 6.67 -4.61
C GLU B 21 44.31 7.05 -3.45
N GLN B 22 43.01 6.91 -3.68
CA GLN B 22 42.01 7.21 -2.66
C GLN B 22 42.09 6.17 -1.56
N LEU B 23 42.49 4.96 -1.95
CA LEU B 23 42.61 3.86 -1.00
C LEU B 23 43.81 4.05 -0.07
N GLY B 24 44.55 5.12 -0.28
CA GLY B 24 45.70 5.39 0.55
C GLY B 24 45.34 6.30 1.72
N PRO B 25 45.50 7.62 1.55
CA PRO B 25 45.20 8.61 2.59
C PRO B 25 43.79 8.48 3.16
N VAL B 26 42.80 8.33 2.29
CA VAL B 26 41.42 8.21 2.71
C VAL B 26 41.24 7.07 3.71
N THR B 27 41.88 5.94 3.45
CA THR B 27 41.80 4.80 4.34
C THR B 27 42.61 5.07 5.62
N GLN B 28 43.71 5.79 5.46
CA GLN B 28 44.55 6.14 6.60
C GLN B 28 43.75 6.99 7.58
N GLU B 29 43.16 8.06 7.09
CA GLU B 29 42.34 8.94 7.93
C GLU B 29 41.09 8.19 8.36
N PHE B 30 40.75 7.14 7.63
CA PHE B 30 39.58 6.34 7.97
C PHE B 30 39.89 5.56 9.24
N TRP B 31 41.09 5.01 9.31
CA TRP B 31 41.53 4.27 10.48
C TRP B 31 41.73 5.26 11.62
N ASP B 32 42.16 6.48 11.28
CA ASP B 32 42.34 7.53 12.26
C ASP B 32 40.98 7.94 12.80
N ASN B 33 40.02 8.04 11.88
CA ASN B 33 38.65 8.38 12.25
C ASN B 33 38.10 7.28 13.13
N LEU B 34 38.44 6.04 12.79
CA LEU B 34 38.01 4.88 13.56
C LEU B 34 38.68 4.91 14.94
N GLU B 35 39.84 5.53 15.01
CA GLU B 35 40.55 5.68 16.28
C GLU B 35 39.73 6.62 17.15
N LYS B 36 39.18 7.66 16.51
CA LYS B 36 38.35 8.62 17.20
C LYS B 36 37.05 7.93 17.61
N GLU B 37 36.52 7.13 16.70
CA GLU B 37 35.31 6.36 16.94
C GLU B 37 35.50 5.45 18.14
N THR B 38 36.56 4.64 18.10
CA THR B 38 36.85 3.70 19.17
C THR B 38 37.17 4.41 20.49
N GLU B 39 37.85 5.56 20.41
CA GLU B 39 38.18 6.33 21.60
C GLU B 39 36.91 6.95 22.18
N GLY B 40 36.09 7.53 21.32
CA GLY B 40 34.84 8.12 21.74
C GLY B 40 33.93 7.07 22.31
N LEU B 41 33.78 5.98 21.55
CA LEU B 41 32.94 4.87 21.97
C LEU B 41 33.50 4.26 23.26
N ARG B 42 34.81 4.37 23.46
CA ARG B 42 35.43 3.86 24.67
C ARG B 42 34.92 4.64 25.85
N GLN B 43 34.84 5.96 25.70
CA GLN B 43 34.35 6.83 26.75
C GLN B 43 32.88 6.52 27.02
N GLU B 44 32.13 6.37 25.93
CA GLU B 44 30.71 6.06 26.02
C GLU B 44 30.50 4.71 26.69
N MET B 45 31.15 3.69 26.13
CA MET B 45 31.04 2.32 26.64
C MET B 45 31.50 2.19 28.09
N SER B 46 32.64 2.78 28.42
CA SER B 46 33.15 2.70 29.78
C SER B 46 32.14 3.24 30.79
N LYS B 47 31.65 4.44 30.53
CA LYS B 47 30.66 5.06 31.41
C LYS B 47 29.36 4.28 31.40
N ASP B 48 28.90 3.92 30.20
CA ASP B 48 27.66 3.17 30.03
C ASP B 48 27.73 1.83 30.75
N LEU B 49 28.85 1.13 30.61
CA LEU B 49 29.03 -0.17 31.25
C LEU B 49 29.18 -0.03 32.76
N GLU B 50 29.98 0.93 33.19
CA GLU B 50 30.18 1.16 34.62
C GLU B 50 28.86 1.50 35.29
N GLU B 51 28.10 2.37 34.66
CA GLU B 51 26.81 2.77 35.19
C GLU B 51 25.78 1.68 34.99
N VAL B 52 25.97 0.85 33.96
CA VAL B 52 25.05 -0.24 33.69
C VAL B 52 25.12 -1.28 34.81
N LYS B 53 26.31 -1.47 35.36
CA LYS B 53 26.48 -2.40 36.46
C LYS B 53 25.82 -1.81 37.69
N ALA B 54 25.89 -0.48 37.79
CA ALA B 54 25.29 0.25 38.90
C ALA B 54 23.81 0.45 38.65
N LYS B 55 23.36 -0.03 37.50
CA LYS B 55 21.94 0.06 37.12
C LYS B 55 21.31 -1.31 37.26
N VAL B 56 22.01 -2.33 36.78
CA VAL B 56 21.54 -3.70 36.86
C VAL B 56 21.34 -4.13 38.32
N GLN B 57 22.21 -3.62 39.19
CA GLN B 57 22.11 -3.93 40.63
C GLN B 57 20.74 -3.53 41.17
N PRO B 58 20.36 -2.22 41.16
CA PRO B 58 19.05 -1.79 41.63
C PRO B 58 17.93 -2.35 40.76
N TYR B 59 18.24 -2.57 39.48
CA TYR B 59 17.27 -3.13 38.53
C TYR B 59 16.85 -4.52 39.00
N LEU B 60 17.83 -5.39 39.19
CA LEU B 60 17.56 -6.75 39.64
C LEU B 60 16.91 -6.74 41.00
N ASP B 61 17.39 -5.85 41.87
CA ASP B 61 16.83 -5.72 43.22
C ASP B 61 15.36 -5.37 43.17
N ASP B 62 15.04 -4.34 42.40
CA ASP B 62 13.66 -3.88 42.27
C ASP B 62 12.81 -4.85 41.47
N PHE B 63 13.39 -5.44 40.44
CA PHE B 63 12.69 -6.40 39.61
C PHE B 63 12.35 -7.64 40.44
N GLN B 64 13.33 -8.15 41.17
CA GLN B 64 13.12 -9.31 42.02
C GLN B 64 12.19 -8.96 43.17
N LYS B 65 12.26 -7.71 43.60
CA LYS B 65 11.39 -7.22 44.67
C LYS B 65 9.95 -7.29 44.21
N LYS B 66 9.70 -6.71 43.04
CA LYS B 66 8.38 -6.70 42.45
C LYS B 66 7.96 -8.12 42.07
N TRP B 67 8.94 -8.91 41.65
CA TRP B 67 8.70 -10.29 41.27
C TRP B 67 8.33 -11.11 42.49
N GLN B 68 8.90 -10.75 43.64
CA GLN B 68 8.59 -11.44 44.88
C GLN B 68 7.14 -11.14 45.22
N GLU B 69 6.76 -9.87 45.07
CA GLU B 69 5.39 -9.46 45.31
C GLU B 69 4.48 -10.15 44.32
N GLU B 70 4.93 -10.23 43.07
CA GLU B 70 4.18 -10.88 42.01
C GLU B 70 4.02 -12.36 42.33
N MET B 71 5.11 -12.99 42.78
CA MET B 71 5.08 -14.41 43.15
C MET B 71 4.10 -14.62 44.28
N GLU B 72 4.16 -13.74 45.28
CA GLU B 72 3.25 -13.80 46.40
C GLU B 72 1.82 -13.63 45.90
N LEU B 73 1.61 -12.56 45.14
CA LEU B 73 0.31 -12.24 44.56
C LEU B 73 -0.24 -13.41 43.75
N TYR B 74 0.59 -13.94 42.86
CA TYR B 74 0.20 -15.07 42.03
C TYR B 74 -0.18 -16.28 42.87
N ARG B 75 0.65 -16.58 43.86
CA ARG B 75 0.40 -17.73 44.73
C ARG B 75 -0.84 -17.50 45.61
N GLN B 76 -0.92 -16.31 46.21
CA GLN B 76 -2.04 -15.97 47.08
C GLN B 76 -3.33 -15.81 46.29
N LYS B 77 -3.22 -15.67 44.98
CA LYS B 77 -4.38 -15.54 44.11
C LYS B 77 -4.74 -16.89 43.51
N VAL B 78 -3.76 -17.54 42.90
CA VAL B 78 -3.95 -18.83 42.25
C VAL B 78 -4.44 -19.89 43.24
N GLU B 79 -3.92 -19.88 44.46
CA GLU B 79 -4.34 -20.86 45.47
C GLU B 79 -5.86 -20.86 45.68
N PRO B 80 -6.47 -19.75 46.17
CA PRO B 80 -7.92 -19.69 46.37
C PRO B 80 -8.67 -19.69 45.04
N LEU B 81 -8.01 -19.18 43.99
CA LEU B 81 -8.61 -19.16 42.67
C LEU B 81 -8.82 -20.58 42.18
N ARG B 82 -7.76 -21.37 42.24
CA ARG B 82 -7.83 -22.76 41.82
C ARG B 82 -8.72 -23.56 42.74
N ALA B 83 -8.75 -23.18 44.01
CA ALA B 83 -9.59 -23.85 44.99
C ALA B 83 -11.05 -23.66 44.61
N GLU B 84 -11.40 -22.44 44.26
CA GLU B 84 -12.76 -22.11 43.86
C GLU B 84 -13.01 -22.59 42.43
N LEU B 85 -11.95 -22.60 41.62
CA LEU B 85 -12.05 -23.06 40.24
C LEU B 85 -12.28 -24.55 40.22
N GLN B 86 -11.58 -25.27 41.10
CA GLN B 86 -11.74 -26.71 41.19
C GLN B 86 -13.13 -27.05 41.71
N GLU B 87 -13.55 -26.35 42.75
CA GLU B 87 -14.88 -26.57 43.30
C GLU B 87 -15.92 -26.17 42.26
N GLY B 88 -15.65 -25.05 41.59
CA GLY B 88 -16.53 -24.58 40.55
C GLY B 88 -16.59 -25.55 39.40
N ALA B 89 -15.42 -26.11 39.05
CA ALA B 89 -15.32 -27.08 37.98
C ALA B 89 -16.02 -28.36 38.40
N ARG B 90 -15.88 -28.73 39.66
CA ARG B 90 -16.53 -29.93 40.19
C ARG B 90 -18.04 -29.74 40.11
N GLN B 91 -18.49 -28.55 40.49
CA GLN B 91 -19.90 -28.22 40.43
C GLN B 91 -20.35 -28.21 38.98
N LYS B 92 -19.52 -27.65 38.12
CA LYS B 92 -19.82 -27.58 36.70
C LYS B 92 -19.85 -28.99 36.10
N LEU B 93 -18.90 -29.82 36.51
CA LEU B 93 -18.82 -31.19 36.04
C LEU B 93 -20.02 -31.95 36.56
N HIS B 94 -20.34 -31.74 37.83
CA HIS B 94 -21.50 -32.38 38.46
C HIS B 94 -22.76 -31.93 37.73
N GLU B 95 -22.82 -30.63 37.49
CA GLU B 95 -23.93 -30.01 36.76
C GLU B 95 -24.06 -30.66 35.39
N LEU B 96 -22.95 -30.71 34.67
CA LEU B 96 -22.91 -31.30 33.35
C LEU B 96 -23.21 -32.80 33.39
N GLN B 97 -22.65 -33.50 34.36
CA GLN B 97 -22.87 -34.94 34.49
C GLN B 97 -24.34 -35.26 34.71
N GLU B 98 -24.99 -34.49 35.58
CA GLU B 98 -26.40 -34.69 35.89
C GLU B 98 -27.29 -34.24 34.72
N LYS B 99 -26.65 -33.72 33.68
CA LYS B 99 -27.35 -33.28 32.48
C LYS B 99 -27.01 -34.20 31.32
N LEU B 100 -25.72 -34.47 31.15
CA LEU B 100 -25.23 -35.33 30.07
C LEU B 100 -25.73 -36.76 30.22
N SER B 101 -25.98 -37.18 31.46
CA SER B 101 -26.48 -38.53 31.70
C SER B 101 -27.91 -38.68 31.16
N PRO B 102 -28.90 -37.91 31.70
CA PRO B 102 -30.28 -37.99 31.22
C PRO B 102 -30.38 -37.58 29.75
N LEU B 103 -29.62 -36.57 29.36
CA LEU B 103 -29.61 -36.10 27.98
C LEU B 103 -28.94 -37.12 27.07
N GLY B 104 -27.96 -37.83 27.61
CA GLY B 104 -27.26 -38.85 26.84
C GLY B 104 -28.21 -39.96 26.45
N GLU B 105 -28.97 -40.44 27.42
CA GLU B 105 -29.94 -41.49 27.19
C GLU B 105 -30.99 -40.98 26.22
N GLU B 106 -31.38 -39.72 26.41
CA GLU B 106 -32.37 -39.08 25.57
C GLU B 106 -31.83 -38.95 24.14
N MET B 107 -30.58 -38.51 24.02
CA MET B 107 -29.94 -38.38 22.73
C MET B 107 -29.88 -39.73 22.03
N ARG B 108 -29.67 -40.78 22.82
CA ARG B 108 -29.63 -42.13 22.29
C ARG B 108 -31.01 -42.51 21.80
N ASP B 109 -32.03 -42.15 22.56
CA ASP B 109 -33.42 -42.43 22.19
C ASP B 109 -33.73 -41.68 20.90
N ARG B 110 -33.27 -40.43 20.83
CA ARG B 110 -33.46 -39.60 19.65
C ARG B 110 -32.75 -40.26 18.48
N ALA B 111 -31.51 -40.66 18.73
CA ALA B 111 -30.69 -41.32 17.72
C ALA B 111 -31.35 -42.58 17.23
N ARG B 112 -31.84 -43.40 18.16
CA ARG B 112 -32.53 -44.64 17.82
C ARG B 112 -33.77 -44.35 16.99
N ALA B 113 -34.54 -43.38 17.43
CA ALA B 113 -35.75 -42.98 16.72
C ALA B 113 -35.42 -42.43 15.34
N HIS B 114 -34.30 -41.71 15.25
CA HIS B 114 -33.87 -41.14 13.97
C HIS B 114 -33.27 -42.22 13.08
N VAL B 115 -32.41 -43.06 13.65
CA VAL B 115 -31.75 -44.12 12.90
C VAL B 115 -32.74 -45.19 12.46
N ASP B 116 -33.65 -45.58 13.34
CA ASP B 116 -34.65 -46.59 12.99
C ASP B 116 -35.55 -46.03 11.90
N ALA B 117 -35.82 -44.73 12.00
CA ALA B 117 -36.61 -44.06 10.99
C ALA B 117 -35.82 -44.08 9.70
N LEU B 118 -34.52 -43.79 9.80
CA LEU B 118 -33.64 -43.81 8.65
C LEU B 118 -33.61 -45.19 8.03
N ARG B 119 -33.71 -46.22 8.86
CA ARG B 119 -33.72 -47.60 8.36
C ARG B 119 -34.94 -47.80 7.48
N THR B 120 -36.10 -47.40 7.98
CA THR B 120 -37.34 -47.55 7.25
C THR B 120 -37.54 -46.43 6.22
N HIS B 121 -36.53 -45.58 6.06
CA HIS B 121 -36.61 -44.48 5.10
C HIS B 121 -35.56 -44.62 4.01
N LEU B 122 -34.34 -44.94 4.40
CA LEU B 122 -33.24 -45.10 3.46
C LEU B 122 -33.33 -46.43 2.73
N ALA B 123 -33.74 -47.49 3.43
CA ALA B 123 -33.88 -48.81 2.81
C ALA B 123 -34.85 -48.78 1.62
N PRO B 124 -36.13 -48.38 1.82
CA PRO B 124 -37.09 -48.31 0.73
C PRO B 124 -36.66 -47.30 -0.32
N TYR B 125 -36.08 -46.19 0.13
CA TYR B 125 -35.61 -45.14 -0.78
C TYR B 125 -34.56 -45.69 -1.73
N SER B 126 -33.59 -46.41 -1.16
CA SER B 126 -32.53 -47.00 -1.95
C SER B 126 -33.09 -48.14 -2.80
N ASP B 127 -34.10 -48.82 -2.28
CA ASP B 127 -34.74 -49.90 -3.01
C ASP B 127 -35.48 -49.33 -4.21
N GLU B 128 -36.14 -48.20 -4.01
CA GLU B 128 -36.84 -47.51 -5.07
C GLU B 128 -35.81 -47.07 -6.10
N LEU B 129 -34.66 -46.62 -5.59
CA LEU B 129 -33.56 -46.19 -6.43
C LEU B 129 -33.02 -47.36 -7.23
N ARG B 130 -33.09 -48.56 -6.65
CA ARG B 130 -32.63 -49.76 -7.33
C ARG B 130 -33.46 -50.01 -8.58
N GLN B 131 -34.74 -49.66 -8.50
CA GLN B 131 -35.65 -49.81 -9.61
C GLN B 131 -35.47 -48.67 -10.60
N ARG B 132 -35.45 -47.45 -10.07
CA ARG B 132 -35.29 -46.25 -10.89
C ARG B 132 -33.93 -46.20 -11.57
N LEU B 133 -32.85 -46.39 -10.82
CA LEU B 133 -31.51 -46.38 -11.38
C LEU B 133 -31.36 -47.47 -12.42
N ALA B 134 -32.05 -48.59 -12.20
CA ALA B 134 -32.01 -49.68 -13.16
C ALA B 134 -32.67 -49.25 -14.45
N ALA B 135 -33.76 -48.49 -14.32
CA ALA B 135 -34.48 -47.99 -15.49
C ALA B 135 -33.62 -46.95 -16.19
N ARG B 136 -32.97 -46.11 -15.39
CA ARG B 136 -32.08 -45.09 -15.91
C ARG B 136 -30.95 -45.75 -16.67
N LEU B 137 -30.41 -46.82 -16.08
CA LEU B 137 -29.35 -47.58 -16.71
C LEU B 137 -29.86 -48.29 -17.95
N GLU B 138 -31.12 -48.73 -17.90
CA GLU B 138 -31.73 -49.41 -19.03
C GLU B 138 -31.80 -48.44 -20.21
N ALA B 139 -32.17 -47.20 -19.91
CA ALA B 139 -32.24 -46.16 -20.92
C ALA B 139 -30.84 -45.85 -21.43
N LEU B 140 -29.90 -45.75 -20.49
CA LEU B 140 -28.51 -45.48 -20.83
C LEU B 140 -27.90 -46.64 -21.61
N LYS B 141 -28.46 -47.83 -21.44
CA LYS B 141 -27.99 -49.00 -22.15
C LYS B 141 -28.56 -49.01 -23.56
N GLU B 142 -29.85 -48.68 -23.67
CA GLU B 142 -30.51 -48.63 -24.96
C GLU B 142 -29.95 -47.49 -25.80
N ASN B 143 -29.86 -46.32 -25.18
CA ASN B 143 -29.33 -45.15 -25.87
C ASN B 143 -27.82 -45.28 -26.01
N GLY B 144 -27.20 -45.87 -25.00
CA GLY B 144 -25.76 -46.07 -25.06
C GLY B 144 -25.41 -47.02 -26.18
N GLY B 145 -26.14 -48.12 -26.27
CA GLY B 145 -25.91 -49.09 -27.32
C GLY B 145 -26.16 -48.47 -28.68
N ALA B 146 -27.23 -47.68 -28.76
CA ALA B 146 -27.57 -47.00 -30.00
C ALA B 146 -26.45 -46.02 -30.36
N ARG B 147 -26.11 -45.16 -29.40
CA ARG B 147 -25.04 -44.19 -29.57
C ARG B 147 -23.76 -44.85 -30.03
N LEU B 148 -23.40 -45.95 -29.37
CA LEU B 148 -22.19 -46.68 -29.71
C LEU B 148 -22.21 -47.17 -31.15
N ALA B 149 -23.37 -47.69 -31.57
CA ALA B 149 -23.51 -48.19 -32.93
C ALA B 149 -23.55 -47.04 -33.94
N GLU B 150 -24.28 -45.99 -33.59
CA GLU B 150 -24.39 -44.81 -34.45
C GLU B 150 -23.05 -44.11 -34.56
N TYR B 151 -22.45 -43.79 -33.41
CA TYR B 151 -21.16 -43.10 -33.39
C TYR B 151 -20.05 -43.98 -33.97
N HIS B 152 -20.30 -45.29 -34.01
CA HIS B 152 -19.34 -46.21 -34.59
C HIS B 152 -19.30 -45.94 -36.09
N ALA B 153 -20.47 -45.69 -36.64
CA ALA B 153 -20.61 -45.38 -38.05
C ALA B 153 -20.20 -43.94 -38.28
N LYS B 154 -20.47 -43.10 -37.28
CA LYS B 154 -20.10 -41.69 -37.33
C LYS B 154 -18.59 -41.56 -37.39
N ALA B 155 -17.91 -42.48 -36.71
CA ALA B 155 -16.45 -42.51 -36.69
C ALA B 155 -15.94 -42.76 -38.09
N THR B 156 -16.55 -43.73 -38.77
CA THR B 156 -16.17 -44.07 -40.13
C THR B 156 -16.50 -42.91 -41.07
N GLU B 157 -17.59 -42.20 -40.78
CA GLU B 157 -17.99 -41.04 -41.56
C GLU B 157 -16.87 -40.01 -41.51
N HIS B 158 -16.26 -39.91 -40.34
CA HIS B 158 -15.17 -38.97 -40.14
C HIS B 158 -13.86 -39.52 -40.68
N LEU B 159 -13.67 -40.82 -40.57
CA LEU B 159 -12.44 -41.46 -41.07
C LEU B 159 -12.35 -41.34 -42.59
N SER B 160 -13.47 -41.52 -43.27
CA SER B 160 -13.50 -41.41 -44.72
C SER B 160 -13.27 -39.96 -45.14
N THR B 161 -13.85 -39.03 -44.39
CA THR B 161 -13.69 -37.61 -44.67
C THR B 161 -12.30 -37.13 -44.27
N LEU B 162 -11.68 -37.83 -43.33
CA LEU B 162 -10.34 -37.49 -42.88
C LEU B 162 -9.34 -37.93 -43.94
N SER B 163 -9.68 -39.03 -44.62
CA SER B 163 -8.83 -39.58 -45.68
C SER B 163 -8.70 -38.57 -46.82
N GLU B 164 -9.71 -37.70 -46.96
CA GLU B 164 -9.71 -36.67 -47.99
C GLU B 164 -8.60 -35.66 -47.72
N LYS B 165 -8.10 -35.67 -46.50
CA LYS B 165 -7.02 -34.78 -46.13
C LYS B 165 -5.74 -35.58 -45.89
N ALA B 166 -5.90 -36.78 -45.35
CA ALA B 166 -4.78 -37.67 -45.07
C ALA B 166 -4.05 -38.08 -46.35
N LYS B 167 -4.75 -38.00 -47.48
CA LYS B 167 -4.15 -38.37 -48.75
C LYS B 167 -4.01 -37.15 -49.70
N PRO B 168 -5.13 -36.62 -50.24
CA PRO B 168 -5.07 -35.47 -51.16
C PRO B 168 -4.42 -34.23 -50.54
N ALA B 169 -4.88 -33.83 -49.36
CA ALA B 169 -4.33 -32.66 -48.68
C ALA B 169 -2.86 -32.88 -48.31
N LEU B 170 -2.54 -34.07 -47.83
CA LEU B 170 -1.16 -34.38 -47.47
C LEU B 170 -0.28 -34.34 -48.71
N GLU B 171 -0.81 -34.83 -49.82
CA GLU B 171 -0.08 -34.82 -51.08
C GLU B 171 0.12 -33.38 -51.53
N ASP B 172 -0.91 -32.57 -51.34
CA ASP B 172 -0.84 -31.16 -51.70
C ASP B 172 0.21 -30.48 -50.84
N LEU B 173 0.22 -30.85 -49.56
CA LEU B 173 1.19 -30.31 -48.61
C LEU B 173 2.59 -30.71 -49.04
N ARG B 174 2.75 -31.97 -49.44
CA ARG B 174 4.04 -32.48 -49.89
C ARG B 174 4.46 -31.76 -51.17
N GLN B 175 3.51 -31.58 -52.08
CA GLN B 175 3.77 -30.90 -53.33
C GLN B 175 4.12 -29.45 -53.10
N GLY B 176 3.74 -28.92 -51.95
CA GLY B 176 4.04 -27.55 -51.57
C GLY B 176 5.34 -27.51 -50.78
N LEU B 177 5.52 -28.51 -49.93
CA LEU B 177 6.71 -28.61 -49.09
C LEU B 177 8.00 -28.56 -49.89
N LEU B 178 8.03 -29.27 -51.02
CA LEU B 178 9.23 -29.27 -51.87
C LEU B 178 9.59 -27.86 -52.33
N PRO B 179 8.71 -27.18 -53.10
CA PRO B 179 8.99 -25.81 -53.57
C PRO B 179 9.21 -24.85 -52.41
N VAL B 180 8.46 -25.02 -51.33
CA VAL B 180 8.58 -24.18 -50.15
C VAL B 180 9.97 -24.35 -49.52
N LEU B 181 10.40 -25.60 -49.37
CA LEU B 181 11.70 -25.88 -48.80
C LEU B 181 12.80 -25.36 -49.72
N GLU B 182 12.60 -25.51 -51.02
CA GLU B 182 13.57 -25.04 -52.00
C GLU B 182 13.70 -23.52 -51.93
N SER B 183 12.56 -22.83 -51.92
CA SER B 183 12.55 -21.38 -51.85
C SER B 183 13.10 -20.89 -50.51
N PHE B 184 12.72 -21.60 -49.43
CA PHE B 184 13.19 -21.27 -48.11
C PHE B 184 14.71 -21.45 -48.03
N LYS B 185 15.19 -22.53 -48.64
CA LYS B 185 16.63 -22.81 -48.67
C LYS B 185 17.38 -21.69 -49.36
N VAL B 186 16.78 -21.14 -50.42
CA VAL B 186 17.38 -20.05 -51.16
C VAL B 186 17.54 -18.83 -50.25
N SER B 187 16.48 -18.51 -49.52
CA SER B 187 16.51 -17.38 -48.61
C SER B 187 17.45 -17.64 -47.43
N PHE B 188 17.52 -18.89 -47.00
CA PHE B 188 18.37 -19.28 -45.89
C PHE B 188 19.84 -19.30 -46.30
N LEU B 189 20.12 -19.88 -47.47
CA LEU B 189 21.47 -19.96 -47.99
C LEU B 189 22.07 -18.58 -48.14
N SER B 190 21.30 -17.68 -48.73
CA SER B 190 21.74 -16.31 -48.92
C SER B 190 21.95 -15.63 -47.58
N ALA B 191 21.04 -15.88 -46.64
CA ALA B 191 21.14 -15.29 -45.32
C ALA B 191 22.41 -15.74 -44.60
N LEU B 192 22.64 -17.05 -44.57
CA LEU B 192 23.82 -17.61 -43.91
C LEU B 192 25.12 -17.14 -44.57
N GLU B 193 25.07 -16.85 -45.86
CA GLU B 193 26.25 -16.41 -46.60
C GLU B 193 26.46 -14.90 -46.50
N GLU B 194 25.38 -14.15 -46.43
CA GLU B 194 25.49 -12.69 -46.35
C GLU B 194 25.68 -12.19 -44.92
N TYR B 195 25.01 -12.82 -43.96
CA TYR B 195 25.12 -12.41 -42.57
C TYR B 195 26.51 -12.68 -41.99
N THR B 196 27.19 -13.70 -42.52
CA THR B 196 28.52 -14.05 -42.06
C THR B 196 29.53 -12.96 -42.42
N LYS B 197 29.27 -12.27 -43.53
CA LYS B 197 30.14 -11.20 -44.00
C LYS B 197 30.18 -10.05 -43.00
N LYS B 198 29.11 -9.92 -42.22
CA LYS B 198 29.02 -8.84 -41.24
C LYS B 198 29.47 -9.31 -39.86
N LEU B 199 29.77 -10.60 -39.74
CA LEU B 199 30.21 -11.16 -38.47
C LEU B 199 31.73 -11.29 -38.41
N ASN B 200 32.37 -11.18 -39.57
CA ASN B 200 33.83 -11.28 -39.65
C ASN B 200 34.45 -9.89 -39.63
N MET C 3 -12.44 -2.43 3.31
CA MET C 3 -13.20 -1.21 3.54
C MET C 3 -13.09 -0.30 2.32
N THR C 4 -13.94 0.70 2.24
CA THR C 4 -13.93 1.64 1.14
C THR C 4 -13.42 3.01 1.60
N GLU C 5 -12.18 3.34 1.24
CA GLU C 5 -11.58 4.61 1.62
C GLU C 5 -11.65 5.59 0.46
N TYR C 6 -12.38 6.68 0.66
CA TYR C 6 -12.54 7.70 -0.37
C TYR C 6 -11.81 8.98 -0.02
N LYS C 7 -10.85 9.37 -0.85
CA LYS C 7 -10.10 10.58 -0.65
C LYS C 7 -10.75 11.73 -1.41
N LEU C 8 -11.11 12.80 -0.70
CA LEU C 8 -11.77 13.93 -1.32
C LEU C 8 -10.92 15.19 -1.18
N VAL C 9 -10.63 15.83 -2.31
CA VAL C 9 -9.83 17.04 -2.30
C VAL C 9 -10.71 18.24 -2.63
N VAL C 10 -10.87 19.14 -1.67
CA VAL C 10 -11.69 20.33 -1.85
C VAL C 10 -10.84 21.48 -2.36
N VAL C 11 -11.14 21.95 -3.57
CA VAL C 11 -10.40 23.05 -4.16
C VAL C 11 -11.30 24.28 -4.31
N GLY C 12 -10.68 25.44 -4.46
CA GLY C 12 -11.43 26.67 -4.60
C GLY C 12 -10.62 27.86 -4.12
N ALA C 13 -11.15 29.05 -4.34
CA ALA C 13 -10.48 30.29 -3.95
C ALA C 13 -10.41 30.43 -2.42
N GLY C 14 -9.59 31.37 -1.97
CA GLY C 14 -9.42 31.60 -0.55
C GLY C 14 -10.65 32.14 0.14
N GLY C 15 -11.59 32.67 -0.63
CA GLY C 15 -12.79 33.23 -0.04
C GLY C 15 -14.06 32.47 -0.41
N VAL C 16 -13.92 31.24 -0.86
CA VAL C 16 -15.10 30.45 -1.23
C VAL C 16 -15.80 29.84 0.00
N GLY C 17 -15.01 29.51 1.01
CA GLY C 17 -15.57 28.92 2.22
C GLY C 17 -15.37 27.42 2.31
N LYS C 18 -14.20 26.95 1.88
CA LYS C 18 -13.88 25.53 1.92
C LYS C 18 -13.91 24.96 3.33
N SER C 19 -13.25 25.65 4.26
CA SER C 19 -13.22 25.20 5.65
C SER C 19 -14.62 25.16 6.25
N ALA C 20 -15.40 26.21 5.99
CA ALA C 20 -16.75 26.31 6.50
C ALA C 20 -17.61 25.13 6.05
N LEU C 21 -17.54 24.83 4.75
CA LEU C 21 -18.30 23.73 4.17
C LEU C 21 -17.91 22.39 4.79
N THR C 22 -16.61 22.18 4.92
CA THR C 22 -16.09 20.93 5.47
C THR C 22 -16.45 20.75 6.94
N ILE C 23 -16.18 21.76 7.76
CA ILE C 23 -16.49 21.67 9.19
C ILE C 23 -17.99 21.53 9.41
N GLN C 24 -18.77 22.10 8.50
CA GLN C 24 -20.22 22.03 8.56
C GLN C 24 -20.71 20.59 8.37
N LEU C 25 -19.91 19.78 7.69
CA LEU C 25 -20.25 18.39 7.45
C LEU C 25 -19.62 17.50 8.51
N ILE C 26 -18.43 17.90 8.98
CA ILE C 26 -17.70 17.13 10.00
C ILE C 26 -18.35 17.25 11.38
N GLN C 27 -18.36 18.48 11.92
CA GLN C 27 -18.92 18.71 13.24
C GLN C 27 -20.22 19.49 13.20
N ASN C 28 -20.62 19.90 12.00
CA ASN C 28 -21.84 20.68 11.81
C ASN C 28 -21.68 22.05 12.46
N HIS C 29 -20.48 22.61 12.32
CA HIS C 29 -20.17 23.91 12.90
C HIS C 29 -19.67 24.87 11.83
N PHE C 30 -20.44 25.91 11.57
CA PHE C 30 -20.07 26.89 10.57
C PHE C 30 -19.15 27.94 11.17
N VAL C 31 -18.09 28.28 10.46
CA VAL C 31 -17.14 29.29 10.91
C VAL C 31 -17.45 30.61 10.23
N ASP C 32 -17.85 31.60 11.01
CA ASP C 32 -18.19 32.91 10.48
C ASP C 32 -16.96 33.80 10.34
N GLU C 33 -15.84 33.33 10.84
CA GLU C 33 -14.59 34.08 10.74
C GLU C 33 -13.73 33.51 9.62
N TYR C 34 -12.76 34.29 9.18
CA TYR C 34 -11.87 33.86 8.11
C TYR C 34 -10.69 33.07 8.69
N ASP C 35 -10.87 31.75 8.75
CA ASP C 35 -9.83 30.87 9.26
C ASP C 35 -8.87 30.49 8.12
N PRO C 36 -7.56 30.54 8.40
CA PRO C 36 -6.55 30.20 7.41
C PRO C 36 -6.50 28.70 7.11
N THR C 37 -5.72 28.34 6.11
CA THR C 37 -5.60 26.95 5.72
C THR C 37 -4.39 26.72 4.80
N ILE C 38 -3.66 25.65 5.09
CA ILE C 38 -2.50 25.26 4.29
C ILE C 38 -2.65 23.79 3.96
N GLU C 39 -2.66 22.97 5.02
CA GLU C 39 -2.83 21.54 4.90
C GLU C 39 -3.61 21.03 6.10
N ASP C 40 -4.93 21.09 5.99
CA ASP C 40 -5.81 20.63 7.06
C ASP C 40 -6.74 19.53 6.56
N SER C 41 -6.49 18.33 7.06
CA SER C 41 -7.29 17.17 6.67
C SER C 41 -8.34 16.82 7.72
N TYR C 42 -9.44 16.26 7.24
CA TYR C 42 -10.54 15.84 8.09
C TYR C 42 -10.85 14.38 7.85
N ARG C 43 -11.79 13.81 8.59
CA ARG C 43 -12.13 12.40 8.43
C ARG C 43 -13.48 12.10 9.09
N LYS C 44 -14.35 11.43 8.34
CA LYS C 44 -15.67 11.05 8.84
C LYS C 44 -16.22 9.87 8.04
N GLN C 45 -17.16 9.14 8.63
CA GLN C 45 -17.76 7.99 7.98
C GLN C 45 -19.27 8.19 7.86
N VAL C 46 -19.79 8.03 6.65
CA VAL C 46 -21.22 8.21 6.41
C VAL C 46 -21.74 7.14 5.46
N VAL C 47 -23.06 7.13 5.27
CA VAL C 47 -23.70 6.17 4.38
C VAL C 47 -24.09 6.86 3.08
N ILE C 48 -23.34 6.58 2.01
CA ILE C 48 -23.60 7.19 0.71
C ILE C 48 -24.31 6.21 -0.21
N ASP C 49 -25.55 6.53 -0.56
CA ASP C 49 -26.36 5.69 -1.45
C ASP C 49 -26.60 4.30 -0.85
N GLY C 50 -26.57 4.22 0.47
CA GLY C 50 -26.79 2.96 1.13
C GLY C 50 -25.50 2.23 1.45
N GLU C 51 -24.39 2.72 0.93
CA GLU C 51 -23.08 2.11 1.15
C GLU C 51 -22.26 2.93 2.14
N THR C 52 -21.81 2.29 3.21
CA THR C 52 -21.01 2.96 4.21
C THR C 52 -19.55 3.03 3.75
N CYS C 53 -18.92 4.17 3.94
CA CYS C 53 -17.54 4.35 3.52
C CYS C 53 -16.85 5.43 4.34
N LEU C 54 -15.52 5.41 4.33
CA LEU C 54 -14.74 6.39 5.06
C LEU C 54 -14.33 7.51 4.12
N LEU C 55 -14.56 8.75 4.54
CA LEU C 55 -14.22 9.90 3.72
C LEU C 55 -13.04 10.67 4.29
N ASP C 56 -11.95 10.70 3.53
CA ASP C 56 -10.75 11.43 3.92
C ASP C 56 -10.72 12.74 3.14
N ILE C 57 -11.19 13.80 3.79
CA ILE C 57 -11.28 15.11 3.15
C ILE C 57 -10.04 15.96 3.41
N LEU C 58 -9.48 16.50 2.33
CA LEU C 58 -8.32 17.36 2.42
C LEU C 58 -8.65 18.75 1.86
N ASP C 59 -8.62 19.74 2.73
CA ASP C 59 -8.92 21.11 2.35
C ASP C 59 -7.64 21.82 1.89
N THR C 60 -7.65 22.27 0.63
CA THR C 60 -6.51 22.95 0.03
C THR C 60 -6.36 24.39 0.52
N ALA C 61 -5.14 24.91 0.44
CA ALA C 61 -4.86 26.28 0.87
C ALA C 61 -5.73 27.29 0.14
N GLY C 62 -5.95 28.44 0.76
CA GLY C 62 -6.75 29.48 0.16
C GLY C 62 -6.09 30.06 -1.07
N GLN C 63 -4.85 30.49 -0.90
CA GLN C 63 -4.09 31.07 -1.99
C GLN C 63 -2.69 30.46 -2.02
N GLU C 64 -2.29 29.97 -3.17
CA GLU C 64 -0.99 29.35 -3.34
C GLU C 64 -0.39 29.76 -4.67
N GLU C 65 0.87 29.42 -4.86
CA GLU C 65 1.57 29.75 -6.09
C GLU C 65 1.79 28.49 -6.93
N TYR C 66 2.88 27.80 -6.65
CA TYR C 66 3.21 26.56 -7.37
C TYR C 66 4.27 25.79 -6.61
N SER C 67 3.83 24.87 -5.77
CA SER C 67 4.75 24.05 -5.00
C SER C 67 4.59 22.57 -5.35
N ALA C 68 5.66 21.81 -5.15
CA ALA C 68 5.63 20.37 -5.43
C ALA C 68 4.67 19.67 -4.48
N MET C 69 4.50 20.24 -3.30
CA MET C 69 3.59 19.70 -2.30
C MET C 69 2.15 19.75 -2.81
N ARG C 70 1.88 20.77 -3.63
CA ARG C 70 0.56 20.96 -4.20
C ARG C 70 0.24 19.84 -5.18
N ASP C 71 1.14 19.63 -6.13
CA ASP C 71 0.99 18.60 -7.14
C ASP C 71 0.81 17.23 -6.48
N GLN C 72 1.46 17.08 -5.33
CA GLN C 72 1.41 15.84 -4.57
C GLN C 72 0.01 15.49 -4.11
N TYR C 73 -0.63 16.40 -3.37
CA TYR C 73 -1.97 16.14 -2.85
C TYR C 73 -3.05 16.15 -3.93
N MET C 74 -2.74 16.75 -5.08
CA MET C 74 -3.70 16.81 -6.17
C MET C 74 -3.56 15.59 -7.08
N ARG C 75 -2.56 14.78 -6.81
CA ARG C 75 -2.30 13.59 -7.62
C ARG C 75 -3.07 12.37 -7.08
N THR C 76 -3.26 12.31 -5.78
CA THR C 76 -3.95 11.20 -5.15
C THR C 76 -5.45 11.18 -5.46
N GLY C 77 -6.10 12.33 -5.32
CA GLY C 77 -7.53 12.40 -5.55
C GLY C 77 -7.92 12.28 -7.00
N GLU C 78 -9.10 11.70 -7.24
CA GLU C 78 -9.61 11.53 -8.60
C GLU C 78 -10.76 12.50 -8.85
N GLY C 79 -11.66 12.59 -7.88
CA GLY C 79 -12.79 13.48 -7.99
C GLY C 79 -12.49 14.83 -7.39
N PHE C 80 -12.83 15.90 -8.09
CA PHE C 80 -12.55 17.25 -7.62
C PHE C 80 -13.80 18.11 -7.59
N LEU C 81 -14.02 18.79 -6.47
CA LEU C 81 -15.17 19.67 -6.31
C LEU C 81 -14.75 21.11 -6.59
N CYS C 82 -15.30 21.68 -7.66
CA CYS C 82 -14.98 23.05 -8.03
C CYS C 82 -15.91 24.01 -7.29
N VAL C 83 -15.48 24.42 -6.12
CA VAL C 83 -16.27 25.33 -5.29
C VAL C 83 -15.94 26.78 -5.57
N PHE C 84 -16.96 27.56 -5.94
CA PHE C 84 -16.79 28.96 -6.23
C PHE C 84 -17.88 29.76 -5.52
N ALA C 85 -17.73 31.08 -5.50
CA ALA C 85 -18.69 31.94 -4.85
C ALA C 85 -19.58 32.61 -5.90
N ILE C 86 -20.89 32.38 -5.81
CA ILE C 86 -21.83 32.96 -6.77
C ILE C 86 -21.94 34.47 -6.61
N ASN C 87 -21.33 35.02 -5.58
CA ASN C 87 -21.36 36.45 -5.33
C ASN C 87 -20.03 37.09 -5.74
N ASN C 88 -19.17 36.29 -6.36
CA ASN C 88 -17.86 36.75 -6.81
C ASN C 88 -17.53 36.12 -8.16
N THR C 89 -17.72 36.88 -9.23
CA THR C 89 -17.46 36.41 -10.58
C THR C 89 -16.00 35.98 -10.78
N LYS C 90 -15.10 36.56 -9.99
CA LYS C 90 -13.68 36.22 -10.08
C LYS C 90 -13.46 34.73 -9.84
N SER C 91 -14.08 34.21 -8.78
CA SER C 91 -13.95 32.79 -8.45
C SER C 91 -14.62 31.91 -9.49
N PHE C 92 -15.68 32.43 -10.10
CA PHE C 92 -16.41 31.69 -11.12
C PHE C 92 -15.53 31.51 -12.37
N GLU C 93 -14.81 32.57 -12.72
CA GLU C 93 -13.92 32.53 -13.87
C GLU C 93 -12.70 31.66 -13.60
N ASP C 94 -12.31 31.60 -12.32
CA ASP C 94 -11.16 30.80 -11.92
C ASP C 94 -11.42 29.31 -12.03
N ILE C 95 -12.67 28.93 -12.25
CA ILE C 95 -13.04 27.53 -12.39
C ILE C 95 -12.29 26.92 -13.58
N HIS C 96 -12.19 27.68 -14.67
CA HIS C 96 -11.48 27.22 -15.86
C HIS C 96 -10.01 27.05 -15.51
N HIS C 97 -9.50 27.97 -14.71
CA HIS C 97 -8.11 27.94 -14.26
C HIS C 97 -7.87 26.69 -13.41
N TYR C 98 -8.84 26.37 -12.57
CA TYR C 98 -8.74 25.20 -11.71
C TYR C 98 -8.80 23.90 -12.50
N ARG C 99 -9.83 23.75 -13.34
CA ARG C 99 -9.99 22.54 -14.15
C ARG C 99 -8.73 22.26 -14.97
N GLU C 100 -8.16 23.31 -15.56
CA GLU C 100 -6.96 23.16 -16.36
C GLU C 100 -5.77 22.73 -15.51
N GLN C 101 -5.70 23.27 -14.29
CA GLN C 101 -4.61 22.94 -13.38
C GLN C 101 -4.75 21.49 -12.92
N ILE C 102 -6.00 21.05 -12.73
CA ILE C 102 -6.27 19.68 -12.31
C ILE C 102 -5.97 18.74 -13.48
N LYS C 103 -6.29 19.19 -14.68
CA LYS C 103 -6.05 18.40 -15.89
C LYS C 103 -4.56 18.09 -16.05
N ARG C 104 -3.73 19.02 -15.60
CA ARG C 104 -2.28 18.85 -15.69
C ARG C 104 -1.77 17.73 -14.79
N VAL C 105 -2.46 17.51 -13.68
CA VAL C 105 -2.06 16.47 -12.75
C VAL C 105 -2.83 15.17 -12.98
N LYS C 106 -3.84 15.23 -13.85
CA LYS C 106 -4.64 14.05 -14.18
C LYS C 106 -4.26 13.50 -15.55
N ASP C 107 -3.60 14.34 -16.34
CA ASP C 107 -3.14 13.98 -17.69
C ASP C 107 -4.29 13.97 -18.71
N SER C 108 -5.44 13.47 -18.30
CA SER C 108 -6.60 13.40 -19.17
C SER C 108 -7.65 14.44 -18.78
N GLU C 109 -8.50 14.81 -19.74
CA GLU C 109 -9.56 15.80 -19.49
C GLU C 109 -10.76 15.15 -18.82
N ASP C 110 -10.84 13.84 -18.94
CA ASP C 110 -11.95 13.07 -18.37
C ASP C 110 -11.72 12.86 -16.86
N VAL C 111 -12.12 13.86 -16.09
CA VAL C 111 -11.97 13.81 -14.64
C VAL C 111 -13.30 14.10 -13.97
N PRO C 112 -13.70 13.29 -12.97
CA PRO C 112 -14.95 13.47 -12.25
C PRO C 112 -14.95 14.77 -11.45
N MET C 113 -15.57 15.80 -11.99
CA MET C 113 -15.63 17.09 -11.33
C MET C 113 -17.08 17.51 -11.11
N VAL C 114 -17.30 18.33 -10.11
CA VAL C 114 -18.63 18.84 -9.79
C VAL C 114 -18.56 20.33 -9.53
N LEU C 115 -19.44 21.09 -10.18
CA LEU C 115 -19.47 22.53 -10.00
C LEU C 115 -20.31 22.88 -8.78
N VAL C 116 -19.66 23.45 -7.77
CA VAL C 116 -20.34 23.81 -6.54
C VAL C 116 -20.45 25.32 -6.38
N GLY C 117 -21.68 25.81 -6.45
CA GLY C 117 -21.94 27.23 -6.29
C GLY C 117 -22.28 27.54 -4.84
N ASN C 118 -21.29 27.99 -4.10
CA ASN C 118 -21.48 28.30 -2.68
C ASN C 118 -21.98 29.73 -2.46
N LYS C 119 -22.52 29.95 -1.27
CA LYS C 119 -23.03 31.27 -0.86
C LYS C 119 -24.37 31.60 -1.52
N CYS C 120 -25.21 30.58 -1.73
CA CYS C 120 -26.52 30.79 -2.35
C CYS C 120 -27.48 31.49 -1.41
N ASP C 121 -27.05 31.67 -0.16
CA ASP C 121 -27.85 32.33 0.85
C ASP C 121 -27.58 33.83 0.87
N LEU C 122 -26.62 34.25 0.06
CA LEU C 122 -26.26 35.66 -0.02
C LEU C 122 -26.95 36.34 -1.19
N PRO C 123 -27.61 37.48 -0.92
CA PRO C 123 -28.32 38.26 -1.95
C PRO C 123 -27.37 39.04 -2.84
N SER C 124 -26.07 38.90 -2.59
CA SER C 124 -25.06 39.58 -3.37
C SER C 124 -24.67 38.75 -4.60
N ARG C 125 -25.52 37.78 -4.92
CA ARG C 125 -25.30 36.88 -6.05
C ARG C 125 -25.14 37.65 -7.36
N THR C 126 -24.00 37.44 -8.01
CA THR C 126 -23.72 38.08 -9.27
C THR C 126 -23.73 37.07 -10.41
N VAL C 127 -23.53 35.81 -10.06
CA VAL C 127 -23.52 34.74 -11.05
C VAL C 127 -24.87 34.02 -11.08
N ASP C 128 -25.55 34.07 -12.23
CA ASP C 128 -26.85 33.43 -12.39
C ASP C 128 -26.72 31.92 -12.44
N THR C 129 -27.76 31.22 -12.01
CA THR C 129 -27.77 29.77 -11.99
C THR C 129 -27.56 29.17 -13.39
N LYS C 130 -28.21 29.75 -14.39
CA LYS C 130 -28.08 29.24 -15.76
C LYS C 130 -26.67 29.44 -16.31
N GLN C 131 -26.03 30.54 -15.93
CA GLN C 131 -24.68 30.83 -16.38
C GLN C 131 -23.74 29.74 -15.92
N ALA C 132 -23.89 29.33 -14.66
CA ALA C 132 -23.07 28.28 -14.08
C ALA C 132 -23.44 26.92 -14.65
N GLN C 133 -24.75 26.68 -14.78
CA GLN C 133 -25.24 25.41 -15.33
C GLN C 133 -24.73 25.19 -16.74
N ASP C 134 -24.79 26.24 -17.55
CA ASP C 134 -24.34 26.18 -18.93
C ASP C 134 -22.86 25.83 -19.00
N LEU C 135 -22.06 26.46 -18.13
CA LEU C 135 -20.63 26.20 -18.09
C LEU C 135 -20.38 24.76 -17.65
N ALA C 136 -21.17 24.31 -16.68
CA ALA C 136 -21.05 22.95 -16.17
C ALA C 136 -21.36 21.94 -17.27
N ARG C 137 -22.44 22.18 -18.00
CA ARG C 137 -22.82 21.29 -19.09
C ARG C 137 -21.77 21.29 -20.19
N SER C 138 -21.14 22.45 -20.38
CA SER C 138 -20.08 22.58 -21.37
C SER C 138 -18.83 21.81 -20.97
N TYR C 139 -18.75 21.50 -19.67
CA TYR C 139 -17.61 20.75 -19.14
C TYR C 139 -18.01 19.31 -18.82
N GLY C 140 -19.26 18.98 -19.11
CA GLY C 140 -19.77 17.63 -18.87
C GLY C 140 -19.83 17.29 -17.39
N ILE C 141 -20.02 18.31 -16.56
CA ILE C 141 -20.09 18.12 -15.12
C ILE C 141 -21.40 18.66 -14.56
N PRO C 142 -21.87 18.12 -13.42
CA PRO C 142 -23.11 18.56 -12.79
C PRO C 142 -22.90 19.80 -11.92
N PHE C 143 -23.93 20.64 -11.82
CA PHE C 143 -23.87 21.84 -11.01
C PHE C 143 -24.75 21.69 -9.77
N ILE C 144 -24.18 21.95 -8.61
CA ILE C 144 -24.90 21.85 -7.36
C ILE C 144 -24.77 23.16 -6.56
N GLU C 145 -25.90 23.76 -6.22
CA GLU C 145 -25.89 24.98 -5.44
C GLU C 145 -25.75 24.60 -3.97
N THR C 146 -24.76 25.19 -3.31
CA THR C 146 -24.50 24.85 -1.92
C THR C 146 -24.29 26.10 -1.06
N SER C 147 -24.44 25.91 0.26
CA SER C 147 -24.25 26.98 1.22
C SER C 147 -23.95 26.36 2.58
N ALA C 148 -22.82 26.74 3.16
CA ALA C 148 -22.43 26.22 4.46
C ALA C 148 -23.22 26.92 5.56
N LYS C 149 -23.74 28.08 5.23
CA LYS C 149 -24.53 28.87 6.17
C LYS C 149 -25.91 28.25 6.39
N THR C 150 -26.59 27.91 5.30
CA THR C 150 -27.92 27.31 5.40
C THR C 150 -27.83 25.79 5.42
N ARG C 151 -26.62 25.28 5.22
CA ARG C 151 -26.34 23.85 5.20
C ARG C 151 -27.16 23.13 4.13
N GLN C 152 -27.31 23.78 2.98
CA GLN C 152 -28.08 23.22 1.88
C GLN C 152 -27.16 22.76 0.76
N GLY C 153 -27.45 21.58 0.21
CA GLY C 153 -26.67 21.05 -0.89
C GLY C 153 -25.32 20.49 -0.50
N VAL C 154 -24.91 20.72 0.73
CA VAL C 154 -23.61 20.26 1.23
C VAL C 154 -23.45 18.75 1.06
N ASP C 155 -24.39 17.98 1.60
CA ASP C 155 -24.34 16.53 1.53
C ASP C 155 -24.41 16.02 0.10
N ASP C 156 -25.35 16.55 -0.68
CA ASP C 156 -25.52 16.11 -2.06
C ASP C 156 -24.29 16.42 -2.91
N ALA C 157 -23.64 17.55 -2.67
CA ALA C 157 -22.45 17.93 -3.41
C ALA C 157 -21.36 16.87 -3.25
N PHE C 158 -21.14 16.45 -2.01
CA PHE C 158 -20.14 15.43 -1.71
C PHE C 158 -20.58 14.07 -2.25
N TYR C 159 -21.86 13.76 -2.07
CA TYR C 159 -22.41 12.50 -2.55
C TYR C 159 -22.30 12.40 -4.07
N THR C 160 -22.63 13.50 -4.75
CA THR C 160 -22.56 13.55 -6.20
C THR C 160 -21.15 13.26 -6.71
N LEU C 161 -20.15 13.80 -6.02
CA LEU C 161 -18.76 13.56 -6.41
C LEU C 161 -18.47 12.07 -6.42
N VAL C 162 -18.94 11.39 -5.38
CA VAL C 162 -18.76 9.95 -5.26
C VAL C 162 -19.54 9.23 -6.36
N ARG C 163 -20.73 9.75 -6.67
CA ARG C 163 -21.58 9.17 -7.71
C ARG C 163 -20.89 9.25 -9.07
N GLU C 164 -20.15 10.34 -9.30
CA GLU C 164 -19.43 10.51 -10.56
C GLU C 164 -18.28 9.52 -10.64
N ILE C 165 -17.59 9.34 -9.52
CA ILE C 165 -16.47 8.41 -9.45
C ILE C 165 -16.94 6.98 -9.72
N ARG C 166 -18.07 6.62 -9.11
CA ARG C 166 -18.64 5.29 -9.29
C ARG C 166 -18.87 4.99 -10.76
N LYS C 167 -19.49 5.94 -11.47
CA LYS C 167 -19.76 5.78 -12.90
C LYS C 167 -18.45 5.72 -13.67
N HIS C 168 -17.48 6.52 -13.23
CA HIS C 168 -16.18 6.57 -13.86
C HIS C 168 -15.48 5.22 -13.82
N LYS C 169 -15.57 4.55 -12.66
CA LYS C 169 -14.97 3.25 -12.48
C LYS C 169 -15.65 2.22 -13.36
N GLU C 170 -16.99 2.24 -13.34
CA GLU C 170 -17.78 1.30 -14.13
C GLU C 170 -17.52 1.46 -15.63
N LYS C 171 -17.55 2.71 -16.10
CA LYS C 171 -17.33 2.99 -17.51
C LYS C 171 -15.92 2.58 -17.96
N MET C 172 -14.95 2.74 -17.07
CA MET C 172 -13.57 2.37 -17.39
C MET C 172 -13.41 0.86 -17.44
N SER C 173 -14.16 0.15 -16.59
CA SER C 173 -14.11 -1.30 -16.55
C SER C 173 -14.76 -1.93 -17.78
N LYS C 174 -15.67 -1.18 -18.40
CA LYS C 174 -16.35 -1.66 -19.60
C LYS C 174 -15.68 -1.13 -20.86
N ASP C 175 -14.70 -0.26 -20.66
CA ASP C 175 -13.94 0.36 -21.75
C ASP C 175 -14.83 1.22 -22.65
N GLY C 176 -14.86 2.52 -22.34
CA GLY C 176 -15.68 3.43 -23.11
C GLY C 176 -14.99 3.90 -24.38
N LYS C 177 -14.96 3.03 -25.38
CA LYS C 177 -14.34 3.35 -26.66
C LYS C 177 -15.19 4.32 -27.46
N LYS C 178 -15.19 5.57 -27.04
CA LYS C 178 -15.96 6.62 -27.70
C LYS C 178 -15.01 7.63 -28.33
N LYS C 179 -15.05 7.72 -29.66
CA LYS C 179 -14.21 8.65 -30.42
C LYS C 179 -12.74 8.26 -30.44
N LYS C 180 -12.14 8.20 -29.25
CA LYS C 180 -10.73 7.84 -29.12
C LYS C 180 -10.55 6.34 -29.33
N LYS C 181 -10.25 5.95 -30.57
CA LYS C 181 -10.05 4.55 -30.90
C LYS C 181 -9.37 4.42 -32.25
N LYS C 182 -8.69 3.30 -32.46
CA LYS C 182 -8.03 3.03 -33.71
C LYS C 182 -8.93 2.21 -34.61
N SER C 183 -9.58 2.87 -35.55
CA SER C 183 -10.48 2.20 -36.48
C SER C 183 -9.70 1.33 -37.45
N LYS C 184 -9.45 0.09 -37.04
CA LYS C 184 -8.71 -0.86 -37.85
C LYS C 184 -9.15 -2.29 -37.53
N THR C 185 -8.28 -3.24 -37.82
CA THR C 185 -8.57 -4.64 -37.56
C THR C 185 -8.49 -4.93 -36.06
N LYS C 186 -9.65 -5.01 -35.41
CA LYS C 186 -9.71 -5.26 -33.98
C LYS C 186 -10.14 -6.70 -33.70
N CYS C 187 -10.59 -7.38 -34.75
CA CYS C 187 -11.04 -8.77 -34.64
C CYS C 187 -10.79 -9.53 -35.93
N GLY D 1 7.89 30.45 9.02
CA GLY D 1 7.30 30.67 10.33
C GLY D 1 6.07 29.80 10.55
N THR D 2 6.06 28.64 9.91
CA THR D 2 4.94 27.73 10.03
C THR D 2 5.41 26.36 10.54
N VAL D 3 4.72 25.84 11.53
CA VAL D 3 5.07 24.54 12.12
C VAL D 3 3.94 23.54 11.96
N LYS D 4 4.30 22.29 11.68
CA LYS D 4 3.31 21.23 11.53
C LYS D 4 3.06 20.53 12.86
N VAL D 5 1.80 20.53 13.28
CA VAL D 5 1.42 19.89 14.54
C VAL D 5 0.66 18.60 14.27
N TYR D 6 0.99 17.57 15.02
CA TYR D 6 0.34 16.27 14.85
C TYR D 6 -0.88 16.14 15.73
N LEU D 7 -1.97 15.67 15.15
CA LEU D 7 -3.22 15.49 15.87
C LEU D 7 -3.40 14.01 16.21
N PRO D 8 -4.05 13.72 17.36
CA PRO D 8 -4.27 12.34 17.82
C PRO D 8 -5.33 11.59 17.02
N ASN D 9 -5.25 11.70 15.70
CA ASN D 9 -6.18 11.01 14.83
C ASN D 9 -5.50 10.65 13.51
N LYS D 10 -4.18 10.47 13.59
CA LYS D 10 -3.35 10.11 12.44
C LYS D 10 -3.43 11.18 11.34
N GLN D 11 -3.34 12.44 11.74
CA GLN D 11 -3.38 13.56 10.81
C GLN D 11 -2.52 14.70 11.33
N ARG D 12 -2.42 15.77 10.57
CA ARG D 12 -1.60 16.91 10.96
C ARG D 12 -2.24 18.22 10.52
N THR D 13 -1.70 19.32 11.03
CA THR D 13 -2.18 20.65 10.70
C THR D 13 -1.00 21.62 10.74
N VAL D 14 -1.07 22.68 9.94
CA VAL D 14 -0.01 23.67 9.88
C VAL D 14 -0.41 24.95 10.62
N VAL D 15 0.32 25.28 11.67
CA VAL D 15 0.05 26.46 12.47
C VAL D 15 1.16 27.50 12.31
N THR D 16 0.78 28.76 12.24
CA THR D 16 1.74 29.85 12.10
C THR D 16 2.30 30.25 13.47
N VAL D 17 3.61 30.48 13.53
CA VAL D 17 4.24 30.89 14.77
C VAL D 17 4.20 32.40 14.93
N ARG D 18 3.58 32.86 16.00
CA ARG D 18 3.47 34.29 16.26
C ARG D 18 3.92 34.61 17.67
N ASP D 19 4.71 35.67 17.81
CA ASP D 19 5.23 36.10 19.10
C ASP D 19 4.20 36.88 19.90
N GLY D 20 3.00 36.32 20.02
CA GLY D 20 1.95 36.99 20.77
C GLY D 20 0.85 36.03 21.16
N MET D 21 1.17 34.75 21.28
CA MET D 21 0.18 33.75 21.66
C MET D 21 0.84 32.57 22.37
N SER D 22 0.05 31.83 23.13
CA SER D 22 0.57 30.69 23.87
C SER D 22 0.25 29.38 23.15
N VAL D 23 0.67 28.26 23.74
CA VAL D 23 0.40 26.96 23.16
C VAL D 23 -1.09 26.69 23.22
N TYR D 24 -1.73 27.21 24.27
CA TYR D 24 -3.17 27.05 24.46
C TYR D 24 -3.93 27.65 23.28
N ASP D 25 -3.50 28.82 22.85
CA ASP D 25 -4.14 29.51 21.72
C ASP D 25 -3.91 28.77 20.42
N SER D 26 -2.63 28.55 20.10
CA SER D 26 -2.24 27.90 18.87
C SER D 26 -2.83 26.49 18.71
N LEU D 27 -2.94 25.77 19.81
CA LEU D 27 -3.47 24.40 19.75
C LEU D 27 -4.97 24.34 19.97
N ASP D 28 -5.58 25.46 20.36
CA ASP D 28 -7.01 25.51 20.59
C ASP D 28 -7.77 25.19 19.31
N LYS D 29 -7.50 25.99 18.27
CA LYS D 29 -8.15 25.81 16.98
C LYS D 29 -7.88 24.43 16.38
N ALA D 30 -6.69 23.89 16.66
CA ALA D 30 -6.32 22.58 16.15
C ALA D 30 -7.15 21.47 16.79
N LEU D 31 -7.46 21.62 18.07
CA LEU D 31 -8.25 20.63 18.78
C LEU D 31 -9.75 20.85 18.61
N LYS D 32 -10.17 22.11 18.69
CA LYS D 32 -11.59 22.45 18.56
C LYS D 32 -12.14 22.08 17.18
N VAL D 33 -11.28 22.13 16.17
CA VAL D 33 -11.70 21.79 14.81
C VAL D 33 -11.96 20.29 14.67
N ARG D 34 -11.44 19.50 15.60
CA ARG D 34 -11.61 18.06 15.57
C ARG D 34 -12.56 17.58 16.66
N GLY D 35 -13.02 18.50 17.50
CA GLY D 35 -13.93 18.15 18.56
C GLY D 35 -13.24 17.64 19.81
N LEU D 36 -12.06 18.17 20.07
CA LEU D 36 -11.27 17.78 21.23
C LEU D 36 -11.00 18.98 22.11
N ASN D 37 -10.78 18.74 23.40
CA ASN D 37 -10.51 19.82 24.34
C ASN D 37 -9.17 19.60 25.05
N GLN D 38 -8.55 20.70 25.47
CA GLN D 38 -7.27 20.65 26.16
C GLN D 38 -7.40 20.00 27.53
N ASP D 39 -8.62 19.70 27.92
CA ASP D 39 -8.92 19.07 29.20
C ASP D 39 -8.53 17.60 29.21
N CYS D 40 -8.54 16.97 28.04
CA CYS D 40 -8.22 15.56 27.94
C CYS D 40 -7.08 15.31 26.95
N CYS D 41 -6.29 16.33 26.68
CA CYS D 41 -5.18 16.20 25.75
C CYS D 41 -4.00 17.06 26.21
N VAL D 42 -2.82 16.69 25.74
CA VAL D 42 -1.61 17.41 26.08
C VAL D 42 -0.66 17.41 24.88
N VAL D 43 0.25 18.38 24.83
CA VAL D 43 1.18 18.49 23.73
C VAL D 43 2.56 17.95 24.08
N TYR D 44 3.05 17.05 23.24
CA TYR D 44 4.37 16.46 23.43
C TYR D 44 5.33 17.05 22.41
N ARG D 45 6.35 17.75 22.88
CA ARG D 45 7.34 18.35 22.00
C ARG D 45 8.29 17.28 21.47
N LEU D 46 8.44 17.24 20.15
CA LEU D 46 9.30 16.26 19.52
C LEU D 46 10.71 16.80 19.36
N ILE D 47 11.52 16.61 20.39
CA ILE D 47 12.90 17.07 20.37
C ILE D 47 13.85 15.92 20.03
N LYS D 48 14.32 15.90 18.79
CA LYS D 48 15.25 14.86 18.32
C LYS D 48 14.74 13.43 18.57
N GLY D 49 13.43 13.26 18.60
CA GLY D 49 12.86 11.94 18.82
C GLY D 49 12.45 11.69 20.26
N ARG D 50 12.52 12.73 21.09
CA ARG D 50 12.12 12.60 22.48
C ARG D 50 10.88 13.45 22.79
N LYS D 51 9.80 12.78 23.16
CA LYS D 51 8.55 13.45 23.49
C LYS D 51 8.65 14.17 24.83
N THR D 52 8.69 15.49 24.79
CA THR D 52 8.79 16.28 25.99
C THR D 52 7.43 16.91 26.33
N VAL D 53 6.89 16.54 27.48
CA VAL D 53 5.59 17.05 27.92
C VAL D 53 5.68 18.55 28.24
N THR D 54 4.73 19.31 27.74
CA THR D 54 4.69 20.74 27.97
C THR D 54 3.26 21.19 28.30
N ALA D 55 3.14 22.20 29.15
CA ALA D 55 1.84 22.71 29.56
C ALA D 55 1.27 23.67 28.52
N TRP D 56 0.01 24.04 28.69
CA TRP D 56 -0.66 24.94 27.77
C TRP D 56 -0.35 26.40 28.11
N ASP D 57 0.11 26.62 29.34
CA ASP D 57 0.44 27.97 29.83
C ASP D 57 1.69 28.51 29.14
N THR D 58 2.45 27.64 28.51
CA THR D 58 3.67 28.01 27.82
C THR D 58 3.36 28.75 26.52
N ALA D 59 4.25 29.67 26.15
CA ALA D 59 4.09 30.44 24.93
C ALA D 59 4.58 29.63 23.72
N ILE D 60 4.17 30.04 22.53
CA ILE D 60 4.58 29.34 21.31
C ILE D 60 5.87 29.93 20.75
N ALA D 61 6.38 30.95 21.43
CA ALA D 61 7.60 31.62 21.03
C ALA D 61 8.84 30.70 21.04
N PRO D 62 9.11 29.97 22.14
CA PRO D 62 10.26 29.06 22.24
C PRO D 62 10.04 27.74 21.51
N LEU D 63 9.27 27.78 20.44
CA LEU D 63 8.97 26.59 19.64
C LEU D 63 9.51 26.75 18.23
N ASP D 64 10.53 27.58 18.09
CA ASP D 64 11.13 27.84 16.79
C ASP D 64 11.93 26.65 16.27
N GLY D 65 11.36 25.96 15.29
CA GLY D 65 12.03 24.82 14.70
C GLY D 65 11.71 23.50 15.40
N GLU D 66 10.68 23.52 16.24
CA GLU D 66 10.29 22.33 16.97
C GLU D 66 8.91 21.86 16.54
N GLU D 67 8.63 20.58 16.73
CA GLU D 67 7.34 20.00 16.35
C GLU D 67 6.58 19.56 17.58
N LEU D 68 5.25 19.51 17.47
CA LEU D 68 4.41 19.13 18.59
C LEU D 68 3.43 18.02 18.20
N ILE D 69 3.29 17.02 19.06
CA ILE D 69 2.37 15.93 18.85
C ILE D 69 1.36 15.92 19.98
N VAL D 70 0.09 16.10 19.66
CA VAL D 70 -0.96 16.12 20.66
C VAL D 70 -1.52 14.72 20.88
N GLU D 71 -1.49 14.27 22.13
CA GLU D 71 -2.00 12.95 22.45
C GLU D 71 -3.01 13.00 23.57
N VAL D 72 -3.89 12.00 23.60
CA VAL D 72 -4.93 11.92 24.62
C VAL D 72 -4.35 11.46 25.96
N LEU D 73 -4.88 12.01 27.04
CA LEU D 73 -4.41 11.66 28.38
C LEU D 73 -5.33 10.64 29.03
N LEU A 3 13.62 12.04 52.25
CA LEU A 3 14.79 12.89 52.09
C LEU A 3 15.89 12.14 51.37
N LYS A 4 15.69 10.84 51.24
CA LYS A 4 16.64 9.96 50.57
C LYS A 4 16.82 10.37 49.11
N LEU A 5 15.74 10.83 48.50
CA LEU A 5 15.77 11.27 47.12
C LEU A 5 16.62 12.52 46.96
N LEU A 6 16.59 13.37 47.99
CA LEU A 6 17.36 14.61 47.97
C LEU A 6 18.85 14.30 48.00
N ASP A 7 19.25 13.36 48.86
CA ASP A 7 20.65 12.97 48.96
C ASP A 7 21.10 12.25 47.70
N ASN A 8 20.20 11.48 47.12
CA ASN A 8 20.48 10.76 45.88
C ASN A 8 20.70 11.77 44.76
N TRP A 9 19.79 12.73 44.64
CA TRP A 9 19.89 13.77 43.62
C TRP A 9 21.11 14.65 43.87
N ASP A 10 21.47 14.80 45.14
CA ASP A 10 22.63 15.61 45.51
C ASP A 10 23.89 14.98 44.94
N SER A 11 23.90 13.66 44.88
CA SER A 11 25.02 12.93 44.33
C SER A 11 24.97 12.97 42.81
N VAL A 12 23.77 13.20 42.28
CA VAL A 12 23.58 13.29 40.84
C VAL A 12 24.05 14.65 40.34
N THR A 13 23.65 15.71 41.06
CA THR A 13 24.03 17.06 40.70
C THR A 13 25.54 17.25 40.79
N SER A 14 26.15 16.72 41.85
CA SER A 14 27.60 16.82 42.01
C SER A 14 28.30 16.13 40.84
N THR A 15 27.79 14.97 40.47
CA THR A 15 28.34 14.22 39.36
C THR A 15 28.09 14.97 38.05
N PHE A 16 26.92 15.59 37.93
CA PHE A 16 26.58 16.38 36.74
C PHE A 16 27.56 17.53 36.58
N SER A 17 27.91 18.16 37.69
CA SER A 17 28.86 19.25 37.68
C SER A 17 30.25 18.73 37.34
N LYS A 18 30.64 17.63 37.97
CA LYS A 18 31.94 17.03 37.74
C LYS A 18 32.06 16.54 36.29
N LEU A 19 30.94 16.12 35.72
CA LEU A 19 30.91 15.66 34.34
C LEU A 19 31.18 16.83 33.41
N ARG A 20 30.60 17.98 33.75
CA ARG A 20 30.77 19.20 32.95
C ARG A 20 32.18 19.77 33.15
N GLU A 21 32.72 19.60 34.35
CA GLU A 21 34.07 20.06 34.67
C GLU A 21 35.07 19.33 33.79
N GLN A 22 34.72 18.10 33.44
CA GLN A 22 35.56 17.29 32.58
C GLN A 22 35.18 17.49 31.12
N LEU A 23 33.89 17.75 30.87
CA LEU A 23 33.39 17.98 29.52
C LEU A 23 34.08 19.17 28.86
N GLY A 24 34.34 20.21 29.65
CA GLY A 24 35.01 21.39 29.15
C GLY A 24 36.31 21.03 28.45
N PRO A 25 37.32 20.55 29.21
CA PRO A 25 38.60 20.13 28.65
C PRO A 25 38.43 19.01 27.62
N VAL A 26 37.50 18.09 27.87
CA VAL A 26 37.23 16.99 26.95
C VAL A 26 36.89 17.52 25.56
N THR A 27 35.96 18.45 25.49
CA THR A 27 35.58 19.03 24.20
C THR A 27 36.73 19.84 23.63
N GLN A 28 37.53 20.45 24.50
CA GLN A 28 38.68 21.24 24.08
C GLN A 28 39.70 20.33 23.42
N GLU A 29 40.05 19.25 24.10
CA GLU A 29 41.01 18.27 23.59
C GLU A 29 40.46 17.65 22.31
N PHE A 30 39.18 17.31 22.34
CA PHE A 30 38.52 16.72 21.18
C PHE A 30 38.55 17.68 19.99
N TRP A 31 38.17 18.93 20.23
CA TRP A 31 38.16 19.95 19.17
C TRP A 31 39.58 20.21 18.67
N ASP A 32 40.54 20.20 19.58
CA ASP A 32 41.94 20.42 19.21
C ASP A 32 42.42 19.31 18.30
N ASN A 33 42.18 18.07 18.71
CA ASN A 33 42.57 16.91 17.92
C ASN A 33 41.75 16.82 16.64
N LEU A 34 40.47 17.19 16.72
CA LEU A 34 39.60 17.18 15.55
C LEU A 34 40.10 18.20 14.54
N GLU A 35 40.68 19.29 15.03
CA GLU A 35 41.22 20.32 14.18
C GLU A 35 42.44 19.77 13.45
N LYS A 36 43.22 18.95 14.15
CA LYS A 36 44.40 18.32 13.55
C LYS A 36 43.93 17.32 12.50
N GLU A 37 42.86 16.61 12.82
CA GLU A 37 42.29 15.64 11.90
C GLU A 37 41.78 16.35 10.65
N THR A 38 41.00 17.40 10.86
CA THR A 38 40.46 18.17 9.75
C THR A 38 41.58 18.83 8.98
N GLU A 39 42.60 19.32 9.68
CA GLU A 39 43.74 19.94 9.03
C GLU A 39 44.43 18.95 8.11
N GLY A 40 44.60 17.73 8.61
CA GLY A 40 45.21 16.69 7.82
C GLY A 40 44.30 16.36 6.67
N LEU A 41 43.01 16.22 6.98
CA LEU A 41 42.00 15.91 5.98
C LEU A 41 41.94 17.00 4.91
N ARG A 42 42.18 18.24 5.30
CA ARG A 42 42.18 19.35 4.34
C ARG A 42 43.40 19.25 3.44
N GLN A 43 44.54 18.96 4.06
CA GLN A 43 45.80 18.82 3.34
C GLN A 43 45.73 17.62 2.41
N GLU A 44 44.93 16.64 2.80
CA GLU A 44 44.75 15.44 2.00
C GLU A 44 43.63 15.64 0.99
N MET A 45 42.57 16.33 1.39
CA MET A 45 41.43 16.59 0.50
C MET A 45 41.83 17.41 -0.70
N SER A 46 42.75 18.35 -0.48
CA SER A 46 43.24 19.17 -1.59
C SER A 46 43.91 18.27 -2.61
N LYS A 47 44.66 17.28 -2.11
CA LYS A 47 45.34 16.32 -2.96
C LYS A 47 44.32 15.35 -3.55
N ASP A 48 43.42 14.87 -2.69
CA ASP A 48 42.36 13.95 -3.10
C ASP A 48 41.59 14.56 -4.26
N LEU A 49 41.09 15.77 -4.05
CA LEU A 49 40.34 16.48 -5.07
C LEU A 49 41.19 16.77 -6.30
N GLU A 50 42.42 17.22 -6.08
CA GLU A 50 43.33 17.52 -7.19
C GLU A 50 43.56 16.28 -8.04
N GLU A 51 43.99 15.21 -7.40
CA GLU A 51 44.27 13.96 -8.10
C GLU A 51 43.00 13.37 -8.71
N VAL A 52 41.94 13.26 -7.91
CA VAL A 52 40.69 12.71 -8.38
C VAL A 52 40.10 13.49 -9.56
N LYS A 53 40.10 14.82 -9.46
CA LYS A 53 39.56 15.65 -10.52
C LYS A 53 40.47 15.68 -11.75
N ALA A 54 41.78 15.76 -11.52
CA ALA A 54 42.74 15.79 -12.63
C ALA A 54 42.77 14.45 -13.34
N LYS A 55 42.56 13.38 -12.59
CA LYS A 55 42.57 12.05 -13.17
C LYS A 55 41.19 11.65 -13.66
N VAL A 56 40.15 12.26 -13.11
CA VAL A 56 38.79 11.94 -13.53
C VAL A 56 38.60 12.35 -14.98
N GLN A 57 39.41 13.30 -15.42
CA GLN A 57 39.37 13.75 -16.80
C GLN A 57 39.72 12.60 -17.74
N PRO A 58 40.96 12.05 -17.70
CA PRO A 58 41.33 10.91 -18.53
C PRO A 58 40.51 9.67 -18.19
N TYR A 59 40.07 9.57 -16.93
CA TYR A 59 39.26 8.44 -16.48
C TYR A 59 37.98 8.40 -17.29
N LEU A 60 37.23 9.50 -17.24
CA LEU A 60 35.97 9.61 -17.97
C LEU A 60 36.22 9.75 -19.46
N ASP A 61 37.32 10.40 -19.83
CA ASP A 61 37.68 10.58 -21.23
C ASP A 61 37.87 9.24 -21.92
N ASP A 62 38.67 8.38 -21.28
CA ASP A 62 38.93 7.05 -21.81
C ASP A 62 37.62 6.25 -21.85
N PHE A 63 36.85 6.34 -20.77
CA PHE A 63 35.58 5.65 -20.68
C PHE A 63 34.63 6.15 -21.77
N GLN A 64 34.58 7.47 -21.96
CA GLN A 64 33.72 8.06 -22.98
C GLN A 64 34.14 7.59 -24.36
N LYS A 65 35.45 7.63 -24.62
CA LYS A 65 35.98 7.18 -25.90
C LYS A 65 35.63 5.73 -26.15
N LYS A 66 35.81 4.90 -25.13
CA LYS A 66 35.48 3.49 -25.23
C LYS A 66 33.98 3.31 -25.40
N TRP A 67 33.19 4.02 -24.59
CA TRP A 67 31.74 3.96 -24.65
C TRP A 67 31.25 4.36 -26.04
N GLN A 68 31.88 5.39 -26.59
CA GLN A 68 31.53 5.86 -27.93
C GLN A 68 31.74 4.75 -28.94
N GLU A 69 32.89 4.10 -28.87
CA GLU A 69 33.20 3.00 -29.77
C GLU A 69 32.24 1.86 -29.51
N GLU A 70 31.97 1.60 -28.23
CA GLU A 70 31.06 0.54 -27.83
C GLU A 70 29.66 0.79 -28.38
N MET A 71 29.24 2.04 -28.36
CA MET A 71 27.93 2.43 -28.87
C MET A 71 27.92 2.43 -30.40
N GLU A 72 29.01 2.91 -30.97
CA GLU A 72 29.16 2.95 -32.43
C GLU A 72 29.12 1.54 -32.99
N LEU A 73 29.96 0.68 -32.44
CA LEU A 73 30.02 -0.71 -32.86
C LEU A 73 28.72 -1.43 -32.53
N TYR A 74 27.98 -0.90 -31.55
CA TYR A 74 26.70 -1.48 -31.18
C TYR A 74 25.64 -1.08 -32.20
N ARG A 75 25.59 0.21 -32.54
CA ARG A 75 24.62 0.71 -33.51
C ARG A 75 24.87 0.07 -34.86
N GLN A 76 26.15 -0.20 -35.15
CA GLN A 76 26.54 -0.85 -36.39
C GLN A 76 26.12 -2.31 -36.39
N LYS A 77 25.61 -2.76 -35.25
CA LYS A 77 25.13 -4.12 -35.13
C LYS A 77 23.63 -4.12 -34.93
N VAL A 78 23.13 -3.11 -34.22
CA VAL A 78 21.70 -2.99 -33.94
C VAL A 78 20.87 -3.12 -35.21
N GLU A 79 21.26 -2.39 -36.26
CA GLU A 79 20.54 -2.44 -37.53
C GLU A 79 20.60 -3.84 -38.15
N PRO A 80 21.80 -4.39 -38.44
CA PRO A 80 21.92 -5.74 -39.02
C PRO A 80 21.24 -6.79 -38.15
N LEU A 81 21.45 -6.71 -36.83
CA LEU A 81 20.84 -7.67 -35.90
C LEU A 81 19.33 -7.53 -35.92
N ARG A 82 18.85 -6.30 -35.99
CA ARG A 82 17.42 -6.04 -36.04
C ARG A 82 16.86 -6.59 -37.34
N ALA A 83 17.65 -6.49 -38.40
CA ALA A 83 17.26 -6.99 -39.71
C ALA A 83 17.11 -8.50 -39.65
N GLU A 84 18.07 -9.16 -39.01
CA GLU A 84 18.03 -10.62 -38.85
C GLU A 84 16.80 -11.00 -38.05
N LEU A 85 16.62 -10.30 -36.93
CA LEU A 85 15.48 -10.54 -36.06
C LEU A 85 14.17 -10.30 -36.80
N GLN A 86 14.12 -9.20 -37.55
CA GLN A 86 12.93 -8.86 -38.32
C GLN A 86 12.66 -9.91 -39.38
N GLU A 87 13.67 -10.26 -40.16
CA GLU A 87 13.54 -11.27 -41.20
C GLU A 87 13.10 -12.59 -40.59
N GLY A 88 13.76 -12.97 -39.50
CA GLY A 88 13.42 -14.19 -38.82
C GLY A 88 12.01 -14.13 -38.27
N ALA A 89 11.66 -13.01 -37.66
CA ALA A 89 10.32 -12.81 -37.10
C ALA A 89 9.28 -12.88 -38.20
N ARG A 90 9.60 -12.32 -39.35
CA ARG A 90 8.69 -12.33 -40.50
C ARG A 90 8.34 -13.76 -40.87
N GLN A 91 9.35 -14.62 -40.88
CA GLN A 91 9.16 -16.03 -41.19
C GLN A 91 8.43 -16.73 -40.06
N LYS A 92 8.93 -16.53 -38.85
CA LYS A 92 8.36 -17.13 -37.65
C LYS A 92 6.88 -16.76 -37.49
N LEU A 93 6.58 -15.47 -37.59
CA LEU A 93 5.21 -14.98 -37.46
C LEU A 93 4.35 -15.47 -38.62
N HIS A 94 4.96 -15.59 -39.80
CA HIS A 94 4.24 -16.06 -40.97
C HIS A 94 3.77 -17.49 -40.74
N GLU A 95 4.71 -18.36 -40.37
CA GLU A 95 4.39 -19.76 -40.11
C GLU A 95 3.39 -19.87 -38.98
N LEU A 96 3.51 -19.01 -37.98
CA LEU A 96 2.60 -19.02 -36.84
C LEU A 96 1.19 -18.65 -37.28
N GLN A 97 1.07 -17.58 -38.05
CA GLN A 97 -0.24 -17.14 -38.53
C GLN A 97 -0.79 -18.10 -39.56
N GLU A 98 0.10 -18.69 -40.35
CA GLU A 98 -0.31 -19.67 -41.35
C GLU A 98 -0.76 -20.96 -40.68
N LYS A 99 -0.49 -21.07 -39.39
CA LYS A 99 -0.90 -22.23 -38.62
C LYS A 99 -2.12 -21.88 -37.78
N LEU A 100 -2.12 -20.67 -37.24
CA LEU A 100 -3.23 -20.19 -36.41
C LEU A 100 -4.53 -20.10 -37.19
N SER A 101 -4.42 -20.05 -38.51
CA SER A 101 -5.60 -19.98 -39.36
C SER A 101 -6.24 -21.37 -39.55
N PRO A 102 -5.56 -22.33 -40.21
CA PRO A 102 -6.11 -23.67 -40.43
C PRO A 102 -6.23 -24.46 -39.12
N LEU A 103 -5.13 -24.53 -38.36
CA LEU A 103 -5.13 -25.24 -37.09
C LEU A 103 -6.03 -24.53 -36.09
N GLY A 104 -6.23 -23.23 -36.30
CA GLY A 104 -7.11 -22.47 -35.45
C GLY A 104 -8.54 -22.84 -35.76
N GLU A 105 -8.83 -22.99 -37.05
CA GLU A 105 -10.16 -23.39 -37.50
C GLU A 105 -10.45 -24.79 -36.99
N GLU A 106 -9.45 -25.67 -37.06
CA GLU A 106 -9.61 -27.04 -36.58
C GLU A 106 -9.83 -27.03 -35.08
N MET A 107 -9.25 -26.04 -34.40
CA MET A 107 -9.41 -25.89 -32.96
C MET A 107 -10.86 -25.51 -32.68
N ARG A 108 -11.37 -24.60 -33.49
CA ARG A 108 -12.75 -24.15 -33.36
C ARG A 108 -13.70 -25.26 -33.76
N ASP A 109 -13.34 -25.99 -34.81
CA ASP A 109 -14.15 -27.09 -35.31
C ASP A 109 -14.24 -28.17 -34.24
N ARG A 110 -13.10 -28.45 -33.60
CA ARG A 110 -13.07 -29.43 -32.52
C ARG A 110 -13.80 -28.87 -31.31
N ALA A 111 -13.74 -27.56 -31.15
CA ALA A 111 -14.43 -26.90 -30.04
C ALA A 111 -15.93 -27.02 -30.26
N ARG A 112 -16.35 -26.91 -31.52
CA ARG A 112 -17.75 -27.04 -31.89
C ARG A 112 -18.25 -28.39 -31.43
N ALA A 113 -17.56 -29.44 -31.85
CA ALA A 113 -17.92 -30.80 -31.46
C ALA A 113 -17.77 -30.99 -29.96
N HIS A 114 -16.72 -30.42 -29.40
CA HIS A 114 -16.43 -30.49 -27.97
C HIS A 114 -17.60 -29.96 -27.15
N VAL A 115 -17.99 -28.72 -27.45
CA VAL A 115 -19.08 -28.06 -26.75
C VAL A 115 -20.44 -28.63 -27.16
N ASP A 116 -20.59 -28.99 -28.43
CA ASP A 116 -21.85 -29.56 -28.90
C ASP A 116 -22.13 -30.88 -28.20
N ALA A 117 -21.10 -31.73 -28.11
CA ALA A 117 -21.25 -33.00 -27.43
C ALA A 117 -21.56 -32.74 -25.96
N LEU A 118 -21.00 -31.63 -25.46
CA LEU A 118 -21.24 -31.22 -24.08
C LEU A 118 -22.69 -30.78 -23.93
N ARG A 119 -23.20 -30.12 -24.95
CA ARG A 119 -24.59 -29.66 -24.95
C ARG A 119 -25.54 -30.85 -24.87
N THR A 120 -25.28 -31.86 -25.69
CA THR A 120 -26.09 -33.07 -25.72
C THR A 120 -25.89 -33.90 -24.43
N HIS A 121 -24.91 -33.50 -23.62
CA HIS A 121 -24.64 -34.19 -22.36
C HIS A 121 -25.16 -33.38 -21.18
N LEU A 122 -24.86 -32.08 -21.19
CA LEU A 122 -25.29 -31.18 -20.12
C LEU A 122 -26.81 -31.07 -20.08
N ALA A 123 -27.46 -31.14 -21.24
CA ALA A 123 -28.92 -31.05 -21.30
C ALA A 123 -29.58 -32.15 -20.46
N PRO A 124 -29.34 -33.44 -20.75
CA PRO A 124 -29.91 -34.53 -19.95
C PRO A 124 -29.33 -34.54 -18.53
N TYR A 125 -28.08 -34.13 -18.39
CA TYR A 125 -27.43 -34.10 -17.08
C TYR A 125 -28.12 -33.09 -16.16
N SER A 126 -28.47 -31.93 -16.70
CA SER A 126 -29.15 -30.91 -15.91
C SER A 126 -30.58 -31.34 -15.65
N ASP A 127 -31.20 -31.97 -16.65
CA ASP A 127 -32.57 -32.46 -16.51
C ASP A 127 -32.62 -33.54 -15.43
N GLU A 128 -31.65 -34.44 -15.45
CA GLU A 128 -31.55 -35.49 -14.46
C GLU A 128 -31.13 -34.88 -13.13
N LEU A 129 -30.34 -33.81 -13.19
CA LEU A 129 -29.91 -33.12 -11.99
C LEU A 129 -31.12 -32.55 -11.27
N ARG A 130 -32.13 -32.16 -12.05
CA ARG A 130 -33.36 -31.64 -11.50
C ARG A 130 -34.03 -32.74 -10.69
N GLN A 131 -33.97 -33.96 -11.23
CA GLN A 131 -34.55 -35.12 -10.56
C GLN A 131 -33.77 -35.39 -9.28
N ARG A 132 -32.45 -35.24 -9.37
CA ARG A 132 -31.57 -35.44 -8.22
C ARG A 132 -31.89 -34.40 -7.16
N LEU A 133 -31.95 -33.13 -7.59
CA LEU A 133 -32.26 -32.03 -6.69
C LEU A 133 -33.62 -32.27 -6.06
N ALA A 134 -34.57 -32.73 -6.86
CA ALA A 134 -35.90 -33.02 -6.37
C ALA A 134 -35.84 -34.13 -5.34
N ALA A 135 -35.17 -35.22 -5.69
CA ALA A 135 -35.01 -36.36 -4.79
C ALA A 135 -34.38 -35.94 -3.47
N ARG A 136 -33.36 -35.09 -3.57
CA ARG A 136 -32.67 -34.61 -2.39
C ARG A 136 -33.53 -33.62 -1.59
N LEU A 137 -34.02 -32.59 -2.26
CA LEU A 137 -34.82 -31.56 -1.63
C LEU A 137 -36.14 -32.10 -1.07
N GLU A 138 -36.83 -32.93 -1.85
CA GLU A 138 -38.09 -33.50 -1.40
C GLU A 138 -37.88 -34.38 -0.18
N ALA A 139 -36.82 -35.17 -0.21
CA ALA A 139 -36.51 -36.04 0.93
C ALA A 139 -36.15 -35.16 2.12
N LEU A 140 -35.43 -34.08 1.84
CA LEU A 140 -35.04 -33.12 2.87
C LEU A 140 -36.25 -32.39 3.43
N LYS A 141 -37.35 -32.40 2.70
CA LYS A 141 -38.58 -31.76 3.15
C LYS A 141 -39.22 -32.62 4.22
N GLU A 142 -39.32 -33.91 3.92
CA GLU A 142 -39.90 -34.87 4.86
C GLU A 142 -38.95 -35.06 6.03
N ASN A 143 -37.69 -35.31 5.70
CA ASN A 143 -36.65 -35.51 6.69
C ASN A 143 -36.48 -34.26 7.52
N GLY A 144 -36.39 -33.12 6.83
CA GLY A 144 -36.23 -31.84 7.51
C GLY A 144 -37.43 -31.50 8.36
N GLY A 145 -38.63 -31.77 7.84
CA GLY A 145 -39.84 -31.50 8.59
C GLY A 145 -39.84 -32.24 9.90
N ALA A 146 -39.39 -33.50 9.85
CA ALA A 146 -39.31 -34.33 11.05
C ALA A 146 -38.19 -33.80 11.95
N ARG A 147 -37.09 -33.39 11.33
CA ARG A 147 -35.95 -32.85 12.08
C ARG A 147 -36.36 -31.60 12.84
N LEU A 148 -37.11 -30.72 12.16
CA LEU A 148 -37.58 -29.48 12.78
C LEU A 148 -38.57 -29.79 13.90
N ALA A 149 -39.47 -30.72 13.65
CA ALA A 149 -40.46 -31.12 14.65
C ALA A 149 -39.74 -31.67 15.87
N GLU A 150 -38.81 -32.59 15.61
CA GLU A 150 -38.03 -33.19 16.66
C GLU A 150 -37.13 -32.15 17.34
N TYR A 151 -36.67 -31.19 16.56
CA TYR A 151 -35.80 -30.13 17.08
C TYR A 151 -36.57 -29.32 18.11
N HIS A 152 -37.80 -28.98 17.79
CA HIS A 152 -38.65 -28.22 18.70
C HIS A 152 -39.04 -29.07 19.89
N ALA A 153 -39.30 -30.35 19.65
CA ALA A 153 -39.67 -31.28 20.71
C ALA A 153 -38.52 -31.43 21.69
N LYS A 154 -37.31 -31.48 21.16
CA LYS A 154 -36.13 -31.60 21.99
C LYS A 154 -35.74 -30.23 22.57
N ALA A 155 -36.26 -29.18 21.93
CA ALA A 155 -36.00 -27.81 22.37
C ALA A 155 -36.78 -27.54 23.64
N THR A 156 -38.03 -28.00 23.68
CA THR A 156 -38.85 -27.83 24.86
C THR A 156 -38.22 -28.57 26.03
N GLU A 157 -37.61 -29.72 25.74
CA GLU A 157 -36.94 -30.51 26.76
C GLU A 157 -35.73 -29.74 27.29
N HIS A 158 -35.09 -28.99 26.39
CA HIS A 158 -33.96 -28.17 26.76
C HIS A 158 -34.45 -27.04 27.64
N LEU A 159 -35.58 -26.46 27.23
CA LEU A 159 -36.19 -25.35 27.94
C LEU A 159 -36.68 -25.73 29.33
N SER A 160 -37.27 -26.92 29.46
CA SER A 160 -37.77 -27.37 30.76
C SER A 160 -36.63 -27.51 31.75
N THR A 161 -35.54 -28.13 31.31
CA THR A 161 -34.37 -28.30 32.16
C THR A 161 -33.69 -26.97 32.39
N LEU A 162 -33.72 -26.11 31.37
CA LEU A 162 -33.13 -24.78 31.48
C LEU A 162 -33.87 -23.93 32.49
N SER A 163 -35.21 -23.97 32.46
CA SER A 163 -36.00 -23.21 33.41
C SER A 163 -35.82 -23.78 34.81
N GLU A 164 -35.55 -25.09 34.88
CA GLU A 164 -35.32 -25.77 36.15
C GLU A 164 -33.91 -25.47 36.65
N LYS A 165 -33.20 -24.66 35.88
CA LYS A 165 -31.85 -24.22 36.22
C LYS A 165 -31.86 -22.70 36.40
N ALA A 166 -32.66 -22.04 35.56
CA ALA A 166 -32.78 -20.59 35.59
C ALA A 166 -33.57 -20.12 36.82
N LYS A 167 -34.24 -21.06 37.49
CA LYS A 167 -35.00 -20.72 38.68
C LYS A 167 -34.36 -21.33 39.92
N PRO A 168 -34.41 -22.67 40.10
CA PRO A 168 -33.83 -23.32 41.28
C PRO A 168 -32.33 -23.07 41.41
N ALA A 169 -31.57 -23.39 40.36
CA ALA A 169 -30.13 -23.20 40.37
C ALA A 169 -29.74 -21.74 40.46
N LEU A 170 -30.44 -20.87 39.74
CA LEU A 170 -30.13 -19.44 39.78
C LEU A 170 -30.42 -18.86 41.16
N GLU A 171 -31.53 -19.27 41.76
CA GLU A 171 -31.88 -18.80 43.08
C GLU A 171 -30.91 -19.39 44.10
N ASP A 172 -30.45 -20.60 43.80
CA ASP A 172 -29.48 -21.29 44.63
C ASP A 172 -28.18 -20.49 44.60
N LEU A 173 -27.84 -20.03 43.39
CA LEU A 173 -26.65 -19.22 43.19
C LEU A 173 -26.82 -17.88 43.89
N ARG A 174 -28.04 -17.36 43.92
CA ARG A 174 -28.32 -16.11 44.60
C ARG A 174 -28.04 -16.26 46.09
N GLN A 175 -28.51 -17.38 46.63
CA GLN A 175 -28.31 -17.68 48.05
C GLN A 175 -26.88 -18.08 48.34
N GLY A 176 -26.08 -18.20 47.29
CA GLY A 176 -24.67 -18.55 47.42
C GLY A 176 -23.81 -17.30 47.24
N LEU A 177 -24.20 -16.48 46.27
CA LEU A 177 -23.49 -15.25 45.97
C LEU A 177 -23.68 -14.21 47.06
N LEU A 178 -24.89 -14.14 47.60
CA LEU A 178 -25.18 -13.17 48.66
C LEU A 178 -24.23 -13.31 49.85
N PRO A 179 -24.18 -14.48 50.52
CA PRO A 179 -23.28 -14.67 51.67
C PRO A 179 -21.81 -14.56 51.26
N VAL A 180 -21.49 -15.01 50.05
CA VAL A 180 -20.12 -14.93 49.57
C VAL A 180 -19.70 -13.47 49.35
N LEU A 181 -20.66 -12.64 48.94
CA LEU A 181 -20.40 -11.22 48.74
C LEU A 181 -20.11 -10.57 50.08
N GLU A 182 -20.80 -11.04 51.12
CA GLU A 182 -20.60 -10.53 52.46
C GLU A 182 -19.22 -10.93 52.96
N SER A 183 -18.84 -12.17 52.72
CA SER A 183 -17.53 -12.67 53.10
C SER A 183 -16.45 -11.88 52.36
N PHE A 184 -16.72 -11.62 51.08
CA PHE A 184 -15.81 -10.86 50.25
C PHE A 184 -15.71 -9.43 50.76
N LYS A 185 -16.85 -8.84 51.11
CA LYS A 185 -16.90 -7.48 51.64
C LYS A 185 -16.02 -7.34 52.89
N VAL A 186 -16.22 -8.26 53.84
CA VAL A 186 -15.45 -8.25 55.08
C VAL A 186 -13.96 -8.38 54.78
N SER A 187 -13.62 -9.32 53.90
CA SER A 187 -12.23 -9.55 53.51
C SER A 187 -11.66 -8.37 52.74
N PHE A 188 -12.45 -7.79 51.84
CA PHE A 188 -12.01 -6.65 51.03
C PHE A 188 -11.81 -5.40 51.87
N LEU A 189 -12.77 -5.10 52.74
CA LEU A 189 -12.68 -3.93 53.60
C LEU A 189 -11.45 -4.01 54.49
N SER A 190 -11.20 -5.19 55.05
CA SER A 190 -10.06 -5.39 55.91
C SER A 190 -8.76 -5.49 55.10
N ALA A 191 -8.88 -5.72 53.80
CA ALA A 191 -7.71 -5.82 52.94
C ALA A 191 -7.31 -4.44 52.44
N LEU A 192 -8.29 -3.68 51.95
CA LEU A 192 -8.04 -2.33 51.45
C LEU A 192 -7.46 -1.47 52.57
N GLU A 193 -8.04 -1.62 53.76
CA GLU A 193 -7.59 -0.88 54.92
C GLU A 193 -6.17 -1.30 55.29
N GLU A 194 -5.90 -2.58 55.10
CA GLU A 194 -4.59 -3.13 55.40
C GLU A 194 -3.54 -2.57 54.46
N TYR A 195 -3.85 -2.62 53.16
CA TYR A 195 -2.94 -2.10 52.13
C TYR A 195 -2.58 -0.63 52.39
N THR A 196 -3.60 0.18 52.61
CA THR A 196 -3.43 1.59 52.86
C THR A 196 -2.59 1.84 54.13
N LYS A 197 -2.72 0.94 55.11
CA LYS A 197 -1.98 1.04 56.36
C LYS A 197 -0.52 0.60 56.18
N LYS A 198 -0.22 -0.03 55.05
CA LYS A 198 1.14 -0.49 54.79
C LYS A 198 1.97 0.61 54.16
N LEU A 199 1.34 1.37 53.26
CA LEU A 199 2.02 2.47 52.57
C LEU A 199 1.67 3.81 53.20
N ASN A 200 0.85 4.60 52.50
CA ASN A 200 0.44 5.92 52.98
C ASN A 200 -0.39 5.83 54.25
N LEU B 3 -16.25 -23.92 51.99
CA LEU B 3 -17.16 -24.40 53.02
C LEU B 3 -18.56 -24.56 52.45
N LYS B 4 -18.83 -23.86 51.37
CA LYS B 4 -20.14 -23.93 50.72
C LYS B 4 -20.06 -24.76 49.45
N LEU B 5 -18.97 -25.52 49.33
CA LEU B 5 -18.75 -26.36 48.17
C LEU B 5 -19.83 -27.43 48.03
N LEU B 6 -20.24 -28.01 49.16
CA LEU B 6 -21.26 -29.05 49.16
C LEU B 6 -22.59 -28.51 48.64
N ASP B 7 -22.76 -27.19 48.74
CA ASP B 7 -23.98 -26.53 48.26
C ASP B 7 -23.88 -26.37 46.75
N ASN B 8 -22.75 -25.83 46.30
CA ASN B 8 -22.51 -25.62 44.88
C ASN B 8 -22.57 -26.93 44.13
N TRP B 9 -21.95 -27.96 44.69
CA TRP B 9 -21.95 -29.28 44.07
C TRP B 9 -23.34 -29.87 44.01
N ASP B 10 -24.17 -29.56 45.01
CA ASP B 10 -25.54 -30.05 45.07
C ASP B 10 -26.34 -29.58 43.85
N SER B 11 -26.28 -28.28 43.59
CA SER B 11 -26.98 -27.68 42.46
C SER B 11 -26.45 -28.24 41.14
N VAL B 12 -25.14 -28.45 41.09
CA VAL B 12 -24.51 -29.01 39.90
C VAL B 12 -24.95 -30.46 39.71
N THR B 13 -25.01 -31.20 40.80
CA THR B 13 -25.42 -32.60 40.77
C THR B 13 -26.85 -32.76 40.28
N SER B 14 -27.77 -31.98 40.83
CA SER B 14 -29.17 -32.05 40.44
C SER B 14 -29.35 -31.72 38.96
N THR B 15 -28.71 -30.65 38.51
CA THR B 15 -28.80 -30.24 37.12
C THR B 15 -28.15 -31.28 36.21
N PHE B 16 -27.03 -31.84 36.65
CA PHE B 16 -26.32 -32.86 35.88
C PHE B 16 -27.17 -34.13 35.78
N SER B 17 -27.83 -34.49 36.87
CA SER B 17 -28.68 -35.67 36.89
C SER B 17 -29.83 -35.50 35.92
N LYS B 18 -30.49 -34.35 35.98
CA LYS B 18 -31.61 -34.07 35.08
C LYS B 18 -31.12 -33.94 33.64
N LEU B 19 -29.87 -33.51 33.49
CA LEU B 19 -29.28 -33.38 32.17
C LEU B 19 -29.10 -34.77 31.56
N ARG B 20 -28.57 -35.69 32.36
CA ARG B 20 -28.36 -37.07 31.92
C ARG B 20 -29.70 -37.71 31.59
N GLU B 21 -30.70 -37.42 32.42
CA GLU B 21 -32.05 -37.94 32.22
C GLU B 21 -32.60 -37.43 30.90
N GLN B 22 -32.47 -36.13 30.69
CA GLN B 22 -32.94 -35.49 29.48
C GLN B 22 -32.21 -36.08 28.28
N LEU B 23 -30.90 -36.28 28.43
CA LEU B 23 -30.08 -36.85 27.37
C LEU B 23 -30.58 -38.22 26.94
N GLY B 24 -31.27 -38.92 27.83
CA GLY B 24 -31.80 -40.23 27.51
C GLY B 24 -32.73 -40.16 26.31
N PRO B 25 -33.98 -39.71 26.48
CA PRO B 25 -34.94 -39.57 25.38
C PRO B 25 -34.42 -38.69 24.26
N VAL B 26 -33.63 -37.67 24.61
CA VAL B 26 -33.07 -36.76 23.62
C VAL B 26 -32.15 -37.50 22.66
N THR B 27 -31.24 -38.31 23.19
CA THR B 27 -30.33 -39.08 22.34
C THR B 27 -31.09 -40.18 21.61
N GLN B 28 -32.10 -40.74 22.28
CA GLN B 28 -32.92 -41.78 21.68
C GLN B 28 -33.63 -41.22 20.45
N GLU B 29 -34.26 -40.07 20.63
CA GLU B 29 -34.96 -39.39 19.55
C GLU B 29 -33.94 -38.99 18.49
N PHE B 30 -32.79 -38.50 18.94
CA PHE B 30 -31.71 -38.08 18.05
C PHE B 30 -31.29 -39.25 17.16
N TRP B 31 -31.18 -40.43 17.76
CA TRP B 31 -30.81 -41.63 17.02
C TRP B 31 -31.92 -42.01 16.07
N ASP B 32 -33.17 -41.82 16.51
CA ASP B 32 -34.32 -42.12 15.67
C ASP B 32 -34.40 -41.11 14.53
N ASN B 33 -33.93 -39.91 14.80
CA ASN B 33 -33.88 -38.86 13.79
C ASN B 33 -32.77 -39.19 12.81
N LEU B 34 -31.66 -39.70 13.34
CA LEU B 34 -30.53 -40.11 12.51
C LEU B 34 -30.94 -41.33 11.70
N GLU B 35 -31.92 -42.05 12.21
CA GLU B 35 -32.47 -43.20 11.51
C GLU B 35 -33.14 -42.69 10.26
N LYS B 36 -33.97 -41.66 10.43
CA LYS B 36 -34.68 -41.04 9.32
C LYS B 36 -33.66 -40.38 8.39
N GLU B 37 -32.62 -39.83 9.01
CA GLU B 37 -31.53 -39.19 8.29
C GLU B 37 -30.87 -40.20 7.36
N THR B 38 -30.38 -41.28 7.94
CA THR B 38 -29.73 -42.33 7.18
C THR B 38 -30.68 -42.99 6.18
N GLU B 39 -31.91 -43.27 6.61
CA GLU B 39 -32.90 -43.88 5.74
C GLU B 39 -33.23 -42.96 4.56
N GLY B 40 -33.35 -41.66 4.86
CA GLY B 40 -33.63 -40.69 3.82
C GLY B 40 -32.44 -40.60 2.88
N LEU B 41 -31.25 -40.47 3.45
CA LEU B 41 -30.03 -40.39 2.67
C LEU B 41 -29.85 -41.64 1.82
N ARG B 42 -30.29 -42.78 2.36
CA ARG B 42 -30.21 -44.06 1.66
C ARG B 42 -31.03 -44.01 0.38
N GLN B 43 -32.20 -43.38 0.44
CA GLN B 43 -33.08 -43.27 -0.72
C GLN B 43 -32.41 -42.36 -1.76
N GLU B 44 -31.79 -41.29 -1.28
CA GLU B 44 -31.12 -40.35 -2.14
C GLU B 44 -29.83 -40.94 -2.72
N MET B 45 -29.01 -41.50 -1.84
CA MET B 45 -27.73 -42.10 -2.23
C MET B 45 -27.86 -43.28 -3.17
N SER B 46 -28.87 -44.12 -2.97
CA SER B 46 -29.06 -45.28 -3.85
C SER B 46 -29.26 -44.79 -5.28
N LYS B 47 -30.10 -43.78 -5.42
CA LYS B 47 -30.35 -43.19 -6.73
C LYS B 47 -29.12 -42.42 -7.20
N ASP B 48 -28.50 -41.69 -6.27
CA ASP B 48 -27.30 -40.91 -6.57
C ASP B 48 -26.19 -41.80 -7.10
N LEU B 49 -25.94 -42.91 -6.42
CA LEU B 49 -24.90 -43.85 -6.83
C LEU B 49 -25.19 -44.45 -8.20
N GLU B 50 -26.41 -44.94 -8.40
CA GLU B 50 -26.78 -45.52 -9.68
C GLU B 50 -26.73 -44.46 -10.77
N GLU B 51 -27.24 -43.29 -10.46
CA GLU B 51 -27.26 -42.18 -11.40
C GLU B 51 -25.84 -41.71 -11.72
N VAL B 52 -25.00 -41.59 -10.70
CA VAL B 52 -23.63 -41.16 -10.90
C VAL B 52 -22.83 -42.18 -11.71
N LYS B 53 -23.14 -43.45 -11.52
CA LYS B 53 -22.46 -44.51 -12.26
C LYS B 53 -22.95 -44.54 -13.70
N ALA B 54 -24.26 -44.41 -13.87
CA ALA B 54 -24.87 -44.41 -15.20
C ALA B 54 -24.56 -43.10 -15.94
N LYS B 55 -24.04 -42.13 -15.20
CA LYS B 55 -23.68 -40.85 -15.78
C LYS B 55 -22.18 -40.73 -15.97
N VAL B 56 -21.42 -41.38 -15.09
CA VAL B 56 -19.96 -41.34 -15.19
C VAL B 56 -19.47 -42.10 -16.41
N GLN B 57 -20.23 -43.13 -16.81
CA GLN B 57 -19.88 -43.91 -17.98
C GLN B 57 -19.92 -43.03 -19.24
N PRO B 58 -21.08 -42.41 -19.57
CA PRO B 58 -21.18 -41.53 -20.74
C PRO B 58 -20.29 -40.31 -20.59
N TYR B 59 -20.07 -39.89 -19.34
CA TYR B 59 -19.22 -38.73 -19.07
C TYR B 59 -17.77 -39.07 -19.38
N LEU B 60 -17.31 -40.21 -18.89
CA LEU B 60 -15.93 -40.64 -19.15
C LEU B 60 -15.76 -40.91 -20.62
N ASP B 61 -16.79 -41.47 -21.24
CA ASP B 61 -16.78 -41.77 -22.66
C ASP B 61 -16.68 -40.47 -23.46
N ASP B 62 -17.55 -39.53 -23.12
CA ASP B 62 -17.56 -38.22 -23.79
C ASP B 62 -16.24 -37.51 -23.53
N PHE B 63 -15.79 -37.54 -22.28
CA PHE B 63 -14.52 -36.91 -21.91
C PHE B 63 -13.36 -37.57 -22.65
N GLN B 64 -13.39 -38.89 -22.76
CA GLN B 64 -12.34 -39.62 -23.46
C GLN B 64 -12.35 -39.22 -24.93
N LYS B 65 -13.55 -39.08 -25.49
CA LYS B 65 -13.69 -38.66 -26.88
C LYS B 65 -13.07 -37.28 -27.04
N LYS B 66 -13.33 -36.42 -26.06
CA LYS B 66 -12.78 -35.07 -26.07
C LYS B 66 -11.26 -35.13 -25.91
N TRP B 67 -10.81 -36.00 -25.02
CA TRP B 67 -9.39 -36.18 -24.78
C TRP B 67 -8.71 -36.71 -26.02
N GLN B 68 -9.42 -37.56 -26.77
CA GLN B 68 -8.89 -38.10 -28.00
C GLN B 68 -8.78 -36.98 -29.02
N GLU B 69 -9.83 -36.16 -29.13
CA GLU B 69 -9.83 -35.04 -30.05
C GLU B 69 -8.71 -34.07 -29.68
N GLU B 70 -8.57 -33.82 -28.39
CA GLU B 70 -7.55 -32.90 -27.89
C GLU B 70 -6.16 -33.49 -27.99
N MET B 71 -5.96 -34.73 -27.55
CA MET B 71 -4.64 -35.36 -27.63
C MET B 71 -4.18 -35.45 -29.07
N GLU B 72 -5.08 -35.84 -29.95
CA GLU B 72 -4.76 -35.93 -31.36
C GLU B 72 -4.48 -34.54 -31.89
N LEU B 73 -5.36 -33.60 -31.54
CA LEU B 73 -5.24 -32.21 -31.94
C LEU B 73 -3.94 -31.59 -31.45
N TYR B 74 -3.62 -31.83 -30.19
CA TYR B 74 -2.40 -31.31 -29.60
C TYR B 74 -1.19 -31.92 -30.28
N ARG B 75 -1.23 -33.22 -30.52
CA ARG B 75 -0.13 -33.91 -31.17
C ARG B 75 0.04 -33.43 -32.62
N GLN B 76 -1.07 -33.36 -33.35
CA GLN B 76 -1.05 -32.91 -34.75
C GLN B 76 -0.63 -31.46 -34.88
N LYS B 77 -0.53 -30.76 -33.75
CA LYS B 77 -0.11 -29.38 -33.76
C LYS B 77 1.26 -29.20 -33.11
N VAL B 78 1.47 -29.87 -31.98
CA VAL B 78 2.74 -29.80 -31.28
C VAL B 78 3.87 -30.41 -32.11
N GLU B 79 3.57 -31.49 -32.82
CA GLU B 79 4.58 -32.14 -33.67
C GLU B 79 5.14 -31.16 -34.72
N PRO B 80 4.28 -30.60 -35.61
CA PRO B 80 4.75 -29.63 -36.60
C PRO B 80 5.24 -28.35 -35.95
N LEU B 81 4.59 -27.93 -34.85
CA LEU B 81 5.00 -26.73 -34.15
C LEU B 81 6.40 -26.90 -33.62
N ARG B 82 6.70 -28.08 -33.08
CA ARG B 82 8.03 -28.38 -32.57
C ARG B 82 9.04 -28.32 -33.69
N ALA B 83 8.62 -28.74 -34.88
CA ALA B 83 9.47 -28.71 -36.05
C ALA B 83 9.73 -27.26 -36.46
N GLU B 84 8.66 -26.49 -36.60
CA GLU B 84 8.78 -25.08 -36.95
C GLU B 84 9.54 -24.32 -35.87
N LEU B 85 9.30 -24.70 -34.61
CA LEU B 85 9.98 -24.09 -33.48
C LEU B 85 11.45 -24.42 -33.56
N GLN B 86 11.76 -25.62 -34.02
CA GLN B 86 13.14 -26.05 -34.18
C GLN B 86 13.78 -25.28 -35.32
N GLU B 87 13.00 -25.02 -36.36
CA GLU B 87 13.48 -24.24 -37.50
C GLU B 87 13.80 -22.84 -36.99
N GLY B 88 12.85 -22.27 -36.25
CA GLY B 88 13.04 -20.95 -35.68
C GLY B 88 14.14 -20.95 -34.65
N ALA B 89 14.28 -22.07 -33.94
CA ALA B 89 15.31 -22.21 -32.92
C ALA B 89 16.68 -22.26 -33.56
N ARG B 90 16.81 -23.03 -34.64
CA ARG B 90 18.08 -23.13 -35.34
C ARG B 90 18.44 -21.77 -35.93
N GLN B 91 17.42 -21.09 -36.44
CA GLN B 91 17.61 -19.76 -36.98
C GLN B 91 18.02 -18.83 -35.86
N LYS B 92 17.27 -18.87 -34.76
CA LYS B 92 17.54 -18.05 -33.59
C LYS B 92 18.92 -18.34 -33.04
N LEU B 93 19.32 -19.61 -33.06
CA LEU B 93 20.63 -20.00 -32.59
C LEU B 93 21.69 -19.38 -33.47
N HIS B 94 21.48 -19.42 -34.77
CA HIS B 94 22.41 -18.82 -35.71
C HIS B 94 22.36 -17.30 -35.59
N GLU B 95 21.16 -16.78 -35.36
CA GLU B 95 20.94 -15.35 -35.16
C GLU B 95 21.75 -14.92 -33.94
N LEU B 96 21.68 -15.73 -32.89
CA LEU B 96 22.40 -15.47 -31.66
C LEU B 96 23.89 -15.70 -31.85
N GLN B 97 24.24 -16.72 -32.64
CA GLN B 97 25.64 -17.02 -32.93
C GLN B 97 26.30 -15.86 -33.64
N GLU B 98 25.57 -15.25 -34.57
CA GLU B 98 26.06 -14.10 -35.32
C GLU B 98 26.04 -12.83 -34.46
N LYS B 99 25.77 -13.02 -33.17
CA LYS B 99 25.75 -11.92 -32.22
C LYS B 99 26.73 -12.22 -31.09
N LEU B 100 26.58 -13.38 -30.46
CA LEU B 100 27.43 -13.81 -29.36
C LEU B 100 28.90 -13.94 -29.78
N SER B 101 29.14 -14.35 -31.02
CA SER B 101 30.50 -14.49 -31.50
C SER B 101 31.19 -13.13 -31.67
N PRO B 102 30.67 -12.22 -32.54
CA PRO B 102 31.27 -10.90 -32.73
C PRO B 102 31.19 -10.05 -31.48
N LEU B 103 30.00 -9.99 -30.86
CA LEU B 103 29.82 -9.20 -29.65
C LEU B 103 30.61 -9.77 -28.49
N GLY B 104 30.74 -11.09 -28.47
CA GLY B 104 31.49 -11.74 -27.41
C GLY B 104 32.96 -11.36 -27.47
N GLU B 105 33.54 -11.51 -28.66
CA GLU B 105 34.93 -11.16 -28.87
C GLU B 105 35.13 -9.65 -28.74
N GLU B 106 34.13 -8.89 -29.16
CA GLU B 106 34.18 -7.44 -29.07
C GLU B 106 34.10 -7.03 -27.60
N MET B 107 33.16 -7.62 -26.88
CA MET B 107 33.00 -7.34 -25.45
C MET B 107 34.26 -7.72 -24.70
N ARG B 108 34.94 -8.77 -25.19
CA ARG B 108 36.19 -9.21 -24.61
C ARG B 108 37.23 -8.13 -24.78
N ASP B 109 37.28 -7.56 -25.97
CA ASP B 109 38.22 -6.49 -26.27
C ASP B 109 37.84 -5.24 -25.49
N ARG B 110 36.52 -4.99 -25.38
CA ARG B 110 36.02 -3.86 -24.62
C ARG B 110 36.46 -4.03 -23.17
N ALA B 111 36.29 -5.26 -22.67
CA ALA B 111 36.69 -5.60 -21.31
C ALA B 111 38.19 -5.42 -21.16
N ARG B 112 38.95 -5.87 -22.16
CA ARG B 112 40.40 -5.72 -22.13
C ARG B 112 40.76 -4.25 -22.03
N ALA B 113 40.16 -3.43 -22.89
CA ALA B 113 40.40 -2.00 -22.89
C ALA B 113 39.99 -1.38 -21.56
N HIS B 114 38.89 -1.87 -21.01
CA HIS B 114 38.38 -1.38 -19.73
C HIS B 114 39.30 -1.80 -18.58
N VAL B 115 39.59 -3.10 -18.53
CA VAL B 115 40.44 -3.66 -17.48
C VAL B 115 41.87 -3.13 -17.56
N ASP B 116 42.40 -3.04 -18.77
CA ASP B 116 43.76 -2.53 -18.96
C ASP B 116 43.81 -1.07 -18.53
N ALA B 117 42.72 -0.36 -18.78
CA ALA B 117 42.61 1.03 -18.37
C ALA B 117 42.53 1.06 -16.86
N LEU B 118 41.78 0.11 -16.30
CA LEU B 118 41.62 -0.01 -14.86
C LEU B 118 42.96 -0.35 -14.22
N ARG B 119 43.82 -1.03 -14.98
CA ARG B 119 45.15 -1.39 -14.49
C ARG B 119 45.94 -0.12 -14.21
N THR B 120 45.65 0.93 -14.97
CA THR B 120 46.32 2.21 -14.83
C THR B 120 45.37 3.23 -14.18
N HIS B 121 44.17 2.79 -13.83
CA HIS B 121 43.18 3.68 -13.22
C HIS B 121 42.86 3.26 -11.80
N LEU B 122 43.21 2.03 -11.45
CA LEU B 122 42.95 1.51 -10.12
C LEU B 122 44.25 1.30 -9.34
N ALA B 123 45.17 0.54 -9.91
CA ALA B 123 46.45 0.25 -9.25
C ALA B 123 47.16 1.53 -8.75
N PRO B 124 47.51 2.48 -9.65
CA PRO B 124 48.18 3.72 -9.22
C PRO B 124 47.25 4.56 -8.37
N TYR B 125 45.95 4.45 -8.61
CA TYR B 125 44.96 5.20 -7.85
C TYR B 125 44.95 4.74 -6.41
N SER B 126 44.97 3.43 -6.21
CA SER B 126 44.98 2.87 -4.87
C SER B 126 46.30 3.22 -4.19
N ASP B 127 47.36 3.37 -4.99
CA ASP B 127 48.66 3.72 -4.46
C ASP B 127 48.63 5.17 -3.99
N GLU B 128 47.97 6.02 -4.79
CA GLU B 128 47.81 7.42 -4.44
C GLU B 128 46.97 7.49 -3.17
N LEU B 129 45.98 6.61 -3.09
CA LEU B 129 45.12 6.52 -1.93
C LEU B 129 45.95 6.07 -0.73
N ARG B 130 46.93 5.20 -0.97
CA ARG B 130 47.80 4.71 0.09
C ARG B 130 48.56 5.87 0.71
N GLN B 131 48.98 6.82 -0.14
CA GLN B 131 49.69 8.00 0.32
C GLN B 131 48.79 8.85 1.20
N ARG B 132 47.55 9.04 0.72
CA ARG B 132 46.57 9.82 1.45
C ARG B 132 46.15 9.10 2.73
N LEU B 133 45.98 7.79 2.62
CA LEU B 133 45.60 6.96 3.76
C LEU B 133 46.71 6.96 4.80
N ALA B 134 47.96 7.01 4.33
CA ALA B 134 49.10 7.03 5.22
C ALA B 134 49.04 8.28 6.09
N ALA B 135 48.77 9.41 5.45
CA ALA B 135 48.66 10.68 6.16
C ALA B 135 47.45 10.65 7.08
N ARG B 136 46.37 10.05 6.60
CA ARG B 136 45.15 9.92 7.37
C ARG B 136 45.44 9.10 8.62
N LEU B 137 46.27 8.07 8.46
CA LEU B 137 46.66 7.21 9.56
C LEU B 137 47.62 7.96 10.47
N GLU B 138 48.45 8.82 9.88
CA GLU B 138 49.41 9.62 10.64
C GLU B 138 48.65 10.47 11.64
N ALA B 139 47.55 11.08 11.17
CA ALA B 139 46.71 11.90 12.03
C ALA B 139 46.11 11.03 13.14
N LEU B 140 45.69 9.83 12.76
CA LEU B 140 45.10 8.88 13.71
C LEU B 140 46.16 8.36 14.68
N LYS B 141 47.42 8.64 14.39
CA LYS B 141 48.52 8.23 15.25
C LYS B 141 48.85 9.37 16.19
N GLU B 142 49.06 10.55 15.62
CA GLU B 142 49.38 11.75 16.38
C GLU B 142 48.27 12.04 17.37
N ASN B 143 47.06 12.16 16.86
CA ASN B 143 45.90 12.44 17.69
C ASN B 143 45.50 11.18 18.45
N GLY B 144 45.87 10.02 17.90
CA GLY B 144 45.55 8.76 18.53
C GLY B 144 46.29 8.61 19.84
N GLY B 145 47.61 8.76 19.78
CA GLY B 145 48.43 8.66 20.98
C GLY B 145 48.07 9.74 21.98
N ALA B 146 47.71 10.90 21.46
CA ALA B 146 47.31 12.02 22.29
C ALA B 146 46.01 11.70 23.01
N ARG B 147 45.00 11.29 22.24
CA ARG B 147 43.70 10.95 22.80
C ARG B 147 43.81 9.81 23.79
N LEU B 148 44.72 8.88 23.54
CA LEU B 148 44.92 7.75 24.45
C LEU B 148 45.41 8.26 25.79
N ALA B 149 46.31 9.24 25.76
CA ALA B 149 46.83 9.82 26.98
C ALA B 149 45.75 10.70 27.62
N GLU B 150 45.03 11.45 26.79
CA GLU B 150 43.96 12.31 27.25
C GLU B 150 42.89 11.48 27.95
N TYR B 151 42.46 10.42 27.27
CA TYR B 151 41.46 9.51 27.81
C TYR B 151 41.95 8.91 29.11
N HIS B 152 43.24 8.59 29.17
CA HIS B 152 43.84 8.04 30.36
C HIS B 152 43.78 9.04 31.51
N ALA B 153 44.09 10.29 31.19
CA ALA B 153 44.06 11.36 32.17
C ALA B 153 42.63 11.59 32.64
N LYS B 154 41.72 11.74 31.68
CA LYS B 154 40.31 11.97 31.97
C LYS B 154 39.73 10.78 32.74
N ALA B 155 40.17 9.57 32.41
CA ALA B 155 39.71 8.37 33.10
C ALA B 155 40.16 8.42 34.55
N THR B 156 41.40 8.87 34.75
CA THR B 156 41.96 8.99 36.08
C THR B 156 41.13 10.00 36.87
N GLU B 157 40.89 11.16 36.27
CA GLU B 157 40.09 12.20 36.89
C GLU B 157 38.69 11.69 37.17
N HIS B 158 38.15 10.91 36.24
CA HIS B 158 36.83 10.33 36.38
C HIS B 158 36.81 9.33 37.54
N LEU B 159 37.89 8.58 37.67
CA LEU B 159 38.00 7.60 38.75
C LEU B 159 38.09 8.32 40.09
N SER B 160 38.77 9.47 40.09
CA SER B 160 38.91 10.26 41.30
C SER B 160 37.57 10.88 41.68
N THR B 161 36.82 11.29 40.67
CA THR B 161 35.50 11.88 40.89
C THR B 161 34.48 10.78 41.17
N LEU B 162 34.93 9.54 41.07
CA LEU B 162 34.09 8.39 41.34
C LEU B 162 34.38 7.88 42.75
N SER B 163 35.61 8.06 43.21
CA SER B 163 36.00 7.62 44.55
C SER B 163 35.29 8.46 45.60
N GLU B 164 35.01 9.72 45.25
CA GLU B 164 34.30 10.62 46.15
C GLU B 164 32.83 10.21 46.26
N LYS B 165 32.45 9.21 45.46
CA LYS B 165 31.11 8.68 45.50
C LYS B 165 31.15 7.24 46.00
N ALA B 166 32.23 6.54 45.65
CA ALA B 166 32.42 5.16 46.08
C ALA B 166 32.61 5.07 47.59
N LYS B 167 33.07 6.15 48.20
CA LYS B 167 33.26 6.17 49.64
C LYS B 167 32.14 6.93 50.37
N PRO B 168 32.10 8.29 50.28
CA PRO B 168 31.07 9.08 50.98
C PRO B 168 29.64 8.73 50.57
N ALA B 169 29.37 8.72 49.26
CA ALA B 169 28.03 8.41 48.78
C ALA B 169 27.63 6.98 49.12
N LEU B 170 28.47 6.01 48.77
CA LEU B 170 28.18 4.61 49.06
C LEU B 170 28.02 4.37 50.55
N GLU B 171 28.87 5.01 51.36
CA GLU B 171 28.79 4.87 52.80
C GLU B 171 27.47 5.41 53.33
N ASP B 172 27.09 6.58 52.84
CA ASP B 172 25.83 7.19 53.27
C ASP B 172 24.65 6.36 52.79
N LEU B 173 24.81 5.74 51.63
CA LEU B 173 23.77 4.87 51.08
C LEU B 173 23.56 3.70 52.03
N ARG B 174 24.67 3.19 52.58
CA ARG B 174 24.61 2.09 53.54
C ARG B 174 24.05 2.60 54.85
N GLN B 175 24.42 3.83 55.19
CA GLN B 175 23.94 4.47 56.40
C GLN B 175 22.44 4.67 56.37
N GLY B 176 21.91 4.72 55.15
CA GLY B 176 20.47 4.87 54.95
C GLY B 176 19.84 3.50 54.76
N LEU B 177 20.61 2.58 54.15
CA LEU B 177 20.15 1.23 53.91
C LEU B 177 19.86 0.48 55.20
N LEU B 178 20.71 0.65 56.20
CA LEU B 178 20.51 -0.02 57.47
C LEU B 178 19.17 0.34 58.10
N PRO B 179 18.89 1.64 58.39
CA PRO B 179 17.61 2.06 58.96
C PRO B 179 16.45 1.83 58.00
N VAL B 180 16.71 1.91 56.69
CA VAL B 180 15.65 1.68 55.70
C VAL B 180 15.23 0.22 55.70
N LEU B 181 16.20 -0.67 55.91
CA LEU B 181 15.90 -2.10 55.97
C LEU B 181 15.16 -2.38 57.27
N GLU B 182 15.55 -1.66 58.32
CA GLU B 182 14.92 -1.81 59.62
C GLU B 182 13.45 -1.38 59.54
N SER B 183 13.22 -0.19 58.99
CA SER B 183 11.86 0.32 58.85
C SER B 183 11.06 -0.55 57.90
N PHE B 184 11.69 -0.96 56.80
CA PHE B 184 11.05 -1.82 55.80
C PHE B 184 10.64 -3.13 56.46
N LYS B 185 11.53 -3.67 57.30
CA LYS B 185 11.26 -4.91 58.01
C LYS B 185 10.12 -4.72 58.99
N VAL B 186 10.07 -3.56 59.66
CA VAL B 186 9.00 -3.26 60.60
C VAL B 186 7.66 -3.31 59.87
N SER B 187 7.59 -2.63 58.73
CA SER B 187 6.37 -2.61 57.93
C SER B 187 6.06 -4.02 57.44
N PHE B 188 7.10 -4.75 57.05
CA PHE B 188 6.96 -6.12 56.56
C PHE B 188 6.42 -7.03 57.65
N LEU B 189 6.98 -6.90 58.86
CA LEU B 189 6.55 -7.71 59.99
C LEU B 189 5.08 -7.47 60.28
N SER B 190 4.68 -6.21 60.23
CA SER B 190 3.29 -5.86 60.47
C SER B 190 2.44 -6.40 59.34
N ALA B 191 2.90 -6.17 58.11
CA ALA B 191 2.19 -6.64 56.92
C ALA B 191 1.95 -8.14 56.96
N LEU B 192 3.01 -8.90 57.21
CA LEU B 192 2.93 -10.36 57.26
C LEU B 192 1.87 -10.82 58.27
N GLU B 193 1.98 -10.36 59.50
CA GLU B 193 1.03 -10.75 60.54
C GLU B 193 -0.37 -10.26 60.24
N GLU B 194 -0.50 -8.96 59.93
CA GLU B 194 -1.80 -8.37 59.65
C GLU B 194 -2.49 -9.04 58.45
N TYR B 195 -1.71 -9.39 57.44
CA TYR B 195 -2.26 -10.04 56.25
C TYR B 195 -2.71 -11.47 56.56
N THR B 196 -1.91 -12.18 57.35
CA THR B 196 -2.23 -13.55 57.74
C THR B 196 -3.58 -13.62 58.46
N LYS B 197 -3.89 -12.57 59.21
CA LYS B 197 -5.14 -12.48 59.95
C LYS B 197 -6.35 -12.44 59.01
N LYS B 198 -6.12 -12.04 57.76
CA LYS B 198 -7.19 -11.98 56.77
C LYS B 198 -7.12 -13.18 55.83
N LEU B 199 -5.92 -13.75 55.69
CA LEU B 199 -5.71 -14.90 54.83
C LEU B 199 -6.24 -16.17 55.46
N ASN B 200 -6.20 -16.24 56.78
CA ASN B 200 -6.69 -17.40 57.49
C ASN B 200 -7.94 -17.06 58.27
N MET C 3 -6.85 4.09 -4.46
CA MET C 3 -8.04 3.25 -4.34
C MET C 3 -8.57 3.27 -2.90
N THR C 4 -7.67 3.51 -1.97
CA THR C 4 -8.02 3.54 -0.55
C THR C 4 -8.20 4.98 -0.06
N GLU C 5 -7.17 5.79 -0.25
CA GLU C 5 -7.21 7.18 0.16
C GLU C 5 -7.93 8.02 -0.88
N TYR C 6 -8.66 9.03 -0.41
CA TYR C 6 -9.39 9.91 -1.30
C TYR C 6 -9.08 11.37 -0.99
N LYS C 7 -8.36 12.02 -1.89
CA LYS C 7 -8.00 13.41 -1.70
C LYS C 7 -9.02 14.31 -2.40
N LEU C 8 -9.87 14.95 -1.61
CA LEU C 8 -10.91 15.83 -2.12
C LEU C 8 -10.51 17.29 -1.97
N VAL C 9 -10.19 17.94 -3.07
CA VAL C 9 -9.80 19.33 -3.04
C VAL C 9 -10.97 20.23 -3.44
N VAL C 10 -11.42 21.03 -2.49
CA VAL C 10 -12.53 21.95 -2.73
C VAL C 10 -11.99 23.26 -3.29
N VAL C 11 -12.29 23.54 -4.54
CA VAL C 11 -11.82 24.75 -5.19
C VAL C 11 -12.95 25.74 -5.40
N GLY C 12 -12.61 27.00 -5.59
CA GLY C 12 -13.61 28.02 -5.80
C GLY C 12 -13.09 29.40 -5.48
N ALA C 13 -13.90 30.41 -5.80
CA ALA C 13 -13.52 31.81 -5.56
C ALA C 13 -13.64 32.19 -4.09
N GLY C 14 -13.39 33.46 -3.81
CA GLY C 14 -13.45 33.95 -2.44
C GLY C 14 -14.82 34.51 -2.09
N GLY C 15 -15.51 33.81 -1.22
CA GLY C 15 -16.83 34.25 -0.80
C GLY C 15 -17.89 33.20 -1.03
N VAL C 16 -17.58 32.26 -1.92
CA VAL C 16 -18.50 31.18 -2.27
C VAL C 16 -19.00 30.41 -1.03
N GLY C 17 -18.08 29.95 -0.19
CA GLY C 17 -18.46 29.24 1.01
C GLY C 17 -17.89 27.84 1.11
N LYS C 18 -16.71 27.63 0.52
CA LYS C 18 -16.05 26.32 0.54
C LYS C 18 -15.79 25.89 1.98
N SER C 19 -15.18 26.77 2.75
CA SER C 19 -14.86 26.51 4.14
C SER C 19 -16.12 26.20 4.95
N ALA C 20 -17.17 26.99 4.74
CA ALA C 20 -18.43 26.80 5.45
C ALA C 20 -19.01 25.42 5.20
N LEU C 21 -19.03 25.01 3.93
CA LEU C 21 -19.56 23.71 3.55
C LEU C 21 -18.76 22.58 4.19
N THR C 22 -17.45 22.77 4.24
CA THR C 22 -16.54 21.78 4.81
C THR C 22 -16.75 21.64 6.32
N ILE C 23 -16.83 22.77 7.02
CA ILE C 23 -17.02 22.75 8.48
C ILE C 23 -18.39 22.17 8.81
N GLN C 24 -19.35 22.39 7.91
CA GLN C 24 -20.70 21.88 8.08
C GLN C 24 -20.72 20.36 7.92
N LEU C 25 -19.70 19.83 7.28
CA LEU C 25 -19.58 18.39 7.06
C LEU C 25 -18.78 17.72 8.17
N ILE C 26 -17.65 18.30 8.53
CA ILE C 26 -16.78 17.75 9.55
C ILE C 26 -17.32 17.98 10.97
N GLN C 27 -17.41 19.24 11.38
CA GLN C 27 -17.88 19.58 12.71
C GLN C 27 -19.40 19.71 12.77
N ASN C 28 -20.02 19.84 11.60
CA ASN C 28 -21.48 19.98 11.51
C ASN C 28 -21.91 21.32 12.11
N HIS C 29 -21.21 22.37 11.73
CA HIS C 29 -21.49 23.71 12.23
C HIS C 29 -21.29 24.74 11.11
N PHE C 30 -22.24 25.65 10.99
CA PHE C 30 -22.17 26.70 9.99
C PHE C 30 -21.52 27.96 10.56
N VAL C 31 -20.58 28.53 9.82
CA VAL C 31 -19.91 29.74 10.24
C VAL C 31 -20.54 30.96 9.58
N ASP C 32 -20.73 32.02 10.36
CA ASP C 32 -21.35 33.24 9.84
C ASP C 32 -20.28 34.22 9.40
N GLU C 33 -19.06 34.00 9.85
CA GLU C 33 -17.93 34.86 9.51
C GLU C 33 -17.17 34.33 8.30
N TYR C 34 -16.18 35.09 7.86
CA TYR C 34 -15.37 34.72 6.72
C TYR C 34 -14.10 34.02 7.19
N ASP C 35 -13.77 32.90 6.54
CA ASP C 35 -12.57 32.14 6.89
C ASP C 35 -11.45 32.44 5.89
N PRO C 36 -10.55 33.38 6.22
CA PRO C 36 -9.42 33.74 5.34
C PRO C 36 -8.49 32.54 5.25
N THR C 37 -8.54 31.85 4.14
CA THR C 37 -7.75 30.66 3.99
C THR C 37 -6.78 30.71 2.82
N ILE C 38 -5.60 30.16 3.06
CA ILE C 38 -4.56 30.05 2.06
C ILE C 38 -4.38 28.55 1.80
N GLU C 39 -4.67 27.76 2.84
CA GLU C 39 -4.58 26.31 2.79
C GLU C 39 -5.06 25.70 4.12
N ASP C 40 -6.28 25.15 4.12
CA ASP C 40 -6.85 24.51 5.31
C ASP C 40 -7.03 23.03 5.05
N SER C 41 -6.72 22.20 6.04
CA SER C 41 -6.86 20.75 5.90
C SER C 41 -7.91 20.19 6.85
N TYR C 42 -8.81 19.37 6.30
CA TYR C 42 -9.87 18.75 7.09
C TYR C 42 -9.90 17.25 6.78
N ARG C 43 -10.29 16.43 7.75
CA ARG C 43 -10.32 14.99 7.55
C ARG C 43 -11.14 14.29 8.63
N LYS C 44 -11.95 13.32 8.21
CA LYS C 44 -12.79 12.56 9.12
C LYS C 44 -13.02 11.16 8.54
N GLN C 45 -13.45 10.24 9.39
CA GLN C 45 -13.71 8.87 8.97
C GLN C 45 -15.20 8.64 8.81
N VAL C 46 -15.63 8.33 7.59
CA VAL C 46 -17.04 8.10 7.31
C VAL C 46 -17.23 6.92 6.37
N VAL C 47 -18.47 6.46 6.26
CA VAL C 47 -18.82 5.35 5.39
C VAL C 47 -19.34 5.89 4.07
N ILE C 48 -18.79 5.40 2.97
CA ILE C 48 -19.20 5.86 1.64
C ILE C 48 -19.90 4.75 0.87
N ASP C 49 -21.22 4.72 0.95
CA ASP C 49 -22.05 3.73 0.25
C ASP C 49 -21.73 2.31 0.71
N GLY C 50 -21.55 2.16 2.02
CA GLY C 50 -21.24 0.86 2.58
C GLY C 50 -19.76 0.66 2.79
N GLU C 51 -18.95 1.25 1.92
CA GLU C 51 -17.50 1.12 2.03
C GLU C 51 -16.92 2.27 2.86
N THR C 52 -16.41 1.94 4.04
CA THR C 52 -15.82 2.93 4.93
C THR C 52 -14.43 3.32 4.45
N CYS C 53 -14.16 4.63 4.41
CA CYS C 53 -12.86 5.13 3.97
C CYS C 53 -12.51 6.44 4.68
N LEU C 54 -11.31 6.94 4.41
CA LEU C 54 -10.83 8.18 5.02
C LEU C 54 -10.85 9.29 3.98
N LEU C 55 -11.50 10.39 4.30
CA LEU C 55 -11.60 11.52 3.38
C LEU C 55 -10.72 12.68 3.78
N ASP C 56 -9.89 13.13 2.84
CA ASP C 56 -9.00 14.26 3.06
C ASP C 56 -9.54 15.45 2.29
N ILE C 57 -9.91 16.50 3.00
CA ILE C 57 -10.49 17.69 2.37
C ILE C 57 -9.55 18.89 2.51
N LEU C 58 -9.49 19.72 1.49
CA LEU C 58 -8.63 20.90 1.51
C LEU C 58 -9.40 22.17 1.15
N ASP C 59 -9.37 23.15 2.06
CA ASP C 59 -10.02 24.44 1.87
C ASP C 59 -9.02 25.36 1.17
N THR C 60 -9.24 25.60 -0.11
CA THR C 60 -8.33 26.42 -0.92
C THR C 60 -8.54 27.93 -0.73
N ALA C 61 -7.56 28.70 -1.17
CA ALA C 61 -7.62 30.15 -1.09
C ALA C 61 -8.61 30.70 -2.12
N GLY C 62 -9.38 31.70 -1.72
CA GLY C 62 -10.36 32.28 -2.63
C GLY C 62 -9.80 33.47 -3.38
N GLN C 63 -8.62 33.92 -2.97
CA GLN C 63 -7.96 35.05 -3.59
C GLN C 63 -6.47 34.81 -3.69
N GLU C 64 -6.07 34.02 -4.67
CA GLU C 64 -4.66 33.69 -4.85
C GLU C 64 -4.26 33.82 -6.32
N GLU C 65 -2.99 34.10 -6.54
CA GLU C 65 -2.45 34.23 -7.89
C GLU C 65 -1.66 32.97 -8.24
N TYR C 66 -0.71 33.09 -9.16
CA TYR C 66 0.10 31.93 -9.53
C TYR C 66 1.22 31.70 -8.55
N SER C 67 1.04 30.72 -7.68
CA SER C 67 2.04 30.37 -6.68
C SER C 67 2.43 28.91 -6.83
N ALA C 68 3.71 28.61 -6.62
CA ALA C 68 4.21 27.24 -6.71
C ALA C 68 3.54 26.36 -5.67
N MET C 69 3.18 26.96 -4.54
CA MET C 69 2.52 26.23 -3.47
C MET C 69 1.18 25.68 -3.94
N ARG C 70 0.40 26.52 -4.63
CA ARG C 70 -0.89 26.12 -5.16
C ARG C 70 -0.74 25.02 -6.19
N ASP C 71 0.24 25.19 -7.07
CA ASP C 71 0.52 24.22 -8.13
C ASP C 71 0.92 22.87 -7.55
N GLN C 72 1.33 22.87 -6.29
CA GLN C 72 1.73 21.65 -5.61
C GLN C 72 0.59 21.08 -4.77
N TYR C 73 -0.08 21.95 -4.00
CA TYR C 73 -1.18 21.49 -3.14
C TYR C 73 -2.40 21.04 -3.93
N MET C 74 -2.56 21.57 -5.13
CA MET C 74 -3.68 21.20 -5.99
C MET C 74 -3.27 20.07 -6.93
N ARG C 75 -2.04 19.61 -6.78
CA ARG C 75 -1.52 18.53 -7.61
C ARG C 75 -1.68 17.18 -6.92
N THR C 76 -1.73 17.21 -5.59
CA THR C 76 -1.86 16.00 -4.80
C THR C 76 -3.32 15.56 -4.69
N GLY C 77 -4.23 16.37 -5.22
CA GLY C 77 -5.64 16.05 -5.15
C GLY C 77 -6.07 15.11 -6.25
N GLU C 78 -7.17 14.40 -6.02
CA GLU C 78 -7.70 13.47 -7.00
C GLU C 78 -9.06 13.96 -7.49
N GLY C 79 -9.90 14.36 -6.55
CA GLY C 79 -11.21 14.86 -6.88
C GLY C 79 -11.28 16.35 -6.57
N PHE C 80 -11.88 17.11 -7.46
CA PHE C 80 -11.98 18.55 -7.27
C PHE C 80 -13.43 19.03 -7.27
N LEU C 81 -13.80 19.72 -6.20
CA LEU C 81 -15.14 20.25 -6.07
C LEU C 81 -15.14 21.72 -6.47
N CYS C 82 -15.76 22.02 -7.60
CA CYS C 82 -15.82 23.40 -8.08
C CYS C 82 -17.01 24.10 -7.44
N VAL C 83 -16.76 24.77 -6.32
CA VAL C 83 -17.80 25.46 -5.59
C VAL C 83 -17.95 26.91 -6.03
N PHE C 84 -19.15 27.25 -6.48
CA PHE C 84 -19.47 28.60 -6.90
C PHE C 84 -20.73 29.07 -6.19
N ALA C 85 -20.92 30.38 -6.12
CA ALA C 85 -22.09 30.91 -5.46
C ALA C 85 -23.14 31.31 -6.49
N ILE C 86 -24.35 30.79 -6.33
CA ILE C 86 -25.44 31.12 -7.26
C ILE C 86 -25.86 32.58 -7.12
N ASN C 87 -25.34 33.20 -6.07
CA ASN C 87 -25.63 34.60 -5.76
C ASN C 87 -24.63 35.51 -6.49
N ASN C 88 -23.58 34.91 -7.04
CA ASN C 88 -22.55 35.66 -7.75
C ASN C 88 -22.21 35.01 -9.07
N THR C 89 -22.66 35.64 -10.15
CA THR C 89 -22.44 35.14 -11.50
C THR C 89 -20.95 35.03 -11.84
N LYS C 90 -20.14 35.91 -11.26
CA LYS C 90 -18.69 35.90 -11.52
C LYS C 90 -18.08 34.59 -11.06
N SER C 91 -18.61 34.05 -9.96
CA SER C 91 -18.12 32.78 -9.42
C SER C 91 -18.44 31.64 -10.38
N PHE C 92 -19.55 31.75 -11.09
CA PHE C 92 -19.97 30.73 -12.05
C PHE C 92 -19.02 30.71 -13.25
N GLU C 93 -18.59 31.88 -13.68
CA GLU C 93 -17.69 32.00 -14.81
C GLU C 93 -16.26 31.64 -14.40
N ASP C 94 -15.98 31.81 -13.11
CA ASP C 94 -14.66 31.51 -12.56
C ASP C 94 -14.40 30.00 -12.57
N ILE C 95 -15.48 29.22 -12.70
CA ILE C 95 -15.37 27.77 -12.73
C ILE C 95 -14.45 27.32 -13.87
N HIS C 96 -14.55 27.98 -15.01
CA HIS C 96 -13.70 27.64 -16.15
C HIS C 96 -12.26 27.98 -15.84
N HIS C 97 -12.07 29.09 -15.14
CA HIS C 97 -10.74 29.55 -14.74
C HIS C 97 -10.10 28.53 -13.80
N TYR C 98 -10.91 27.91 -12.96
CA TYR C 98 -10.43 26.91 -12.02
C TYR C 98 -10.24 25.56 -12.69
N ARG C 99 -11.17 25.19 -13.56
CA ARG C 99 -11.10 23.93 -14.28
C ARG C 99 -9.79 23.80 -15.06
N GLU C 100 -9.43 24.87 -15.75
CA GLU C 100 -8.20 24.88 -16.53
C GLU C 100 -6.98 24.75 -15.62
N GLN C 101 -7.04 25.40 -14.47
CA GLN C 101 -5.95 25.35 -13.50
C GLN C 101 -5.76 23.92 -13.00
N ILE C 102 -6.88 23.24 -12.75
CA ILE C 102 -6.86 21.87 -12.28
C ILE C 102 -6.32 20.94 -13.37
N LYS C 103 -6.82 21.10 -14.57
CA LYS C 103 -6.40 20.28 -15.71
C LYS C 103 -4.90 20.39 -15.93
N ARG C 104 -4.38 21.61 -15.80
CA ARG C 104 -2.97 21.87 -15.99
C ARG C 104 -2.11 21.25 -14.88
N VAL C 105 -2.51 21.43 -13.63
CA VAL C 105 -1.74 20.89 -12.51
C VAL C 105 -1.78 19.36 -12.46
N LYS C 106 -2.89 18.77 -12.91
CA LYS C 106 -3.02 17.33 -12.91
C LYS C 106 -2.44 16.71 -14.17
N ASP C 107 -2.10 17.58 -15.13
CA ASP C 107 -1.51 17.16 -16.41
C ASP C 107 -2.50 16.30 -17.21
N SER C 108 -3.79 16.54 -17.02
CA SER C 108 -4.82 15.80 -17.70
C SER C 108 -6.15 16.53 -17.63
N GLU C 109 -6.95 16.43 -18.67
CA GLU C 109 -8.26 17.07 -18.69
C GLU C 109 -9.30 16.09 -18.16
N ASP C 110 -8.87 14.85 -18.01
CA ASP C 110 -9.72 13.78 -17.52
C ASP C 110 -9.58 13.67 -16.00
N VAL C 111 -10.13 14.64 -15.29
CA VAL C 111 -10.07 14.68 -13.84
C VAL C 111 -11.46 14.72 -13.23
N PRO C 112 -11.73 13.88 -12.21
CA PRO C 112 -13.03 13.82 -11.53
C PRO C 112 -13.36 15.15 -10.84
N MET C 113 -14.30 15.88 -11.41
CA MET C 113 -14.70 17.16 -10.85
C MET C 113 -16.20 17.19 -10.65
N VAL C 114 -16.65 17.99 -9.70
CA VAL C 114 -18.08 18.12 -9.41
C VAL C 114 -18.42 19.60 -9.28
N LEU C 115 -19.50 20.03 -9.93
CA LEU C 115 -19.93 21.42 -9.87
C LEU C 115 -20.82 21.61 -8.66
N VAL C 116 -20.39 22.46 -7.73
CA VAL C 116 -21.13 22.71 -6.51
C VAL C 116 -21.64 24.15 -6.45
N GLY C 117 -22.96 24.30 -6.42
CA GLY C 117 -23.56 25.62 -6.35
C GLY C 117 -23.99 25.92 -4.93
N ASN C 118 -23.31 26.84 -4.27
CA ASN C 118 -23.62 27.19 -2.89
C ASN C 118 -24.50 28.45 -2.80
N LYS C 119 -25.06 28.66 -1.60
CA LYS C 119 -25.93 29.81 -1.31
C LYS C 119 -27.29 29.68 -1.96
N CYS C 120 -27.80 28.45 -2.05
CA CYS C 120 -29.11 28.21 -2.66
C CYS C 120 -30.25 28.71 -1.79
N ASP C 121 -29.95 29.03 -0.54
CA ASP C 121 -30.94 29.53 0.39
C ASP C 121 -31.07 31.05 0.32
N LEU C 122 -30.30 31.65 -0.59
CA LEU C 122 -30.32 33.09 -0.76
C LEU C 122 -31.21 33.49 -1.92
N PRO C 123 -32.02 34.55 -1.74
CA PRO C 123 -32.93 35.05 -2.78
C PRO C 123 -32.19 35.80 -3.88
N SER C 124 -30.93 36.14 -3.61
CA SER C 124 -30.09 36.86 -4.56
C SER C 124 -29.53 35.92 -5.62
N ARG C 125 -30.33 34.95 -6.04
CA ARG C 125 -29.91 33.99 -7.04
C ARG C 125 -29.80 34.63 -8.42
N THR C 126 -28.57 34.76 -8.90
CA THR C 126 -28.33 35.34 -10.21
C THR C 126 -27.98 34.24 -11.21
N VAL C 127 -27.59 33.08 -10.67
CA VAL C 127 -27.24 31.94 -11.50
C VAL C 127 -28.36 30.90 -11.45
N ASP C 128 -29.01 30.69 -12.58
CA ASP C 128 -30.12 29.74 -12.66
C ASP C 128 -29.63 28.31 -12.69
N THR C 129 -30.45 27.40 -12.20
CA THR C 129 -30.13 25.98 -12.15
C THR C 129 -29.86 25.39 -13.54
N LYS C 130 -30.68 25.75 -14.51
CA LYS C 130 -30.53 25.25 -15.88
C LYS C 130 -29.18 25.67 -16.46
N GLN C 131 -28.79 26.91 -16.18
CA GLN C 131 -27.53 27.44 -16.67
C GLN C 131 -26.35 26.65 -16.09
N ALA C 132 -26.41 26.38 -14.80
CA ALA C 132 -25.37 25.63 -14.11
C ALA C 132 -25.30 24.19 -14.60
N GLN C 133 -26.47 23.56 -14.72
CA GLN C 133 -26.55 22.18 -15.18
C GLN C 133 -26.01 22.05 -16.61
N ASP C 134 -26.27 23.07 -17.41
CA ASP C 134 -25.81 23.09 -18.79
C ASP C 134 -24.28 23.07 -18.87
N LEU C 135 -23.66 23.95 -18.08
CA LEU C 135 -22.21 24.04 -18.05
C LEU C 135 -21.60 22.75 -17.52
N ALA C 136 -22.21 22.21 -16.48
CA ALA C 136 -21.76 20.96 -15.88
C ALA C 136 -21.77 19.84 -16.91
N ARG C 137 -22.88 19.72 -17.63
CA ARG C 137 -23.03 18.70 -18.65
C ARG C 137 -22.00 18.87 -19.76
N SER C 138 -21.68 20.13 -20.07
CA SER C 138 -20.71 20.45 -21.12
C SER C 138 -19.31 19.99 -20.72
N TYR C 139 -19.06 19.89 -19.42
CA TYR C 139 -17.76 19.46 -18.93
C TYR C 139 -17.77 17.99 -18.52
N GLY C 140 -18.94 17.38 -18.59
CA GLY C 140 -19.08 15.99 -18.23
C GLY C 140 -18.96 15.78 -16.74
N ILE C 141 -19.41 16.76 -15.97
CA ILE C 141 -19.34 16.69 -14.52
C ILE C 141 -20.72 16.84 -13.90
N PRO C 142 -20.96 16.19 -12.76
CA PRO C 142 -22.24 16.26 -12.05
C PRO C 142 -22.42 17.61 -11.37
N PHE C 143 -23.67 18.03 -11.21
CA PHE C 143 -23.98 19.30 -10.55
C PHE C 143 -24.72 19.06 -9.24
N ILE C 144 -24.21 19.65 -8.17
CA ILE C 144 -24.82 19.51 -6.86
C ILE C 144 -25.10 20.90 -6.28
N GLU C 145 -26.36 21.15 -5.95
CA GLU C 145 -26.75 22.43 -5.36
C GLU C 145 -26.68 22.29 -3.84
N THR C 146 -25.92 23.18 -3.21
CA THR C 146 -25.72 23.11 -1.76
C THR C 146 -25.96 24.44 -1.06
N SER C 147 -25.93 24.37 0.26
CA SER C 147 -26.10 25.51 1.13
C SER C 147 -25.55 25.11 2.49
N ALA C 148 -24.52 25.80 2.93
CA ALA C 148 -23.90 25.50 4.21
C ALA C 148 -24.81 25.91 5.36
N LYS C 149 -25.78 26.77 5.07
CA LYS C 149 -26.69 27.26 6.09
C LYS C 149 -27.86 26.29 6.32
N THR C 150 -28.44 25.79 5.23
CA THR C 150 -29.56 24.87 5.35
C THR C 150 -29.10 23.41 5.33
N ARG C 151 -27.84 23.22 4.94
CA ARG C 151 -27.24 21.88 4.85
C ARG C 151 -27.89 21.06 3.76
N GLN C 152 -28.07 21.67 2.60
CA GLN C 152 -28.68 21.02 1.46
C GLN C 152 -27.67 20.24 0.64
N GLY C 153 -27.68 18.92 0.81
CA GLY C 153 -26.77 18.05 0.07
C GLY C 153 -25.30 18.35 0.28
N VAL C 154 -24.93 18.71 1.50
CA VAL C 154 -23.55 19.03 1.81
C VAL C 154 -22.66 17.79 1.69
N ASP C 155 -23.04 16.73 2.39
CA ASP C 155 -22.27 15.49 2.36
C ASP C 155 -22.43 14.83 1.00
N ASP C 156 -23.60 15.03 0.38
CA ASP C 156 -23.89 14.46 -0.93
C ASP C 156 -22.88 14.94 -1.96
N ALA C 157 -22.55 16.23 -1.91
CA ALA C 157 -21.58 16.81 -2.83
C ALA C 157 -20.23 16.11 -2.71
N PHE C 158 -19.77 15.94 -1.47
CA PHE C 158 -18.50 15.28 -1.20
C PHE C 158 -18.56 13.81 -1.60
N TYR C 159 -19.67 13.15 -1.28
CA TYR C 159 -19.86 11.74 -1.62
C TYR C 159 -19.81 11.55 -3.13
N THR C 160 -20.45 12.47 -3.86
CA THR C 160 -20.47 12.42 -5.32
C THR C 160 -19.05 12.46 -5.88
N LEU C 161 -18.20 13.26 -5.25
CA LEU C 161 -16.81 13.38 -5.67
C LEU C 161 -16.11 12.03 -5.54
N VAL C 162 -16.32 11.37 -4.39
CA VAL C 162 -15.72 10.07 -4.14
C VAL C 162 -16.29 9.05 -5.13
N ARG C 163 -17.58 9.17 -5.40
CA ARG C 163 -18.25 8.28 -6.34
C ARG C 163 -17.69 8.45 -7.74
N GLU C 164 -17.21 9.64 -8.06
CA GLU C 164 -16.62 9.92 -9.35
C GLU C 164 -15.20 9.35 -9.41
N ILE C 165 -14.44 9.57 -8.34
CA ILE C 165 -13.06 9.08 -8.25
C ILE C 165 -13.04 7.56 -8.36
N ARG C 166 -13.94 6.89 -7.63
CA ARG C 166 -14.04 5.44 -7.66
C ARG C 166 -14.31 4.92 -9.05
N LYS C 167 -15.30 5.52 -9.73
CA LYS C 167 -15.65 5.11 -11.09
C LYS C 167 -14.52 5.41 -12.06
N HIS C 168 -13.85 6.53 -11.82
CA HIS C 168 -12.75 6.96 -12.67
C HIS C 168 -11.61 5.95 -12.61
N LYS C 169 -11.30 5.50 -11.40
CA LYS C 169 -10.24 4.52 -11.20
C LYS C 169 -10.66 3.15 -11.73
N GLU C 170 -11.93 2.81 -11.49
CA GLU C 170 -12.48 1.53 -11.93
C GLU C 170 -12.34 1.37 -13.44
N LYS C 171 -12.59 2.44 -14.17
CA LYS C 171 -12.52 2.44 -15.63
C LYS C 171 -11.12 2.07 -16.14
N MET C 172 -10.09 2.50 -15.43
CA MET C 172 -8.72 2.21 -15.81
C MET C 172 -8.21 0.92 -15.19
N SER C 173 -8.84 0.52 -14.09
CA SER C 173 -8.46 -0.69 -13.39
C SER C 173 -9.03 -1.93 -14.08
N LYS C 174 -10.26 -1.81 -14.56
CA LYS C 174 -10.92 -2.92 -15.23
C LYS C 174 -10.76 -2.85 -16.74
N ASP C 175 -9.99 -1.86 -17.18
CA ASP C 175 -9.69 -1.65 -18.61
C ASP C 175 -10.90 -1.16 -19.40
N GLY C 176 -12.00 -1.92 -19.34
CA GLY C 176 -13.20 -1.55 -20.06
C GLY C 176 -13.30 -2.26 -21.40
N LYS C 177 -12.53 -1.80 -22.36
CA LYS C 177 -12.52 -2.39 -23.70
C LYS C 177 -11.18 -3.04 -23.97
N LYS C 178 -11.12 -4.35 -23.83
CA LYS C 178 -9.88 -5.08 -24.06
C LYS C 178 -9.49 -5.08 -25.52
N LYS C 179 -8.23 -4.74 -25.78
CA LYS C 179 -7.70 -4.70 -27.13
C LYS C 179 -7.78 -6.07 -27.78
N LYS C 180 -8.57 -6.18 -28.85
CA LYS C 180 -8.73 -7.44 -29.56
C LYS C 180 -8.52 -7.26 -31.06
N LYS C 181 -8.85 -6.06 -31.56
CA LYS C 181 -8.71 -5.72 -32.98
C LYS C 181 -9.71 -6.48 -33.87
N LYS C 182 -10.52 -5.73 -34.60
CA LYS C 182 -11.52 -6.32 -35.48
C LYS C 182 -11.59 -5.59 -36.81
N SER C 183 -11.47 -6.34 -37.90
CA SER C 183 -11.54 -5.80 -39.26
C SER C 183 -10.32 -4.96 -39.63
N LYS C 184 -10.06 -4.87 -40.93
CA LYS C 184 -8.93 -4.09 -41.43
C LYS C 184 -9.22 -3.61 -42.85
N THR C 185 -9.31 -4.55 -43.78
CA THR C 185 -9.59 -4.23 -45.17
C THR C 185 -11.03 -4.58 -45.49
N LYS C 186 -11.75 -3.65 -46.11
CA LYS C 186 -13.16 -3.85 -46.47
C LYS C 186 -14.02 -4.00 -45.21
N CYS C 187 -14.47 -2.87 -44.69
CA CYS C 187 -15.30 -2.86 -43.49
C CYS C 187 -16.75 -2.55 -43.85
N GLY D 1 3.23 37.03 5.32
CA GLY D 1 3.01 37.07 6.76
C GLY D 1 2.09 35.96 7.21
N THR D 2 2.20 34.82 6.54
CA THR D 2 1.37 33.67 6.86
C THR D 2 2.21 32.51 7.39
N VAL D 3 1.73 31.87 8.44
CA VAL D 3 2.43 30.74 9.06
C VAL D 3 1.53 29.51 9.06
N LYS D 4 2.13 28.35 8.83
CA LYS D 4 1.38 27.10 8.80
C LYS D 4 1.39 26.41 10.16
N VAL D 5 0.21 26.10 10.66
CA VAL D 5 0.07 25.41 11.94
C VAL D 5 -0.18 23.93 11.67
N TYR D 6 0.72 23.09 12.15
CA TYR D 6 0.61 21.66 11.94
C TYR D 6 -0.12 21.00 13.10
N LEU D 7 -1.30 20.47 12.80
CA LEU D 7 -2.14 19.81 13.78
C LEU D 7 -1.67 18.37 14.02
N PRO D 8 -1.89 17.86 15.24
CA PRO D 8 -1.47 16.50 15.62
C PRO D 8 -2.22 15.40 14.85
N ASN D 9 -3.22 15.80 14.07
CA ASN D 9 -3.99 14.84 13.29
C ASN D 9 -3.37 14.65 11.91
N LYS D 10 -2.11 15.07 11.79
CA LYS D 10 -1.35 14.95 10.54
C LYS D 10 -1.92 15.85 9.44
N GLN D 11 -2.25 17.08 9.80
CA GLN D 11 -2.80 18.05 8.85
C GLN D 11 -2.31 19.45 9.21
N ARG D 12 -2.64 20.45 8.39
CA ARG D 12 -2.18 21.80 8.67
C ARG D 12 -3.18 22.87 8.22
N THR D 13 -2.93 24.09 8.67
CA THR D 13 -3.76 25.23 8.33
C THR D 13 -2.87 26.48 8.28
N VAL D 14 -3.18 27.40 7.38
CA VAL D 14 -2.38 28.62 7.24
C VAL D 14 -3.07 29.81 7.92
N VAL D 15 -2.43 30.32 8.96
CA VAL D 15 -2.97 31.46 9.70
C VAL D 15 -2.12 32.70 9.46
N THR D 16 -2.78 33.85 9.36
CA THR D 16 -2.09 35.11 9.15
C THR D 16 -1.55 35.64 10.48
N VAL D 17 -0.27 35.97 10.49
CA VAL D 17 0.37 36.48 11.72
C VAL D 17 -0.22 37.85 12.08
N ARG D 18 -0.66 37.99 13.31
CA ARG D 18 -1.24 39.24 13.78
C ARG D 18 -0.43 39.81 14.94
N ASP D 19 -0.03 41.06 14.80
CA ASP D 19 0.77 41.76 15.81
C ASP D 19 -0.07 42.20 17.01
N GLY D 20 -0.43 41.26 17.86
CA GLY D 20 -1.23 41.58 19.02
C GLY D 20 -1.84 40.36 19.68
N MET D 21 -2.32 39.43 18.86
CA MET D 21 -2.95 38.21 19.37
C MET D 21 -1.91 37.23 19.90
N SER D 22 -2.33 36.37 20.82
CA SER D 22 -1.44 35.38 21.41
C SER D 22 -1.59 34.02 20.74
N VAL D 23 -0.68 33.11 21.05
CA VAL D 23 -0.71 31.76 20.50
C VAL D 23 -2.03 31.07 20.82
N TYR D 24 -2.46 31.22 22.07
CA TYR D 24 -3.71 30.64 22.53
C TYR D 24 -4.90 31.06 21.65
N ASP D 25 -4.85 32.30 21.16
CA ASP D 25 -5.91 32.84 20.31
C ASP D 25 -5.80 32.29 18.89
N SER D 26 -4.61 32.37 18.32
CA SER D 26 -4.38 31.89 16.96
C SER D 26 -4.63 30.40 16.85
N LEU D 27 -4.19 29.65 17.84
CA LEU D 27 -4.35 28.19 17.83
C LEU D 27 -5.80 27.80 18.07
N ASP D 28 -6.56 28.69 18.70
CA ASP D 28 -7.97 28.42 18.98
C ASP D 28 -8.75 28.29 17.68
N LYS D 29 -8.32 29.05 16.68
CA LYS D 29 -8.96 29.04 15.36
C LYS D 29 -8.67 27.74 14.61
N ALA D 30 -7.80 26.90 15.17
CA ALA D 30 -7.45 25.65 14.54
C ALA D 30 -7.85 24.45 15.41
N LEU D 31 -7.53 24.53 16.69
CA LEU D 31 -7.84 23.46 17.63
C LEU D 31 -9.33 23.27 17.84
N LYS D 32 -10.07 24.36 17.99
CA LYS D 32 -11.52 24.27 18.21
C LYS D 32 -12.26 23.75 16.99
N VAL D 33 -11.63 23.86 15.82
CA VAL D 33 -12.24 23.40 14.58
C VAL D 33 -12.18 21.87 14.50
N ARG D 34 -11.23 21.28 15.20
CA ARG D 34 -11.07 19.83 15.20
C ARG D 34 -11.55 19.21 16.51
N GLY D 35 -11.89 20.06 17.48
CA GLY D 35 -12.36 19.56 18.76
C GLY D 35 -11.23 19.24 19.71
N LEU D 36 -10.20 20.09 19.72
CA LEU D 36 -9.06 19.90 20.59
C LEU D 36 -8.97 21.02 21.61
N ASN D 37 -8.85 20.65 22.88
CA ASN D 37 -8.74 21.63 23.95
C ASN D 37 -7.27 21.96 24.21
N GLN D 38 -7.00 23.25 24.34
CA GLN D 38 -5.63 23.73 24.57
C GLN D 38 -5.02 23.12 25.83
N ASP D 39 -5.85 22.88 26.83
CA ASP D 39 -5.37 22.30 28.10
C ASP D 39 -5.02 20.83 27.94
N CYS D 40 -5.29 20.29 26.76
CA CYS D 40 -4.99 18.91 26.46
C CYS D 40 -4.15 18.81 25.19
N CYS D 41 -3.42 19.88 24.90
CA CYS D 41 -2.56 19.95 23.73
C CYS D 41 -1.30 20.77 24.05
N VAL D 42 -0.29 20.66 23.18
CA VAL D 42 0.95 21.41 23.37
C VAL D 42 1.50 21.84 22.01
N VAL D 43 2.13 23.01 21.95
CA VAL D 43 2.68 23.51 20.70
C VAL D 43 4.20 23.58 20.75
N TYR D 44 4.84 23.14 19.69
CA TYR D 44 6.29 23.15 19.58
C TYR D 44 6.73 24.03 18.43
N ARG D 45 7.81 24.76 18.62
CA ARG D 45 8.35 25.62 17.58
C ARG D 45 9.45 24.86 16.83
N LEU D 46 9.27 24.71 15.53
CA LEU D 46 10.22 24.00 14.69
C LEU D 46 11.37 24.91 14.28
N ILE D 47 12.56 24.61 14.76
CA ILE D 47 13.75 25.39 14.43
C ILE D 47 14.71 24.58 13.55
N LYS D 48 14.32 24.41 12.29
CA LYS D 48 15.12 23.66 11.31
C LYS D 48 15.21 22.17 11.66
N GLY D 49 14.43 21.76 12.64
CA GLY D 49 14.44 20.37 13.07
C GLY D 49 14.18 20.23 14.56
N ARG D 50 14.80 21.10 15.35
CA ARG D 50 14.62 21.08 16.79
C ARG D 50 13.22 21.52 17.19
N LYS D 51 12.64 20.84 18.17
CA LYS D 51 11.31 21.16 18.65
C LYS D 51 11.38 21.80 20.04
N THR D 52 10.87 23.01 20.15
CA THR D 52 10.88 23.73 21.42
C THR D 52 9.45 23.96 21.93
N VAL D 53 9.21 23.66 23.20
CA VAL D 53 7.89 23.84 23.80
C VAL D 53 7.50 25.31 23.87
N THR D 54 6.25 25.61 23.54
CA THR D 54 5.76 26.98 23.57
C THR D 54 4.52 27.07 24.47
N ALA D 55 4.34 28.23 25.09
CA ALA D 55 3.20 28.44 25.97
C ALA D 55 2.04 29.06 25.20
N TRP D 56 0.85 29.01 25.79
CA TRP D 56 -0.35 29.55 25.17
C TRP D 56 -0.43 31.06 25.35
N ASP D 57 0.05 31.54 26.50
CA ASP D 57 0.01 32.97 26.81
C ASP D 57 1.03 33.76 25.99
N THR D 58 1.92 33.07 25.30
CA THR D 58 2.92 33.72 24.47
C THR D 58 2.25 34.39 23.27
N ALA D 59 2.84 35.49 22.81
CA ALA D 59 2.28 36.23 21.67
C ALA D 59 2.67 35.55 20.36
N ILE D 60 1.84 35.72 19.33
CA ILE D 60 2.12 35.14 18.03
C ILE D 60 2.93 36.09 17.16
N ALA D 61 3.16 37.29 17.68
CA ALA D 61 3.91 38.32 16.96
C ALA D 61 5.34 37.86 16.57
N PRO D 62 6.15 37.33 17.50
CA PRO D 62 7.50 36.87 17.19
C PRO D 62 7.54 35.54 16.44
N LEU D 63 6.37 35.03 16.07
CA LEU D 63 6.28 33.75 15.36
C LEU D 63 6.32 33.97 13.85
N ASP D 64 7.26 34.77 13.40
CA ASP D 64 7.41 35.07 11.99
C ASP D 64 8.40 34.13 11.32
N GLY D 65 7.89 33.22 10.49
CA GLY D 65 8.75 32.29 9.79
C GLY D 65 8.99 30.99 10.54
N GLU D 66 8.41 30.87 11.72
CA GLU D 66 8.57 29.67 12.53
C GLU D 66 7.38 28.73 12.38
N GLU D 67 7.66 27.44 12.22
CA GLU D 67 6.61 26.45 12.07
C GLU D 67 6.11 26.01 13.44
N LEU D 68 4.81 25.83 13.57
CA LEU D 68 4.21 25.43 14.83
C LEU D 68 3.59 24.04 14.72
N ILE D 69 4.11 23.11 15.51
CA ILE D 69 3.61 21.74 15.52
C ILE D 69 2.90 21.44 16.84
N VAL D 70 1.63 21.09 16.76
CA VAL D 70 0.84 20.80 17.95
C VAL D 70 0.75 19.29 18.21
N GLU D 71 0.79 18.93 19.48
CA GLU D 71 0.69 17.54 19.88
C GLU D 71 -0.46 17.38 20.88
N VAL D 72 -0.93 16.16 21.02
CA VAL D 72 -2.02 15.87 21.94
C VAL D 72 -1.45 15.43 23.29
N LEU D 73 -1.98 16.01 24.36
CA LEU D 73 -1.54 15.66 25.69
C LEU D 73 -2.45 14.59 26.26
N LEU A 3 -41.93 -26.66 29.71
CA LEU A 3 -41.72 -26.29 31.11
C LEU A 3 -40.30 -26.62 31.54
N LYS A 4 -39.75 -27.68 30.97
CA LYS A 4 -38.40 -28.11 31.30
C LYS A 4 -37.38 -27.04 30.90
N LEU A 5 -37.68 -26.35 29.81
CA LEU A 5 -36.81 -25.29 29.32
C LEU A 5 -36.80 -24.11 30.29
N LEU A 6 -37.97 -23.83 30.86
CA LEU A 6 -38.13 -22.73 31.80
C LEU A 6 -37.41 -23.03 33.12
N ASP A 7 -37.53 -24.27 33.59
CA ASP A 7 -36.87 -24.67 34.84
C ASP A 7 -35.36 -24.54 34.70
N ASN A 8 -34.85 -25.01 33.57
CA ASN A 8 -33.42 -24.93 33.30
C ASN A 8 -33.00 -23.47 33.19
N TRP A 9 -33.81 -22.68 32.50
CA TRP A 9 -33.55 -21.26 32.31
C TRP A 9 -33.43 -20.54 33.64
N ASP A 10 -34.31 -20.87 34.58
CA ASP A 10 -34.30 -20.24 35.90
C ASP A 10 -32.99 -20.54 36.62
N SER A 11 -32.48 -21.75 36.41
CA SER A 11 -31.22 -22.17 37.02
C SER A 11 -30.05 -21.45 36.36
N VAL A 12 -30.27 -20.98 35.13
CA VAL A 12 -29.25 -20.25 34.40
C VAL A 12 -29.23 -18.80 34.87
N THR A 13 -30.42 -18.26 35.12
CA THR A 13 -30.55 -16.90 35.60
C THR A 13 -29.86 -16.75 36.95
N SER A 14 -30.08 -17.72 37.83
CA SER A 14 -29.49 -17.70 39.16
C SER A 14 -27.96 -17.78 39.09
N THR A 15 -27.44 -18.67 38.23
CA THR A 15 -26.01 -18.83 38.08
C THR A 15 -25.39 -17.55 37.54
N PHE A 16 -26.04 -16.97 36.52
CA PHE A 16 -25.56 -15.73 35.92
C PHE A 16 -25.58 -14.59 36.94
N SER A 17 -26.57 -14.60 37.82
CA SER A 17 -26.68 -13.59 38.85
C SER A 17 -25.60 -13.79 39.92
N LYS A 18 -25.42 -15.04 40.34
CA LYS A 18 -24.41 -15.36 41.34
C LYS A 18 -23.03 -14.99 40.82
N LEU A 19 -22.79 -15.34 39.55
CA LEU A 19 -21.53 -15.04 38.91
C LEU A 19 -21.32 -13.53 38.84
N ARG A 20 -22.38 -12.80 38.53
CA ARG A 20 -22.31 -11.34 38.43
C ARG A 20 -22.03 -10.72 39.79
N GLU A 21 -22.67 -11.24 40.83
CA GLU A 21 -22.47 -10.74 42.18
C GLU A 21 -21.03 -10.99 42.62
N GLN A 22 -20.50 -12.13 42.21
CA GLN A 22 -19.12 -12.47 42.52
C GLN A 22 -18.17 -11.65 41.66
N LEU A 23 -18.59 -11.37 40.42
CA LEU A 23 -17.80 -10.58 39.50
C LEU A 23 -17.55 -9.19 40.05
N GLY A 24 -18.45 -8.73 40.92
CA GLY A 24 -18.30 -7.43 41.55
C GLY A 24 -16.98 -7.35 42.28
N PRO A 25 -16.84 -8.05 43.43
CA PRO A 25 -15.59 -8.08 44.18
C PRO A 25 -14.44 -8.60 43.33
N VAL A 26 -14.75 -9.48 42.37
CA VAL A 26 -13.72 -10.03 41.49
C VAL A 26 -13.06 -8.92 40.67
N THR A 27 -13.89 -8.11 40.00
CA THR A 27 -13.37 -7.02 39.21
C THR A 27 -12.73 -5.97 40.11
N GLN A 28 -13.29 -5.79 41.30
CA GLN A 28 -12.76 -4.84 42.26
C GLN A 28 -11.36 -5.28 42.72
N GLU A 29 -11.24 -6.55 43.09
CA GLU A 29 -9.96 -7.10 43.51
C GLU A 29 -8.98 -7.08 42.35
N PHE A 30 -9.49 -7.39 41.15
CA PHE A 30 -8.68 -7.38 39.95
C PHE A 30 -8.19 -5.96 39.66
N TRP A 31 -9.10 -5.00 39.70
CA TRP A 31 -8.77 -3.61 39.47
C TRP A 31 -7.75 -3.13 40.48
N ASP A 32 -7.94 -3.53 41.73
CA ASP A 32 -7.03 -3.17 42.81
C ASP A 32 -5.65 -3.76 42.57
N ASN A 33 -5.62 -5.05 42.26
CA ASN A 33 -4.37 -5.76 42.00
C ASN A 33 -3.70 -5.20 40.76
N LEU A 34 -4.48 -5.03 39.70
CA LEU A 34 -3.96 -4.50 38.44
C LEU A 34 -3.42 -3.09 38.64
N GLU A 35 -4.11 -2.30 39.43
CA GLU A 35 -3.68 -0.94 39.73
C GLU A 35 -2.35 -0.97 40.46
N LYS A 36 -2.24 -1.86 41.44
CA LYS A 36 -1.01 -1.99 42.21
C LYS A 36 0.14 -2.45 41.31
N GLU A 37 -0.20 -3.33 40.36
CA GLU A 37 0.79 -3.83 39.42
C GLU A 37 1.20 -2.71 38.48
N THR A 38 0.22 -1.96 37.98
CA THR A 38 0.50 -0.85 37.07
C THR A 38 1.21 0.29 37.81
N GLU A 39 0.92 0.45 39.10
CA GLU A 39 1.58 1.48 39.91
C GLU A 39 3.07 1.21 39.90
N GLY A 40 3.43 -0.05 40.14
CA GLY A 40 4.82 -0.46 40.12
C GLY A 40 5.37 -0.40 38.71
N LEU A 41 4.57 -0.90 37.76
CA LEU A 41 4.95 -0.89 36.35
C LEU A 41 5.24 0.54 35.88
N ARG A 42 4.41 1.49 36.29
CA ARG A 42 4.60 2.89 35.92
C ARG A 42 5.81 3.45 36.64
N GLN A 43 5.96 3.08 37.90
CA GLN A 43 7.08 3.52 38.71
C GLN A 43 8.38 3.09 38.07
N GLU A 44 8.39 1.87 37.56
CA GLU A 44 9.55 1.31 36.89
C GLU A 44 9.61 1.80 35.46
N MET A 45 8.45 2.06 34.86
CA MET A 45 8.38 2.54 33.48
C MET A 45 9.00 3.92 33.36
N SER A 46 8.69 4.81 34.29
CA SER A 46 9.25 6.14 34.28
C SER A 46 10.75 6.04 34.44
N LYS A 47 11.17 5.22 35.39
CA LYS A 47 12.60 4.99 35.65
C LYS A 47 13.27 4.43 34.41
N ASP A 48 12.73 3.31 33.91
CA ASP A 48 13.24 2.66 32.72
C ASP A 48 13.29 3.62 31.54
N LEU A 49 12.20 4.36 31.34
CA LEU A 49 12.12 5.32 30.25
C LEU A 49 13.20 6.38 30.38
N GLU A 50 13.37 6.91 31.59
CA GLU A 50 14.38 7.92 31.82
C GLU A 50 15.78 7.34 31.64
N GLU A 51 15.98 6.13 32.14
CA GLU A 51 17.26 5.45 32.01
C GLU A 51 17.54 5.17 30.53
N VAL A 52 16.52 4.71 29.83
CA VAL A 52 16.64 4.43 28.40
C VAL A 52 16.89 5.70 27.63
N LYS A 53 16.15 6.77 27.96
CA LYS A 53 16.33 8.05 27.28
C LYS A 53 17.72 8.61 27.50
N ALA A 54 18.16 8.60 28.76
CA ALA A 54 19.48 9.11 29.11
C ALA A 54 20.57 8.27 28.47
N LYS A 55 20.40 6.95 28.48
CA LYS A 55 21.38 6.05 27.89
C LYS A 55 21.29 6.02 26.37
N VAL A 56 20.10 6.29 25.84
CA VAL A 56 19.91 6.29 24.39
C VAL A 56 20.58 7.51 23.77
N GLN A 57 20.83 8.52 24.59
CA GLN A 57 21.49 9.73 24.10
C GLN A 57 22.87 9.40 23.53
N PRO A 58 23.81 8.84 24.33
CA PRO A 58 25.13 8.46 23.83
C PRO A 58 25.02 7.34 22.80
N TYR A 59 23.99 6.50 22.92
CA TYR A 59 23.77 5.41 21.99
C TYR A 59 23.47 5.96 20.61
N LEU A 60 22.42 6.79 20.53
CA LEU A 60 22.02 7.40 19.28
C LEU A 60 23.08 8.37 18.79
N ASP A 61 23.71 9.09 19.71
CA ASP A 61 24.76 10.03 19.37
C ASP A 61 25.93 9.30 18.71
N ASP A 62 26.32 8.18 19.31
CA ASP A 62 27.41 7.38 18.79
C ASP A 62 27.06 6.84 17.43
N PHE A 63 25.91 6.19 17.32
CA PHE A 63 25.45 5.62 16.06
C PHE A 63 25.25 6.73 15.03
N GLN A 64 24.91 7.93 15.50
CA GLN A 64 24.72 9.07 14.62
C GLN A 64 26.06 9.45 13.98
N LYS A 65 27.09 9.56 14.82
CA LYS A 65 28.42 9.88 14.35
C LYS A 65 28.91 8.77 13.44
N LYS A 66 28.70 7.54 13.86
CA LYS A 66 29.10 6.37 13.09
C LYS A 66 28.42 6.41 11.73
N TRP A 67 27.10 6.61 11.73
CA TRP A 67 26.32 6.68 10.51
C TRP A 67 26.78 7.83 9.64
N GLN A 68 27.10 8.96 10.27
CA GLN A 68 27.59 10.12 9.54
C GLN A 68 28.87 9.77 8.80
N GLU A 69 29.80 9.14 9.52
CA GLU A 69 31.06 8.73 8.93
C GLU A 69 30.80 7.70 7.84
N GLU A 70 29.88 6.78 8.14
CA GLU A 70 29.49 5.74 7.19
C GLU A 70 28.94 6.36 5.92
N MET A 71 28.03 7.30 6.07
CA MET A 71 27.41 7.98 4.94
C MET A 71 28.41 8.85 4.20
N GLU A 72 29.27 9.53 4.95
CA GLU A 72 30.28 10.38 4.34
C GLU A 72 31.20 9.56 3.46
N LEU A 73 31.69 8.46 4.01
CA LEU A 73 32.57 7.57 3.27
C LEU A 73 31.81 6.93 2.11
N TYR A 74 30.53 6.67 2.33
CA TYR A 74 29.67 6.08 1.31
C TYR A 74 29.51 7.06 0.14
N ARG A 75 29.32 8.33 0.47
CA ARG A 75 29.15 9.37 -0.56
C ARG A 75 30.49 9.69 -1.21
N GLN A 76 31.55 9.70 -0.41
CA GLN A 76 32.89 9.99 -0.89
C GLN A 76 33.36 8.89 -1.82
N LYS A 77 32.82 7.70 -1.64
CA LYS A 77 33.16 6.57 -2.47
C LYS A 77 32.16 6.41 -3.61
N VAL A 78 30.89 6.67 -3.34
CA VAL A 78 29.86 6.55 -4.36
C VAL A 78 30.10 7.53 -5.51
N GLU A 79 30.81 8.62 -5.24
CA GLU A 79 31.11 9.60 -6.27
C GLU A 79 32.00 8.97 -7.35
N PRO A 80 33.23 8.50 -7.01
CA PRO A 80 34.09 7.84 -7.98
C PRO A 80 33.46 6.54 -8.47
N LEU A 81 32.68 5.87 -7.61
CA LEU A 81 32.02 4.63 -7.99
C LEU A 81 30.98 4.90 -9.07
N ARG A 82 30.32 6.06 -8.96
CA ARG A 82 29.34 6.47 -9.96
C ARG A 82 30.06 6.77 -11.26
N ALA A 83 31.26 7.31 -11.13
CA ALA A 83 32.08 7.62 -12.29
C ALA A 83 32.51 6.34 -12.98
N GLU A 84 32.85 5.32 -12.18
CA GLU A 84 33.25 4.03 -12.71
C GLU A 84 32.08 3.44 -13.49
N LEU A 85 30.91 3.47 -12.87
CA LEU A 85 29.70 2.96 -13.48
C LEU A 85 29.34 3.78 -14.71
N GLN A 86 29.53 5.10 -14.63
CA GLN A 86 29.22 6.00 -15.73
C GLN A 86 30.15 5.75 -16.91
N GLU A 87 31.45 5.90 -16.69
CA GLU A 87 32.43 5.68 -17.75
C GLU A 87 32.37 4.25 -18.24
N GLY A 88 32.14 3.33 -17.31
CA GLY A 88 32.03 1.93 -17.67
C GLY A 88 30.82 1.70 -18.53
N ALA A 89 29.67 2.23 -18.11
CA ALA A 89 28.43 2.09 -18.86
C ALA A 89 28.55 2.79 -20.20
N ARG A 90 29.27 3.92 -20.22
CA ARG A 90 29.47 4.67 -21.46
C ARG A 90 30.13 3.77 -22.50
N GLN A 91 31.15 3.04 -22.08
CA GLN A 91 31.86 2.12 -22.96
C GLN A 91 30.97 0.92 -23.28
N LYS A 92 30.40 0.32 -22.22
CA LYS A 92 29.53 -0.84 -22.38
C LYS A 92 28.38 -0.53 -23.34
N LEU A 93 27.80 0.65 -23.19
CA LEU A 93 26.71 1.08 -24.05
C LEU A 93 27.22 1.45 -25.43
N HIS A 94 28.37 2.11 -25.49
CA HIS A 94 28.96 2.50 -26.76
C HIS A 94 29.25 1.27 -27.60
N GLU A 95 29.88 0.29 -26.98
CA GLU A 95 30.19 -0.96 -27.66
C GLU A 95 28.92 -1.67 -28.09
N LEU A 96 27.91 -1.62 -27.22
CA LEU A 96 26.62 -2.23 -27.52
C LEU A 96 25.93 -1.50 -28.67
N GLN A 97 25.98 -0.18 -28.64
CA GLN A 97 25.36 0.64 -29.69
C GLN A 97 26.05 0.40 -31.02
N GLU A 98 27.38 0.36 -30.99
CA GLU A 98 28.18 0.13 -32.19
C GLU A 98 28.03 -1.31 -32.68
N LYS A 99 27.29 -2.09 -31.90
CA LYS A 99 27.02 -3.47 -32.24
C LYS A 99 25.57 -3.61 -32.65
N LEU A 100 24.70 -2.82 -32.00
CA LEU A 100 23.27 -2.83 -32.29
C LEU A 100 22.99 -2.35 -33.71
N SER A 101 23.83 -1.46 -34.21
CA SER A 101 23.67 -0.95 -35.57
C SER A 101 23.94 -2.05 -36.62
N PRO A 102 25.18 -2.60 -36.68
CA PRO A 102 25.50 -3.64 -37.65
C PRO A 102 24.72 -4.93 -37.41
N LEU A 103 24.74 -5.42 -36.17
CA LEU A 103 24.03 -6.65 -35.84
C LEU A 103 22.53 -6.46 -35.97
N GLY A 104 22.09 -5.23 -35.81
CA GLY A 104 20.68 -4.92 -35.95
C GLY A 104 20.27 -4.92 -37.41
N GLU A 105 21.04 -4.21 -38.22
CA GLU A 105 20.77 -4.13 -39.65
C GLU A 105 20.90 -5.50 -40.30
N GLU A 106 21.95 -6.24 -39.91
CA GLU A 106 22.15 -7.58 -40.45
C GLU A 106 21.00 -8.50 -40.05
N MET A 107 20.50 -8.29 -38.83
CA MET A 107 19.37 -9.08 -38.35
C MET A 107 18.14 -8.71 -39.16
N ARG A 108 17.99 -7.43 -39.46
CA ARG A 108 16.86 -6.95 -40.26
C ARG A 108 16.99 -7.48 -41.67
N ASP A 109 18.22 -7.56 -42.16
CA ASP A 109 18.50 -8.08 -43.49
C ASP A 109 18.13 -9.55 -43.55
N ARG A 110 18.51 -10.29 -42.51
CA ARG A 110 18.17 -11.70 -42.41
C ARG A 110 16.67 -11.84 -42.26
N ALA A 111 16.08 -10.91 -41.49
CA ALA A 111 14.65 -10.88 -41.26
C ALA A 111 13.93 -10.64 -42.58
N ARG A 112 14.54 -9.84 -43.45
CA ARG A 112 13.98 -9.58 -44.78
C ARG A 112 13.84 -10.89 -45.53
N ALA A 113 14.89 -11.70 -45.47
CA ALA A 113 14.90 -13.01 -46.11
C ALA A 113 13.94 -13.95 -45.39
N HIS A 114 13.99 -13.90 -44.06
CA HIS A 114 13.11 -14.73 -43.22
C HIS A 114 11.66 -14.51 -43.61
N VAL A 115 11.25 -13.24 -43.63
CA VAL A 115 9.88 -12.86 -43.98
C VAL A 115 9.60 -13.08 -45.45
N ASP A 116 10.56 -12.73 -46.32
CA ASP A 116 10.38 -12.89 -47.75
C ASP A 116 10.12 -14.34 -48.12
N ALA A 117 11.00 -15.23 -47.67
CA ALA A 117 10.87 -16.66 -47.95
C ALA A 117 9.56 -17.18 -47.36
N LEU A 118 9.15 -16.60 -46.22
CA LEU A 118 7.92 -17.00 -45.57
C LEU A 118 6.73 -16.48 -46.35
N ARG A 119 6.84 -15.25 -46.84
CA ARG A 119 5.79 -14.61 -47.62
C ARG A 119 5.52 -15.38 -48.90
N THR A 120 6.58 -15.64 -49.65
CA THR A 120 6.48 -16.37 -50.90
C THR A 120 6.07 -17.83 -50.66
N HIS A 121 6.15 -18.26 -49.41
CA HIS A 121 5.74 -19.62 -49.06
C HIS A 121 4.31 -19.62 -48.55
N LEU A 122 3.99 -18.66 -47.71
CA LEU A 122 2.66 -18.53 -47.13
C LEU A 122 1.63 -18.25 -48.20
N ALA A 123 2.02 -17.50 -49.24
CA ALA A 123 1.11 -17.19 -50.34
C ALA A 123 0.50 -18.46 -50.95
N PRO A 124 1.31 -19.37 -51.51
CA PRO A 124 0.80 -20.62 -52.07
C PRO A 124 0.25 -21.53 -50.97
N TYR A 125 0.90 -21.49 -49.81
CA TYR A 125 0.49 -22.31 -48.66
C TYR A 125 -0.96 -22.04 -48.28
N SER A 126 -1.29 -20.75 -48.12
CA SER A 126 -2.64 -20.37 -47.76
C SER A 126 -3.63 -20.74 -48.85
N ASP A 127 -3.20 -20.60 -50.10
CA ASP A 127 -4.06 -20.95 -51.23
C ASP A 127 -4.27 -22.45 -51.28
N GLU A 128 -3.22 -23.21 -51.00
CA GLU A 128 -3.29 -24.66 -50.96
C GLU A 128 -4.17 -25.08 -49.79
N LEU A 129 -4.09 -24.31 -48.70
CA LEU A 129 -4.91 -24.58 -47.53
C LEU A 129 -6.35 -24.30 -47.87
N ARG A 130 -6.57 -23.32 -48.75
CA ARG A 130 -7.91 -22.98 -49.21
C ARG A 130 -8.44 -24.13 -50.04
N GLN A 131 -7.55 -24.71 -50.83
CA GLN A 131 -7.87 -25.87 -51.66
C GLN A 131 -8.30 -27.00 -50.74
N ARG A 132 -7.56 -27.15 -49.63
CA ARG A 132 -7.87 -28.16 -48.64
C ARG A 132 -9.24 -27.87 -48.04
N LEU A 133 -9.40 -26.64 -47.54
CA LEU A 133 -10.65 -26.21 -46.94
C LEU A 133 -11.81 -26.45 -47.88
N ALA A 134 -11.62 -26.13 -49.16
CA ALA A 134 -12.65 -26.34 -50.16
C ALA A 134 -13.00 -27.82 -50.25
N ALA A 135 -11.98 -28.67 -50.27
CA ALA A 135 -12.18 -30.11 -50.33
C ALA A 135 -12.78 -30.65 -49.03
N ARG A 136 -12.23 -30.22 -47.91
CA ARG A 136 -12.71 -30.66 -46.60
C ARG A 136 -14.16 -30.26 -46.39
N LEU A 137 -14.44 -28.98 -46.59
CA LEU A 137 -15.79 -28.45 -46.42
C LEU A 137 -16.75 -29.09 -47.42
N GLU A 138 -16.26 -29.38 -48.61
CA GLU A 138 -17.07 -30.00 -49.64
C GLU A 138 -17.45 -31.40 -49.18
N ALA A 139 -16.48 -32.12 -48.64
CA ALA A 139 -16.72 -33.46 -48.13
C ALA A 139 -17.69 -33.36 -46.96
N LEU A 140 -17.49 -32.32 -46.14
CA LEU A 140 -18.35 -32.08 -44.99
C LEU A 140 -19.77 -31.70 -45.43
N LYS A 141 -19.90 -31.21 -46.66
CA LYS A 141 -21.20 -30.85 -47.21
C LYS A 141 -21.95 -32.13 -47.59
N GLU A 142 -21.26 -33.01 -48.29
CA GLU A 142 -21.83 -34.27 -48.72
C GLU A 142 -22.04 -35.18 -47.51
N ASN A 143 -21.01 -35.28 -46.69
CA ASN A 143 -21.07 -36.09 -45.47
C ASN A 143 -22.08 -35.50 -44.50
N GLY A 144 -21.97 -34.20 -44.27
CA GLY A 144 -22.88 -33.51 -43.35
C GLY A 144 -24.31 -33.58 -43.81
N GLY A 145 -24.53 -33.47 -45.12
CA GLY A 145 -25.87 -33.55 -45.67
C GLY A 145 -26.51 -34.88 -45.35
N ALA A 146 -25.75 -35.95 -45.55
CA ALA A 146 -26.22 -37.30 -45.25
C ALA A 146 -26.32 -37.47 -43.75
N ARG A 147 -25.38 -36.89 -43.02
CA ARG A 147 -25.35 -36.96 -41.57
C ARG A 147 -26.65 -36.41 -40.99
N LEU A 148 -26.93 -35.16 -41.30
CA LEU A 148 -28.13 -34.48 -40.82
C LEU A 148 -29.39 -35.22 -41.24
N ALA A 149 -29.41 -35.72 -42.46
CA ALA A 149 -30.56 -36.47 -42.96
C ALA A 149 -30.74 -37.76 -42.16
N GLU A 150 -29.64 -38.51 -42.01
CA GLU A 150 -29.67 -39.76 -41.27
C GLU A 150 -29.99 -39.53 -39.80
N TYR A 151 -29.37 -38.53 -39.21
CA TYR A 151 -29.60 -38.20 -37.80
C TYR A 151 -31.05 -37.79 -37.60
N HIS A 152 -31.58 -37.02 -38.56
CA HIS A 152 -32.95 -36.56 -38.52
C HIS A 152 -33.89 -37.76 -38.62
N ALA A 153 -33.58 -38.67 -39.54
CA ALA A 153 -34.39 -39.88 -39.73
C ALA A 153 -34.44 -40.68 -38.44
N LYS A 154 -33.29 -40.84 -37.80
CA LYS A 154 -33.22 -41.58 -36.55
C LYS A 154 -33.92 -40.82 -35.44
N ALA A 155 -33.98 -39.50 -35.58
CA ALA A 155 -34.65 -38.66 -34.61
C ALA A 155 -36.16 -38.89 -34.69
N THR A 156 -36.67 -38.97 -35.92
CA THR A 156 -38.09 -39.22 -36.13
C THR A 156 -38.47 -40.56 -35.51
N GLU A 157 -37.64 -41.57 -35.76
CA GLU A 157 -37.86 -42.90 -35.23
C GLU A 157 -37.80 -42.86 -33.71
N HIS A 158 -36.87 -42.07 -33.18
CA HIS A 158 -36.71 -41.92 -31.74
C HIS A 158 -37.92 -41.22 -31.15
N LEU A 159 -38.48 -40.27 -31.91
CA LEU A 159 -39.67 -39.54 -31.48
C LEU A 159 -40.89 -40.45 -31.50
N SER A 160 -40.98 -41.28 -32.52
CA SER A 160 -42.08 -42.23 -32.64
C SER A 160 -42.04 -43.19 -31.46
N THR A 161 -40.84 -43.69 -31.16
CA THR A 161 -40.66 -44.60 -30.05
C THR A 161 -40.70 -43.85 -28.72
N LEU A 162 -40.55 -42.54 -28.79
CA LEU A 162 -40.64 -41.71 -27.60
C LEU A 162 -42.10 -41.58 -27.22
N SER A 163 -42.94 -41.52 -28.26
CA SER A 163 -44.37 -41.43 -28.08
C SER A 163 -44.86 -42.76 -27.48
N GLU A 164 -44.10 -43.82 -27.74
CA GLU A 164 -44.40 -45.15 -27.22
C GLU A 164 -44.10 -45.20 -25.72
N LYS A 165 -43.61 -44.09 -25.19
CA LYS A 165 -43.29 -43.95 -23.77
C LYS A 165 -44.07 -42.76 -23.21
N ALA A 166 -44.10 -41.67 -23.98
CA ALA A 166 -44.81 -40.46 -23.59
C ALA A 166 -46.30 -40.69 -23.46
N LYS A 167 -46.81 -41.73 -24.12
CA LYS A 167 -48.22 -42.05 -24.03
C LYS A 167 -48.48 -43.23 -23.09
N PRO A 168 -48.04 -44.46 -23.43
CA PRO A 168 -48.26 -45.64 -22.59
C PRO A 168 -47.53 -45.57 -21.25
N ALA A 169 -46.22 -45.38 -21.29
CA ALA A 169 -45.42 -45.33 -20.06
C ALA A 169 -45.85 -44.18 -19.15
N LEU A 170 -46.18 -43.03 -19.73
CA LEU A 170 -46.62 -41.89 -18.93
C LEU A 170 -47.96 -42.18 -18.28
N GLU A 171 -48.86 -42.80 -19.03
CA GLU A 171 -50.17 -43.16 -18.48
C GLU A 171 -50.02 -44.28 -17.46
N ASP A 172 -48.99 -45.10 -17.66
CA ASP A 172 -48.70 -46.19 -16.74
C ASP A 172 -48.17 -45.61 -15.44
N LEU A 173 -47.27 -44.62 -15.57
CA LEU A 173 -46.69 -43.95 -14.43
C LEU A 173 -47.79 -43.27 -13.63
N ARG A 174 -48.67 -42.56 -14.32
CA ARG A 174 -49.79 -41.89 -13.66
C ARG A 174 -50.73 -42.92 -13.07
N GLN A 175 -50.89 -44.04 -13.78
CA GLN A 175 -51.75 -45.11 -13.32
C GLN A 175 -51.23 -45.70 -12.03
N GLY A 176 -49.92 -45.66 -11.85
CA GLY A 176 -49.30 -46.17 -10.63
C GLY A 176 -49.27 -45.06 -9.58
N LEU A 177 -49.07 -43.84 -10.04
CA LEU A 177 -49.03 -42.67 -9.18
C LEU A 177 -50.31 -42.51 -8.37
N LEU A 178 -51.45 -42.75 -9.00
CA LEU A 178 -52.74 -42.62 -8.33
C LEU A 178 -52.81 -43.48 -7.05
N PRO A 179 -52.71 -44.83 -7.15
CA PRO A 179 -52.75 -45.70 -5.97
C PRO A 179 -51.57 -45.43 -5.05
N VAL A 180 -50.42 -45.06 -5.62
CA VAL A 180 -49.22 -44.75 -4.85
C VAL A 180 -49.49 -43.55 -3.95
N LEU A 181 -50.10 -42.52 -4.52
CA LEU A 181 -50.45 -41.32 -3.77
C LEU A 181 -51.38 -41.67 -2.63
N GLU A 182 -52.27 -42.63 -2.88
CA GLU A 182 -53.22 -43.09 -1.88
C GLU A 182 -52.47 -43.70 -0.71
N SER A 183 -51.58 -44.65 -1.00
CA SER A 183 -50.78 -45.30 0.03
C SER A 183 -49.92 -44.28 0.77
N PHE A 184 -49.38 -43.31 0.03
CA PHE A 184 -48.55 -42.27 0.63
C PHE A 184 -49.39 -41.36 1.53
N LYS A 185 -50.57 -41.00 1.06
CA LYS A 185 -51.46 -40.15 1.85
C LYS A 185 -51.85 -40.84 3.14
N VAL A 186 -52.27 -42.10 3.05
CA VAL A 186 -52.67 -42.87 4.22
C VAL A 186 -51.54 -42.94 5.25
N SER A 187 -50.33 -43.17 4.78
CA SER A 187 -49.18 -43.28 5.67
C SER A 187 -48.74 -41.93 6.21
N PHE A 188 -48.46 -40.99 5.31
CA PHE A 188 -47.99 -39.65 5.70
C PHE A 188 -49.00 -38.90 6.57
N LEU A 189 -50.28 -38.93 6.20
CA LEU A 189 -51.30 -38.25 6.96
C LEU A 189 -51.39 -38.78 8.39
N SER A 190 -51.32 -40.09 8.53
CA SER A 190 -51.39 -40.71 9.84
C SER A 190 -50.06 -40.61 10.59
N ALA A 191 -48.97 -40.51 9.83
CA ALA A 191 -47.64 -40.38 10.42
C ALA A 191 -47.55 -39.05 11.16
N LEU A 192 -48.12 -38.01 10.55
CA LEU A 192 -48.12 -36.68 11.16
C LEU A 192 -48.87 -36.72 12.49
N GLU A 193 -49.91 -37.53 12.53
CA GLU A 193 -50.70 -37.70 13.74
C GLU A 193 -49.86 -38.40 14.79
N GLU A 194 -49.13 -39.41 14.34
CA GLU A 194 -48.25 -40.17 15.22
C GLU A 194 -47.17 -39.28 15.82
N TYR A 195 -46.62 -38.38 15.00
CA TYR A 195 -45.58 -37.47 15.46
C TYR A 195 -46.12 -36.54 16.55
N THR A 196 -47.24 -35.90 16.25
CA THR A 196 -47.87 -34.98 17.19
C THR A 196 -48.21 -35.67 18.51
N LYS A 197 -48.50 -36.97 18.45
CA LYS A 197 -48.84 -37.75 19.63
C LYS A 197 -47.72 -37.72 20.66
N LYS A 198 -46.48 -37.75 20.20
CA LYS A 198 -45.32 -37.74 21.09
C LYS A 198 -44.85 -36.33 21.41
N LEU A 199 -45.16 -35.39 20.52
CA LEU A 199 -44.76 -34.00 20.71
C LEU A 199 -45.56 -33.35 21.83
N ASN A 200 -46.82 -33.04 21.52
CA ASN A 200 -47.72 -32.40 22.48
C ASN A 200 -49.11 -32.24 21.87
N LEU B 3 -45.56 -55.70 -5.87
CA LEU B 3 -46.80 -55.71 -6.62
C LEU B 3 -46.80 -54.60 -7.66
N LYS B 4 -46.60 -53.37 -7.19
CA LYS B 4 -46.58 -52.21 -8.07
C LYS B 4 -45.28 -52.16 -8.87
N LEU B 5 -44.17 -52.41 -8.20
CA LEU B 5 -42.86 -52.41 -8.84
C LEU B 5 -42.77 -53.47 -9.93
N LEU B 6 -43.53 -54.55 -9.77
CA LEU B 6 -43.55 -55.63 -10.73
C LEU B 6 -44.17 -55.16 -12.04
N ASP B 7 -45.19 -54.32 -11.92
CA ASP B 7 -45.87 -53.79 -13.09
C ASP B 7 -45.01 -52.72 -13.73
N ASN B 8 -44.36 -51.92 -12.89
CA ASN B 8 -43.46 -50.87 -13.35
C ASN B 8 -42.38 -51.49 -14.21
N TRP B 9 -41.88 -52.65 -13.77
CA TRP B 9 -40.83 -53.37 -14.48
C TRP B 9 -41.32 -53.86 -15.84
N ASP B 10 -42.60 -54.22 -15.92
CA ASP B 10 -43.19 -54.70 -17.17
C ASP B 10 -43.07 -53.64 -18.25
N SER B 11 -43.48 -52.42 -17.92
CA SER B 11 -43.40 -51.30 -18.86
C SER B 11 -41.93 -51.02 -19.18
N VAL B 12 -41.07 -51.20 -18.18
CA VAL B 12 -39.64 -50.99 -18.35
C VAL B 12 -39.07 -52.00 -19.34
N THR B 13 -39.53 -53.25 -19.25
CA THR B 13 -39.08 -54.30 -20.16
C THR B 13 -39.45 -53.92 -21.58
N SER B 14 -40.69 -53.49 -21.76
CA SER B 14 -41.19 -53.07 -23.07
C SER B 14 -40.36 -51.90 -23.58
N THR B 15 -39.99 -51.00 -22.67
CA THR B 15 -39.17 -49.85 -23.02
C THR B 15 -37.81 -50.31 -23.53
N PHE B 16 -37.21 -51.27 -22.81
CA PHE B 16 -35.92 -51.82 -23.19
C PHE B 16 -36.01 -52.54 -24.52
N SER B 17 -37.10 -53.29 -24.70
CA SER B 17 -37.32 -54.02 -25.93
C SER B 17 -37.46 -53.05 -27.10
N LYS B 18 -38.22 -51.98 -26.89
CA LYS B 18 -38.40 -50.96 -27.91
C LYS B 18 -37.09 -50.22 -28.17
N LEU B 19 -36.23 -50.20 -27.15
CA LEU B 19 -34.92 -49.56 -27.27
C LEU B 19 -34.04 -50.41 -28.18
N ARG B 20 -34.17 -51.73 -28.05
CA ARG B 20 -33.41 -52.66 -28.88
C ARG B 20 -33.89 -52.53 -30.31
N GLU B 21 -35.20 -52.38 -30.47
CA GLU B 21 -35.81 -52.22 -31.79
C GLU B 21 -35.36 -50.92 -32.41
N GLN B 22 -34.95 -49.97 -31.58
CA GLN B 22 -34.46 -48.69 -32.04
C GLN B 22 -32.99 -48.85 -32.43
N LEU B 23 -32.24 -49.48 -31.52
CA LEU B 23 -30.81 -49.70 -31.71
C LEU B 23 -30.52 -50.40 -33.03
N GLY B 24 -31.41 -51.30 -33.45
CA GLY B 24 -31.24 -52.00 -34.71
C GLY B 24 -31.01 -51.05 -35.86
N PRO B 25 -32.07 -50.39 -36.38
CA PRO B 25 -31.95 -49.43 -37.48
C PRO B 25 -30.98 -48.30 -37.15
N VAL B 26 -30.92 -47.93 -35.86
CA VAL B 26 -30.01 -46.87 -35.42
C VAL B 26 -28.56 -47.24 -35.73
N THR B 27 -28.14 -48.43 -35.34
CA THR B 27 -26.77 -48.88 -35.59
C THR B 27 -26.56 -49.15 -37.08
N GLN B 28 -27.58 -49.67 -37.74
CA GLN B 28 -27.50 -49.96 -39.17
C GLN B 28 -27.18 -48.69 -39.93
N GLU B 29 -27.92 -47.63 -39.62
CA GLU B 29 -27.72 -46.34 -40.26
C GLU B 29 -26.48 -45.65 -39.69
N PHE B 30 -26.17 -45.93 -38.42
CA PHE B 30 -25.02 -45.33 -37.77
C PHE B 30 -23.73 -45.84 -38.41
N TRP B 31 -23.66 -47.14 -38.61
CA TRP B 31 -22.50 -47.75 -39.24
C TRP B 31 -22.39 -47.27 -40.68
N ASP B 32 -23.54 -47.13 -41.33
CA ASP B 32 -23.61 -46.65 -42.72
C ASP B 32 -23.19 -45.19 -42.77
N ASN B 33 -23.52 -44.45 -41.73
CA ASN B 33 -23.14 -43.04 -41.61
C ASN B 33 -21.64 -42.99 -41.42
N LEU B 34 -21.13 -43.94 -40.62
CA LEU B 34 -19.71 -44.03 -40.37
C LEU B 34 -18.96 -44.42 -41.64
N GLU B 35 -19.66 -45.10 -42.55
CA GLU B 35 -19.07 -45.49 -43.83
C GLU B 35 -18.69 -44.24 -44.61
N LYS B 36 -19.67 -43.34 -44.77
CA LYS B 36 -19.45 -42.09 -45.47
C LYS B 36 -18.50 -41.22 -44.65
N GLU B 37 -18.58 -41.38 -43.33
CA GLU B 37 -17.73 -40.64 -42.41
C GLU B 37 -16.26 -41.01 -42.62
N THR B 38 -15.97 -42.30 -42.57
CA THR B 38 -14.61 -42.78 -42.73
C THR B 38 -14.12 -42.61 -44.17
N GLU B 39 -15.00 -42.88 -45.14
CA GLU B 39 -14.64 -42.74 -46.54
C GLU B 39 -14.41 -41.28 -46.89
N GLY B 40 -15.30 -40.42 -46.42
CA GLY B 40 -15.17 -39.00 -46.67
C GLY B 40 -13.89 -38.47 -46.05
N LEU B 41 -13.67 -38.84 -44.78
CA LEU B 41 -12.47 -38.42 -44.08
C LEU B 41 -11.24 -38.98 -44.78
N ARG B 42 -11.36 -40.18 -45.35
CA ARG B 42 -10.28 -40.80 -46.08
C ARG B 42 -9.97 -39.99 -47.32
N GLN B 43 -11.01 -39.56 -48.02
CA GLN B 43 -10.87 -38.74 -49.22
C GLN B 43 -10.20 -37.42 -48.86
N GLU B 44 -10.50 -36.93 -47.67
CA GLU B 44 -9.93 -35.69 -47.18
C GLU B 44 -8.48 -35.91 -46.78
N MET B 45 -8.29 -36.81 -45.82
CA MET B 45 -6.97 -37.11 -45.28
C MET B 45 -5.97 -37.67 -46.29
N SER B 46 -6.46 -38.35 -47.31
CA SER B 46 -5.56 -38.92 -48.32
C SER B 46 -4.70 -37.82 -48.94
N LYS B 47 -5.36 -36.84 -49.54
CA LYS B 47 -4.67 -35.72 -50.15
C LYS B 47 -4.13 -34.79 -49.08
N ASP B 48 -4.84 -34.71 -47.95
CA ASP B 48 -4.43 -33.84 -46.85
C ASP B 48 -3.06 -34.27 -46.31
N LEU B 49 -2.87 -35.58 -46.17
CA LEU B 49 -1.61 -36.12 -45.67
C LEU B 49 -0.53 -36.09 -46.74
N GLU B 50 -0.89 -36.45 -47.97
CA GLU B 50 0.05 -36.43 -49.08
C GLU B 50 0.56 -35.02 -49.32
N GLU B 51 -0.37 -34.06 -49.23
CA GLU B 51 -0.04 -32.66 -49.41
C GLU B 51 0.70 -32.16 -48.17
N VAL B 52 0.37 -32.76 -47.03
CA VAL B 52 1.03 -32.40 -45.76
C VAL B 52 2.54 -32.60 -45.89
N LYS B 53 2.94 -33.72 -46.48
CA LYS B 53 4.34 -34.00 -46.68
C LYS B 53 4.93 -33.02 -47.68
N ALA B 54 4.17 -32.73 -48.73
CA ALA B 54 4.60 -31.81 -49.76
C ALA B 54 4.63 -30.37 -49.24
N LYS B 55 4.09 -30.17 -48.04
CA LYS B 55 4.08 -28.86 -47.41
C LYS B 55 5.12 -28.80 -46.31
N VAL B 56 5.24 -29.88 -45.56
CA VAL B 56 6.20 -29.98 -44.47
C VAL B 56 7.63 -30.05 -45.01
N GLN B 57 7.81 -30.73 -46.14
CA GLN B 57 9.13 -30.86 -46.75
C GLN B 57 9.76 -29.48 -47.00
N PRO B 58 9.13 -28.62 -47.83
CA PRO B 58 9.67 -27.29 -48.11
C PRO B 58 9.62 -26.39 -46.88
N TYR B 59 8.68 -26.67 -45.99
CA TYR B 59 8.54 -25.89 -44.76
C TYR B 59 9.73 -26.15 -43.85
N LEU B 60 10.06 -27.43 -43.66
CA LEU B 60 11.19 -27.82 -42.83
C LEU B 60 12.48 -27.38 -43.51
N ASP B 61 12.46 -27.39 -44.84
CA ASP B 61 13.61 -26.97 -45.63
C ASP B 61 13.82 -25.48 -45.43
N ASP B 62 12.73 -24.72 -45.55
CA ASP B 62 12.75 -23.28 -45.38
C ASP B 62 13.07 -22.94 -43.93
N PHE B 63 12.48 -23.68 -43.01
CA PHE B 63 12.70 -23.48 -41.59
C PHE B 63 14.14 -23.79 -41.26
N GLN B 64 14.70 -24.85 -41.87
CA GLN B 64 16.08 -25.21 -41.63
C GLN B 64 17.01 -24.10 -42.11
N LYS B 65 16.70 -23.55 -43.28
CA LYS B 65 17.50 -22.46 -43.82
C LYS B 65 17.40 -21.25 -42.90
N LYS B 66 16.19 -20.93 -42.47
CA LYS B 66 15.96 -19.81 -41.56
C LYS B 66 16.63 -20.09 -40.22
N TRP B 67 16.58 -21.35 -39.80
CA TRP B 67 17.20 -21.76 -38.55
C TRP B 67 18.70 -21.62 -38.67
N GLN B 68 19.22 -21.92 -39.86
CA GLN B 68 20.64 -21.78 -40.13
C GLN B 68 21.01 -20.31 -40.05
N GLU B 69 20.18 -19.47 -40.65
CA GLU B 69 20.39 -18.03 -40.62
C GLU B 69 20.35 -17.54 -39.19
N GLU B 70 19.38 -18.05 -38.42
CA GLU B 70 19.24 -17.68 -37.02
C GLU B 70 20.44 -18.20 -36.22
N MET B 71 20.87 -19.42 -36.56
CA MET B 71 22.03 -20.03 -35.89
C MET B 71 23.26 -19.18 -36.17
N GLU B 72 23.39 -18.76 -37.42
CA GLU B 72 24.50 -17.90 -37.83
C GLU B 72 24.38 -16.58 -37.08
N LEU B 73 23.15 -16.06 -37.05
CA LEU B 73 22.85 -14.82 -36.35
C LEU B 73 23.26 -14.95 -34.89
N TYR B 74 22.93 -16.08 -34.28
CA TYR B 74 23.28 -16.34 -32.89
C TYR B 74 24.79 -16.43 -32.73
N ARG B 75 25.44 -17.09 -33.68
CA ARG B 75 26.89 -17.25 -33.63
C ARG B 75 27.59 -15.90 -33.82
N GLN B 76 27.11 -15.13 -34.79
CA GLN B 76 27.69 -13.84 -35.10
C GLN B 76 27.25 -12.75 -34.11
N LYS B 77 26.38 -13.13 -33.16
CA LYS B 77 25.92 -12.19 -32.15
C LYS B 77 26.35 -12.62 -30.76
N VAL B 78 25.87 -13.77 -30.32
CA VAL B 78 26.16 -14.30 -28.99
C VAL B 78 27.67 -14.47 -28.73
N GLU B 79 28.41 -14.99 -29.70
CA GLU B 79 29.85 -15.19 -29.51
C GLU B 79 30.59 -13.88 -29.22
N PRO B 80 30.54 -12.88 -30.12
CA PRO B 80 31.18 -11.59 -29.88
C PRO B 80 30.53 -10.84 -28.71
N LEU B 81 29.22 -11.08 -28.50
CA LEU B 81 28.52 -10.46 -27.39
C LEU B 81 29.04 -11.02 -26.07
N ARG B 82 29.28 -12.32 -26.05
CA ARG B 82 29.82 -12.97 -24.86
C ARG B 82 31.20 -12.42 -24.56
N ALA B 83 31.94 -12.10 -25.62
CA ALA B 83 33.27 -11.54 -25.47
C ALA B 83 33.17 -10.12 -24.89
N GLU B 84 32.27 -9.33 -25.46
CA GLU B 84 32.04 -7.97 -25.01
C GLU B 84 31.54 -7.99 -23.57
N LEU B 85 30.59 -8.88 -23.30
CA LEU B 85 30.03 -9.03 -21.97
C LEU B 85 31.07 -9.58 -21.02
N GLN B 86 31.96 -10.42 -21.51
CA GLN B 86 33.02 -10.99 -20.69
C GLN B 86 33.96 -9.88 -20.25
N GLU B 87 34.36 -9.06 -21.21
CA GLU B 87 35.24 -7.94 -20.92
C GLU B 87 34.52 -6.93 -20.05
N GLY B 88 33.24 -6.68 -20.37
CA GLY B 88 32.43 -5.77 -19.60
C GLY B 88 32.25 -6.28 -18.18
N ALA B 89 32.07 -7.59 -18.05
CA ALA B 89 31.92 -8.22 -16.75
C ALA B 89 33.24 -8.15 -16.01
N ARG B 90 34.34 -8.30 -16.74
CA ARG B 90 35.68 -8.22 -16.15
C ARG B 90 35.90 -6.82 -15.60
N GLN B 91 35.44 -5.83 -16.37
CA GLN B 91 35.55 -4.44 -15.95
C GLN B 91 34.65 -4.22 -14.74
N LYS B 92 33.45 -4.76 -14.81
CA LYS B 92 32.49 -4.65 -13.71
C LYS B 92 33.02 -5.39 -12.50
N LEU B 93 33.75 -6.47 -12.74
CA LEU B 93 34.36 -7.25 -11.68
C LEU B 93 35.41 -6.40 -10.98
N HIS B 94 36.18 -5.67 -11.79
CA HIS B 94 37.20 -4.78 -11.25
C HIS B 94 36.51 -3.70 -10.44
N GLU B 95 35.38 -3.24 -10.96
CA GLU B 95 34.57 -2.24 -10.28
C GLU B 95 34.13 -2.83 -8.94
N LEU B 96 33.52 -4.01 -9.00
CA LEU B 96 33.03 -4.70 -7.82
C LEU B 96 34.15 -4.96 -6.83
N GLN B 97 35.33 -5.29 -7.33
CA GLN B 97 36.48 -5.55 -6.47
C GLN B 97 36.82 -4.30 -5.66
N GLU B 98 36.68 -3.14 -6.29
CA GLU B 98 36.95 -1.87 -5.63
C GLU B 98 35.75 -1.43 -4.79
N LYS B 99 34.61 -2.04 -5.06
CA LYS B 99 33.38 -1.73 -4.34
C LYS B 99 33.06 -2.83 -3.32
N LEU B 100 33.99 -3.78 -3.17
CA LEU B 100 33.80 -4.88 -2.24
C LEU B 100 34.95 -4.99 -1.24
N SER B 101 36.18 -4.87 -1.72
CA SER B 101 37.34 -4.96 -0.83
C SER B 101 37.41 -3.78 0.16
N PRO B 102 37.55 -2.53 -0.33
CA PRO B 102 37.63 -1.35 0.53
C PRO B 102 36.32 -1.09 1.27
N LEU B 103 35.22 -1.62 0.73
CA LEU B 103 33.92 -1.44 1.35
C LEU B 103 33.67 -2.53 2.38
N GLY B 104 34.03 -3.76 2.05
CA GLY B 104 33.84 -4.88 2.97
C GLY B 104 34.67 -4.70 4.22
N GLU B 105 35.93 -4.33 4.04
CA GLU B 105 36.83 -4.10 5.16
C GLU B 105 36.33 -2.93 6.00
N GLU B 106 35.70 -1.96 5.33
CA GLU B 106 35.14 -0.81 6.01
C GLU B 106 33.89 -1.22 6.77
N MET B 107 33.09 -2.08 6.14
CA MET B 107 31.87 -2.58 6.75
C MET B 107 32.20 -3.33 8.04
N ARG B 108 33.34 -4.00 8.03
CA ARG B 108 33.80 -4.72 9.21
C ARG B 108 34.23 -3.75 10.29
N ASP B 109 34.80 -2.63 9.88
CA ASP B 109 35.21 -1.60 10.83
C ASP B 109 33.96 -0.94 11.38
N ARG B 110 32.97 -0.79 10.51
CA ARG B 110 31.68 -0.23 10.90
C ARG B 110 31.07 -1.16 11.94
N ALA B 111 31.25 -2.47 11.72
CA ALA B 111 30.75 -3.49 12.63
C ALA B 111 31.44 -3.36 13.99
N ARG B 112 32.71 -3.00 13.97
CA ARG B 112 33.45 -2.80 15.22
C ARG B 112 32.83 -1.65 15.99
N ALA B 113 32.31 -0.69 15.24
CA ALA B 113 31.68 0.49 15.81
C ALA B 113 30.16 0.31 15.87
N HIS B 114 29.70 -0.91 15.67
CA HIS B 114 28.28 -1.22 15.70
C HIS B 114 28.02 -2.39 16.63
N VAL B 115 28.49 -3.56 16.25
CA VAL B 115 28.31 -4.78 17.03
C VAL B 115 29.12 -4.72 18.32
N ASP B 116 30.39 -4.38 18.20
CA ASP B 116 31.26 -4.28 19.36
C ASP B 116 30.82 -3.12 20.25
N ALA B 117 30.33 -2.06 19.63
CA ALA B 117 29.83 -0.91 20.37
C ALA B 117 28.56 -1.32 21.10
N LEU B 118 27.75 -2.13 20.41
CA LEU B 118 26.51 -2.64 20.98
C LEU B 118 26.81 -3.60 22.12
N ARG B 119 27.99 -4.21 22.09
CA ARG B 119 28.41 -5.12 23.15
C ARG B 119 28.39 -4.38 24.48
N THR B 120 29.04 -3.23 24.53
CA THR B 120 29.10 -2.42 25.73
C THR B 120 27.81 -1.61 25.90
N HIS B 121 26.80 -1.92 25.09
CA HIS B 121 25.51 -1.24 25.16
C HIS B 121 24.44 -2.23 25.60
N LEU B 122 24.53 -3.45 25.10
CA LEU B 122 23.58 -4.50 25.41
C LEU B 122 24.00 -5.28 26.64
N ALA B 123 25.31 -5.40 26.88
CA ALA B 123 25.80 -6.12 28.04
C ALA B 123 25.26 -5.50 29.33
N PRO B 124 25.45 -4.18 29.56
CA PRO B 124 24.91 -3.53 30.74
C PRO B 124 23.38 -3.51 30.69
N TYR B 125 22.85 -3.42 29.48
CA TYR B 125 21.41 -3.40 29.27
C TYR B 125 20.77 -4.70 29.74
N SER B 126 21.35 -5.82 29.38
CA SER B 126 20.84 -7.11 29.79
C SER B 126 21.02 -7.30 31.29
N ASP B 127 22.10 -6.74 31.81
CA ASP B 127 22.38 -6.81 33.24
C ASP B 127 21.32 -6.01 33.99
N GLU B 128 21.03 -4.81 33.48
CA GLU B 128 20.00 -3.95 34.06
C GLU B 128 18.65 -4.61 33.89
N LEU B 129 18.47 -5.29 32.74
CA LEU B 129 17.24 -6.00 32.46
C LEU B 129 17.02 -7.08 33.51
N ARG B 130 18.10 -7.74 33.91
CA ARG B 130 18.05 -8.78 34.93
C ARG B 130 17.59 -8.19 36.25
N GLN B 131 18.07 -6.98 36.55
CA GLN B 131 17.67 -6.29 37.78
C GLN B 131 16.17 -6.03 37.73
N ARG B 132 15.72 -5.53 36.58
CA ARG B 132 14.32 -5.25 36.34
C ARG B 132 13.51 -6.54 36.40
N LEU B 133 14.06 -7.59 35.81
CA LEU B 133 13.42 -8.90 35.80
C LEU B 133 13.33 -9.46 37.20
N ALA B 134 14.40 -9.30 37.97
CA ALA B 134 14.44 -9.78 39.34
C ALA B 134 13.33 -9.13 40.17
N ALA B 135 13.24 -7.80 40.08
CA ALA B 135 12.22 -7.05 40.79
C ALA B 135 10.82 -7.47 40.35
N ARG B 136 10.62 -7.53 39.03
CA ARG B 136 9.34 -7.93 38.48
C ARG B 136 8.99 -9.37 38.82
N LEU B 137 9.98 -10.27 38.75
CA LEU B 137 9.76 -11.67 39.08
C LEU B 137 9.42 -11.83 40.54
N GLU B 138 10.13 -11.10 41.40
CA GLU B 138 9.88 -11.15 42.83
C GLU B 138 8.48 -10.63 43.13
N ALA B 139 8.09 -9.57 42.42
CA ALA B 139 6.76 -9.01 42.59
C ALA B 139 5.73 -10.05 42.16
N LEU B 140 6.02 -10.74 41.07
CA LEU B 140 5.15 -11.78 40.54
C LEU B 140 5.14 -12.99 41.46
N LYS B 141 6.16 -13.11 42.30
CA LYS B 141 6.26 -14.21 43.25
C LYS B 141 5.52 -13.86 44.53
N GLU B 142 5.67 -12.61 44.98
CA GLU B 142 4.99 -12.13 46.18
C GLU B 142 3.49 -12.09 45.90
N ASN B 143 3.13 -11.44 44.80
CA ASN B 143 1.74 -11.33 44.39
C ASN B 143 1.25 -12.70 43.91
N GLY B 144 2.16 -13.45 43.30
CA GLY B 144 1.84 -14.77 42.81
C GLY B 144 1.53 -15.73 43.93
N GLY B 145 2.36 -15.73 44.97
CA GLY B 145 2.14 -16.59 46.11
C GLY B 145 0.83 -16.25 46.77
N ALA B 146 0.56 -14.95 46.88
CA ALA B 146 -0.69 -14.48 47.46
C ALA B 146 -1.85 -14.90 46.58
N ARG B 147 -1.65 -14.83 45.26
CA ARG B 147 -2.66 -15.23 44.30
C ARG B 147 -2.93 -16.72 44.44
N LEU B 148 -1.88 -17.49 44.66
CA LEU B 148 -2.01 -18.94 44.83
C LEU B 148 -2.88 -19.23 46.03
N ALA B 149 -2.68 -18.47 47.10
CA ALA B 149 -3.47 -18.62 48.31
C ALA B 149 -4.89 -18.17 48.05
N GLU B 150 -5.02 -17.04 47.34
CA GLU B 150 -6.33 -16.49 46.99
C GLU B 150 -7.10 -17.48 46.12
N TYR B 151 -6.42 -18.01 45.11
CA TYR B 151 -7.03 -18.98 44.22
C TYR B 151 -7.43 -20.21 45.01
N HIS B 152 -6.55 -20.65 45.89
CA HIS B 152 -6.83 -21.82 46.74
C HIS B 152 -8.07 -21.58 47.58
N ALA B 153 -8.14 -20.41 48.21
CA ALA B 153 -9.29 -20.05 49.04
C ALA B 153 -10.56 -19.98 48.20
N LYS B 154 -10.52 -19.17 47.14
CA LYS B 154 -11.66 -19.01 46.25
C LYS B 154 -12.08 -20.35 45.65
N ALA B 155 -11.11 -21.17 45.29
CA ALA B 155 -11.38 -22.48 44.72
C ALA B 155 -12.05 -23.38 45.75
N THR B 156 -11.56 -23.32 46.99
CA THR B 156 -12.14 -24.13 48.06
C THR B 156 -13.59 -23.72 48.28
N GLU B 157 -13.84 -22.42 48.33
CA GLU B 157 -15.19 -21.89 48.51
C GLU B 157 -16.07 -22.27 47.34
N HIS B 158 -15.46 -22.41 46.17
CA HIS B 158 -16.19 -22.79 44.97
C HIS B 158 -16.44 -24.29 44.95
N LEU B 159 -15.40 -25.07 45.25
CA LEU B 159 -15.51 -26.52 45.28
C LEU B 159 -16.55 -26.98 46.29
N SER B 160 -16.56 -26.33 47.45
CA SER B 160 -17.50 -26.67 48.50
C SER B 160 -18.93 -26.37 48.06
N THR B 161 -19.15 -25.18 47.51
CA THR B 161 -20.48 -24.80 47.06
C THR B 161 -20.88 -25.63 45.83
N LEU B 162 -19.90 -25.99 45.01
CA LEU B 162 -20.15 -26.80 43.82
C LEU B 162 -20.67 -28.16 44.25
N SER B 163 -20.03 -28.75 45.25
CA SER B 163 -20.45 -30.04 45.75
C SER B 163 -21.76 -29.90 46.52
N GLU B 164 -21.91 -28.77 47.21
CA GLU B 164 -23.13 -28.49 47.97
C GLU B 164 -24.33 -28.38 47.06
N LYS B 165 -24.07 -28.07 45.80
CA LYS B 165 -25.11 -27.96 44.81
C LYS B 165 -25.20 -29.25 44.00
N ALA B 166 -24.05 -29.90 43.83
CA ALA B 166 -23.99 -31.16 43.09
C ALA B 166 -24.80 -32.24 43.79
N LYS B 167 -24.73 -32.26 45.12
CA LYS B 167 -25.47 -33.24 45.91
C LYS B 167 -26.97 -33.19 45.60
N PRO B 168 -27.66 -32.05 45.85
CA PRO B 168 -29.09 -31.94 45.56
C PRO B 168 -29.36 -32.01 44.06
N ALA B 169 -28.46 -31.46 43.25
CA ALA B 169 -28.63 -31.49 41.80
C ALA B 169 -28.64 -32.91 41.28
N LEU B 170 -27.68 -33.71 41.72
CA LEU B 170 -27.61 -35.11 41.30
C LEU B 170 -28.81 -35.87 41.82
N GLU B 171 -29.19 -35.60 43.06
CA GLU B 171 -30.34 -36.26 43.66
C GLU B 171 -31.62 -35.89 42.93
N ASP B 172 -31.77 -34.61 42.62
CA ASP B 172 -32.94 -34.13 41.90
C ASP B 172 -32.94 -34.65 40.48
N LEU B 173 -31.77 -34.67 39.86
CA LEU B 173 -31.65 -35.19 38.50
C LEU B 173 -32.10 -36.63 38.44
N ARG B 174 -31.59 -37.44 39.37
CA ARG B 174 -31.96 -38.85 39.44
C ARG B 174 -33.44 -38.97 39.82
N GLN B 175 -33.87 -38.10 40.73
CA GLN B 175 -35.24 -38.09 41.18
C GLN B 175 -36.21 -37.81 40.04
N GLY B 176 -35.84 -36.89 39.17
CA GLY B 176 -36.66 -36.53 38.03
C GLY B 176 -36.51 -37.58 36.93
N LEU B 177 -35.29 -38.09 36.78
CA LEU B 177 -35.00 -39.10 35.77
C LEU B 177 -35.92 -40.31 35.89
N LEU B 178 -36.24 -40.69 37.12
CA LEU B 178 -37.11 -41.84 37.34
C LEU B 178 -38.47 -41.70 36.62
N PRO B 179 -39.32 -40.73 37.02
CA PRO B 179 -40.63 -40.55 36.36
C PRO B 179 -40.48 -40.04 34.94
N VAL B 180 -39.45 -39.22 34.69
CA VAL B 180 -39.22 -38.67 33.36
C VAL B 180 -38.87 -39.77 32.36
N LEU B 181 -37.93 -40.65 32.72
CA LEU B 181 -37.54 -41.75 31.85
C LEU B 181 -38.69 -42.71 31.66
N GLU B 182 -39.46 -42.92 32.72
CA GLU B 182 -40.62 -43.80 32.66
C GLU B 182 -41.67 -43.21 31.72
N SER B 183 -41.95 -41.92 31.89
CA SER B 183 -42.93 -41.24 31.05
C SER B 183 -42.47 -41.26 29.59
N PHE B 184 -41.18 -41.00 29.38
CA PHE B 184 -40.61 -41.01 28.05
C PHE B 184 -40.66 -42.43 27.48
N LYS B 185 -40.43 -43.40 28.35
CA LYS B 185 -40.48 -44.80 27.97
C LYS B 185 -41.88 -45.13 27.45
N VAL B 186 -42.89 -44.60 28.14
CA VAL B 186 -44.28 -44.80 27.74
C VAL B 186 -44.49 -44.21 26.34
N SER B 187 -43.89 -43.05 26.10
CA SER B 187 -43.98 -42.39 24.81
C SER B 187 -43.24 -43.19 23.74
N PHE B 188 -42.12 -43.78 24.13
CA PHE B 188 -41.31 -44.58 23.21
C PHE B 188 -42.03 -45.89 22.88
N LEU B 189 -42.61 -46.51 23.89
CA LEU B 189 -43.32 -47.78 23.72
C LEU B 189 -44.51 -47.60 22.78
N SER B 190 -45.29 -46.55 23.00
CA SER B 190 -46.44 -46.28 22.16
C SER B 190 -45.97 -45.96 20.74
N ALA B 191 -44.89 -45.17 20.64
CA ALA B 191 -44.32 -44.79 19.36
C ALA B 191 -43.88 -46.03 18.59
N LEU B 192 -43.08 -46.87 19.22
CA LEU B 192 -42.57 -48.08 18.59
C LEU B 192 -43.70 -48.97 18.08
N GLU B 193 -44.72 -49.16 18.91
CA GLU B 193 -45.86 -49.99 18.55
C GLU B 193 -46.71 -49.39 17.43
N GLU B 194 -46.91 -48.08 17.48
CA GLU B 194 -47.70 -47.39 16.47
C GLU B 194 -46.96 -47.36 15.14
N TYR B 195 -45.66 -47.09 15.21
CA TYR B 195 -44.83 -47.02 14.01
C TYR B 195 -44.75 -48.37 13.29
N THR B 196 -44.65 -49.45 14.06
CA THR B 196 -44.56 -50.77 13.47
C THR B 196 -45.84 -51.16 12.73
N LYS B 197 -46.96 -50.58 13.14
CA LYS B 197 -48.24 -50.84 12.49
C LYS B 197 -48.30 -50.17 11.13
N LYS B 198 -47.74 -48.97 11.04
CA LYS B 198 -47.72 -48.23 9.79
C LYS B 198 -46.64 -48.77 8.86
N LEU B 199 -45.62 -49.36 9.45
CA LEU B 199 -44.53 -49.95 8.68
C LEU B 199 -44.77 -51.45 8.49
N ASN B 200 -45.98 -51.79 8.09
CA ASN B 200 -46.36 -53.17 7.87
C ASN B 200 -47.49 -53.24 6.85
N MET C 3 -18.68 0.28 0.94
CA MET C 3 -19.79 -0.09 0.07
C MET C 3 -20.80 1.04 -0.04
N THR C 4 -20.72 1.98 0.89
CA THR C 4 -21.61 3.13 0.91
C THR C 4 -20.86 4.38 1.37
N GLU C 5 -19.55 4.34 1.22
CA GLU C 5 -18.68 5.44 1.62
C GLU C 5 -18.13 6.13 0.37
N TYR C 6 -18.11 7.46 0.39
CA TYR C 6 -17.61 8.23 -0.75
C TYR C 6 -16.51 9.20 -0.33
N LYS C 7 -15.69 9.60 -1.29
CA LYS C 7 -14.61 10.54 -1.04
C LYS C 7 -14.82 11.84 -1.79
N LEU C 8 -15.08 12.91 -1.06
CA LEU C 8 -15.32 14.22 -1.67
C LEU C 8 -14.15 15.16 -1.43
N VAL C 9 -13.49 15.58 -2.50
CA VAL C 9 -12.36 16.48 -2.38
C VAL C 9 -12.74 17.88 -2.85
N VAL C 10 -12.63 18.84 -1.95
CA VAL C 10 -12.95 20.23 -2.26
C VAL C 10 -11.70 20.93 -2.75
N VAL C 11 -11.74 21.47 -3.97
CA VAL C 11 -10.61 22.18 -4.54
C VAL C 11 -10.92 23.65 -4.75
N GLY C 12 -9.89 24.44 -4.96
CA GLY C 12 -10.07 25.86 -5.16
C GLY C 12 -8.91 26.64 -4.57
N ALA C 13 -8.79 27.90 -4.95
CA ALA C 13 -7.70 28.75 -4.47
C ALA C 13 -7.96 29.22 -3.05
N GLY C 14 -7.00 29.95 -2.49
CA GLY C 14 -7.12 30.44 -1.14
C GLY C 14 -7.92 31.73 -1.08
N GLY C 15 -8.98 31.71 -0.29
CA GLY C 15 -9.81 32.89 -0.17
C GLY C 15 -11.24 32.62 -0.56
N VAL C 16 -11.46 31.55 -1.32
CA VAL C 16 -12.80 31.19 -1.77
C VAL C 16 -13.69 30.79 -0.59
N GLY C 17 -13.11 30.13 0.40
CA GLY C 17 -13.86 29.73 1.57
C GLY C 17 -14.21 28.25 1.60
N LYS C 18 -13.26 27.41 1.18
CA LYS C 18 -13.46 25.96 1.15
C LYS C 18 -13.75 25.42 2.55
N SER C 19 -12.89 25.77 3.50
CA SER C 19 -13.04 25.34 4.88
C SER C 19 -14.36 25.80 5.48
N ALA C 20 -14.79 27.01 5.13
CA ALA C 20 -16.04 27.56 5.65
C ALA C 20 -17.23 26.71 5.21
N LEU C 21 -17.31 26.43 3.92
CA LEU C 21 -18.39 25.62 3.36
C LEU C 21 -18.39 24.24 3.99
N THR C 22 -17.20 23.72 4.25
CA THR C 22 -17.04 22.40 4.84
C THR C 22 -17.51 22.40 6.29
N ILE C 23 -17.02 23.34 7.09
CA ILE C 23 -17.39 23.44 8.50
C ILE C 23 -18.89 23.72 8.66
N GLN C 24 -19.45 24.45 7.71
CA GLN C 24 -20.87 24.77 7.72
C GLN C 24 -21.71 23.49 7.59
N LEU C 25 -21.17 22.51 6.89
CA LEU C 25 -21.87 21.24 6.70
C LEU C 25 -21.61 20.31 7.88
N ILE C 26 -20.43 20.45 8.49
CA ILE C 26 -20.05 19.62 9.62
C ILE C 26 -20.81 20.01 10.90
N GLN C 27 -20.65 21.27 11.34
CA GLN C 27 -21.30 21.72 12.56
C GLN C 27 -22.16 22.96 12.36
N ASN C 28 -22.28 23.40 11.10
CA ASN C 28 -23.09 24.59 10.78
C ASN C 28 -22.59 25.82 11.53
N HIS C 29 -21.29 26.07 11.43
CA HIS C 29 -20.68 27.21 12.10
C HIS C 29 -19.84 28.01 11.11
N PHE C 30 -20.17 29.29 10.93
CA PHE C 30 -19.47 30.15 10.01
C PHE C 30 -18.23 30.73 10.67
N VAL C 31 -17.06 30.42 10.12
CA VAL C 31 -15.80 30.93 10.64
C VAL C 31 -15.59 32.38 10.24
N ASP C 32 -15.04 33.16 11.14
CA ASP C 32 -14.79 34.58 10.88
C ASP C 32 -13.30 34.80 10.68
N GLU C 33 -12.51 33.90 11.23
CA GLU C 33 -11.08 33.97 11.13
C GLU C 33 -10.58 33.30 9.85
N TYR C 34 -9.59 33.91 9.22
CA TYR C 34 -9.02 33.34 8.00
C TYR C 34 -7.94 32.33 8.36
N ASP C 35 -8.37 31.21 8.92
CA ASP C 35 -7.46 30.15 9.32
C ASP C 35 -6.90 29.44 8.10
N PRO C 36 -5.60 29.14 8.12
CA PRO C 36 -4.92 28.44 7.01
C PRO C 36 -5.32 26.96 6.95
N THR C 37 -4.74 26.24 6.01
CA THR C 37 -5.05 24.83 5.85
C THR C 37 -4.03 24.16 4.94
N ILE C 38 -3.60 22.97 5.32
CA ILE C 38 -2.66 22.19 4.54
C ILE C 38 -3.30 20.84 4.24
N GLU C 39 -3.76 20.19 5.32
CA GLU C 39 -4.43 18.90 5.22
C GLU C 39 -5.47 18.80 6.34
N ASP C 40 -6.74 18.74 5.95
CA ASP C 40 -7.82 18.63 6.93
C ASP C 40 -8.79 17.54 6.51
N SER C 41 -9.18 16.69 7.46
CA SER C 41 -10.11 15.61 7.15
C SER C 41 -11.37 15.71 8.01
N TYR C 42 -12.52 15.79 7.34
CA TYR C 42 -13.80 15.87 8.02
C TYR C 42 -14.68 14.71 7.56
N ARG C 43 -15.65 14.33 8.37
CA ARG C 43 -16.53 13.22 8.03
C ARG C 43 -17.87 13.35 8.72
N LYS C 44 -18.94 13.00 8.01
CA LYS C 44 -20.28 13.06 8.54
C LYS C 44 -21.19 12.13 7.74
N GLN C 45 -22.28 11.69 8.35
CA GLN C 45 -23.23 10.82 7.69
C GLN C 45 -24.48 11.62 7.32
N VAL C 46 -24.92 11.50 6.09
CA VAL C 46 -26.11 12.22 5.62
C VAL C 46 -26.98 11.33 4.74
N VAL C 47 -28.25 11.69 4.64
CA VAL C 47 -29.18 10.94 3.80
C VAL C 47 -29.22 11.57 2.41
N ILE C 48 -28.51 10.95 1.47
CA ILE C 48 -28.43 11.47 0.11
C ILE C 48 -29.55 10.92 -0.76
N ASP C 49 -30.54 11.77 -1.02
CA ASP C 49 -31.68 11.44 -1.87
C ASP C 49 -32.50 10.25 -1.38
N GLY C 50 -32.25 9.82 -0.14
CA GLY C 50 -32.99 8.70 0.41
C GLY C 50 -32.11 7.67 1.07
N GLU C 51 -30.91 7.49 0.55
CA GLU C 51 -29.98 6.52 1.10
C GLU C 51 -28.93 7.21 1.94
N THR C 52 -28.65 6.66 3.11
CA THR C 52 -27.65 7.23 4.00
C THR C 52 -26.26 6.78 3.55
N CYS C 53 -25.29 7.68 3.61
CA CYS C 53 -23.93 7.36 3.19
C CYS C 53 -22.90 8.11 4.02
N LEU C 54 -21.69 7.59 4.05
CA LEU C 54 -20.59 8.22 4.79
C LEU C 54 -19.77 9.06 3.82
N LEU C 55 -19.65 10.34 4.12
CA LEU C 55 -18.92 11.25 3.26
C LEU C 55 -17.63 11.75 3.91
N ASP C 56 -16.52 11.48 3.25
CA ASP C 56 -15.21 11.93 3.71
C ASP C 56 -14.89 13.22 2.98
N ILE C 57 -14.84 14.32 3.71
CA ILE C 57 -14.57 15.62 3.11
C ILE C 57 -13.12 16.03 3.34
N LEU C 58 -12.43 16.36 2.26
CA LEU C 58 -11.04 16.78 2.33
C LEU C 58 -10.87 18.27 2.06
N ASP C 59 -10.45 19.01 3.07
CA ASP C 59 -10.22 20.44 2.96
C ASP C 59 -8.76 20.68 2.55
N THR C 60 -8.56 20.96 1.27
CA THR C 60 -7.22 21.18 0.71
C THR C 60 -6.68 22.59 0.97
N ALA C 61 -5.38 22.74 0.77
CA ALA C 61 -4.71 24.02 0.98
C ALA C 61 -5.19 25.06 -0.04
N GLY C 62 -5.02 26.33 0.31
CA GLY C 62 -5.43 27.40 -0.57
C GLY C 62 -4.40 27.66 -1.66
N GLN C 63 -3.17 27.93 -1.24
CA GLN C 63 -2.08 28.18 -2.18
C GLN C 63 -0.97 27.15 -1.97
N GLU C 64 -0.57 26.51 -3.05
CA GLU C 64 0.47 25.49 -2.99
C GLU C 64 1.01 25.23 -4.39
N GLU C 65 2.13 24.51 -4.47
CA GLU C 65 2.74 24.19 -5.75
C GLU C 65 2.50 22.73 -6.12
N TYR C 66 3.53 22.07 -6.62
CA TYR C 66 3.42 20.67 -7.03
C TYR C 66 4.05 19.75 -5.99
N SER C 67 3.25 19.31 -5.03
CA SER C 67 3.74 18.43 -3.98
C SER C 67 3.32 16.99 -4.26
N ALA C 68 4.23 16.05 -4.01
CA ALA C 68 3.95 14.63 -4.23
C ALA C 68 2.85 14.12 -3.31
N MET C 69 2.85 14.62 -2.07
CA MET C 69 1.86 14.22 -1.10
C MET C 69 0.47 14.68 -1.54
N ARG C 70 0.44 15.86 -2.16
CA ARG C 70 -0.81 16.43 -2.65
C ARG C 70 -1.38 15.59 -3.78
N ASP C 71 -0.54 15.31 -4.78
CA ASP C 71 -0.94 14.52 -5.93
C ASP C 71 -1.48 13.16 -5.50
N GLN C 72 -0.84 12.58 -4.48
CA GLN C 72 -1.23 11.28 -3.95
C GLN C 72 -2.68 11.27 -3.46
N TYR C 73 -3.02 12.17 -2.54
CA TYR C 73 -4.37 12.21 -1.99
C TYR C 73 -5.44 12.62 -3.02
N MET C 74 -5.00 13.19 -4.13
CA MET C 74 -5.92 13.62 -5.17
C MET C 74 -6.36 12.43 -6.04
N ARG C 75 -5.59 11.35 -5.98
CA ARG C 75 -5.93 10.16 -6.77
C ARG C 75 -7.10 9.41 -6.15
N THR C 76 -7.22 9.52 -4.83
CA THR C 76 -8.28 8.85 -4.09
C THR C 76 -9.61 9.60 -4.16
N GLY C 77 -9.62 10.73 -4.86
CA GLY C 77 -10.83 11.51 -4.97
C GLY C 77 -11.73 11.02 -6.09
N GLU C 78 -13.00 10.76 -5.77
CA GLU C 78 -13.96 10.31 -6.78
C GLU C 78 -14.60 11.51 -7.46
N GLY C 79 -14.92 12.51 -6.65
CA GLY C 79 -15.54 13.72 -7.16
C GLY C 79 -14.81 14.94 -6.64
N PHE C 80 -14.71 15.97 -7.46
CA PHE C 80 -14.02 17.19 -7.06
C PHE C 80 -14.91 18.41 -7.16
N LEU C 81 -14.96 19.18 -6.09
CA LEU C 81 -15.76 20.39 -6.02
C LEU C 81 -14.89 21.59 -6.33
N CYS C 82 -15.08 22.20 -7.50
CA CYS C 82 -14.31 23.36 -7.89
C CYS C 82 -14.96 24.62 -7.34
N VAL C 83 -14.52 25.03 -6.15
CA VAL C 83 -15.07 26.20 -5.50
C VAL C 83 -14.29 27.46 -5.87
N PHE C 84 -15.01 28.42 -6.44
CA PHE C 84 -14.42 29.68 -6.84
C PHE C 84 -15.25 30.84 -6.30
N ALA C 85 -14.61 31.97 -6.07
CA ALA C 85 -15.30 33.14 -5.56
C ALA C 85 -15.78 34.01 -6.72
N ILE C 86 -17.06 34.31 -6.75
CA ILE C 86 -17.63 35.12 -7.82
C ILE C 86 -17.17 36.58 -7.72
N ASN C 87 -16.50 36.89 -6.62
CA ASN C 87 -15.98 38.24 -6.39
C ASN C 87 -14.49 38.28 -6.69
N ASN C 88 -13.96 37.19 -7.21
CA ASN C 88 -12.56 37.10 -7.54
C ASN C 88 -12.37 36.53 -8.94
N THR C 89 -12.00 37.39 -9.88
CA THR C 89 -11.80 36.99 -11.26
C THR C 89 -10.74 35.91 -11.42
N LYS C 90 -9.65 36.01 -10.65
CA LYS C 90 -8.57 35.04 -10.72
C LYS C 90 -9.05 33.62 -10.41
N SER C 91 -9.99 33.52 -9.48
CA SER C 91 -10.53 32.21 -9.10
C SER C 91 -11.28 31.58 -10.27
N PHE C 92 -11.95 32.42 -11.05
CA PHE C 92 -12.71 31.95 -12.21
C PHE C 92 -11.77 31.51 -13.33
N GLU C 93 -10.64 32.18 -13.43
CA GLU C 93 -9.65 31.85 -14.46
C GLU C 93 -8.82 30.64 -14.04
N ASP C 94 -8.72 30.43 -12.74
CA ASP C 94 -7.94 29.32 -12.20
C ASP C 94 -8.72 28.01 -12.25
N ILE C 95 -9.97 28.08 -12.70
CA ILE C 95 -10.82 26.90 -12.80
C ILE C 95 -10.18 25.84 -13.70
N HIS C 96 -9.61 26.27 -14.83
CA HIS C 96 -8.98 25.34 -15.76
C HIS C 96 -7.71 24.75 -15.14
N HIS C 97 -7.11 25.50 -14.22
CA HIS C 97 -5.91 25.07 -13.52
C HIS C 97 -6.22 23.87 -12.64
N TYR C 98 -7.38 23.91 -11.98
CA TYR C 98 -7.79 22.79 -11.14
C TYR C 98 -8.18 21.63 -12.03
N ARG C 99 -8.93 21.95 -13.09
CA ARG C 99 -9.41 20.98 -14.05
C ARG C 99 -8.26 20.12 -14.59
N GLU C 100 -7.22 20.78 -15.10
CA GLU C 100 -6.08 20.08 -15.66
C GLU C 100 -5.33 19.27 -14.59
N GLN C 101 -5.24 19.83 -13.39
CA GLN C 101 -4.56 19.16 -12.30
C GLN C 101 -5.26 17.83 -11.98
N ILE C 102 -6.58 17.90 -11.81
CA ILE C 102 -7.38 16.72 -11.51
C ILE C 102 -7.30 15.69 -12.64
N LYS C 103 -7.37 16.17 -13.87
CA LYS C 103 -7.31 15.31 -15.05
C LYS C 103 -6.00 14.53 -15.10
N ARG C 104 -4.93 15.15 -14.61
CA ARG C 104 -3.62 14.52 -14.61
C ARG C 104 -3.46 13.53 -13.44
N VAL C 105 -3.97 13.92 -12.27
CA VAL C 105 -3.86 13.08 -11.08
C VAL C 105 -4.71 11.81 -11.18
N LYS C 106 -5.78 11.88 -11.96
CA LYS C 106 -6.67 10.74 -12.14
C LYS C 106 -6.35 10.00 -13.44
N ASP C 107 -5.55 10.64 -14.29
CA ASP C 107 -5.17 10.08 -15.59
C ASP C 107 -6.41 9.80 -16.43
N SER C 108 -7.38 10.71 -16.35
CA SER C 108 -8.62 10.58 -17.09
C SER C 108 -9.26 11.95 -17.33
N GLU C 109 -9.80 12.15 -18.53
CA GLU C 109 -10.46 13.40 -18.86
C GLU C 109 -11.91 13.35 -18.41
N ASP C 110 -12.35 12.14 -18.07
CA ASP C 110 -13.71 11.89 -17.62
C ASP C 110 -13.74 11.74 -16.10
N VAL C 111 -13.84 12.86 -15.41
CA VAL C 111 -13.88 12.88 -13.94
C VAL C 111 -15.05 13.75 -13.46
N PRO C 112 -15.85 13.23 -12.52
CA PRO C 112 -17.01 13.95 -11.97
C PRO C 112 -16.58 15.21 -11.21
N MET C 113 -16.92 16.37 -11.77
CA MET C 113 -16.56 17.63 -11.15
C MET C 113 -17.79 18.52 -11.08
N VAL C 114 -17.84 19.38 -10.07
CA VAL C 114 -18.96 20.30 -9.91
C VAL C 114 -18.43 21.71 -9.68
N LEU C 115 -18.91 22.66 -10.46
CA LEU C 115 -18.50 24.06 -10.31
C LEU C 115 -19.29 24.72 -9.20
N VAL C 116 -18.59 25.18 -8.18
CA VAL C 116 -19.23 25.82 -7.04
C VAL C 116 -18.81 27.27 -6.90
N GLY C 117 -19.79 28.16 -7.02
CA GLY C 117 -19.52 29.58 -6.88
C GLY C 117 -19.88 30.05 -5.50
N ASN C 118 -18.89 30.48 -4.72
CA ASN C 118 -19.15 30.92 -3.36
C ASN C 118 -19.14 32.44 -3.23
N LYS C 119 -19.69 32.91 -2.11
CA LYS C 119 -19.76 34.34 -1.79
C LYS C 119 -20.73 35.10 -2.67
N CYS C 120 -21.88 34.49 -2.94
CA CYS C 120 -22.91 35.13 -3.75
C CYS C 120 -23.72 36.11 -2.92
N ASP C 121 -23.53 36.04 -1.61
CA ASP C 121 -24.22 36.90 -0.67
C ASP C 121 -23.59 38.29 -0.65
N LEU C 122 -22.43 38.42 -1.28
CA LEU C 122 -21.73 39.69 -1.34
C LEU C 122 -22.06 40.40 -2.65
N PRO C 123 -22.33 41.71 -2.59
CA PRO C 123 -22.67 42.51 -3.78
C PRO C 123 -21.47 42.75 -4.70
N SER C 124 -20.33 42.17 -4.35
CA SER C 124 -19.11 42.34 -5.14
C SER C 124 -19.03 41.28 -6.25
N ARG C 125 -20.19 40.89 -6.78
CA ARG C 125 -20.24 39.88 -7.84
C ARG C 125 -19.57 40.38 -9.12
N THR C 126 -18.38 39.87 -9.39
CA THR C 126 -17.64 40.25 -10.57
C THR C 126 -17.92 39.26 -11.69
N VAL C 127 -17.98 37.98 -11.34
CA VAL C 127 -18.25 36.93 -12.30
C VAL C 127 -19.76 36.75 -12.45
N ASP C 128 -20.25 36.89 -13.67
CA ASP C 128 -21.67 36.74 -13.94
C ASP C 128 -22.10 35.28 -13.85
N THR C 129 -23.35 35.07 -13.47
CA THR C 129 -23.90 33.72 -13.34
C THR C 129 -23.85 32.96 -14.66
N LYS C 130 -24.08 33.68 -15.75
CA LYS C 130 -24.06 33.09 -17.08
C LYS C 130 -22.67 32.67 -17.47
N GLN C 131 -21.67 33.44 -17.03
CA GLN C 131 -20.27 33.14 -17.32
C GLN C 131 -19.88 31.80 -16.72
N ALA C 132 -20.24 31.61 -15.46
CA ALA C 132 -19.95 30.37 -14.75
C ALA C 132 -20.69 29.20 -15.39
N GLN C 133 -21.96 29.42 -15.71
CA GLN C 133 -22.78 28.37 -16.32
C GLN C 133 -22.23 27.96 -17.68
N ASP C 134 -21.85 28.95 -18.49
CA ASP C 134 -21.32 28.68 -19.82
C ASP C 134 -20.01 27.90 -19.74
N LEU C 135 -19.16 28.28 -18.81
CA LEU C 135 -17.88 27.59 -18.63
C LEU C 135 -18.10 26.17 -18.16
N ALA C 136 -19.02 26.00 -17.19
CA ALA C 136 -19.33 24.70 -16.65
C ALA C 136 -19.93 23.80 -17.74
N ARG C 137 -20.83 24.37 -18.52
CA ARG C 137 -21.48 23.63 -19.61
C ARG C 137 -20.45 23.16 -20.63
N SER C 138 -19.43 23.97 -20.85
CA SER C 138 -18.37 23.64 -21.79
C SER C 138 -17.55 22.45 -21.29
N TYR C 139 -17.39 22.34 -19.98
CA TYR C 139 -16.65 21.24 -19.38
C TYR C 139 -17.56 20.03 -19.23
N GLY C 140 -18.86 20.28 -19.24
CA GLY C 140 -19.82 19.21 -19.09
C GLY C 140 -20.08 18.92 -17.63
N ILE C 141 -19.96 19.95 -16.81
CA ILE C 141 -20.17 19.81 -15.38
C ILE C 141 -21.25 20.78 -14.89
N PRO C 142 -21.95 20.42 -13.81
CA PRO C 142 -23.01 21.28 -13.25
C PRO C 142 -22.43 22.43 -12.43
N PHE C 143 -23.22 23.49 -12.29
CA PHE C 143 -22.81 24.67 -11.54
C PHE C 143 -23.79 24.96 -10.42
N ILE C 144 -23.26 25.14 -9.21
CA ILE C 144 -24.10 25.43 -8.05
C ILE C 144 -23.60 26.70 -7.36
N GLU C 145 -24.50 27.66 -7.18
CA GLU C 145 -24.16 28.91 -6.51
C GLU C 145 -24.34 28.70 -5.01
N THR C 146 -23.30 28.96 -4.24
CA THR C 146 -23.34 28.74 -2.81
C THR C 146 -22.94 29.96 -1.98
N SER C 147 -23.12 29.83 -0.69
CA SER C 147 -22.77 30.86 0.29
C SER C 147 -22.65 30.18 1.65
N ALA C 148 -21.50 30.35 2.30
CA ALA C 148 -21.28 29.74 3.60
C ALA C 148 -22.15 30.36 4.69
N LYS C 149 -22.51 31.62 4.50
CA LYS C 149 -23.33 32.32 5.47
C LYS C 149 -24.77 31.87 5.45
N THR C 150 -25.42 31.95 4.29
CA THR C 150 -26.81 31.56 4.17
C THR C 150 -26.97 30.04 4.00
N ARG C 151 -25.86 29.38 3.68
CA ARG C 151 -25.84 27.94 3.44
C ARG C 151 -26.60 27.62 2.15
N GLN C 152 -26.71 28.62 1.29
CA GLN C 152 -27.41 28.50 0.02
C GLN C 152 -26.76 27.46 -0.88
N GLY C 153 -27.46 26.36 -1.10
CA GLY C 153 -26.99 25.31 -1.98
C GLY C 153 -25.78 24.55 -1.45
N VAL C 154 -25.40 24.79 -0.20
CA VAL C 154 -24.24 24.11 0.37
C VAL C 154 -24.46 22.60 0.43
N ASP C 155 -25.57 22.19 1.03
CA ASP C 155 -25.89 20.77 1.15
C ASP C 155 -26.05 20.14 -0.23
N ASP C 156 -26.78 20.84 -1.10
CA ASP C 156 -27.04 20.36 -2.45
C ASP C 156 -25.77 20.22 -3.28
N ALA C 157 -24.82 21.13 -3.08
CA ALA C 157 -23.56 21.09 -3.81
C ALA C 157 -22.85 19.76 -3.55
N PHE C 158 -22.77 19.38 -2.29
CA PHE C 158 -22.13 18.13 -1.91
C PHE C 158 -22.94 16.94 -2.41
N TYR C 159 -24.27 17.03 -2.29
CA TYR C 159 -25.15 15.95 -2.75
C TYR C 159 -25.04 15.76 -4.25
N THR C 160 -24.98 16.87 -4.99
CA THR C 160 -24.87 16.83 -6.43
C THR C 160 -23.59 16.11 -6.85
N LEU C 161 -22.50 16.38 -6.15
CA LEU C 161 -21.22 15.73 -6.45
C LEU C 161 -21.37 14.22 -6.37
N VAL C 162 -22.06 13.74 -5.33
CA VAL C 162 -22.28 12.32 -5.13
C VAL C 162 -23.15 11.77 -6.27
N ARG C 163 -24.11 12.58 -6.71
CA ARG C 163 -24.99 12.18 -7.80
C ARG C 163 -24.19 11.97 -9.09
N GLU C 164 -23.28 12.90 -9.36
CA GLU C 164 -22.44 12.81 -10.55
C GLU C 164 -21.54 11.59 -10.46
N ILE C 165 -21.05 11.31 -9.25
CA ILE C 165 -20.18 10.16 -9.02
C ILE C 165 -20.95 8.86 -9.26
N ARG C 166 -22.18 8.81 -8.77
CA ARG C 166 -23.02 7.63 -8.94
C ARG C 166 -23.33 7.36 -10.41
N LYS C 167 -23.59 8.42 -11.16
CA LYS C 167 -23.86 8.29 -12.58
C LYS C 167 -22.62 7.79 -13.30
N HIS C 168 -21.45 8.17 -12.77
CA HIS C 168 -20.17 7.75 -13.33
C HIS C 168 -19.99 6.25 -13.13
N LYS C 169 -20.48 5.74 -12.00
CA LYS C 169 -20.40 4.33 -11.68
C LYS C 169 -21.19 3.52 -12.71
N GLU C 170 -22.43 3.95 -12.96
CA GLU C 170 -23.29 3.28 -13.93
C GLU C 170 -22.66 3.33 -15.31
N LYS C 171 -22.12 4.50 -15.66
CA LYS C 171 -21.47 4.68 -16.95
C LYS C 171 -20.32 3.69 -17.12
N MET C 172 -19.50 3.56 -16.09
CA MET C 172 -18.36 2.66 -16.13
C MET C 172 -18.80 1.19 -16.18
N SER C 173 -20.01 0.92 -15.68
CA SER C 173 -20.54 -0.43 -15.69
C SER C 173 -21.05 -0.82 -17.09
N LYS C 174 -21.18 0.18 -17.97
CA LYS C 174 -21.65 -0.07 -19.32
C LYS C 174 -20.55 0.16 -20.35
N ASP C 175 -19.76 1.19 -20.14
CA ASP C 175 -18.68 1.52 -21.07
C ASP C 175 -17.32 1.00 -20.61
N GLY C 176 -17.32 0.26 -19.50
CA GLY C 176 -16.09 -0.30 -18.98
C GLY C 176 -16.06 -1.80 -19.16
N LYS C 177 -16.70 -2.25 -20.23
CA LYS C 177 -16.79 -3.66 -20.55
C LYS C 177 -17.00 -3.83 -22.05
N LYS C 178 -16.22 -4.70 -22.67
CA LYS C 178 -16.37 -4.95 -24.10
C LYS C 178 -17.48 -5.95 -24.31
N LYS C 179 -18.52 -5.53 -25.05
CA LYS C 179 -19.68 -6.36 -25.33
C LYS C 179 -20.60 -6.45 -24.11
N LYS C 180 -21.61 -5.60 -24.08
CA LYS C 180 -22.55 -5.57 -22.98
C LYS C 180 -23.95 -5.91 -23.47
N LYS C 181 -24.71 -6.61 -22.64
CA LYS C 181 -26.08 -6.99 -22.98
C LYS C 181 -27.05 -5.86 -22.70
N LYS C 182 -26.58 -4.86 -21.93
CA LYS C 182 -27.38 -3.68 -21.57
C LYS C 182 -28.45 -4.04 -20.54
N SER C 183 -29.36 -4.92 -20.91
CA SER C 183 -30.42 -5.35 -20.02
C SER C 183 -29.91 -6.39 -19.03
N LYS C 184 -30.68 -6.64 -17.97
CA LYS C 184 -30.28 -7.60 -16.96
C LYS C 184 -30.98 -8.94 -17.15
N THR C 185 -32.32 -8.90 -17.22
CA THR C 185 -33.10 -10.12 -17.38
C THR C 185 -33.74 -10.20 -18.75
N LYS C 186 -33.91 -11.41 -19.25
CA LYS C 186 -34.54 -11.65 -20.55
C LYS C 186 -36.05 -11.63 -20.42
N CYS C 187 -36.73 -11.64 -21.55
CA CYS C 187 -38.18 -11.64 -21.56
C CYS C 187 -38.73 -13.06 -21.60
N GLY D 1 7.47 22.12 11.65
CA GLY D 1 6.70 23.32 11.96
C GLY D 1 5.21 23.04 12.01
N THR D 2 4.82 21.86 11.55
CA THR D 2 3.43 21.47 11.54
C THR D 2 3.24 20.13 12.25
N VAL D 3 2.29 20.07 13.18
CA VAL D 3 2.00 18.85 13.92
C VAL D 3 0.56 18.41 13.64
N LYS D 4 0.40 17.15 13.26
CA LYS D 4 -0.92 16.62 12.97
C LYS D 4 -1.53 15.95 14.20
N VAL D 5 -2.67 16.47 14.62
CA VAL D 5 -3.37 15.94 15.79
C VAL D 5 -4.46 14.98 15.31
N TYR D 6 -4.47 13.78 15.89
CA TYR D 6 -5.44 12.77 15.52
C TYR D 6 -6.69 12.85 16.39
N LEU D 7 -7.84 12.68 15.77
CA LEU D 7 -9.11 12.74 16.46
C LEU D 7 -9.75 11.36 16.47
N PRO D 8 -10.61 11.07 17.45
CA PRO D 8 -11.30 9.76 17.57
C PRO D 8 -12.35 9.56 16.48
N ASN D 9 -11.94 9.68 15.23
CA ASN D 9 -12.84 9.51 14.09
C ASN D 9 -12.04 9.00 12.88
N LYS D 10 -10.86 8.45 13.14
CA LYS D 10 -9.98 7.93 12.09
C LYS D 10 -9.54 9.04 11.14
N GLN D 11 -9.41 10.25 11.67
CA GLN D 11 -9.00 11.40 10.87
C GLN D 11 -8.08 12.30 11.68
N ARG D 12 -7.52 13.32 11.04
CA ARG D 12 -6.60 14.22 11.73
C ARG D 12 -6.61 15.60 11.11
N THR D 13 -5.95 16.54 11.78
CA THR D 13 -5.84 17.92 11.30
C THR D 13 -4.42 18.42 11.53
N VAL D 14 -3.90 19.19 10.58
CA VAL D 14 -2.54 19.71 10.69
C VAL D 14 -2.53 21.09 11.33
N VAL D 15 -1.99 21.14 12.54
CA VAL D 15 -1.92 22.39 13.29
C VAL D 15 -0.49 22.96 13.22
N THR D 16 -0.40 24.27 13.11
CA THR D 16 0.90 24.95 13.04
C THR D 16 1.48 25.11 14.44
N VAL D 17 2.76 24.83 14.59
CA VAL D 17 3.43 24.97 15.88
C VAL D 17 3.66 26.43 16.20
N ARG D 18 3.03 26.91 17.26
CA ARG D 18 3.19 28.30 17.67
C ARG D 18 3.53 28.41 19.14
N ASP D 19 4.76 28.80 19.42
CA ASP D 19 5.22 28.96 20.79
C ASP D 19 4.53 30.16 21.44
N GLY D 20 3.71 29.88 22.45
CA GLY D 20 2.98 30.90 23.13
C GLY D 20 1.65 30.38 23.61
N MET D 21 1.07 29.50 22.82
CA MET D 21 -0.19 28.88 23.14
C MET D 21 0.04 27.50 23.77
N SER D 22 -0.87 27.09 24.63
CA SER D 22 -0.76 25.81 25.31
C SER D 22 -1.54 24.75 24.56
N VAL D 23 -1.46 23.51 25.03
CA VAL D 23 -2.18 22.40 24.41
C VAL D 23 -3.68 22.70 24.41
N TYR D 24 -4.13 23.31 25.50
CA TYR D 24 -5.54 23.68 25.66
C TYR D 24 -6.00 24.59 24.52
N ASP D 25 -5.22 25.64 24.26
CA ASP D 25 -5.54 26.61 23.22
C ASP D 25 -5.42 26.02 21.82
N SER D 26 -4.41 25.18 21.63
CA SER D 26 -4.17 24.56 20.34
C SER D 26 -5.19 23.48 19.99
N LEU D 27 -5.52 22.63 20.97
CA LEU D 27 -6.46 21.55 20.76
C LEU D 27 -7.91 22.03 20.79
N ASP D 28 -8.12 23.23 21.30
CA ASP D 28 -9.47 23.79 21.42
C ASP D 28 -10.18 23.83 20.07
N LYS D 29 -9.53 24.41 19.07
CA LYS D 29 -10.12 24.52 17.73
C LYS D 29 -10.44 23.15 17.13
N ALA D 30 -9.59 22.17 17.41
CA ALA D 30 -9.79 20.82 16.90
C ALA D 30 -10.95 20.13 17.59
N LEU D 31 -11.09 20.37 18.90
CA LEU D 31 -12.17 19.77 19.68
C LEU D 31 -13.49 20.45 19.39
N LYS D 32 -13.48 21.78 19.36
CA LYS D 32 -14.67 22.58 19.12
C LYS D 32 -15.31 22.25 17.77
N VAL D 33 -14.49 22.00 16.76
CA VAL D 33 -15.00 21.69 15.43
C VAL D 33 -15.63 20.29 15.39
N ARG D 34 -15.39 19.50 16.43
CA ARG D 34 -15.94 18.15 16.51
C ARG D 34 -17.01 18.07 17.60
N GLY D 35 -17.24 19.17 18.29
CA GLY D 35 -18.23 19.20 19.34
C GLY D 35 -17.74 18.54 20.61
N LEU D 36 -16.44 18.50 20.79
CA LEU D 36 -15.83 17.90 21.97
C LEU D 36 -15.29 18.98 22.91
N ASN D 37 -15.40 18.74 24.21
CA ASN D 37 -14.92 19.70 25.20
C ASN D 37 -13.68 19.16 25.90
N GLN D 38 -12.89 20.04 26.50
CA GLN D 38 -11.68 19.64 27.21
C GLN D 38 -12.02 19.07 28.59
N ASP D 39 -12.75 17.96 28.60
CA ASP D 39 -13.15 17.31 29.85
C ASP D 39 -12.94 15.80 29.80
N CYS D 40 -13.72 15.13 28.96
CA CYS D 40 -13.61 13.68 28.81
C CYS D 40 -12.57 13.32 27.76
N CYS D 41 -12.22 14.29 26.95
CA CYS D 41 -11.23 14.09 25.90
C CYS D 41 -9.83 14.24 26.47
N VAL D 42 -8.97 13.26 26.21
CA VAL D 42 -7.62 13.27 26.70
C VAL D 42 -6.64 13.20 25.53
N VAL D 43 -5.58 13.99 25.61
CA VAL D 43 -4.57 14.02 24.56
C VAL D 43 -3.37 13.16 24.94
N TYR D 44 -3.00 12.25 24.04
CA TYR D 44 -1.87 11.37 24.25
C TYR D 44 -0.72 11.78 23.36
N ARG D 45 0.48 11.81 23.92
CA ARG D 45 1.69 12.14 23.18
C ARG D 45 2.26 10.89 22.53
N LEU D 46 3.23 11.06 21.65
CA LEU D 46 3.84 9.93 20.97
C LEU D 46 5.34 9.88 21.24
N ILE D 47 5.70 9.38 22.41
CA ILE D 47 7.09 9.26 22.79
C ILE D 47 7.64 7.90 22.39
N LYS D 48 8.25 7.84 21.22
CA LYS D 48 8.84 6.62 20.69
C LYS D 48 7.81 5.49 20.55
N GLY D 49 6.56 5.88 20.34
CA GLY D 49 5.49 4.89 20.19
C GLY D 49 4.67 4.76 21.45
N ARG D 50 5.23 5.19 22.57
CA ARG D 50 4.54 5.11 23.85
C ARG D 50 3.60 6.29 24.05
N LYS D 51 2.30 6.01 24.04
CA LYS D 51 1.30 7.04 24.25
C LYS D 51 1.35 7.52 25.69
N THR D 52 1.75 8.76 25.88
CA THR D 52 1.84 9.34 27.21
C THR D 52 0.78 10.41 27.42
N VAL D 53 0.12 10.35 28.56
CA VAL D 53 -0.94 11.32 28.88
C VAL D 53 -0.34 12.70 29.11
N THR D 54 -0.82 13.69 28.36
CA THR D 54 -0.34 15.05 28.50
C THR D 54 -1.38 15.90 29.22
N ALA D 55 -1.01 17.14 29.55
CA ALA D 55 -1.90 18.04 30.25
C ALA D 55 -2.27 19.22 29.37
N TRP D 56 -3.31 19.93 29.75
CA TRP D 56 -3.78 21.08 29.00
C TRP D 56 -2.98 22.34 29.34
N ASP D 57 -2.35 22.33 30.51
CA ASP D 57 -1.54 23.47 30.97
C ASP D 57 -0.19 23.48 30.27
N THR D 58 0.17 22.36 29.67
CA THR D 58 1.45 22.24 28.97
C THR D 58 1.43 23.09 27.68
N ALA D 59 2.53 23.76 27.41
CA ALA D 59 2.65 24.58 26.21
C ALA D 59 2.87 23.69 24.99
N ILE D 60 2.42 24.14 23.83
CA ILE D 60 2.57 23.36 22.61
C ILE D 60 3.96 23.53 21.97
N ALA D 61 4.81 24.31 22.61
CA ALA D 61 6.16 24.58 22.11
C ALA D 61 7.03 23.32 22.00
N PRO D 62 7.22 22.55 23.10
CA PRO D 62 8.06 21.34 23.07
C PRO D 62 7.40 20.16 22.35
N LEU D 63 6.21 20.40 21.80
CA LEU D 63 5.48 19.35 21.10
C LEU D 63 5.92 19.24 19.64
N ASP D 64 6.67 20.24 19.19
CA ASP D 64 7.16 20.25 17.81
C ASP D 64 8.12 19.10 17.59
N GLY D 65 7.72 18.17 16.72
CA GLY D 65 8.55 17.02 16.42
C GLY D 65 7.77 15.73 16.42
N GLU D 66 6.72 15.67 17.23
CA GLU D 66 5.88 14.48 17.34
C GLU D 66 4.45 14.79 16.96
N GLU D 67 3.55 13.85 17.25
CA GLU D 67 2.14 14.00 16.93
C GLU D 67 1.29 13.65 18.15
N LEU D 68 0.09 14.22 18.23
CA LEU D 68 -0.79 13.99 19.36
C LEU D 68 -2.06 13.25 18.95
N ILE D 69 -2.54 12.39 19.83
CA ILE D 69 -3.75 11.63 19.56
C ILE D 69 -4.78 11.87 20.67
N VAL D 70 -5.95 12.33 20.30
CA VAL D 70 -6.99 12.62 21.29
C VAL D 70 -8.04 11.51 21.30
N GLU D 71 -8.44 11.10 22.50
CA GLU D 71 -9.46 10.07 22.67
C GLU D 71 -10.39 10.46 23.80
N VAL D 72 -11.53 9.79 23.88
CA VAL D 72 -12.51 10.07 24.93
C VAL D 72 -12.51 8.97 25.98
N LEU D 73 -12.36 9.36 27.24
CA LEU D 73 -12.35 8.40 28.34
C LEU D 73 -13.76 8.04 28.76
#